data_5MU8
#
_entry.id   5MU8
#
_cell.length_a   104.888
_cell.length_b   118.348
_cell.length_c   186.747
_cell.angle_alpha   97.57
_cell.angle_beta   94.31
_cell.angle_gamma   98.75
#
_symmetry.space_group_name_H-M   'P 1'
#
loop_
_entity.id
_entity.type
_entity.pdbx_description
1 polymer 'Tumor necrosis factor'
2 non-polymer ~{N}4-(phenylmethyl)-~{N}4-[2-[3-(2-piperazin-1-ylpyrimidin-5-yl)phenyl]phenyl]pyrimidine-2,4-diamine
#
_entity_poly.entity_id   1
_entity_poly.type   'polypeptide(L)'
_entity_poly.pdbx_seq_one_letter_code
;AMVRSSSRTPSDKPVAHVVANPQAEGQLQWLNRRANALLANGVELRDNQLVVPSEGLYLIYSQVLFKGQGCPSTHVLLTH
TISRIAVSYQTKVNLLSAIKSPCQRETPEGAEAKPWYEPIYLGGVFQLEKGDRLSAEINRPDYLDFAESGQVYFGIIAL
;
_entity_poly.pdbx_strand_id   A,B,C,D,F,G,H,I,J,K,L,M,N,O,P,Q,R,S,T,U,V,W,X,Y,Z,a,b,c,d,e,f,g,h,i,j,k,l,m,n,o,p,q,r,s,t,u,v,w
#
# COMPACT_ATOMS: atom_id res chain seq x y z
N SER A 11 12.93 -0.15 47.64
CA SER A 11 12.40 0.54 48.86
C SER A 11 12.38 -0.35 50.12
N ASP A 12 12.13 -1.65 49.92
CA ASP A 12 12.29 -2.64 50.97
C ASP A 12 13.00 -3.88 50.41
N LYS A 13 14.18 -3.65 49.82
CA LYS A 13 14.97 -4.74 49.23
C LYS A 13 15.60 -5.59 50.34
N PRO A 14 15.32 -6.92 50.35
CA PRO A 14 15.80 -7.79 51.43
C PRO A 14 17.31 -7.74 51.59
N VAL A 15 17.79 -7.70 52.83
CA VAL A 15 19.24 -7.80 53.09
C VAL A 15 19.49 -8.40 54.46
N ALA A 16 20.63 -9.09 54.57
CA ALA A 16 21.08 -9.67 55.84
C ALA A 16 22.58 -9.78 55.88
N HIS A 17 23.11 -9.61 57.08
CA HIS A 17 24.51 -9.82 57.37
C HIS A 17 24.59 -10.30 58.80
N VAL A 18 25.27 -11.42 59.01
CA VAL A 18 25.43 -12.02 60.35
C VAL A 18 26.89 -12.38 60.58
N VAL A 19 27.22 -12.73 61.81
CA VAL A 19 28.59 -13.01 62.22
C VAL A 19 28.65 -14.15 63.25
N ALA A 20 29.86 -14.66 63.48
CA ALA A 20 30.12 -15.82 64.36
C ALA A 20 29.90 -15.54 65.85
N ASN A 21 29.92 -16.63 66.62
CA ASN A 21 29.85 -16.58 68.07
C ASN A 21 31.16 -17.12 68.66
N PRO A 22 32.03 -16.22 69.18
CA PRO A 22 33.34 -16.60 69.76
C PRO A 22 33.34 -17.66 70.89
N GLN A 23 32.27 -17.69 71.69
CA GLN A 23 32.16 -18.62 72.82
C GLN A 23 31.80 -20.05 72.43
N ALA A 24 30.97 -20.21 71.37
CA ALA A 24 30.38 -21.51 70.99
C ALA A 24 31.44 -22.59 70.78
N GLU A 25 31.53 -23.51 71.75
CA GLU A 25 32.66 -24.44 71.89
C GLU A 25 32.87 -25.39 70.69
N GLY A 26 33.66 -24.93 69.72
CA GLY A 26 33.93 -25.69 68.51
C GLY A 26 32.71 -25.86 67.62
N GLN A 27 32.23 -24.75 67.05
CA GLN A 27 31.13 -24.73 66.07
C GLN A 27 30.88 -23.33 65.51
N LEU A 28 30.35 -23.26 64.28
CA LEU A 28 30.14 -22.00 63.53
C LEU A 28 28.71 -21.47 63.63
N GLN A 29 28.37 -20.92 64.79
CA GLN A 29 27.04 -20.38 65.05
C GLN A 29 26.93 -18.93 64.60
N TRP A 30 25.95 -18.64 63.74
CA TRP A 30 25.71 -17.27 63.25
C TRP A 30 24.79 -16.49 64.20
N LEU A 31 25.32 -15.41 64.78
CA LEU A 31 24.54 -14.47 65.60
C LEU A 31 23.95 -13.36 64.73
N ASN A 36 22.32 -9.62 68.18
CA ASN A 36 23.58 -9.33 67.50
C ASN A 36 23.52 -9.66 66.01
N ALA A 37 22.38 -9.39 65.37
CA ALA A 37 22.15 -9.77 63.96
C ALA A 37 21.45 -8.64 63.19
N LEU A 38 22.01 -8.29 62.05
CA LEU A 38 21.45 -7.27 61.18
C LEU A 38 20.67 -7.91 60.01
N LEU A 39 19.41 -8.22 60.27
CA LEU A 39 18.51 -8.78 59.26
C LEU A 39 17.42 -7.74 59.02
N ALA A 40 17.18 -7.39 57.75
CA ALA A 40 16.21 -6.37 57.41
C ALA A 40 15.31 -6.82 56.27
N ASN A 41 14.14 -6.21 56.21
CA ASN A 41 13.17 -6.40 55.11
C ASN A 41 12.83 -7.86 54.80
N GLY A 42 12.52 -8.63 55.84
CA GLY A 42 11.98 -10.00 55.68
C GLY A 42 12.90 -11.15 56.01
N VAL A 43 14.18 -11.01 55.67
CA VAL A 43 15.16 -12.11 55.83
C VAL A 43 15.24 -12.52 57.29
N GLU A 44 15.25 -13.83 57.56
CA GLU A 44 15.35 -14.36 58.91
C GLU A 44 16.56 -15.27 59.06
N LEU A 45 16.94 -15.52 60.32
CA LEU A 45 18.04 -16.42 60.67
C LEU A 45 17.47 -17.51 61.57
N ARG A 46 17.21 -18.67 60.97
CA ARG A 46 16.54 -19.79 61.63
C ARG A 46 17.39 -21.04 61.44
N ASP A 47 17.59 -21.80 62.52
CA ASP A 47 18.44 -23.00 62.52
C ASP A 47 19.83 -22.75 61.91
N ASN A 48 20.41 -21.57 62.18
CA ASN A 48 21.69 -21.16 61.60
C ASN A 48 21.67 -20.95 60.07
N GLN A 49 20.48 -20.70 59.51
CA GLN A 49 20.28 -20.67 58.05
C GLN A 49 19.50 -19.44 57.64
N LEU A 50 20.13 -18.63 56.78
CA LEU A 50 19.48 -17.46 56.19
C LEU A 50 18.23 -17.90 55.44
N VAL A 51 17.08 -17.49 55.97
CA VAL A 51 15.80 -17.79 55.37
C VAL A 51 15.40 -16.63 54.44
N VAL A 52 15.28 -16.93 53.15
CA VAL A 52 14.85 -15.93 52.16
C VAL A 52 13.40 -15.49 52.44
N PRO A 53 13.06 -14.22 52.13
CA PRO A 53 11.67 -13.74 52.18
C PRO A 53 10.98 -13.52 50.83
N SER A 54 11.72 -13.41 49.73
CA SER A 54 11.07 -13.31 48.40
C SER A 54 11.94 -13.81 47.26
N GLU A 55 11.32 -13.96 46.09
CA GLU A 55 12.03 -14.38 44.88
C GLU A 55 12.91 -13.25 44.32
N GLY A 56 13.87 -13.62 43.48
CA GLY A 56 14.58 -12.66 42.62
C GLY A 56 16.07 -12.92 42.50
N LEU A 57 16.79 -11.84 42.19
CA LEU A 57 18.24 -11.88 41.98
C LEU A 57 18.89 -11.43 43.27
N TYR A 58 19.81 -12.26 43.78
CA TYR A 58 20.44 -12.06 45.08
C TYR A 58 21.93 -12.24 44.98
N LEU A 59 22.62 -11.62 45.93
CA LEU A 59 24.06 -11.53 45.90
C LEU A 59 24.50 -12.08 47.23
N ILE A 60 25.21 -13.19 47.18
CA ILE A 60 25.35 -14.07 48.31
C ILE A 60 26.83 -14.24 48.53
N TYR A 61 27.29 -13.98 49.75
CA TYR A 61 28.70 -14.10 50.07
C TYR A 61 28.90 -14.60 51.48
N SER A 62 30.15 -14.85 51.84
CA SER A 62 30.45 -15.35 53.16
C SER A 62 31.94 -15.29 53.39
N GLN A 63 32.36 -15.67 54.59
CA GLN A 63 33.78 -15.69 54.91
C GLN A 63 34.07 -16.30 56.26
N VAL A 64 35.17 -17.05 56.31
CA VAL A 64 35.62 -17.71 57.54
C VAL A 64 37.13 -17.77 57.54
N LEU A 65 37.68 -17.98 58.74
CA LEU A 65 39.09 -17.74 59.03
C LEU A 65 39.64 -18.83 59.94
N PHE A 66 40.89 -19.22 59.69
CA PHE A 66 41.52 -20.36 60.37
C PHE A 66 42.89 -20.03 60.90
N LYS A 67 43.29 -20.80 61.91
CA LYS A 67 44.61 -20.69 62.49
C LYS A 67 44.92 -21.97 63.26
N GLY A 68 46.15 -22.45 63.12
CA GLY A 68 46.67 -23.55 63.92
C GLY A 68 48.11 -23.32 64.32
N GLN A 69 48.42 -23.56 65.59
CA GLN A 69 49.79 -23.56 66.06
C GLN A 69 50.45 -24.84 65.57
N GLY A 70 51.73 -24.77 65.24
CA GLY A 70 52.46 -25.91 64.69
C GLY A 70 51.80 -26.47 63.44
N CYS A 71 51.86 -27.79 63.27
CA CYS A 71 51.20 -28.46 62.14
C CYS A 71 51.16 -29.99 62.30
N PRO A 72 49.95 -30.59 62.49
CA PRO A 72 49.89 -32.04 62.71
C PRO A 72 50.03 -32.84 61.41
N SER A 73 50.70 -33.99 61.50
CA SER A 73 51.09 -34.79 60.32
C SER A 73 49.91 -35.51 59.63
N THR A 74 48.95 -36.00 60.41
CA THR A 74 47.68 -36.50 59.86
C THR A 74 47.01 -35.34 59.12
N HIS A 75 46.75 -35.54 57.83
CA HIS A 75 46.61 -34.43 56.88
C HIS A 75 45.45 -33.49 57.17
N VAL A 76 45.75 -32.19 57.23
CA VAL A 76 44.81 -31.15 57.66
C VAL A 76 44.18 -30.57 56.38
N LEU A 77 42.85 -30.56 56.36
CA LEU A 77 42.06 -30.27 55.16
C LEU A 77 40.84 -29.41 55.57
N LEU A 78 40.85 -28.12 55.19
CA LEU A 78 39.89 -27.11 55.70
C LEU A 78 38.90 -26.70 54.60
N THR A 79 37.60 -26.78 54.88
CA THR A 79 36.56 -26.49 53.86
C THR A 79 35.65 -25.37 54.32
N HIS A 80 34.76 -24.96 53.43
CA HIS A 80 33.73 -23.95 53.69
C HIS A 80 32.74 -24.11 52.57
N THR A 81 31.44 -23.92 52.83
CA THR A 81 30.44 -24.19 51.82
C THR A 81 29.16 -23.46 52.08
N ILE A 82 28.71 -22.68 51.11
CA ILE A 82 27.35 -22.14 51.16
C ILE A 82 26.50 -23.08 50.34
N SER A 83 25.33 -23.40 50.89
CA SER A 83 24.41 -24.38 50.30
C SER A 83 23.00 -23.77 50.23
N ARG A 84 22.29 -24.04 49.14
CA ARG A 84 20.88 -23.70 48.98
C ARG A 84 20.03 -24.92 49.34
N ILE A 85 18.98 -24.68 50.12
CA ILE A 85 17.93 -25.68 50.33
C ILE A 85 16.67 -25.11 49.69
N ALA A 86 16.37 -25.60 48.51
CA ALA A 86 15.34 -25.02 47.65
C ALA A 86 13.95 -25.44 48.10
N VAL A 87 12.98 -24.55 47.88
CA VAL A 87 11.56 -24.88 48.09
C VAL A 87 11.11 -25.91 47.03
N SER A 88 11.64 -25.78 45.82
CA SER A 88 11.35 -26.69 44.70
C SER A 88 11.62 -28.15 45.02
N TYR A 89 12.77 -28.43 45.63
CA TYR A 89 13.18 -29.82 45.88
C TYR A 89 13.62 -30.20 47.30
N GLN A 90 13.58 -29.27 48.26
CA GLN A 90 13.97 -29.55 49.66
C GLN A 90 15.31 -30.29 49.73
N THR A 91 16.25 -29.87 48.90
CA THR A 91 17.51 -30.59 48.71
C THR A 91 18.70 -29.64 48.83
N LYS A 92 19.75 -30.09 49.54
CA LYS A 92 20.87 -29.22 49.96
C LYS A 92 21.91 -29.00 48.85
N VAL A 93 21.57 -28.12 47.92
CA VAL A 93 22.37 -27.90 46.71
C VAL A 93 23.57 -27.02 47.09
N ASN A 94 24.79 -27.40 46.70
CA ASN A 94 25.98 -26.55 46.90
C ASN A 94 25.98 -25.39 45.92
N LEU A 95 26.06 -24.16 46.44
CA LEU A 95 26.18 -22.96 45.61
C LEU A 95 27.66 -22.54 45.42
N LEU A 96 28.34 -22.31 46.55
CA LEU A 96 29.71 -21.84 46.57
C LEU A 96 30.49 -22.72 47.56
N SER A 97 31.74 -23.06 47.21
CA SER A 97 32.58 -23.91 48.06
C SER A 97 34.08 -23.85 47.77
N ALA A 98 34.89 -24.04 48.81
CA ALA A 98 36.34 -24.06 48.71
C ALA A 98 36.97 -25.01 49.71
N ILE A 99 38.27 -25.29 49.54
CA ILE A 99 39.00 -26.31 50.30
C ILE A 99 40.48 -25.95 50.35
N LYS A 100 41.14 -26.14 51.51
CA LYS A 100 42.52 -25.67 51.71
C LYS A 100 43.47 -26.69 52.36
N SER A 101 44.75 -26.67 51.98
CA SER A 101 45.79 -27.56 52.54
C SER A 101 46.87 -26.79 53.32
N PRO A 102 46.55 -26.33 54.55
CA PRO A 102 47.56 -25.60 55.31
C PRO A 102 48.80 -26.44 55.61
N CYS A 103 48.58 -27.70 55.99
CA CYS A 103 49.65 -28.59 56.40
C CYS A 103 50.14 -29.38 55.19
N GLN A 104 51.32 -28.96 54.74
CA GLN A 104 52.10 -29.62 53.70
C GLN A 104 53.32 -30.16 54.45
N ARG A 105 53.98 -29.25 55.17
CA ARG A 105 55.13 -29.57 56.03
C ARG A 105 54.75 -29.44 57.51
N GLU A 106 55.26 -30.36 58.34
CA GLU A 106 55.17 -30.26 59.81
C GLU A 106 56.30 -29.37 60.34
N THR A 107 56.02 -28.59 61.39
CA THR A 107 57.03 -27.80 62.09
C THR A 107 57.36 -28.44 63.43
N GLU A 112 61.11 -25.95 66.33
CA GLU A 112 60.22 -25.04 65.62
C GLU A 112 58.78 -25.55 65.70
N ALA A 113 57.83 -24.60 65.78
CA ALA A 113 56.39 -24.94 65.85
C ALA A 113 55.49 -23.75 65.46
N LYS A 114 55.88 -23.02 64.41
CA LYS A 114 55.32 -21.69 64.12
C LYS A 114 53.92 -21.75 63.51
N PRO A 115 53.06 -20.74 63.81
CA PRO A 115 51.65 -20.84 63.43
C PRO A 115 51.40 -20.51 61.97
N TRP A 116 50.12 -20.56 61.59
CA TRP A 116 49.68 -20.17 60.26
C TRP A 116 48.23 -19.70 60.31
N TYR A 117 47.83 -18.94 59.30
CA TYR A 117 46.49 -18.33 59.22
C TYR A 117 46.00 -18.52 57.77
N GLU A 118 44.70 -18.82 57.56
CA GLU A 118 44.15 -18.99 56.19
C GLU A 118 42.67 -18.60 56.07
N PRO A 119 42.37 -17.52 55.27
CA PRO A 119 40.95 -17.19 55.18
C PRO A 119 40.30 -17.79 53.95
N ILE A 120 39.00 -17.99 54.01
CA ILE A 120 38.24 -18.47 52.86
C ILE A 120 37.04 -17.58 52.67
N TYR A 121 36.78 -17.18 51.43
CA TYR A 121 35.63 -16.32 51.13
C TYR A 121 34.94 -16.77 49.87
N LEU A 122 33.64 -16.57 49.81
CA LEU A 122 32.83 -17.00 48.68
C LEU A 122 31.81 -15.94 48.36
N GLY A 123 31.42 -15.87 47.10
CA GLY A 123 30.42 -14.91 46.68
C GLY A 123 29.98 -15.07 45.24
N GLY A 124 28.68 -14.98 45.02
CA GLY A 124 28.09 -15.08 43.67
C GLY A 124 26.70 -14.48 43.56
N VAL A 125 26.25 -14.31 42.32
CA VAL A 125 24.90 -13.84 42.06
C VAL A 125 24.03 -15.03 41.62
N PHE A 126 22.82 -15.09 42.16
CA PHE A 126 22.04 -16.30 42.19
C PHE A 126 20.56 -15.94 42.12
N GLN A 127 19.81 -16.61 41.24
CA GLN A 127 18.36 -16.53 41.30
C GLN A 127 17.95 -17.33 42.55
N LEU A 128 17.07 -16.74 43.36
CA LEU A 128 16.48 -17.43 44.50
C LEU A 128 14.96 -17.28 44.52
N GLU A 129 14.30 -18.15 45.28
CA GLU A 129 12.84 -18.23 45.34
C GLU A 129 12.29 -18.12 46.75
N LYS A 130 11.02 -17.74 46.81
CA LYS A 130 10.32 -17.42 48.05
C LYS A 130 10.39 -18.59 49.03
N GLY A 131 11.23 -18.43 50.07
CA GLY A 131 11.35 -19.41 51.15
C GLY A 131 12.50 -20.39 51.02
N ASP A 132 13.53 -20.03 50.23
CA ASP A 132 14.70 -20.88 50.11
C ASP A 132 15.61 -20.63 51.30
N ARG A 133 16.05 -21.70 51.96
CA ARG A 133 16.97 -21.60 53.09
C ARG A 133 18.41 -21.73 52.60
N LEU A 134 19.33 -20.98 53.22
CA LEU A 134 20.75 -20.97 52.85
C LEU A 134 21.68 -21.22 54.05
N SER A 135 22.39 -22.34 54.00
CA SER A 135 23.37 -22.66 55.04
C SER A 135 24.74 -22.10 54.69
N ALA A 136 25.60 -22.05 55.69
CA ALA A 136 27.00 -21.66 55.51
C ALA A 136 27.81 -22.34 56.61
N GLU A 137 28.65 -23.29 56.22
CA GLU A 137 29.21 -24.27 57.17
C GLU A 137 30.65 -24.59 56.86
N ILE A 138 31.29 -25.29 57.79
CA ILE A 138 32.70 -25.63 57.68
C ILE A 138 32.92 -27.00 58.25
N ASN A 139 33.95 -27.68 57.77
CA ASN A 139 34.27 -29.02 58.26
C ASN A 139 34.97 -29.06 59.63
N ARG A 140 35.86 -28.09 59.88
CA ARG A 140 36.71 -28.09 61.08
C ARG A 140 36.54 -26.81 61.89
N PRO A 141 35.45 -26.70 62.69
CA PRO A 141 35.29 -25.52 63.55
C PRO A 141 36.38 -25.36 64.61
N ASP A 142 36.95 -26.49 65.04
CA ASP A 142 38.09 -26.50 65.97
C ASP A 142 39.27 -25.60 65.56
N TYR A 143 39.53 -25.48 64.26
CA TYR A 143 40.63 -24.63 63.76
C TYR A 143 40.23 -23.16 63.44
N LEU A 144 39.03 -22.74 63.83
CA LEU A 144 38.61 -21.34 63.67
C LEU A 144 39.52 -20.35 64.40
N ASP A 145 39.57 -19.13 63.85
CA ASP A 145 40.29 -18.02 64.45
C ASP A 145 39.29 -16.91 64.77
N PHE A 146 38.54 -17.13 65.85
CA PHE A 146 37.52 -16.18 66.31
C PHE A 146 38.10 -14.85 66.76
N ALA A 147 39.32 -14.88 67.29
CA ALA A 147 39.97 -13.71 67.90
C ALA A 147 40.32 -12.56 66.94
N GLU A 148 40.39 -12.83 65.63
CA GLU A 148 40.75 -11.80 64.65
C GLU A 148 39.60 -10.78 64.43
N SER A 149 39.31 -10.00 65.47
CA SER A 149 38.21 -9.01 65.51
C SER A 149 36.86 -9.48 64.94
N GLY A 150 36.59 -10.79 65.06
CA GLY A 150 35.42 -11.43 64.46
C GLY A 150 35.11 -11.08 63.01
N GLN A 151 36.03 -11.40 62.10
CA GLN A 151 35.81 -11.19 60.66
C GLN A 151 35.48 -12.52 59.98
N VAL A 152 34.44 -13.14 60.50
CA VAL A 152 33.90 -14.40 60.03
C VAL A 152 32.42 -14.07 59.91
N TYR A 153 31.94 -13.92 58.68
CA TYR A 153 30.59 -13.44 58.45
C TYR A 153 29.85 -14.23 57.39
N PHE A 154 28.63 -13.79 57.11
CA PHE A 154 27.75 -14.44 56.13
C PHE A 154 26.65 -13.43 55.86
N GLY A 155 26.25 -13.29 54.60
CA GLY A 155 25.19 -12.34 54.29
C GLY A 155 24.69 -12.42 52.87
N ILE A 156 23.53 -11.82 52.63
CA ILE A 156 22.86 -11.82 51.32
C ILE A 156 22.25 -10.47 51.03
N ILE A 157 22.04 -10.18 49.75
CA ILE A 157 21.51 -8.88 49.32
C ILE A 157 20.73 -8.95 48.01
N ALA A 158 19.48 -8.52 48.06
CA ALA A 158 18.58 -8.44 46.90
C ALA A 158 19.04 -7.38 45.94
N LEU A 159 18.77 -7.60 44.66
CA LEU A 159 19.05 -6.60 43.61
C LEU A 159 17.73 -6.29 42.89
N ASP B 12 16.23 -4.97 37.05
CA ASP B 12 16.59 -5.66 35.81
C ASP B 12 17.91 -5.14 35.23
N LYS B 13 19.01 -5.58 35.84
CA LYS B 13 20.34 -5.18 35.42
C LYS B 13 21.11 -6.38 34.91
N PRO B 14 21.99 -6.14 33.88
CA PRO B 14 22.70 -7.34 33.39
C PRO B 14 23.49 -8.01 34.48
N VAL B 15 23.43 -9.33 34.48
CA VAL B 15 24.14 -10.14 35.46
C VAL B 15 24.46 -11.48 34.80
N ALA B 16 25.21 -12.31 35.50
CA ALA B 16 25.57 -13.60 34.96
C ALA B 16 26.41 -14.31 35.99
N HIS B 17 26.26 -15.63 35.99
CA HIS B 17 27.01 -16.52 36.89
C HIS B 17 27.04 -17.87 36.22
N VAL B 18 28.24 -18.28 35.83
CA VAL B 18 28.43 -19.48 35.07
C VAL B 18 29.53 -20.29 35.68
N VAL B 19 29.36 -21.59 35.63
CA VAL B 19 30.23 -22.51 36.33
C VAL B 19 30.86 -23.47 35.37
N ALA B 20 31.96 -24.06 35.82
CA ALA B 20 32.68 -25.06 35.04
C ALA B 20 31.80 -26.24 34.70
N ASN B 21 31.96 -26.74 33.47
CA ASN B 21 31.41 -28.00 33.03
C ASN B 21 32.28 -29.13 33.61
N PRO B 22 31.69 -30.05 34.41
CA PRO B 22 32.47 -31.19 34.94
C PRO B 22 32.79 -32.30 33.93
N GLN B 23 32.09 -32.33 32.79
CA GLN B 23 32.35 -33.32 31.72
C GLN B 23 33.73 -33.08 31.05
N ALA B 24 33.97 -31.83 30.62
CA ALA B 24 35.15 -31.46 29.83
C ALA B 24 36.46 -31.58 30.61
N GLU B 25 37.39 -32.41 30.14
CA GLU B 25 38.67 -32.67 30.86
C GLU B 25 39.69 -31.54 30.74
N GLY B 26 40.34 -31.44 29.58
CA GLY B 26 41.53 -30.60 29.43
C GLY B 26 41.23 -29.16 29.08
N GLN B 27 40.12 -28.65 29.62
CA GLN B 27 39.68 -27.29 29.40
C GLN B 27 38.70 -26.84 30.48
N LEU B 28 38.57 -25.53 30.59
CA LEU B 28 37.67 -24.90 31.53
C LEU B 28 36.51 -24.32 30.73
N GLN B 29 35.47 -25.13 30.50
CA GLN B 29 34.32 -24.67 29.74
C GLN B 29 33.28 -24.12 30.69
N TRP B 30 32.81 -22.91 30.42
CA TRP B 30 31.77 -22.28 31.26
C TRP B 30 30.40 -22.66 30.73
N LEU B 31 29.48 -22.87 31.69
CA LEU B 31 28.09 -23.23 31.41
C LEU B 31 27.16 -22.31 32.16
N ASN B 32 26.18 -21.76 31.44
CA ASN B 32 25.03 -21.12 32.06
C ASN B 32 23.84 -22.05 32.31
N ARG B 33 23.59 -23.01 31.41
CA ARG B 33 22.36 -23.85 31.45
C ARG B 33 22.47 -25.01 32.45
N ARG B 34 22.56 -24.67 33.73
CA ARG B 34 22.76 -25.61 34.83
C ARG B 34 21.97 -25.16 36.08
N ALA B 35 22.02 -25.97 37.13
CA ALA B 35 21.44 -25.62 38.45
C ALA B 35 22.26 -24.50 39.07
N ASN B 36 21.57 -23.46 39.53
CA ASN B 36 22.21 -22.30 40.16
C ASN B 36 23.22 -21.59 39.25
N ALA B 37 22.87 -21.47 37.97
CA ALA B 37 23.65 -20.67 37.02
C ALA B 37 22.68 -19.92 36.13
N LEU B 38 23.12 -18.76 35.63
CA LEU B 38 22.23 -17.88 34.88
C LEU B 38 22.90 -16.82 34.02
N LEU B 39 22.09 -16.22 33.15
CA LEU B 39 22.47 -15.14 32.26
C LEU B 39 21.20 -14.33 32.11
N ALA B 40 21.23 -13.07 32.52
CA ALA B 40 20.05 -12.24 32.42
C ALA B 40 20.28 -10.91 31.76
N ASN B 41 19.26 -10.44 31.06
CA ASN B 41 19.27 -9.13 30.43
C ASN B 41 20.39 -8.82 29.44
N GLY B 42 20.74 -9.77 28.59
CA GLY B 42 21.74 -9.55 27.55
C GLY B 42 23.19 -9.92 27.78
N VAL B 43 23.50 -10.54 28.91
CA VAL B 43 24.84 -11.03 29.14
C VAL B 43 24.99 -12.35 28.37
N GLU B 44 25.33 -12.28 27.10
CA GLU B 44 25.47 -13.51 26.30
C GLU B 44 26.74 -14.25 26.71
N LEU B 45 26.71 -15.57 26.55
CA LEU B 45 27.90 -16.43 26.66
C LEU B 45 28.16 -17.02 25.28
N ARG B 46 29.36 -16.78 24.77
CA ARG B 46 29.74 -17.21 23.43
C ARG B 46 31.24 -17.32 23.41
N ASP B 47 31.77 -18.21 22.58
CA ASP B 47 33.21 -18.48 22.53
C ASP B 47 33.84 -18.53 23.96
N ASN B 48 33.15 -19.21 24.87
CA ASN B 48 33.57 -19.35 26.28
C ASN B 48 33.69 -18.05 27.10
N GLN B 49 33.11 -16.96 26.59
CA GLN B 49 33.34 -15.62 27.15
C GLN B 49 32.02 -14.98 27.48
N LEU B 50 32.00 -14.29 28.61
CA LEU B 50 30.85 -13.47 28.95
C LEU B 50 30.90 -12.22 28.11
N VAL B 51 29.73 -11.68 27.81
CA VAL B 51 29.61 -10.57 26.86
C VAL B 51 28.59 -9.57 27.34
N VAL B 52 29.05 -8.33 27.40
CA VAL B 52 28.36 -7.26 28.12
C VAL B 52 27.36 -6.59 27.17
N PRO B 53 26.06 -6.51 27.60
CA PRO B 53 25.13 -5.87 26.66
C PRO B 53 25.38 -4.39 26.49
N SER B 54 25.48 -3.65 27.59
CA SER B 54 25.71 -2.21 27.51
C SER B 54 26.70 -1.67 28.53
N GLU B 55 27.13 -0.43 28.28
CA GLU B 55 28.16 0.20 29.12
C GLU B 55 27.78 0.46 30.57
N GLY B 56 28.70 0.19 31.50
CA GLY B 56 28.44 0.40 32.94
C GLY B 56 29.52 -0.03 33.92
N LEU B 57 29.25 0.19 35.20
CA LEU B 57 30.13 -0.30 36.26
C LEU B 57 29.71 -1.71 36.57
N TYR B 58 30.65 -2.66 36.48
CA TYR B 58 30.33 -4.08 36.72
C TYR B 58 31.21 -4.69 37.80
N LEU B 59 30.57 -5.35 38.74
CA LEU B 59 31.24 -6.24 39.67
C LEU B 59 31.58 -7.47 38.84
N ILE B 60 32.79 -7.99 39.03
CA ILE B 60 33.31 -9.15 38.33
C ILE B 60 34.01 -10.05 39.33
N TYR B 61 33.94 -11.35 39.12
CA TYR B 61 34.54 -12.32 40.04
C TYR B 61 34.67 -13.69 39.40
N SER B 62 35.54 -14.51 39.96
CA SER B 62 35.72 -15.86 39.48
C SER B 62 36.51 -16.65 40.51
N GLN B 63 36.24 -17.95 40.55
CA GLN B 63 36.95 -18.84 41.45
C GLN B 63 37.28 -20.12 40.75
N VAL B 64 38.44 -20.64 41.07
CA VAL B 64 38.86 -21.94 40.60
C VAL B 64 39.50 -22.64 41.78
N LEU B 65 39.69 -23.95 41.62
CA LEU B 65 40.23 -24.75 42.68
C LEU B 65 41.08 -25.85 42.08
N PHE B 66 42.31 -25.96 42.57
CA PHE B 66 43.27 -26.93 42.06
C PHE B 66 43.58 -27.98 43.12
N LYS B 67 43.02 -29.18 42.94
CA LYS B 67 43.50 -30.34 43.71
C LYS B 67 44.74 -30.86 43.01
N GLY B 68 45.61 -31.51 43.77
CA GLY B 68 46.76 -32.24 43.24
C GLY B 68 47.02 -33.40 44.17
N GLN B 69 47.27 -34.57 43.62
CA GLN B 69 47.51 -35.76 44.44
C GLN B 69 48.99 -35.94 44.74
N GLY B 70 49.51 -35.08 45.62
CA GLY B 70 50.92 -35.12 45.99
C GLY B 70 51.75 -34.18 45.16
N CYS B 71 52.94 -33.86 45.64
CA CYS B 71 53.82 -32.93 44.94
C CYS B 71 54.81 -33.68 44.05
N PRO B 72 54.51 -33.71 42.71
CA PRO B 72 55.52 -34.37 41.88
C PRO B 72 56.84 -33.60 41.94
N SER B 73 56.75 -32.27 41.91
CA SER B 73 57.93 -31.40 41.94
C SER B 73 57.64 -30.05 42.57
N THR B 74 58.68 -29.23 42.70
CA THR B 74 58.55 -27.87 43.26
C THR B 74 58.02 -26.88 42.20
N HIS B 75 58.40 -27.11 40.96
CA HIS B 75 58.17 -26.18 39.85
C HIS B 75 56.72 -26.13 39.32
N VAL B 76 55.79 -26.80 39.99
CA VAL B 76 54.37 -26.71 39.63
C VAL B 76 53.95 -25.25 39.92
N LEU B 77 53.12 -24.71 39.04
CA LEU B 77 52.90 -23.29 38.90
C LEU B 77 51.48 -23.08 38.35
N LEU B 78 50.58 -22.59 39.19
CA LEU B 78 49.16 -22.44 38.82
C LEU B 78 48.83 -20.98 38.55
N THR B 79 48.03 -20.70 37.52
CA THR B 79 47.57 -19.32 37.23
C THR B 79 46.05 -19.19 37.07
N HIS B 80 45.55 -17.97 37.25
CA HIS B 80 44.13 -17.66 37.02
C HIS B 80 44.10 -16.21 36.59
N THR B 81 43.22 -15.91 35.64
CA THR B 81 43.18 -14.58 35.07
C THR B 81 41.87 -14.20 34.44
N ILE B 82 41.43 -12.99 34.72
CA ILE B 82 40.23 -12.46 34.11
C ILE B 82 40.72 -11.34 33.22
N SER B 83 40.31 -11.36 31.96
CA SER B 83 40.76 -10.37 30.99
C SER B 83 39.59 -9.82 30.23
N ARG B 84 39.78 -8.68 29.59
CA ARG B 84 38.72 -8.04 28.83
C ARG B 84 39.23 -7.72 27.44
N ILE B 85 38.35 -7.84 26.45
CA ILE B 85 38.73 -7.53 25.08
C ILE B 85 37.68 -6.60 24.49
N ALA B 86 37.92 -5.30 24.62
CA ALA B 86 37.02 -4.31 24.10
C ALA B 86 36.96 -4.48 22.61
N VAL B 87 35.88 -3.97 22.04
CA VAL B 87 35.65 -4.11 20.62
C VAL B 87 36.64 -3.19 19.92
N SER B 88 36.50 -1.88 20.16
CA SER B 88 37.21 -0.85 19.39
C SER B 88 38.72 -1.00 19.45
N TYR B 89 39.25 -1.26 20.65
CA TYR B 89 40.69 -1.34 20.91
C TYR B 89 41.26 -2.73 20.57
N GLN B 90 40.50 -3.77 20.89
CA GLN B 90 40.75 -5.17 20.44
C GLN B 90 41.78 -5.99 21.22
N THR B 91 42.68 -5.37 21.99
CA THR B 91 43.72 -6.18 22.65
C THR B 91 43.20 -6.67 23.99
N LYS B 92 43.83 -7.73 24.47
CA LYS B 92 43.45 -8.37 25.73
C LYS B 92 44.07 -7.61 26.89
N VAL B 93 43.24 -6.92 27.66
CA VAL B 93 43.73 -6.18 28.79
C VAL B 93 43.48 -6.99 30.03
N ASN B 94 44.54 -7.39 30.72
CA ASN B 94 44.37 -8.17 31.93
C ASN B 94 43.77 -7.28 32.99
N LEU B 95 42.90 -7.85 33.81
CA LEU B 95 42.25 -7.11 34.87
C LEU B 95 42.65 -7.69 36.20
N LEU B 96 42.45 -8.99 36.36
CA LEU B 96 42.80 -9.68 37.59
C LEU B 96 43.71 -10.87 37.27
N SER B 97 44.44 -11.33 38.27
CA SER B 97 45.63 -12.14 38.03
C SER B 97 46.18 -12.76 39.30
N ALA B 98 46.64 -14.02 39.19
CA ALA B 98 47.17 -14.74 40.36
C ALA B 98 48.17 -15.80 39.91
N ILE B 99 49.26 -15.95 40.66
CA ILE B 99 50.25 -17.01 40.41
C ILE B 99 50.49 -17.74 41.73
N LYS B 100 50.36 -19.05 41.72
CA LYS B 100 50.51 -19.86 42.94
C LYS B 100 51.38 -21.06 42.60
N SER B 101 52.49 -21.20 43.32
CA SER B 101 53.31 -22.38 43.22
C SER B 101 53.00 -23.17 44.47
N PRO B 102 52.15 -24.25 44.34
CA PRO B 102 51.81 -24.92 45.60
C PRO B 102 52.73 -26.04 46.06
N CYS B 103 53.89 -26.20 45.45
CA CYS B 103 54.79 -27.28 45.85
C CYS B 103 56.19 -26.81 46.16
N GLN B 104 56.44 -26.49 47.43
CA GLN B 104 57.80 -26.12 47.85
C GLN B 104 58.74 -27.33 47.98
N ARG B 105 58.14 -28.51 48.16
CA ARG B 105 58.89 -29.75 48.26
C ARG B 105 57.94 -30.93 48.04
N GLU B 106 58.39 -31.91 47.26
CA GLU B 106 57.57 -33.09 46.94
C GLU B 106 57.32 -33.93 48.17
N THR B 107 56.07 -34.40 48.30
CA THR B 107 55.69 -35.23 49.44
C THR B 107 55.94 -36.69 49.13
N ALA B 111 57.16 -41.13 51.02
CA ALA B 111 56.51 -42.31 51.57
C ALA B 111 55.06 -42.44 51.08
N GLU B 112 54.32 -41.33 51.12
CA GLU B 112 52.95 -41.27 50.60
C GLU B 112 52.73 -39.99 49.81
N ALA B 113 51.62 -39.92 49.08
CA ALA B 113 51.32 -38.73 48.28
C ALA B 113 50.92 -37.55 49.16
N LYS B 114 49.78 -37.66 49.83
CA LYS B 114 49.27 -36.57 50.71
C LYS B 114 48.78 -35.36 49.89
N PRO B 115 47.46 -35.28 49.59
CA PRO B 115 46.93 -34.39 48.56
C PRO B 115 47.05 -32.92 48.90
N TRP B 116 47.04 -32.07 47.89
CA TRP B 116 47.11 -30.64 48.10
C TRP B 116 46.07 -29.91 47.28
N TYR B 117 45.33 -29.04 47.96
CA TYR B 117 44.33 -28.19 47.35
C TYR B 117 44.82 -26.75 47.37
N GLU B 118 44.21 -25.90 46.56
CA GLU B 118 44.66 -24.54 46.30
C GLU B 118 43.60 -23.75 45.53
N PRO B 119 42.71 -23.03 46.23
CA PRO B 119 41.72 -22.19 45.57
C PRO B 119 42.28 -20.83 45.21
N ILE B 120 41.61 -20.16 44.28
CA ILE B 120 41.98 -18.83 43.82
C ILE B 120 40.70 -18.06 43.51
N TYR B 121 40.39 -17.09 44.35
CA TYR B 121 39.25 -16.24 44.10
C TYR B 121 39.80 -14.92 43.59
N LEU B 122 39.17 -14.36 42.57
CA LEU B 122 39.58 -13.07 42.04
C LEU B 122 38.35 -12.22 41.84
N GLY B 123 38.53 -10.91 41.83
CA GLY B 123 37.41 -10.02 41.58
C GLY B 123 37.66 -8.56 41.88
N GLY B 124 36.82 -7.73 41.27
CA GLY B 124 36.81 -6.31 41.56
C GLY B 124 35.63 -5.66 40.88
N VAL B 125 35.67 -4.34 40.71
CA VAL B 125 34.60 -3.61 40.05
C VAL B 125 35.22 -2.72 38.97
N PHE B 126 34.73 -2.90 37.74
CA PHE B 126 35.43 -2.48 36.55
C PHE B 126 34.47 -1.79 35.60
N GLN B 127 34.88 -0.65 35.05
CA GLN B 127 34.14 0.00 33.97
C GLN B 127 34.18 -0.95 32.77
N LEU B 128 33.05 -1.18 32.12
CA LEU B 128 33.00 -1.98 30.89
C LEU B 128 32.24 -1.27 29.79
N GLU B 129 32.72 -1.42 28.55
CA GLU B 129 32.07 -0.85 27.38
C GLU B 129 31.10 -1.90 26.84
N LYS B 130 30.25 -1.45 25.94
CA LYS B 130 29.29 -2.32 25.27
C LYS B 130 30.01 -3.29 24.32
N GLY B 131 29.66 -4.58 24.42
CA GLY B 131 30.28 -5.62 23.60
C GLY B 131 31.67 -6.06 23.99
N ASP B 132 32.04 -5.85 25.25
CA ASP B 132 33.34 -6.33 25.72
C ASP B 132 33.19 -7.81 26.02
N ARG B 133 34.28 -8.55 25.85
CA ARG B 133 34.26 -9.99 26.07
C ARG B 133 35.16 -10.44 27.20
N LEU B 134 34.58 -10.62 28.37
CA LEU B 134 35.33 -11.05 29.54
C LEU B 134 35.75 -12.51 29.41
N SER B 135 36.89 -12.84 29.99
CA SER B 135 37.41 -14.19 29.91
C SER B 135 38.21 -14.62 31.13
N ALA B 136 37.70 -15.62 31.83
CA ALA B 136 38.28 -16.19 33.03
C ALA B 136 38.99 -17.50 32.70
N GLU B 137 40.32 -17.52 32.79
CA GLU B 137 41.04 -18.70 32.35
C GLU B 137 42.10 -19.23 33.28
N ILE B 138 42.64 -20.39 32.92
CA ILE B 138 43.74 -21.00 33.68
C ILE B 138 44.73 -21.64 32.74
N ASN B 139 45.86 -22.05 33.31
CA ASN B 139 46.93 -22.74 32.58
C ASN B 139 46.98 -24.27 32.73
N ARG B 140 46.33 -24.82 33.76
CA ARG B 140 46.38 -26.24 34.08
C ARG B 140 44.98 -26.71 34.49
N PRO B 141 44.11 -26.97 33.49
CA PRO B 141 42.81 -27.59 33.78
C PRO B 141 42.88 -29.11 34.09
N ASP B 142 44.02 -29.76 33.83
CA ASP B 142 44.28 -31.08 34.40
C ASP B 142 44.27 -31.15 35.95
N TYR B 143 44.69 -30.07 36.62
CA TYR B 143 44.69 -29.97 38.10
C TYR B 143 43.38 -29.39 38.69
N LEU B 144 42.36 -29.13 37.87
CA LEU B 144 41.03 -28.74 38.38
C LEU B 144 40.35 -29.80 39.25
N ASP B 145 39.37 -29.33 40.05
CA ASP B 145 38.57 -30.17 40.91
C ASP B 145 37.09 -29.85 40.68
N PHE B 146 36.37 -30.82 40.07
CA PHE B 146 34.90 -30.82 39.96
C PHE B 146 34.24 -31.81 40.91
N ALA B 147 35.03 -32.38 41.84
CA ALA B 147 34.56 -33.45 42.75
C ALA B 147 33.21 -33.11 43.38
N GLU B 148 33.12 -31.89 43.89
CA GLU B 148 31.85 -31.27 44.29
C GLU B 148 31.57 -30.03 43.46
N SER B 149 30.27 -29.68 43.37
CA SER B 149 29.83 -28.46 42.69
C SER B 149 30.21 -27.16 43.42
N GLY B 150 29.99 -26.04 42.74
CA GLY B 150 30.19 -24.70 43.30
C GLY B 150 31.63 -24.39 43.62
N GLN B 151 32.57 -25.18 43.09
CA GLN B 151 34.00 -24.99 43.33
C GLN B 151 34.65 -24.10 42.25
N VAL B 152 33.93 -23.90 41.15
CA VAL B 152 34.48 -23.20 39.99
C VAL B 152 33.35 -22.42 39.31
N TYR B 153 33.45 -21.11 39.37
CA TYR B 153 32.45 -20.23 38.78
C TYR B 153 33.11 -18.97 38.24
N PHE B 154 32.28 -18.08 37.70
CA PHE B 154 32.74 -16.84 37.09
C PHE B 154 31.49 -16.09 36.73
N GLY B 155 31.26 -14.94 37.36
CA GLY B 155 30.10 -14.11 37.07
C GLY B 155 30.38 -12.63 37.04
N ILE B 156 29.40 -11.88 36.55
CA ILE B 156 29.40 -10.43 36.62
C ILE B 156 28.07 -9.92 37.14
N ILE B 157 28.08 -8.68 37.61
CA ILE B 157 26.86 -7.96 37.98
C ILE B 157 27.04 -6.51 37.55
N ALA B 158 26.01 -5.95 36.93
CA ALA B 158 25.98 -4.53 36.62
C ALA B 158 25.57 -3.83 37.89
N LEU B 159 26.36 -2.85 38.30
CA LEU B 159 26.05 -2.07 39.50
C LEU B 159 25.19 -0.88 39.09
N PRO C 10 27.46 -7.46 65.56
CA PRO C 10 28.08 -6.24 65.06
C PRO C 10 29.57 -6.11 65.42
N SER C 11 30.38 -5.68 64.45
CA SER C 11 31.84 -5.56 64.63
C SER C 11 32.17 -4.40 65.59
N ASP C 12 33.22 -4.57 66.40
CA ASP C 12 33.54 -3.64 67.53
C ASP C 12 33.74 -2.14 67.15
N LYS C 13 34.17 -1.89 65.91
CA LYS C 13 34.50 -0.54 65.47
C LYS C 13 33.26 0.29 65.12
N PRO C 14 33.38 1.63 65.09
CA PRO C 14 32.21 2.47 64.81
C PRO C 14 31.73 2.45 63.37
N VAL C 15 30.43 2.59 63.18
CA VAL C 15 29.81 2.65 61.87
C VAL C 15 28.57 3.54 61.94
N ALA C 16 28.13 4.09 60.82
CA ALA C 16 26.93 4.93 60.80
C ALA C 16 26.29 5.05 59.42
N HIS C 17 24.96 5.03 59.39
CA HIS C 17 24.16 5.19 58.19
C HIS C 17 22.81 5.78 58.58
N VAL C 18 22.59 7.06 58.30
CA VAL C 18 21.31 7.74 58.58
C VAL C 18 20.54 7.95 57.28
N VAL C 19 19.29 8.38 57.39
CA VAL C 19 18.41 8.65 56.24
C VAL C 19 17.53 9.88 56.47
N ALA C 20 16.93 10.37 55.39
CA ALA C 20 16.15 11.61 55.42
C ALA C 20 14.86 11.47 56.20
N ASN C 21 14.54 12.49 57.00
CA ASN C 21 13.20 12.64 57.56
C ASN C 21 12.33 13.19 56.44
N PRO C 22 11.40 12.35 55.89
CA PRO C 22 10.62 12.86 54.78
C PRO C 22 9.50 13.84 55.17
N GLN C 23 9.20 13.98 56.47
CA GLN C 23 8.19 14.92 56.98
C GLN C 23 8.77 16.23 57.57
N ALA C 24 9.90 16.69 57.02
CA ALA C 24 10.60 17.88 57.49
C ALA C 24 10.02 19.15 56.87
N GLU C 25 9.98 20.24 57.66
CA GLU C 25 9.26 21.49 57.29
C GLU C 25 10.09 22.42 56.40
N GLY C 26 10.40 21.95 55.19
CA GLY C 26 11.28 22.68 54.27
C GLY C 26 12.72 22.72 54.78
N GLN C 27 13.25 21.54 55.12
CA GLN C 27 14.59 21.40 55.72
C GLN C 27 15.18 19.99 55.44
N LEU C 28 16.06 19.48 56.29
CA LEU C 28 16.98 18.41 55.91
C LEU C 28 17.37 17.52 57.09
N GLN C 29 16.35 17.08 57.81
CA GLN C 29 16.51 16.45 59.12
C GLN C 29 16.86 14.96 58.96
N TRP C 30 17.89 14.50 59.67
CA TRP C 30 18.37 13.11 59.58
C TRP C 30 17.76 12.21 60.67
N LEU C 31 17.47 10.97 60.31
CA LEU C 31 16.86 9.95 61.22
C LEU C 31 17.91 8.94 61.69
N ASN C 32 18.03 8.74 63.02
CA ASN C 32 19.11 7.92 63.61
C ASN C 32 18.84 6.40 63.69
N ARG C 33 17.61 6.00 64.01
CA ARG C 33 17.23 4.58 64.09
C ARG C 33 15.80 4.32 63.62
N ARG C 34 15.67 3.90 62.38
CA ARG C 34 14.44 3.30 61.84
C ARG C 34 14.83 1.94 61.26
N ALA C 35 13.95 1.30 60.49
CA ALA C 35 14.28 0.03 59.81
C ALA C 35 15.53 0.13 58.91
N ASN C 36 15.63 1.24 58.16
CA ASN C 36 16.76 1.47 57.22
C ASN C 36 18.04 2.01 57.86
N ALA C 37 17.92 2.81 58.92
CA ALA C 37 19.08 3.52 59.51
C ALA C 37 19.81 2.71 60.60
N LEU C 38 21.09 3.04 60.80
CA LEU C 38 21.96 2.29 61.74
C LEU C 38 23.12 3.12 62.29
N LEU C 39 23.15 3.29 63.61
CA LEU C 39 24.33 3.80 64.37
C LEU C 39 24.92 2.63 65.13
N ALA C 40 26.22 2.68 65.43
CA ALA C 40 26.85 1.64 66.25
C ALA C 40 28.21 2.04 66.82
N ASN C 41 28.49 1.56 68.03
CA ASN C 41 29.80 1.68 68.69
C ASN C 41 30.31 3.11 68.85
N GLY C 42 29.47 3.93 69.48
CA GLY C 42 29.85 5.27 69.91
C GLY C 42 29.26 6.42 69.12
N VAL C 43 29.08 6.23 67.81
CA VAL C 43 28.65 7.34 66.95
C VAL C 43 27.23 7.75 67.31
N GLU C 44 27.09 9.01 67.73
CA GLU C 44 25.80 9.59 68.06
C GLU C 44 25.29 10.42 66.90
N LEU C 45 23.98 10.61 66.85
CA LEU C 45 23.38 11.71 66.12
C LEU C 45 22.99 12.76 67.15
N ARG C 46 23.55 13.96 67.00
CA ARG C 46 23.44 15.04 67.97
C ARG C 46 23.39 16.36 67.22
N ASP C 47 22.33 17.14 67.41
CA ASP C 47 22.10 18.40 66.69
C ASP C 47 22.23 18.22 65.14
N ASN C 48 21.60 17.17 64.62
CA ASN C 48 21.61 16.81 63.18
C ASN C 48 23.00 16.43 62.62
N GLN C 49 23.88 15.96 63.50
CA GLN C 49 25.30 15.77 63.18
C GLN C 49 25.86 14.48 63.75
N LEU C 50 26.57 13.73 62.92
CA LEU C 50 27.24 12.51 63.37
C LEU C 50 28.45 12.83 64.25
N VAL C 51 28.46 12.28 65.46
CA VAL C 51 29.51 12.51 66.43
C VAL C 51 30.51 11.36 66.39
N VAL C 52 31.74 11.66 65.95
CA VAL C 52 32.84 10.69 65.91
C VAL C 52 33.28 10.30 67.32
N PRO C 53 33.14 9.01 67.69
CA PRO C 53 33.48 8.61 69.06
C PRO C 53 34.98 8.50 69.39
N SER C 54 35.86 8.45 68.39
CA SER C 54 37.30 8.30 68.64
C SER C 54 38.13 8.66 67.41
N GLU C 55 39.44 8.82 67.61
CA GLU C 55 40.35 9.20 66.53
C GLU C 55 40.59 8.03 65.57
N GLY C 56 40.95 8.37 64.33
CA GLY C 56 41.36 7.40 63.32
C GLY C 56 40.92 7.83 61.93
N LEU C 57 40.89 6.86 61.01
CA LEU C 57 40.52 7.07 59.61
C LEU C 57 39.08 6.64 59.42
N TYR C 58 38.34 7.36 58.56
CA TYR C 58 36.91 7.11 58.38
C TYR C 58 36.44 7.31 56.95
N LEU C 59 35.80 6.28 56.41
CA LEU C 59 35.26 6.37 55.07
C LEU C 59 33.95 7.09 55.23
N ILE C 60 33.93 8.36 54.84
CA ILE C 60 32.74 9.18 54.91
C ILE C 60 32.05 9.12 53.56
N TYR C 61 30.72 9.07 53.55
CA TYR C 61 29.99 9.04 52.28
C TYR C 61 28.57 9.57 52.41
N SER C 62 27.98 9.92 51.27
CA SER C 62 26.61 10.40 51.26
C SER C 62 25.96 10.36 49.87
N GLN C 63 24.64 10.40 49.85
CA GLN C 63 23.85 10.44 48.63
C GLN C 63 22.58 11.24 48.85
N VAL C 64 22.14 11.91 47.80
CA VAL C 64 20.86 12.61 47.81
C VAL C 64 20.24 12.40 46.44
N LEU C 65 18.98 12.83 46.28
CA LEU C 65 18.25 12.65 45.03
C LEU C 65 17.21 13.75 44.85
N PHE C 66 17.37 14.57 43.80
CA PHE C 66 16.48 15.69 43.50
C PHE C 66 15.51 15.37 42.37
N LYS C 67 14.45 16.17 42.26
CA LYS C 67 13.46 16.03 41.19
C LYS C 67 12.68 17.33 40.96
N GLY C 68 12.37 17.60 39.70
CA GLY C 68 11.44 18.66 39.33
C GLY C 68 10.64 18.26 38.10
N GLN C 69 9.41 18.77 38.04
CA GLN C 69 8.56 18.67 36.86
C GLN C 69 8.78 19.96 36.07
N GLY C 70 9.24 19.84 34.82
CA GLY C 70 9.55 21.00 33.98
C GLY C 70 10.73 21.78 34.53
N CYS C 71 10.77 23.09 34.27
CA CYS C 71 11.78 23.96 34.87
C CYS C 71 11.38 25.44 34.90
N PRO C 72 11.74 26.16 35.98
CA PRO C 72 11.26 27.52 36.17
C PRO C 72 12.04 28.57 35.37
N SER C 73 11.44 29.75 35.26
CA SER C 73 12.04 30.90 34.56
C SER C 73 13.31 31.43 35.24
N THR C 74 13.49 31.11 36.52
CA THR C 74 14.78 31.25 37.20
C THR C 74 15.67 30.03 36.93
N HIS C 75 16.98 30.25 36.83
CA HIS C 75 17.94 29.14 36.71
C HIS C 75 18.11 28.45 38.07
N VAL C 76 17.88 27.14 38.09
CA VAL C 76 17.89 26.36 39.31
C VAL C 76 19.34 25.95 39.60
N LEU C 77 19.66 25.75 40.88
CA LEU C 77 21.02 25.47 41.31
C LEU C 77 20.99 24.56 42.55
N LEU C 78 21.64 23.40 42.45
CA LEU C 78 21.48 22.31 43.44
C LEU C 78 22.83 21.88 43.99
N THR C 79 22.96 21.88 45.32
CA THR C 79 24.25 21.61 45.97
C THR C 79 24.04 20.64 47.12
N HIS C 80 25.05 19.81 47.33
CA HIS C 80 25.09 18.84 48.41
C HIS C 80 26.45 19.00 49.07
N THR C 81 26.52 18.96 50.39
CA THR C 81 27.79 19.24 51.08
C THR C 81 27.97 18.58 52.45
N ILE C 82 28.86 17.59 52.53
CA ILE C 82 29.34 17.07 53.81
C ILE C 82 30.38 18.03 54.38
N SER C 83 30.29 18.31 55.68
CA SER C 83 31.18 19.27 56.36
C SER C 83 31.71 18.74 57.70
N ARG C 84 32.76 19.38 58.21
CA ARG C 84 33.41 19.00 59.46
C ARG C 84 33.55 20.20 60.40
N ILE C 85 33.29 19.96 61.67
CA ILE C 85 33.67 20.88 62.73
C ILE C 85 34.58 20.07 63.65
N ALA C 86 35.89 20.34 63.57
CA ALA C 86 36.88 19.60 64.36
C ALA C 86 37.01 20.18 65.75
N VAL C 87 37.41 19.33 66.70
CA VAL C 87 37.67 19.77 68.07
C VAL C 87 38.96 20.59 68.11
N SER C 88 39.96 20.11 67.38
CA SER C 88 41.21 20.83 67.16
C SER C 88 40.98 22.23 66.58
N TYR C 89 40.09 22.34 65.59
CA TYR C 89 39.93 23.55 64.78
C TYR C 89 38.67 24.38 65.06
N GLN C 90 37.50 23.72 65.18
CA GLN C 90 36.28 24.36 65.73
C GLN C 90 35.55 25.32 64.77
N THR C 91 35.59 25.02 63.47
CA THR C 91 34.80 25.78 62.48
C THR C 91 34.31 24.86 61.38
N LYS C 92 33.16 25.20 60.80
CA LYS C 92 32.49 24.39 59.78
C LYS C 92 33.24 24.51 58.45
N VAL C 93 33.79 23.39 57.96
CA VAL C 93 34.58 23.34 56.72
C VAL C 93 34.09 22.24 55.78
N ASN C 94 34.10 22.51 54.48
CA ASN C 94 33.81 21.51 53.47
C ASN C 94 34.87 20.40 53.44
N LEU C 95 34.38 19.16 53.52
CA LEU C 95 35.12 17.94 53.13
C LEU C 95 34.82 17.51 51.68
N LEU C 96 33.53 17.46 51.36
CA LEU C 96 33.02 16.89 50.12
C LEU C 96 31.82 17.72 49.69
N SER C 97 31.80 18.14 48.43
CA SER C 97 30.78 19.08 47.95
C SER C 97 30.64 19.00 46.46
N ALA C 98 29.42 19.22 45.96
CA ALA C 98 29.16 19.09 44.54
C ALA C 98 27.89 19.81 44.11
N ILE C 99 27.90 20.29 42.87
CA ILE C 99 26.89 21.23 42.35
C ILE C 99 26.30 20.64 41.07
N LYS C 100 25.06 21.03 40.74
CA LYS C 100 24.34 20.47 39.61
C LYS C 100 23.37 21.49 38.98
N SER C 101 23.28 21.49 37.65
CA SER C 101 22.21 22.17 36.91
C SER C 101 21.24 21.09 36.43
N PRO C 102 19.95 21.14 36.84
CA PRO C 102 19.01 20.14 36.34
C PRO C 102 18.68 20.35 34.87
N CYS C 103 18.39 21.59 34.52
CA CYS C 103 17.96 21.98 33.20
C CYS C 103 18.72 23.24 32.82
N GLN C 104 18.43 23.76 31.64
CA GLN C 104 19.05 24.97 31.13
C GLN C 104 18.01 26.07 31.05
N ARG C 105 16.93 25.81 30.32
CA ARG C 105 15.87 26.77 30.08
C ARG C 105 14.61 26.45 30.87
N GLU C 106 13.76 27.46 30.98
CA GLU C 106 12.34 27.27 31.28
C GLU C 106 11.67 26.77 30.01
N THR C 107 10.94 25.67 30.13
CA THR C 107 10.53 24.87 28.98
C THR C 107 9.11 25.27 28.52
N PRO C 108 8.98 25.89 27.31
CA PRO C 108 7.68 26.41 26.88
C PRO C 108 6.72 25.33 26.38
N ALA C 113 7.32 20.67 29.51
CA ALA C 113 7.46 20.27 30.90
C ALA C 113 7.51 18.74 31.02
N LYS C 114 8.62 18.21 31.54
CA LYS C 114 8.78 16.76 31.76
C LYS C 114 9.60 16.48 33.03
N PRO C 115 9.33 15.34 33.70
CA PRO C 115 9.87 15.13 35.05
C PRO C 115 11.36 14.78 35.02
N TRP C 116 12.22 15.79 35.24
CA TRP C 116 13.66 15.53 35.35
C TRP C 116 14.01 14.98 36.72
N TYR C 117 15.10 14.24 36.76
CA TYR C 117 15.70 13.72 38.00
C TYR C 117 17.21 13.86 37.89
N GLU C 118 17.85 14.31 38.96
CA GLU C 118 19.33 14.32 39.08
C GLU C 118 19.68 14.05 40.55
N PRO C 119 20.60 13.11 40.81
CA PRO C 119 21.13 12.92 42.16
C PRO C 119 22.55 13.47 42.32
N ILE C 120 23.07 13.37 43.53
CA ILE C 120 24.45 13.74 43.84
C ILE C 120 24.97 12.72 44.85
N TYR C 121 26.25 12.38 44.71
CA TYR C 121 26.93 11.45 45.59
C TYR C 121 28.17 12.18 46.07
N LEU C 122 28.74 11.73 47.19
CA LEU C 122 29.91 12.39 47.79
C LEU C 122 30.55 11.42 48.76
N GLY C 123 31.86 11.22 48.67
CA GLY C 123 32.51 10.30 49.60
C GLY C 123 34.02 10.33 49.61
N GLY C 124 34.61 9.70 50.63
CA GLY C 124 36.06 9.62 50.72
C GLY C 124 36.61 9.29 52.08
N VAL C 125 37.87 8.88 52.10
CA VAL C 125 38.61 8.57 53.33
C VAL C 125 39.09 9.86 54.00
N PHE C 126 39.10 9.85 55.33
CA PHE C 126 39.41 11.04 56.12
C PHE C 126 39.91 10.68 57.52
N GLN C 127 41.01 11.29 57.93
CA GLN C 127 41.45 11.27 59.32
C GLN C 127 40.51 12.16 60.15
N LEU C 128 40.09 11.65 61.29
CA LEU C 128 39.14 12.33 62.17
C LEU C 128 39.49 12.12 63.63
N GLU C 129 39.16 13.12 64.45
CA GLU C 129 39.46 13.14 65.88
C GLU C 129 38.19 13.01 66.71
N LYS C 130 38.38 12.63 67.97
CA LYS C 130 37.29 12.36 68.88
C LYS C 130 36.50 13.64 69.15
N GLY C 131 35.18 13.58 68.93
CA GLY C 131 34.30 14.73 69.12
C GLY C 131 34.10 15.62 67.89
N ASP C 132 34.59 15.16 66.73
CA ASP C 132 34.40 15.91 65.49
C ASP C 132 32.97 15.72 65.01
N ARG C 133 32.21 16.80 64.99
CA ARG C 133 30.82 16.74 64.56
C ARG C 133 30.72 17.00 63.06
N LEU C 134 30.08 16.07 62.35
CA LEU C 134 29.97 16.10 60.88
C LEU C 134 28.56 16.40 60.43
N SER C 135 28.41 17.05 59.29
CA SER C 135 27.10 17.44 58.77
C SER C 135 27.03 17.31 57.25
N ALA C 136 26.08 16.49 56.78
CA ALA C 136 25.69 16.46 55.38
C ALA C 136 24.49 17.36 55.23
N GLU C 137 24.48 18.15 54.15
CA GLU C 137 23.49 19.22 53.95
C GLU C 137 23.32 19.54 52.46
N ILE C 138 22.29 20.34 52.16
CA ILE C 138 21.90 20.71 50.79
C ILE C 138 21.34 22.11 50.75
N ASN C 139 21.33 22.71 49.57
CA ASN C 139 20.80 24.08 49.43
C ASN C 139 19.30 24.15 49.11
N ARG C 140 18.76 23.16 48.39
CA ARG C 140 17.33 23.16 48.03
C ARG C 140 16.59 21.99 48.66
N PRO C 141 16.12 22.16 49.91
CA PRO C 141 15.15 21.20 50.48
C PRO C 141 13.92 20.99 49.58
N ASP C 142 13.35 22.09 49.09
CA ASP C 142 12.12 22.06 48.29
C ASP C 142 12.16 21.19 47.02
N TYR C 143 13.34 21.00 46.45
CA TYR C 143 13.51 20.15 45.27
C TYR C 143 13.92 18.69 45.58
N LEU C 144 13.96 18.30 46.86
CA LEU C 144 14.26 16.89 47.24
C LEU C 144 13.26 15.89 46.67
N ASP C 145 13.77 14.71 46.30
CA ASP C 145 12.94 13.61 45.85
C ASP C 145 12.90 12.52 46.93
N PHE C 146 12.12 12.80 47.96
CA PHE C 146 11.64 11.78 48.90
C PHE C 146 10.91 10.64 48.15
N ALA C 147 11.68 9.68 47.64
CA ALA C 147 11.14 8.50 46.95
C ALA C 147 12.19 7.38 46.88
N GLU C 148 11.73 6.14 47.09
CA GLU C 148 12.57 4.95 47.34
C GLU C 148 13.39 5.07 48.63
N SER C 149 13.09 4.21 49.61
CA SER C 149 13.74 4.24 50.92
C SER C 149 15.19 3.80 50.83
N GLY C 150 16.02 4.38 51.70
CA GLY C 150 17.45 4.07 51.76
C GLY C 150 18.22 4.50 50.52
N GLN C 151 17.79 5.61 49.92
CA GLN C 151 18.46 6.24 48.78
C GLN C 151 19.09 7.58 49.19
N VAL C 152 18.34 8.40 49.92
CA VAL C 152 18.86 9.67 50.46
C VAL C 152 19.39 9.46 51.87
N TYR C 153 20.66 9.05 51.96
CA TYR C 153 21.28 8.74 53.25
C TYR C 153 22.59 9.50 53.46
N PHE C 154 23.20 9.22 54.59
CA PHE C 154 24.45 9.84 55.01
C PHE C 154 25.10 8.89 56.00
N GLY C 155 26.42 8.75 55.94
CA GLY C 155 27.08 7.82 56.84
C GLY C 155 28.58 7.73 56.76
N ILE C 156 29.15 7.16 57.82
CA ILE C 156 30.58 6.96 57.91
C ILE C 156 30.92 5.53 58.32
N ILE C 157 32.20 5.20 58.16
CA ILE C 157 32.72 3.89 58.50
C ILE C 157 34.19 4.01 58.90
N ALA C 158 34.50 3.59 60.12
CA ALA C 158 35.88 3.57 60.59
C ALA C 158 36.66 2.56 59.81
N LEU C 159 37.91 2.87 59.49
CA LEU C 159 38.77 1.95 58.77
C LEU C 159 39.80 1.39 59.73
N SER D 11 49.15 -4.06 59.81
CA SER D 11 47.91 -3.67 59.11
C SER D 11 47.83 -2.16 58.93
N ASP D 12 48.85 -1.60 58.28
CA ASP D 12 48.90 -0.18 58.04
C ASP D 12 47.70 0.24 57.20
N LYS D 13 47.39 -0.55 56.18
CA LYS D 13 46.28 -0.29 55.28
C LYS D 13 46.44 1.00 54.48
N PRO D 14 47.40 0.94 53.47
CA PRO D 14 47.55 2.11 52.61
C PRO D 14 46.25 2.83 52.23
N VAL D 15 46.21 4.15 52.45
CA VAL D 15 45.12 5.00 51.98
C VAL D 15 45.65 6.37 51.57
N ALA D 16 44.81 7.07 50.81
CA ALA D 16 45.13 8.39 50.31
C ALA D 16 43.86 9.11 49.92
N HIS D 17 43.93 10.43 49.95
CA HIS D 17 42.83 11.30 49.55
C HIS D 17 43.49 12.65 49.37
N VAL D 18 43.51 13.10 48.12
CA VAL D 18 44.21 14.32 47.74
C VAL D 18 43.30 15.23 46.94
N VAL D 19 43.51 16.54 47.08
CA VAL D 19 42.66 17.53 46.45
C VAL D 19 43.30 18.39 45.40
N ALA D 20 42.47 19.06 44.64
CA ALA D 20 42.97 19.96 43.60
C ALA D 20 43.55 21.14 44.32
N ASN D 21 44.73 21.56 43.88
CA ASN D 21 45.39 22.74 44.42
C ASN D 21 44.68 23.97 43.91
N PRO D 22 44.13 24.80 44.87
CA PRO D 22 43.43 25.99 44.35
C PRO D 22 44.40 26.90 43.62
N GLN D 23 45.43 27.33 44.35
CA GLN D 23 46.56 28.12 43.83
C GLN D 23 46.78 27.91 42.34
N ALA D 24 46.90 26.64 41.95
CA ALA D 24 47.25 26.26 40.59
C ALA D 24 46.15 26.56 39.57
N GLU D 25 46.04 27.82 39.17
CA GLU D 25 45.07 28.18 38.13
C GLU D 25 45.42 27.66 36.75
N GLY D 26 44.44 27.14 36.01
CA GLY D 26 44.66 26.56 34.68
C GLY D 26 45.23 25.16 34.57
N GLN D 27 45.30 24.44 35.69
CA GLN D 27 45.74 23.03 35.72
C GLN D 27 45.24 22.33 36.99
N LEU D 28 45.42 21.02 37.04
CA LEU D 28 44.90 20.22 38.17
C LEU D 28 46.05 19.58 38.93
N GLN D 29 46.52 20.24 40.00
CA GLN D 29 47.62 19.68 40.78
C GLN D 29 47.07 19.11 42.06
N TRP D 30 47.34 17.82 42.31
CA TRP D 30 46.91 17.17 43.55
C TRP D 30 47.84 17.62 44.69
N LEU D 31 47.28 17.74 45.90
CA LEU D 31 48.05 18.14 47.07
C LEU D 31 47.77 17.26 48.29
N ASN D 32 48.81 16.57 48.77
CA ASN D 32 48.70 15.79 50.01
C ASN D 32 48.61 16.62 51.28
N ARG D 33 49.35 17.73 51.32
CA ARG D 33 49.42 18.57 52.53
C ARG D 33 48.48 19.76 52.51
N ARG D 34 47.37 19.61 53.21
CA ARG D 34 46.34 20.59 53.37
C ARG D 34 45.36 20.07 54.38
N ALA D 35 44.39 20.86 54.79
CA ALA D 35 43.41 20.40 55.75
C ALA D 35 42.45 19.35 55.21
N ASN D 36 42.42 18.20 55.87
CA ASN D 36 41.54 17.09 55.52
C ASN D 36 42.04 16.19 54.39
N ALA D 37 43.14 16.57 53.73
CA ALA D 37 43.71 15.74 52.70
C ALA D 37 44.48 14.70 53.46
N LEU D 38 44.85 13.62 52.80
CA LEU D 38 45.58 12.55 53.42
C LEU D 38 46.44 11.64 52.59
N LEU D 39 47.57 11.23 53.15
CA LEU D 39 48.37 10.10 52.70
C LEU D 39 48.72 9.28 53.93
N ALA D 40 48.93 7.98 53.76
CA ALA D 40 49.11 7.12 54.93
C ALA D 40 49.57 5.70 54.60
N ASN D 41 50.46 5.19 55.45
CA ASN D 41 50.93 3.82 55.36
C ASN D 41 51.59 3.50 54.02
N GLY D 42 52.31 4.45 53.46
CA GLY D 42 53.17 4.20 52.33
C GLY D 42 52.79 4.81 51.00
N VAL D 43 51.63 5.44 50.94
CA VAL D 43 51.20 6.04 49.68
C VAL D 43 51.90 7.40 49.52
N GLU D 44 52.80 7.47 48.54
CA GLU D 44 53.46 8.72 48.16
C GLU D 44 52.67 9.46 47.07
N LEU D 45 52.89 10.77 47.00
CA LEU D 45 52.35 11.63 45.94
C LEU D 45 53.51 12.27 45.25
N ARG D 46 53.79 11.77 44.05
CA ARG D 46 55.01 12.08 43.35
C ARG D 46 54.69 12.29 41.88
N ASP D 47 55.40 13.20 41.26
CA ASP D 47 55.12 13.64 39.91
C ASP D 47 53.60 13.74 39.63
N ASN D 48 52.84 14.31 40.57
CA ASN D 48 51.37 14.43 40.43
C ASN D 48 50.60 13.12 40.32
N GLN D 49 51.14 12.08 40.93
CA GLN D 49 50.67 10.72 40.74
C GLN D 49 50.80 9.96 42.04
N LEU D 50 49.69 9.38 42.50
CA LEU D 50 49.72 8.51 43.69
C LEU D 50 50.52 7.24 43.37
N VAL D 51 51.24 6.75 44.38
CA VAL D 51 52.21 5.68 44.22
C VAL D 51 51.93 4.60 45.25
N VAL D 52 51.75 3.37 44.78
CA VAL D 52 51.20 2.28 45.58
C VAL D 52 52.32 1.50 46.27
N PRO D 53 52.25 1.40 47.64
CA PRO D 53 53.39 0.71 48.25
C PRO D 53 53.32 -0.81 48.22
N SER D 54 52.12 -1.36 48.29
CA SER D 54 51.97 -2.80 48.35
C SER D 54 50.96 -3.30 47.34
N GLU D 55 51.21 -4.52 46.89
CA GLU D 55 50.35 -5.24 45.94
C GLU D 55 49.01 -5.56 46.58
N GLY D 56 47.98 -5.62 45.75
CA GLY D 56 46.67 -6.03 46.23
C GLY D 56 45.53 -5.24 45.62
N LEU D 57 44.33 -5.50 46.11
CA LEU D 57 43.16 -4.78 45.66
C LEU D 57 43.18 -3.38 46.26
N TYR D 58 42.68 -2.41 45.51
CA TYR D 58 42.61 -1.06 45.99
C TYR D 58 41.32 -0.44 45.50
N LEU D 59 40.56 0.12 46.41
CA LEU D 59 39.40 0.91 46.07
C LEU D 59 40.00 2.22 45.51
N ILE D 60 39.51 2.65 44.36
CA ILE D 60 39.96 3.89 43.72
C ILE D 60 38.75 4.77 43.44
N TYR D 61 38.86 6.07 43.75
CA TYR D 61 37.76 7.02 43.51
C TYR D 61 38.21 8.37 42.98
N SER D 62 37.25 9.21 42.62
CA SER D 62 37.54 10.48 41.99
C SER D 62 36.27 11.29 41.78
N GLN D 63 36.39 12.62 41.94
CA GLN D 63 35.33 13.59 41.62
C GLN D 63 35.99 14.87 41.06
N VAL D 64 35.27 15.52 40.14
CA VAL D 64 35.72 16.78 39.54
C VAL D 64 34.51 17.59 39.07
N LEU D 65 34.24 18.67 39.81
CA LEU D 65 33.19 19.62 39.45
C LEU D 65 33.69 20.55 38.34
N PHE D 66 32.95 20.62 37.24
CA PHE D 66 33.21 21.59 36.16
C PHE D 66 32.16 22.67 36.17
N LYS D 67 32.50 23.80 35.58
CA LYS D 67 31.61 24.96 35.55
C LYS D 67 32.03 25.92 34.46
N GLY D 68 31.06 26.46 33.71
CA GLY D 68 31.31 27.47 32.68
C GLY D 68 30.23 28.53 32.62
N GLN D 69 30.65 29.80 32.52
CA GLN D 69 29.74 30.94 32.36
C GLN D 69 29.13 30.88 30.96
N GLY D 70 27.83 30.59 30.89
CA GLY D 70 27.14 30.39 29.61
C GLY D 70 27.72 29.23 28.83
N CYS D 71 27.39 29.21 27.53
CA CYS D 71 28.02 28.29 26.58
C CYS D 71 28.67 29.10 25.49
N PRO D 72 29.97 28.90 25.25
CA PRO D 72 30.54 29.52 24.05
C PRO D 72 30.06 28.84 22.76
N SER D 73 29.90 27.51 22.82
CA SER D 73 29.57 26.70 21.66
C SER D 73 29.04 25.34 22.14
N THR D 74 28.56 24.54 21.19
CA THR D 74 27.97 23.23 21.50
C THR D 74 29.06 22.18 21.72
N HIS D 75 30.03 22.18 20.80
CA HIS D 75 31.16 21.22 20.79
C HIS D 75 31.98 21.09 22.07
N VAL D 76 31.88 22.08 22.96
CA VAL D 76 32.54 22.05 24.27
C VAL D 76 32.46 20.67 24.87
N LEU D 77 33.60 20.21 25.36
CA LEU D 77 33.85 18.82 25.65
C LEU D 77 34.72 18.67 26.92
N LEU D 78 34.21 17.90 27.89
CA LEU D 78 34.85 17.70 29.18
C LEU D 78 35.09 16.22 29.40
N THR D 79 36.31 15.89 29.87
CA THR D 79 36.75 14.51 30.04
C THR D 79 37.53 14.31 31.33
N HIS D 80 37.52 13.08 31.82
CA HIS D 80 38.13 12.78 33.11
C HIS D 80 38.44 11.29 33.19
N THR D 81 39.63 11.01 33.68
CA THR D 81 40.35 9.79 33.42
C THR D 81 41.02 9.31 34.67
N ILE D 82 41.18 8.00 34.80
CA ILE D 82 42.22 7.46 35.65
C ILE D 82 43.02 6.42 34.87
N SER D 83 44.34 6.44 35.09
CA SER D 83 45.29 5.61 34.37
C SER D 83 46.24 4.97 35.36
N ARG D 84 46.98 3.96 34.92
CA ARG D 84 47.77 3.10 35.81
C ARG D 84 49.05 2.73 35.09
N ILE D 85 50.20 3.15 35.63
CA ILE D 85 51.49 2.97 34.93
C ILE D 85 52.36 2.12 35.83
N ALA D 86 52.33 0.81 35.57
CA ALA D 86 53.06 -0.11 36.39
C ALA D 86 54.51 -0.03 36.03
N VAL D 87 55.36 -0.41 36.98
CA VAL D 87 56.80 -0.39 36.78
C VAL D 87 57.15 -1.25 35.60
N SER D 88 57.04 -2.57 35.79
CA SER D 88 57.63 -3.54 34.86
C SER D 88 57.13 -3.36 33.43
N TYR D 89 55.84 -3.04 33.28
CA TYR D 89 55.14 -3.02 31.99
C TYR D 89 55.18 -1.66 31.27
N GLN D 90 55.02 -0.56 32.02
CA GLN D 90 55.26 0.84 31.54
C GLN D 90 54.23 1.54 30.67
N THR D 91 53.39 0.79 29.93
CA THR D 91 52.38 1.39 29.05
C THR D 91 51.21 1.89 29.91
N LYS D 92 50.59 2.98 29.46
CA LYS D 92 49.60 3.74 30.25
C LYS D 92 48.19 3.16 30.17
N VAL D 93 47.88 2.27 31.11
CA VAL D 93 46.64 1.48 31.08
C VAL D 93 45.52 2.32 31.68
N ASN D 94 44.55 2.71 30.85
CA ASN D 94 43.30 3.29 31.35
C ASN D 94 42.48 2.29 32.16
N LEU D 95 41.82 2.78 33.21
CA LEU D 95 40.89 1.98 34.02
C LEU D 95 39.49 2.63 33.98
N LEU D 96 39.41 3.89 34.41
CA LEU D 96 38.16 4.65 34.37
C LEU D 96 38.26 5.83 33.42
N SER D 97 37.09 6.34 33.06
CA SER D 97 36.97 7.22 31.91
C SER D 97 35.55 7.77 31.83
N ALA D 98 35.42 9.05 31.48
CA ALA D 98 34.11 9.70 31.26
C ALA D 98 34.22 10.92 30.35
N ILE D 99 33.27 11.04 29.43
CA ILE D 99 33.17 12.16 28.48
C ILE D 99 31.83 12.81 28.76
N LYS D 100 31.79 14.14 28.65
CA LYS D 100 30.55 14.88 28.76
C LYS D 100 30.57 16.06 27.79
N SER D 101 29.39 16.41 27.27
CA SER D 101 29.22 17.54 26.37
C SER D 101 28.02 18.34 26.86
N PRO D 102 28.22 19.17 27.90
CA PRO D 102 27.10 19.85 28.57
C PRO D 102 26.38 20.85 27.69
N CYS D 103 27.14 21.63 26.94
CA CYS D 103 26.54 22.65 26.08
C CYS D 103 25.75 22.01 24.93
N GLN D 104 24.43 21.96 25.12
CA GLN D 104 23.49 21.40 24.14
C GLN D 104 23.22 22.37 23.00
N ARG D 105 23.01 23.64 23.36
CA ARG D 105 22.82 24.74 22.41
C ARG D 105 23.69 25.95 22.81
N GLU D 106 23.89 26.88 21.88
CA GLU D 106 25.00 27.85 22.00
C GLU D 106 24.87 28.97 23.05
N THR D 107 23.66 29.37 23.41
CA THR D 107 23.38 30.59 24.21
C THR D 107 23.67 31.84 23.37
N PRO D 108 22.68 32.73 23.22
CA PRO D 108 22.80 33.82 22.23
C PRO D 108 23.87 34.90 22.46
N GLU D 109 24.65 34.83 23.54
CA GLU D 109 25.78 35.74 23.84
C GLU D 109 25.32 37.19 24.01
N GLY D 110 24.93 37.50 25.24
CA GLY D 110 24.15 38.70 25.56
C GLY D 110 23.06 38.26 26.52
N ALA D 111 22.98 38.94 27.66
CA ALA D 111 22.05 38.62 28.75
C ALA D 111 22.32 37.26 29.42
N GLU D 112 21.63 37.07 30.55
CA GLU D 112 21.65 35.85 31.36
C GLU D 112 22.57 34.76 30.82
N ALA D 113 23.87 34.94 31.05
CA ALA D 113 24.84 33.90 30.74
C ALA D 113 24.75 32.90 31.87
N LYS D 114 23.74 32.02 31.78
CA LYS D 114 23.42 31.06 32.86
C LYS D 114 24.52 30.01 32.91
N PRO D 115 25.13 29.83 34.10
CA PRO D 115 26.21 28.87 34.20
C PRO D 115 25.69 27.44 34.24
N TRP D 116 26.56 26.49 33.88
CA TRP D 116 26.27 25.06 33.97
C TRP D 116 27.28 24.45 34.92
N TYR D 117 26.87 23.42 35.64
CA TYR D 117 27.79 22.60 36.43
C TYR D 117 27.72 21.16 35.95
N GLU D 118 28.87 20.55 35.77
CA GLU D 118 28.99 19.13 35.52
C GLU D 118 29.97 18.61 36.54
N PRO D 119 29.48 17.86 37.54
CA PRO D 119 30.39 16.99 38.29
C PRO D 119 30.57 15.71 37.51
N ILE D 120 31.69 15.05 37.74
CA ILE D 120 32.00 13.76 37.13
C ILE D 120 32.71 12.91 38.18
N TYR D 121 32.20 11.69 38.38
CA TYR D 121 32.76 10.75 39.31
C TYR D 121 33.30 9.55 38.55
N LEU D 122 34.30 8.90 39.13
CA LEU D 122 34.85 7.65 38.63
C LEU D 122 35.21 6.84 39.85
N GLY D 123 35.07 5.54 39.74
CA GLY D 123 35.42 4.67 40.85
C GLY D 123 35.52 3.22 40.45
N GLY D 124 36.18 2.45 41.31
CA GLY D 124 36.14 1.00 41.26
C GLY D 124 37.13 0.38 42.21
N VAL D 125 37.34 -0.91 42.05
CA VAL D 125 38.26 -1.68 42.85
C VAL D 125 39.16 -2.31 41.80
N PHE D 126 40.46 -2.35 42.05
CA PHE D 126 41.38 -2.81 41.04
C PHE D 126 42.54 -3.48 41.72
N GLN D 127 43.15 -4.42 41.03
CA GLN D 127 44.32 -5.10 41.54
C GLN D 127 45.53 -4.28 41.12
N LEU D 128 46.30 -3.80 42.09
CA LEU D 128 47.47 -3.00 41.80
C LEU D 128 48.76 -3.64 42.27
N GLU D 129 49.77 -3.61 41.40
CA GLU D 129 51.08 -4.14 41.73
C GLU D 129 51.89 -3.06 42.44
N LYS D 130 52.89 -3.48 43.20
CA LYS D 130 53.75 -2.58 43.96
C LYS D 130 54.40 -1.53 43.09
N GLY D 131 54.33 -0.27 43.52
CA GLY D 131 54.93 0.83 42.78
C GLY D 131 54.17 1.24 41.53
N ASP D 132 52.87 0.96 41.48
CA ASP D 132 52.08 1.43 40.34
C ASP D 132 51.78 2.90 40.55
N ARG D 133 51.93 3.68 39.48
CA ARG D 133 51.68 5.13 39.53
C ARG D 133 50.31 5.45 38.91
N LEU D 134 49.36 5.82 39.77
CA LEU D 134 48.01 6.18 39.34
C LEU D 134 48.00 7.65 38.94
N SER D 135 46.94 8.07 38.24
CA SER D 135 46.93 9.38 37.60
C SER D 135 45.54 9.83 37.15
N ALA D 136 44.91 10.65 37.99
CA ALA D 136 43.63 11.27 37.70
C ALA D 136 43.92 12.51 36.88
N GLU D 137 43.17 12.73 35.79
CA GLU D 137 43.47 13.80 34.81
C GLU D 137 42.23 14.36 34.12
N ILE D 138 42.36 15.55 33.55
CA ILE D 138 41.26 16.24 32.85
C ILE D 138 41.78 16.97 31.61
N ASN D 139 40.85 17.41 30.76
CA ASN D 139 41.21 18.08 29.50
C ASN D 139 41.02 19.60 29.52
N ARG D 140 40.09 20.10 30.34
CA ARG D 140 39.83 21.53 30.47
C ARG D 140 39.93 21.97 31.94
N PRO D 141 41.16 22.15 32.45
CA PRO D 141 41.31 22.70 33.80
C PRO D 141 40.88 24.18 33.91
N ASP D 142 40.76 24.88 32.78
CA ASP D 142 40.07 26.17 32.75
C ASP D 142 38.57 26.16 33.14
N TYR D 143 37.91 24.99 33.09
CA TYR D 143 36.49 24.83 33.51
C TYR D 143 36.30 24.22 34.93
N LEU D 144 37.39 23.76 35.57
CA LEU D 144 37.43 23.34 37.00
C LEU D 144 36.90 24.38 38.00
N ASP D 145 36.46 23.91 39.17
CA ASP D 145 35.92 24.76 40.27
C ASP D 145 36.57 24.49 41.66
N PHE D 146 37.39 25.44 42.11
CA PHE D 146 37.91 25.48 43.49
C PHE D 146 37.24 26.58 44.33
N ALA D 147 36.18 27.19 43.80
CA ALA D 147 35.45 28.26 44.53
C ALA D 147 34.98 27.84 45.93
N GLU D 148 34.88 26.52 46.18
CA GLU D 148 34.84 25.96 47.53
C GLU D 148 35.73 24.72 47.61
N SER D 149 36.03 24.30 48.85
CA SER D 149 36.84 23.11 49.07
C SER D 149 35.95 21.88 49.03
N GLY D 150 36.57 20.73 48.78
CA GLY D 150 35.88 19.44 48.72
C GLY D 150 35.08 19.18 47.46
N GLN D 151 35.32 19.97 46.42
CA GLN D 151 34.64 19.82 45.15
C GLN D 151 35.48 19.05 44.16
N VAL D 152 36.71 18.69 44.54
CA VAL D 152 37.60 17.92 43.67
C VAL D 152 38.59 17.11 44.53
N TYR D 153 38.47 15.79 44.44
CA TYR D 153 39.33 14.88 45.20
C TYR D 153 39.60 13.59 44.44
N PHE D 154 40.51 12.79 44.99
CA PHE D 154 41.08 11.64 44.29
C PHE D 154 41.82 10.79 45.32
N GLY D 155 41.24 9.65 45.67
CA GLY D 155 41.80 8.79 46.71
C GLY D 155 41.86 7.33 46.38
N ILE D 156 42.53 6.59 47.27
CA ILE D 156 42.54 5.15 47.22
C ILE D 156 42.49 4.54 48.60
N ILE D 157 42.11 3.27 48.64
CA ILE D 157 42.04 2.50 49.87
C ILE D 157 42.49 1.09 49.53
N ALA D 158 43.29 0.48 50.40
CA ALA D 158 43.75 -0.87 50.16
C ALA D 158 42.86 -1.79 50.97
N LEU D 159 42.21 -2.73 50.30
CA LEU D 159 41.28 -3.62 50.97
C LEU D 159 41.93 -4.97 51.25
N SER E 11 1.40 37.65 -41.81
CA SER E 11 0.82 38.50 -40.73
C SER E 11 0.38 37.66 -39.53
N ASP E 12 -0.72 36.91 -39.72
CA ASP E 12 -1.24 35.99 -38.72
C ASP E 12 -1.04 34.56 -39.23
N LYS E 13 0.18 34.29 -39.68
CA LYS E 13 0.56 32.99 -40.22
C LYS E 13 1.29 32.21 -39.13
N PRO E 14 1.09 30.88 -39.07
CA PRO E 14 1.80 30.09 -38.06
C PRO E 14 3.32 30.30 -38.12
N VAL E 15 3.95 30.33 -36.95
CA VAL E 15 5.40 30.44 -36.80
C VAL E 15 5.76 29.88 -35.44
N ALA E 16 6.90 29.19 -35.37
CA ALA E 16 7.37 28.71 -34.07
C ALA E 16 8.83 28.35 -34.14
N HIS E 17 9.54 28.74 -33.07
CA HIS E 17 10.97 28.53 -32.94
C HIS E 17 11.21 28.15 -31.49
N VAL E 18 11.72 26.94 -31.28
CA VAL E 18 11.89 26.39 -29.94
C VAL E 18 13.31 25.89 -29.77
N VAL E 19 13.75 25.88 -28.51
CA VAL E 19 15.13 25.58 -28.18
C VAL E 19 15.24 24.50 -27.10
N ALA E 20 16.39 23.82 -27.12
CA ALA E 20 16.68 22.74 -26.20
C ALA E 20 16.70 23.20 -24.74
N ASN E 21 16.40 22.27 -23.83
CA ASN E 21 16.38 22.53 -22.41
C ASN E 21 17.65 21.96 -21.78
N PRO E 22 18.55 22.82 -21.28
CA PRO E 22 19.78 22.31 -20.63
C PRO E 22 19.61 21.36 -19.42
N GLN E 23 18.47 21.45 -18.73
CA GLN E 23 18.10 20.48 -17.67
C GLN E 23 17.90 19.06 -18.20
N ALA E 24 17.34 18.94 -19.40
CA ALA E 24 16.96 17.64 -19.96
C ALA E 24 18.19 16.89 -20.48
N GLU E 25 18.86 16.19 -19.58
CA GLU E 25 20.04 15.37 -19.92
C GLU E 25 19.62 13.98 -20.42
N GLY E 26 20.37 13.46 -21.37
CA GLY E 26 20.07 12.17 -22.00
C GLY E 26 18.93 12.17 -23.01
N GLN E 27 18.45 13.36 -23.40
CA GLN E 27 17.32 13.48 -24.32
C GLN E 27 17.18 14.92 -24.79
N LEU E 28 17.05 15.08 -26.10
CA LEU E 28 16.85 16.41 -26.69
C LEU E 28 15.40 16.84 -26.50
N GLN E 29 15.19 17.89 -25.72
CA GLN E 29 13.85 18.30 -25.30
C GLN E 29 13.59 19.78 -25.63
N TRP E 30 12.51 20.05 -26.33
CA TRP E 30 12.15 21.43 -26.71
C TRP E 30 11.33 22.09 -25.59
N LEU E 31 11.34 23.44 -25.57
CA LEU E 31 10.58 24.26 -24.61
C LEU E 31 9.68 25.28 -25.32
N LEU E 38 9.46 30.99 -28.69
CA LEU E 38 8.10 31.46 -29.00
C LEU E 38 7.33 30.55 -29.97
N LEU E 39 5.99 30.61 -29.84
CA LEU E 39 5.04 29.87 -30.70
C LEU E 39 3.86 30.78 -30.98
N ALA E 40 3.38 30.83 -32.22
CA ALA E 40 2.30 31.75 -32.59
C ALA E 40 1.30 31.18 -33.57
N ASN E 41 0.22 31.95 -33.76
CA ASN E 41 -0.81 31.71 -34.79
C ASN E 41 -1.18 30.24 -35.01
N GLY E 42 -1.42 29.54 -33.91
CA GLY E 42 -1.94 28.16 -33.95
C GLY E 42 -0.99 27.02 -33.63
N VAL E 43 0.31 27.20 -33.86
CA VAL E 43 1.31 26.14 -33.62
C VAL E 43 1.32 25.73 -32.15
N GLU E 44 1.54 24.44 -31.88
CA GLU E 44 1.67 23.94 -30.50
C GLU E 44 2.80 22.92 -30.36
N LEU E 45 3.21 22.71 -29.10
CA LEU E 45 4.29 21.78 -28.77
C LEU E 45 3.70 20.70 -27.87
N ARG E 46 3.36 19.58 -28.49
CA ARG E 46 2.66 18.49 -27.83
C ARG E 46 3.61 17.30 -27.79
N ASP E 47 3.84 16.74 -26.59
CA ASP E 47 4.81 15.65 -26.37
C ASP E 47 6.12 15.81 -27.18
N ASN E 48 6.69 17.02 -27.16
CA ASN E 48 7.99 17.32 -27.79
C ASN E 48 7.98 17.50 -29.32
N GLN E 49 6.83 17.88 -29.88
CA GLN E 49 6.68 17.94 -31.35
C GLN E 49 5.87 19.14 -31.78
N LEU E 50 6.27 19.75 -32.89
CA LEU E 50 5.55 20.90 -33.45
C LEU E 50 4.32 20.38 -34.15
N VAL E 51 3.22 21.12 -33.99
CA VAL E 51 1.92 20.69 -34.47
C VAL E 51 1.36 21.76 -35.40
N VAL E 52 1.63 21.57 -36.68
CA VAL E 52 1.04 22.35 -37.77
C VAL E 52 -0.44 22.64 -37.48
N PRO E 53 -0.84 23.92 -37.46
CA PRO E 53 -2.27 24.22 -37.28
C PRO E 53 -3.10 24.26 -38.57
N SER E 54 -2.50 24.56 -39.73
CA SER E 54 -3.26 24.69 -40.98
C SER E 54 -2.60 24.09 -42.23
N GLU E 55 -3.40 23.95 -43.31
CA GLU E 55 -2.84 23.59 -44.61
C GLU E 55 -2.03 24.76 -45.13
N GLY E 56 -0.88 24.42 -45.72
CA GLY E 56 -0.02 25.41 -46.33
C GLY E 56 1.43 24.99 -46.45
N LEU E 57 2.22 25.91 -46.97
CA LEU E 57 3.65 25.72 -47.16
C LEU E 57 4.32 26.18 -45.89
N TYR E 58 5.30 25.40 -45.43
CA TYR E 58 6.03 25.69 -44.21
C TYR E 58 7.51 25.51 -44.46
N LEU E 59 8.26 26.58 -44.24
CA LEU E 59 9.70 26.50 -44.24
C LEU E 59 10.05 25.91 -42.87
N ILE E 60 10.94 24.93 -42.87
CA ILE E 60 11.20 24.13 -41.68
C ILE E 60 12.69 24.05 -41.49
N TYR E 61 13.14 24.04 -40.24
CA TYR E 61 14.57 24.03 -39.97
C TYR E 61 14.89 23.57 -38.57
N SER E 62 16.17 23.29 -38.36
CA SER E 62 16.70 22.98 -37.04
C SER E 62 18.22 23.14 -37.02
N GLN E 63 18.80 23.25 -35.82
CA GLN E 63 20.25 23.07 -35.65
C GLN E 63 20.50 22.33 -34.35
N VAL E 64 21.53 21.49 -34.35
CA VAL E 64 22.05 20.87 -33.13
C VAL E 64 23.55 21.02 -33.13
N LEU E 65 24.14 20.86 -31.96
CA LEU E 65 25.55 21.22 -31.74
C LEU E 65 26.14 20.07 -30.95
N PHE E 66 27.15 19.42 -31.52
CA PHE E 66 27.82 18.32 -30.80
C PHE E 66 29.20 18.76 -30.35
N LYS E 67 29.62 18.24 -29.21
CA LYS E 67 30.93 18.54 -28.64
C LYS E 67 31.45 17.28 -27.98
N GLY E 68 32.73 16.98 -28.18
CA GLY E 68 33.35 15.81 -27.57
C GLY E 68 34.83 15.98 -27.24
N GLN E 69 35.27 15.29 -26.21
CA GLN E 69 36.66 15.27 -25.79
C GLN E 69 37.35 14.13 -26.50
N GLY E 70 38.64 14.32 -26.77
CA GLY E 70 39.50 13.32 -27.40
C GLY E 70 38.79 12.54 -28.48
N CYS E 71 38.98 11.22 -28.47
CA CYS E 71 38.17 10.34 -29.29
C CYS E 71 38.36 8.86 -28.95
N PRO E 72 37.24 8.11 -28.79
CA PRO E 72 37.37 6.67 -28.54
C PRO E 72 37.84 5.87 -29.77
N SER E 73 38.26 4.62 -29.54
CA SER E 73 38.71 3.74 -30.62
C SER E 73 37.55 3.19 -31.47
N THR E 74 36.42 2.90 -30.83
CA THR E 74 35.18 2.50 -31.53
C THR E 74 34.49 3.73 -32.15
N HIS E 75 33.82 3.52 -33.28
CA HIS E 75 33.43 4.60 -34.17
C HIS E 75 32.14 5.34 -33.76
N VAL E 76 32.29 6.64 -33.46
CA VAL E 76 31.18 7.51 -33.07
C VAL E 76 30.48 8.06 -34.32
N LEU E 77 29.16 8.16 -34.23
CA LEU E 77 28.29 8.29 -35.38
C LEU E 77 27.11 9.16 -34.97
N LEU E 78 27.20 10.45 -35.30
CA LEU E 78 26.20 11.46 -34.87
C LEU E 78 25.13 11.62 -35.94
N THR E 79 23.85 11.53 -35.56
CA THR E 79 22.72 11.73 -36.50
C THR E 79 21.78 12.82 -35.97
N HIS E 80 21.14 13.53 -36.91
CA HIS E 80 20.10 14.51 -36.62
C HIS E 80 19.05 14.44 -37.74
N THR E 81 17.77 14.34 -37.36
CA THR E 81 16.72 14.02 -38.32
C THR E 81 15.43 14.73 -37.95
N ILE E 82 14.78 15.32 -38.93
CA ILE E 82 13.44 15.85 -38.75
C ILE E 82 12.48 14.95 -39.48
N SER E 83 11.41 14.58 -38.77
CA SER E 83 10.44 13.62 -39.24
C SER E 83 9.05 14.26 -39.30
N ARG E 84 8.24 13.78 -40.23
CA ARG E 84 6.84 14.19 -40.36
C ARG E 84 5.95 13.00 -40.03
N ILE E 85 5.15 13.10 -38.97
CA ILE E 85 4.14 12.07 -38.70
C ILE E 85 2.81 12.56 -39.25
N ALA E 86 2.58 12.29 -40.52
CA ALA E 86 1.35 12.73 -41.18
C ALA E 86 0.17 12.01 -40.56
N VAL E 87 -0.94 12.73 -40.42
CA VAL E 87 -2.19 12.15 -39.93
C VAL E 87 -2.81 11.31 -41.06
N SER E 88 -2.50 11.68 -42.30
CA SER E 88 -2.88 10.93 -43.51
C SER E 88 -2.42 9.48 -43.48
N TYR E 89 -1.12 9.28 -43.27
CA TYR E 89 -0.49 7.94 -43.28
C TYR E 89 -0.02 7.45 -41.89
N GLN E 90 -0.33 8.19 -40.81
CA GLN E 90 -0.04 7.80 -39.40
C GLN E 90 1.45 7.57 -39.04
N THR E 91 2.33 7.66 -40.03
CA THR E 91 3.64 7.05 -39.98
C THR E 91 4.72 8.12 -40.03
N LYS E 92 5.85 7.82 -39.40
CA LYS E 92 6.90 8.79 -39.14
C LYS E 92 7.92 8.77 -40.27
N VAL E 93 7.77 9.72 -41.20
CA VAL E 93 8.62 9.81 -42.40
C VAL E 93 9.74 10.79 -42.11
N ASN E 94 10.94 10.54 -42.65
CA ASN E 94 12.01 11.56 -42.64
C ASN E 94 11.78 12.60 -43.72
N LEU E 95 11.80 13.88 -43.32
CA LEU E 95 11.83 14.98 -44.26
C LEU E 95 13.28 15.34 -44.58
N LEU E 96 14.04 15.63 -43.52
CA LEU E 96 15.43 16.11 -43.61
C LEU E 96 16.28 15.37 -42.58
N SER E 97 17.46 14.91 -43.00
CA SER E 97 18.32 14.15 -42.08
C SER E 97 19.80 14.17 -42.51
N ALA E 98 20.67 14.09 -41.51
CA ALA E 98 22.10 14.16 -41.75
C ALA E 98 22.88 13.38 -40.70
N ILE E 99 24.12 13.07 -41.06
CA ILE E 99 24.97 12.08 -40.37
C ILE E 99 26.41 12.56 -40.47
N LYS E 100 27.16 12.51 -39.37
CA LYS E 100 28.52 13.06 -39.32
C LYS E 100 29.49 12.18 -38.53
N SER E 101 30.73 12.07 -39.04
CA SER E 101 31.79 11.26 -38.43
C SER E 101 32.79 12.16 -37.72
N PRO E 102 32.61 12.40 -36.41
CA PRO E 102 33.62 13.16 -35.70
C PRO E 102 34.90 12.35 -35.48
N CYS E 103 34.75 11.05 -35.23
CA CYS E 103 35.83 10.22 -34.70
C CYS E 103 36.51 9.44 -35.82
N GLN E 104 37.29 10.15 -36.61
CA GLN E 104 38.12 9.53 -37.64
C GLN E 104 39.17 8.59 -37.04
N ARG E 105 39.76 8.99 -35.92
CA ARG E 105 40.82 8.22 -35.28
C ARG E 105 40.89 8.43 -33.78
N GLU E 106 41.51 7.47 -33.10
CA GLU E 106 41.73 7.51 -31.64
C GLU E 106 42.88 8.44 -31.28
N THR E 107 42.67 9.27 -30.26
CA THR E 107 43.61 10.36 -29.93
C THR E 107 44.95 9.99 -29.21
N PRO E 108 44.98 8.90 -28.41
CA PRO E 108 46.25 8.59 -27.72
C PRO E 108 47.28 7.89 -28.60
N GLU E 112 48.24 13.68 -24.74
CA GLU E 112 47.81 14.51 -25.87
C GLU E 112 46.52 13.95 -26.49
N ALA E 113 45.42 14.70 -26.38
CA ALA E 113 44.13 14.32 -26.98
C ALA E 113 43.16 15.49 -27.09
N LYS E 114 43.10 16.12 -28.26
CA LYS E 114 42.38 17.40 -28.46
C LYS E 114 40.86 17.22 -28.59
N PRO E 115 40.07 18.30 -28.30
CA PRO E 115 38.59 18.22 -28.32
C PRO E 115 38.01 18.52 -29.70
N TRP E 116 36.67 18.51 -29.82
CA TRP E 116 36.00 18.83 -31.07
C TRP E 116 34.54 19.28 -30.93
N TYR E 117 34.12 20.16 -31.83
CA TYR E 117 32.74 20.66 -31.91
C TYR E 117 32.26 20.49 -33.36
N GLU E 118 31.12 19.79 -33.54
CA GLU E 118 30.54 19.53 -34.87
C GLU E 118 29.05 19.82 -34.87
N PRO E 119 28.60 20.78 -35.70
CA PRO E 119 27.18 21.09 -35.78
C PRO E 119 26.50 20.38 -36.95
N ILE E 120 25.20 20.16 -36.84
CA ILE E 120 24.37 19.70 -37.93
C ILE E 120 23.20 20.64 -38.04
N TYR E 121 22.84 21.02 -39.28
CA TYR E 121 21.80 22.04 -39.48
C TYR E 121 20.95 21.80 -40.73
N LEU E 122 19.73 21.35 -40.47
CA LEU E 122 18.76 20.91 -41.47
C LEU E 122 17.85 22.07 -41.80
N GLY E 123 17.33 22.09 -43.03
CA GLY E 123 16.31 23.08 -43.40
C GLY E 123 15.75 22.89 -44.81
N GLY E 124 14.43 23.04 -44.94
CA GLY E 124 13.74 22.95 -46.23
C GLY E 124 12.34 23.55 -46.24
N VAL E 125 11.81 23.74 -47.45
CA VAL E 125 10.41 24.15 -47.68
C VAL E 125 9.55 22.89 -47.95
N PHE E 126 8.36 22.84 -47.34
CA PHE E 126 7.51 21.62 -47.37
C PHE E 126 6.03 21.95 -47.35
N GLN E 127 5.24 21.22 -48.17
CA GLN E 127 3.76 21.26 -48.09
C GLN E 127 3.33 20.28 -47.03
N LEU E 128 2.77 20.81 -45.94
CA LEU E 128 2.26 20.01 -44.82
C LEU E 128 0.75 20.23 -44.61
N GLU E 129 0.09 19.24 -44.02
CA GLU E 129 -1.34 19.34 -43.73
C GLU E 129 -1.61 19.65 -42.27
N LYS E 130 -2.77 20.27 -42.03
CA LYS E 130 -3.29 20.49 -40.69
C LYS E 130 -3.18 19.20 -39.90
N GLY E 131 -2.88 19.31 -38.61
CA GLY E 131 -2.69 18.13 -37.77
C GLY E 131 -1.37 17.38 -37.90
N ASP E 132 -0.64 17.51 -39.02
CA ASP E 132 0.63 16.79 -39.17
C ASP E 132 1.59 17.28 -38.12
N ARG E 133 2.29 16.35 -37.49
CA ARG E 133 3.24 16.64 -36.43
C ARG E 133 4.67 16.55 -36.96
N LEU E 134 5.56 17.34 -36.38
CA LEU E 134 6.97 17.38 -36.78
C LEU E 134 7.84 17.18 -35.56
N SER E 135 8.98 16.53 -35.77
CA SER E 135 9.80 16.04 -34.68
C SER E 135 11.26 16.04 -35.08
N ALA E 136 12.05 16.88 -34.43
CA ALA E 136 13.48 16.93 -34.69
C ALA E 136 14.15 16.08 -33.63
N GLU E 137 15.15 15.31 -34.02
CA GLU E 137 15.66 14.20 -33.18
C GLU E 137 17.12 13.87 -33.42
N ILE E 138 17.77 13.34 -32.38
CA ILE E 138 19.18 12.92 -32.45
C ILE E 138 19.39 11.57 -31.77
N ASN E 139 20.27 10.75 -32.34
CA ASN E 139 20.66 9.49 -31.72
C ASN E 139 21.58 9.64 -30.49
N ARG E 140 22.43 10.66 -30.46
CA ARG E 140 23.41 10.85 -29.36
C ARG E 140 23.22 12.16 -28.55
N PRO E 141 22.20 12.20 -27.66
CA PRO E 141 22.08 13.33 -26.72
C PRO E 141 23.27 13.47 -25.76
N ASP E 142 23.92 12.35 -25.46
CA ASP E 142 25.17 12.32 -24.68
C ASP E 142 26.29 13.23 -25.19
N TYR E 143 26.33 13.51 -26.49
CA TYR E 143 27.36 14.39 -27.08
C TYR E 143 26.89 15.82 -27.41
N LEU E 144 25.70 16.22 -26.94
CA LEU E 144 25.19 17.58 -27.22
C LEU E 144 26.01 18.68 -26.53
N ASP E 145 25.86 19.91 -27.01
CA ASP E 145 26.52 21.09 -26.44
C ASP E 145 25.49 22.17 -26.10
N PHE E 146 24.95 22.10 -24.87
CA PHE E 146 23.89 23.00 -24.44
C PHE E 146 24.39 24.42 -24.14
N ALA E 147 25.46 24.53 -23.35
CA ALA E 147 25.87 25.82 -22.76
C ALA E 147 26.31 26.92 -23.74
N GLU E 148 26.52 26.59 -25.02
CA GLU E 148 26.84 27.58 -26.05
C GLU E 148 25.63 28.45 -26.46
N SER E 149 25.25 29.38 -25.57
CA SER E 149 24.23 30.42 -25.81
C SER E 149 22.79 29.99 -26.23
N GLY E 150 22.47 28.70 -26.12
CA GLY E 150 21.17 28.17 -26.50
C GLY E 150 20.89 28.12 -28.00
N GLN E 151 21.95 27.96 -28.81
CA GLN E 151 21.82 27.90 -30.28
C GLN E 151 21.60 26.46 -30.78
N VAL E 152 20.72 25.74 -30.09
CA VAL E 152 20.27 24.40 -30.47
C VAL E 152 18.74 24.50 -30.55
N TYR E 153 18.21 24.53 -31.78
CA TYR E 153 16.80 24.85 -31.99
C TYR E 153 16.12 24.03 -33.10
N PHE E 154 14.80 24.14 -33.12
CA PHE E 154 13.93 23.49 -34.09
C PHE E 154 12.81 24.49 -34.33
N GLY E 155 12.50 24.77 -35.59
CA GLY E 155 11.45 25.74 -35.87
C GLY E 155 10.88 25.70 -37.27
N ILE E 156 9.70 26.30 -37.40
CA ILE E 156 9.03 26.35 -38.69
C ILE E 156 8.29 27.66 -38.87
N ILE E 157 8.19 28.07 -40.12
CA ILE E 157 7.58 29.32 -40.53
C ILE E 157 6.64 29.03 -41.69
N ALA E 158 5.35 29.21 -41.46
CA ALA E 158 4.34 29.11 -42.53
C ALA E 158 4.52 30.24 -43.52
N LEU E 159 4.32 29.94 -44.79
CA LEU E 159 4.43 30.92 -45.89
C LEU E 159 3.05 31.34 -46.38
N SER F 11 -1.60 32.42 -50.94
CA SER F 11 -0.36 31.96 -50.25
C SER F 11 0.66 31.34 -51.24
N ASP F 12 0.87 32.03 -52.37
CA ASP F 12 1.56 31.46 -53.55
C ASP F 12 2.68 32.32 -54.18
N LYS F 13 3.92 32.01 -53.78
CA LYS F 13 5.15 32.45 -54.46
C LYS F 13 5.95 31.21 -54.91
N PRO F 14 6.77 31.33 -55.96
CA PRO F 14 7.63 30.23 -56.43
C PRO F 14 8.45 29.52 -55.34
N VAL F 15 8.30 28.20 -55.28
CA VAL F 15 9.03 27.34 -54.35
C VAL F 15 9.34 26.01 -54.99
N ALA F 16 10.29 25.29 -54.41
CA ALA F 16 10.61 23.94 -54.85
C ALA F 16 11.56 23.26 -53.86
N HIS F 17 11.40 21.94 -53.76
CA HIS F 17 12.27 21.11 -52.92
C HIS F 17 12.37 19.76 -53.60
N VAL F 18 13.53 19.48 -54.20
CA VAL F 18 13.72 18.24 -54.93
C VAL F 18 14.77 17.39 -54.26
N VAL F 19 14.63 16.08 -54.44
CA VAL F 19 15.41 15.09 -53.69
C VAL F 19 16.10 14.15 -54.67
N ALA F 20 17.14 13.46 -54.19
CA ALA F 20 17.88 12.49 -55.03
C ALA F 20 17.08 11.21 -55.23
N ASN F 21 17.27 10.60 -56.39
CA ASN F 21 16.56 9.37 -56.75
C ASN F 21 17.23 8.15 -56.11
N PRO F 22 16.55 7.50 -55.14
CA PRO F 22 17.21 6.37 -54.45
C PRO F 22 17.54 5.18 -55.34
N GLN F 23 16.84 5.04 -56.48
CA GLN F 23 17.16 4.03 -57.47
C GLN F 23 18.45 4.40 -58.22
N ALA F 24 18.39 5.50 -58.99
CA ALA F 24 19.48 5.89 -59.90
C ALA F 24 20.78 5.83 -59.11
N GLU F 25 21.72 5.01 -59.57
CA GLU F 25 22.74 4.45 -58.68
C GLU F 25 24.00 5.28 -58.57
N GLY F 26 24.74 5.39 -59.66
CA GLY F 26 25.94 6.23 -59.71
C GLY F 26 25.61 7.58 -60.33
N GLN F 27 24.56 8.22 -59.84
CA GLN F 27 24.13 9.51 -60.37
C GLN F 27 23.17 10.22 -59.41
N LEU F 28 23.32 11.54 -59.37
CA LEU F 28 22.45 12.45 -58.62
C LEU F 28 21.33 12.97 -59.54
N GLN F 29 20.20 12.27 -59.54
CA GLN F 29 19.03 12.69 -60.31
C GLN F 29 17.97 13.31 -59.42
N TRP F 30 17.69 14.58 -59.67
CA TRP F 30 16.70 15.31 -58.87
C TRP F 30 15.31 14.92 -59.31
N LEU F 31 14.39 14.93 -58.35
CA LEU F 31 13.01 14.52 -58.53
C LEU F 31 12.09 15.39 -57.68
N ASN F 32 10.92 15.72 -58.25
CA ASN F 32 9.84 16.40 -57.52
C ASN F 32 8.57 15.58 -57.29
N ARG F 33 8.47 14.42 -57.93
CA ARG F 33 7.32 13.53 -57.75
C ARG F 33 7.69 12.46 -56.74
N ARG F 34 7.71 12.89 -55.48
CA ARG F 34 7.75 11.99 -54.32
C ARG F 34 6.93 12.62 -53.19
N ALA F 35 6.76 11.85 -52.10
CA ALA F 35 6.23 12.41 -50.87
C ALA F 35 7.26 13.44 -50.37
N ASN F 36 6.76 14.58 -49.89
CA ASN F 36 7.59 15.64 -49.36
C ASN F 36 8.62 16.21 -50.36
N ALA F 37 8.30 16.08 -51.66
CA ALA F 37 8.97 16.81 -52.72
C ALA F 37 7.90 17.61 -53.41
N LEU F 38 8.31 18.71 -54.04
CA LEU F 38 7.36 19.67 -54.57
C LEU F 38 7.97 20.65 -55.57
N LEU F 39 7.11 21.08 -56.48
CA LEU F 39 7.28 22.27 -57.28
C LEU F 39 5.97 23.01 -57.16
N ALA F 40 6.03 24.30 -56.88
CA ALA F 40 4.83 25.13 -56.82
C ALA F 40 5.06 26.54 -57.40
N ASN F 41 4.02 27.04 -58.07
CA ASN F 41 3.98 28.40 -58.60
C ASN F 41 5.04 28.72 -59.64
N GLY F 42 5.26 27.77 -60.57
CA GLY F 42 6.06 28.00 -61.78
C GLY F 42 7.50 27.51 -61.87
N VAL F 43 7.98 26.83 -60.82
CA VAL F 43 9.33 26.25 -60.84
C VAL F 43 9.31 24.92 -61.63
N GLU F 44 9.78 24.94 -62.87
CA GLU F 44 9.91 23.72 -63.67
C GLU F 44 11.17 22.96 -63.27
N LEU F 45 11.11 21.63 -63.35
CA LEU F 45 12.28 20.79 -63.20
C LEU F 45 12.52 20.11 -64.54
N ARG F 46 13.59 20.51 -65.22
CA ARG F 46 13.94 20.01 -66.57
C ARG F 46 15.45 19.86 -66.68
N ASP F 47 15.86 18.87 -67.48
CA ASP F 47 17.25 18.47 -67.64
C ASP F 47 18.03 18.61 -66.31
N ASN F 48 17.47 18.01 -65.27
CA ASN F 48 18.07 17.95 -63.92
C ASN F 48 18.31 19.28 -63.19
N GLN F 49 17.58 20.32 -63.60
CA GLN F 49 17.80 21.69 -63.12
C GLN F 49 16.48 22.35 -62.79
N LEU F 50 16.47 23.15 -61.72
CA LEU F 50 15.30 23.95 -61.37
C LEU F 50 15.28 25.17 -62.27
N VAL F 51 14.09 25.60 -62.69
CA VAL F 51 13.92 26.64 -63.71
C VAL F 51 12.98 27.74 -63.22
N VAL F 52 13.53 28.95 -63.12
CA VAL F 52 12.89 30.07 -62.43
C VAL F 52 11.83 30.71 -63.33
N PRO F 53 10.57 30.83 -62.84
CA PRO F 53 9.50 31.38 -63.68
C PRO F 53 9.50 32.87 -63.90
N SER F 54 10.05 33.63 -62.95
CA SER F 54 9.86 35.05 -62.90
C SER F 54 11.04 35.78 -62.30
N GLU F 55 11.03 37.10 -62.42
CA GLU F 55 11.99 37.97 -61.72
C GLU F 55 11.79 37.77 -60.22
N GLY F 56 12.91 37.85 -59.50
CA GLY F 56 12.86 37.87 -58.05
C GLY F 56 14.17 37.66 -57.35
N LEU F 57 14.06 37.72 -56.04
CA LEU F 57 15.14 37.45 -55.12
C LEU F 57 14.77 36.11 -54.54
N TYR F 58 15.72 35.18 -54.51
CA TYR F 58 15.42 33.79 -54.21
C TYR F 58 16.40 33.22 -53.19
N LEU F 59 15.84 32.49 -52.24
CA LEU F 59 16.60 31.68 -51.30
C LEU F 59 16.96 30.42 -52.05
N ILE F 60 18.19 29.97 -51.94
CA ILE F 60 18.64 28.75 -52.58
C ILE F 60 19.36 27.93 -51.53
N TYR F 61 19.02 26.65 -51.45
CA TYR F 61 19.71 25.76 -50.53
C TYR F 61 19.86 24.37 -51.10
N SER F 62 20.78 23.62 -50.53
CA SER F 62 21.09 22.29 -51.02
C SER F 62 21.91 21.51 -50.01
N GLN F 63 21.56 20.23 -49.83
CA GLN F 63 22.34 19.33 -48.98
C GLN F 63 22.69 18.11 -49.77
N VAL F 64 23.89 17.59 -49.54
CA VAL F 64 24.26 16.28 -50.08
C VAL F 64 25.05 15.55 -49.02
N LEU F 65 24.88 14.24 -48.98
CA LEU F 65 25.51 13.40 -47.97
C LEU F 65 26.34 12.34 -48.67
N PHE F 66 27.57 12.17 -48.21
CA PHE F 66 28.53 11.25 -48.82
C PHE F 66 28.92 10.22 -47.77
N LYS F 67 28.77 8.94 -48.10
CA LYS F 67 29.23 7.84 -47.23
C LYS F 67 30.29 7.07 -47.98
N GLY F 68 31.32 6.62 -47.25
CA GLY F 68 32.34 5.75 -47.80
C GLY F 68 32.78 4.77 -46.73
N GLN F 69 32.76 3.48 -47.06
CA GLN F 69 33.33 2.47 -46.19
C GLN F 69 34.82 2.55 -46.42
N GLY F 70 35.55 2.96 -45.37
CA GLY F 70 37.01 3.07 -45.43
C GLY F 70 37.53 4.20 -46.30
N CYS F 71 38.85 4.17 -46.49
CA CYS F 71 39.60 5.15 -47.26
C CYS F 71 40.80 4.52 -47.95
N PRO F 72 40.70 4.47 -49.33
CA PRO F 72 41.83 3.82 -50.02
C PRO F 72 43.06 4.73 -50.14
N SER F 73 42.83 6.03 -50.28
CA SER F 73 43.91 7.01 -50.34
C SER F 73 43.49 8.29 -49.63
N THR F 74 44.44 9.20 -49.45
CA THR F 74 44.17 10.48 -48.82
C THR F 74 43.87 11.58 -49.84
N HIS F 75 43.72 11.19 -51.11
CA HIS F 75 43.48 12.12 -52.21
C HIS F 75 41.99 12.20 -52.56
N VAL F 76 41.16 11.51 -51.80
CA VAL F 76 39.73 11.53 -52.05
C VAL F 76 39.24 12.97 -51.86
N LEU F 77 38.38 13.39 -52.78
CA LEU F 77 38.10 14.79 -53.00
C LEU F 77 36.63 14.96 -53.35
N LEU F 78 35.86 15.54 -52.45
CA LEU F 78 34.41 15.70 -52.61
C LEU F 78 34.07 17.16 -52.81
N THR F 79 33.18 17.42 -53.79
CA THR F 79 32.71 18.76 -54.09
C THR F 79 31.22 18.79 -54.32
N HIS F 80 30.65 19.94 -54.03
CA HIS F 80 29.23 20.18 -54.23
C HIS F 80 29.15 21.63 -54.69
N THR F 81 28.18 21.92 -55.54
CA THR F 81 28.21 23.12 -56.36
C THR F 81 26.81 23.46 -56.82
N ILE F 82 26.35 24.67 -56.47
CA ILE F 82 25.12 25.21 -57.02
C ILE F 82 25.53 26.26 -58.03
N SER F 83 24.91 26.19 -59.21
CA SER F 83 25.37 26.94 -60.38
C SER F 83 24.18 27.63 -61.01
N ARG F 84 24.43 28.59 -61.91
CA ARG F 84 23.35 29.37 -62.52
C ARG F 84 23.64 29.68 -63.96
N ILE F 85 22.58 29.59 -64.79
CA ILE F 85 22.69 29.79 -66.24
C ILE F 85 21.57 30.74 -66.64
N ALA F 86 21.93 31.97 -66.99
CA ALA F 86 20.96 32.97 -67.40
C ALA F 86 20.70 32.80 -68.88
N VAL F 87 19.51 33.17 -69.30
CA VAL F 87 19.09 33.01 -70.69
C VAL F 87 19.88 33.94 -71.59
N SER F 88 19.91 35.23 -71.22
CA SER F 88 20.52 36.26 -72.07
C SER F 88 22.04 36.20 -72.16
N TYR F 89 22.68 35.60 -71.16
CA TYR F 89 24.15 35.53 -71.10
C TYR F 89 24.72 34.13 -71.40
N GLN F 90 24.03 33.07 -70.96
CA GLN F 90 24.32 31.67 -71.32
C GLN F 90 25.65 31.08 -70.83
N THR F 91 26.15 31.54 -69.68
CA THR F 91 27.38 30.95 -69.11
C THR F 91 27.22 30.65 -67.61
N LYS F 92 27.93 29.62 -67.19
CA LYS F 92 27.67 28.96 -65.92
C LYS F 92 28.35 29.74 -64.79
N VAL F 93 27.57 30.54 -64.09
CA VAL F 93 28.06 31.37 -63.02
C VAL F 93 27.86 30.54 -61.77
N ASN F 94 28.95 30.23 -61.07
CA ASN F 94 28.82 29.56 -59.78
C ASN F 94 28.23 30.52 -58.77
N LEU F 95 27.31 30.03 -57.96
CA LEU F 95 26.78 30.77 -56.84
C LEU F 95 27.44 30.28 -55.56
N LEU F 96 27.41 28.97 -55.37
CA LEU F 96 27.91 28.35 -54.17
C LEU F 96 28.75 27.13 -54.55
N SER F 97 29.65 26.76 -53.64
CA SER F 97 30.64 25.73 -53.90
C SER F 97 31.20 25.22 -52.59
N ALA F 98 31.78 24.03 -52.65
CA ALA F 98 32.40 23.42 -51.48
C ALA F 98 33.35 22.30 -51.89
N ILE F 99 34.44 22.16 -51.15
CA ILE F 99 35.43 21.12 -51.39
C ILE F 99 35.78 20.50 -50.04
N LYS F 100 35.54 19.19 -49.91
CA LYS F 100 35.87 18.44 -48.70
C LYS F 100 36.68 17.21 -49.03
N SER F 101 37.75 17.01 -48.25
CA SER F 101 38.70 15.92 -48.40
C SER F 101 38.57 15.13 -47.11
N PRO F 102 37.98 13.91 -47.16
CA PRO F 102 37.69 13.28 -45.87
C PRO F 102 38.76 12.38 -45.29
N CYS F 103 39.95 12.30 -45.89
CA CYS F 103 40.95 11.39 -45.34
C CYS F 103 42.39 11.86 -45.28
N GLN F 104 42.79 12.31 -44.09
CA GLN F 104 44.15 12.72 -43.80
C GLN F 104 45.11 11.54 -43.80
N ARG F 105 44.64 10.38 -43.33
CA ARG F 105 45.46 9.19 -43.24
C ARG F 105 44.83 7.96 -43.87
N GLU F 106 45.68 7.01 -44.26
CA GLU F 106 45.27 5.75 -44.88
C GLU F 106 44.62 4.84 -43.83
N THR F 107 43.81 3.88 -44.28
CA THR F 107 43.10 3.01 -43.34
C THR F 107 43.41 1.51 -43.28
N PRO F 108 43.24 0.80 -44.46
CA PRO F 108 43.40 -0.67 -44.29
C PRO F 108 44.75 -1.18 -43.75
N GLU F 109 44.71 -2.29 -43.01
CA GLU F 109 45.92 -3.01 -42.58
C GLU F 109 45.60 -4.47 -42.23
N GLY F 110 44.78 -4.69 -41.19
CA GLY F 110 44.33 -6.02 -40.77
C GLY F 110 42.85 -6.17 -41.01
N ALA F 111 42.42 -5.83 -42.23
CA ALA F 111 41.00 -5.68 -42.61
C ALA F 111 40.37 -4.46 -41.89
N GLU F 112 39.04 -4.45 -41.77
CA GLU F 112 38.29 -3.54 -40.87
C GLU F 112 38.50 -2.06 -41.19
N ALA F 113 37.91 -1.64 -42.32
CA ALA F 113 37.94 -0.25 -42.78
C ALA F 113 36.64 0.45 -42.36
N LYS F 114 36.76 1.41 -41.45
CA LYS F 114 35.62 1.96 -40.73
C LYS F 114 34.95 3.08 -41.52
N PRO F 115 33.60 3.16 -41.51
CA PRO F 115 32.91 4.08 -42.42
C PRO F 115 33.03 5.55 -42.00
N TRP F 116 33.06 6.45 -42.99
CA TRP F 116 33.00 7.91 -42.76
C TRP F 116 31.82 8.50 -43.52
N TYR F 117 31.15 9.47 -42.91
CA TYR F 117 30.10 10.25 -43.55
C TYR F 117 30.56 11.71 -43.67
N GLU F 118 29.92 12.47 -44.57
CA GLU F 118 30.36 13.83 -44.91
C GLU F 118 29.21 14.64 -45.55
N PRO F 119 28.36 15.29 -44.74
CA PRO F 119 27.29 16.10 -45.33
C PRO F 119 27.87 17.43 -45.80
N ILE F 120 27.34 17.98 -46.88
CA ILE F 120 27.69 19.32 -47.26
C ILE F 120 26.43 20.07 -47.44
N TYR F 121 26.30 21.15 -46.67
CA TYR F 121 25.22 22.08 -46.90
C TYR F 121 25.75 23.20 -47.78
N LEU F 122 24.84 23.79 -48.52
CA LEU F 122 25.13 24.97 -49.35
C LEU F 122 23.88 25.83 -49.40
N GLY F 123 24.08 27.13 -49.42
CA GLY F 123 22.96 28.03 -49.55
C GLY F 123 23.33 29.49 -49.46
N GLY F 124 22.51 30.32 -50.08
CA GLY F 124 22.57 31.75 -49.90
C GLY F 124 21.26 32.36 -50.35
N VAL F 125 21.25 33.66 -50.68
CA VAL F 125 20.06 34.30 -51.25
C VAL F 125 20.47 35.24 -52.36
N PHE F 126 19.84 35.05 -53.52
CA PHE F 126 20.38 35.43 -54.81
C PHE F 126 19.32 36.10 -55.67
N GLN F 127 19.74 37.10 -56.44
CA GLN F 127 18.86 37.73 -57.42
C GLN F 127 18.87 36.83 -58.62
N LEU F 128 17.69 36.42 -59.06
CA LEU F 128 17.57 35.60 -60.26
C LEU F 128 16.69 36.29 -61.28
N GLU F 129 17.08 36.16 -62.54
CA GLU F 129 16.29 36.62 -63.70
C GLU F 129 15.31 35.53 -64.15
N LYS F 130 14.44 35.92 -65.09
CA LYS F 130 13.49 35.00 -65.69
C LYS F 130 14.24 33.86 -66.42
N GLY F 131 13.69 32.65 -66.33
CA GLY F 131 14.23 31.51 -67.05
C GLY F 131 15.61 31.01 -66.64
N ASP F 132 16.07 31.39 -65.45
CA ASP F 132 17.36 30.93 -64.97
C ASP F 132 17.27 29.44 -64.60
N ARG F 133 18.31 28.70 -64.95
CA ARG F 133 18.40 27.26 -64.69
C ARG F 133 19.44 26.97 -63.59
N LEU F 134 18.99 26.48 -62.43
CA LEU F 134 19.88 26.23 -61.30
C LEU F 134 20.27 24.76 -61.22
N SER F 135 21.53 24.50 -60.88
CA SER F 135 22.12 23.16 -60.97
C SER F 135 22.94 22.82 -59.72
N ALA F 136 22.34 22.03 -58.84
CA ALA F 136 23.02 21.46 -57.67
C ALA F 136 23.75 20.20 -58.12
N GLU F 137 25.07 20.17 -58.00
CA GLU F 137 25.82 19.03 -58.53
C GLU F 137 26.99 18.67 -57.65
N ILE F 138 27.46 17.44 -57.87
CA ILE F 138 28.60 16.87 -57.16
C ILE F 138 29.60 16.28 -58.13
N ASN F 139 30.66 15.67 -57.60
CA ASN F 139 31.65 14.98 -58.42
C ASN F 139 31.82 13.47 -58.14
N ARG F 140 31.32 13.00 -57.01
CA ARG F 140 31.32 11.56 -56.69
C ARG F 140 29.91 11.11 -56.35
N PRO F 141 29.08 10.90 -57.40
CA PRO F 141 27.80 10.23 -57.22
C PRO F 141 27.96 8.85 -56.57
N ASP F 142 29.02 8.12 -56.93
CA ASP F 142 29.31 6.82 -56.29
C ASP F 142 29.37 6.85 -54.77
N TYR F 143 29.77 7.97 -54.18
CA TYR F 143 29.85 8.11 -52.71
C TYR F 143 28.58 8.64 -52.02
N LEU F 144 27.57 9.10 -52.78
CA LEU F 144 26.26 9.54 -52.20
C LEU F 144 25.64 8.59 -51.18
N ASP F 145 24.69 9.11 -50.41
CA ASP F 145 23.86 8.28 -49.55
C ASP F 145 22.39 8.61 -49.80
N PHE F 146 21.65 7.65 -50.36
CA PHE F 146 20.19 7.72 -50.46
C PHE F 146 19.53 6.75 -49.47
N ALA F 147 20.35 5.99 -48.73
CA ALA F 147 19.91 4.81 -47.97
C ALA F 147 18.64 5.06 -47.14
N GLU F 148 18.61 6.23 -46.50
CA GLU F 148 17.41 6.78 -45.89
C GLU F 148 17.07 8.05 -46.65
N SER F 149 15.78 8.35 -46.77
CA SER F 149 15.32 9.54 -47.51
C SER F 149 15.57 10.82 -46.72
N GLY F 150 15.58 11.94 -47.45
CA GLY F 150 15.85 13.27 -46.89
C GLY F 150 17.31 13.49 -46.51
N GLN F 151 18.20 12.72 -47.15
CA GLN F 151 19.64 12.87 -46.99
C GLN F 151 20.22 13.76 -48.08
N VAL F 152 19.49 13.92 -49.19
CA VAL F 152 20.00 14.64 -50.36
C VAL F 152 18.87 15.44 -50.98
N TYR F 153 18.99 16.75 -50.93
CA TYR F 153 17.97 17.63 -51.47
C TYR F 153 18.53 18.96 -51.97
N PHE F 154 17.66 19.70 -52.65
CA PHE F 154 18.03 20.93 -53.30
C PHE F 154 16.74 21.67 -53.55
N GLY F 155 16.68 22.91 -53.08
CA GLY F 155 15.45 23.67 -53.13
C GLY F 155 15.67 25.16 -53.18
N ILE F 156 14.67 25.88 -53.70
CA ILE F 156 14.66 27.34 -53.70
C ILE F 156 13.31 27.90 -53.25
N ILE F 157 13.34 29.12 -52.70
CA ILE F 157 12.12 29.86 -52.37
C ILE F 157 12.20 31.29 -52.88
N ALA F 158 11.12 31.76 -53.50
CA ALA F 158 11.00 33.16 -53.86
C ALA F 158 10.65 33.90 -52.59
N LEU F 159 11.54 34.78 -52.15
CA LEU F 159 11.27 35.62 -50.98
C LEU F 159 10.36 36.78 -51.40
N PRO G 10 13.75 31.74 -26.38
CA PRO G 10 14.48 32.62 -25.48
C PRO G 10 15.98 32.27 -25.37
N SER G 11 16.86 33.24 -25.68
CA SER G 11 18.34 33.06 -25.70
C SER G 11 19.06 34.04 -24.73
N ASP G 12 20.37 34.31 -24.93
CA ASP G 12 21.15 35.24 -24.05
C ASP G 12 21.64 36.56 -24.69
N LYS G 13 21.17 36.89 -25.90
CA LYS G 13 21.53 38.16 -26.58
C LYS G 13 20.31 39.08 -26.67
N PRO G 14 20.51 40.42 -26.64
CA PRO G 14 19.38 41.33 -26.85
C PRO G 14 18.74 41.24 -28.24
N VAL G 15 17.40 41.21 -28.29
CA VAL G 15 16.64 41.28 -29.56
C VAL G 15 15.29 41.97 -29.32
N ALA G 16 14.76 42.61 -30.36
CA ALA G 16 13.48 43.31 -30.24
C ALA G 16 12.85 43.56 -31.60
N HIS G 17 11.56 43.19 -31.70
CA HIS G 17 10.69 43.47 -32.86
C HIS G 17 9.43 44.09 -32.28
N VAL G 18 8.98 45.19 -32.87
CA VAL G 18 7.74 45.87 -32.44
C VAL G 18 6.92 46.31 -33.66
N VAL G 19 5.59 46.19 -33.55
CA VAL G 19 4.68 46.43 -34.69
C VAL G 19 3.82 47.66 -34.42
N ALA G 20 3.38 48.32 -35.50
CA ALA G 20 2.66 49.58 -35.39
C ALA G 20 1.17 49.42 -35.07
N ASN G 21 0.71 50.19 -34.10
CA ASN G 21 -0.68 50.18 -33.65
C ASN G 21 -1.60 50.84 -34.68
N PRO G 22 -2.71 50.19 -35.04
CA PRO G 22 -3.77 50.89 -35.77
C PRO G 22 -4.49 51.97 -34.95
N GLN G 23 -4.74 51.70 -33.67
CA GLN G 23 -5.43 52.65 -32.77
C GLN G 23 -4.54 53.84 -32.41
N ALA G 24 -4.36 54.74 -33.38
CA ALA G 24 -3.45 55.88 -33.26
C ALA G 24 -3.95 57.02 -34.16
N GLU G 25 -4.56 58.04 -33.55
CA GLU G 25 -5.30 59.07 -34.28
C GLU G 25 -4.35 60.03 -34.98
N GLY G 26 -3.87 59.62 -36.16
CA GLY G 26 -3.01 60.44 -37.02
C GLY G 26 -1.61 60.57 -36.47
N GLN G 27 -0.91 59.42 -36.37
CA GLN G 27 0.44 59.34 -35.79
C GLN G 27 1.01 57.94 -35.95
N LEU G 28 2.30 57.78 -35.62
CA LEU G 28 2.96 56.47 -35.65
C LEU G 28 3.25 56.02 -34.21
N GLN G 29 2.85 54.80 -33.89
CA GLN G 29 3.02 54.26 -32.54
C GLN G 29 3.29 52.75 -32.52
N TRP G 30 4.41 52.35 -31.92
CA TRP G 30 4.80 50.95 -31.78
C TRP G 30 4.33 50.41 -30.43
N LEU G 31 4.14 49.09 -30.36
CA LEU G 31 3.61 48.40 -29.17
C LEU G 31 4.49 47.22 -28.75
N ASN G 32 4.77 47.12 -27.45
CA ASN G 32 5.75 46.13 -26.95
C ASN G 32 5.25 44.68 -26.87
N ARG G 33 4.20 44.41 -26.10
CA ARG G 33 3.77 43.04 -25.77
C ARG G 33 2.48 42.66 -26.51
N ARG G 34 2.64 41.90 -27.60
CA ARG G 34 1.53 41.34 -28.36
C ARG G 34 1.87 39.89 -28.75
N ALA G 35 1.05 39.29 -29.62
CA ALA G 35 1.42 38.06 -30.31
C ALA G 35 2.49 38.34 -31.39
N ASN G 36 2.24 39.35 -32.23
CA ASN G 36 3.15 39.71 -33.34
C ASN G 36 4.49 40.32 -32.90
N ALA G 37 4.52 40.92 -31.69
CA ALA G 37 5.70 41.64 -31.18
C ALA G 37 6.24 41.01 -29.89
N LEU G 38 7.53 41.20 -29.64
CA LEU G 38 8.21 40.59 -28.49
C LEU G 38 9.54 41.28 -28.22
N LEU G 39 9.70 41.80 -26.99
CA LEU G 39 10.97 42.36 -26.51
C LEU G 39 11.69 41.29 -25.67
N ALA G 40 13.03 41.27 -25.75
CA ALA G 40 13.82 40.25 -25.05
C ALA G 40 15.24 40.71 -24.70
N ASN G 41 15.62 40.44 -23.43
CA ASN G 41 16.98 40.65 -22.90
C ASN G 41 17.43 42.12 -22.83
N GLY G 42 16.63 42.91 -22.11
CA GLY G 42 17.00 44.29 -21.77
C GLY G 42 16.34 45.38 -22.59
N VAL G 43 15.93 45.08 -23.81
CA VAL G 43 15.44 46.12 -24.72
C VAL G 43 14.07 46.59 -24.24
N GLU G 44 13.99 47.85 -23.80
CA GLU G 44 12.74 48.48 -23.38
C GLU G 44 12.15 49.27 -24.54
N LEU G 45 10.83 49.33 -24.57
CA LEU G 45 10.10 50.32 -25.36
C LEU G 45 9.83 51.47 -24.41
N ARG G 46 10.39 52.64 -24.73
CA ARG G 46 10.31 53.80 -23.86
C ARG G 46 9.97 55.04 -24.69
N ASP G 47 8.83 55.67 -24.40
CA ASP G 47 8.37 56.87 -25.12
C ASP G 47 8.34 56.66 -26.63
N ASN G 48 7.84 55.49 -27.05
CA ASN G 48 7.84 55.06 -28.44
C ASN G 48 9.24 54.88 -29.02
N GLN G 49 10.22 54.52 -28.17
CA GLN G 49 11.61 54.35 -28.59
C GLN G 49 12.23 53.06 -28.06
N LEU G 50 13.19 52.52 -28.82
CA LEU G 50 13.95 51.34 -28.43
C LEU G 50 15.21 51.70 -27.65
N VAL G 51 15.27 51.22 -26.40
CA VAL G 51 16.36 51.54 -25.48
C VAL G 51 17.42 50.45 -25.56
N VAL G 52 18.64 50.81 -25.95
CA VAL G 52 19.75 49.86 -26.03
C VAL G 52 20.23 49.48 -24.62
N PRO G 53 20.13 48.20 -24.24
CA PRO G 53 20.48 47.80 -22.87
C PRO G 53 21.96 47.60 -22.59
N SER G 54 22.68 47.00 -23.53
CA SER G 54 24.12 46.74 -23.41
C SER G 54 24.82 47.24 -24.65
N GLU G 55 26.13 47.44 -24.55
CA GLU G 55 26.89 47.98 -25.67
C GLU G 55 27.14 46.89 -26.70
N GLY G 56 27.51 47.30 -27.90
CA GLY G 56 28.04 46.39 -28.92
C GLY G 56 27.37 46.60 -30.27
N LEU G 57 27.34 45.51 -31.04
CA LEU G 57 26.94 45.55 -32.45
C LEU G 57 25.50 45.12 -32.62
N TYR G 58 24.72 45.96 -33.29
CA TYR G 58 23.30 45.74 -33.47
C TYR G 58 22.98 45.86 -34.93
N LEU G 59 22.13 44.96 -35.40
CA LEU G 59 21.55 45.05 -36.70
C LEU G 59 20.22 45.71 -36.43
N ILE G 60 19.94 46.76 -37.18
CA ILE G 60 18.72 47.52 -37.05
C ILE G 60 17.98 47.38 -38.36
N TYR G 61 16.66 47.49 -38.31
CA TYR G 61 15.85 47.50 -39.51
C TYR G 61 14.46 48.02 -39.23
N SER G 62 13.77 48.38 -40.31
CA SER G 62 12.35 48.72 -40.21
C SER G 62 11.67 48.59 -41.56
N GLN G 63 10.34 48.66 -41.51
CA GLN G 63 9.51 48.51 -42.68
C GLN G 63 8.19 49.24 -42.51
N VAL G 64 7.79 49.99 -43.53
CA VAL G 64 6.48 50.65 -43.57
C VAL G 64 5.89 50.58 -44.97
N LEU G 65 4.57 50.50 -45.03
CA LEU G 65 3.81 50.58 -46.29
C LEU G 65 2.93 51.83 -46.23
N PHE G 66 2.80 52.50 -47.38
CA PHE G 66 1.87 53.62 -47.55
C PHE G 66 0.96 53.27 -48.70
N LYS G 67 -0.35 53.34 -48.46
CA LYS G 67 -1.34 53.19 -49.53
C LYS G 67 -1.96 54.56 -49.80
N GLY G 68 -2.46 54.74 -51.02
CA GLY G 68 -3.21 55.93 -51.38
C GLY G 68 -4.07 55.73 -52.60
N GLN G 69 -5.22 56.41 -52.60
CA GLN G 69 -6.18 56.35 -53.69
C GLN G 69 -6.04 57.60 -54.55
N GLY G 70 -6.13 57.42 -55.86
CA GLY G 70 -6.02 58.51 -56.83
C GLY G 70 -4.77 59.35 -56.67
N CYS G 71 -4.91 60.64 -56.98
CA CYS G 71 -3.80 61.59 -56.95
C CYS G 71 -4.31 63.04 -56.97
N PRO G 72 -4.25 63.74 -55.83
CA PRO G 72 -4.80 65.10 -55.78
C PRO G 72 -3.91 66.14 -56.48
N SER G 73 -4.36 67.40 -56.48
CA SER G 73 -3.61 68.50 -57.10
C SER G 73 -2.29 68.79 -56.37
N THR G 74 -2.34 68.78 -55.03
CA THR G 74 -1.14 68.90 -54.18
C THR G 74 -0.19 67.73 -54.36
N HIS G 75 1.11 67.97 -54.13
CA HIS G 75 2.12 66.94 -54.26
C HIS G 75 2.21 66.10 -52.99
N VAL G 76 2.30 64.78 -53.18
CA VAL G 76 2.43 63.80 -52.10
C VAL G 76 3.89 63.34 -52.06
N LEU G 77 4.46 63.28 -50.85
CA LEU G 77 5.85 62.93 -50.66
C LEU G 77 6.01 62.20 -49.34
N LEU G 78 6.76 61.11 -49.36
CA LEU G 78 6.80 60.15 -48.25
C LEU G 78 8.23 59.88 -47.80
N THR G 79 8.47 60.03 -46.49
CA THR G 79 9.79 59.83 -45.90
C THR G 79 9.65 58.84 -44.76
N HIS G 80 10.78 58.24 -44.40
CA HIS G 80 10.84 57.30 -43.28
C HIS G 80 12.27 57.24 -42.77
N THR G 81 12.44 57.36 -41.45
CA THR G 81 13.77 57.52 -40.85
C THR G 81 13.90 56.90 -39.45
N ILE G 82 15.01 56.19 -39.21
CA ILE G 82 15.40 55.72 -37.88
C ILE G 82 16.58 56.55 -37.38
N SER G 83 16.46 57.04 -36.15
CA SER G 83 17.40 58.01 -35.56
C SER G 83 18.05 57.46 -34.29
N ARG G 84 19.32 57.79 -34.06
CA ARG G 84 20.05 57.42 -32.84
C ARG G 84 20.26 58.64 -31.96
N ILE G 85 19.36 58.82 -31.00
CA ILE G 85 19.58 59.79 -29.95
C ILE G 85 20.46 59.08 -28.93
N ALA G 86 21.76 59.34 -29.02
CA ALA G 86 22.77 58.62 -28.21
C ALA G 86 22.80 59.10 -26.75
N VAL G 87 23.70 58.54 -25.95
CA VAL G 87 23.93 58.98 -24.55
C VAL G 87 25.14 59.92 -24.43
N SER G 88 26.19 59.66 -25.22
CA SER G 88 27.37 60.52 -25.29
C SER G 88 26.98 61.86 -25.91
N TYR G 89 26.39 61.78 -27.10
CA TYR G 89 26.02 62.96 -27.89
C TYR G 89 24.63 63.51 -27.54
N GLN G 90 23.67 62.61 -27.30
CA GLN G 90 22.33 62.97 -26.78
C GLN G 90 21.43 63.77 -27.76
N THR G 91 21.84 63.82 -29.03
CA THR G 91 21.13 64.62 -30.03
C THR G 91 20.67 63.67 -31.15
N LYS G 92 19.59 64.07 -31.81
CA LYS G 92 18.93 63.25 -32.81
C LYS G 92 19.73 63.22 -34.12
N VAL G 93 20.38 62.08 -34.36
CA VAL G 93 21.21 61.82 -35.55
C VAL G 93 20.51 60.75 -36.39
N ASN G 94 20.65 60.85 -37.72
CA ASN G 94 19.99 59.94 -38.67
C ASN G 94 20.87 58.80 -39.19
N LEU G 95 20.49 57.59 -38.83
CA LEU G 95 21.20 56.38 -39.21
C LEU G 95 20.80 55.92 -40.61
N LEU G 96 19.49 55.84 -40.81
CA LEU G 96 18.90 55.29 -42.01
C LEU G 96 17.72 56.18 -42.38
N SER G 97 17.67 56.60 -43.64
CA SER G 97 16.63 57.50 -44.13
C SER G 97 16.26 57.15 -45.58
N ALA G 98 14.98 57.30 -45.93
CA ALA G 98 14.53 57.07 -47.31
C ALA G 98 13.28 57.85 -47.65
N ILE G 99 13.24 58.36 -48.88
CA ILE G 99 12.18 59.25 -49.35
C ILE G 99 11.60 58.72 -50.64
N LYS G 100 10.28 58.52 -50.68
CA LYS G 100 9.57 58.02 -51.85
C LYS G 100 8.67 59.10 -52.45
N SER G 101 8.45 58.99 -53.76
CA SER G 101 7.52 59.86 -54.52
C SER G 101 6.39 59.02 -55.13
N PRO G 102 5.24 58.91 -54.44
CA PRO G 102 4.17 58.09 -54.99
C PRO G 102 3.53 58.69 -56.25
N CYS G 103 3.00 59.88 -56.13
CA CYS G 103 2.08 60.42 -57.10
C CYS G 103 2.82 60.96 -58.32
N GLN G 104 2.82 60.17 -59.41
CA GLN G 104 3.57 60.53 -60.63
C GLN G 104 3.05 61.81 -61.28
N ARG G 105 1.74 62.00 -61.26
CA ARG G 105 1.13 63.27 -61.64
C ARG G 105 -0.16 63.52 -60.89
N GLU G 106 -0.36 64.78 -60.51
CA GLU G 106 -1.67 65.28 -60.06
C GLU G 106 -2.79 64.91 -61.05
N THR G 107 -3.93 64.48 -60.52
CA THR G 107 -5.07 64.00 -61.33
C THR G 107 -6.42 64.65 -60.93
N PRO G 108 -6.69 65.89 -61.43
CA PRO G 108 -8.02 66.50 -61.36
C PRO G 108 -8.73 66.55 -62.73
N GLU G 109 -8.62 65.46 -63.51
CA GLU G 109 -9.03 65.45 -64.92
C GLU G 109 -10.50 65.09 -65.15
N GLY G 110 -10.96 64.00 -64.52
CA GLY G 110 -12.33 63.50 -64.73
C GLY G 110 -12.49 62.01 -64.49
N ALA G 111 -12.68 61.65 -63.22
CA ALA G 111 -13.08 60.30 -62.79
C ALA G 111 -12.14 59.17 -63.24
N GLU G 112 -11.05 58.96 -62.48
CA GLU G 112 -10.07 57.91 -62.79
C GLU G 112 -9.14 57.59 -61.61
N ALA G 113 -9.65 57.68 -60.38
CA ALA G 113 -8.80 57.80 -59.19
C ALA G 113 -8.12 56.49 -58.73
N LYS G 114 -7.14 56.03 -59.51
CA LYS G 114 -6.54 54.69 -59.33
C LYS G 114 -5.62 54.60 -58.11
N PRO G 115 -5.49 53.39 -57.51
CA PRO G 115 -4.78 53.27 -56.24
C PRO G 115 -3.27 53.36 -56.40
N TRP G 116 -2.57 53.38 -55.27
CA TRP G 116 -1.13 53.16 -55.24
C TRP G 116 -0.68 52.75 -53.86
N TYR G 117 0.42 51.99 -53.85
CA TYR G 117 1.00 51.41 -52.64
C TYR G 117 2.50 51.45 -52.83
N GLU G 118 3.21 52.16 -51.96
CA GLU G 118 4.67 52.21 -51.99
C GLU G 118 5.21 51.80 -50.63
N PRO G 119 6.16 50.84 -50.60
CA PRO G 119 6.83 50.48 -49.36
C PRO G 119 8.12 51.27 -49.16
N ILE G 120 8.56 51.33 -47.89
CA ILE G 120 9.87 51.87 -47.56
C ILE G 120 10.49 50.94 -46.52
N TYR G 121 11.50 50.21 -46.95
CA TYR G 121 12.25 49.31 -46.09
C TYR G 121 13.44 50.11 -45.61
N LEU G 122 14.00 49.75 -44.45
CA LEU G 122 15.22 50.39 -43.94
C LEU G 122 15.98 49.41 -43.06
N GLY G 123 17.31 49.53 -43.05
CA GLY G 123 18.13 48.78 -42.11
C GLY G 123 19.62 48.77 -42.37
N GLY G 124 20.38 48.56 -41.31
CA GLY G 124 21.79 48.26 -41.39
C GLY G 124 22.39 47.87 -40.05
N VAL G 125 23.69 47.60 -40.05
CA VAL G 125 24.42 47.32 -38.82
C VAL G 125 25.05 48.59 -38.29
N PHE G 126 25.05 48.71 -36.96
CA PHE G 126 25.58 49.88 -36.27
C PHE G 126 26.15 49.45 -34.93
N GLN G 127 27.27 50.07 -34.57
CA GLN G 127 27.79 49.98 -33.22
C GLN G 127 26.91 50.90 -32.37
N LEU G 128 26.41 50.38 -31.25
CA LEU G 128 25.53 51.13 -30.35
C LEU G 128 25.96 50.96 -28.89
N GLU G 129 26.03 52.07 -28.17
CA GLU G 129 26.47 52.11 -26.77
C GLU G 129 25.29 52.00 -25.83
N LYS G 130 25.54 51.44 -24.64
CA LYS G 130 24.50 51.23 -23.62
C LYS G 130 23.68 52.51 -23.37
N GLY G 131 22.35 52.36 -23.31
CA GLY G 131 21.44 53.48 -23.06
C GLY G 131 21.03 54.31 -24.26
N ASP G 132 21.60 54.04 -25.44
CA ASP G 132 21.21 54.77 -26.67
C ASP G 132 19.75 54.48 -26.96
N ARG G 133 19.02 55.50 -27.39
CA ARG G 133 17.61 55.35 -27.74
C ARG G 133 17.42 55.59 -29.24
N LEU G 134 16.49 54.82 -29.80
CA LEU G 134 16.27 54.73 -31.24
C LEU G 134 14.79 54.93 -31.56
N SER G 135 14.50 55.65 -32.64
CA SER G 135 13.14 56.11 -32.94
C SER G 135 12.87 56.10 -34.44
N ALA G 136 12.09 55.11 -34.88
CA ALA G 136 11.65 55.00 -36.28
C ALA G 136 10.47 55.93 -36.51
N GLU G 137 10.59 56.84 -37.48
CA GLU G 137 9.59 57.88 -37.73
C GLU G 137 9.28 58.07 -39.20
N ILE G 138 8.19 58.81 -39.45
CA ILE G 138 7.71 59.14 -40.78
C ILE G 138 7.10 60.54 -40.81
N ASN G 139 6.93 61.07 -42.02
CA ASN G 139 6.37 62.41 -42.22
C ASN G 139 4.84 62.43 -42.38
N ARG G 140 4.27 61.41 -43.02
CA ARG G 140 2.81 61.34 -43.25
C ARG G 140 2.18 60.13 -42.53
N PRO G 141 1.79 60.30 -41.25
CA PRO G 141 1.11 59.19 -40.56
C PRO G 141 -0.26 58.86 -41.13
N ASP G 142 -0.99 59.91 -41.51
CA ASP G 142 -2.28 59.80 -42.20
C ASP G 142 -2.32 58.91 -43.47
N TYR G 143 -1.18 58.73 -44.15
CA TYR G 143 -1.10 57.87 -45.35
C TYR G 143 -0.67 56.40 -45.09
N LEU G 144 -0.82 55.91 -43.86
CA LEU G 144 -0.44 54.53 -43.51
C LEU G 144 -1.40 53.47 -44.07
N ASP G 145 -0.95 52.21 -44.00
CA ASP G 145 -1.67 51.05 -44.55
C ASP G 145 -1.51 49.86 -43.58
N PHE G 146 -2.58 49.56 -42.84
CA PHE G 146 -2.59 48.44 -41.86
C PHE G 146 -3.38 47.22 -42.39
N ALA G 147 -3.04 46.79 -43.60
CA ALA G 147 -3.77 45.71 -44.29
C ALA G 147 -3.40 44.34 -43.71
N GLU G 148 -2.09 44.06 -43.70
CA GLU G 148 -1.54 42.83 -43.13
C GLU G 148 -0.92 43.22 -41.76
N SER G 149 -1.38 42.56 -40.68
CA SER G 149 -0.98 42.92 -39.31
C SER G 149 0.47 42.55 -39.01
N GLY G 150 1.23 43.50 -38.48
CA GLY G 150 2.66 43.32 -38.30
C GLY G 150 3.43 43.25 -39.62
N GLN G 151 3.03 44.08 -40.58
CA GLN G 151 3.85 44.39 -41.78
C GLN G 151 4.51 45.77 -41.65
N VAL G 152 3.90 46.67 -40.89
CA VAL G 152 4.59 47.87 -40.40
C VAL G 152 5.31 47.43 -39.13
N TYR G 153 6.64 47.56 -39.12
CA TYR G 153 7.45 47.09 -37.99
C TYR G 153 8.85 47.72 -37.97
N PHE G 154 9.45 47.71 -36.78
CA PHE G 154 10.77 48.29 -36.50
C PHE G 154 11.43 47.37 -35.49
N GLY G 155 12.60 46.83 -35.81
CA GLY G 155 13.29 45.93 -34.89
C GLY G 155 14.80 46.07 -34.83
N ILE G 156 15.37 45.63 -33.70
CA ILE G 156 16.83 45.47 -33.56
C ILE G 156 17.27 44.09 -33.06
N ILE G 157 18.47 43.69 -33.50
CA ILE G 157 19.07 42.40 -33.15
C ILE G 157 20.53 42.62 -32.82
N ALA G 158 20.91 42.31 -31.59
CA ALA G 158 22.30 42.35 -31.18
C ALA G 158 23.06 41.23 -31.85
N LEU G 159 24.09 41.58 -32.63
CA LEU G 159 24.98 40.58 -33.21
C LEU G 159 25.88 40.01 -32.12
N SER H 11 33.44 35.55 -30.70
CA SER H 11 33.36 35.60 -32.20
C SER H 11 33.60 37.03 -32.70
N ASP H 12 34.46 37.16 -33.70
CA ASP H 12 34.77 38.46 -34.27
C ASP H 12 33.65 38.91 -35.20
N LYS H 13 33.38 38.12 -36.24
CA LYS H 13 32.47 38.46 -37.34
C LYS H 13 32.79 39.78 -38.03
N PRO H 14 33.46 39.70 -39.20
CA PRO H 14 33.66 40.87 -40.02
C PRO H 14 32.35 41.57 -40.32
N VAL H 15 32.33 42.89 -40.15
CA VAL H 15 31.14 43.71 -40.39
C VAL H 15 31.53 45.10 -40.86
N ALA H 16 30.66 45.68 -41.67
CA ALA H 16 30.91 46.95 -42.29
C ALA H 16 29.61 47.65 -42.64
N HIS H 17 29.68 48.98 -42.63
CA HIS H 17 28.56 49.83 -42.97
C HIS H 17 29.17 51.18 -43.24
N VAL H 18 29.18 51.56 -44.52
CA VAL H 18 29.79 52.80 -44.97
C VAL H 18 28.78 53.61 -45.76
N VAL H 19 29.03 54.92 -45.82
CA VAL H 19 28.05 55.89 -46.30
C VAL H 19 28.69 56.86 -47.26
N ALA H 20 27.85 57.49 -48.08
CA ALA H 20 28.32 58.46 -49.07
C ALA H 20 28.89 59.74 -48.43
N ASN H 21 30.19 59.95 -48.63
CA ASN H 21 30.83 61.23 -48.37
C ASN H 21 30.06 62.36 -49.00
N PRO H 22 29.45 63.24 -48.18
CA PRO H 22 28.72 64.35 -48.80
C PRO H 22 29.61 65.43 -49.43
N GLN H 23 30.88 65.51 -49.03
CA GLN H 23 31.86 66.39 -49.72
C GLN H 23 32.05 65.93 -51.16
N ALA H 24 32.12 64.62 -51.37
CA ALA H 24 32.22 64.03 -52.70
C ALA H 24 30.93 64.23 -53.51
N GLU H 25 30.75 65.44 -54.05
CA GLU H 25 29.59 65.74 -54.90
C GLU H 25 29.92 65.42 -56.36
N GLY H 26 28.90 65.03 -57.12
CA GLY H 26 29.11 64.49 -58.47
C GLY H 26 29.77 63.12 -58.52
N GLN H 27 29.69 62.36 -57.42
CA GLN H 27 30.25 61.00 -57.34
C GLN H 27 29.81 60.29 -56.05
N LEU H 28 30.06 58.98 -56.01
CA LEU H 28 29.66 58.15 -54.87
C LEU H 28 30.90 57.57 -54.23
N GLN H 29 31.52 58.36 -53.35
CA GLN H 29 32.66 57.90 -52.56
C GLN H 29 32.16 57.48 -51.17
N TRP H 30 32.75 56.42 -50.64
CA TRP H 30 32.33 55.82 -49.37
C TRP H 30 33.23 56.29 -48.21
N LEU H 31 32.66 56.36 -47.00
CA LEU H 31 33.43 56.79 -45.84
C LEU H 31 33.21 55.89 -44.63
N ASN H 32 34.27 55.17 -44.24
CA ASN H 32 34.27 54.35 -43.03
C ASN H 32 34.30 55.12 -41.72
N ARG H 33 35.07 56.21 -41.70
CA ARG H 33 35.26 56.99 -40.47
C ARG H 33 34.26 58.12 -40.35
N ARG H 34 33.17 57.84 -39.65
CA ARG H 34 32.09 58.78 -39.50
C ARG H 34 31.24 58.37 -38.31
N ALA H 35 30.41 59.27 -37.81
CA ALA H 35 29.50 58.94 -36.73
C ALA H 35 28.47 57.99 -37.32
N ASN H 36 28.45 56.74 -36.85
CA ASN H 36 27.49 55.75 -37.40
C ASN H 36 27.86 55.16 -38.77
N ALA H 37 29.17 55.05 -39.00
CA ALA H 37 29.76 54.36 -40.14
C ALA H 37 30.80 53.48 -39.47
N LEU H 38 31.02 52.26 -39.97
CA LEU H 38 31.99 51.37 -39.32
C LEU H 38 32.67 50.40 -40.27
N LEU H 39 33.88 50.01 -39.87
CA LEU H 39 34.57 48.83 -40.40
C LEU H 39 35.11 48.13 -39.18
N ALA H 40 34.93 46.82 -39.12
CA ALA H 40 35.28 46.06 -37.92
C ALA H 40 35.66 44.62 -38.24
N ASN H 41 36.53 44.08 -37.39
CA ASN H 41 36.96 42.70 -37.44
C ASN H 41 37.58 42.27 -38.78
N GLY H 42 38.18 43.22 -39.51
CA GLY H 42 38.99 42.90 -40.70
C GLY H 42 38.53 43.45 -42.04
N VAL H 43 37.31 43.94 -42.12
CA VAL H 43 36.86 44.55 -43.37
C VAL H 43 37.63 45.85 -43.52
N GLU H 44 38.02 46.16 -44.75
CA GLU H 44 38.73 47.40 -45.07
C GLU H 44 38.02 48.07 -46.23
N LEU H 45 38.14 49.39 -46.28
CA LEU H 45 37.71 50.18 -47.42
C LEU H 45 38.98 50.61 -48.14
N ARG H 46 39.07 50.25 -49.42
CA ARG H 46 40.25 50.57 -50.23
C ARG H 46 39.82 50.72 -51.68
N ASP H 47 40.47 51.62 -52.42
CA ASP H 47 40.05 51.98 -53.77
C ASP H 47 38.52 52.02 -53.96
N ASN H 48 37.81 52.52 -52.96
CA ASN H 48 36.35 52.69 -53.01
C ASN H 48 35.59 51.38 -52.91
N GLN H 49 36.20 50.40 -52.26
CA GLN H 49 35.71 49.03 -52.29
C GLN H 49 35.88 48.40 -50.92
N LEU H 50 34.80 47.81 -50.40
CA LEU H 50 34.90 46.98 -49.21
C LEU H 50 35.74 45.75 -49.56
N VAL H 51 36.44 45.23 -48.57
CA VAL H 51 37.39 44.14 -48.75
C VAL H 51 37.20 43.08 -47.68
N VAL H 52 36.85 41.88 -48.13
CA VAL H 52 36.62 40.74 -47.25
C VAL H 52 37.98 40.23 -46.78
N PRO H 53 38.13 39.98 -45.47
CA PRO H 53 39.37 39.41 -44.92
C PRO H 53 39.47 37.88 -44.95
N SER H 54 38.32 37.19 -44.94
CA SER H 54 38.30 35.73 -44.89
C SER H 54 37.03 35.14 -45.52
N GLU H 55 37.17 33.93 -46.09
CA GLU H 55 36.05 33.22 -46.75
C GLU H 55 34.85 32.98 -45.84
N GLY H 56 33.66 32.92 -46.43
CA GLY H 56 32.45 32.66 -45.65
C GLY H 56 31.20 33.24 -46.27
N LEU H 57 30.06 32.96 -45.64
CA LEU H 57 28.78 33.54 -46.06
C LEU H 57 28.67 34.99 -45.55
N TYR H 58 28.51 35.95 -46.47
CA TYR H 58 28.32 37.34 -46.10
C TYR H 58 26.98 37.81 -46.59
N LEU H 59 26.25 38.45 -45.69
CA LEU H 59 25.11 39.25 -46.05
C LEU H 59 25.71 40.52 -46.61
N ILE H 60 25.21 40.95 -47.76
CA ILE H 60 25.60 42.20 -48.39
C ILE H 60 24.35 43.03 -48.57
N TYR H 61 24.45 44.33 -48.29
CA TYR H 61 23.31 45.21 -48.42
C TYR H 61 23.68 46.63 -48.73
N SER H 62 22.75 47.33 -49.37
CA SER H 62 23.00 48.65 -49.94
C SER H 62 21.70 49.41 -50.15
N GLN H 63 21.76 50.73 -49.99
CA GLN H 63 20.68 51.66 -50.33
C GLN H 63 21.25 52.86 -51.07
N VAL H 64 20.46 53.40 -51.99
CA VAL H 64 20.71 54.71 -52.58
C VAL H 64 19.39 55.42 -52.74
N LEU H 65 19.39 56.72 -52.50
CA LEU H 65 18.23 57.55 -52.77
C LEU H 65 18.64 58.50 -53.88
N PHE H 66 17.82 58.55 -54.92
CA PHE H 66 17.98 59.50 -56.00
C PHE H 66 16.94 60.60 -55.86
N LYS H 67 17.29 61.82 -56.27
CA LYS H 67 16.36 62.95 -56.34
C LYS H 67 16.55 63.60 -57.68
N GLY H 68 15.50 64.24 -58.19
CA GLY H 68 15.58 65.03 -59.42
C GLY H 68 14.54 66.12 -59.45
N GLN H 69 14.96 67.33 -59.82
CA GLN H 69 14.08 68.50 -59.91
C GLN H 69 13.37 68.51 -61.27
N GLY H 70 12.39 67.62 -61.41
CA GLY H 70 11.62 67.48 -62.65
C GLY H 70 12.28 66.60 -63.67
N CYS H 71 11.59 66.46 -64.81
CA CYS H 71 12.00 65.56 -65.89
C CYS H 71 12.43 66.35 -67.12
N PRO H 72 13.76 66.40 -67.41
CA PRO H 72 14.20 67.03 -68.67
C PRO H 72 13.75 66.21 -69.88
N SER H 73 13.97 64.90 -69.81
CA SER H 73 13.45 63.92 -70.78
C SER H 73 12.97 62.68 -70.02
N THR H 74 12.19 61.84 -70.71
CA THR H 74 11.72 60.57 -70.16
C THR H 74 12.81 59.50 -70.16
N HIS H 75 13.81 59.67 -71.03
CA HIS H 75 14.88 58.68 -71.19
C HIS H 75 15.87 58.58 -70.02
N VAL H 76 15.65 59.33 -68.94
CA VAL H 76 16.48 59.22 -67.75
C VAL H 76 16.38 57.78 -67.19
N LEU H 77 17.54 57.27 -66.80
CA LEU H 77 17.76 55.85 -66.55
C LEU H 77 18.75 55.73 -65.40
N LEU H 78 18.35 55.08 -64.32
CA LEU H 78 19.13 55.03 -63.08
C LEU H 78 19.48 53.59 -62.76
N THR H 79 20.76 53.32 -62.50
CA THR H 79 21.27 51.96 -62.35
C THR H 79 22.08 51.84 -61.08
N HIS H 80 21.91 50.73 -60.38
CA HIS H 80 22.61 50.47 -59.12
C HIS H 80 22.98 48.97 -59.02
N THR H 81 24.26 48.74 -58.82
CA THR H 81 24.90 47.46 -59.00
C THR H 81 25.69 47.13 -57.75
N ILE H 82 25.82 45.85 -57.42
CA ILE H 82 26.91 45.41 -56.54
C ILE H 82 27.71 44.27 -57.18
N SER H 83 28.99 44.57 -57.41
CA SER H 83 29.88 43.72 -58.16
C SER H 83 30.83 43.08 -57.17
N ARG H 84 31.52 42.04 -57.62
CA ARG H 84 32.47 41.30 -56.79
C ARG H 84 33.68 40.92 -57.66
N ILE H 85 34.87 41.10 -57.11
CA ILE H 85 36.12 41.00 -57.88
C ILE H 85 37.08 40.15 -57.07
N ALA H 86 37.25 38.90 -57.47
CA ALA H 86 38.11 37.99 -56.75
C ALA H 86 39.55 38.24 -57.15
N VAL H 87 40.45 37.72 -56.34
CA VAL H 87 41.87 37.72 -56.69
C VAL H 87 42.06 36.72 -57.81
N SER H 88 41.86 35.42 -57.54
CA SER H 88 42.16 34.33 -58.50
C SER H 88 41.65 34.58 -59.91
N TYR H 89 40.40 35.04 -60.02
CA TYR H 89 39.69 35.16 -61.30
C TYR H 89 39.75 36.57 -61.88
N GLN H 90 39.68 37.60 -61.03
CA GLN H 90 39.92 39.00 -61.41
C GLN H 90 38.92 39.68 -62.35
N THR H 91 37.87 38.98 -62.76
CA THR H 91 36.86 39.55 -63.65
C THR H 91 35.80 40.21 -62.77
N LYS H 92 35.14 41.22 -63.32
CA LYS H 92 34.10 41.94 -62.58
C LYS H 92 32.79 41.19 -62.66
N VAL H 93 32.42 40.49 -61.58
CA VAL H 93 31.23 39.64 -61.54
C VAL H 93 30.10 40.30 -60.75
N ASN H 94 28.95 40.48 -61.41
CA ASN H 94 27.76 41.05 -60.76
C ASN H 94 27.11 40.06 -59.79
N LEU H 95 26.48 40.60 -58.76
CA LEU H 95 25.67 39.85 -57.79
C LEU H 95 24.25 40.38 -57.74
N LEU H 96 24.13 41.68 -57.47
CA LEU H 96 22.87 42.36 -57.33
C LEU H 96 22.86 43.54 -58.27
N SER H 97 21.68 43.84 -58.78
CA SER H 97 21.54 44.71 -59.93
C SER H 97 20.13 45.26 -59.97
N ALA H 98 20.00 46.49 -60.46
CA ALA H 98 18.70 47.15 -60.51
C ALA H 98 18.70 48.27 -61.52
N ILE H 99 17.56 48.46 -62.17
CA ILE H 99 17.36 49.59 -63.07
C ILE H 99 16.04 50.23 -62.69
N LYS H 100 15.98 51.55 -62.91
CA LYS H 100 14.79 52.32 -62.65
C LYS H 100 14.72 53.39 -63.73
N SER H 101 13.52 53.67 -64.21
CA SER H 101 13.27 54.80 -65.12
C SER H 101 12.14 55.63 -64.53
N PRO H 102 12.49 56.71 -63.79
CA PRO H 102 11.52 57.46 -63.02
C PRO H 102 10.65 58.42 -63.82
N CYS H 103 11.14 58.85 -64.98
CA CYS H 103 10.43 59.84 -65.79
C CYS H 103 9.67 59.14 -66.91
N GLN H 104 8.38 58.92 -66.68
CA GLN H 104 7.47 58.30 -67.66
C GLN H 104 7.19 59.26 -68.82
N ALA H 113 8.14 72.59 -62.30
CA ALA H 113 9.36 71.81 -62.06
C ALA H 113 9.23 70.93 -60.82
N LYS H 114 8.43 69.87 -60.96
CA LYS H 114 7.96 69.07 -59.82
C LYS H 114 8.93 67.92 -59.49
N PRO H 115 9.40 67.84 -58.22
CA PRO H 115 10.52 66.95 -57.88
C PRO H 115 10.13 65.48 -57.69
N TRP H 116 11.09 64.57 -57.93
CA TRP H 116 10.90 63.12 -57.74
C TRP H 116 12.04 62.45 -56.97
N TYR H 117 11.75 61.30 -56.39
CA TYR H 117 12.65 60.56 -55.51
C TYR H 117 12.47 59.06 -55.74
N GLU H 118 13.55 58.35 -56.03
CA GLU H 118 13.54 56.89 -56.18
C GLU H 118 14.63 56.26 -55.31
N PRO H 119 14.24 55.55 -54.23
CA PRO H 119 15.24 54.74 -53.54
C PRO H 119 15.40 53.39 -54.20
N ILE H 120 16.64 52.94 -54.30
CA ILE H 120 16.97 51.59 -54.74
C ILE H 120 17.74 50.93 -53.60
N TYR H 121 17.21 49.81 -53.09
CA TYR H 121 17.93 48.96 -52.14
C TYR H 121 18.36 47.68 -52.86
N LEU H 122 19.53 47.14 -52.48
CA LEU H 122 19.97 45.80 -52.89
C LEU H 122 20.40 45.01 -51.66
N GLY H 123 20.12 43.72 -51.65
CA GLY H 123 20.53 42.86 -50.56
C GLY H 123 20.46 41.38 -50.90
N GLY H 124 21.47 40.62 -50.50
CA GLY H 124 21.40 39.18 -50.52
C GLY H 124 22.45 38.62 -49.59
N VAL H 125 22.53 37.29 -49.52
CA VAL H 125 23.57 36.60 -48.75
C VAL H 125 24.36 35.72 -49.72
N PHE H 126 25.67 35.73 -49.55
CA PHE H 126 26.60 35.30 -50.59
C PHE H 126 27.77 34.56 -50.02
N GLN H 127 28.31 33.63 -50.80
CA GLN H 127 29.59 33.00 -50.48
C GLN H 127 30.71 33.89 -51.03
N LEU H 128 31.50 34.50 -50.14
CA LEU H 128 32.67 35.29 -50.56
C LEU H 128 33.97 34.61 -50.20
N GLU H 129 34.96 34.74 -51.11
CA GLU H 129 36.31 34.29 -50.84
C GLU H 129 37.04 35.44 -50.21
N LYS H 130 38.19 35.12 -49.63
CA LYS H 130 39.07 36.09 -48.94
C LYS H 130 39.71 37.03 -49.96
N GLY H 131 39.91 38.28 -49.56
CA GLY H 131 40.40 39.32 -50.47
C GLY H 131 39.46 39.74 -51.59
N ASP H 132 38.17 39.45 -51.46
CA ASP H 132 37.22 39.81 -52.53
C ASP H 132 36.94 41.30 -52.43
N ARG H 133 37.13 42.02 -53.53
CA ARG H 133 36.84 43.44 -53.57
C ARG H 133 35.41 43.66 -54.06
N LEU H 134 34.51 43.88 -53.11
CA LEU H 134 33.12 44.31 -53.40
C LEU H 134 32.98 45.79 -53.67
N SER H 135 31.92 46.14 -54.40
CA SER H 135 31.78 47.46 -55.00
C SER H 135 30.35 47.78 -55.41
N ALA H 136 29.67 48.58 -54.58
CA ALA H 136 28.40 49.24 -54.94
C ALA H 136 28.71 50.42 -55.84
N GLU H 137 27.85 50.68 -56.83
CA GLU H 137 28.16 51.66 -57.88
C GLU H 137 26.89 52.23 -58.48
N ILE H 138 27.03 53.38 -59.13
CA ILE H 138 25.92 54.01 -59.85
C ILE H 138 26.38 54.65 -61.16
N ASN H 139 25.40 54.96 -61.99
CA ASN H 139 25.64 55.57 -63.31
C ASN H 139 25.46 57.08 -63.35
N ARG H 140 24.54 57.60 -62.54
CA ARG H 140 24.20 59.02 -62.46
C ARG H 140 24.43 59.49 -61.03
N PRO H 141 25.70 59.76 -60.66
CA PRO H 141 25.94 60.34 -59.33
C PRO H 141 25.46 61.79 -59.20
N ASP H 142 25.30 62.49 -60.31
CA ASP H 142 24.62 63.79 -60.35
C ASP H 142 23.19 63.82 -59.78
N TYR H 143 22.44 62.73 -59.91
CA TYR H 143 21.04 62.62 -59.39
C TYR H 143 20.92 62.08 -57.92
N LEU H 144 22.05 61.74 -57.27
CA LEU H 144 22.10 61.34 -55.83
C LEU H 144 21.57 62.38 -54.82
N ASP H 145 21.16 61.89 -53.63
CA ASP H 145 20.70 62.76 -52.54
C ASP H 145 21.45 62.51 -51.22
N PHE H 146 22.16 63.54 -50.74
CA PHE H 146 22.67 63.60 -49.35
C PHE H 146 21.98 64.70 -48.52
N ALA H 147 20.81 65.18 -48.95
CA ALA H 147 20.09 66.27 -48.25
C ALA H 147 20.07 66.10 -46.74
N GLU H 148 19.97 64.84 -46.31
CA GLU H 148 20.26 64.43 -44.94
C GLU H 148 21.13 63.15 -44.96
N SER H 149 21.68 62.79 -43.80
CA SER H 149 22.47 61.57 -43.65
C SER H 149 21.59 60.34 -43.65
N GLY H 150 22.23 59.17 -43.73
CA GLY H 150 21.54 57.89 -43.69
C GLY H 150 20.68 57.55 -44.90
N GLN H 151 20.78 58.32 -45.97
CA GLN H 151 20.00 58.09 -47.19
C GLN H 151 20.69 57.07 -48.11
N VAL H 152 22.03 57.11 -48.13
CA VAL H 152 22.85 56.24 -48.94
C VAL H 152 23.74 55.40 -48.02
N TYR H 153 23.79 54.09 -48.26
CA TYR H 153 24.70 53.19 -47.52
C TYR H 153 25.02 51.87 -48.22
N PHE H 154 25.97 51.13 -47.64
CA PHE H 154 26.57 49.95 -48.26
C PHE H 154 27.27 49.13 -47.18
N GLY H 155 26.66 48.02 -46.77
CA GLY H 155 27.20 47.20 -45.68
C GLY H 155 27.22 45.70 -45.95
N ILE H 156 28.17 45.02 -45.29
CA ILE H 156 28.25 43.58 -45.29
C ILE H 156 28.38 43.04 -43.89
N ILE H 157 28.03 41.75 -43.73
CA ILE H 157 28.06 41.07 -42.43
C ILE H 157 28.34 39.59 -42.69
N ALA H 158 29.29 39.02 -41.92
CA ALA H 158 29.58 37.58 -41.96
C ALA H 158 28.54 36.80 -41.17
N LEU H 159 27.92 35.78 -41.79
CA LEU H 159 26.73 35.09 -41.25
C LEU H 159 27.07 33.67 -40.75
N SER I 11 -52.74 8.87 3.59
CA SER I 11 -53.58 7.64 3.66
C SER I 11 -54.98 7.94 3.09
N ASP I 12 -55.77 8.71 3.84
CA ASP I 12 -57.12 9.12 3.42
C ASP I 12 -57.00 10.44 2.66
N LYS I 13 -56.47 10.33 1.45
CA LYS I 13 -56.00 11.49 0.70
C LYS I 13 -57.19 12.26 0.11
N PRO I 14 -57.07 13.60 0.04
CA PRO I 14 -58.06 14.47 -0.60
C PRO I 14 -58.40 14.13 -2.06
N VAL I 15 -59.70 14.12 -2.39
CA VAL I 15 -60.19 13.92 -3.77
C VAL I 15 -61.45 14.75 -4.00
N ALA I 16 -61.79 15.00 -5.26
CA ALA I 16 -63.02 15.70 -5.60
C ALA I 16 -63.42 15.55 -7.06
N HIS I 17 -64.71 15.28 -7.29
CA HIS I 17 -65.33 15.31 -8.61
C HIS I 17 -66.59 16.15 -8.44
N VAL I 18 -66.70 17.25 -9.19
CA VAL I 18 -67.92 18.09 -9.15
C VAL I 18 -68.46 18.42 -10.54
N VAL I 19 -69.68 17.94 -10.81
CA VAL I 19 -70.34 18.11 -12.10
C VAL I 19 -71.05 19.46 -12.17
N ALA I 20 -71.21 19.96 -13.39
CA ALA I 20 -71.80 21.28 -13.63
C ALA I 20 -73.30 21.28 -13.37
N ASN I 21 -73.82 22.49 -13.26
CA ASN I 21 -75.23 22.71 -12.95
C ASN I 21 -76.10 22.42 -14.18
N PRO I 22 -77.14 21.57 -14.03
CA PRO I 22 -78.15 21.41 -15.08
C PRO I 22 -78.82 22.72 -15.52
N GLN I 23 -79.13 23.57 -14.56
CA GLN I 23 -79.75 24.89 -14.83
C GLN I 23 -78.82 25.76 -15.66
N ALA I 24 -77.64 26.04 -15.12
CA ALA I 24 -76.63 26.94 -15.70
C ALA I 24 -77.23 28.32 -16.04
N GLU I 25 -78.02 28.39 -17.13
CA GLU I 25 -78.73 29.61 -17.54
C GLU I 25 -77.76 30.73 -17.90
N GLY I 26 -76.85 30.42 -18.81
CA GLY I 26 -75.84 31.37 -19.27
C GLY I 26 -74.63 31.55 -18.35
N GLN I 27 -74.27 30.50 -17.60
CA GLN I 27 -73.03 30.50 -16.81
C GLN I 27 -72.62 29.09 -16.42
N LEU I 28 -71.31 28.85 -16.34
CA LEU I 28 -70.78 27.57 -15.91
C LEU I 28 -70.70 27.58 -14.38
N GLN I 29 -71.36 26.61 -13.75
CA GLN I 29 -71.55 26.57 -12.31
C GLN I 29 -71.53 25.13 -11.79
N TRP I 30 -70.85 24.92 -10.67
CA TRP I 30 -70.48 23.57 -10.20
C TRP I 30 -71.45 23.01 -9.16
N LEU I 31 -71.22 21.75 -8.76
CA LEU I 31 -71.95 21.10 -7.67
C LEU I 31 -70.95 20.35 -6.77
N LEU I 38 -69.36 14.96 -5.58
CA LEU I 38 -68.70 14.47 -4.37
C LEU I 38 -67.44 15.26 -4.02
N LEU I 39 -67.14 15.32 -2.73
CA LEU I 39 -65.89 15.87 -2.19
C LEU I 39 -65.43 14.92 -1.09
N ALA I 40 -64.14 14.92 -0.75
CA ALA I 40 -63.63 14.03 0.30
C ALA I 40 -62.30 14.46 0.92
N ASN I 41 -62.22 14.28 2.24
CA ASN I 41 -61.03 14.56 3.04
C ASN I 41 -60.59 16.03 2.96
N GLY I 42 -61.50 16.91 3.37
CA GLY I 42 -61.22 18.34 3.47
C GLY I 42 -61.23 19.14 2.17
N VAL I 43 -61.66 18.54 1.06
CA VAL I 43 -61.83 19.28 -0.18
C VAL I 43 -63.20 19.97 -0.11
N GLU I 44 -63.21 21.26 -0.44
CA GLU I 44 -64.42 22.10 -0.34
C GLU I 44 -64.69 22.82 -1.65
N LEU I 45 -65.89 23.38 -1.78
CA LEU I 45 -66.32 24.11 -2.99
C LEU I 45 -67.01 25.44 -2.62
N ARG I 46 -66.19 26.47 -2.47
CA ARG I 46 -66.64 27.81 -2.08
C ARG I 46 -66.59 28.71 -3.32
N ASP I 47 -67.64 29.51 -3.52
CA ASP I 47 -67.68 30.53 -4.60
C ASP I 47 -67.41 29.96 -6.01
N ASN I 48 -67.94 28.76 -6.27
CA ASN I 48 -67.72 28.03 -7.53
C ASN I 48 -66.24 27.68 -7.79
N GLN I 49 -65.49 27.42 -6.72
CA GLN I 49 -64.04 27.17 -6.79
C GLN I 49 -63.61 26.12 -5.76
N LEU I 50 -62.76 25.17 -6.18
CA LEU I 50 -62.23 24.12 -5.30
C LEU I 50 -61.07 24.62 -4.46
N VAL I 51 -61.03 24.22 -3.19
CA VAL I 51 -60.02 24.67 -2.22
C VAL I 51 -59.20 23.46 -1.76
N VAL I 52 -57.91 23.70 -1.51
CA VAL I 52 -56.99 22.67 -1.05
C VAL I 52 -57.00 22.57 0.48
N PRO I 53 -57.13 21.34 1.02
CA PRO I 53 -56.77 21.11 2.42
C PRO I 53 -55.23 21.08 2.59
N SER I 54 -54.59 19.91 2.73
CA SER I 54 -53.15 19.87 3.04
C SER I 54 -52.33 20.09 1.78
N GLU I 55 -51.04 20.36 1.96
CA GLU I 55 -50.12 20.54 0.83
C GLU I 55 -49.78 19.18 0.18
N GLY I 56 -49.42 19.25 -1.11
CA GLY I 56 -48.92 18.08 -1.84
C GLY I 56 -49.05 18.18 -3.35
N LEU I 57 -48.90 17.03 -4.00
CA LEU I 57 -48.98 16.93 -5.46
C LEU I 57 -50.37 16.46 -5.84
N TYR I 58 -51.08 17.31 -6.58
CA TYR I 58 -52.45 17.04 -6.96
C TYR I 58 -52.48 16.84 -8.45
N LEU I 59 -53.18 15.80 -8.85
CA LEU I 59 -53.60 15.67 -10.22
C LEU I 59 -54.79 16.60 -10.35
N ILE I 60 -54.91 17.23 -11.51
CA ILE I 60 -55.94 18.22 -11.77
C ILE I 60 -56.47 18.01 -13.18
N TYR I 61 -57.79 18.15 -13.36
CA TYR I 61 -58.41 17.96 -14.67
C TYR I 61 -59.79 18.61 -14.76
N SER I 62 -60.32 18.63 -15.98
CA SER I 62 -61.67 19.09 -16.24
C SER I 62 -62.18 18.63 -17.61
N GLN I 63 -63.47 18.89 -17.87
CA GLN I 63 -64.01 18.81 -19.23
C GLN I 63 -65.27 19.65 -19.41
N VAL I 64 -65.46 20.18 -20.61
CA VAL I 64 -66.67 20.92 -21.00
C VAL I 64 -67.08 20.55 -22.41
N LEU I 65 -68.38 20.62 -22.67
CA LEU I 65 -68.97 20.26 -23.96
C LEU I 65 -69.67 21.47 -24.55
N PHE I 66 -69.32 21.79 -25.79
CA PHE I 66 -69.97 22.89 -26.51
C PHE I 66 -70.82 22.35 -27.64
N LYS I 67 -72.11 22.71 -27.61
CA LYS I 67 -73.04 22.43 -28.70
C LYS I 67 -73.43 23.74 -29.37
N GLY I 68 -73.65 23.69 -30.69
CA GLY I 68 -74.14 24.83 -31.45
C GLY I 68 -75.12 24.41 -32.53
N GLN I 69 -76.13 25.27 -32.71
CA GLN I 69 -77.19 25.05 -33.70
C GLN I 69 -77.06 26.13 -34.78
N GLY I 70 -76.53 25.72 -35.94
CA GLY I 70 -76.17 26.65 -37.01
C GLY I 70 -74.73 27.10 -36.90
N CYS I 71 -74.41 28.19 -37.57
CA CYS I 71 -73.06 28.74 -37.59
C CYS I 71 -73.13 30.25 -37.94
N PRO I 72 -72.98 31.13 -36.93
CA PRO I 72 -73.31 32.54 -37.12
C PRO I 72 -72.28 33.31 -37.93
N SER I 73 -72.62 34.58 -38.23
CA SER I 73 -71.72 35.48 -38.94
C SER I 73 -70.52 35.87 -38.07
N THR I 74 -70.77 36.10 -36.78
CA THR I 74 -69.71 36.40 -35.81
C THR I 74 -68.79 35.19 -35.62
N HIS I 75 -67.47 35.42 -35.67
CA HIS I 75 -66.49 34.33 -35.49
C HIS I 75 -66.46 33.88 -34.03
N VAL I 76 -67.11 32.75 -33.78
CA VAL I 76 -67.24 32.17 -32.44
C VAL I 76 -65.88 31.61 -32.02
N LEU I 77 -65.54 31.80 -30.75
CA LEU I 77 -64.19 31.59 -30.26
C LEU I 77 -64.27 31.08 -28.81
N LEU I 78 -64.06 29.78 -28.62
CA LEU I 78 -64.37 29.09 -27.36
C LEU I 78 -63.13 28.81 -26.54
N THR I 79 -63.10 29.32 -25.32
CA THR I 79 -61.97 29.16 -24.41
C THR I 79 -62.45 28.42 -23.19
N HIS I 80 -61.65 27.48 -22.71
CA HIS I 80 -61.87 26.84 -21.41
C HIS I 80 -60.53 26.81 -20.68
N THR I 81 -60.53 27.29 -19.43
CA THR I 81 -59.31 27.67 -18.72
C THR I 81 -59.38 27.46 -17.21
N ILE I 82 -58.53 26.57 -16.68
CA ILE I 82 -58.40 26.40 -15.22
C ILE I 82 -57.31 27.34 -14.73
N SER I 83 -57.61 28.03 -13.63
CA SER I 83 -56.74 29.06 -13.07
C SER I 83 -56.50 28.81 -11.59
N ARG I 84 -55.25 28.95 -11.16
CA ARG I 84 -54.89 28.90 -9.74
C ARG I 84 -54.92 30.28 -9.10
N ILE I 85 -55.27 30.32 -7.82
CA ILE I 85 -55.19 31.50 -7.00
C ILE I 85 -54.48 31.08 -5.72
N ALA I 86 -53.17 31.35 -5.67
CA ALA I 86 -52.32 30.95 -4.55
C ALA I 86 -52.61 31.77 -3.29
N VAL I 87 -52.23 31.22 -2.14
CA VAL I 87 -52.28 31.93 -0.86
C VAL I 87 -51.08 32.90 -0.78
N SER I 88 -49.98 32.49 -1.40
CA SER I 88 -48.79 33.35 -1.58
C SER I 88 -49.11 34.63 -2.36
N TYR I 89 -49.83 34.47 -3.47
CA TYR I 89 -49.86 35.48 -4.53
C TYR I 89 -51.19 36.24 -4.73
N GLN I 90 -52.32 35.67 -4.32
CA GLN I 90 -53.67 36.28 -4.47
C GLN I 90 -54.06 36.81 -5.88
N THR I 91 -53.28 36.43 -6.91
CA THR I 91 -53.51 36.85 -8.30
C THR I 91 -53.79 35.58 -9.10
N LYS I 92 -54.56 35.73 -10.18
CA LYS I 92 -55.17 34.60 -10.89
C LYS I 92 -54.27 34.08 -12.02
N VAL I 93 -53.49 33.04 -11.72
CA VAL I 93 -52.54 32.45 -12.68
C VAL I 93 -53.20 31.32 -13.48
N ASN I 94 -52.92 31.24 -14.78
CA ASN I 94 -53.43 30.13 -15.63
C ASN I 94 -52.64 28.84 -15.44
N LEU I 95 -53.35 27.76 -15.08
CA LEU I 95 -52.76 26.41 -15.01
C LEU I 95 -52.85 25.68 -16.36
N LEU I 96 -54.07 25.60 -16.88
CA LEU I 96 -54.38 24.83 -18.08
C LEU I 96 -55.36 25.63 -18.90
N SER I 97 -55.15 25.72 -20.21
CA SER I 97 -56.03 26.55 -21.04
C SER I 97 -56.09 26.05 -22.48
N ALA I 98 -57.22 26.33 -23.13
CA ALA I 98 -57.42 25.90 -24.53
C ALA I 98 -58.53 26.68 -25.22
N ILE I 99 -58.31 26.92 -26.50
CA ILE I 99 -59.13 27.81 -27.30
C ILE I 99 -59.49 27.07 -28.58
N LYS I 100 -60.75 27.20 -29.02
CA LYS I 100 -61.29 26.39 -30.13
C LYS I 100 -62.04 27.25 -31.14
N SER I 101 -61.87 26.91 -32.43
CA SER I 101 -62.59 27.55 -33.54
C SER I 101 -63.61 26.54 -34.10
N PRO I 102 -64.84 26.54 -33.56
CA PRO I 102 -65.83 25.60 -34.06
C PRO I 102 -66.33 25.96 -35.45
N CYS I 103 -66.62 27.24 -35.64
CA CYS I 103 -67.41 27.68 -36.76
C CYS I 103 -66.50 28.24 -37.84
N GLN I 104 -66.32 27.44 -38.90
CA GLN I 104 -65.59 27.84 -40.09
C GLN I 104 -66.36 28.85 -40.96
N ARG I 105 -67.66 28.58 -41.19
CA ARG I 105 -68.42 29.17 -42.31
C ARG I 105 -69.90 29.46 -41.98
N GLU I 106 -70.45 30.54 -42.54
CA GLU I 106 -71.88 30.90 -42.37
C GLU I 106 -72.78 29.92 -43.12
N THR I 107 -73.86 29.49 -42.46
CA THR I 107 -74.83 28.56 -43.05
C THR I 107 -76.00 29.23 -43.82
N PRO I 108 -76.82 30.11 -43.16
CA PRO I 108 -77.96 30.69 -43.88
C PRO I 108 -77.56 31.81 -44.83
N LYS I 114 -76.50 24.15 -40.40
CA LYS I 114 -76.24 22.84 -39.81
C LYS I 114 -75.54 22.91 -38.44
N PRO I 115 -75.76 21.91 -37.56
CA PRO I 115 -75.18 21.89 -36.20
C PRO I 115 -73.71 21.48 -36.11
N TRP I 116 -73.11 21.65 -34.92
CA TRP I 116 -71.74 21.18 -34.63
C TRP I 116 -71.56 20.82 -33.15
N TYR I 117 -70.50 20.04 -32.88
CA TYR I 117 -70.15 19.56 -31.52
C TYR I 117 -68.65 19.67 -31.25
N GLU I 118 -68.28 20.23 -30.09
CA GLU I 118 -66.85 20.41 -29.73
C GLU I 118 -66.60 20.28 -28.21
N PRO I 119 -65.86 19.24 -27.79
CA PRO I 119 -65.46 19.17 -26.40
C PRO I 119 -64.16 19.93 -26.17
N ILE I 120 -63.88 20.24 -24.91
CA ILE I 120 -62.53 20.59 -24.48
C ILE I 120 -62.26 19.88 -23.16
N TYR I 121 -61.09 19.24 -23.08
CA TYR I 121 -60.59 18.72 -21.81
C TYR I 121 -59.18 19.25 -21.50
N LEU I 122 -58.91 19.40 -20.21
CA LEU I 122 -57.64 19.89 -19.70
C LEU I 122 -57.19 18.96 -18.60
N GLY I 123 -55.89 18.90 -18.37
CA GLY I 123 -55.40 18.13 -17.23
C GLY I 123 -53.91 18.18 -17.02
N GLY I 124 -53.52 18.02 -15.75
CA GLY I 124 -52.11 18.00 -15.37
C GLY I 124 -51.89 17.78 -13.89
N VAL I 125 -50.65 17.46 -13.55
CA VAL I 125 -50.22 17.31 -12.16
C VAL I 125 -49.52 18.60 -11.74
N PHE I 126 -49.88 19.11 -10.56
CA PHE I 126 -49.33 20.34 -10.01
C PHE I 126 -49.00 20.19 -8.52
N GLN I 127 -47.94 20.89 -8.09
CA GLN I 127 -47.69 21.13 -6.67
C GLN I 127 -48.66 22.22 -6.28
N LEU I 128 -49.27 22.08 -5.10
CA LEU I 128 -50.20 23.08 -4.57
C LEU I 128 -50.11 23.20 -3.06
N GLU I 129 -50.20 24.43 -2.57
CA GLU I 129 -50.13 24.73 -1.14
C GLU I 129 -51.52 24.74 -0.50
N LYS I 130 -51.54 24.67 0.83
CA LYS I 130 -52.78 24.74 1.59
C LYS I 130 -53.44 26.10 1.38
N GLY I 131 -54.71 26.06 0.95
CA GLY I 131 -55.52 27.27 0.71
C GLY I 131 -55.58 27.79 -0.73
N ASP I 132 -54.92 27.12 -1.67
CA ASP I 132 -54.92 27.55 -3.08
C ASP I 132 -56.30 27.32 -3.70
N ARG I 133 -56.83 28.31 -4.40
CA ARG I 133 -58.14 28.20 -5.04
C ARG I 133 -58.03 27.92 -6.54
N LEU I 134 -58.90 27.04 -7.04
CA LEU I 134 -58.87 26.55 -8.43
C LEU I 134 -60.22 26.81 -9.08
N SER I 135 -60.21 27.09 -10.39
CA SER I 135 -61.39 27.64 -11.05
C SER I 135 -61.47 27.29 -12.53
N ALA I 136 -62.30 26.31 -12.85
CA ALA I 136 -62.56 25.92 -14.23
C ALA I 136 -63.63 26.85 -14.84
N GLU I 137 -63.23 27.62 -15.85
CA GLU I 137 -64.04 28.70 -16.43
C GLU I 137 -64.13 28.65 -17.94
N ILE I 138 -65.12 29.36 -18.48
CA ILE I 138 -65.31 29.48 -19.93
C ILE I 138 -65.75 30.88 -20.32
N ASN I 139 -65.29 31.35 -21.47
CA ASN I 139 -65.72 32.66 -21.98
C ASN I 139 -67.15 32.66 -22.55
N ARG I 140 -67.57 31.53 -23.13
CA ARG I 140 -68.88 31.41 -23.80
C ARG I 140 -69.80 30.35 -23.16
N PRO I 141 -70.61 30.76 -22.16
CA PRO I 141 -71.55 29.81 -21.54
C PRO I 141 -72.72 29.44 -22.44
N ASP I 142 -73.32 30.43 -23.09
CA ASP I 142 -74.39 30.26 -24.12
C ASP I 142 -74.28 29.00 -25.02
N TYR I 143 -73.06 28.67 -25.44
CA TYR I 143 -72.80 27.46 -26.24
C TYR I 143 -72.57 26.17 -25.42
N LEU I 144 -72.79 26.20 -24.11
CA LEU I 144 -72.64 24.99 -23.26
C LEU I 144 -73.69 23.94 -23.58
N ASP I 145 -73.26 22.68 -23.54
CA ASP I 145 -74.14 21.53 -23.66
C ASP I 145 -74.28 20.85 -22.30
N PHE I 146 -75.46 20.99 -21.69
CA PHE I 146 -75.79 20.31 -20.43
C PHE I 146 -76.79 19.16 -20.68
N ALA I 147 -76.53 18.39 -21.75
CA ALA I 147 -77.44 17.33 -22.23
C ALA I 147 -76.84 15.91 -22.24
N GLU I 148 -75.59 15.76 -22.71
CA GLU I 148 -74.97 14.43 -22.91
C GLU I 148 -74.55 13.72 -21.61
N SER I 149 -75.54 13.22 -20.86
CA SER I 149 -75.35 12.52 -19.57
C SER I 149 -74.61 13.31 -18.46
N GLY I 150 -74.54 14.64 -18.59
CA GLY I 150 -73.87 15.50 -17.60
C GLY I 150 -72.36 15.36 -17.50
N GLN I 151 -71.68 15.28 -18.65
CA GLN I 151 -70.21 15.08 -18.71
C GLN I 151 -69.37 16.40 -18.73
N VAL I 152 -69.92 17.47 -18.15
CA VAL I 152 -69.15 18.66 -17.81
C VAL I 152 -68.77 18.49 -16.33
N TYR I 153 -67.49 18.19 -16.09
CA TYR I 153 -66.97 17.88 -14.73
C TYR I 153 -65.62 18.51 -14.47
N PHE I 154 -65.22 18.53 -13.20
CA PHE I 154 -64.08 19.31 -12.73
C PHE I 154 -63.60 18.76 -11.39
N GLY I 155 -62.38 18.21 -11.38
CA GLY I 155 -61.87 17.56 -10.18
C GLY I 155 -60.37 17.62 -9.95
N ILE I 156 -59.98 17.27 -8.73
CA ILE I 156 -58.58 17.13 -8.34
C ILE I 156 -58.41 15.95 -7.42
N ILE I 157 -57.18 15.45 -7.37
CA ILE I 157 -56.84 14.23 -6.67
C ILE I 157 -55.48 14.38 -6.05
N ALA I 158 -55.42 14.38 -4.72
CA ALA I 158 -54.15 14.39 -4.00
C ALA I 158 -53.44 13.10 -4.29
N LEU I 159 -52.14 13.19 -4.60
CA LEU I 159 -51.31 12.00 -4.76
C LEU I 159 -50.65 11.67 -3.42
N SER J 11 -46.57 11.97 -2.13
CA SER J 11 -45.38 12.75 -2.60
C SER J 11 -44.08 11.94 -2.43
N ASP J 12 -43.97 10.83 -3.17
CA ASP J 12 -42.69 10.08 -3.29
C ASP J 12 -42.52 9.24 -4.58
N LYS J 13 -43.25 9.59 -5.65
CA LYS J 13 -43.22 8.87 -6.94
C LYS J 13 -42.90 9.85 -8.09
N PRO J 14 -42.10 9.42 -9.07
CA PRO J 14 -41.67 10.37 -10.09
C PRO J 14 -42.82 11.10 -10.76
N VAL J 15 -42.66 12.40 -10.94
CA VAL J 15 -43.60 13.19 -11.67
C VAL J 15 -42.90 14.31 -12.39
N ALA J 16 -43.60 14.80 -13.41
CA ALA J 16 -43.27 16.05 -14.03
C ALA J 16 -44.49 16.66 -14.68
N HIS J 17 -44.44 17.98 -14.83
CA HIS J 17 -45.33 18.75 -15.70
C HIS J 17 -44.49 19.93 -16.17
N VAL J 18 -44.27 20.06 -17.48
CA VAL J 18 -43.44 21.12 -18.03
C VAL J 18 -44.19 21.91 -19.11
N VAL J 19 -43.87 23.20 -19.23
CA VAL J 19 -44.54 24.11 -20.18
C VAL J 19 -43.52 24.59 -21.21
N ALA J 20 -44.06 25.19 -22.28
CA ALA J 20 -43.23 25.75 -23.34
C ALA J 20 -42.61 27.05 -22.88
N ASN J 21 -41.29 27.13 -22.99
CA ASN J 21 -40.52 28.35 -22.76
C ASN J 21 -40.88 29.44 -23.77
N PRO J 22 -41.48 30.56 -23.30
CA PRO J 22 -41.73 31.70 -24.19
C PRO J 22 -40.51 32.48 -24.71
N GLN J 23 -39.33 32.31 -24.11
CA GLN J 23 -38.08 32.97 -24.58
C GLN J 23 -37.61 32.46 -25.95
N ALA J 24 -37.75 31.15 -26.18
CA ALA J 24 -37.43 30.53 -27.48
C ALA J 24 -38.55 30.84 -28.47
N GLU J 25 -38.22 31.62 -29.51
CA GLU J 25 -39.24 32.36 -30.26
C GLU J 25 -40.09 31.47 -31.15
N GLY J 26 -39.55 31.01 -32.27
CA GLY J 26 -40.28 30.11 -33.20
C GLY J 26 -39.94 28.65 -32.97
N GLN J 27 -40.10 28.20 -31.73
CA GLN J 27 -39.73 26.82 -31.36
C GLN J 27 -40.37 26.36 -30.05
N LEU J 28 -40.37 25.05 -29.85
CA LEU J 28 -40.98 24.39 -28.69
C LEU J 28 -39.87 23.89 -27.78
N GLN J 29 -39.37 24.79 -26.96
CA GLN J 29 -38.44 24.42 -25.91
C GLN J 29 -39.24 24.17 -24.63
N TRP J 30 -39.04 22.99 -24.04
CA TRP J 30 -39.68 22.65 -22.76
C TRP J 30 -38.92 23.39 -21.65
N LEU J 31 -39.70 23.84 -20.65
CA LEU J 31 -39.21 24.66 -19.54
C LEU J 31 -39.78 24.12 -18.22
N ASN J 32 -38.90 23.84 -17.27
CA ASN J 32 -39.31 23.32 -15.96
C ASN J 32 -39.27 24.34 -14.82
N ARG J 33 -38.35 25.31 -14.93
CA ARG J 33 -38.08 26.35 -13.91
C ARG J 33 -39.06 27.52 -13.99
N ARG J 34 -40.27 27.27 -13.47
CA ARG J 34 -41.46 28.08 -13.73
C ARG J 34 -42.51 27.90 -12.64
N ALA J 35 -43.36 28.91 -12.45
CA ALA J 35 -44.51 28.80 -11.55
C ALA J 35 -45.52 27.80 -12.11
N ASN J 36 -46.00 26.89 -11.26
CA ASN J 36 -46.85 25.77 -11.68
C ASN J 36 -46.24 24.89 -12.80
N ALA J 37 -44.94 24.65 -12.69
CA ALA J 37 -44.25 23.65 -13.50
C ALA J 37 -43.29 22.91 -12.59
N LEU J 38 -43.19 21.59 -12.72
CA LEU J 38 -42.49 20.83 -11.69
C LEU J 38 -41.74 19.60 -12.18
N LEU J 39 -40.69 19.27 -11.43
CA LEU J 39 -39.96 18.01 -11.53
C LEU J 39 -39.75 17.51 -10.11
N ALA J 40 -40.16 16.27 -9.84
CA ALA J 40 -40.04 15.68 -8.51
C ALA J 40 -39.70 14.19 -8.58
N ASN J 41 -38.95 13.75 -7.57
CA ASN J 41 -38.61 12.35 -7.35
C ASN J 41 -37.82 11.64 -8.46
N GLY J 42 -37.05 12.40 -9.25
CA GLY J 42 -36.05 11.82 -10.17
C GLY J 42 -36.14 12.14 -11.65
N VAL J 43 -37.18 12.88 -12.03
CA VAL J 43 -37.43 13.15 -13.43
C VAL J 43 -36.52 14.34 -13.81
N GLU J 44 -35.56 14.10 -14.70
CA GLU J 44 -34.72 15.14 -15.28
C GLU J 44 -35.36 15.67 -16.59
N LEU J 45 -35.25 16.99 -16.83
CA LEU J 45 -35.45 17.57 -18.17
C LEU J 45 -34.07 17.76 -18.73
N ARG J 46 -33.75 17.02 -19.80
CA ARG J 46 -32.40 17.02 -20.34
C ARG J 46 -32.47 16.82 -21.85
N ASP J 47 -31.72 17.65 -22.58
CA ASP J 47 -31.74 17.66 -24.04
C ASP J 47 -33.17 17.75 -24.57
N ASN J 48 -33.97 18.63 -23.95
CA ASN J 48 -35.38 18.86 -24.29
C ASN J 48 -36.32 17.65 -24.17
N GLN J 49 -36.00 16.75 -23.24
CA GLN J 49 -36.70 15.47 -23.08
C GLN J 49 -36.86 15.13 -21.61
N LEU J 50 -38.04 14.63 -21.25
CA LEU J 50 -38.27 14.08 -19.90
C LEU J 50 -37.52 12.75 -19.78
N VAL J 51 -37.19 12.37 -18.55
CA VAL J 51 -36.17 11.32 -18.30
C VAL J 51 -36.49 10.53 -17.03
N VAL J 52 -36.79 9.25 -17.23
CA VAL J 52 -37.40 8.40 -16.20
C VAL J 52 -36.30 7.85 -15.26
N PRO J 53 -36.51 7.95 -13.93
CA PRO J 53 -35.47 7.50 -12.98
C PRO J 53 -35.42 6.00 -12.74
N SER J 54 -36.57 5.36 -12.85
CA SER J 54 -36.74 3.94 -12.55
C SER J 54 -37.94 3.39 -13.32
N GLU J 55 -37.92 2.07 -13.55
CA GLU J 55 -39.00 1.40 -14.30
C GLU J 55 -40.31 1.35 -13.52
N GLY J 56 -41.39 1.15 -14.26
CA GLY J 56 -42.73 1.15 -13.69
C GLY J 56 -43.71 1.72 -14.69
N LEU J 57 -44.94 1.91 -14.23
CA LEU J 57 -46.01 2.40 -15.07
C LEU J 57 -46.19 3.91 -14.91
N TYR J 58 -46.33 4.61 -16.03
CA TYR J 58 -46.42 6.06 -16.09
C TYR J 58 -47.60 6.51 -16.94
N LEU J 59 -48.45 7.33 -16.35
CA LEU J 59 -49.42 8.15 -17.10
C LEU J 59 -48.59 9.21 -17.78
N ILE J 60 -48.89 9.51 -19.04
CA ILE J 60 -48.16 10.53 -19.80
C ILE J 60 -49.15 11.36 -20.60
N TYR J 61 -48.84 12.63 -20.81
CA TYR J 61 -49.77 13.55 -21.45
C TYR J 61 -49.10 14.80 -21.96
N SER J 62 -49.80 15.47 -22.86
CA SER J 62 -49.24 16.58 -23.58
C SER J 62 -50.34 17.30 -24.34
N GLN J 63 -50.51 18.60 -24.08
CA GLN J 63 -51.40 19.43 -24.88
C GLN J 63 -50.57 20.38 -25.70
N VAL J 64 -51.13 20.82 -26.82
CA VAL J 64 -50.58 21.95 -27.57
C VAL J 64 -51.73 22.76 -28.16
N LEU J 65 -51.41 23.98 -28.58
CA LEU J 65 -52.38 24.87 -29.23
C LEU J 65 -51.70 25.52 -30.42
N PHE J 66 -52.27 25.30 -31.60
CA PHE J 66 -51.80 25.89 -32.83
C PHE J 66 -52.81 26.97 -33.22
N LYS J 67 -52.34 28.22 -33.36
CA LYS J 67 -53.16 29.32 -33.87
C LYS J 67 -52.63 29.71 -35.23
N GLY J 68 -53.53 29.97 -36.17
CA GLY J 68 -53.15 30.51 -37.47
C GLY J 68 -54.02 31.69 -37.84
N GLN J 69 -53.38 32.82 -38.11
CA GLN J 69 -54.05 33.99 -38.64
C GLN J 69 -54.47 33.61 -40.05
N GLY J 70 -55.78 33.59 -40.30
CA GLY J 70 -56.32 33.16 -41.59
C GLY J 70 -56.01 31.70 -41.91
N CYS J 71 -56.20 31.35 -43.18
CA CYS J 71 -56.01 29.98 -43.66
C CYS J 71 -55.39 30.07 -45.08
N PRO J 72 -54.03 30.05 -45.16
CA PRO J 72 -53.30 30.47 -46.39
C PRO J 72 -53.57 29.63 -47.64
N SER J 73 -53.04 28.40 -47.68
CA SER J 73 -53.43 27.38 -48.64
C SER J 73 -54.18 26.33 -47.83
N THR J 74 -54.88 25.42 -48.51
CA THR J 74 -55.52 24.28 -47.84
C THR J 74 -54.52 23.24 -47.31
N HIS J 75 -53.24 23.38 -47.66
CA HIS J 75 -52.23 22.36 -47.41
C HIS J 75 -51.39 22.67 -46.16
N VAL J 76 -52.08 23.08 -45.10
CA VAL J 76 -51.50 23.23 -43.78
C VAL J 76 -51.63 21.86 -43.10
N LEU J 77 -50.60 21.48 -42.36
CA LEU J 77 -50.47 20.14 -41.80
C LEU J 77 -49.84 20.23 -40.39
N LEU J 78 -50.68 20.11 -39.37
CA LEU J 78 -50.23 20.15 -37.97
C LEU J 78 -50.05 18.74 -37.43
N THR J 79 -48.98 18.50 -36.66
CA THR J 79 -48.71 17.18 -36.04
C THR J 79 -48.14 17.35 -34.63
N HIS J 80 -48.43 16.40 -33.74
CA HIS J 80 -47.92 16.39 -32.36
C HIS J 80 -47.69 14.94 -31.93
N THR J 81 -46.62 14.70 -31.16
CA THR J 81 -46.08 13.37 -30.98
C THR J 81 -45.24 13.20 -29.72
N ILE J 82 -45.65 12.26 -28.86
CA ILE J 82 -44.88 11.82 -27.69
C ILE J 82 -44.17 10.48 -28.01
N SER J 83 -42.84 10.53 -28.06
CA SER J 83 -41.99 9.41 -28.49
C SER J 83 -41.24 8.87 -27.27
N ARG J 84 -40.37 7.89 -27.47
CA ARG J 84 -39.73 7.17 -26.36
C ARG J 84 -38.45 6.49 -26.79
N ILE J 85 -37.39 6.62 -25.98
CA ILE J 85 -36.07 6.18 -26.39
C ILE J 85 -35.40 5.39 -25.29
N ALA J 86 -35.39 4.08 -25.48
CA ALA J 86 -34.78 3.17 -24.54
C ALA J 86 -33.28 3.35 -24.59
N VAL J 87 -32.63 3.19 -23.45
CA VAL J 87 -31.18 3.18 -23.44
C VAL J 87 -30.70 1.94 -24.17
N SER J 88 -31.32 0.79 -23.93
CA SER J 88 -30.81 -0.49 -24.47
C SER J 88 -31.02 -0.60 -25.96
N TYR J 89 -32.15 -0.09 -26.45
CA TYR J 89 -32.59 -0.31 -27.83
C TYR J 89 -32.35 0.91 -28.73
N GLN J 90 -32.48 2.13 -28.19
CA GLN J 90 -31.96 3.36 -28.83
C GLN J 90 -32.70 3.90 -30.06
N THR J 91 -33.78 3.27 -30.50
CA THR J 91 -34.57 3.88 -31.56
C THR J 91 -35.77 4.60 -30.97
N LYS J 92 -36.22 5.60 -31.73
CA LYS J 92 -37.38 6.41 -31.37
C LYS J 92 -38.65 5.58 -31.58
N VAL J 93 -39.19 5.04 -30.48
CA VAL J 93 -40.38 4.23 -30.50
C VAL J 93 -41.54 5.16 -30.22
N ASN J 94 -42.30 5.49 -31.27
CA ASN J 94 -43.44 6.39 -31.12
C ASN J 94 -44.51 5.79 -30.22
N LEU J 95 -45.00 6.57 -29.27
CA LEU J 95 -46.07 6.12 -28.35
C LEU J 95 -47.43 6.74 -28.67
N LEU J 96 -47.47 8.05 -28.83
CA LEU J 96 -48.70 8.76 -29.17
C LEU J 96 -48.47 9.70 -30.33
N SER J 97 -49.56 10.02 -31.02
CA SER J 97 -49.48 10.66 -32.31
C SER J 97 -50.80 11.31 -32.69
N ALA J 98 -50.73 12.43 -33.41
CA ALA J 98 -51.92 13.07 -34.00
C ALA J 98 -51.54 13.95 -35.15
N ILE J 99 -52.52 14.20 -36.01
CA ILE J 99 -52.32 14.93 -37.28
C ILE J 99 -53.63 15.61 -37.61
N LYS J 100 -53.62 16.94 -37.73
CA LYS J 100 -54.84 17.70 -38.04
C LYS J 100 -54.61 18.63 -39.21
N SER J 101 -55.59 18.67 -40.12
CA SER J 101 -55.62 19.61 -41.24
C SER J 101 -56.78 20.56 -40.95
N PRO J 102 -56.49 21.83 -40.58
CA PRO J 102 -57.54 22.75 -40.16
C PRO J 102 -57.98 23.71 -41.27
N CYS J 103 -57.79 23.29 -42.52
CA CYS J 103 -57.89 24.21 -43.65
C CYS J 103 -58.49 23.51 -44.86
N GLN J 104 -59.81 23.36 -44.81
CA GLN J 104 -60.56 22.70 -45.88
C GLN J 104 -60.59 23.56 -47.13
N ARG J 105 -60.91 24.84 -46.96
CA ARG J 105 -60.77 25.86 -48.02
C ARG J 105 -59.97 27.03 -47.50
N GLU J 106 -59.49 27.87 -48.41
CA GLU J 106 -58.71 29.06 -48.02
C GLU J 106 -59.68 30.13 -47.52
N THR J 107 -59.27 30.88 -46.50
CA THR J 107 -60.07 31.97 -45.94
C THR J 107 -60.00 33.34 -46.65
N PRO J 108 -58.84 33.71 -47.28
CA PRO J 108 -58.74 35.08 -47.78
C PRO J 108 -59.46 35.29 -49.13
N GLU J 109 -60.76 35.57 -49.03
CA GLU J 109 -61.61 35.87 -50.20
C GLU J 109 -61.93 37.37 -50.36
N GLY J 110 -61.79 38.15 -49.27
CA GLY J 110 -61.96 39.62 -49.31
C GLY J 110 -61.69 40.28 -47.97
N ALA J 111 -60.45 40.15 -47.49
CA ALA J 111 -60.03 40.48 -46.10
C ALA J 111 -60.56 39.40 -45.12
N GLU J 112 -60.57 39.72 -43.82
CA GLU J 112 -61.11 38.84 -42.76
C GLU J 112 -60.39 37.50 -42.64
N ALA J 113 -59.08 37.55 -42.44
CA ALA J 113 -58.27 36.38 -42.15
C ALA J 113 -58.62 35.87 -40.75
N LYS J 114 -59.69 35.07 -40.70
CA LYS J 114 -60.27 34.62 -39.43
C LYS J 114 -59.31 33.66 -38.74
N PRO J 115 -58.91 33.99 -37.48
CA PRO J 115 -57.82 33.23 -36.87
C PRO J 115 -58.33 31.90 -36.35
N TRP J 116 -57.88 30.80 -36.95
CA TRP J 116 -58.26 29.46 -36.48
C TRP J 116 -57.41 29.02 -35.30
N TYR J 117 -57.97 28.08 -34.53
CA TYR J 117 -57.37 27.54 -33.31
C TYR J 117 -57.52 26.01 -33.31
N GLU J 118 -56.43 25.31 -32.99
CA GLU J 118 -56.39 23.84 -32.99
C GLU J 118 -55.64 23.33 -31.77
N PRO J 119 -56.35 22.97 -30.69
CA PRO J 119 -55.65 22.28 -29.61
C PRO J 119 -55.44 20.82 -29.97
N ILE J 120 -54.43 20.20 -29.37
CA ILE J 120 -54.26 18.74 -29.43
C ILE J 120 -53.82 18.24 -28.06
N TYR J 121 -54.61 17.37 -27.46
CA TYR J 121 -54.23 16.64 -26.27
C TYR J 121 -53.82 15.23 -26.71
N LEU J 122 -52.76 14.71 -26.12
CA LEU J 122 -52.36 13.30 -26.27
C LEU J 122 -52.11 12.75 -24.89
N GLY J 123 -52.28 11.45 -24.73
CA GLY J 123 -51.90 10.78 -23.50
C GLY J 123 -52.33 9.31 -23.39
N GLY J 124 -51.72 8.62 -22.42
CA GLY J 124 -52.06 7.24 -22.09
C GLY J 124 -51.18 6.72 -20.96
N VAL J 125 -51.27 5.42 -20.66
CA VAL J 125 -50.45 4.80 -19.60
C VAL J 125 -49.53 3.70 -20.13
N PHE J 126 -48.25 3.81 -19.77
CA PHE J 126 -47.17 3.11 -20.47
C PHE J 126 -46.17 2.52 -19.50
N GLN J 127 -45.73 1.30 -19.79
CA GLN J 127 -44.69 0.60 -19.03
C GLN J 127 -43.38 1.10 -19.56
N LEU J 128 -42.65 1.83 -18.72
CA LEU J 128 -41.39 2.45 -19.09
C LEU J 128 -40.25 1.80 -18.34
N GLU J 129 -39.08 1.78 -18.98
CA GLU J 129 -37.86 1.32 -18.36
C GLU J 129 -37.10 2.51 -17.81
N LYS J 130 -36.10 2.18 -17.00
CA LYS J 130 -35.21 3.16 -16.41
C LYS J 130 -34.45 3.88 -17.54
N GLY J 131 -34.29 5.18 -17.39
CA GLY J 131 -33.53 5.99 -18.35
C GLY J 131 -34.18 6.18 -19.69
N ASP J 132 -35.49 6.09 -19.76
CA ASP J 132 -36.16 6.31 -21.04
C ASP J 132 -36.30 7.78 -21.26
N ARG J 133 -36.05 8.23 -22.48
CA ARG J 133 -36.24 9.65 -22.80
C ARG J 133 -37.55 9.81 -23.55
N LEU J 134 -38.45 10.60 -22.98
CA LEU J 134 -39.73 10.93 -23.60
C LEU J 134 -39.70 12.34 -24.18
N SER J 135 -40.32 12.51 -25.34
CA SER J 135 -40.21 13.72 -26.13
C SER J 135 -41.54 14.07 -26.76
N ALA J 136 -42.14 15.16 -26.30
CA ALA J 136 -43.31 15.74 -26.93
C ALA J 136 -42.79 16.72 -27.98
N GLU J 137 -43.38 16.68 -29.18
CA GLU J 137 -42.83 17.37 -30.35
C GLU J 137 -43.93 17.81 -31.28
N ILE J 138 -43.63 18.78 -32.14
CA ILE J 138 -44.56 19.29 -33.16
C ILE J 138 -43.81 19.47 -34.47
N ASN J 139 -44.55 19.68 -35.56
CA ASN J 139 -43.91 19.93 -36.88
C ASN J 139 -43.80 21.41 -37.26
N ARG J 140 -44.77 22.22 -36.81
CA ARG J 140 -44.83 23.65 -37.07
C ARG J 140 -44.76 24.43 -35.76
N PRO J 141 -43.55 24.84 -35.34
CA PRO J 141 -43.43 25.77 -34.20
C PRO J 141 -43.96 27.17 -34.49
N ASP J 142 -43.75 27.67 -35.71
CA ASP J 142 -44.30 28.95 -36.15
C ASP J 142 -45.82 29.15 -36.01
N TYR J 143 -46.59 28.06 -35.95
CA TYR J 143 -48.06 28.13 -35.76
C TYR J 143 -48.51 27.91 -34.29
N LEU J 144 -47.56 27.65 -33.38
CA LEU J 144 -47.83 27.59 -31.91
C LEU J 144 -48.40 28.87 -31.30
N ASP J 145 -48.99 28.73 -30.10
CA ASP J 145 -49.50 29.86 -29.32
C ASP J 145 -49.08 29.78 -27.83
N PHE J 146 -48.20 30.69 -27.39
CA PHE J 146 -47.91 30.91 -25.94
C PHE J 146 -48.65 32.12 -25.36
N ALA J 147 -49.50 32.78 -26.16
CA ALA J 147 -50.18 34.04 -25.78
C ALA J 147 -50.45 34.22 -24.28
N GLU J 148 -51.09 33.22 -23.68
CA GLU J 148 -51.26 33.12 -22.23
C GLU J 148 -50.62 31.82 -21.80
N SER J 149 -50.28 31.71 -20.51
CA SER J 149 -49.64 30.50 -19.97
C SER J 149 -50.62 29.33 -19.92
N GLY J 150 -50.07 28.10 -19.96
CA GLY J 150 -50.84 26.86 -19.76
C GLY J 150 -51.68 26.38 -20.94
N GLN J 151 -51.26 26.78 -22.15
CA GLN J 151 -51.84 26.31 -23.40
C GLN J 151 -51.04 25.15 -24.02
N VAL J 152 -49.83 24.91 -23.50
CA VAL J 152 -48.87 24.01 -24.11
C VAL J 152 -48.07 23.39 -22.99
N TYR J 153 -48.20 22.08 -22.83
CA TYR J 153 -47.51 21.39 -21.75
C TYR J 153 -47.17 19.96 -22.09
N PHE J 154 -46.46 19.30 -21.17
CA PHE J 154 -45.97 17.95 -21.39
C PHE J 154 -45.57 17.43 -20.04
N GLY J 155 -46.24 16.37 -19.58
CA GLY J 155 -45.97 15.82 -18.26
C GLY J 155 -46.16 14.31 -18.16
N ILE J 156 -45.60 13.74 -17.09
CA ILE J 156 -45.79 12.34 -16.73
C ILE J 156 -46.02 12.21 -15.24
N ILE J 157 -46.74 11.15 -14.86
CA ILE J 157 -46.96 10.77 -13.46
C ILE J 157 -46.71 9.27 -13.32
N ALA J 158 -45.86 8.89 -12.36
CA ALA J 158 -45.50 7.49 -12.13
C ALA J 158 -46.57 6.88 -11.25
N LEU J 159 -47.34 5.94 -11.77
CA LEU J 159 -48.52 5.41 -11.04
C LEU J 159 -48.13 4.40 -9.98
N PRO K 10 -73.31 13.89 -8.45
CA PRO K 10 -74.11 12.67 -8.58
C PRO K 10 -74.27 12.18 -10.04
N SER K 11 -73.53 11.13 -10.40
CA SER K 11 -73.57 10.52 -11.75
C SER K 11 -74.91 9.77 -11.95
N ASP K 12 -75.36 9.66 -13.22
CA ASP K 12 -76.70 9.09 -13.53
C ASP K 12 -76.71 7.61 -13.99
N LYS K 13 -75.58 7.08 -14.46
CA LYS K 13 -75.45 5.66 -14.86
C LYS K 13 -74.81 4.83 -13.72
N PRO K 14 -75.00 3.48 -13.75
CA PRO K 14 -74.62 2.67 -12.58
C PRO K 14 -73.12 2.61 -12.29
N VAL K 15 -72.72 3.10 -11.11
CA VAL K 15 -71.33 3.05 -10.63
C VAL K 15 -71.30 2.63 -9.16
N ALA K 16 -70.19 2.05 -8.72
CA ALA K 16 -70.03 1.62 -7.33
C ALA K 16 -68.58 1.35 -6.96
N HIS K 17 -68.20 1.78 -5.76
CA HIS K 17 -66.87 1.57 -5.19
C HIS K 17 -67.06 1.34 -3.70
N VAL K 18 -66.58 0.21 -3.20
CA VAL K 18 -66.72 -0.11 -1.77
C VAL K 18 -65.39 -0.60 -1.19
N VAL K 19 -65.13 -0.22 0.07
CA VAL K 19 -63.88 -0.55 0.77
C VAL K 19 -64.17 -1.51 1.93
N ALA K 20 -63.15 -2.27 2.33
CA ALA K 20 -63.27 -3.28 3.39
C ALA K 20 -63.33 -2.65 4.78
N ASN K 21 -63.71 -3.47 5.77
CA ASN K 21 -63.87 -3.02 7.16
C ASN K 21 -62.80 -3.61 8.08
N PRO K 22 -61.98 -2.75 8.72
CA PRO K 22 -61.01 -3.20 9.74
C PRO K 22 -61.61 -3.91 10.96
N GLN K 23 -62.80 -3.48 11.39
CA GLN K 23 -63.49 -4.03 12.57
C GLN K 23 -63.62 -5.56 12.51
N ALA K 24 -63.83 -6.09 11.31
CA ALA K 24 -63.87 -7.53 11.04
C ALA K 24 -62.69 -8.29 11.67
N GLU K 25 -63.01 -9.18 12.61
CA GLU K 25 -62.02 -10.06 13.26
C GLU K 25 -62.05 -11.43 12.59
N GLY K 26 -61.11 -11.66 11.67
CA GLY K 26 -61.02 -12.90 10.93
C GLY K 26 -62.14 -13.07 9.93
N GLN K 27 -62.31 -12.06 9.07
CA GLN K 27 -63.32 -12.05 8.00
C GLN K 27 -63.20 -10.80 7.10
N LEU K 28 -63.88 -10.84 5.95
CA LEU K 28 -63.91 -9.76 4.97
C LEU K 28 -65.30 -9.14 4.91
N GLN K 29 -65.37 -7.81 5.02
CA GLN K 29 -66.63 -7.08 5.15
C GLN K 29 -66.59 -5.72 4.41
N TRP K 30 -67.46 -5.55 3.42
CA TRP K 30 -67.52 -4.33 2.61
C TRP K 30 -68.54 -3.35 3.18
N LEU K 31 -68.12 -2.11 3.40
CA LEU K 31 -69.02 -1.00 3.78
C LEU K 31 -69.27 -0.11 2.58
N ASN K 32 -70.29 0.75 2.69
CA ASN K 32 -70.88 1.42 1.49
C ASN K 32 -70.85 2.95 1.47
N ARG K 33 -71.17 3.59 2.59
CA ARG K 33 -71.15 5.06 2.70
C ARG K 33 -70.12 5.52 3.73
N ARG K 34 -68.87 5.56 3.29
CA ARG K 34 -67.73 6.06 4.06
C ARG K 34 -67.13 7.26 3.33
N ALA K 35 -65.98 7.75 3.80
CA ALA K 35 -65.16 8.71 3.05
C ALA K 35 -64.65 8.13 1.72
N ASN K 36 -64.33 6.83 1.72
CA ASN K 36 -63.80 6.13 0.54
C ASN K 36 -64.84 5.48 -0.39
N ALA K 37 -65.96 5.02 0.16
CA ALA K 37 -66.94 4.19 -0.58
C ALA K 37 -68.15 4.95 -1.14
N LEU K 38 -68.68 4.46 -2.26
CA LEU K 38 -69.85 5.04 -2.93
C LEU K 38 -70.70 3.96 -3.62
N LEU K 39 -72.01 4.11 -3.51
CA LEU K 39 -72.98 3.32 -4.28
C LEU K 39 -73.98 4.30 -4.89
N ALA K 40 -74.33 4.08 -6.16
CA ALA K 40 -75.22 5.01 -6.88
C ALA K 40 -76.00 4.36 -8.03
N ASN K 41 -77.19 4.90 -8.29
CA ASN K 41 -78.05 4.52 -9.43
C ASN K 41 -78.44 3.06 -9.42
N GLY K 42 -79.06 2.65 -8.32
CA GLY K 42 -79.59 1.30 -8.16
C GLY K 42 -78.65 0.26 -7.56
N VAL K 43 -77.36 0.55 -7.50
CA VAL K 43 -76.38 -0.46 -7.06
C VAL K 43 -76.44 -0.58 -5.54
N GLU K 44 -76.93 -1.72 -5.05
CA GLU K 44 -77.03 -2.00 -3.62
C GLU K 44 -75.98 -3.04 -3.19
N LEU K 45 -75.82 -3.16 -1.87
CA LEU K 45 -74.90 -4.11 -1.25
C LEU K 45 -75.66 -4.95 -0.21
N ARG K 46 -75.74 -6.26 -0.44
CA ARG K 46 -76.53 -7.19 0.40
C ARG K 46 -75.80 -8.52 0.64
N ASP K 47 -75.77 -8.96 1.90
CA ASP K 47 -75.04 -10.17 2.34
C ASP K 47 -73.54 -10.09 2.02
N ASN K 48 -72.98 -8.89 2.11
CA ASN K 48 -71.59 -8.59 1.74
C ASN K 48 -71.32 -8.74 0.23
N GLN K 49 -72.37 -8.55 -0.58
CA GLN K 49 -72.33 -8.74 -2.03
C GLN K 49 -72.98 -7.55 -2.73
N LEU K 50 -72.29 -7.00 -3.73
CA LEU K 50 -72.83 -5.91 -4.55
C LEU K 50 -73.91 -6.46 -5.47
N VAL K 51 -74.93 -5.64 -5.73
CA VAL K 51 -76.15 -6.08 -6.42
C VAL K 51 -76.42 -5.21 -7.65
N VAL K 52 -76.47 -5.85 -8.81
CA VAL K 52 -76.59 -5.18 -10.10
C VAL K 52 -78.04 -4.78 -10.39
N PRO K 53 -78.31 -3.47 -10.61
CA PRO K 53 -79.66 -3.01 -10.91
C PRO K 53 -80.10 -3.10 -12.38
N SER K 54 -79.17 -3.23 -13.34
CA SER K 54 -79.52 -3.20 -14.77
C SER K 54 -78.62 -4.07 -15.66
N GLU K 55 -79.12 -4.39 -16.85
CA GLU K 55 -78.33 -5.14 -17.85
C GLU K 55 -77.32 -4.19 -18.48
N GLY K 56 -76.16 -4.73 -18.83
CA GLY K 56 -75.16 -3.96 -19.57
C GLY K 56 -73.75 -4.49 -19.45
N LEU K 57 -72.84 -3.72 -20.04
CA LEU K 57 -71.41 -4.00 -20.02
C LEU K 57 -70.86 -3.32 -18.78
N TYR K 58 -70.09 -4.04 -17.99
CA TYR K 58 -69.55 -3.52 -16.73
C TYR K 58 -68.07 -3.79 -16.63
N LEU K 59 -67.33 -2.74 -16.31
CA LEU K 59 -65.95 -2.86 -15.87
C LEU K 59 -66.01 -3.20 -14.40
N ILE K 60 -65.39 -4.31 -14.03
CA ILE K 60 -65.34 -4.78 -12.65
C ILE K 60 -63.88 -4.75 -12.23
N TYR K 61 -63.63 -4.53 -10.94
CA TYR K 61 -62.27 -4.52 -10.42
C TYR K 61 -62.22 -4.84 -8.95
N SER K 62 -61.05 -5.25 -8.48
CA SER K 62 -60.81 -5.41 -7.05
C SER K 62 -59.34 -5.32 -6.67
N GLN K 63 -59.11 -5.29 -5.36
CA GLN K 63 -57.77 -5.36 -4.82
C GLN K 63 -57.82 -5.71 -3.35
N VAL K 64 -56.86 -6.50 -2.91
CA VAL K 64 -56.59 -6.68 -1.49
C VAL K 64 -55.12 -6.53 -1.29
N LEU K 65 -54.74 -6.41 -0.03
CA LEU K 65 -53.37 -6.21 0.35
C LEU K 65 -53.11 -7.05 1.58
N PHE K 66 -52.15 -7.96 1.50
CA PHE K 66 -51.80 -8.84 2.61
C PHE K 66 -50.43 -8.53 3.18
N LYS K 67 -50.22 -9.04 4.39
CA LYS K 67 -49.01 -8.78 5.15
C LYS K 67 -48.78 -9.88 6.18
N GLY K 68 -47.50 -10.18 6.43
CA GLY K 68 -47.10 -11.08 7.50
C GLY K 68 -45.71 -10.74 8.00
N GLN K 69 -45.51 -10.82 9.32
CA GLN K 69 -44.23 -10.50 9.96
C GLN K 69 -43.42 -11.79 10.07
N GLY K 70 -42.61 -12.05 9.04
CA GLY K 70 -41.90 -13.32 8.92
C GLY K 70 -42.84 -14.41 8.42
N CYS K 71 -42.38 -15.66 8.52
CA CYS K 71 -43.12 -16.83 8.01
C CYS K 71 -43.28 -17.91 9.08
N PRO K 72 -44.39 -18.70 9.01
CA PRO K 72 -44.52 -19.90 9.84
C PRO K 72 -43.92 -21.14 9.16
N SER K 73 -44.00 -22.28 9.84
CA SER K 73 -43.47 -23.55 9.33
C SER K 73 -44.37 -24.13 8.23
N THR K 74 -45.67 -24.20 8.51
CA THR K 74 -46.68 -24.65 7.53
C THR K 74 -46.72 -23.71 6.31
N HIS K 75 -46.84 -24.27 5.11
CA HIS K 75 -46.61 -23.51 3.86
C HIS K 75 -47.75 -22.58 3.47
N VAL K 76 -47.38 -21.36 3.08
CA VAL K 76 -48.28 -20.21 2.96
C VAL K 76 -48.89 -20.20 1.56
N LEU K 77 -50.09 -19.63 1.46
CA LEU K 77 -50.84 -19.58 0.19
C LEU K 77 -51.95 -18.50 0.28
N LEU K 78 -52.17 -17.73 -0.80
CA LEU K 78 -53.18 -16.66 -0.77
C LEU K 78 -53.99 -16.52 -2.07
N THR K 79 -55.33 -16.58 -1.93
CA THR K 79 -56.26 -16.54 -3.05
C THR K 79 -57.18 -15.34 -2.90
N HIS K 80 -57.54 -14.73 -4.02
CA HIS K 80 -58.52 -13.65 -4.06
C HIS K 80 -59.37 -13.84 -5.30
N THR K 81 -60.70 -13.80 -5.10
CA THR K 81 -61.66 -14.15 -6.13
C THR K 81 -62.94 -13.31 -6.08
N ILE K 82 -63.29 -12.70 -7.21
CA ILE K 82 -64.57 -12.02 -7.40
C ILE K 82 -65.48 -13.03 -8.09
N SER K 83 -66.72 -13.15 -7.60
CA SER K 83 -67.69 -14.13 -8.11
C SER K 83 -69.05 -13.47 -8.42
N ARG K 84 -69.57 -13.76 -9.62
CA ARG K 84 -70.94 -13.38 -10.02
C ARG K 84 -71.94 -14.43 -9.54
N ILE K 85 -73.14 -13.98 -9.22
CA ILE K 85 -74.28 -14.87 -8.95
C ILE K 85 -75.50 -14.33 -9.69
N ALA K 86 -75.84 -14.96 -10.82
CA ALA K 86 -77.00 -14.58 -11.62
C ALA K 86 -78.32 -15.04 -10.98
N VAL K 87 -79.44 -14.64 -11.57
CA VAL K 87 -80.78 -15.01 -11.07
C VAL K 87 -81.19 -16.40 -11.59
N SER K 88 -81.07 -16.60 -12.91
CA SER K 88 -81.62 -17.80 -13.58
C SER K 88 -80.82 -19.08 -13.34
N TYR K 89 -79.56 -19.08 -13.76
CA TYR K 89 -78.69 -20.27 -13.73
C TYR K 89 -78.34 -20.68 -12.28
N GLN K 90 -78.11 -19.67 -11.44
CA GLN K 90 -77.99 -19.82 -9.97
C GLN K 90 -76.74 -20.58 -9.50
N THR K 91 -75.61 -20.35 -10.16
CA THR K 91 -74.29 -20.87 -9.74
C THR K 91 -73.33 -19.68 -9.52
N LYS K 92 -72.58 -19.74 -8.43
CA LYS K 92 -71.58 -18.72 -8.10
C LYS K 92 -70.31 -19.01 -8.90
N VAL K 93 -70.12 -18.27 -10.00
CA VAL K 93 -69.02 -18.52 -10.95
C VAL K 93 -67.80 -17.64 -10.66
N ASN K 94 -66.61 -18.16 -10.96
CA ASN K 94 -65.38 -17.39 -10.91
C ASN K 94 -65.15 -16.60 -12.20
N LEU K 95 -65.23 -15.28 -12.08
CA LEU K 95 -64.93 -14.35 -13.17
C LEU K 95 -63.44 -14.03 -13.24
N LEU K 96 -62.87 -13.74 -12.06
CA LEU K 96 -61.52 -13.20 -11.91
C LEU K 96 -60.91 -13.81 -10.65
N SER K 97 -59.70 -14.36 -10.78
CA SER K 97 -59.03 -15.06 -9.67
C SER K 97 -57.51 -15.05 -9.77
N ALA K 98 -56.86 -15.01 -8.60
CA ALA K 98 -55.42 -15.00 -8.49
C ALA K 98 -54.95 -15.81 -7.30
N ILE K 99 -53.72 -16.30 -7.37
CA ILE K 99 -53.08 -17.05 -6.29
C ILE K 99 -51.61 -16.64 -6.21
N LYS K 100 -51.08 -16.51 -4.99
CA LYS K 100 -49.70 -16.04 -4.75
C LYS K 100 -49.01 -16.96 -3.71
N SER K 101 -47.70 -17.18 -3.86
CA SER K 101 -46.90 -17.97 -2.92
C SER K 101 -45.94 -17.04 -2.15
N PRO K 102 -46.48 -16.23 -1.21
CA PRO K 102 -45.69 -15.15 -0.59
C PRO K 102 -44.49 -15.63 0.22
N CYS K 103 -44.58 -16.87 0.72
CA CYS K 103 -43.47 -17.50 1.42
C CYS K 103 -42.91 -18.62 0.55
N GLN K 104 -41.61 -18.85 0.72
CA GLN K 104 -40.85 -19.80 -0.10
C GLN K 104 -39.98 -20.70 0.79
N ALA K 113 -37.89 -12.74 11.88
CA ALA K 113 -39.22 -12.60 11.34
C ALA K 113 -39.37 -11.26 10.61
N LYS K 114 -38.78 -11.19 9.42
CA LYS K 114 -38.77 -9.97 8.61
C LYS K 114 -40.00 -9.92 7.72
N PRO K 115 -40.56 -8.71 7.50
CA PRO K 115 -41.93 -8.57 7.02
C PRO K 115 -42.10 -8.84 5.52
N TRP K 116 -43.23 -9.43 5.15
CA TRP K 116 -43.60 -9.61 3.73
C TRP K 116 -44.95 -8.99 3.43
N TYR K 117 -45.09 -8.43 2.23
CA TYR K 117 -46.33 -7.86 1.73
C TYR K 117 -46.52 -8.37 0.31
N GLU K 118 -47.75 -8.76 -0.03
CA GLU K 118 -48.09 -9.12 -1.41
C GLU K 118 -49.50 -8.61 -1.73
N PRO K 119 -49.63 -7.78 -2.77
CA PRO K 119 -50.97 -7.39 -3.18
C PRO K 119 -51.57 -8.44 -4.08
N ILE K 120 -52.89 -8.43 -4.18
CA ILE K 120 -53.59 -9.14 -5.24
C ILE K 120 -54.68 -8.25 -5.77
N TYR K 121 -54.57 -7.94 -7.06
CA TYR K 121 -55.52 -7.10 -7.76
C TYR K 121 -56.34 -8.03 -8.64
N LEU K 122 -57.39 -7.51 -9.25
CA LEU K 122 -58.21 -8.25 -10.21
C LEU K 122 -59.06 -7.27 -11.00
N GLY K 123 -59.40 -7.62 -12.23
CA GLY K 123 -60.40 -6.86 -12.97
C GLY K 123 -60.60 -7.19 -14.44
N GLY K 124 -61.81 -6.92 -14.93
CA GLY K 124 -62.11 -6.97 -16.36
C GLY K 124 -63.50 -6.49 -16.71
N VAL K 125 -63.79 -6.47 -18.00
CA VAL K 125 -65.13 -6.19 -18.49
C VAL K 125 -65.98 -7.46 -18.62
N PHE K 126 -67.26 -7.36 -18.26
CA PHE K 126 -68.20 -8.49 -18.29
C PHE K 126 -69.62 -8.04 -18.57
N GLN K 127 -70.32 -8.82 -19.39
CA GLN K 127 -71.73 -8.60 -19.66
C GLN K 127 -72.54 -9.03 -18.45
N LEU K 128 -73.49 -8.18 -18.04
CA LEU K 128 -74.36 -8.47 -16.92
C LEU K 128 -75.82 -8.33 -17.33
N GLU K 129 -76.67 -9.15 -16.70
CA GLU K 129 -78.13 -9.00 -16.81
C GLU K 129 -78.62 -8.46 -15.46
N LYS K 130 -79.89 -8.06 -15.40
CA LYS K 130 -80.42 -7.46 -14.19
C LYS K 130 -80.50 -8.47 -13.05
N GLY K 131 -80.12 -8.03 -11.85
CA GLY K 131 -80.21 -8.82 -10.62
C GLY K 131 -79.06 -9.78 -10.34
N ASP K 132 -77.90 -9.52 -10.92
CA ASP K 132 -76.74 -10.36 -10.67
C ASP K 132 -76.02 -9.88 -9.42
N ARG K 133 -75.82 -10.81 -8.48
CA ARG K 133 -75.17 -10.52 -7.20
C ARG K 133 -73.67 -10.79 -7.30
N LEU K 134 -72.88 -9.72 -7.18
CA LEU K 134 -71.42 -9.79 -7.27
C LEU K 134 -70.80 -9.84 -5.87
N SER K 135 -69.80 -10.72 -5.71
CA SER K 135 -69.12 -10.95 -4.42
C SER K 135 -67.63 -10.66 -4.59
N ALA K 136 -66.86 -10.80 -3.51
CA ALA K 136 -65.41 -10.60 -3.56
C ALA K 136 -64.77 -11.19 -2.31
N GLU K 137 -64.02 -12.28 -2.48
CA GLU K 137 -63.71 -13.16 -1.34
C GLU K 137 -62.30 -13.78 -1.38
N ILE K 138 -61.84 -14.17 -0.19
CA ILE K 138 -60.43 -14.51 0.05
C ILE K 138 -60.31 -15.64 1.06
N ASN K 139 -59.30 -16.48 0.90
CA ASN K 139 -59.08 -17.61 1.80
C ASN K 139 -58.65 -17.21 3.22
N ARG K 140 -57.80 -16.19 3.35
CA ARG K 140 -57.14 -15.86 4.62
C ARG K 140 -57.32 -14.40 5.04
N PRO K 141 -58.42 -14.09 5.76
CA PRO K 141 -58.58 -12.75 6.37
C PRO K 141 -57.52 -12.43 7.43
N ASP K 142 -57.11 -13.44 8.18
CA ASP K 142 -56.06 -13.31 9.21
C ASP K 142 -54.78 -12.57 8.76
N TYR K 143 -54.39 -12.73 7.50
CA TYR K 143 -53.24 -11.99 6.94
C TYR K 143 -53.61 -10.74 6.14
N LEU K 144 -54.71 -10.06 6.50
CA LEU K 144 -55.03 -8.74 5.92
C LEU K 144 -54.08 -7.65 6.43
N ASP K 145 -54.06 -6.54 5.70
CA ASP K 145 -53.31 -5.35 6.05
C ASP K 145 -54.21 -4.12 5.92
N PHE K 146 -54.49 -3.45 7.04
CA PHE K 146 -55.30 -2.23 7.07
C PHE K 146 -54.40 -0.99 7.27
N ALA K 147 -53.32 -0.90 6.49
CA ALA K 147 -52.30 0.14 6.67
C ALA K 147 -52.70 1.50 6.08
N GLU K 148 -52.82 1.59 4.76
CA GLU K 148 -53.29 2.81 4.10
C GLU K 148 -54.80 2.70 3.89
N SER K 149 -55.53 3.76 4.23
CA SER K 149 -57.00 3.78 4.08
C SER K 149 -57.39 4.00 2.62
N GLY K 150 -58.16 3.05 2.08
CA GLY K 150 -58.62 3.08 0.67
C GLY K 150 -58.02 2.01 -0.24
N GLN K 151 -56.86 1.45 0.15
CA GLN K 151 -56.08 0.56 -0.73
C GLN K 151 -56.53 -0.92 -0.75
N VAL K 152 -57.50 -1.30 0.09
CA VAL K 152 -58.25 -2.57 -0.07
C VAL K 152 -59.66 -2.19 -0.46
N TYR K 153 -60.14 -2.71 -1.60
CA TYR K 153 -61.38 -2.23 -2.23
C TYR K 153 -61.89 -3.14 -3.33
N PHE K 154 -63.11 -2.84 -3.78
CA PHE K 154 -63.85 -3.68 -4.73
C PHE K 154 -64.92 -2.81 -5.40
N GLY K 155 -65.06 -2.90 -6.73
CA GLY K 155 -65.98 -2.02 -7.45
C GLY K 155 -66.33 -2.38 -8.87
N ILE K 156 -67.41 -1.75 -9.35
CA ILE K 156 -67.94 -1.93 -10.69
C ILE K 156 -68.29 -0.59 -11.33
N ILE K 157 -68.16 -0.53 -12.65
CA ILE K 157 -68.64 0.62 -13.42
C ILE K 157 -69.25 0.08 -14.71
N ALA K 158 -70.53 0.41 -14.95
CA ALA K 158 -71.19 0.13 -16.23
C ALA K 158 -70.66 1.08 -17.29
N LEU K 159 -70.79 0.71 -18.56
CA LEU K 159 -70.35 1.55 -19.68
C LEU K 159 -71.55 2.14 -20.39
N SER L 11 -73.70 5.48 -29.25
CA SER L 11 -72.26 5.09 -29.16
C SER L 11 -72.15 3.67 -28.60
N ASP L 12 -71.48 2.77 -29.34
CA ASP L 12 -71.53 1.33 -29.07
C ASP L 12 -70.24 0.78 -28.39
N LYS L 13 -69.06 1.25 -28.82
CA LYS L 13 -67.77 1.07 -28.09
C LYS L 13 -67.18 -0.34 -28.02
N PRO L 14 -66.22 -0.67 -28.93
CA PRO L 14 -65.47 -1.95 -28.87
C PRO L 14 -65.00 -2.37 -27.48
N VAL L 15 -65.33 -3.60 -27.08
CA VAL L 15 -64.84 -4.22 -25.82
C VAL L 15 -64.51 -5.70 -26.02
N ALA L 16 -63.64 -6.22 -25.16
CA ALA L 16 -63.24 -7.64 -25.21
C ALA L 16 -62.79 -8.21 -23.86
N HIS L 17 -62.99 -9.51 -23.69
CA HIS L 17 -62.46 -10.29 -22.56
C HIS L 17 -62.35 -11.79 -22.93
N VAL L 18 -61.29 -12.15 -23.65
CA VAL L 18 -61.02 -13.55 -23.99
C VAL L 18 -60.30 -14.22 -22.84
N VAL L 19 -60.48 -15.53 -22.72
CA VAL L 19 -59.82 -16.33 -21.69
C VAL L 19 -59.09 -17.53 -22.29
N ALA L 20 -58.30 -18.21 -21.47
CA ALA L 20 -57.57 -19.40 -21.89
C ALA L 20 -58.53 -20.55 -22.21
N ASN L 21 -58.07 -21.46 -23.07
CA ASN L 21 -58.82 -22.65 -23.41
C ASN L 21 -58.38 -23.69 -22.39
N PRO L 22 -59.30 -24.14 -21.51
CA PRO L 22 -58.98 -25.24 -20.59
C PRO L 22 -58.61 -26.56 -21.30
N GLN L 23 -59.37 -26.91 -22.32
CA GLN L 23 -59.21 -28.18 -23.04
C GLN L 23 -57.94 -28.26 -23.91
N ALA L 24 -57.32 -27.11 -24.22
CA ALA L 24 -56.06 -27.09 -24.99
C ALA L 24 -54.90 -27.22 -24.03
N GLU L 25 -54.62 -28.44 -23.60
CA GLU L 25 -53.64 -28.68 -22.54
C GLU L 25 -52.24 -28.18 -22.93
N GLY L 26 -51.64 -27.42 -22.01
CA GLY L 26 -50.27 -26.95 -22.15
C GLY L 26 -50.08 -25.98 -23.28
N GLN L 27 -51.07 -25.12 -23.51
CA GLN L 27 -50.91 -24.01 -24.45
C GLN L 27 -51.92 -22.89 -24.23
N LEU L 28 -51.52 -21.68 -24.64
CA LEU L 28 -52.33 -20.50 -24.51
C LEU L 28 -53.13 -20.27 -25.77
N GLN L 29 -54.32 -20.85 -25.80
CA GLN L 29 -55.33 -20.55 -26.80
C GLN L 29 -56.35 -19.62 -26.15
N TRP L 30 -56.53 -18.44 -26.72
CA TRP L 30 -57.57 -17.52 -26.24
C TRP L 30 -58.94 -17.97 -26.78
N LEU L 31 -60.02 -17.66 -26.05
CA LEU L 31 -61.37 -18.20 -26.33
C LEU L 31 -62.56 -17.24 -26.08
N ASN L 32 -63.32 -16.94 -27.13
CA ASN L 32 -64.51 -16.07 -27.05
C ASN L 32 -65.80 -16.80 -26.69
N ARG L 33 -65.96 -18.02 -27.21
CA ARG L 33 -67.21 -18.76 -27.11
C ARG L 33 -67.34 -19.39 -25.73
N ARG L 34 -67.72 -18.52 -24.79
CA ARG L 34 -67.87 -18.86 -23.38
C ARG L 34 -69.09 -18.12 -22.83
N ALA L 35 -69.51 -18.49 -21.62
CA ALA L 35 -70.25 -17.57 -20.78
C ALA L 35 -69.23 -16.62 -20.11
N ASN L 36 -69.60 -15.34 -19.96
CA ASN L 36 -68.75 -14.26 -19.39
C ASN L 36 -67.74 -13.64 -20.36
N ALA L 37 -66.91 -14.48 -20.97
CA ALA L 37 -66.00 -14.05 -22.03
C ALA L 37 -66.81 -13.50 -23.18
N LEU L 38 -66.42 -12.31 -23.64
CA LEU L 38 -67.19 -11.59 -24.63
C LEU L 38 -66.28 -10.86 -25.61
N LEU L 39 -66.85 -10.63 -26.79
CA LEU L 39 -66.35 -9.67 -27.76
C LEU L 39 -67.57 -8.89 -28.21
N ALA L 40 -67.42 -7.60 -28.41
CA ALA L 40 -68.53 -6.77 -28.85
C ALA L 40 -68.06 -5.60 -29.68
N ASN L 41 -69.00 -5.05 -30.44
CA ASN L 41 -68.78 -3.85 -31.25
C ASN L 41 -67.46 -3.86 -32.06
N GLY L 42 -67.08 -5.02 -32.59
CA GLY L 42 -66.04 -5.10 -33.62
C GLY L 42 -64.84 -5.98 -33.37
N VAL L 43 -64.63 -6.37 -32.12
CA VAL L 43 -63.39 -7.06 -31.76
C VAL L 43 -63.51 -8.52 -32.19
N GLU L 44 -62.55 -8.99 -32.99
CA GLU L 44 -62.47 -10.38 -33.40
C GLU L 44 -61.23 -11.01 -32.79
N LEU L 45 -61.40 -12.17 -32.17
CA LEU L 45 -60.29 -13.08 -31.88
C LEU L 45 -60.05 -13.85 -33.16
N ARG L 46 -58.94 -13.55 -33.82
CA ARG L 46 -58.56 -14.23 -35.06
C ARG L 46 -57.06 -14.52 -35.02
N ASP L 47 -56.69 -15.76 -35.34
CA ASP L 47 -55.32 -16.26 -35.20
C ASP L 47 -54.73 -16.01 -33.80
N ASN L 48 -55.49 -16.40 -32.77
CA ASN L 48 -55.11 -16.21 -31.35
C ASN L 48 -54.97 -14.74 -30.89
N GLN L 49 -55.37 -13.79 -31.73
CA GLN L 49 -55.08 -12.38 -31.52
C GLN L 49 -56.36 -11.56 -31.53
N LEU L 50 -56.50 -10.66 -30.56
CA LEU L 50 -57.57 -9.66 -30.58
C LEU L 50 -57.27 -8.66 -31.69
N VAL L 51 -58.30 -8.32 -32.46
CA VAL L 51 -58.17 -7.49 -33.66
C VAL L 51 -59.00 -6.23 -33.47
N VAL L 52 -58.29 -5.11 -33.43
CA VAL L 52 -58.90 -3.84 -33.07
C VAL L 52 -59.69 -3.39 -34.29
N PRO L 53 -60.97 -3.02 -34.09
CA PRO L 53 -61.83 -2.70 -35.23
C PRO L 53 -61.79 -1.25 -35.72
N SER L 54 -61.34 -0.33 -34.87
CA SER L 54 -61.29 1.09 -35.19
C SER L 54 -60.19 1.80 -34.42
N GLU L 55 -59.70 2.90 -34.99
CA GLU L 55 -58.65 3.70 -34.35
C GLU L 55 -59.19 4.41 -33.10
N GLY L 56 -58.35 4.52 -32.07
CA GLY L 56 -58.75 5.12 -30.79
C GLY L 56 -57.89 4.70 -29.62
N LEU L 57 -58.21 5.23 -28.44
CA LEU L 57 -57.55 4.78 -27.20
C LEU L 57 -58.18 3.48 -26.76
N TYR L 58 -57.37 2.63 -26.14
CA TYR L 58 -57.86 1.37 -25.59
C TYR L 58 -57.16 1.08 -24.29
N LEU L 59 -57.95 0.76 -23.28
CA LEU L 59 -57.42 0.09 -22.11
C LEU L 59 -57.12 -1.33 -22.55
N ILE L 60 -55.96 -1.84 -22.16
CA ILE L 60 -55.54 -3.22 -22.47
C ILE L 60 -55.05 -3.82 -21.16
N TYR L 61 -55.40 -5.08 -20.93
CA TYR L 61 -55.15 -5.73 -19.64
C TYR L 61 -55.11 -7.23 -19.79
N SER L 62 -54.24 -7.87 -19.02
CA SER L 62 -54.03 -9.30 -19.10
C SER L 62 -53.57 -9.88 -17.79
N GLN L 63 -54.15 -11.02 -17.43
CA GLN L 63 -53.66 -11.82 -16.32
C GLN L 63 -53.30 -13.18 -16.84
N VAL L 64 -52.18 -13.73 -16.41
CA VAL L 64 -51.98 -15.17 -16.49
C VAL L 64 -51.50 -15.60 -15.12
N LEU L 65 -51.55 -16.91 -14.87
CA LEU L 65 -51.17 -17.47 -13.58
C LEU L 65 -50.35 -18.72 -13.85
N PHE L 66 -49.18 -18.81 -13.20
CA PHE L 66 -48.31 -19.96 -13.36
C PHE L 66 -48.31 -20.79 -12.09
N LYS L 67 -47.78 -22.02 -12.18
CA LYS L 67 -47.74 -22.99 -11.08
C LYS L 67 -46.71 -24.08 -11.34
N GLY L 68 -45.87 -24.36 -10.34
CA GLY L 68 -44.87 -25.43 -10.42
C GLY L 68 -44.98 -26.34 -9.22
N GLN L 69 -44.62 -27.60 -9.42
CA GLN L 69 -44.59 -28.61 -8.36
C GLN L 69 -43.18 -28.67 -7.82
N GLY L 70 -42.74 -27.56 -7.24
CA GLY L 70 -41.35 -27.39 -6.80
C GLY L 70 -40.50 -26.62 -7.80
N CYS L 71 -39.21 -26.56 -7.49
CA CYS L 71 -38.23 -25.80 -8.24
C CYS L 71 -37.10 -26.75 -8.67
N PRO L 72 -37.19 -27.31 -9.89
CA PRO L 72 -36.15 -28.27 -10.34
C PRO L 72 -34.81 -27.58 -10.61
N SER L 73 -34.88 -26.44 -11.30
CA SER L 73 -33.75 -25.54 -11.49
C SER L 73 -34.09 -24.18 -10.86
N THR L 74 -33.07 -23.31 -10.82
CA THR L 74 -33.26 -21.90 -10.46
C THR L 74 -33.36 -20.99 -11.69
N HIS L 75 -33.11 -21.56 -12.86
CA HIS L 75 -33.11 -20.84 -14.13
C HIS L 75 -34.47 -20.97 -14.83
N VAL L 76 -35.47 -21.43 -14.08
CA VAL L 76 -36.87 -21.29 -14.44
C VAL L 76 -37.14 -19.80 -14.52
N LEU L 77 -37.86 -19.40 -15.58
CA LEU L 77 -37.89 -18.03 -16.06
C LEU L 77 -39.21 -17.79 -16.83
N LEU L 78 -40.05 -16.89 -16.31
CA LEU L 78 -41.45 -16.76 -16.73
C LEU L 78 -41.77 -15.42 -17.37
N THR L 79 -42.08 -15.41 -18.67
CA THR L 79 -42.13 -14.20 -19.46
C THR L 79 -43.47 -14.01 -20.10
N HIS L 80 -44.19 -12.96 -19.71
CA HIS L 80 -45.52 -12.69 -20.26
C HIS L 80 -45.46 -11.35 -21.02
N THR L 81 -45.95 -11.39 -22.26
CA THR L 81 -45.75 -10.37 -23.29
C THR L 81 -47.09 -9.91 -23.80
N ILE L 82 -47.24 -8.60 -24.07
CA ILE L 82 -48.35 -8.09 -24.90
C ILE L 82 -47.80 -7.22 -26.02
N SER L 83 -47.76 -7.77 -27.23
CA SER L 83 -47.23 -7.07 -28.40
C SER L 83 -48.35 -6.51 -29.28
N ARG L 84 -47.98 -5.83 -30.37
CA ARG L 84 -48.91 -5.15 -31.30
C ARG L 84 -48.40 -5.25 -32.74
N ILE L 85 -49.29 -5.54 -33.69
CA ILE L 85 -48.88 -5.64 -35.12
C ILE L 85 -49.84 -4.84 -35.97
N ALA L 86 -49.35 -3.69 -36.41
CA ALA L 86 -50.10 -2.80 -37.26
C ALA L 86 -49.99 -3.32 -38.67
N VAL L 87 -50.91 -2.89 -39.51
CA VAL L 87 -50.93 -3.31 -40.90
C VAL L 87 -49.86 -2.58 -41.73
N SER L 88 -49.81 -1.25 -41.63
CA SER L 88 -48.91 -0.41 -42.45
C SER L 88 -47.42 -0.60 -42.14
N TYR L 89 -47.12 -0.99 -40.90
CA TYR L 89 -45.74 -1.19 -40.43
C TYR L 89 -45.34 -2.69 -40.46
N GLN L 90 -46.23 -3.54 -39.94
CA GLN L 90 -46.10 -5.01 -40.02
C GLN L 90 -44.85 -5.49 -39.33
N THR L 91 -44.67 -5.04 -38.10
CA THR L 91 -43.48 -5.37 -37.31
C THR L 91 -43.93 -5.54 -35.86
N LYS L 92 -43.36 -6.53 -35.17
CA LYS L 92 -43.86 -6.90 -33.86
C LYS L 92 -43.36 -5.96 -32.76
N VAL L 93 -44.25 -5.08 -32.29
CA VAL L 93 -43.91 -4.00 -31.35
C VAL L 93 -44.44 -4.36 -29.99
N ASN L 94 -43.56 -4.45 -29.00
CA ASN L 94 -43.99 -4.71 -27.63
C ASN L 94 -44.54 -3.46 -26.97
N LEU L 95 -45.66 -3.64 -26.27
CA LEU L 95 -46.24 -2.62 -25.43
C LEU L 95 -45.94 -2.95 -23.98
N LEU L 96 -46.24 -4.17 -23.58
CA LEU L 96 -46.14 -4.58 -22.20
C LEU L 96 -45.42 -5.89 -22.07
N SER L 97 -44.88 -6.14 -20.89
CA SER L 97 -43.83 -7.11 -20.71
C SER L 97 -43.54 -7.38 -19.25
N ALA L 98 -43.26 -8.64 -18.89
CA ALA L 98 -42.82 -8.99 -17.52
C ALA L 98 -42.05 -10.29 -17.47
N ILE L 99 -41.16 -10.37 -16.48
CA ILE L 99 -40.22 -11.45 -16.34
C ILE L 99 -40.13 -11.74 -14.85
N LYS L 100 -40.58 -12.94 -14.49
CA LYS L 100 -40.54 -13.43 -13.12
C LYS L 100 -39.64 -14.68 -13.08
N SER L 101 -38.95 -14.85 -11.96
CA SER L 101 -38.00 -15.97 -11.74
C SER L 101 -38.33 -16.54 -10.38
N PRO L 102 -39.25 -17.52 -10.34
CA PRO L 102 -39.80 -17.94 -9.07
C PRO L 102 -38.90 -18.88 -8.27
N CYS L 103 -37.80 -19.35 -8.84
CA CYS L 103 -36.95 -20.33 -8.15
C CYS L 103 -35.59 -19.73 -7.79
N GLN L 104 -35.54 -19.19 -6.58
CA GLN L 104 -34.33 -18.57 -6.02
C GLN L 104 -33.46 -19.65 -5.42
N ARG L 105 -34.10 -20.56 -4.66
CA ARG L 105 -33.48 -21.77 -4.10
C ARG L 105 -34.04 -23.03 -4.79
N GLU L 106 -33.19 -24.03 -5.04
CA GLU L 106 -33.56 -25.21 -5.83
C GLU L 106 -34.66 -26.07 -5.17
N THR L 107 -34.27 -27.04 -4.34
CA THR L 107 -35.12 -28.14 -3.84
C THR L 107 -34.14 -29.29 -3.59
N PRO L 108 -33.94 -29.70 -2.31
CA PRO L 108 -32.96 -30.77 -2.03
C PRO L 108 -33.25 -32.16 -2.64
N GLU L 109 -32.34 -33.12 -2.40
CA GLU L 109 -32.55 -34.53 -2.79
C GLU L 109 -33.80 -35.06 -2.10
N GLY L 110 -33.79 -35.03 -0.76
CA GLY L 110 -34.92 -35.43 0.06
C GLY L 110 -35.88 -34.28 0.25
N ALA L 111 -36.85 -34.15 -0.66
CA ALA L 111 -37.88 -33.11 -0.59
C ALA L 111 -39.10 -33.42 -1.47
N GLU L 112 -40.18 -33.90 -0.84
CA GLU L 112 -41.51 -33.91 -1.47
C GLU L 112 -41.89 -32.44 -1.72
N ALA L 113 -41.57 -31.96 -2.92
CA ALA L 113 -41.48 -30.53 -3.20
C ALA L 113 -42.82 -29.80 -3.10
N LYS L 114 -42.76 -28.52 -2.76
CA LYS L 114 -43.93 -27.71 -2.46
C LYS L 114 -44.38 -26.92 -3.70
N PRO L 115 -45.70 -26.82 -3.91
CA PRO L 115 -46.18 -26.11 -5.09
C PRO L 115 -46.06 -24.60 -4.91
N TRP L 116 -45.68 -23.89 -5.97
CA TRP L 116 -45.63 -22.41 -5.97
C TRP L 116 -46.55 -21.83 -7.01
N TYR L 117 -46.75 -20.52 -6.95
CA TYR L 117 -47.66 -19.79 -7.83
C TYR L 117 -47.17 -18.36 -8.04
N GLU L 118 -47.07 -17.94 -9.31
CA GLU L 118 -46.73 -16.56 -9.67
C GLU L 118 -47.75 -16.02 -10.64
N PRO L 119 -48.76 -15.28 -10.16
CA PRO L 119 -49.60 -14.57 -11.11
C PRO L 119 -48.85 -13.36 -11.65
N ILE L 120 -49.17 -12.96 -12.88
CA ILE L 120 -48.58 -11.82 -13.52
C ILE L 120 -49.71 -11.04 -14.14
N TYR L 121 -49.94 -9.83 -13.64
CA TYR L 121 -50.83 -8.87 -14.31
C TYR L 121 -50.00 -8.02 -15.26
N LEU L 122 -50.67 -7.49 -16.28
CA LEU L 122 -50.10 -6.47 -17.17
C LEU L 122 -51.25 -5.61 -17.64
N GLY L 123 -50.92 -4.44 -18.16
CA GLY L 123 -51.90 -3.62 -18.85
C GLY L 123 -51.66 -2.14 -18.77
N GLY L 124 -52.25 -1.44 -19.73
CA GLY L 124 -52.25 0.00 -19.74
C GLY L 124 -53.22 0.54 -20.77
N VAL L 125 -52.93 1.75 -21.27
CA VAL L 125 -53.81 2.42 -22.22
C VAL L 125 -52.99 2.94 -23.38
N PHE L 126 -53.50 2.67 -24.59
CA PHE L 126 -52.72 2.72 -25.80
C PHE L 126 -53.53 3.20 -26.96
N GLN L 127 -52.95 4.15 -27.67
CA GLN L 127 -53.49 4.59 -28.95
C GLN L 127 -53.32 3.41 -29.88
N LEU L 128 -54.41 2.90 -30.45
CA LEU L 128 -54.36 1.77 -31.41
C LEU L 128 -54.96 2.18 -32.74
N GLU L 129 -54.43 1.62 -33.81
CA GLU L 129 -54.96 1.86 -35.16
C GLU L 129 -55.94 0.76 -35.57
N LYS L 130 -56.73 1.07 -36.59
CA LYS L 130 -57.68 0.13 -37.15
C LYS L 130 -56.98 -1.14 -37.64
N GLY L 131 -57.58 -2.29 -37.34
CA GLY L 131 -57.01 -3.59 -37.71
C GLY L 131 -55.67 -3.97 -37.10
N ASP L 132 -55.40 -3.54 -35.87
CA ASP L 132 -54.14 -3.91 -35.22
C ASP L 132 -54.33 -5.23 -34.52
N ARG L 133 -53.35 -6.11 -34.63
CA ARG L 133 -53.42 -7.39 -33.94
C ARG L 133 -52.69 -7.32 -32.60
N LEU L 134 -53.46 -7.33 -31.51
CA LEU L 134 -52.92 -7.49 -30.15
C LEU L 134 -52.65 -8.97 -29.88
N SER L 135 -51.65 -9.25 -29.06
CA SER L 135 -51.13 -10.61 -28.86
C SER L 135 -50.55 -10.83 -27.45
N ALA L 136 -51.37 -11.35 -26.55
CA ALA L 136 -50.95 -11.74 -25.20
C ALA L 136 -50.31 -13.12 -25.24
N GLU L 137 -49.14 -13.25 -24.62
CA GLU L 137 -48.33 -14.48 -24.74
C GLU L 137 -47.48 -14.79 -23.53
N ILE L 138 -47.15 -16.06 -23.38
CA ILE L 138 -46.22 -16.54 -22.37
C ILE L 138 -45.15 -17.41 -23.04
N ASN L 139 -44.17 -17.86 -22.27
CA ASN L 139 -43.13 -18.77 -22.79
C ASN L 139 -43.17 -20.21 -22.26
N ARG L 140 -43.81 -20.43 -21.11
CA ARG L 140 -43.90 -21.76 -20.47
C ARG L 140 -45.36 -22.18 -20.16
N PRO L 141 -46.09 -22.66 -21.19
CA PRO L 141 -47.45 -23.15 -20.95
C PRO L 141 -47.52 -24.46 -20.15
N ASP L 142 -46.45 -25.23 -20.14
CA ASP L 142 -46.28 -26.32 -19.16
C ASP L 142 -46.38 -25.91 -17.69
N TYR L 143 -46.14 -24.64 -17.38
CA TYR L 143 -46.31 -24.09 -16.02
C TYR L 143 -47.62 -23.29 -15.83
N LEU L 144 -48.42 -23.12 -16.88
CA LEU L 144 -49.72 -22.43 -16.80
C LEU L 144 -50.74 -23.12 -15.90
N ASP L 145 -51.72 -22.36 -15.44
CA ASP L 145 -52.86 -22.92 -14.69
C ASP L 145 -54.19 -22.29 -15.09
N PHE L 146 -55.02 -23.06 -15.80
CA PHE L 146 -56.43 -22.73 -16.02
C PHE L 146 -57.35 -23.69 -15.25
N ALA L 147 -56.79 -24.45 -14.29
CA ALA L 147 -57.57 -25.38 -13.45
C ALA L 147 -58.92 -24.80 -13.00
N GLU L 148 -58.93 -23.49 -12.70
CA GLU L 148 -60.16 -22.74 -12.44
C GLU L 148 -60.41 -21.65 -13.47
N SER L 149 -61.67 -21.24 -13.56
CA SER L 149 -62.08 -20.10 -14.38
C SER L 149 -61.59 -18.80 -13.75
N GLY L 150 -61.28 -17.84 -14.61
CA GLY L 150 -60.90 -16.49 -14.18
C GLY L 150 -59.47 -16.30 -13.71
N GLN L 151 -58.63 -17.32 -13.91
CA GLN L 151 -57.21 -17.25 -13.56
C GLN L 151 -56.38 -16.59 -14.66
N VAL L 152 -56.84 -16.74 -15.90
CA VAL L 152 -56.10 -16.30 -17.06
C VAL L 152 -57.05 -15.57 -17.98
N TYR L 153 -56.71 -14.34 -18.35
CA TYR L 153 -57.56 -13.54 -19.23
C TYR L 153 -56.82 -12.41 -19.89
N PHE L 154 -57.43 -11.93 -20.97
CA PHE L 154 -56.84 -10.89 -21.78
C PHE L 154 -57.99 -10.17 -22.40
N GLY L 155 -58.10 -8.88 -22.08
CA GLY L 155 -59.24 -8.08 -22.55
C GLY L 155 -58.80 -6.71 -22.98
N ILE L 156 -59.70 -6.00 -23.65
CA ILE L 156 -59.53 -4.59 -23.95
C ILE L 156 -60.86 -3.88 -23.83
N ILE L 157 -60.79 -2.55 -23.70
CA ILE L 157 -61.95 -1.66 -23.81
C ILE L 157 -61.50 -0.37 -24.49
N ALA L 158 -62.37 0.20 -25.33
CA ALA L 158 -62.10 1.48 -25.98
C ALA L 158 -62.64 2.61 -25.10
N LEU L 159 -61.77 3.54 -24.71
CA LEU L 159 -62.16 4.62 -23.80
C LEU L 159 -62.80 5.78 -24.57
N SER M 11 -33.46 -2.72 -78.34
CA SER M 11 -33.49 -1.61 -79.35
C SER M 11 -34.80 -1.55 -80.14
N ASP M 12 -35.25 -2.70 -80.64
CA ASP M 12 -36.45 -2.82 -81.48
C ASP M 12 -37.33 -3.99 -81.05
N LYS M 13 -38.17 -3.76 -80.05
CA LYS M 13 -39.06 -4.79 -79.49
C LYS M 13 -40.54 -4.55 -79.86
N PRO M 14 -41.42 -5.55 -79.63
CA PRO M 14 -42.88 -5.33 -79.77
C PRO M 14 -43.51 -4.49 -78.65
N VAL M 15 -44.33 -3.50 -79.02
CA VAL M 15 -45.02 -2.58 -78.08
C VAL M 15 -46.41 -2.18 -78.60
N ALA M 16 -47.36 -1.96 -77.67
CA ALA M 16 -48.70 -1.50 -78.04
C ALA M 16 -49.50 -0.92 -76.87
N HIS M 17 -50.13 0.22 -77.12
CA HIS M 17 -50.97 0.89 -76.16
C HIS M 17 -52.12 1.54 -76.92
N VAL M 18 -53.34 1.13 -76.61
CA VAL M 18 -54.55 1.65 -77.28
C VAL M 18 -55.64 2.02 -76.30
N VAL M 19 -56.53 2.91 -76.73
CA VAL M 19 -57.61 3.39 -75.89
C VAL M 19 -58.96 3.20 -76.54
N ALA M 20 -59.96 3.09 -75.67
CA ALA M 20 -61.31 2.79 -76.05
C ALA M 20 -61.95 3.95 -76.80
N ASN M 21 -62.88 3.61 -77.68
CA ASN M 21 -63.63 4.58 -78.48
C ASN M 21 -64.83 5.09 -77.67
N PRO M 22 -64.97 6.42 -77.54
CA PRO M 22 -66.19 6.97 -76.94
C PRO M 22 -67.36 7.14 -77.93
N GLN M 23 -67.11 6.85 -79.20
CA GLN M 23 -68.14 6.89 -80.24
C GLN M 23 -68.86 5.56 -80.35
N ALA M 24 -68.27 4.50 -79.78
CA ALA M 24 -68.88 3.18 -79.84
C ALA M 24 -70.24 3.23 -79.16
N GLU M 25 -71.25 2.70 -79.82
CA GLU M 25 -72.62 2.76 -79.30
C GLU M 25 -72.77 2.01 -77.98
N GLY M 26 -72.24 0.80 -77.93
CA GLY M 26 -72.31 0.01 -76.70
C GLY M 26 -71.23 -1.02 -76.62
N GLN M 27 -69.99 -0.61 -76.35
CA GLN M 27 -68.91 -1.57 -76.32
C GLN M 27 -67.53 -1.00 -76.00
N LEU M 28 -66.65 -1.86 -75.51
CA LEU M 28 -65.28 -1.48 -75.17
C LEU M 28 -64.44 -1.77 -76.39
N GLN M 29 -64.25 -0.73 -77.21
CA GLN M 29 -63.77 -0.94 -78.54
C GLN M 29 -62.44 -0.28 -78.74
N TRP M 30 -61.41 -1.11 -78.85
CA TRP M 30 -60.04 -0.61 -79.04
C TRP M 30 -59.89 -0.08 -80.46
N LEU M 31 -58.88 0.77 -80.67
CA LEU M 31 -58.76 1.53 -81.92
C LEU M 31 -57.47 1.25 -82.67
N LEU M 38 -52.03 3.38 -80.62
CA LEU M 38 -50.77 3.31 -81.35
C LEU M 38 -49.97 2.02 -81.04
N LEU M 39 -49.38 1.44 -82.08
CA LEU M 39 -48.69 0.13 -82.03
C LEU M 39 -47.41 0.17 -82.90
N ALA M 40 -46.48 -0.74 -82.63
CA ALA M 40 -45.31 -0.90 -83.51
C ALA M 40 -44.58 -2.23 -83.30
N ASN M 41 -43.77 -2.57 -84.31
CA ASN M 41 -42.97 -3.80 -84.37
C ASN M 41 -43.79 -5.08 -84.42
N GLY M 42 -44.69 -5.12 -85.40
CA GLY M 42 -45.48 -6.31 -85.69
C GLY M 42 -46.80 -6.43 -84.96
N VAL M 43 -46.99 -5.66 -83.89
CA VAL M 43 -48.22 -5.76 -83.11
C VAL M 43 -49.36 -5.13 -83.89
N GLU M 44 -50.44 -5.89 -84.05
CA GLU M 44 -51.63 -5.46 -84.78
C GLU M 44 -52.82 -5.56 -83.84
N LEU M 45 -53.85 -4.77 -84.13
CA LEU M 45 -55.13 -4.87 -83.43
C LEU M 45 -56.12 -5.40 -84.45
N ARG M 46 -56.76 -6.52 -84.13
CA ARG M 46 -57.55 -7.27 -85.10
C ARG M 46 -58.76 -7.86 -84.39
N ASP M 47 -59.96 -7.51 -84.85
CA ASP M 47 -61.22 -7.85 -84.21
C ASP M 47 -61.20 -7.54 -82.69
N ASN M 48 -60.77 -6.32 -82.36
CA ASN M 48 -60.73 -5.82 -80.98
C ASN M 48 -59.76 -6.56 -80.06
N GLN M 49 -58.77 -7.23 -80.63
CA GLN M 49 -57.80 -8.04 -79.88
C GLN M 49 -56.36 -7.72 -80.27
N LEU M 50 -55.49 -7.73 -79.27
CA LEU M 50 -54.07 -7.51 -79.52
C LEU M 50 -53.43 -8.83 -79.95
N VAL M 51 -52.63 -8.78 -81.02
CA VAL M 51 -52.05 -9.96 -81.64
C VAL M 51 -50.52 -9.92 -81.59
N VAL M 52 -49.94 -10.89 -80.90
CA VAL M 52 -48.50 -10.95 -80.63
C VAL M 52 -47.70 -11.33 -81.89
N PRO M 53 -46.79 -10.45 -82.35
CA PRO M 53 -45.96 -10.78 -83.51
C PRO M 53 -44.83 -11.77 -83.25
N SER M 54 -44.25 -11.76 -82.04
CA SER M 54 -43.15 -12.69 -81.69
C SER M 54 -43.12 -13.04 -80.20
N GLU M 55 -42.39 -14.10 -79.85
CA GLU M 55 -42.53 -14.74 -78.53
C GLU M 55 -41.68 -14.10 -77.42
N GLY M 56 -41.94 -14.56 -76.20
CA GLY M 56 -41.13 -14.22 -75.03
C GLY M 56 -41.95 -13.67 -73.87
N LEU M 57 -41.29 -12.87 -73.04
CA LEU M 57 -41.90 -12.30 -71.85
C LEU M 57 -42.59 -10.98 -72.18
N TYR M 58 -43.80 -10.84 -71.66
CA TYR M 58 -44.67 -9.72 -71.98
C TYR M 58 -45.27 -9.19 -70.72
N LEU M 59 -45.46 -7.88 -70.73
CA LEU M 59 -45.94 -7.15 -69.59
C LEU M 59 -47.30 -6.68 -70.04
N ILE M 60 -48.34 -7.39 -69.60
CA ILE M 60 -49.69 -7.13 -70.08
C ILE M 60 -50.41 -6.32 -69.02
N TYR M 61 -51.11 -5.28 -69.45
CA TYR M 61 -51.84 -4.41 -68.52
C TYR M 61 -53.04 -3.68 -69.14
N SER M 62 -53.92 -3.17 -68.27
CA SER M 62 -55.09 -2.40 -68.70
C SER M 62 -55.74 -1.52 -67.60
N GLN M 63 -56.69 -0.70 -68.00
CA GLN M 63 -57.63 -0.07 -67.06
C GLN M 63 -58.92 0.35 -67.75
N VAL M 64 -60.00 0.25 -67.00
CA VAL M 64 -61.33 0.69 -67.41
C VAL M 64 -61.98 1.37 -66.23
N LEU M 65 -62.97 2.21 -66.49
CA LEU M 65 -63.44 3.19 -65.50
C LEU M 65 -64.96 3.47 -65.61
N PHE M 66 -65.67 3.09 -64.56
CA PHE M 66 -67.11 3.07 -64.51
C PHE M 66 -67.65 4.22 -63.69
N LYS M 67 -68.79 4.74 -64.14
CA LYS M 67 -69.50 5.86 -63.49
C LYS M 67 -70.97 5.48 -63.37
N GLY M 68 -71.62 5.92 -62.30
CA GLY M 68 -73.07 5.75 -62.19
C GLY M 68 -73.75 6.87 -61.45
N GLN M 69 -74.74 7.49 -62.09
CA GLN M 69 -75.47 8.62 -61.54
C GLN M 69 -76.47 8.17 -60.48
N GLY M 70 -75.95 7.64 -59.36
CA GLY M 70 -76.80 7.07 -58.32
C GLY M 70 -76.91 5.57 -58.45
N CYS M 71 -77.73 4.98 -57.57
CA CYS M 71 -77.76 3.54 -57.33
C CYS M 71 -79.15 2.88 -57.54
N PRO M 72 -79.30 2.05 -58.60
CA PRO M 72 -80.60 1.42 -58.89
C PRO M 72 -80.95 0.24 -57.97
N SER M 73 -82.19 -0.25 -58.09
CA SER M 73 -82.77 -1.30 -57.22
C SER M 73 -82.06 -2.66 -57.33
N THR M 74 -81.77 -3.08 -58.57
CA THR M 74 -81.02 -4.31 -58.82
C THR M 74 -79.54 -4.12 -58.52
N HIS M 75 -78.95 -5.12 -57.85
CA HIS M 75 -77.57 -5.05 -57.38
C HIS M 75 -76.59 -5.08 -58.55
N VAL M 76 -75.74 -4.06 -58.64
CA VAL M 76 -74.87 -3.84 -59.81
C VAL M 76 -73.53 -4.52 -59.60
N LEU M 77 -72.96 -5.02 -60.70
CA LEU M 77 -71.82 -5.94 -60.66
C LEU M 77 -70.96 -5.73 -61.90
N LEU M 78 -69.68 -5.42 -61.69
CA LEU M 78 -68.78 -4.94 -62.75
C LEU M 78 -67.56 -5.83 -62.82
N THR M 79 -67.16 -6.17 -64.05
CA THR M 79 -66.05 -7.09 -64.32
C THR M 79 -65.11 -6.47 -65.33
N HIS M 80 -63.87 -6.95 -65.33
CA HIS M 80 -62.89 -6.58 -66.36
C HIS M 80 -61.85 -7.68 -66.43
N THR M 81 -61.50 -8.09 -67.65
CA THR M 81 -60.85 -9.37 -67.84
C THR M 81 -60.00 -9.36 -69.08
N ILE M 82 -58.69 -9.50 -68.90
CA ILE M 82 -57.79 -9.67 -70.03
C ILE M 82 -57.64 -11.15 -70.26
N SER M 83 -58.23 -11.63 -71.34
CA SER M 83 -58.17 -13.04 -71.70
C SER M 83 -57.03 -13.25 -72.69
N ARG M 84 -56.69 -14.52 -72.92
CA ARG M 84 -55.74 -14.94 -73.96
C ARG M 84 -56.30 -16.09 -74.77
N ILE M 85 -56.12 -16.00 -76.10
CA ILE M 85 -56.60 -17.02 -77.06
C ILE M 85 -55.42 -17.45 -77.92
N ALA M 86 -54.67 -18.42 -77.40
CA ALA M 86 -53.39 -18.81 -77.99
C ALA M 86 -53.58 -19.61 -79.26
N VAL M 87 -52.48 -19.80 -79.97
CA VAL M 87 -52.47 -20.60 -81.21
C VAL M 87 -52.69 -22.10 -80.92
N SER M 88 -52.34 -22.53 -79.70
CA SER M 88 -52.46 -23.92 -79.27
C SER M 88 -53.92 -24.38 -79.11
N TYR M 89 -54.65 -23.75 -78.18
CA TYR M 89 -55.98 -24.26 -77.74
C TYR M 89 -57.21 -23.52 -78.32
N GLN M 90 -57.08 -22.24 -78.68
CA GLN M 90 -58.17 -21.42 -79.30
C GLN M 90 -59.44 -21.15 -78.46
N THR M 91 -59.65 -21.92 -77.40
CA THR M 91 -60.56 -21.54 -76.33
C THR M 91 -59.88 -20.44 -75.50
N LYS M 92 -60.68 -19.77 -74.68
CA LYS M 92 -60.35 -18.44 -74.16
C LYS M 92 -60.01 -18.47 -72.68
N VAL M 93 -58.78 -18.06 -72.32
CA VAL M 93 -58.26 -18.18 -70.93
C VAL M 93 -58.07 -16.83 -70.23
N ASN M 94 -58.54 -16.73 -69.00
CA ASN M 94 -58.28 -15.57 -68.16
C ASN M 94 -56.82 -15.52 -67.77
N LEU M 95 -56.18 -14.38 -68.03
CA LEU M 95 -54.91 -14.02 -67.41
C LEU M 95 -55.13 -13.20 -66.16
N LEU M 96 -55.96 -12.16 -66.26
CA LEU M 96 -56.08 -11.13 -65.23
C LEU M 96 -57.53 -10.70 -65.16
N SER M 97 -58.12 -10.80 -63.97
CA SER M 97 -59.53 -10.43 -63.82
C SER M 97 -59.90 -9.93 -62.43
N ALA M 98 -60.69 -8.84 -62.41
CA ALA M 98 -61.26 -8.29 -61.18
C ALA M 98 -62.76 -8.09 -61.32
N ILE M 99 -63.42 -7.95 -60.17
CA ILE M 99 -64.88 -7.82 -60.07
C ILE M 99 -65.21 -6.86 -58.93
N LYS M 100 -66.10 -5.90 -59.18
CA LYS M 100 -66.44 -4.87 -58.18
C LYS M 100 -67.96 -4.74 -57.98
N SER M 101 -68.35 -4.44 -56.75
CA SER M 101 -69.75 -4.30 -56.36
C SER M 101 -69.92 -2.88 -55.82
N PRO M 102 -69.97 -1.89 -56.73
CA PRO M 102 -69.95 -0.49 -56.31
C PRO M 102 -71.11 -0.11 -55.43
N CYS M 103 -72.29 -0.57 -55.85
CA CYS M 103 -73.52 -0.26 -55.19
C CYS M 103 -73.76 -1.33 -54.14
N GLN M 104 -73.86 -0.90 -52.88
CA GLN M 104 -74.11 -1.81 -51.75
C GLN M 104 -75.61 -2.02 -51.48
N ARG M 105 -76.39 -0.93 -51.56
CA ARG M 105 -77.85 -0.94 -51.39
C ARG M 105 -78.41 0.29 -52.13
N GLU M 106 -79.62 0.15 -52.70
CA GLU M 106 -80.16 1.16 -53.63
C GLU M 106 -80.56 2.48 -52.97
N THR M 107 -80.69 3.53 -53.78
CA THR M 107 -80.77 4.93 -53.27
C THR M 107 -82.17 5.45 -52.86
N PRO M 108 -83.08 5.70 -53.84
CA PRO M 108 -84.20 6.65 -53.65
C PRO M 108 -85.13 6.35 -52.45
N GLU M 109 -84.85 7.01 -51.32
CA GLU M 109 -85.70 6.95 -50.13
C GLU M 109 -86.85 7.93 -50.32
N GLY M 110 -86.51 9.17 -50.67
CA GLY M 110 -87.45 10.16 -51.16
C GLY M 110 -86.82 10.80 -52.37
N ALA M 111 -86.45 9.96 -53.35
CA ALA M 111 -85.59 10.33 -54.48
C ALA M 111 -84.16 10.69 -54.00
N GLU M 112 -83.37 11.35 -54.87
CA GLU M 112 -81.97 11.77 -54.59
C GLU M 112 -81.02 10.58 -54.71
N ALA M 113 -79.98 10.73 -55.56
CA ALA M 113 -78.98 9.67 -55.76
C ALA M 113 -77.69 10.24 -56.38
N LYS M 114 -76.66 10.40 -55.55
CA LYS M 114 -75.40 11.03 -55.98
C LYS M 114 -74.51 10.05 -56.75
N PRO M 115 -73.66 10.58 -57.64
CA PRO M 115 -72.88 9.71 -58.52
C PRO M 115 -71.78 8.94 -57.79
N TRP M 116 -71.29 7.88 -58.44
CA TRP M 116 -70.10 7.14 -57.99
C TRP M 116 -69.18 6.85 -59.18
N TYR M 117 -67.88 6.81 -58.90
CA TYR M 117 -66.87 6.54 -59.91
C TYR M 117 -66.12 5.33 -59.43
N GLU M 118 -65.72 4.44 -60.34
CA GLU M 118 -65.02 3.21 -59.97
C GLU M 118 -64.05 2.76 -61.08
N PRO M 119 -62.75 2.64 -60.76
CA PRO M 119 -61.80 2.11 -61.72
C PRO M 119 -61.64 0.62 -61.53
N ILE M 120 -61.09 -0.05 -62.54
CA ILE M 120 -60.56 -1.39 -62.40
C ILE M 120 -59.33 -1.49 -63.31
N TYR M 121 -58.15 -1.65 -62.70
CA TYR M 121 -56.85 -1.74 -63.40
C TYR M 121 -56.17 -3.10 -63.19
N LEU M 122 -55.46 -3.56 -64.22
CA LEU M 122 -54.92 -4.93 -64.28
C LEU M 122 -53.51 -4.96 -64.85
N GLY M 123 -52.67 -5.83 -64.29
CA GLY M 123 -51.31 -5.97 -64.78
C GLY M 123 -50.62 -7.26 -64.36
N GLY M 124 -49.92 -7.88 -65.30
CA GLY M 124 -49.02 -8.97 -64.99
C GLY M 124 -47.90 -9.09 -65.99
N VAL M 125 -46.95 -9.96 -65.68
CA VAL M 125 -45.92 -10.38 -66.61
C VAL M 125 -46.22 -11.81 -67.04
N PHE M 126 -46.07 -12.08 -68.35
CA PHE M 126 -46.66 -13.26 -69.00
C PHE M 126 -45.83 -13.79 -70.19
N GLN M 127 -45.58 -15.10 -70.22
CA GLN M 127 -44.83 -15.73 -71.31
C GLN M 127 -45.77 -15.96 -72.49
N LEU M 128 -45.42 -15.42 -73.66
CA LEU M 128 -46.29 -15.46 -74.86
C LEU M 128 -45.58 -15.93 -76.12
N GLU M 129 -46.36 -16.54 -77.02
CA GLU M 129 -45.88 -17.05 -78.31
C GLU M 129 -46.36 -16.18 -79.46
N LYS M 130 -45.76 -16.41 -80.63
CA LYS M 130 -46.18 -15.69 -81.84
C LYS M 130 -47.63 -16.06 -82.18
N GLY M 131 -48.36 -15.09 -82.70
CA GLY M 131 -49.74 -15.29 -83.11
C GLY M 131 -50.74 -15.54 -81.99
N ASP M 132 -50.37 -15.25 -80.74
CA ASP M 132 -51.34 -15.33 -79.64
C ASP M 132 -52.21 -14.10 -79.70
N ARG M 133 -53.44 -14.23 -79.22
CA ARG M 133 -54.47 -13.21 -79.40
C ARG M 133 -55.06 -12.85 -78.06
N LEU M 134 -54.73 -11.64 -77.61
CA LEU M 134 -55.14 -11.15 -76.31
C LEU M 134 -56.28 -10.20 -76.47
N SER M 135 -57.14 -10.17 -75.46
CA SER M 135 -58.40 -9.45 -75.51
C SER M 135 -58.62 -8.81 -74.16
N ALA M 136 -59.22 -7.64 -74.15
CA ALA M 136 -59.51 -6.92 -72.92
C ALA M 136 -60.95 -6.54 -72.99
N GLU M 137 -61.69 -6.89 -71.94
CA GLU M 137 -63.14 -6.92 -72.02
C GLU M 137 -63.75 -6.74 -70.65
N ILE M 138 -64.95 -6.18 -70.64
CA ILE M 138 -65.71 -5.92 -69.42
C ILE M 138 -67.06 -6.54 -69.62
N ASN M 139 -67.92 -6.46 -68.60
CA ASN M 139 -69.31 -6.94 -68.73
C ASN M 139 -70.30 -5.85 -69.11
N ARG M 140 -70.19 -4.68 -68.50
CA ARG M 140 -71.19 -3.63 -68.64
C ARG M 140 -70.63 -2.33 -69.25
N PRO M 141 -70.65 -2.21 -70.60
CA PRO M 141 -70.18 -0.96 -71.22
C PRO M 141 -71.17 0.20 -71.08
N ASP M 142 -72.38 -0.09 -70.60
CA ASP M 142 -73.35 0.96 -70.24
C ASP M 142 -73.09 1.67 -68.88
N TYR M 143 -71.94 1.39 -68.25
CA TYR M 143 -71.45 2.19 -67.12
C TYR M 143 -70.09 2.86 -67.36
N LEU M 144 -69.46 2.65 -68.52
CA LEU M 144 -68.16 3.27 -68.80
C LEU M 144 -68.18 4.79 -68.72
N ASP M 145 -67.00 5.33 -68.41
CA ASP M 145 -66.79 6.74 -68.11
C ASP M 145 -65.65 7.26 -69.01
N PHE M 146 -66.01 7.59 -70.25
CA PHE M 146 -65.07 8.14 -71.24
C PHE M 146 -64.68 9.58 -70.97
N ALA M 147 -65.59 10.32 -70.31
CA ALA M 147 -65.31 11.67 -69.78
C ALA M 147 -63.87 11.86 -69.32
N GLU M 148 -63.36 10.90 -68.54
CA GLU M 148 -62.10 11.07 -67.81
C GLU M 148 -60.86 10.90 -68.73
N SER M 149 -60.57 11.93 -69.51
CA SER M 149 -59.32 12.09 -70.30
C SER M 149 -59.03 11.05 -71.40
N GLY M 150 -59.96 10.13 -71.63
CA GLY M 150 -59.69 8.97 -72.49
C GLY M 150 -58.55 8.10 -71.99
N GLN M 151 -58.47 7.92 -70.68
CA GLN M 151 -57.50 7.04 -70.04
C GLN M 151 -58.17 5.74 -69.61
N VAL M 152 -58.89 5.17 -70.55
CA VAL M 152 -59.33 3.79 -70.55
C VAL M 152 -58.44 3.17 -71.61
N TYR M 153 -57.64 2.19 -71.22
CA TYR M 153 -56.62 1.66 -72.11
C TYR M 153 -56.35 0.19 -71.94
N PHE M 154 -55.36 -0.29 -72.69
CA PHE M 154 -55.08 -1.71 -72.77
C PHE M 154 -53.82 -1.79 -73.62
N GLY M 155 -52.76 -2.31 -73.02
CA GLY M 155 -51.47 -2.39 -73.70
C GLY M 155 -50.63 -3.57 -73.28
N ILE M 156 -49.69 -3.94 -74.15
CA ILE M 156 -48.70 -4.97 -73.87
C ILE M 156 -47.30 -4.43 -74.18
N ILE M 157 -46.32 -4.89 -73.42
CA ILE M 157 -44.93 -4.49 -73.64
C ILE M 157 -43.99 -5.68 -73.49
N ALA M 158 -43.39 -6.09 -74.61
CA ALA M 158 -42.40 -7.16 -74.60
C ALA M 158 -41.16 -6.72 -73.82
N LEU M 159 -40.56 -7.66 -73.11
CA LEU M 159 -39.28 -7.46 -72.42
C LEU M 159 -38.21 -8.20 -73.21
N SER N 11 -35.40 -10.63 -71.84
CA SER N 11 -35.29 -12.11 -71.75
C SER N 11 -34.54 -12.55 -70.49
N ASP N 12 -33.33 -12.04 -70.30
CA ASP N 12 -32.42 -12.49 -69.23
C ASP N 12 -32.77 -12.05 -67.79
N LYS N 13 -33.58 -10.99 -67.62
CA LYS N 13 -33.80 -10.38 -66.30
C LYS N 13 -34.83 -11.11 -65.44
N PRO N 14 -34.54 -11.32 -64.14
CA PRO N 14 -35.45 -11.97 -63.17
C PRO N 14 -36.92 -11.54 -63.24
N VAL N 15 -37.81 -12.52 -63.45
CA VAL N 15 -39.25 -12.29 -63.33
C VAL N 15 -39.97 -13.41 -62.59
N ALA N 16 -41.19 -13.13 -62.17
CA ALA N 16 -42.11 -14.15 -61.66
C ALA N 16 -43.55 -13.64 -61.65
N HIS N 17 -44.46 -14.56 -61.91
CA HIS N 17 -45.90 -14.33 -61.77
C HIS N 17 -46.44 -15.65 -61.24
N VAL N 18 -47.15 -15.60 -60.12
CA VAL N 18 -47.74 -16.79 -59.52
C VAL N 18 -49.21 -16.53 -59.25
N VAL N 19 -49.93 -17.57 -58.84
CA VAL N 19 -51.38 -17.49 -58.74
C VAL N 19 -51.93 -18.36 -57.64
N ALA N 20 -52.99 -17.87 -57.01
CA ALA N 20 -53.61 -18.53 -55.88
C ALA N 20 -53.99 -19.90 -56.29
N ASN N 21 -53.70 -20.87 -55.41
CA ASN N 21 -54.09 -22.24 -55.63
C ASN N 21 -55.60 -22.42 -55.48
N PRO N 22 -56.32 -22.72 -56.58
CA PRO N 22 -57.78 -22.86 -56.46
C PRO N 22 -58.26 -24.07 -55.62
N GLN N 23 -57.40 -25.06 -55.42
CA GLN N 23 -57.75 -26.24 -54.64
C GLN N 23 -57.75 -25.98 -53.12
N ALA N 24 -56.67 -25.38 -52.60
CA ALA N 24 -56.50 -25.19 -51.14
C ALA N 24 -57.57 -24.25 -50.54
N GLU N 25 -58.46 -24.84 -49.73
CA GLU N 25 -59.85 -24.35 -49.57
C GLU N 25 -60.05 -22.96 -48.99
N GLY N 26 -59.71 -22.77 -47.72
CA GLY N 26 -59.79 -21.46 -47.06
C GLY N 26 -58.38 -20.98 -46.77
N GLN N 27 -57.59 -20.84 -47.83
CA GLN N 27 -56.16 -20.52 -47.69
C GLN N 27 -55.52 -20.04 -49.02
N LEU N 28 -54.45 -19.24 -48.88
CA LEU N 28 -53.81 -18.51 -49.99
C LEU N 28 -52.38 -19.02 -50.22
N GLN N 29 -52.24 -19.91 -51.19
CA GLN N 29 -50.97 -20.52 -51.57
C GLN N 29 -50.63 -20.01 -52.95
N TRP N 30 -49.37 -19.64 -53.15
CA TRP N 30 -48.91 -19.23 -54.45
C TRP N 30 -48.40 -20.46 -55.19
N LEU N 31 -48.81 -20.58 -56.46
CA LEU N 31 -48.34 -21.61 -57.39
C LEU N 31 -47.71 -20.96 -58.63
N ASN N 32 -46.62 -21.57 -59.10
CA ASN N 32 -45.98 -21.17 -60.36
C ASN N 32 -46.23 -22.14 -61.52
N ARG N 33 -46.21 -23.45 -61.27
CA ARG N 33 -46.39 -24.43 -62.36
C ARG N 33 -47.85 -24.57 -62.80
N ARG N 34 -48.29 -23.56 -63.55
CA ARG N 34 -49.68 -23.46 -63.99
C ARG N 34 -49.79 -22.97 -65.45
N ALA N 35 -51.02 -22.74 -65.89
CA ALA N 35 -51.30 -22.02 -67.11
C ALA N 35 -51.02 -20.53 -66.86
N ASN N 36 -50.07 -19.96 -67.61
CA ASN N 36 -49.71 -18.53 -67.55
C ASN N 36 -48.99 -18.01 -66.28
N ALA N 37 -48.62 -18.91 -65.38
CA ALA N 37 -47.80 -18.58 -64.22
C ALA N 37 -46.36 -19.02 -64.49
N LEU N 38 -45.38 -18.37 -63.84
CA LEU N 38 -43.96 -18.66 -64.04
C LEU N 38 -43.01 -18.05 -63.02
N LEU N 39 -41.77 -18.52 -63.09
CA LEU N 39 -40.63 -17.95 -62.38
C LEU N 39 -39.47 -18.10 -63.35
N ALA N 40 -38.96 -17.00 -63.87
CA ALA N 40 -37.85 -17.06 -64.81
C ALA N 40 -36.64 -16.35 -64.24
N ASN N 41 -35.47 -16.92 -64.53
CA ASN N 41 -34.18 -16.36 -64.13
C ASN N 41 -34.11 -16.21 -62.61
N GLY N 42 -33.82 -17.33 -61.95
CA GLY N 42 -33.45 -17.32 -60.55
C GLY N 42 -34.47 -16.96 -59.49
N VAL N 43 -35.63 -16.42 -59.87
CA VAL N 43 -36.61 -16.05 -58.85
C VAL N 43 -37.14 -17.36 -58.27
N GLU N 44 -36.86 -17.61 -57.00
CA GLU N 44 -37.28 -18.88 -56.39
C GLU N 44 -38.61 -18.65 -55.68
N LEU N 45 -39.42 -19.70 -55.59
CA LEU N 45 -40.58 -19.71 -54.71
C LEU N 45 -40.29 -20.73 -53.61
N ARG N 46 -40.31 -20.28 -52.36
CA ARG N 46 -40.00 -21.10 -51.19
C ARG N 46 -40.71 -20.53 -49.95
N ASP N 47 -41.08 -21.42 -49.03
CA ASP N 47 -41.95 -21.12 -47.88
C ASP N 47 -43.04 -20.03 -48.12
N ASN N 48 -43.76 -20.15 -49.24
CA ASN N 48 -44.87 -19.24 -49.67
C ASN N 48 -44.46 -17.84 -50.11
N GLN N 49 -43.17 -17.65 -50.39
CA GLN N 49 -42.57 -16.32 -50.64
C GLN N 49 -41.70 -16.35 -51.89
N LEU N 50 -41.73 -15.28 -52.67
CA LEU N 50 -40.80 -15.15 -53.80
C LEU N 50 -39.44 -14.75 -53.26
N VAL N 51 -38.38 -15.18 -53.95
CA VAL N 51 -37.00 -15.15 -53.44
C VAL N 51 -36.02 -14.60 -54.49
N VAL N 52 -35.48 -13.42 -54.20
CA VAL N 52 -34.71 -12.60 -55.15
C VAL N 52 -33.29 -13.14 -55.33
N PRO N 53 -32.92 -13.53 -56.57
CA PRO N 53 -31.57 -14.07 -56.80
C PRO N 53 -30.44 -13.02 -56.85
N SER N 54 -30.79 -11.80 -57.29
CA SER N 54 -29.81 -10.74 -57.51
C SER N 54 -30.38 -9.36 -57.19
N GLU N 55 -29.48 -8.46 -56.76
CA GLU N 55 -29.84 -7.06 -56.50
C GLU N 55 -30.33 -6.34 -57.75
N GLY N 56 -31.18 -5.32 -57.55
CA GLY N 56 -31.72 -4.52 -58.65
C GLY N 56 -33.00 -3.78 -58.29
N LEU N 57 -33.44 -2.92 -59.21
CA LEU N 57 -34.79 -2.36 -59.14
C LEU N 57 -35.74 -3.46 -59.50
N TYR N 58 -36.86 -3.52 -58.79
CA TYR N 58 -37.90 -4.49 -59.10
C TYR N 58 -39.25 -3.82 -59.04
N LEU N 59 -40.06 -4.10 -60.05
CA LEU N 59 -41.46 -3.71 -60.11
C LEU N 59 -42.19 -4.88 -59.48
N ILE N 60 -43.15 -4.58 -58.62
CA ILE N 60 -43.77 -5.56 -57.76
C ILE N 60 -45.25 -5.28 -57.75
N TYR N 61 -46.05 -6.34 -57.76
CA TYR N 61 -47.49 -6.19 -57.78
C TYR N 61 -48.15 -7.43 -57.23
N SER N 62 -49.39 -7.24 -56.80
CA SER N 62 -50.21 -8.30 -56.26
C SER N 62 -51.68 -7.89 -56.32
N GLN N 63 -52.55 -8.84 -56.70
CA GLN N 63 -53.99 -8.62 -56.67
C GLN N 63 -54.61 -9.72 -55.83
N VAL N 64 -55.65 -9.37 -55.10
CA VAL N 64 -56.49 -10.35 -54.42
C VAL N 64 -57.92 -9.93 -54.65
N LEU N 65 -58.84 -10.87 -54.49
CA LEU N 65 -60.26 -10.61 -54.70
C LEU N 65 -61.05 -11.27 -53.60
N PHE N 66 -61.73 -10.46 -52.79
CA PHE N 66 -62.61 -10.96 -51.74
C PHE N 66 -64.06 -10.90 -52.21
N LYS N 67 -64.82 -11.96 -51.93
CA LYS N 67 -66.27 -11.95 -52.14
C LYS N 67 -66.95 -12.38 -50.86
N GLY N 68 -68.08 -11.73 -50.54
CA GLY N 68 -68.95 -12.19 -49.46
C GLY N 68 -70.39 -12.33 -49.93
N GLN N 69 -71.04 -13.41 -49.53
CA GLN N 69 -72.48 -13.55 -49.68
C GLN N 69 -73.11 -12.71 -48.56
N GLY N 70 -73.78 -11.62 -48.95
CA GLY N 70 -74.36 -10.66 -48.01
C GLY N 70 -73.38 -10.11 -46.99
N CYS N 71 -73.91 -9.61 -45.88
CA CYS N 71 -73.09 -9.07 -44.81
C CYS N 71 -73.69 -9.23 -43.41
N PRO N 72 -73.04 -10.05 -42.55
CA PRO N 72 -73.58 -10.31 -41.22
C PRO N 72 -73.42 -9.14 -40.25
N SER N 73 -72.29 -8.41 -40.34
CA SER N 73 -71.99 -7.30 -39.42
C SER N 73 -71.27 -6.15 -40.13
N THR N 74 -71.27 -5.00 -39.46
CA THR N 74 -70.62 -3.79 -39.99
C THR N 74 -69.10 -3.82 -39.83
N HIS N 75 -68.59 -4.74 -39.01
CA HIS N 75 -67.20 -4.71 -38.52
C HIS N 75 -66.25 -5.64 -39.31
N VAL N 76 -66.53 -5.88 -40.59
CA VAL N 76 -65.73 -6.81 -41.41
C VAL N 76 -64.49 -6.07 -41.88
N LEU N 77 -63.35 -6.78 -41.89
CA LEU N 77 -62.05 -6.18 -42.03
C LEU N 77 -61.20 -6.93 -43.06
N LEU N 78 -61.04 -6.35 -44.24
CA LEU N 78 -60.20 -6.94 -45.29
C LEU N 78 -58.88 -6.21 -45.39
N THR N 79 -57.77 -6.95 -45.32
CA THR N 79 -56.42 -6.39 -45.43
C THR N 79 -55.56 -7.16 -46.41
N HIS N 80 -54.67 -6.45 -47.09
CA HIS N 80 -53.76 -7.03 -48.07
C HIS N 80 -52.40 -6.35 -47.92
N THR N 81 -51.35 -7.15 -48.05
CA THR N 81 -50.02 -6.77 -47.66
C THR N 81 -48.96 -7.41 -48.56
N ILE N 82 -47.89 -6.66 -48.83
CA ILE N 82 -46.68 -7.17 -49.47
C ILE N 82 -45.51 -6.72 -48.60
N SER N 83 -44.79 -7.66 -48.01
CA SER N 83 -43.70 -7.34 -47.11
C SER N 83 -42.36 -7.87 -47.63
N ARG N 84 -41.28 -7.41 -47.00
CA ARG N 84 -39.92 -7.69 -47.44
C ARG N 84 -39.09 -8.20 -46.26
N ILE N 85 -38.24 -9.19 -46.51
CA ILE N 85 -37.45 -9.81 -45.44
C ILE N 85 -36.03 -10.02 -45.95
N ALA N 86 -35.14 -9.13 -45.52
CA ALA N 86 -33.78 -9.12 -45.99
C ALA N 86 -32.99 -10.12 -45.19
N VAL N 87 -31.82 -10.47 -45.72
CA VAL N 87 -30.94 -11.45 -45.08
C VAL N 87 -30.20 -10.80 -43.92
N SER N 88 -29.55 -9.67 -44.18
CA SER N 88 -28.79 -8.96 -43.16
C SER N 88 -29.67 -8.34 -42.08
N TYR N 89 -30.84 -7.83 -42.47
CA TYR N 89 -31.72 -7.10 -41.54
C TYR N 89 -32.72 -7.97 -40.77
N GLN N 90 -33.25 -9.03 -41.41
CA GLN N 90 -34.12 -10.05 -40.75
C GLN N 90 -35.57 -9.66 -40.45
N THR N 91 -35.83 -8.44 -39.96
CA THR N 91 -37.20 -8.08 -39.56
C THR N 91 -38.04 -7.80 -40.81
N LYS N 92 -39.34 -7.90 -40.62
CA LYS N 92 -40.28 -7.75 -41.72
C LYS N 92 -40.45 -6.26 -41.98
N VAL N 93 -40.48 -5.89 -43.25
CA VAL N 93 -40.71 -4.51 -43.67
C VAL N 93 -41.88 -4.54 -44.64
N ASN N 94 -42.94 -3.82 -44.29
CA ASN N 94 -44.03 -3.58 -45.23
C ASN N 94 -43.51 -2.72 -46.35
N LEU N 95 -44.10 -2.86 -47.52
CA LEU N 95 -43.86 -1.94 -48.63
C LEU N 95 -45.18 -1.32 -49.00
N LEU N 96 -46.15 -2.19 -49.27
CA LEU N 96 -47.51 -1.80 -49.63
C LEU N 96 -48.56 -2.41 -48.70
N SER N 97 -49.67 -1.68 -48.61
CA SER N 97 -50.73 -1.93 -47.65
C SER N 97 -52.07 -1.55 -48.26
N ALA N 98 -53.13 -2.20 -47.79
CA ALA N 98 -54.51 -1.80 -48.10
C ALA N 98 -55.48 -2.40 -47.09
N ILE N 99 -56.39 -1.59 -46.55
CA ILE N 99 -57.42 -2.05 -45.59
C ILE N 99 -58.79 -1.57 -46.04
N LYS N 100 -59.71 -2.51 -46.21
CA LYS N 100 -61.05 -2.15 -46.68
C LYS N 100 -62.08 -2.75 -45.73
N SER N 101 -63.06 -1.91 -45.36
CA SER N 101 -64.18 -2.30 -44.52
C SER N 101 -65.32 -2.38 -45.50
N PRO N 102 -65.69 -3.60 -45.92
CA PRO N 102 -66.54 -3.78 -47.09
C PRO N 102 -68.03 -3.63 -46.86
N CYS N 103 -68.47 -3.39 -45.61
CA CYS N 103 -69.89 -3.26 -45.31
C CYS N 103 -70.18 -2.21 -44.25
N GLN N 104 -70.73 -1.09 -44.68
CA GLN N 104 -71.20 -0.03 -43.78
C GLN N 104 -72.43 -0.44 -42.96
N ARG N 105 -73.21 -1.40 -43.46
CA ARG N 105 -74.42 -1.89 -42.77
C ARG N 105 -74.75 -3.37 -43.07
N GLU N 106 -75.57 -3.94 -42.20
CA GLU N 106 -75.97 -5.35 -42.31
C GLU N 106 -77.09 -5.52 -43.35
N THR N 107 -77.38 -6.78 -43.68
CA THR N 107 -78.46 -7.12 -44.61
C THR N 107 -79.76 -7.39 -43.84
N GLU N 112 -82.53 -11.95 -48.62
CA GLU N 112 -81.52 -12.35 -49.58
C GLU N 112 -80.13 -12.05 -49.05
N ALA N 113 -79.14 -12.60 -49.74
CA ALA N 113 -77.74 -12.25 -49.52
C ALA N 113 -77.27 -11.46 -50.73
N LYS N 114 -77.33 -10.13 -50.64
CA LYS N 114 -76.82 -9.25 -51.71
C LYS N 114 -75.29 -9.30 -51.69
N PRO N 115 -74.66 -10.05 -52.62
CA PRO N 115 -73.23 -10.31 -52.50
C PRO N 115 -72.36 -9.09 -52.84
N TRP N 116 -71.15 -9.06 -52.28
CA TRP N 116 -70.20 -7.96 -52.52
C TRP N 116 -68.84 -8.52 -52.93
N TYR N 117 -68.06 -7.68 -53.60
CA TYR N 117 -66.70 -8.02 -54.02
C TYR N 117 -65.72 -6.87 -53.67
N GLU N 118 -64.55 -7.24 -53.14
CA GLU N 118 -63.46 -6.28 -52.85
C GLU N 118 -62.15 -6.73 -53.51
N PRO N 119 -61.86 -6.22 -54.72
CA PRO N 119 -60.54 -6.42 -55.31
C PRO N 119 -59.54 -5.43 -54.72
N ILE N 120 -58.31 -5.87 -54.50
CA ILE N 120 -57.23 -4.99 -54.02
C ILE N 120 -55.98 -5.20 -54.86
N TYR N 121 -55.67 -4.22 -55.72
CA TYR N 121 -54.43 -4.20 -56.47
C TYR N 121 -53.37 -3.44 -55.65
N LEU N 122 -52.28 -4.12 -55.33
CA LEU N 122 -51.11 -3.51 -54.71
C LEU N 122 -49.95 -3.63 -55.67
N GLY N 123 -49.17 -2.55 -55.79
CA GLY N 123 -47.94 -2.63 -56.54
C GLY N 123 -47.09 -1.38 -56.44
N GLY N 124 -45.83 -1.54 -56.83
CA GLY N 124 -44.86 -0.45 -56.88
C GLY N 124 -43.50 -0.93 -57.34
N VAL N 125 -42.50 -0.06 -57.31
CA VAL N 125 -41.17 -0.37 -57.80
C VAL N 125 -40.13 0.00 -56.72
N PHE N 126 -39.32 -0.99 -56.35
CA PHE N 126 -38.58 -0.98 -55.10
C PHE N 126 -37.15 -1.52 -55.26
N GLN N 127 -36.22 -0.91 -54.53
CA GLN N 127 -34.86 -1.40 -54.47
C GLN N 127 -34.85 -2.64 -53.59
N LEU N 128 -34.19 -3.71 -54.06
CA LEU N 128 -34.14 -5.01 -53.36
C LEU N 128 -32.79 -5.68 -53.49
N GLU N 129 -32.39 -6.36 -52.41
CA GLU N 129 -31.14 -7.09 -52.36
C GLU N 129 -31.31 -8.55 -52.76
N LYS N 130 -30.22 -9.10 -53.29
CA LYS N 130 -30.01 -10.54 -53.39
C LYS N 130 -30.37 -11.22 -52.07
N GLY N 131 -31.22 -12.23 -52.14
CA GLY N 131 -31.67 -13.01 -50.97
C GLY N 131 -32.96 -12.54 -50.33
N ASP N 132 -33.58 -11.50 -50.88
CA ASP N 132 -34.80 -10.93 -50.29
C ASP N 132 -35.99 -11.86 -50.51
N ARG N 133 -36.76 -12.11 -49.44
CA ARG N 133 -37.96 -12.96 -49.48
C ARG N 133 -39.25 -12.10 -49.44
N LEU N 134 -40.02 -12.14 -50.53
CA LEU N 134 -41.21 -11.30 -50.71
C LEU N 134 -42.50 -12.08 -50.59
N SER N 135 -43.50 -11.46 -49.97
CA SER N 135 -44.74 -12.17 -49.65
C SER N 135 -45.97 -11.29 -49.62
N ALA N 136 -46.88 -11.54 -50.55
CA ALA N 136 -48.23 -11.00 -50.52
C ALA N 136 -49.02 -11.82 -49.50
N GLU N 137 -49.69 -11.14 -48.58
CA GLU N 137 -50.45 -11.80 -47.52
C GLU N 137 -51.82 -11.17 -47.36
N ILE N 138 -52.77 -11.93 -46.78
CA ILE N 138 -54.11 -11.42 -46.40
C ILE N 138 -54.49 -11.90 -44.99
N ASN N 139 -55.61 -11.36 -44.47
CA ASN N 139 -56.17 -11.80 -43.17
C ASN N 139 -57.40 -12.73 -43.21
N ARG N 140 -58.23 -12.62 -44.25
CA ARG N 140 -59.43 -13.46 -44.41
C ARG N 140 -59.39 -14.27 -45.72
N PRO N 141 -58.66 -15.41 -45.72
CA PRO N 141 -58.72 -16.33 -46.85
C PRO N 141 -60.09 -17.00 -47.04
N ASP N 142 -60.85 -17.12 -45.97
CA ASP N 142 -62.23 -17.57 -46.03
C ASP N 142 -63.23 -16.65 -46.80
N TYR N 143 -62.82 -15.42 -47.12
CA TYR N 143 -63.60 -14.50 -47.97
C TYR N 143 -63.02 -14.36 -49.40
N LEU N 144 -62.02 -15.18 -49.77
CA LEU N 144 -61.34 -15.11 -51.10
C LEU N 144 -62.20 -15.39 -52.35
N ASP N 145 -61.55 -15.34 -53.52
CA ASP N 145 -62.11 -15.83 -54.78
C ASP N 145 -61.05 -16.41 -55.72
N PHE N 146 -61.18 -17.68 -56.08
CA PHE N 146 -60.52 -18.24 -57.27
C PHE N 146 -61.52 -19.12 -58.04
N ALA N 147 -62.77 -18.67 -58.06
CA ALA N 147 -63.83 -19.23 -58.90
C ALA N 147 -63.49 -19.09 -60.40
N GLU N 148 -62.61 -18.15 -60.71
CA GLU N 148 -62.04 -18.02 -62.05
C GLU N 148 -60.54 -17.86 -61.91
N SER N 149 -59.82 -18.09 -63.00
CA SER N 149 -58.40 -17.81 -63.10
C SER N 149 -58.19 -16.30 -63.12
N GLY N 150 -56.99 -15.88 -62.73
CA GLY N 150 -56.60 -14.46 -62.81
C GLY N 150 -57.15 -13.53 -61.74
N GLN N 151 -57.91 -14.06 -60.79
CA GLN N 151 -58.49 -13.23 -59.74
C GLN N 151 -57.49 -12.93 -58.61
N VAL N 152 -56.48 -13.75 -58.43
CA VAL N 152 -55.50 -13.57 -57.35
C VAL N 152 -54.08 -13.89 -57.81
N TYR N 153 -53.27 -12.85 -58.02
CA TYR N 153 -51.89 -13.02 -58.50
C TYR N 153 -50.87 -12.20 -57.69
N PHE N 154 -49.61 -12.58 -57.84
CA PHE N 154 -48.49 -11.98 -57.14
C PHE N 154 -47.30 -12.14 -58.06
N GLY N 155 -46.78 -11.02 -58.59
CA GLY N 155 -45.61 -11.09 -59.45
C GLY N 155 -44.65 -9.93 -59.32
N ILE N 156 -43.41 -10.18 -59.77
CA ILE N 156 -42.39 -9.15 -59.89
C ILE N 156 -41.60 -9.26 -61.19
N ILE N 157 -40.89 -8.18 -61.51
CA ILE N 157 -40.09 -8.03 -62.72
C ILE N 157 -38.88 -7.17 -62.38
N ALA N 158 -37.73 -7.49 -62.97
CA ALA N 158 -36.50 -6.71 -62.76
C ALA N 158 -36.36 -5.73 -63.89
N LEU N 159 -35.81 -4.55 -63.62
CA LEU N 159 -35.68 -3.50 -64.62
C LEU N 159 -34.23 -3.10 -64.83
N PRO O 10 -55.06 8.70 -79.21
CA PRO O 10 -54.32 9.84 -78.66
C PRO O 10 -54.94 10.41 -77.38
N SER O 11 -54.12 10.58 -76.35
CA SER O 11 -54.50 11.29 -75.12
C SER O 11 -54.50 12.80 -75.37
N ASP O 12 -55.37 13.55 -74.69
CA ASP O 12 -55.50 15.01 -74.90
C ASP O 12 -54.21 15.80 -74.55
N LYS O 13 -53.43 15.28 -73.61
CA LYS O 13 -52.30 16.03 -73.04
C LYS O 13 -51.05 15.97 -73.93
N PRO O 14 -50.29 17.09 -74.03
CA PRO O 14 -49.07 17.16 -74.86
C PRO O 14 -47.97 16.16 -74.49
N VAL O 15 -47.29 15.60 -75.50
CA VAL O 15 -46.22 14.64 -75.27
C VAL O 15 -45.35 14.39 -76.49
N ALA O 16 -44.12 13.93 -76.24
CA ALA O 16 -43.14 13.60 -77.28
C ALA O 16 -42.01 12.72 -76.75
N HIS O 17 -41.40 11.96 -77.66
CA HIS O 17 -40.25 11.08 -77.37
C HIS O 17 -39.52 10.93 -78.70
N VAL O 18 -38.29 11.43 -78.75
CA VAL O 18 -37.52 11.45 -79.99
C VAL O 18 -36.19 10.72 -79.85
N VAL O 19 -35.73 10.12 -80.95
CA VAL O 19 -34.49 9.32 -80.98
C VAL O 19 -33.47 9.93 -81.94
N ALA O 20 -32.21 9.83 -81.57
CA ALA O 20 -31.13 10.50 -82.28
C ALA O 20 -30.88 9.86 -83.63
N ASN O 21 -30.21 10.62 -84.49
CA ASN O 21 -29.89 10.18 -85.83
C ASN O 21 -28.71 9.20 -85.80
N PRO O 22 -28.95 7.91 -86.07
CA PRO O 22 -27.81 6.97 -86.12
C PRO O 22 -26.82 7.27 -87.26
N GLN O 23 -27.33 7.87 -88.34
CA GLN O 23 -26.54 8.21 -89.52
C GLN O 23 -25.78 9.54 -89.39
N ALA O 24 -25.90 10.24 -88.26
CA ALA O 24 -25.31 11.57 -88.07
C ALA O 24 -23.78 11.57 -88.08
N GLU O 25 -23.21 12.75 -88.37
CA GLU O 25 -21.77 12.93 -88.62
C GLU O 25 -21.05 13.40 -87.33
N GLY O 26 -21.18 12.62 -86.26
CA GLY O 26 -20.63 12.98 -84.95
C GLY O 26 -21.38 14.12 -84.30
N GLN O 27 -22.66 13.88 -84.02
CA GLN O 27 -23.55 14.90 -83.44
C GLN O 27 -24.86 14.27 -82.93
N LEU O 28 -25.63 15.07 -82.18
CA LEU O 28 -26.86 14.63 -81.52
C LEU O 28 -28.10 15.34 -82.08
N GLN O 29 -28.60 14.80 -83.20
CA GLN O 29 -29.76 15.35 -83.91
C GLN O 29 -30.92 14.35 -83.87
N TRP O 30 -32.09 14.81 -83.41
CA TRP O 30 -33.24 13.94 -83.11
C TRP O 30 -34.14 13.72 -84.34
N LEU O 31 -34.54 12.46 -84.58
CA LEU O 31 -35.44 12.08 -85.69
C LEU O 31 -36.90 12.06 -85.25
N ASN O 32 -37.77 12.70 -86.03
CA ASN O 32 -39.08 13.17 -85.55
C ASN O 32 -40.32 12.37 -85.99
N ARG O 33 -40.29 11.80 -87.19
CA ARG O 33 -41.43 11.04 -87.73
C ARG O 33 -40.95 9.68 -88.28
N ARG O 34 -40.26 8.94 -87.43
CA ARG O 34 -39.83 7.57 -87.74
C ARG O 34 -40.88 6.56 -87.26
N ALA O 35 -40.57 5.28 -87.39
CA ALA O 35 -41.25 4.22 -86.66
C ALA O 35 -40.92 4.28 -85.15
N ASN O 36 -39.73 4.79 -84.82
CA ASN O 36 -39.29 4.97 -83.42
C ASN O 36 -40.05 6.09 -82.67
N ALA O 37 -39.90 7.32 -83.15
CA ALA O 37 -40.25 8.52 -82.38
C ALA O 37 -41.75 8.89 -82.38
N LEU O 38 -42.10 9.81 -81.48
CA LEU O 38 -43.49 10.30 -81.31
C LEU O 38 -43.54 11.81 -80.99
N LEU O 39 -44.56 12.47 -81.54
CA LEU O 39 -44.93 13.84 -81.20
C LEU O 39 -46.46 13.93 -81.25
N ALA O 40 -47.09 14.47 -80.20
CA ALA O 40 -48.55 14.58 -80.17
C ALA O 40 -49.10 15.77 -79.39
N ASN O 41 -50.23 16.29 -79.87
CA ASN O 41 -51.02 17.34 -79.19
C ASN O 41 -50.24 18.64 -78.97
N GLY O 42 -49.70 19.16 -80.07
CA GLY O 42 -49.03 20.47 -80.08
C GLY O 42 -47.51 20.47 -80.16
N VAL O 43 -46.88 19.41 -79.65
CA VAL O 43 -45.41 19.39 -79.49
C VAL O 43 -44.68 19.28 -80.83
N GLU O 44 -43.86 20.28 -81.14
CA GLU O 44 -43.07 20.34 -82.37
C GLU O 44 -41.58 20.21 -82.07
N LEU O 45 -40.83 19.67 -83.03
CA LEU O 45 -39.37 19.56 -82.96
C LEU O 45 -38.76 20.62 -83.86
N ARG O 46 -38.31 21.73 -83.25
CA ARG O 46 -37.97 22.98 -83.95
C ARG O 46 -36.56 23.46 -83.56
N ASP O 47 -35.66 23.54 -84.54
CA ASP O 47 -34.22 23.83 -84.31
C ASP O 47 -33.52 22.76 -83.44
N ASN O 48 -33.91 21.50 -83.62
CA ASN O 48 -33.47 20.36 -82.78
C ASN O 48 -33.82 20.54 -81.28
N GLN O 49 -34.93 21.24 -81.02
CA GLN O 49 -35.34 21.63 -79.67
C GLN O 49 -36.87 21.52 -79.54
N LEU O 50 -37.34 20.70 -78.61
CA LEU O 50 -38.78 20.49 -78.42
C LEU O 50 -39.48 21.74 -77.88
N VAL O 51 -40.71 21.96 -78.33
CA VAL O 51 -41.42 23.23 -78.09
C VAL O 51 -42.76 22.98 -77.37
N VAL O 52 -43.08 23.87 -76.44
CA VAL O 52 -44.21 23.69 -75.52
C VAL O 52 -45.48 24.40 -76.03
N PRO O 53 -46.56 23.63 -76.30
CA PRO O 53 -47.76 24.21 -76.93
C PRO O 53 -48.68 25.00 -76.00
N SER O 54 -48.70 24.67 -74.71
CA SER O 54 -49.39 25.49 -73.70
C SER O 54 -48.69 25.32 -72.37
N GLU O 55 -48.98 26.23 -71.44
CA GLU O 55 -48.33 26.17 -70.12
C GLU O 55 -48.74 24.92 -69.36
N GLY O 56 -47.87 24.46 -68.48
CA GLY O 56 -48.23 23.40 -67.54
C GLY O 56 -47.03 22.77 -66.88
N LEU O 57 -47.31 21.77 -66.05
CA LEU O 57 -46.27 20.92 -65.49
C LEU O 57 -45.89 19.91 -66.55
N TYR O 58 -44.59 19.58 -66.61
CA TYR O 58 -44.06 18.63 -67.60
C TYR O 58 -42.98 17.73 -67.04
N LEU O 59 -43.25 16.44 -66.96
CA LEU O 59 -42.23 15.43 -66.70
C LEU O 59 -41.35 15.36 -67.94
N ILE O 60 -40.08 15.69 -67.73
CA ILE O 60 -39.10 15.80 -68.79
C ILE O 60 -38.03 14.77 -68.49
N TYR O 61 -37.56 14.06 -69.51
CA TYR O 61 -36.51 13.06 -69.34
C TYR O 61 -35.59 12.95 -70.55
N SER O 62 -34.50 12.20 -70.38
CA SER O 62 -33.52 11.97 -71.46
C SER O 62 -32.53 10.89 -71.12
N GLN O 63 -31.81 10.45 -72.16
CA GLN O 63 -30.85 9.37 -72.04
C GLN O 63 -29.88 9.37 -73.21
N VAL O 64 -28.64 9.01 -72.90
CA VAL O 64 -27.57 8.88 -73.87
C VAL O 64 -26.77 7.63 -73.54
N LEU O 65 -25.99 7.16 -74.52
CA LEU O 65 -25.16 5.98 -74.35
C LEU O 65 -23.82 6.18 -75.07
N PHE O 66 -22.76 6.35 -74.28
CA PHE O 66 -21.41 6.59 -74.79
C PHE O 66 -20.59 5.31 -74.95
N LYS O 67 -19.49 5.47 -75.67
CA LYS O 67 -18.48 4.44 -75.81
C LYS O 67 -17.14 5.08 -76.21
N GLY O 68 -16.06 4.52 -75.67
CA GLY O 68 -14.70 4.81 -76.13
C GLY O 68 -13.84 3.58 -76.01
N GLN O 69 -12.88 3.43 -76.92
CA GLN O 69 -12.01 2.26 -76.97
C GLN O 69 -10.74 2.52 -76.15
N GLY O 70 -10.80 2.19 -74.87
CA GLY O 70 -9.67 2.34 -73.97
C GLY O 70 -9.58 3.79 -73.50
N CYS O 71 -8.36 4.28 -73.28
CA CYS O 71 -8.16 5.58 -72.64
C CYS O 71 -6.91 6.36 -73.13
N PRO O 72 -7.07 7.68 -73.42
CA PRO O 72 -5.94 8.55 -73.78
C PRO O 72 -5.31 9.29 -72.58
N SER O 73 -4.18 9.93 -72.85
CA SER O 73 -3.40 10.68 -71.85
C SER O 73 -4.09 11.99 -71.44
N THR O 74 -4.64 12.69 -72.43
CA THR O 74 -5.54 13.81 -72.17
C THR O 74 -6.80 13.28 -71.46
N HIS O 75 -7.21 13.97 -70.40
CA HIS O 75 -8.29 13.47 -69.52
C HIS O 75 -9.66 13.65 -70.18
N VAL O 76 -10.45 12.58 -70.18
CA VAL O 76 -11.71 12.51 -70.94
C VAL O 76 -12.91 12.92 -70.08
N LEU O 77 -13.69 13.88 -70.58
CA LEU O 77 -14.81 14.47 -69.83
C LEU O 77 -16.09 14.43 -70.67
N LEU O 78 -17.18 13.89 -70.09
CA LEU O 78 -18.47 13.66 -70.80
C LEU O 78 -19.66 14.30 -70.06
N THR O 79 -20.49 15.05 -70.79
CA THR O 79 -21.62 15.80 -70.19
C THR O 79 -22.89 15.68 -71.03
N HIS O 80 -24.03 15.86 -70.35
CA HIS O 80 -25.36 15.72 -70.95
C HIS O 80 -26.28 16.74 -70.29
N THR O 81 -26.82 17.68 -71.07
CA THR O 81 -27.49 18.87 -70.52
C THR O 81 -28.80 19.25 -71.19
N ILE O 82 -29.89 19.12 -70.42
CA ILE O 82 -31.20 19.62 -70.82
C ILE O 82 -31.29 21.07 -70.38
N SER O 83 -31.81 21.91 -71.26
CA SER O 83 -31.81 23.36 -71.11
C SER O 83 -33.17 23.96 -71.43
N ARG O 84 -33.32 25.25 -71.13
CA ARG O 84 -34.60 25.95 -71.29
C ARG O 84 -34.38 27.38 -71.78
N ILE O 85 -35.07 27.71 -72.87
CA ILE O 85 -35.01 29.01 -73.49
C ILE O 85 -36.42 29.59 -73.42
N ALA O 86 -36.61 30.60 -72.59
CA ALA O 86 -37.92 31.24 -72.41
C ALA O 86 -38.29 32.08 -73.64
N VAL O 87 -39.51 32.64 -73.63
CA VAL O 87 -39.99 33.49 -74.74
C VAL O 87 -39.37 34.88 -74.66
N SER O 88 -39.73 35.64 -73.63
CA SER O 88 -39.29 37.04 -73.45
C SER O 88 -37.83 37.16 -73.00
N TYR O 89 -37.39 36.21 -72.15
CA TYR O 89 -36.04 36.22 -71.60
C TYR O 89 -35.05 35.70 -72.64
N GLN O 90 -35.36 34.53 -73.22
CA GLN O 90 -34.64 33.96 -74.38
C GLN O 90 -33.24 33.38 -74.10
N THR O 91 -32.67 33.57 -72.91
CA THR O 91 -31.32 33.08 -72.61
C THR O 91 -31.38 31.66 -72.05
N LYS O 92 -30.37 30.87 -72.41
CA LYS O 92 -30.37 29.44 -72.19
C LYS O 92 -29.96 29.07 -70.77
N VAL O 93 -30.97 28.81 -69.94
CA VAL O 93 -30.80 28.37 -68.53
C VAL O 93 -30.81 26.84 -68.49
N ASN O 94 -29.90 26.24 -67.71
CA ASN O 94 -29.88 24.76 -67.53
C ASN O 94 -31.00 24.26 -66.63
N LEU O 95 -31.54 23.10 -66.98
CA LEU O 95 -32.60 22.43 -66.21
C LEU O 95 -32.07 21.20 -65.51
N LEU O 96 -31.43 20.35 -66.29
CA LEU O 96 -30.84 19.14 -65.78
C LEU O 96 -29.49 19.02 -66.43
N SER O 97 -28.51 18.53 -65.67
CA SER O 97 -27.15 18.33 -66.17
C SER O 97 -26.41 17.28 -65.35
N ALA O 98 -25.41 16.67 -65.98
CA ALA O 98 -24.55 15.67 -65.34
C ALA O 98 -23.21 15.56 -66.04
N ILE O 99 -22.21 15.03 -65.32
CA ILE O 99 -20.82 14.93 -65.80
C ILE O 99 -20.26 13.58 -65.34
N LYS O 100 -19.42 12.98 -66.17
CA LYS O 100 -18.88 11.64 -65.88
C LYS O 100 -17.41 11.55 -66.29
N SER O 101 -16.67 10.69 -65.60
CA SER O 101 -15.27 10.42 -65.89
C SER O 101 -15.06 8.93 -66.04
N PRO O 102 -15.15 8.41 -67.27
CA PRO O 102 -14.83 7.00 -67.48
C PRO O 102 -13.34 6.70 -67.36
N CYS O 103 -12.52 7.72 -67.63
CA CYS O 103 -11.08 7.55 -67.83
C CYS O 103 -10.27 7.81 -66.54
N GLN O 104 -10.33 6.83 -65.64
CA GLN O 104 -9.53 6.82 -64.40
C GLN O 104 -8.00 6.83 -64.61
N ARG O 105 -7.55 6.25 -65.72
CA ARG O 105 -6.13 6.02 -65.97
C ARG O 105 -5.91 5.89 -67.49
N GLU O 106 -4.79 5.29 -67.90
CA GLU O 106 -4.58 4.87 -69.29
C GLU O 106 -3.50 3.77 -69.35
N THR O 107 -3.77 2.71 -70.11
CA THR O 107 -2.96 1.48 -70.05
C THR O 107 -1.64 1.56 -70.84
N PRO O 108 -0.69 0.63 -70.60
CA PRO O 108 0.58 0.54 -71.37
C PRO O 108 0.54 -0.32 -72.65
N GLU O 109 -0.25 -1.40 -72.65
CA GLU O 109 -0.48 -2.24 -73.84
C GLU O 109 -1.92 -2.04 -74.36
N PRO O 115 -11.38 -0.61 -73.66
CA PRO O 115 -12.77 -0.67 -74.09
C PRO O 115 -13.75 -0.38 -72.93
N TRP O 116 -14.76 0.46 -73.17
CA TRP O 116 -15.74 0.81 -72.12
C TRP O 116 -17.04 1.40 -72.67
N TYR O 117 -18.05 1.41 -71.78
CA TYR O 117 -19.37 2.01 -72.02
C TYR O 117 -19.89 2.60 -70.71
N GLU O 118 -20.44 3.80 -70.75
CA GLU O 118 -21.11 4.42 -69.60
C GLU O 118 -22.24 5.36 -70.08
N PRO O 119 -23.48 5.19 -69.57
CA PRO O 119 -24.62 6.07 -69.94
C PRO O 119 -24.78 7.29 -69.03
N ILE O 120 -25.66 8.20 -69.45
CA ILE O 120 -26.08 9.34 -68.62
C ILE O 120 -27.58 9.52 -68.77
N TYR O 121 -28.30 9.29 -67.66
CA TYR O 121 -29.74 9.53 -67.61
C TYR O 121 -30.00 10.92 -67.01
N LEU O 122 -31.23 11.39 -67.18
CA LEU O 122 -31.65 12.73 -66.74
C LEU O 122 -33.16 12.81 -66.72
N GLY O 123 -33.72 13.51 -65.73
CA GLY O 123 -35.15 13.79 -65.72
C GLY O 123 -35.67 14.57 -64.52
N GLY O 124 -36.87 15.14 -64.70
CA GLY O 124 -37.56 15.85 -63.61
C GLY O 124 -38.88 16.47 -64.03
N VAL O 125 -39.72 16.78 -63.05
CA VAL O 125 -40.97 17.54 -63.27
C VAL O 125 -40.65 19.03 -63.31
N PHE O 126 -41.38 19.77 -64.15
CA PHE O 126 -41.09 21.20 -64.39
C PHE O 126 -42.29 22.00 -64.86
N GLN O 127 -42.53 23.15 -64.23
CA GLN O 127 -43.53 24.09 -64.70
C GLN O 127 -42.97 24.79 -65.94
N LEU O 128 -43.72 24.75 -67.04
CA LEU O 128 -43.28 25.33 -68.32
C LEU O 128 -44.40 26.14 -68.94
N GLU O 129 -44.05 27.30 -69.51
CA GLU O 129 -45.00 28.18 -70.21
C GLU O 129 -45.00 27.91 -71.71
N LYS O 130 -45.97 28.51 -72.41
CA LYS O 130 -46.15 28.29 -73.85
C LYS O 130 -44.99 28.89 -74.66
N GLY O 131 -44.44 28.09 -75.56
CA GLY O 131 -43.35 28.52 -76.44
C GLY O 131 -41.93 28.39 -75.89
N ASP O 132 -41.77 27.75 -74.73
CA ASP O 132 -40.44 27.60 -74.12
C ASP O 132 -39.70 26.46 -74.81
N ARG O 133 -38.71 26.81 -75.63
CA ARG O 133 -37.89 25.81 -76.32
C ARG O 133 -37.07 25.02 -75.30
N LEU O 134 -36.69 23.79 -75.66
CA LEU O 134 -35.91 22.89 -74.80
C LEU O 134 -34.84 22.13 -75.58
N SER O 135 -33.58 22.46 -75.35
CA SER O 135 -32.47 21.77 -76.00
C SER O 135 -32.09 20.56 -75.16
N ALA O 136 -31.29 19.67 -75.75
CA ALA O 136 -30.77 18.51 -75.03
C ALA O 136 -29.48 18.01 -75.67
N GLU O 137 -28.41 18.78 -75.44
CA GLU O 137 -27.13 18.56 -76.10
C GLU O 137 -26.13 17.84 -75.20
N ILE O 138 -24.96 17.55 -75.78
CA ILE O 138 -23.81 17.00 -75.06
C ILE O 138 -22.54 17.73 -75.48
N ASN O 139 -21.45 17.46 -74.76
CA ASN O 139 -20.12 18.00 -75.08
C ASN O 139 -19.33 17.14 -76.08
N ARG O 140 -19.52 15.82 -76.05
CA ARG O 140 -18.76 14.88 -76.90
C ARG O 140 -19.68 13.91 -77.67
N PRO O 141 -20.26 14.38 -78.80
CA PRO O 141 -21.02 13.48 -79.67
C PRO O 141 -20.15 12.45 -80.37
N ASP O 142 -18.93 12.85 -80.74
CA ASP O 142 -17.90 11.92 -81.23
C ASP O 142 -17.76 10.59 -80.46
N TYR O 143 -18.12 10.60 -79.16
CA TYR O 143 -18.09 9.38 -78.34
C TYR O 143 -19.44 8.63 -78.19
N LEU O 144 -20.46 8.99 -78.98
CA LEU O 144 -21.79 8.33 -78.89
C LEU O 144 -21.75 6.86 -79.37
N ASP O 145 -22.80 6.11 -79.03
CA ASP O 145 -22.95 4.68 -79.42
C ASP O 145 -24.34 4.41 -80.02
N PHE O 146 -24.48 4.74 -81.31
CA PHE O 146 -25.75 4.56 -82.05
C PHE O 146 -26.16 3.09 -82.21
N ALA O 147 -25.17 2.20 -82.32
CA ALA O 147 -25.40 0.75 -82.30
C ALA O 147 -26.13 0.38 -81.01
N GLU O 148 -27.13 -0.48 -81.14
CA GLU O 148 -28.24 -0.62 -80.17
C GLU O 148 -29.03 0.70 -80.16
N SER O 149 -29.90 0.84 -81.17
CA SER O 149 -30.62 2.09 -81.46
C SER O 149 -31.91 2.22 -80.65
N GLY O 150 -32.57 3.38 -80.77
CA GLY O 150 -33.75 3.71 -79.95
C GLY O 150 -33.43 3.92 -78.49
N GLN O 151 -32.14 4.13 -78.21
CA GLN O 151 -31.58 4.11 -76.86
C GLN O 151 -31.18 5.52 -76.42
N VAL O 152 -30.58 6.28 -77.34
CA VAL O 152 -30.36 7.70 -77.14
C VAL O 152 -31.68 8.38 -77.45
N TYR O 153 -32.31 8.94 -76.42
CA TYR O 153 -33.59 9.61 -76.61
C TYR O 153 -33.82 10.72 -75.62
N PHE O 154 -34.83 11.51 -75.95
CA PHE O 154 -35.16 12.73 -75.25
C PHE O 154 -36.68 12.88 -75.43
N GLY O 155 -37.40 13.02 -74.32
CA GLY O 155 -38.87 13.05 -74.34
C GLY O 155 -39.48 13.80 -73.18
N ILE O 156 -40.72 14.23 -73.36
CA ILE O 156 -41.46 14.97 -72.32
C ILE O 156 -42.91 14.55 -72.24
N ILE O 157 -43.52 14.87 -71.11
CA ILE O 157 -44.90 14.50 -70.86
C ILE O 157 -45.57 15.55 -69.99
N ALA O 158 -46.73 16.02 -70.40
CA ALA O 158 -47.48 16.96 -69.59
C ALA O 158 -48.09 16.15 -68.48
N LEU O 159 -48.76 16.81 -67.53
CA LEU O 159 -49.36 16.11 -66.38
C LEU O 159 -50.82 16.47 -66.12
N SER P 11 -57.86 17.40 -61.33
CA SER P 11 -57.21 17.01 -60.05
C SER P 11 -55.94 17.86 -59.85
N ASP P 12 -55.72 18.33 -58.63
CA ASP P 12 -54.51 19.10 -58.30
C ASP P 12 -53.23 18.22 -58.37
N LYS P 13 -53.17 17.19 -57.53
CA LYS P 13 -52.09 16.18 -57.49
C LYS P 13 -50.69 16.71 -57.09
N PRO P 14 -50.29 16.46 -55.82
CA PRO P 14 -48.99 16.86 -55.28
C PRO P 14 -47.79 16.57 -56.18
N VAL P 15 -47.07 17.63 -56.54
CA VAL P 15 -45.74 17.51 -57.15
C VAL P 15 -44.73 18.50 -56.54
N ALA P 16 -43.46 18.09 -56.56
CA ALA P 16 -42.37 18.88 -56.03
C ALA P 16 -41.06 18.54 -56.74
N HIS P 17 -40.16 19.52 -56.77
CA HIS P 17 -38.83 19.40 -57.35
C HIS P 17 -37.95 20.50 -56.78
N VAL P 18 -37.00 20.10 -55.94
CA VAL P 18 -36.14 21.04 -55.20
C VAL P 18 -34.67 20.67 -55.31
N VAL P 19 -33.83 21.70 -55.20
CA VAL P 19 -32.41 21.63 -55.57
C VAL P 19 -31.45 22.20 -54.53
N ALA P 20 -30.17 21.91 -54.72
CA ALA P 20 -29.09 22.27 -53.78
C ALA P 20 -28.83 23.78 -53.73
N ASN P 21 -28.73 24.34 -52.53
CA ASN P 21 -28.43 25.78 -52.36
C ASN P 21 -26.93 26.02 -52.61
N PRO P 22 -26.57 26.65 -53.74
CA PRO P 22 -25.15 26.83 -54.07
C PRO P 22 -24.38 27.83 -53.19
N GLN P 23 -25.10 28.73 -52.52
CA GLN P 23 -24.50 29.64 -51.54
C GLN P 23 -24.16 28.86 -50.28
N ALA P 24 -25.03 27.92 -49.90
CA ALA P 24 -24.80 27.02 -48.77
C ALA P 24 -23.62 26.09 -49.07
N GLU P 25 -22.41 26.60 -48.80
CA GLU P 25 -21.17 25.87 -49.10
C GLU P 25 -20.94 24.73 -48.11
N GLY P 26 -20.47 23.60 -48.62
CA GLY P 26 -20.14 22.44 -47.80
C GLY P 26 -21.33 21.80 -47.10
N GLN P 27 -22.50 21.87 -47.75
CA GLN P 27 -23.73 21.27 -47.24
C GLN P 27 -24.83 21.14 -48.32
N LEU P 28 -25.69 20.14 -48.13
CA LEU P 28 -26.76 19.84 -49.05
C LEU P 28 -28.04 20.48 -48.56
N GLN P 29 -28.39 21.67 -49.07
CA GLN P 29 -29.63 22.31 -48.69
C GLN P 29 -30.58 22.37 -49.88
N TRP P 30 -31.77 21.76 -49.74
CA TRP P 30 -32.79 21.80 -50.79
C TRP P 30 -33.47 23.17 -50.81
N LEU P 31 -33.85 23.64 -52.00
CA LEU P 31 -34.54 24.93 -52.19
C LEU P 31 -35.63 24.92 -53.27
N ASN P 32 -36.86 25.24 -52.86
CA ASN P 32 -37.93 25.58 -53.79
C ASN P 32 -37.93 27.06 -54.18
N ARG P 33 -37.58 27.93 -53.23
CA ARG P 33 -37.67 29.39 -53.43
C ARG P 33 -36.62 29.82 -54.46
N ARG P 34 -36.96 29.53 -55.72
CA ARG P 34 -36.01 29.39 -56.81
C ARG P 34 -36.74 29.40 -58.15
N ALA P 35 -35.98 29.65 -59.22
CA ALA P 35 -36.45 29.44 -60.59
C ALA P 35 -36.28 27.97 -60.94
N ASN P 36 -37.27 27.41 -61.65
CA ASN P 36 -37.34 25.98 -61.96
C ASN P 36 -37.32 25.08 -60.73
N ALA P 37 -37.89 25.57 -59.63
CA ALA P 37 -38.01 24.78 -58.42
C ALA P 37 -39.39 25.06 -57.85
N LEU P 38 -40.18 24.00 -57.70
CA LEU P 38 -41.59 24.11 -57.36
C LEU P 38 -42.01 23.20 -56.22
N LEU P 39 -43.21 23.50 -55.70
CA LEU P 39 -43.84 22.77 -54.62
C LEU P 39 -45.34 22.97 -54.76
N ALA P 40 -45.99 22.04 -55.46
CA ALA P 40 -47.34 22.26 -55.97
C ALA P 40 -48.33 21.32 -55.36
N ASN P 41 -49.56 21.80 -55.25
CA ASN P 41 -50.69 21.01 -54.78
C ASN P 41 -50.47 20.31 -53.43
N GLY P 42 -49.71 20.96 -52.56
CA GLY P 42 -49.59 20.55 -51.15
C GLY P 42 -48.26 20.12 -50.59
N VAL P 43 -47.26 19.93 -51.44
CA VAL P 43 -45.96 19.45 -50.98
C VAL P 43 -45.27 20.63 -50.32
N GLU P 44 -44.66 20.37 -49.15
CA GLU P 44 -43.95 21.41 -48.42
C GLU P 44 -42.51 21.01 -48.18
N LEU P 45 -41.64 22.01 -48.18
CA LEU P 45 -40.24 21.84 -47.83
C LEU P 45 -40.04 22.38 -46.42
N ARG P 46 -39.68 21.50 -45.50
CA ARG P 46 -39.45 21.90 -44.12
C ARG P 46 -38.42 20.97 -43.50
N ASP P 47 -37.53 21.56 -42.72
CA ASP P 47 -36.35 20.88 -42.17
C ASP P 47 -35.50 20.13 -43.22
N ASN P 48 -35.40 20.67 -44.43
CA ASN P 48 -34.69 20.01 -45.54
C ASN P 48 -35.36 18.71 -46.01
N GLN P 49 -36.69 18.67 -45.85
CA GLN P 49 -37.47 17.46 -46.09
C GLN P 49 -38.79 17.81 -46.77
N LEU P 50 -39.14 17.02 -47.78
CA LEU P 50 -40.40 17.17 -48.51
C LEU P 50 -41.52 16.49 -47.73
N VAL P 51 -42.66 17.17 -47.67
CA VAL P 51 -43.74 16.83 -46.76
C VAL P 51 -44.95 16.40 -47.58
N VAL P 52 -45.37 15.15 -47.37
CA VAL P 52 -46.43 14.50 -48.13
C VAL P 52 -47.78 14.92 -47.55
N PRO P 53 -48.62 15.63 -48.38
CA PRO P 53 -49.88 16.07 -47.77
C PRO P 53 -51.00 15.05 -47.77
N SER P 54 -51.02 14.16 -48.75
CA SER P 54 -52.08 13.18 -48.83
C SER P 54 -51.50 11.80 -49.04
N GLU P 55 -52.20 10.80 -48.50
CA GLU P 55 -51.77 9.41 -48.65
C GLU P 55 -51.94 8.99 -50.09
N GLY P 56 -50.98 8.23 -50.61
CA GLY P 56 -51.07 7.76 -51.98
C GLY P 56 -49.79 7.12 -52.45
N LEU P 57 -49.78 6.75 -53.73
CA LEU P 57 -48.61 6.16 -54.34
C LEU P 57 -47.82 7.29 -54.97
N TYR P 58 -46.52 7.33 -54.71
CA TYR P 58 -45.72 8.40 -55.25
C TYR P 58 -44.41 7.96 -55.88
N LEU P 59 -44.11 8.57 -57.01
CA LEU P 59 -42.79 8.49 -57.60
C LEU P 59 -41.87 9.34 -56.75
N ILE P 60 -40.68 8.82 -56.47
CA ILE P 60 -39.60 9.58 -55.88
C ILE P 60 -38.39 9.42 -56.77
N TYR P 61 -37.69 10.52 -56.98
CA TYR P 61 -36.41 10.49 -57.66
C TYR P 61 -35.49 11.52 -57.06
N SER P 62 -34.20 11.30 -57.30
CA SER P 62 -33.17 12.15 -56.77
C SER P 62 -31.90 11.92 -57.55
N GLN P 63 -31.13 13.00 -57.70
CA GLN P 63 -29.82 12.96 -58.33
C GLN P 63 -28.88 13.85 -57.57
N VAL P 64 -27.65 13.39 -57.41
CA VAL P 64 -26.56 14.19 -56.85
C VAL P 64 -25.28 13.93 -57.65
N LEU P 65 -24.58 15.01 -57.99
CA LEU P 65 -23.31 14.95 -58.70
C LEU P 65 -22.16 15.21 -57.72
N PHE P 66 -21.30 14.21 -57.56
CA PHE P 66 -20.11 14.32 -56.70
C PHE P 66 -18.89 14.58 -57.57
N LYS P 67 -17.89 15.25 -56.99
CA LYS P 67 -16.61 15.53 -57.67
C LYS P 67 -15.45 15.49 -56.68
N GLY P 68 -14.27 15.15 -57.18
CA GLY P 68 -13.03 15.31 -56.41
C GLY P 68 -11.83 15.46 -57.32
N GLN P 69 -10.90 16.34 -56.92
CA GLN P 69 -9.66 16.55 -57.64
C GLN P 69 -8.66 15.53 -57.15
N GLY P 70 -8.50 14.44 -57.90
CA GLY P 70 -7.55 13.40 -57.56
C GLY P 70 -8.03 12.55 -56.41
N CYS P 71 -7.24 11.52 -56.10
CA CYS P 71 -7.62 10.48 -55.15
C CYS P 71 -6.53 10.32 -54.09
N PRO P 72 -6.76 10.87 -52.88
CA PRO P 72 -5.75 10.72 -51.83
C PRO P 72 -5.65 9.28 -51.33
N SER P 73 -6.79 8.67 -51.03
CA SER P 73 -6.89 7.31 -50.51
C SER P 73 -7.92 6.51 -51.31
N THR P 74 -7.71 5.20 -51.41
CA THR P 74 -8.64 4.32 -52.14
C THR P 74 -9.94 4.04 -51.37
N HIS P 75 -9.99 4.49 -50.11
CA HIS P 75 -11.10 4.21 -49.21
C HIS P 75 -12.17 5.30 -49.21
N VAL P 76 -12.18 6.17 -50.23
CA VAL P 76 -13.21 7.18 -50.38
C VAL P 76 -14.51 6.44 -50.68
N LEU P 77 -15.58 6.88 -50.03
CA LEU P 77 -16.81 6.13 -49.96
C LEU P 77 -18.00 7.07 -49.98
N LEU P 78 -18.61 7.20 -51.15
CA LEU P 78 -19.76 8.10 -51.32
C LEU P 78 -21.04 7.29 -51.14
N THR P 79 -22.04 7.97 -50.58
CA THR P 79 -23.36 7.40 -50.39
C THR P 79 -24.42 8.47 -50.59
N HIS P 80 -25.60 8.04 -51.00
CA HIS P 80 -26.75 8.91 -51.23
C HIS P 80 -27.98 8.08 -50.91
N THR P 81 -29.02 8.70 -50.37
CA THR P 81 -30.05 7.95 -49.65
C THR P 81 -31.37 8.69 -49.52
N ILE P 82 -32.47 8.02 -49.86
CA ILE P 82 -33.80 8.56 -49.60
C ILE P 82 -34.49 7.77 -48.51
N SER P 83 -34.96 8.49 -47.49
CA SER P 83 -35.55 7.92 -46.29
C SER P 83 -36.91 8.52 -45.97
N ARG P 84 -37.80 7.66 -45.46
CA ARG P 84 -39.16 7.99 -45.09
C ARG P 84 -39.22 8.04 -43.56
N ILE P 85 -39.97 9.01 -43.03
CA ILE P 85 -40.21 9.12 -41.59
C ILE P 85 -41.70 9.32 -41.37
N ALA P 86 -42.38 8.24 -40.99
CA ALA P 86 -43.83 8.26 -40.85
C ALA P 86 -44.16 8.93 -39.53
N VAL P 87 -45.17 9.79 -39.55
CA VAL P 87 -45.73 10.39 -38.33
C VAL P 87 -46.00 9.31 -37.29
N SER P 88 -46.80 8.32 -37.66
CA SER P 88 -47.26 7.30 -36.72
C SER P 88 -46.10 6.49 -36.16
N TYR P 89 -45.25 5.98 -37.06
CA TYR P 89 -44.22 5.00 -36.71
C TYR P 89 -42.95 5.64 -36.13
N GLN P 90 -42.44 6.66 -36.83
CA GLN P 90 -41.31 7.52 -36.41
C GLN P 90 -39.90 7.04 -36.73
N THR P 91 -39.65 5.73 -36.73
CA THR P 91 -38.31 5.24 -37.09
C THR P 91 -38.03 5.55 -38.57
N LYS P 92 -36.76 5.78 -38.87
CA LYS P 92 -36.30 6.24 -40.16
C LYS P 92 -36.21 5.03 -41.09
N VAL P 93 -37.13 4.96 -42.06
CA VAL P 93 -37.19 3.81 -42.95
C VAL P 93 -36.42 4.22 -44.19
N ASN P 94 -35.35 3.47 -44.53
CA ASN P 94 -34.67 3.68 -45.81
C ASN P 94 -35.47 3.12 -46.97
N LEU P 95 -35.66 3.93 -48.01
CA LEU P 95 -36.36 3.50 -49.23
C LEU P 95 -35.37 3.18 -50.35
N LEU P 96 -34.37 4.04 -50.52
CA LEU P 96 -33.38 3.86 -51.58
C LEU P 96 -31.98 4.10 -51.05
N SER P 97 -30.99 3.64 -51.82
CA SER P 97 -29.60 3.64 -51.38
C SER P 97 -28.64 3.42 -52.54
N ALA P 98 -27.45 3.99 -52.41
CA ALA P 98 -26.33 3.69 -53.29
C ALA P 98 -25.00 3.89 -52.55
N ILE P 99 -24.13 2.89 -52.62
CA ILE P 99 -22.75 3.00 -52.16
C ILE P 99 -21.88 2.98 -53.40
N LYS P 100 -21.07 4.03 -53.57
CA LYS P 100 -20.07 4.09 -54.63
C LYS P 100 -18.71 4.35 -53.98
N SER P 101 -17.69 3.63 -54.48
CA SER P 101 -16.29 3.84 -54.13
C SER P 101 -15.61 4.40 -55.38
N PRO P 102 -15.29 5.71 -55.41
CA PRO P 102 -14.76 6.25 -56.66
C PRO P 102 -13.31 5.85 -56.90
N CYS P 103 -12.46 6.09 -55.94
CA CYS P 103 -11.03 5.88 -56.12
C CYS P 103 -10.65 4.41 -55.97
N GLN P 104 -10.37 3.78 -57.10
CA GLN P 104 -9.93 2.39 -57.17
C GLN P 104 -8.53 2.29 -56.62
N ARG P 105 -7.66 3.17 -57.15
CA ARG P 105 -6.23 3.21 -56.84
C ARG P 105 -5.81 4.67 -56.54
N GLU P 106 -4.58 4.85 -56.06
CA GLU P 106 -4.17 6.12 -55.39
C GLU P 106 -3.94 7.33 -56.30
N THR P 107 -2.76 7.43 -56.89
CA THR P 107 -2.09 8.70 -57.29
C THR P 107 -0.92 8.73 -56.30
N PRO P 108 0.08 7.84 -56.50
CA PRO P 108 0.99 7.47 -55.41
C PRO P 108 1.71 8.67 -54.81
N GLU P 109 2.66 9.25 -55.55
CA GLU P 109 3.25 10.56 -55.22
C GLU P 109 3.45 11.45 -56.45
N GLY P 110 2.77 11.14 -57.55
CA GLY P 110 2.89 11.89 -58.79
C GLY P 110 2.26 13.27 -58.71
N ALA P 111 1.21 13.39 -57.89
CA ALA P 111 0.50 14.66 -57.63
C ALA P 111 -0.29 15.20 -58.84
N GLU P 112 -0.63 14.31 -59.77
CA GLU P 112 -1.41 14.67 -60.97
C GLU P 112 -2.89 14.80 -60.59
N ALA P 113 -3.51 15.92 -60.95
CA ALA P 113 -4.91 16.18 -60.62
C ALA P 113 -5.84 15.47 -61.61
N LYS P 114 -6.55 14.44 -61.13
CA LYS P 114 -7.57 13.74 -61.90
C LYS P 114 -8.96 14.18 -61.43
N PRO P 115 -9.52 15.27 -61.99
CA PRO P 115 -10.86 15.69 -61.58
C PRO P 115 -11.91 14.61 -61.89
N TRP P 116 -12.11 13.71 -60.93
CA TRP P 116 -13.05 12.60 -61.08
C TRP P 116 -14.46 13.03 -60.69
N TYR P 117 -15.45 12.51 -61.40
CA TYR P 117 -16.87 12.76 -61.10
C TYR P 117 -17.64 11.43 -60.99
N GLU P 118 -18.65 11.40 -60.11
CA GLU P 118 -19.61 10.29 -60.00
C GLU P 118 -21.02 10.87 -59.76
N PRO P 119 -21.88 10.83 -60.79
CA PRO P 119 -23.28 11.16 -60.54
C PRO P 119 -23.94 9.97 -59.87
N ILE P 120 -24.88 10.23 -58.98
CA ILE P 120 -25.61 9.17 -58.35
C ILE P 120 -27.10 9.48 -58.52
N TYR P 121 -27.84 8.43 -58.84
CA TYR P 121 -29.26 8.48 -59.12
C TYR P 121 -29.96 7.52 -58.19
N LEU P 122 -31.21 7.82 -57.90
CA LEU P 122 -32.10 6.92 -57.17
C LEU P 122 -33.51 7.15 -57.67
N GLY P 123 -34.36 6.15 -57.55
CA GLY P 123 -35.64 6.15 -58.24
C GLY P 123 -36.55 5.05 -57.77
N GLY P 124 -37.86 5.32 -57.77
CA GLY P 124 -38.86 4.36 -57.31
C GLY P 124 -40.27 4.95 -57.12
N VAL P 125 -41.22 4.06 -56.79
CA VAL P 125 -42.64 4.45 -56.59
C VAL P 125 -43.16 3.69 -55.36
N PHE P 126 -43.51 4.45 -54.32
CA PHE P 126 -43.71 3.94 -52.98
C PHE P 126 -45.02 4.47 -52.42
N GLN P 127 -45.66 3.66 -51.58
CA GLN P 127 -46.91 4.05 -50.95
C GLN P 127 -46.56 4.92 -49.77
N LEU P 128 -46.98 6.18 -49.81
CA LEU P 128 -46.66 7.08 -48.73
C LEU P 128 -47.91 7.60 -48.05
N GLU P 129 -47.88 7.57 -46.73
CA GLU P 129 -48.97 8.07 -45.91
C GLU P 129 -48.85 9.57 -45.74
N LYS P 130 -49.93 10.19 -45.33
CA LYS P 130 -49.95 11.62 -45.08
C LYS P 130 -48.88 12.02 -44.06
N GLY P 131 -48.40 13.25 -44.17
CA GLY P 131 -47.38 13.77 -43.26
C GLY P 131 -46.01 13.10 -43.27
N ASP P 132 -45.76 12.20 -44.21
CA ASP P 132 -44.46 11.52 -44.23
C ASP P 132 -43.42 12.53 -44.64
N ARG P 133 -42.26 12.43 -44.03
CA ARG P 133 -41.16 13.33 -44.30
C ARG P 133 -40.06 12.56 -45.03
N LEU P 134 -39.91 12.86 -46.32
CA LEU P 134 -38.87 12.24 -47.14
C LEU P 134 -37.58 13.02 -47.00
N SER P 135 -36.43 12.34 -47.03
CA SER P 135 -35.11 12.99 -46.97
C SER P 135 -34.15 12.37 -47.96
N ALA P 136 -33.52 13.22 -48.78
CA ALA P 136 -32.45 12.85 -49.68
C ALA P 136 -31.14 13.26 -49.03
N GLU P 137 -30.45 12.30 -48.43
CA GLU P 137 -29.19 12.53 -47.74
C GLU P 137 -28.00 12.04 -48.55
N ILE P 138 -26.87 12.69 -48.28
CA ILE P 138 -25.56 12.33 -48.77
C ILE P 138 -24.64 12.25 -47.57
N ASN P 139 -23.54 11.53 -47.70
CA ASN P 139 -22.57 11.45 -46.60
C ASN P 139 -21.36 12.37 -46.74
N ARG P 140 -20.97 12.73 -47.96
CA ARG P 140 -19.81 13.60 -48.22
C ARG P 140 -20.25 14.91 -48.89
N PRO P 141 -20.76 15.89 -48.11
CA PRO P 141 -21.14 17.18 -48.74
C PRO P 141 -19.94 17.97 -49.29
N ASP P 142 -18.77 17.78 -48.68
CA ASP P 142 -17.53 18.36 -49.17
C ASP P 142 -17.06 17.88 -50.56
N TYR P 143 -17.73 16.87 -51.15
CA TYR P 143 -17.50 16.49 -52.57
C TYR P 143 -18.69 16.77 -53.50
N LEU P 144 -19.62 17.64 -53.07
CA LEU P 144 -20.80 18.00 -53.89
C LEU P 144 -20.42 18.89 -55.03
N ASP P 145 -21.05 18.66 -56.18
CA ASP P 145 -20.97 19.59 -57.32
C ASP P 145 -22.32 20.28 -57.56
N PHE P 146 -22.41 21.55 -57.14
CA PHE P 146 -23.52 22.43 -57.53
C PHE P 146 -23.06 23.61 -58.39
N ALA P 147 -21.89 23.45 -59.04
CA ALA P 147 -21.24 24.54 -59.78
C ALA P 147 -22.21 25.25 -60.74
N GLU P 148 -22.74 24.47 -61.68
CA GLU P 148 -23.81 24.92 -62.58
C GLU P 148 -25.15 24.47 -62.00
N SER P 149 -26.24 24.88 -62.63
CA SER P 149 -27.58 24.53 -62.15
C SER P 149 -28.09 23.19 -62.68
N GLY P 150 -29.02 22.61 -61.93
CA GLY P 150 -29.59 21.30 -62.26
C GLY P 150 -28.64 20.13 -62.18
N GLN P 151 -27.61 20.23 -61.33
CA GLN P 151 -26.70 19.11 -61.07
C GLN P 151 -27.14 18.30 -59.85
N VAL P 152 -28.05 18.87 -59.06
CA VAL P 152 -28.50 18.26 -57.83
C VAL P 152 -29.99 18.58 -57.67
N TYR P 153 -30.78 17.52 -57.45
CA TYR P 153 -32.23 17.64 -57.32
C TYR P 153 -32.89 16.42 -56.74
N PHE P 154 -34.11 16.62 -56.25
CA PHE P 154 -34.82 15.65 -55.46
C PHE P 154 -36.29 16.02 -55.56
N GLY P 155 -37.03 15.29 -56.38
CA GLY P 155 -38.45 15.60 -56.63
C GLY P 155 -39.35 14.43 -56.33
N ILE P 156 -40.66 14.71 -56.29
CA ILE P 156 -41.69 13.69 -56.16
C ILE P 156 -42.95 14.01 -56.96
N ILE P 157 -43.66 12.96 -57.37
CA ILE P 157 -44.91 13.06 -58.15
C ILE P 157 -45.96 12.11 -57.58
N ALA P 158 -47.17 12.61 -57.39
CA ALA P 158 -48.27 11.80 -56.88
C ALA P 158 -48.89 11.06 -58.03
N LEU P 159 -48.60 9.76 -58.15
CA LEU P 159 -49.12 8.93 -59.24
C LEU P 159 -50.50 8.41 -58.86
N SER Q 11 -3.78 40.95 13.30
CA SER Q 11 -2.65 40.72 14.25
C SER Q 11 -1.78 39.56 13.76
N ASP Q 12 -2.28 38.34 13.98
CA ASP Q 12 -1.70 37.13 13.43
C ASP Q 12 -2.61 36.56 12.32
N LYS Q 13 -3.41 37.43 11.70
CA LYS Q 13 -4.47 36.98 10.79
C LYS Q 13 -3.88 36.65 9.44
N PRO Q 14 -4.14 35.43 8.93
CA PRO Q 14 -3.75 35.09 7.57
C PRO Q 14 -4.17 36.18 6.57
N VAL Q 15 -3.22 36.67 5.77
CA VAL Q 15 -3.51 37.60 4.68
C VAL Q 15 -2.68 37.31 3.43
N ALA Q 16 -3.28 37.68 2.30
CA ALA Q 16 -2.73 37.39 0.97
C ALA Q 16 -3.32 38.36 -0.06
N HIS Q 17 -2.43 38.92 -0.89
CA HIS Q 17 -2.85 39.70 -2.06
C HIS Q 17 -1.72 39.61 -3.07
N VAL Q 18 -2.05 39.06 -4.24
CA VAL Q 18 -1.07 38.73 -5.28
C VAL Q 18 -1.52 39.32 -6.62
N VAL Q 19 -0.60 39.35 -7.59
CA VAL Q 19 -0.81 40.05 -8.86
C VAL Q 19 -0.35 39.23 -10.06
N ALA Q 20 -1.01 39.45 -11.18
CA ALA Q 20 -0.85 38.62 -12.38
C ALA Q 20 0.40 38.99 -13.15
N ASN Q 21 1.12 37.96 -13.57
CA ASN Q 21 2.43 38.11 -14.22
C ASN Q 21 2.32 38.83 -15.58
N PRO Q 22 3.07 39.92 -15.78
CA PRO Q 22 3.23 40.47 -17.15
C PRO Q 22 3.95 39.50 -18.10
N GLN Q 23 4.93 38.78 -17.57
CA GLN Q 23 5.64 37.71 -18.30
C GLN Q 23 4.74 36.47 -18.43
N ALA Q 24 5.31 35.35 -18.90
CA ALA Q 24 4.62 34.07 -19.08
C ALA Q 24 3.60 34.16 -20.21
N GLU Q 25 2.46 34.81 -19.97
CA GLU Q 25 1.36 35.03 -20.94
C GLU Q 25 0.90 33.82 -21.77
N GLY Q 26 -0.33 33.90 -22.26
CA GLY Q 26 -1.08 32.72 -22.67
C GLY Q 26 -1.48 31.87 -21.47
N GLN Q 27 -1.50 32.48 -20.28
CA GLN Q 27 -1.84 31.83 -19.01
C GLN Q 27 -1.81 32.86 -17.87
N LEU Q 28 -2.51 32.56 -16.78
CA LEU Q 28 -2.66 33.48 -15.64
C LEU Q 28 -1.90 32.96 -14.41
N GLN Q 29 -0.78 33.61 -14.10
CA GLN Q 29 0.13 33.16 -13.04
C GLN Q 29 0.34 34.24 -11.97
N TRP Q 30 0.14 33.85 -10.71
CA TRP Q 30 0.22 34.78 -9.58
C TRP Q 30 1.63 34.85 -9.00
N LEU Q 31 1.94 35.96 -8.34
CA LEU Q 31 3.26 36.24 -7.80
C LEU Q 31 3.16 36.68 -6.36
N LEU Q 38 2.63 39.50 -2.02
CA LEU Q 38 2.81 39.59 -0.57
C LEU Q 38 1.85 38.67 0.21
N LEU Q 39 2.38 38.00 1.24
CA LEU Q 39 1.66 37.03 2.06
C LEU Q 39 2.10 37.12 3.54
N ALA Q 40 1.27 36.59 4.45
CA ALA Q 40 1.64 36.56 5.86
C ALA Q 40 0.78 35.61 6.70
N ASN Q 41 1.34 35.21 7.84
CA ASN Q 41 0.65 34.37 8.82
C ASN Q 41 0.18 33.06 8.26
N GLY Q 42 1.13 32.31 7.72
CA GLY Q 42 0.91 30.96 7.23
C GLY Q 42 0.43 30.83 5.80
N VAL Q 43 -0.06 31.92 5.20
CA VAL Q 43 -0.69 31.85 3.88
C VAL Q 43 0.39 31.65 2.82
N GLU Q 44 0.50 30.42 2.31
CA GLU Q 44 1.45 30.10 1.24
C GLU Q 44 0.78 30.27 -0.12
N LEU Q 45 1.59 30.23 -1.17
CA LEU Q 45 1.13 30.18 -2.57
C LEU Q 45 1.79 28.97 -3.18
N ARG Q 46 1.02 27.90 -3.34
CA ARG Q 46 1.52 26.61 -3.83
C ARG Q 46 0.80 26.29 -5.14
N ASP Q 47 1.56 25.96 -6.18
CA ASP Q 47 0.99 25.58 -7.50
C ASP Q 47 -0.07 26.56 -8.02
N ASN Q 48 0.25 27.85 -7.97
CA ASN Q 48 -0.64 28.93 -8.43
C ASN Q 48 -1.92 29.13 -7.62
N GLN Q 49 -1.96 28.54 -6.42
CA GLN Q 49 -3.15 28.51 -5.58
C GLN Q 49 -2.79 28.98 -4.17
N LEU Q 50 -3.69 29.71 -3.52
CA LEU Q 50 -3.44 30.19 -2.16
C LEU Q 50 -3.85 29.12 -1.15
N VAL Q 51 -2.91 28.68 -0.31
CA VAL Q 51 -3.15 27.71 0.76
C VAL Q 51 -3.58 28.42 2.06
N VAL Q 52 -4.69 27.97 2.63
CA VAL Q 52 -5.17 28.44 3.92
C VAL Q 52 -4.32 27.79 5.01
N PRO Q 53 -3.95 28.54 6.07
CA PRO Q 53 -3.17 27.98 7.18
C PRO Q 53 -3.95 27.66 8.44
N SER Q 54 -5.16 28.22 8.56
CA SER Q 54 -5.99 28.04 9.75
C SER Q 54 -7.43 28.13 9.34
N GLU Q 55 -8.30 27.36 10.00
CA GLU Q 55 -9.73 27.38 9.68
C GLU Q 55 -10.38 28.71 10.04
N GLY Q 56 -11.56 28.95 9.48
CA GLY Q 56 -12.40 30.09 9.84
C GLY Q 56 -12.88 30.86 8.62
N LEU Q 57 -13.52 32.00 8.88
CA LEU Q 57 -14.08 32.84 7.82
C LEU Q 57 -12.97 33.63 7.15
N TYR Q 58 -13.04 33.69 5.82
CA TYR Q 58 -12.14 34.50 5.02
C TYR Q 58 -12.95 35.33 4.06
N LEU Q 59 -12.29 36.30 3.47
CA LEU Q 59 -12.89 37.30 2.61
C LEU Q 59 -12.19 37.28 1.25
N ILE Q 60 -12.72 36.47 0.34
CA ILE Q 60 -12.13 36.24 -0.99
C ILE Q 60 -12.55 37.33 -1.96
N TYR Q 61 -11.64 37.76 -2.82
CA TYR Q 61 -11.95 38.79 -3.83
C TYR Q 61 -10.95 38.68 -4.98
N SER Q 62 -11.33 39.22 -6.14
CA SER Q 62 -10.45 39.24 -7.32
C SER Q 62 -10.98 40.13 -8.45
N GLN Q 63 -10.07 40.70 -9.22
CA GLN Q 63 -10.40 41.41 -10.45
C GLN Q 63 -9.49 40.93 -11.57
N VAL Q 64 -10.07 40.72 -12.74
CA VAL Q 64 -9.32 40.52 -13.98
C VAL Q 64 -9.83 41.54 -14.99
N LEU Q 65 -8.91 42.00 -15.83
CA LEU Q 65 -9.19 43.04 -16.80
C LEU Q 65 -8.98 42.43 -18.17
N PHE Q 66 -9.96 42.66 -19.05
CA PHE Q 66 -9.87 42.27 -20.44
C PHE Q 66 -9.97 43.52 -21.33
N LYS Q 67 -9.05 43.61 -22.29
CA LYS Q 67 -9.13 44.53 -23.42
C LYS Q 67 -9.35 43.62 -24.61
N GLY Q 68 -9.87 44.16 -25.70
CA GLY Q 68 -9.79 43.48 -26.99
C GLY Q 68 -9.76 44.46 -28.14
N GLN Q 69 -8.96 44.11 -29.15
CA GLN Q 69 -8.83 44.88 -30.38
C GLN Q 69 -9.80 44.32 -31.41
N GLY Q 70 -11.00 44.91 -31.47
CA GLY Q 70 -11.99 44.56 -32.48
C GLY Q 70 -12.92 43.41 -32.16
N CYS Q 71 -13.69 43.02 -33.17
CA CYS Q 71 -14.81 42.09 -33.03
C CYS Q 71 -14.73 40.95 -34.07
N PRO Q 72 -14.43 39.71 -33.62
CA PRO Q 72 -14.39 38.60 -34.58
C PRO Q 72 -15.77 38.07 -34.92
N SER Q 73 -15.85 37.31 -36.01
CA SER Q 73 -17.10 36.65 -36.42
C SER Q 73 -17.54 35.53 -35.46
N THR Q 74 -16.61 34.98 -34.68
CA THR Q 74 -16.96 34.03 -33.61
C THR Q 74 -17.38 34.82 -32.37
N HIS Q 75 -18.42 34.35 -31.71
CA HIS Q 75 -18.90 34.98 -30.48
C HIS Q 75 -17.88 34.67 -29.39
N VAL Q 76 -17.27 35.73 -28.87
CA VAL Q 76 -16.22 35.60 -27.87
C VAL Q 76 -16.88 35.39 -26.51
N LEU Q 77 -16.23 34.59 -25.67
CA LEU Q 77 -16.72 34.23 -24.33
C LEU Q 77 -15.60 34.52 -23.36
N LEU Q 78 -15.90 35.27 -22.28
CA LEU Q 78 -14.92 35.71 -21.29
C LEU Q 78 -15.40 35.47 -19.89
N THR Q 79 -14.62 34.69 -19.13
CA THR Q 79 -15.04 34.22 -17.83
C THR Q 79 -13.90 34.28 -16.83
N HIS Q 80 -14.29 34.44 -15.56
CA HIS Q 80 -13.38 34.49 -14.44
C HIS Q 80 -14.05 33.76 -13.29
N THR Q 81 -13.25 33.00 -12.53
CA THR Q 81 -13.80 32.05 -11.56
C THR Q 81 -12.83 31.71 -10.46
N ILE Q 82 -13.30 31.93 -9.23
CA ILE Q 82 -12.55 31.56 -8.04
C ILE Q 82 -13.14 30.26 -7.51
N SER Q 83 -12.27 29.29 -7.24
CA SER Q 83 -12.68 27.94 -6.89
C SER Q 83 -11.99 27.50 -5.62
N ARG Q 84 -12.61 26.54 -4.92
CA ARG Q 84 -12.15 26.01 -3.63
C ARG Q 84 -11.94 24.52 -3.76
N ILE Q 85 -10.83 24.05 -3.21
CA ILE Q 85 -10.42 22.66 -3.33
C ILE Q 85 -10.16 22.14 -1.92
N ALA Q 86 -11.20 21.58 -1.32
CA ALA Q 86 -11.16 21.08 0.05
C ALA Q 86 -9.99 20.14 0.30
N VAL Q 87 -9.51 20.15 1.53
CA VAL Q 87 -8.36 19.35 1.92
C VAL Q 87 -8.60 17.85 1.91
N SER Q 88 -9.75 17.40 2.40
CA SER Q 88 -10.02 15.97 2.48
C SER Q 88 -10.02 15.29 1.13
N TYR Q 89 -10.71 15.88 0.17
CA TYR Q 89 -10.77 15.34 -1.17
C TYR Q 89 -10.57 16.50 -2.11
N GLN Q 90 -9.64 16.40 -3.05
CA GLN Q 90 -9.43 17.50 -4.00
C GLN Q 90 -10.76 17.73 -4.70
N THR Q 91 -11.72 18.23 -3.92
CA THR Q 91 -13.08 18.43 -4.41
C THR Q 91 -13.17 19.88 -4.86
N LYS Q 92 -12.72 20.12 -6.08
CA LYS Q 92 -12.72 21.46 -6.67
C LYS Q 92 -14.15 21.91 -7.03
N VAL Q 93 -14.51 23.11 -6.55
CA VAL Q 93 -15.88 23.65 -6.63
C VAL Q 93 -15.86 25.18 -6.74
N ASN Q 94 -16.65 25.71 -7.67
CA ASN Q 94 -16.82 27.17 -7.83
C ASN Q 94 -17.23 27.83 -6.53
N LEU Q 95 -16.59 28.96 -6.21
CA LEU Q 95 -17.05 29.85 -5.12
C LEU Q 95 -17.70 31.10 -5.68
N LEU Q 96 -16.98 31.79 -6.55
CA LEU Q 96 -17.47 33.01 -7.17
C LEU Q 96 -17.15 32.89 -8.64
N SER Q 97 -18.03 33.39 -9.50
CA SER Q 97 -17.79 33.38 -10.93
C SER Q 97 -18.66 34.36 -11.73
N ALA Q 98 -18.18 34.77 -12.90
CA ALA Q 98 -18.95 35.64 -13.80
C ALA Q 98 -18.51 35.47 -15.26
N ILE Q 99 -19.46 35.70 -16.17
CA ILE Q 99 -19.24 35.56 -17.62
C ILE Q 99 -19.55 36.89 -18.28
N LYS Q 100 -18.73 37.28 -19.25
CA LYS Q 100 -18.89 38.54 -20.00
C LYS Q 100 -18.85 38.26 -21.51
N SER Q 101 -19.63 39.02 -22.27
CA SER Q 101 -19.69 38.88 -23.73
C SER Q 101 -19.52 40.26 -24.39
N PRO Q 102 -18.26 40.67 -24.65
CA PRO Q 102 -18.00 42.06 -25.03
C PRO Q 102 -18.54 42.44 -26.41
N CYS Q 103 -18.30 41.57 -27.40
CA CYS Q 103 -18.77 41.78 -28.76
C CYS Q 103 -20.21 41.27 -28.89
N GLN Q 104 -21.13 42.17 -29.21
CA GLN Q 104 -22.54 41.83 -29.47
C GLN Q 104 -22.78 41.48 -30.96
N ARG Q 105 -21.99 42.05 -31.85
CA ARG Q 105 -22.05 41.78 -33.30
C ARG Q 105 -20.67 42.01 -33.93
N GLU Q 106 -20.26 41.12 -34.84
CA GLU Q 106 -18.95 41.22 -35.48
C GLU Q 106 -18.87 42.43 -36.42
N THR Q 107 -17.70 43.06 -36.49
CA THR Q 107 -17.52 44.34 -37.19
C THR Q 107 -16.98 44.15 -38.61
N ALA Q 113 -13.02 48.47 -37.08
CA ALA Q 113 -12.95 47.84 -35.77
C ALA Q 113 -13.09 48.89 -34.65
N LYS Q 114 -13.07 48.42 -33.40
CA LYS Q 114 -12.96 49.29 -32.23
C LYS Q 114 -12.42 48.55 -31.00
N PRO Q 115 -11.72 49.27 -30.10
CA PRO Q 115 -11.25 48.66 -28.87
C PRO Q 115 -12.36 48.63 -27.82
N TRP Q 116 -12.47 47.51 -27.11
CA TRP Q 116 -13.42 47.37 -26.02
C TRP Q 116 -12.65 46.89 -24.81
N TYR Q 117 -13.15 47.27 -23.63
CA TYR Q 117 -12.50 46.99 -22.36
C TYR Q 117 -13.57 46.57 -21.36
N GLU Q 118 -13.36 45.41 -20.74
CA GLU Q 118 -14.33 44.84 -19.80
C GLU Q 118 -13.61 44.19 -18.62
N PRO Q 119 -13.72 44.79 -17.42
CA PRO Q 119 -13.15 44.15 -16.25
C PRO Q 119 -14.19 43.27 -15.61
N ILE Q 120 -13.75 42.12 -15.12
CA ILE Q 120 -14.59 41.25 -14.31
C ILE Q 120 -14.01 41.26 -12.90
N TYR Q 121 -14.87 41.54 -11.93
CA TYR Q 121 -14.50 41.35 -10.52
C TYR Q 121 -15.55 40.50 -9.79
N LEU Q 122 -15.05 39.81 -8.78
CA LEU Q 122 -15.77 38.83 -8.00
C LEU Q 122 -15.30 38.98 -6.55
N GLY Q 123 -16.21 38.88 -5.59
CA GLY Q 123 -15.80 38.77 -4.19
C GLY Q 123 -16.87 38.32 -3.23
N GLY Q 124 -16.44 37.69 -2.14
CA GLY Q 124 -17.34 37.40 -1.03
C GLY Q 124 -16.68 36.85 0.23
N VAL Q 125 -17.52 36.24 1.08
CA VAL Q 125 -17.10 35.72 2.40
C VAL Q 125 -17.44 34.25 2.49
N PHE Q 126 -16.55 33.49 3.13
CA PHE Q 126 -16.60 32.02 3.09
C PHE Q 126 -15.85 31.41 4.26
N GLN Q 127 -16.51 30.48 4.96
CA GLN Q 127 -15.81 29.57 5.87
C GLN Q 127 -14.85 28.71 5.05
N LEU Q 128 -13.66 28.49 5.60
CA LEU Q 128 -12.63 27.68 4.96
C LEU Q 128 -11.86 26.93 6.04
N GLU Q 129 -11.29 25.79 5.64
CA GLU Q 129 -10.55 24.92 6.56
C GLU Q 129 -9.04 24.95 6.29
N LYS Q 130 -8.25 24.67 7.34
CA LYS Q 130 -6.78 24.62 7.25
C LYS Q 130 -6.38 23.65 6.17
N GLY Q 131 -5.63 24.12 5.18
CA GLY Q 131 -5.11 23.28 4.11
C GLY Q 131 -5.85 23.40 2.78
N ASP Q 132 -7.07 23.97 2.78
CA ASP Q 132 -7.81 24.21 1.53
C ASP Q 132 -6.97 25.08 0.62
N ARG Q 133 -7.23 24.98 -0.67
CA ARG Q 133 -6.54 25.79 -1.65
C ARG Q 133 -7.57 26.46 -2.54
N LEU Q 134 -7.39 27.75 -2.73
CA LEU Q 134 -8.24 28.55 -3.61
C LEU Q 134 -7.51 28.78 -4.91
N SER Q 135 -8.25 28.90 -6.00
CA SER Q 135 -7.67 29.20 -7.30
C SER Q 135 -8.54 30.22 -8.02
N ALA Q 136 -7.89 31.11 -8.78
CA ALA Q 136 -8.55 32.14 -9.56
C ALA Q 136 -8.16 31.87 -10.99
N GLU Q 137 -9.14 31.59 -11.83
CA GLU Q 137 -8.85 31.16 -13.20
C GLU Q 137 -9.72 31.87 -14.22
N ILE Q 138 -9.31 31.71 -15.49
CA ILE Q 138 -9.94 32.36 -16.63
C ILE Q 138 -9.88 31.47 -17.86
N ASN Q 139 -10.78 31.72 -18.79
CA ASN Q 139 -10.88 30.95 -20.04
C ASN Q 139 -9.94 31.44 -21.15
N ARG Q 140 -9.81 32.76 -21.29
CA ARG Q 140 -8.99 33.37 -22.33
C ARG Q 140 -7.85 34.16 -21.70
N PRO Q 141 -6.72 33.48 -21.38
CA PRO Q 141 -5.54 34.24 -20.98
C PRO Q 141 -5.06 35.20 -22.07
N ASP Q 142 -5.14 34.75 -23.32
CA ASP Q 142 -4.84 35.58 -24.50
C ASP Q 142 -5.52 36.97 -24.55
N TYR Q 143 -6.71 37.09 -23.96
CA TYR Q 143 -7.44 38.38 -23.93
C TYR Q 143 -7.14 39.27 -22.71
N LEU Q 144 -6.17 38.90 -21.86
CA LEU Q 144 -5.79 39.72 -20.68
C LEU Q 144 -5.26 41.12 -21.05
N ASP Q 145 -5.30 42.00 -20.06
CA ASP Q 145 -4.82 43.38 -20.20
C ASP Q 145 -3.95 43.72 -18.97
N PHE Q 146 -2.87 42.97 -18.80
CA PHE Q 146 -1.96 43.19 -17.65
C PHE Q 146 -1.18 44.53 -17.71
N ALA Q 147 -1.30 45.26 -18.81
CA ALA Q 147 -0.74 46.61 -18.92
C ALA Q 147 -1.39 47.70 -18.04
N GLU Q 148 -2.61 47.48 -17.56
CA GLU Q 148 -3.34 48.50 -16.79
C GLU Q 148 -2.87 48.62 -15.32
N SER Q 149 -1.64 49.11 -15.12
CA SER Q 149 -1.05 49.40 -13.78
C SER Q 149 -0.98 48.25 -12.74
N GLY Q 150 -1.09 46.99 -13.18
CA GLY Q 150 -1.14 45.84 -12.27
C GLY Q 150 -2.41 45.71 -11.42
N GLN Q 151 -3.57 45.99 -12.04
CA GLN Q 151 -4.88 45.86 -11.37
C GLN Q 151 -5.57 44.52 -11.69
N VAL Q 152 -4.76 43.48 -11.94
CA VAL Q 152 -5.24 42.11 -12.04
C VAL Q 152 -4.68 41.40 -10.81
N TYR Q 153 -5.57 41.10 -9.85
CA TYR Q 153 -5.18 40.70 -8.51
C TYR Q 153 -6.17 39.70 -7.92
N PHE Q 154 -5.74 39.07 -6.82
CA PHE Q 154 -6.47 37.99 -6.18
C PHE Q 154 -5.96 37.93 -4.76
N GLY Q 155 -6.86 37.86 -3.79
CA GLY Q 155 -6.45 37.92 -2.38
C GLY Q 155 -7.51 37.49 -1.38
N ILE Q 156 -7.03 37.09 -0.20
CA ILE Q 156 -7.89 36.71 0.93
C ILE Q 156 -7.48 37.44 2.21
N ILE Q 157 -8.42 37.51 3.15
CA ILE Q 157 -8.19 38.13 4.44
C ILE Q 157 -8.90 37.31 5.50
N ALA Q 158 -8.15 36.73 6.43
CA ALA Q 158 -8.76 36.02 7.55
C ALA Q 158 -9.48 37.04 8.41
N LEU Q 159 -10.78 36.83 8.62
CA LEU Q 159 -11.56 37.71 9.49
C LEU Q 159 -11.25 37.43 10.95
N SER R 11 -14.85 39.94 18.12
CA SER R 11 -14.23 38.80 17.36
C SER R 11 -15.21 38.06 16.41
N ASP R 12 -16.40 37.71 16.91
CA ASP R 12 -17.42 37.00 16.13
C ASP R 12 -18.45 37.99 15.53
N LYS R 13 -18.13 38.56 14.38
CA LYS R 13 -18.93 39.62 13.78
C LYS R 13 -20.04 39.05 12.88
N PRO R 14 -21.21 39.77 12.77
CA PRO R 14 -22.23 39.17 11.92
C PRO R 14 -21.91 39.16 10.43
N VAL R 15 -21.91 37.98 9.84
CA VAL R 15 -21.69 37.79 8.41
C VAL R 15 -22.70 36.83 7.77
N ALA R 16 -22.89 37.03 6.47
CA ALA R 16 -23.84 36.25 5.68
C ALA R 16 -23.42 36.25 4.22
N HIS R 17 -23.47 35.05 3.61
CA HIS R 17 -23.27 34.86 2.15
C HIS R 17 -24.30 33.85 1.68
N VAL R 18 -25.23 34.32 0.85
CA VAL R 18 -26.33 33.52 0.37
C VAL R 18 -26.36 33.55 -1.14
N VAL R 19 -26.91 32.48 -1.72
CA VAL R 19 -26.79 32.20 -3.16
C VAL R 19 -28.16 31.81 -3.75
N ALA R 20 -28.38 32.17 -5.01
CA ALA R 20 -29.64 31.85 -5.71
C ALA R 20 -29.85 30.37 -5.83
N ASN R 21 -31.09 29.94 -5.60
CA ASN R 21 -31.49 28.53 -5.68
C ASN R 21 -31.69 28.16 -7.14
N PRO R 22 -30.99 27.13 -7.63
CA PRO R 22 -31.33 26.57 -8.98
C PRO R 22 -32.80 26.14 -9.09
N GLN R 23 -33.24 25.29 -8.16
CA GLN R 23 -34.56 24.64 -8.20
C GLN R 23 -35.73 25.62 -8.05
N ALA R 24 -35.49 26.75 -7.40
CA ALA R 24 -36.53 27.75 -7.17
C ALA R 24 -36.84 28.39 -8.51
N GLU R 25 -38.13 28.54 -8.77
CA GLU R 25 -38.66 28.61 -10.12
C GLU R 25 -38.42 29.97 -10.83
N GLY R 26 -39.46 30.65 -11.33
CA GLY R 26 -39.27 31.95 -11.99
C GLY R 26 -38.88 33.01 -10.97
N GLN R 27 -37.84 32.74 -10.18
CA GLN R 27 -37.58 33.52 -8.99
C GLN R 27 -36.16 33.43 -8.44
N LEU R 28 -35.75 34.55 -7.83
CA LEU R 28 -34.46 34.66 -7.18
C LEU R 28 -34.72 34.32 -5.75
N GLN R 29 -34.28 33.14 -5.33
CA GLN R 29 -34.49 32.67 -3.97
C GLN R 29 -33.14 32.36 -3.37
N TRP R 30 -32.77 33.14 -2.36
CA TRP R 30 -31.48 32.99 -1.71
C TRP R 30 -31.53 31.78 -0.78
N LEU R 31 -30.46 30.99 -0.78
CA LEU R 31 -30.32 29.86 0.15
C LEU R 31 -29.11 30.09 1.04
N ASN R 32 -29.18 29.48 2.23
CA ASN R 32 -28.03 29.40 3.14
C ASN R 32 -27.64 27.97 3.49
N ARG R 33 -28.55 27.01 3.34
CA ARG R 33 -28.31 25.62 3.80
C ARG R 33 -27.55 24.82 2.74
N ARG R 34 -26.39 25.35 2.35
CA ARG R 34 -25.61 24.86 1.23
C ARG R 34 -24.13 24.85 1.61
N ALA R 35 -23.37 23.98 0.97
CA ALA R 35 -21.92 24.04 1.02
C ALA R 35 -21.51 25.35 0.33
N ASN R 36 -20.73 26.17 1.03
CA ASN R 36 -20.25 27.48 0.57
C ASN R 36 -21.29 28.59 0.51
N ALA R 37 -22.44 28.41 1.16
CA ALA R 37 -23.31 29.52 1.53
C ALA R 37 -23.33 29.57 3.03
N LEU R 38 -23.36 30.77 3.58
CA LEU R 38 -23.26 31.01 5.01
C LEU R 38 -24.11 32.06 5.69
N LEU R 39 -24.53 31.78 6.93
CA LEU R 39 -25.15 32.76 7.84
C LEU R 39 -24.50 32.57 9.20
N ALA R 40 -24.18 33.67 9.87
CA ALA R 40 -23.36 33.59 11.06
C ALA R 40 -23.58 34.74 12.00
N ASN R 41 -23.38 34.46 13.27
CA ASN R 41 -23.43 35.44 14.35
C ASN R 41 -24.67 36.34 14.38
N GLY R 42 -25.83 35.76 14.03
CA GLY R 42 -27.12 36.44 14.20
C GLY R 42 -27.82 36.93 12.97
N VAL R 43 -27.20 36.78 11.80
CA VAL R 43 -27.90 37.11 10.59
C VAL R 43 -28.94 36.00 10.41
N GLU R 44 -30.13 36.37 9.98
CA GLU R 44 -31.13 35.39 9.60
C GLU R 44 -31.55 35.66 8.20
N LEU R 45 -32.00 34.60 7.55
CA LEU R 45 -32.61 34.71 6.25
C LEU R 45 -34.06 34.39 6.49
N ARG R 46 -34.91 35.32 6.09
CA ARG R 46 -36.34 35.20 6.35
C ARG R 46 -37.04 36.13 5.36
N ASP R 47 -38.14 35.64 4.78
CA ASP R 47 -38.78 36.25 3.62
C ASP R 47 -37.81 36.70 2.51
N ASN R 48 -36.79 35.89 2.26
CA ASN R 48 -35.79 36.13 1.20
C ASN R 48 -34.91 37.35 1.48
N GLN R 49 -34.73 37.66 2.75
CA GLN R 49 -34.08 38.89 3.18
C GLN R 49 -33.15 38.63 4.34
N LEU R 50 -31.95 39.20 4.27
CA LEU R 50 -30.99 39.13 5.38
C LEU R 50 -31.43 40.12 6.47
N VAL R 51 -31.41 39.64 7.71
CA VAL R 51 -32.00 40.32 8.85
C VAL R 51 -30.86 40.59 9.79
N VAL R 52 -30.58 41.87 10.01
CA VAL R 52 -29.46 42.36 10.80
C VAL R 52 -29.64 42.22 12.30
N PRO R 53 -28.71 41.43 12.95
CA PRO R 53 -28.92 41.28 14.40
C PRO R 53 -28.68 42.53 15.23
N SER R 54 -27.64 43.27 14.89
CA SER R 54 -27.28 44.46 15.65
C SER R 54 -26.88 45.62 14.76
N GLU R 55 -27.16 46.84 15.22
CA GLU R 55 -26.82 48.05 14.47
C GLU R 55 -25.32 48.17 14.39
N GLY R 56 -24.85 48.69 13.27
CA GLY R 56 -23.42 48.85 13.05
C GLY R 56 -23.14 49.12 11.60
N LEU R 57 -21.86 49.19 11.25
CA LEU R 57 -21.48 49.42 9.87
C LEU R 57 -21.31 48.08 9.23
N TYR R 58 -21.85 47.97 8.01
CA TYR R 58 -21.76 46.74 7.27
C TYR R 58 -21.41 46.93 5.83
N LEU R 59 -20.45 46.16 5.38
CA LEU R 59 -20.17 45.95 3.95
C LEU R 59 -21.31 45.11 3.38
N ILE R 60 -21.88 45.56 2.27
CA ILE R 60 -22.90 44.82 1.53
C ILE R 60 -22.42 44.56 0.10
N TYR R 61 -22.74 43.37 -0.42
CA TYR R 61 -22.51 43.07 -1.83
C TYR R 61 -23.52 42.10 -2.40
N SER R 62 -23.71 42.21 -3.71
CA SER R 62 -24.52 41.26 -4.44
C SER R 62 -23.91 41.03 -5.80
N GLN R 63 -24.13 39.83 -6.33
CA GLN R 63 -23.87 39.56 -7.74
C GLN R 63 -25.02 38.79 -8.32
N VAL R 64 -25.40 39.18 -9.54
CA VAL R 64 -26.26 38.36 -10.38
C VAL R 64 -25.61 38.26 -11.76
N LEU R 65 -25.88 37.15 -12.42
CA LEU R 65 -25.44 36.96 -13.78
C LEU R 65 -26.64 36.63 -14.64
N PHE R 66 -27.02 37.57 -15.49
CA PHE R 66 -28.07 37.33 -16.43
C PHE R 66 -27.45 36.70 -17.66
N LYS R 67 -28.24 35.85 -18.32
CA LYS R 67 -27.93 35.29 -19.63
C LYS R 67 -29.17 35.42 -20.49
N GLY R 68 -28.98 35.50 -21.80
CA GLY R 68 -30.07 35.42 -22.77
C GLY R 68 -29.62 34.78 -24.06
N GLN R 69 -30.44 33.90 -24.61
CA GLN R 69 -30.28 33.46 -25.98
C GLN R 69 -30.76 34.60 -26.86
N GLY R 70 -30.05 34.88 -27.95
CA GLY R 70 -30.48 35.86 -28.95
C GLY R 70 -30.80 37.23 -28.40
N CYS R 71 -31.65 37.96 -29.13
CA CYS R 71 -32.06 39.31 -28.76
C CYS R 71 -33.34 39.72 -29.52
N PRO R 72 -34.53 39.46 -28.92
CA PRO R 72 -35.83 39.57 -29.64
C PRO R 72 -36.19 41.00 -30.05
N SER R 73 -36.15 41.91 -29.08
CA SER R 73 -36.27 43.35 -29.31
C SER R 73 -35.17 44.05 -28.52
N THR R 74 -34.85 45.28 -28.91
CA THR R 74 -33.87 46.11 -28.20
C THR R 74 -34.33 46.61 -26.82
N HIS R 75 -35.62 46.46 -26.54
CA HIS R 75 -36.25 47.04 -25.36
C HIS R 75 -36.09 46.21 -24.09
N VAL R 76 -35.16 45.25 -24.11
CA VAL R 76 -34.85 44.45 -22.93
C VAL R 76 -34.19 45.35 -21.90
N LEU R 77 -34.60 45.15 -20.65
CA LEU R 77 -34.32 46.05 -19.52
C LEU R 77 -34.01 45.19 -18.28
N LEU R 78 -32.87 45.42 -17.65
CA LEU R 78 -32.42 44.58 -16.52
C LEU R 78 -32.00 45.39 -15.31
N THR R 79 -32.54 45.04 -14.15
CA THR R 79 -32.35 45.83 -12.94
C THR R 79 -31.98 44.94 -11.76
N HIS R 80 -31.22 45.51 -10.83
CA HIS R 80 -30.66 44.79 -9.68
C HIS R 80 -30.54 45.80 -8.55
N THR R 81 -31.10 45.44 -7.41
CA THR R 81 -31.40 46.41 -6.39
C THR R 81 -31.28 45.76 -5.03
N ILE R 82 -30.25 46.20 -4.29
CA ILE R 82 -30.18 45.95 -2.86
C ILE R 82 -30.92 47.11 -2.19
N SER R 83 -31.76 46.78 -1.21
CA SER R 83 -32.67 47.75 -0.58
C SER R 83 -32.73 47.47 0.91
N ARG R 84 -32.91 48.52 1.70
CA ARG R 84 -32.95 48.44 3.17
C ARG R 84 -34.31 48.90 3.69
N ILE R 85 -34.85 48.11 4.61
CA ILE R 85 -36.16 48.37 5.21
C ILE R 85 -35.96 48.44 6.72
N ALA R 86 -35.96 49.67 7.23
CA ALA R 86 -35.82 49.92 8.66
C ALA R 86 -37.07 49.44 9.35
N VAL R 87 -36.93 49.04 10.60
CA VAL R 87 -38.09 48.60 11.38
C VAL R 87 -39.01 49.78 11.60
N SER R 88 -38.49 50.83 12.25
CA SER R 88 -39.27 52.02 12.61
C SER R 88 -39.83 52.73 11.40
N TYR R 89 -38.96 53.11 10.47
CA TYR R 89 -39.35 53.93 9.31
C TYR R 89 -40.28 53.20 8.31
N GLN R 90 -40.11 51.88 8.15
CA GLN R 90 -41.07 51.01 7.42
C GLN R 90 -41.33 51.40 5.96
N THR R 91 -40.28 51.76 5.24
CA THR R 91 -40.38 51.92 3.78
C THR R 91 -39.16 51.25 3.18
N LYS R 92 -39.08 51.30 1.85
CA LYS R 92 -38.08 50.55 1.13
C LYS R 92 -37.07 51.53 0.59
N VAL R 93 -36.09 51.85 1.42
CA VAL R 93 -35.03 52.77 1.02
C VAL R 93 -34.07 51.98 0.17
N ASN R 94 -33.89 52.44 -1.06
CA ASN R 94 -32.87 51.87 -1.91
C ASN R 94 -31.50 52.27 -1.39
N LEU R 95 -30.58 51.33 -1.38
CA LEU R 95 -29.18 51.62 -1.20
C LEU R 95 -28.42 51.49 -2.51
N LEU R 96 -28.57 50.34 -3.18
CA LEU R 96 -27.79 50.06 -4.38
C LEU R 96 -28.68 49.65 -5.52
N SER R 97 -28.18 49.89 -6.73
CA SER R 97 -29.00 49.99 -7.92
C SER R 97 -28.18 49.88 -9.21
N ALA R 98 -28.71 49.15 -10.19
CA ALA R 98 -28.22 49.14 -11.59
C ALA R 98 -29.38 49.01 -12.59
N ILE R 99 -29.17 49.54 -13.80
CA ILE R 99 -30.12 49.40 -14.91
C ILE R 99 -29.31 49.11 -16.17
N LYS R 100 -29.54 47.94 -16.80
CA LYS R 100 -28.79 47.54 -17.98
C LYS R 100 -29.71 47.11 -19.14
N SER R 101 -29.34 47.56 -20.33
CA SER R 101 -29.98 47.16 -21.58
C SER R 101 -28.93 46.41 -22.38
N PRO R 102 -29.01 45.05 -22.41
CA PRO R 102 -28.00 44.20 -23.02
C PRO R 102 -28.07 44.16 -24.55
N CYS R 103 -29.08 44.82 -25.11
CA CYS R 103 -29.59 44.52 -26.41
C CYS R 103 -29.73 45.86 -27.16
N GLN R 104 -28.64 46.30 -27.80
CA GLN R 104 -28.61 47.59 -28.54
C GLN R 104 -29.17 47.49 -29.97
N ARG R 105 -29.07 46.31 -30.57
CA ARG R 105 -29.80 46.00 -31.81
C ARG R 105 -30.12 44.51 -31.89
N GLU R 106 -31.18 44.16 -32.64
CA GLU R 106 -31.76 42.80 -32.58
C GLU R 106 -31.08 41.82 -33.54
N THR R 107 -31.16 40.54 -33.18
CA THR R 107 -30.72 39.43 -34.05
C THR R 107 -31.72 39.03 -35.16
N PRO R 108 -33.05 39.03 -34.89
CA PRO R 108 -33.95 38.60 -35.99
C PRO R 108 -33.95 39.53 -37.22
N GLU R 109 -33.07 39.20 -38.17
CA GLU R 109 -33.04 39.83 -39.50
C GLU R 109 -32.45 38.90 -40.58
N GLY R 110 -31.29 38.30 -40.32
CA GLY R 110 -30.67 37.30 -41.22
C GLY R 110 -30.71 35.88 -40.68
N ALA R 111 -29.75 35.56 -39.80
CA ALA R 111 -29.63 34.23 -39.18
C ALA R 111 -28.77 34.23 -37.90
N GLU R 112 -28.76 33.08 -37.22
CA GLU R 112 -27.88 32.77 -36.08
C GLU R 112 -28.09 33.68 -34.86
N ALA R 113 -29.06 33.31 -34.03
CA ALA R 113 -29.32 34.00 -32.75
C ALA R 113 -28.17 33.75 -31.78
N LYS R 114 -27.32 34.76 -31.61
CA LYS R 114 -26.15 34.68 -30.74
C LYS R 114 -26.51 35.04 -29.30
N PRO R 115 -26.03 34.25 -28.31
CA PRO R 115 -26.36 34.55 -26.91
C PRO R 115 -25.67 35.82 -26.34
N TRP R 116 -25.98 36.15 -25.09
CA TRP R 116 -25.29 37.21 -24.35
C TRP R 116 -25.33 36.97 -22.85
N TYR R 117 -24.40 37.63 -22.15
CA TYR R 117 -24.33 37.62 -20.68
C TYR R 117 -24.17 39.06 -20.16
N GLU R 118 -24.85 39.36 -19.06
CA GLU R 118 -24.67 40.62 -18.33
C GLU R 118 -24.60 40.32 -16.83
N PRO R 119 -23.38 40.27 -16.25
CA PRO R 119 -23.32 40.20 -14.79
C PRO R 119 -23.55 41.59 -14.23
N ILE R 120 -24.16 41.67 -13.04
CA ILE R 120 -24.34 42.95 -12.34
C ILE R 120 -23.80 42.82 -10.92
N TYR R 121 -22.82 43.66 -10.60
CA TYR R 121 -22.24 43.74 -9.26
C TYR R 121 -22.64 45.05 -8.59
N LEU R 122 -23.20 44.91 -7.41
CA LEU R 122 -23.54 46.01 -6.53
C LEU R 122 -22.78 45.81 -5.23
N GLY R 123 -22.45 46.91 -4.56
CA GLY R 123 -21.90 46.83 -3.22
C GLY R 123 -21.35 48.14 -2.71
N GLY R 124 -21.49 48.34 -1.39
CA GLY R 124 -20.98 49.53 -0.70
C GLY R 124 -20.74 49.22 0.77
N VAL R 125 -20.73 50.24 1.64
CA VAL R 125 -20.59 50.02 3.10
C VAL R 125 -21.49 51.03 3.83
N PHE R 126 -22.38 50.52 4.69
CA PHE R 126 -23.61 51.21 5.08
C PHE R 126 -23.93 51.04 6.55
N GLN R 127 -24.39 52.12 7.17
CA GLN R 127 -24.79 52.10 8.57
C GLN R 127 -26.12 51.40 8.63
N LEU R 128 -26.21 50.38 9.48
CA LEU R 128 -27.43 49.64 9.61
C LEU R 128 -27.93 49.66 11.03
N GLU R 129 -29.24 49.46 11.17
CA GLU R 129 -29.90 49.43 12.45
C GLU R 129 -30.50 48.06 12.65
N LYS R 130 -30.45 47.57 13.88
CA LYS R 130 -31.02 46.28 14.25
C LYS R 130 -32.35 45.98 13.57
N GLY R 131 -32.51 44.73 13.17
CA GLY R 131 -33.71 44.26 12.49
C GLY R 131 -33.96 44.89 11.12
N ASP R 132 -32.95 45.54 10.54
CA ASP R 132 -33.12 46.08 9.21
C ASP R 132 -33.13 44.90 8.26
N ARG R 133 -33.96 44.99 7.24
CA ARG R 133 -34.15 43.90 6.30
C ARG R 133 -33.56 44.32 4.96
N LEU R 134 -32.51 43.63 4.56
CA LEU R 134 -31.86 43.85 3.27
C LEU R 134 -32.40 42.86 2.24
N SER R 135 -32.50 43.32 0.99
CA SER R 135 -33.20 42.59 -0.05
C SER R 135 -32.54 42.78 -1.41
N ALA R 136 -31.82 41.74 -1.84
CA ALA R 136 -31.26 41.67 -3.18
C ALA R 136 -32.35 41.25 -4.15
N GLU R 137 -32.74 42.17 -5.03
CA GLU R 137 -33.85 41.95 -5.92
C GLU R 137 -33.48 42.22 -7.35
N ILE R 138 -34.15 41.50 -8.24
CA ILE R 138 -34.04 41.65 -9.69
C ILE R 138 -35.46 41.72 -10.28
N ASN R 139 -35.58 42.20 -11.51
CA ASN R 139 -36.89 42.29 -12.17
C ASN R 139 -37.17 41.23 -13.26
N ARG R 140 -36.10 40.54 -13.72
CA ARG R 140 -36.19 39.45 -14.70
C ARG R 140 -35.48 38.21 -14.17
N PRO R 141 -36.13 37.44 -13.28
CA PRO R 141 -35.53 36.18 -12.81
C PRO R 141 -35.39 35.15 -13.92
N ASP R 142 -36.35 35.14 -14.83
CA ASP R 142 -36.29 34.34 -16.06
C ASP R 142 -35.04 34.54 -16.93
N TYR R 143 -34.37 35.68 -16.82
CA TYR R 143 -33.06 35.87 -17.47
C TYR R 143 -31.84 35.53 -16.58
N LEU R 144 -32.06 34.91 -15.42
CA LEU R 144 -30.96 34.47 -14.54
C LEU R 144 -30.14 33.36 -15.14
N ASP R 145 -28.92 33.20 -14.65
CA ASP R 145 -28.06 32.09 -15.04
C ASP R 145 -27.75 31.16 -13.86
N PHE R 146 -28.27 29.93 -13.95
CA PHE R 146 -27.89 28.82 -13.05
C PHE R 146 -27.09 27.75 -13.81
N ALA R 147 -26.43 28.13 -14.92
CA ALA R 147 -25.57 27.21 -15.67
C ALA R 147 -24.46 26.62 -14.81
N GLU R 148 -23.91 27.48 -13.95
CA GLU R 148 -22.79 27.17 -13.09
C GLU R 148 -23.03 27.78 -11.69
N SER R 149 -22.43 27.17 -10.67
CA SER R 149 -22.52 27.69 -9.31
C SER R 149 -21.71 28.99 -9.14
N GLY R 150 -22.10 29.78 -8.15
CA GLY R 150 -21.35 30.97 -7.78
C GLY R 150 -21.46 32.15 -8.73
N GLN R 151 -22.47 32.12 -9.60
CA GLN R 151 -22.78 33.23 -10.50
C GLN R 151 -23.74 34.28 -9.90
N VAL R 152 -24.42 33.89 -8.82
CA VAL R 152 -25.50 34.70 -8.23
C VAL R 152 -25.39 34.58 -6.73
N TYR R 153 -24.97 35.66 -6.09
CA TYR R 153 -24.84 35.66 -4.63
C TYR R 153 -25.17 37.01 -4.05
N PHE R 154 -25.36 37.00 -2.74
CA PHE R 154 -25.77 38.17 -1.99
C PHE R 154 -25.25 38.01 -0.58
N GLY R 155 -24.62 39.03 -0.04
CA GLY R 155 -24.00 38.88 1.27
C GLY R 155 -23.63 40.18 1.96
N ILE R 156 -23.55 40.12 3.29
CA ILE R 156 -23.10 41.23 4.12
C ILE R 156 -22.11 40.81 5.19
N ILE R 157 -21.26 41.77 5.55
CA ILE R 157 -20.29 41.60 6.62
C ILE R 157 -20.47 42.77 7.53
N ALA R 158 -20.40 42.52 8.83
CA ALA R 158 -20.34 43.56 9.84
C ALA R 158 -18.89 43.95 9.98
N LEU R 159 -18.59 45.23 9.74
CA LEU R 159 -17.23 45.75 9.96
C LEU R 159 -17.19 46.38 11.35
N PRO S 10 4.64 44.14 -4.24
CA PRO S 10 4.96 45.47 -4.79
C PRO S 10 3.91 46.01 -5.79
N SER S 11 4.10 47.24 -6.24
CA SER S 11 3.19 47.90 -7.22
C SER S 11 3.94 49.02 -7.99
N ASP S 12 3.23 50.02 -8.53
CA ASP S 12 3.87 51.23 -9.10
C ASP S 12 3.21 52.58 -8.70
N LYS S 13 2.63 52.63 -7.50
CA LYS S 13 2.24 53.89 -6.84
C LYS S 13 2.64 53.88 -5.36
N PRO S 14 2.86 55.06 -4.74
CA PRO S 14 3.29 55.11 -3.33
C PRO S 14 2.26 54.66 -2.29
N VAL S 15 2.69 53.72 -1.44
CA VAL S 15 1.86 53.15 -0.36
C VAL S 15 2.76 52.67 0.77
N ALA S 16 2.32 52.92 2.00
CA ALA S 16 3.04 52.50 3.20
C ALA S 16 2.09 52.34 4.35
N HIS S 17 2.47 51.49 5.29
CA HIS S 17 1.61 51.11 6.41
C HIS S 17 2.43 50.42 7.49
N VAL S 18 2.63 51.12 8.60
CA VAL S 18 3.52 50.69 9.71
C VAL S 18 2.80 50.65 11.04
N VAL S 19 3.35 49.87 11.96
CA VAL S 19 2.68 49.60 13.24
C VAL S 19 3.59 49.84 14.44
N ALA S 20 2.96 50.23 15.53
CA ALA S 20 3.63 50.69 16.72
C ALA S 20 4.47 49.57 17.34
N ASN S 21 5.46 49.96 18.13
CA ASN S 21 6.35 49.00 18.79
C ASN S 21 5.90 48.76 20.22
N PRO S 22 5.73 47.47 20.60
CA PRO S 22 5.61 47.15 22.03
C PRO S 22 6.96 47.16 22.77
N GLN S 23 8.05 46.81 22.08
CA GLN S 23 9.41 46.89 22.65
C GLN S 23 9.93 48.34 22.61
N ALA S 24 9.20 49.25 23.23
CA ALA S 24 9.48 50.68 23.16
C ALA S 24 8.83 51.37 24.33
N GLU S 25 9.65 51.63 25.37
CA GLU S 25 9.25 52.32 26.61
C GLU S 25 8.76 53.72 26.34
N GLY S 26 7.56 54.04 26.84
CA GLY S 26 6.99 55.37 26.77
C GLY S 26 7.04 56.10 25.44
N GLN S 27 6.88 55.37 24.33
CA GLN S 27 6.76 56.02 23.02
C GLN S 27 5.90 55.25 22.04
N LEU S 28 5.27 56.01 21.15
CA LEU S 28 4.58 55.50 19.98
C LEU S 28 5.60 55.48 18.85
N GLN S 29 6.39 54.40 18.82
CA GLN S 29 7.43 54.22 17.81
C GLN S 29 6.91 53.33 16.70
N TRP S 30 7.05 53.80 15.46
CA TRP S 30 6.74 52.98 14.30
C TRP S 30 7.95 52.13 13.96
N LEU S 31 7.73 50.83 13.79
CA LEU S 31 8.78 49.92 13.33
C LEU S 31 8.66 49.69 11.84
N ASN S 32 9.76 49.23 11.26
CA ASN S 32 9.96 49.21 9.80
C ASN S 32 9.67 47.85 9.17
N ARG S 33 10.60 46.90 9.30
CA ARG S 33 10.42 45.57 8.70
C ARG S 33 10.10 44.51 9.74
N ARG S 34 8.82 44.16 9.81
CA ARG S 34 8.34 42.99 10.53
C ARG S 34 7.45 42.19 9.58
N ALA S 35 6.75 41.17 10.10
CA ALA S 35 5.72 40.43 9.34
C ALA S 35 4.47 41.29 9.03
N ASN S 36 4.19 42.31 9.86
CA ASN S 36 3.02 43.20 9.68
C ASN S 36 3.28 44.57 9.01
N ALA S 37 4.54 45.05 8.99
CA ALA S 37 4.87 46.46 8.61
C ALA S 37 5.53 46.60 7.21
N LEU S 38 5.05 47.55 6.40
CA LEU S 38 5.46 47.70 4.99
C LEU S 38 5.61 49.14 4.46
N LEU S 39 6.59 49.31 3.57
CA LEU S 39 6.87 50.53 2.81
C LEU S 39 7.04 50.13 1.35
N ALA S 40 6.52 50.91 0.40
CA ALA S 40 6.68 50.56 -1.01
C ALA S 40 6.63 51.77 -1.94
N ASN S 41 7.34 51.63 -3.06
CA ASN S 41 7.49 52.68 -4.07
C ASN S 41 8.06 53.97 -3.51
N GLY S 42 9.20 53.82 -2.84
CA GLY S 42 9.99 54.96 -2.39
C GLY S 42 9.55 55.63 -1.10
N VAL S 43 8.60 55.05 -0.37
CA VAL S 43 8.25 55.60 0.95
C VAL S 43 9.31 55.10 1.95
N GLU S 44 9.67 56.00 2.86
CA GLU S 44 10.71 55.74 3.87
C GLU S 44 10.20 56.17 5.25
N LEU S 45 10.66 55.44 6.27
CA LEU S 45 10.38 55.76 7.66
C LEU S 45 11.66 56.33 8.24
N ARG S 46 11.80 57.65 8.16
CA ARG S 46 12.96 58.37 8.68
C ARG S 46 12.56 59.09 9.98
N ASP S 47 13.15 58.65 11.09
CA ASP S 47 13.02 59.31 12.40
C ASP S 47 11.56 59.44 12.88
N ASN S 48 10.88 58.29 12.94
CA ASN S 48 9.46 58.13 13.37
C ASN S 48 8.40 58.81 12.48
N GLN S 49 8.80 59.15 11.25
CA GLN S 49 7.95 59.85 10.30
C GLN S 49 8.09 59.26 8.90
N LEU S 50 7.04 59.41 8.10
CA LEU S 50 7.04 58.87 6.75
C LEU S 50 7.48 59.94 5.76
N VAL S 51 8.13 59.50 4.69
CA VAL S 51 8.68 60.39 3.68
C VAL S 51 7.97 60.19 2.33
N VAL S 52 7.50 61.28 1.73
CA VAL S 52 6.66 61.25 0.51
C VAL S 52 7.50 61.16 -0.78
N PRO S 53 7.54 59.98 -1.45
CA PRO S 53 8.40 59.79 -2.64
C PRO S 53 8.12 60.69 -3.83
N SER S 54 6.86 61.05 -4.04
CA SER S 54 6.51 61.99 -5.10
C SER S 54 5.21 62.69 -4.78
N GLU S 55 4.90 63.74 -5.54
CA GLU S 55 3.73 64.55 -5.27
C GLU S 55 2.45 63.86 -5.70
N GLY S 56 1.34 64.40 -5.21
CA GLY S 56 0.01 63.99 -5.62
C GLY S 56 -0.98 63.98 -4.46
N LEU S 57 -2.10 63.31 -4.70
CA LEU S 57 -3.14 63.13 -3.71
C LEU S 57 -2.81 61.85 -2.93
N TYR S 58 -3.13 61.86 -1.64
CA TYR S 58 -2.73 60.80 -0.74
C TYR S 58 -3.80 60.63 0.31
N LEU S 59 -4.33 59.41 0.36
CA LEU S 59 -5.25 59.04 1.41
C LEU S 59 -4.35 58.81 2.60
N ILE S 60 -4.71 59.42 3.72
CA ILE S 60 -3.90 59.40 4.95
C ILE S 60 -4.79 59.01 6.12
N TYR S 61 -4.24 58.20 7.03
CA TYR S 61 -5.05 57.58 8.08
C TYR S 61 -4.22 57.03 9.22
N SER S 62 -4.84 56.93 10.39
CA SER S 62 -4.26 56.18 11.49
C SER S 62 -5.26 55.76 12.53
N GLN S 63 -4.83 54.88 13.41
CA GLN S 63 -5.65 54.42 14.49
C GLN S 63 -4.75 54.09 15.65
N VAL S 64 -5.22 54.44 16.84
CA VAL S 64 -4.49 54.23 18.05
C VAL S 64 -5.51 53.79 19.06
N LEU S 65 -5.09 52.95 20.00
CA LEU S 65 -5.98 52.30 20.94
C LEU S 65 -5.42 52.45 22.37
N PHE S 66 -6.19 53.14 23.21
CA PHE S 66 -5.83 53.40 24.60
C PHE S 66 -6.60 52.50 25.53
N LYS S 67 -5.95 52.13 26.63
CA LYS S 67 -6.56 51.32 27.66
C LYS S 67 -6.18 51.85 29.03
N GLY S 68 -7.10 51.74 29.97
CA GLY S 68 -6.79 51.91 31.39
C GLY S 68 -7.67 51.04 32.30
N GLN S 69 -7.07 50.64 33.42
CA GLN S 69 -7.79 50.02 34.54
C GLN S 69 -8.20 51.15 35.47
N GLY S 70 -9.48 51.24 35.82
CA GLY S 70 -9.96 52.26 36.77
C GLY S 70 -9.80 53.69 36.25
N CYS S 71 -9.73 54.66 37.17
CA CYS S 71 -9.64 56.08 36.80
C CYS S 71 -9.25 57.01 37.95
N PRO S 72 -8.35 57.99 37.69
CA PRO S 72 -7.88 58.89 38.74
C PRO S 72 -8.81 60.08 38.99
N SER S 73 -8.46 60.85 40.03
CA SER S 73 -9.17 62.07 40.41
C SER S 73 -8.86 63.23 39.45
N THR S 74 -7.58 63.39 39.09
CA THR S 74 -7.17 64.38 38.09
C THR S 74 -7.69 63.97 36.71
N HIS S 75 -8.23 64.95 35.98
CA HIS S 75 -9.00 64.68 34.78
C HIS S 75 -8.09 64.17 33.66
N VAL S 76 -8.53 63.10 32.98
CA VAL S 76 -7.69 62.37 32.01
C VAL S 76 -8.13 62.69 30.59
N LEU S 77 -7.13 62.81 29.72
CA LEU S 77 -7.23 63.55 28.46
C LEU S 77 -6.36 62.83 27.42
N LEU S 78 -7.03 62.20 26.44
CA LEU S 78 -6.37 61.44 25.37
C LEU S 78 -6.41 62.26 24.10
N THR S 79 -5.29 62.34 23.37
CA THR S 79 -5.20 63.11 22.13
C THR S 79 -4.48 62.31 21.08
N HIS S 80 -4.83 62.51 19.82
CA HIS S 80 -4.15 61.86 18.69
C HIS S 80 -4.13 62.79 17.50
N THR S 81 -3.01 62.80 16.77
CA THR S 81 -2.77 63.82 15.76
C THR S 81 -1.80 63.42 14.66
N ILE S 82 -2.17 63.76 13.42
CA ILE S 82 -1.37 63.52 12.24
C ILE S 82 -0.92 64.86 11.71
N SER S 83 0.35 65.18 11.96
CA SER S 83 0.96 66.44 11.54
C SER S 83 1.68 66.29 10.21
N ARG S 84 1.68 67.41 9.48
CA ARG S 84 2.43 67.57 8.23
C ARG S 84 3.52 68.61 8.41
N ILE S 85 4.74 68.25 8.00
CA ILE S 85 5.86 69.18 7.85
C ILE S 85 6.27 69.21 6.38
N ALA S 86 5.98 70.34 5.70
CA ALA S 86 6.32 70.53 4.28
C ALA S 86 7.82 70.70 4.06
N VAL S 87 8.22 70.89 2.80
CA VAL S 87 9.58 71.34 2.49
C VAL S 87 9.57 72.84 2.17
N SER S 88 8.71 73.24 1.22
CA SER S 88 8.50 74.67 0.83
C SER S 88 8.14 75.62 1.99
N TYR S 89 7.48 75.09 3.02
CA TYR S 89 6.98 75.83 4.18
C TYR S 89 7.88 75.63 5.41
N GLN S 90 8.31 74.38 5.64
CA GLN S 90 9.05 73.96 6.85
C GLN S 90 8.24 74.07 8.17
N THR S 91 6.91 74.04 8.09
CA THR S 91 6.01 74.22 9.25
C THR S 91 5.37 72.89 9.64
N LYS S 92 5.38 72.57 10.94
CA LYS S 92 4.64 71.41 11.46
C LYS S 92 3.20 71.81 11.77
N VAL S 93 2.26 71.25 11.00
CA VAL S 93 0.85 71.63 11.04
C VAL S 93 -0.07 70.42 11.18
N ASN S 94 -1.06 70.55 12.07
CA ASN S 94 -2.14 69.58 12.18
C ASN S 94 -2.86 69.48 10.87
N LEU S 95 -2.98 68.23 10.39
CA LEU S 95 -3.92 67.82 9.35
C LEU S 95 -5.17 67.18 9.92
N LEU S 96 -4.96 66.32 10.92
CA LEU S 96 -6.02 65.48 11.48
C LEU S 96 -5.69 65.28 12.94
N SER S 97 -6.69 65.38 13.79
CA SER S 97 -6.46 65.39 15.23
C SER S 97 -7.76 65.23 16.00
N ALA S 98 -7.68 64.52 17.14
CA ALA S 98 -8.85 64.30 17.98
C ALA S 98 -8.46 64.18 19.46
N ILE S 99 -9.42 64.52 20.32
CA ILE S 99 -9.27 64.50 21.77
C ILE S 99 -10.48 63.81 22.37
N LYS S 100 -10.25 63.06 23.45
CA LYS S 100 -11.26 62.22 24.06
C LYS S 100 -11.08 62.27 25.59
N SER S 101 -12.19 62.38 26.33
CA SER S 101 -12.18 62.40 27.80
C SER S 101 -12.72 61.08 28.34
N PRO S 102 -11.89 60.01 28.37
CA PRO S 102 -12.38 58.69 28.76
C PRO S 102 -13.14 58.69 30.06
N CYS S 103 -12.62 59.45 31.02
CA CYS S 103 -13.22 59.51 32.32
C CYS S 103 -13.91 60.82 32.59
N GLN S 104 -15.23 60.73 32.76
CA GLN S 104 -16.06 61.78 33.35
C GLN S 104 -16.18 61.59 34.87
N ARG S 105 -16.33 60.32 35.31
CA ARG S 105 -16.52 59.99 36.74
C ARG S 105 -15.55 58.87 37.17
N GLU S 106 -14.98 59.02 38.37
CA GLU S 106 -13.90 58.12 38.87
C GLU S 106 -14.37 57.13 39.95
N THR S 107 -13.51 56.15 40.24
CA THR S 107 -13.85 55.00 41.11
C THR S 107 -13.08 55.01 42.45
N PRO S 108 -13.81 55.00 43.60
CA PRO S 108 -13.12 54.93 44.89
C PRO S 108 -12.70 53.50 45.23
N ALA S 113 -13.23 50.27 40.13
CA ALA S 113 -12.04 50.41 39.29
C ALA S 113 -12.22 49.62 37.97
N LYS S 114 -13.32 49.88 37.28
CA LYS S 114 -13.71 49.09 36.10
C LYS S 114 -12.91 49.56 34.89
N PRO S 115 -12.27 48.61 34.16
CA PRO S 115 -11.36 49.00 33.08
C PRO S 115 -12.06 49.72 31.95
N TRP S 116 -11.30 50.48 31.17
CA TRP S 116 -11.85 51.21 30.04
C TRP S 116 -10.93 51.13 28.83
N TYR S 117 -11.52 51.29 27.66
CA TYR S 117 -10.86 51.15 26.37
C TYR S 117 -11.46 52.23 25.49
N GLU S 118 -10.60 53.06 24.91
CA GLU S 118 -11.06 54.09 23.99
C GLU S 118 -10.04 54.19 22.88
N PRO S 119 -10.49 54.11 21.61
CA PRO S 119 -9.59 54.31 20.51
C PRO S 119 -9.79 55.68 19.91
N ILE S 120 -8.86 56.07 19.04
CA ILE S 120 -8.99 57.29 18.28
C ILE S 120 -8.58 56.92 16.85
N TYR S 121 -9.55 57.03 15.94
CA TYR S 121 -9.35 56.83 14.51
C TYR S 121 -9.06 58.20 13.92
N LEU S 122 -8.42 58.24 12.76
CA LEU S 122 -8.13 59.50 12.10
C LEU S 122 -7.87 59.18 10.63
N GLY S 123 -8.56 59.87 9.73
CA GLY S 123 -8.34 59.63 8.31
C GLY S 123 -8.87 60.71 7.39
N GLY S 124 -8.14 60.93 6.29
CA GLY S 124 -8.64 61.76 5.20
C GLY S 124 -7.74 61.74 3.99
N VAL S 125 -8.26 62.32 2.91
CA VAL S 125 -7.45 62.55 1.70
C VAL S 125 -6.83 63.95 1.74
N PHE S 126 -5.62 64.06 1.20
CA PHE S 126 -4.84 65.32 1.21
C PHE S 126 -3.87 65.40 0.02
N GLN S 127 -3.67 66.61 -0.49
CA GLN S 127 -2.64 66.89 -1.50
C GLN S 127 -1.29 67.00 -0.77
N LEU S 128 -0.28 66.32 -1.31
CA LEU S 128 1.09 66.34 -0.75
C LEU S 128 2.16 66.53 -1.83
N GLU S 129 3.35 66.95 -1.41
CA GLU S 129 4.49 67.17 -2.33
C GLU S 129 5.70 66.32 -1.95
N LYS S 130 6.68 66.26 -2.86
CA LYS S 130 7.87 65.43 -2.69
C LYS S 130 8.74 66.04 -1.60
N GLY S 131 9.08 65.22 -0.60
CA GLY S 131 9.88 65.63 0.56
C GLY S 131 9.13 65.81 1.87
N ASP S 132 7.85 66.17 1.78
CA ASP S 132 7.00 66.40 2.96
C ASP S 132 7.05 65.22 3.95
N ARG S 133 7.13 65.54 5.24
CA ARG S 133 7.23 64.54 6.28
C ARG S 133 5.94 64.50 7.11
N LEU S 134 5.24 63.36 7.09
CA LEU S 134 4.02 63.13 7.90
C LEU S 134 4.37 62.36 9.15
N SER S 135 3.65 62.65 10.25
CA SER S 135 4.01 62.14 11.58
C SER S 135 2.76 61.88 12.40
N ALA S 136 2.72 60.71 13.03
CA ALA S 136 1.54 60.26 13.78
C ALA S 136 1.91 60.24 15.23
N GLU S 137 1.07 60.88 16.04
CA GLU S 137 1.48 61.27 17.38
C GLU S 137 0.32 61.41 18.34
N ILE S 138 0.64 61.12 19.60
CA ILE S 138 -0.28 61.13 20.71
C ILE S 138 0.41 61.75 21.89
N ASN S 139 -0.36 62.05 22.94
CA ASN S 139 0.16 62.62 24.17
C ASN S 139 0.56 61.58 25.20
N ARG S 140 -0.26 60.53 25.34
CA ARG S 140 -0.14 59.61 26.48
C ARG S 140 0.16 58.13 26.12
N PRO S 141 1.40 57.84 25.66
CA PRO S 141 1.76 56.46 25.31
C PRO S 141 1.91 55.51 26.49
N ASP S 142 1.77 56.02 27.71
CA ASP S 142 1.62 55.16 28.87
C ASP S 142 0.25 54.48 28.90
N TYR S 143 -0.76 55.04 28.25
CA TYR S 143 -2.09 54.36 28.10
C TYR S 143 -2.23 53.43 26.89
N LEU S 144 -1.23 53.38 26.03
CA LEU S 144 -1.31 52.53 24.84
C LEU S 144 -1.59 51.08 25.16
N ASP S 145 -2.29 50.45 24.22
CA ASP S 145 -2.81 49.10 24.37
C ASP S 145 -2.21 48.20 23.30
N PHE S 146 -1.07 47.58 23.63
CA PHE S 146 -0.42 46.62 22.73
C PHE S 146 -1.01 45.22 22.95
N ALA S 147 -2.28 45.07 22.58
CA ALA S 147 -3.04 43.87 22.85
C ALA S 147 -3.24 43.15 21.53
N GLU S 148 -4.08 43.72 20.66
CA GLU S 148 -4.42 43.12 19.37
C GLU S 148 -3.44 43.71 18.37
N SER S 149 -2.50 42.89 17.90
CA SER S 149 -1.37 43.37 17.07
C SER S 149 -1.85 44.04 15.79
N GLY S 150 -1.13 45.07 15.36
CA GLY S 150 -1.55 45.92 14.25
C GLY S 150 -2.94 46.51 14.38
N GLN S 151 -3.32 46.88 15.60
CA GLN S 151 -4.47 47.74 15.84
C GLN S 151 -4.01 49.15 16.09
N VAL S 152 -2.74 49.32 16.49
CA VAL S 152 -2.09 50.63 16.50
C VAL S 152 -1.30 50.76 15.21
N TYR S 153 -1.92 51.40 14.21
CA TYR S 153 -1.29 51.53 12.91
C TYR S 153 -1.38 52.98 12.44
N PHE S 154 -0.39 53.34 11.63
CA PHE S 154 -0.33 54.61 10.89
C PHE S 154 0.05 54.24 9.46
N GLY S 155 -0.62 54.85 8.47
CA GLY S 155 -0.37 54.51 7.06
C GLY S 155 -1.01 55.44 6.06
N ILE S 156 -0.45 55.47 4.85
CA ILE S 156 -0.97 56.31 3.76
C ILE S 156 -0.98 55.59 2.42
N ILE S 157 -1.79 56.10 1.50
CA ILE S 157 -1.99 55.50 0.17
C ILE S 157 -2.16 56.57 -0.92
N ALA S 158 -1.22 56.61 -1.87
CA ALA S 158 -1.36 57.47 -3.04
C ALA S 158 -2.54 57.06 -3.92
N LEU S 159 -2.98 57.96 -4.80
CA LEU S 159 -4.22 57.78 -5.57
C LEU S 159 -3.99 57.76 -7.08
N SER T 11 -6.90 58.79 -14.64
CA SER T 11 -7.48 58.67 -13.27
C SER T 11 -7.65 60.05 -12.62
N ASP T 12 -8.73 60.74 -13.00
CA ASP T 12 -9.06 62.06 -12.43
C ASP T 12 -9.59 61.93 -10.99
N LYS T 13 -10.66 61.14 -10.82
CA LYS T 13 -11.24 60.80 -9.51
C LYS T 13 -11.66 62.03 -8.68
N PRO T 14 -12.90 62.54 -8.90
CA PRO T 14 -13.51 63.58 -8.07
C PRO T 14 -13.25 63.41 -6.59
N VAL T 15 -12.72 64.45 -5.95
CA VAL T 15 -12.31 64.41 -4.54
C VAL T 15 -12.58 65.72 -3.82
N ALA T 16 -12.58 65.65 -2.50
CA ALA T 16 -12.64 66.83 -1.64
C ALA T 16 -12.33 66.46 -0.19
N HIS T 17 -11.82 67.44 0.54
CA HIS T 17 -11.68 67.36 2.00
C HIS T 17 -11.83 68.80 2.46
N VAL T 18 -12.86 69.07 3.24
CA VAL T 18 -13.12 70.43 3.73
C VAL T 18 -13.35 70.44 5.23
N VAL T 19 -13.07 71.60 5.82
CA VAL T 19 -12.97 71.74 7.26
C VAL T 19 -13.78 72.92 7.73
N ALA T 20 -14.10 72.91 9.02
CA ALA T 20 -14.85 74.00 9.65
C ALA T 20 -14.05 75.28 9.60
N ASN T 21 -14.75 76.40 9.74
CA ASN T 21 -14.13 77.71 9.81
C ASN T 21 -13.91 78.15 11.25
N PRO T 22 -12.64 78.32 11.68
CA PRO T 22 -12.36 78.97 12.97
C PRO T 22 -13.01 80.36 13.08
N GLN T 23 -12.92 81.14 12.01
CA GLN T 23 -13.48 82.51 11.96
C GLN T 23 -15.01 82.61 11.87
N ALA T 24 -15.72 81.48 11.78
CA ALA T 24 -17.18 81.47 11.86
C ALA T 24 -17.56 81.01 13.26
N GLU T 25 -17.49 81.95 14.20
CA GLU T 25 -17.71 81.61 15.61
C GLU T 25 -19.15 81.15 15.88
N GLY T 26 -19.27 80.06 16.64
CA GLY T 26 -20.56 79.50 17.02
C GLY T 26 -21.33 78.81 15.91
N GLN T 27 -20.64 78.35 14.87
CA GLN T 27 -21.30 77.68 13.74
C GLN T 27 -20.36 76.81 12.89
N LEU T 28 -20.97 75.82 12.23
CA LEU T 28 -20.26 74.93 11.33
C LEU T 28 -20.45 75.46 9.92
N GLN T 29 -19.33 75.75 9.25
CA GLN T 29 -19.31 76.22 7.88
C GLN T 29 -18.09 75.64 7.17
N TRP T 30 -18.32 74.64 6.32
CA TRP T 30 -17.23 73.95 5.62
C TRP T 30 -16.50 74.93 4.70
N LEU T 31 -15.17 74.79 4.65
CA LEU T 31 -14.31 75.68 3.86
C LEU T 31 -13.30 74.94 3.01
N ASN T 32 -13.24 75.33 1.73
CA ASN T 32 -12.23 74.82 0.79
C ASN T 32 -11.01 75.72 0.68
N ARG T 33 -11.19 77.03 0.92
CA ARG T 33 -10.10 78.01 0.77
C ARG T 33 -9.10 77.90 1.92
N ARG T 34 -8.32 76.83 1.87
CA ARG T 34 -7.30 76.51 2.84
C ARG T 34 -6.20 75.69 2.15
N ALA T 35 -4.98 75.76 2.68
CA ALA T 35 -3.93 74.81 2.32
C ALA T 35 -4.20 73.49 3.08
N ASN T 36 -3.98 72.35 2.39
CA ASN T 36 -4.38 70.98 2.79
C ASN T 36 -5.81 70.61 2.38
N ALA T 37 -6.78 71.41 2.83
CA ALA T 37 -8.20 71.23 2.50
C ALA T 37 -8.50 71.68 1.07
N LEU T 38 -9.21 70.85 0.31
CA LEU T 38 -9.32 71.00 -1.15
C LEU T 38 -10.66 70.58 -1.75
N LEU T 39 -10.85 71.00 -2.99
CA LEU T 39 -11.87 70.48 -3.91
C LEU T 39 -11.18 70.27 -5.26
N ALA T 40 -11.38 69.10 -5.87
CA ALA T 40 -10.72 68.82 -7.15
C ALA T 40 -11.51 67.88 -8.07
N ASN T 41 -11.07 67.84 -9.32
CA ASN T 41 -11.63 66.96 -10.35
C ASN T 41 -13.17 66.94 -10.40
N GLY T 42 -13.77 68.12 -10.27
CA GLY T 42 -15.21 68.30 -10.46
C GLY T 42 -16.05 68.55 -9.24
N VAL T 43 -15.53 68.29 -8.05
CA VAL T 43 -16.31 68.46 -6.83
C VAL T 43 -16.36 69.95 -6.49
N GLU T 44 -17.58 70.45 -6.24
CA GLU T 44 -17.78 71.83 -5.80
C GLU T 44 -18.17 71.85 -4.32
N LEU T 45 -18.15 73.05 -3.74
CA LEU T 45 -18.82 73.32 -2.47
C LEU T 45 -19.65 74.58 -2.65
N ARG T 46 -20.94 74.50 -2.32
CA ARG T 46 -21.89 75.59 -2.53
C ARG T 46 -23.09 75.41 -1.60
N ASP T 47 -23.62 76.51 -1.04
CA ASP T 47 -24.69 76.46 -0.02
C ASP T 47 -24.39 75.42 1.08
N ASN T 48 -23.15 75.47 1.56
CA ASN T 48 -22.56 74.57 2.56
C ASN T 48 -22.60 73.07 2.24
N GLN T 49 -22.70 72.73 0.95
CA GLN T 49 -22.93 71.36 0.49
C GLN T 49 -21.93 70.98 -0.58
N LEU T 50 -21.33 69.79 -0.47
CA LEU T 50 -20.49 69.25 -1.55
C LEU T 50 -21.36 68.69 -2.71
N VAL T 51 -21.30 69.37 -3.86
CA VAL T 51 -21.99 68.92 -5.07
C VAL T 51 -21.11 67.90 -5.83
N VAL T 52 -21.76 66.84 -6.33
CA VAL T 52 -21.09 65.66 -6.92
C VAL T 52 -21.10 65.70 -8.47
N PRO T 53 -19.92 65.56 -9.10
CA PRO T 53 -19.84 65.80 -10.55
C PRO T 53 -20.40 64.69 -11.43
N SER T 54 -20.13 63.45 -11.05
CA SER T 54 -20.50 62.30 -11.87
C SER T 54 -20.95 61.16 -10.98
N GLU T 55 -21.88 60.36 -11.51
CA GLU T 55 -22.34 59.15 -10.83
C GLU T 55 -21.22 58.13 -10.67
N GLY T 56 -21.33 57.34 -9.61
CA GLY T 56 -20.34 56.32 -9.27
C GLY T 56 -20.34 56.11 -7.76
N LEU T 57 -19.57 55.12 -7.29
CA LEU T 57 -19.38 54.92 -5.84
C LEU T 57 -18.44 55.99 -5.33
N TYR T 58 -18.66 56.39 -4.08
CA TYR T 58 -17.83 57.34 -3.41
C TYR T 58 -17.64 56.90 -1.97
N LEU T 59 -16.39 56.83 -1.52
CA LEU T 59 -16.11 56.95 -0.07
C LEU T 59 -16.53 58.35 0.39
N ILE T 60 -17.28 58.39 1.50
CA ILE T 60 -17.65 59.62 2.19
C ILE T 60 -17.34 59.46 3.66
N TYR T 61 -16.72 60.48 4.26
CA TYR T 61 -16.36 60.48 5.68
C TYR T 61 -16.55 61.84 6.31
N SER T 62 -16.62 61.87 7.64
CA SER T 62 -16.64 63.14 8.37
C SER T 62 -16.15 62.98 9.79
N GLN T 63 -15.57 64.05 10.33
CA GLN T 63 -15.25 64.15 11.75
C GLN T 63 -15.77 65.44 12.31
N VAL T 64 -16.23 65.40 13.56
CA VAL T 64 -16.54 66.60 14.35
C VAL T 64 -16.10 66.31 15.79
N LEU T 65 -15.67 67.36 16.50
CA LEU T 65 -15.23 67.27 17.87
C LEU T 65 -16.04 68.25 18.68
N PHE T 66 -16.72 67.73 19.69
CA PHE T 66 -17.48 68.55 20.60
C PHE T 66 -16.70 68.60 21.89
N LYS T 67 -16.68 69.78 22.52
CA LYS T 67 -16.00 69.99 23.80
C LYS T 67 -16.90 70.80 24.73
N GLY T 68 -17.10 70.31 25.95
CA GLY T 68 -17.84 71.06 26.95
C GLY T 68 -17.00 71.25 28.19
N GLN T 69 -17.05 72.47 28.74
CA GLN T 69 -16.58 72.73 30.09
C GLN T 69 -17.71 72.32 31.01
N GLY T 70 -17.54 71.19 31.68
CA GLY T 70 -18.52 70.71 32.67
C GLY T 70 -19.79 70.16 32.05
N CYS T 71 -20.71 69.75 32.92
CA CYS T 71 -22.00 69.16 32.54
C CYS T 71 -23.12 69.90 33.26
N PRO T 72 -23.85 70.79 32.54
CA PRO T 72 -24.91 71.55 33.20
C PRO T 72 -26.11 70.69 33.58
N SER T 73 -26.59 69.87 32.65
CA SER T 73 -27.69 68.92 32.87
C SER T 73 -27.26 67.51 32.43
N THR T 74 -28.05 66.52 32.81
CA THR T 74 -27.89 65.15 32.30
C THR T 74 -28.47 65.02 30.89
N HIS T 75 -29.17 66.04 30.42
CA HIS T 75 -29.94 66.00 29.18
C HIS T 75 -29.18 66.55 27.97
N VAL T 76 -27.83 66.50 28.01
CA VAL T 76 -27.03 67.08 26.94
C VAL T 76 -26.94 66.06 25.82
N LEU T 77 -27.22 66.54 24.61
CA LEU T 77 -27.51 65.69 23.47
C LEU T 77 -26.75 66.24 22.26
N LEU T 78 -25.85 65.42 21.70
CA LEU T 78 -25.05 65.81 20.54
C LEU T 78 -25.40 64.88 19.38
N THR T 79 -25.71 65.48 18.22
CA THR T 79 -26.01 64.78 16.97
C THR T 79 -25.07 65.25 15.85
N HIS T 80 -24.68 64.30 14.99
CA HIS T 80 -23.86 64.58 13.82
C HIS T 80 -24.41 63.72 12.71
N THR T 81 -24.47 64.27 11.50
CA THR T 81 -25.27 63.69 10.44
C THR T 81 -24.82 64.08 9.06
N ILE T 82 -24.78 63.08 8.18
CA ILE T 82 -24.44 63.29 6.77
C ILE T 82 -25.65 62.81 5.96
N SER T 83 -26.31 63.76 5.30
CA SER T 83 -27.50 63.51 4.47
C SER T 83 -27.23 63.89 3.03
N ARG T 84 -28.07 63.36 2.13
CA ARG T 84 -27.89 63.44 0.68
C ARG T 84 -29.17 64.01 0.06
N ILE T 85 -29.02 64.82 -1.00
CA ILE T 85 -30.18 65.41 -1.73
C ILE T 85 -29.97 65.28 -3.23
N ALA T 86 -30.77 64.42 -3.84
CA ALA T 86 -30.67 64.14 -5.26
C ALA T 86 -31.43 65.20 -6.02
N VAL T 87 -31.01 65.45 -7.27
CA VAL T 87 -31.69 66.43 -8.11
C VAL T 87 -33.09 65.93 -8.43
N SER T 88 -33.19 64.63 -8.72
CA SER T 88 -34.43 64.01 -9.19
C SER T 88 -35.49 63.84 -8.09
N TYR T 89 -35.07 63.62 -6.85
CA TYR T 89 -36.00 63.37 -5.72
C TYR T 89 -36.28 64.62 -4.85
N GLN T 90 -35.25 65.44 -4.58
CA GLN T 90 -35.41 66.74 -3.87
C GLN T 90 -35.95 66.59 -2.44
N THR T 91 -35.24 65.83 -1.62
CA THR T 91 -35.62 65.65 -0.21
C THR T 91 -34.49 64.96 0.52
N LYS T 92 -34.34 65.31 1.79
CA LYS T 92 -33.29 64.76 2.61
C LYS T 92 -33.42 63.25 2.76
N VAL T 93 -32.29 62.57 2.62
CA VAL T 93 -32.16 61.12 2.79
C VAL T 93 -30.90 60.94 3.59
N ASN T 94 -31.03 60.59 4.87
CA ASN T 94 -29.87 60.48 5.74
C ASN T 94 -29.05 59.27 5.38
N LEU T 95 -27.75 59.47 5.22
CA LEU T 95 -26.83 58.36 5.02
C LEU T 95 -26.28 57.87 6.34
N LEU T 96 -25.69 58.79 7.11
CA LEU T 96 -24.96 58.42 8.35
C LEU T 96 -25.33 59.32 9.53
N SER T 97 -25.15 58.75 10.72
CA SER T 97 -25.74 59.29 11.94
C SER T 97 -24.96 58.88 13.19
N ALA T 98 -25.13 59.69 14.23
CA ALA T 98 -24.51 59.46 15.54
C ALA T 98 -25.19 60.36 16.56
N ILE T 99 -25.47 59.81 17.73
CA ILE T 99 -26.17 60.51 18.79
C ILE T 99 -25.45 60.13 20.05
N LYS T 100 -25.12 61.13 20.85
CA LYS T 100 -24.22 60.92 21.97
C LYS T 100 -24.68 61.76 23.15
N SER T 101 -24.68 61.12 24.33
CA SER T 101 -24.98 61.78 25.59
C SER T 101 -23.71 61.81 26.42
N PRO T 102 -22.98 62.94 26.38
CA PRO T 102 -21.74 63.03 27.15
C PRO T 102 -21.95 63.18 28.64
N CYS T 103 -23.12 63.66 29.07
CA CYS T 103 -23.33 63.99 30.49
C CYS T 103 -24.22 62.99 31.22
N GLN T 104 -23.57 61.96 31.76
CA GLN T 104 -24.25 60.95 32.55
C GLN T 104 -24.66 61.51 33.90
N ARG T 105 -23.82 62.39 34.45
CA ARG T 105 -24.12 63.13 35.68
C ARG T 105 -23.85 64.63 35.50
N GLU T 106 -24.62 65.45 36.22
CA GLU T 106 -24.31 66.87 36.37
C GLU T 106 -23.04 67.02 37.20
N THR T 107 -22.26 68.06 36.90
CA THR T 107 -21.17 68.50 37.78
C THR T 107 -21.90 68.99 39.05
N PRO T 108 -21.57 68.42 40.23
CA PRO T 108 -22.42 68.67 41.42
C PRO T 108 -22.18 70.05 42.07
N GLU T 109 -22.12 71.10 41.24
CA GLU T 109 -21.50 72.40 41.58
C GLU T 109 -20.15 72.18 42.31
N GLY T 110 -19.38 71.23 41.78
CA GLY T 110 -18.27 70.59 42.50
C GLY T 110 -16.90 71.05 42.04
N ALA T 111 -16.35 72.01 42.77
CA ALA T 111 -14.98 72.52 42.60
C ALA T 111 -14.56 72.76 41.14
N GLU T 112 -14.09 71.71 40.46
CA GLU T 112 -13.48 71.85 39.14
C GLU T 112 -14.50 71.95 38.02
N ALA T 113 -14.10 72.63 36.94
CA ALA T 113 -14.83 72.63 35.69
C ALA T 113 -14.30 71.44 34.87
N LYS T 114 -14.94 70.29 35.03
CA LYS T 114 -14.49 69.04 34.39
C LYS T 114 -14.78 69.09 32.89
N PRO T 115 -13.73 69.29 32.05
CA PRO T 115 -14.05 69.31 30.63
C PRO T 115 -14.36 67.92 30.07
N TRP T 116 -14.99 67.86 28.91
CA TRP T 116 -15.17 66.60 28.20
C TRP T 116 -15.03 66.81 26.71
N TYR T 117 -14.84 65.70 26.00
CA TYR T 117 -14.45 65.72 24.59
C TYR T 117 -15.07 64.52 23.85
N GLU T 118 -16.13 64.77 23.08
CA GLU T 118 -16.77 63.74 22.23
C GLU T 118 -16.40 63.96 20.76
N PRO T 119 -15.38 63.22 20.26
CA PRO T 119 -15.20 63.15 18.81
C PRO T 119 -16.31 62.28 18.23
N ILE T 120 -16.68 62.54 16.97
CA ILE T 120 -17.59 61.67 16.23
C ILE T 120 -17.08 61.52 14.80
N TYR T 121 -16.83 60.27 14.37
CA TYR T 121 -16.60 59.96 12.93
C TYR T 121 -17.85 59.38 12.32
N LEU T 122 -18.13 59.78 11.09
CA LEU T 122 -19.11 59.13 10.25
C LEU T 122 -18.39 58.75 8.97
N GLY T 123 -18.72 57.57 8.43
CA GLY T 123 -18.03 57.06 7.25
C GLY T 123 -18.75 55.90 6.60
N GLY T 124 -18.64 55.82 5.26
CA GLY T 124 -19.13 54.68 4.47
C GLY T 124 -18.66 54.73 3.02
N VAL T 125 -19.41 54.08 2.13
CA VAL T 125 -19.12 54.10 0.69
C VAL T 125 -20.48 53.89 -0.01
N PHE T 126 -20.81 54.75 -0.97
CA PHE T 126 -22.21 54.97 -1.40
C PHE T 126 -22.30 55.32 -2.87
N GLN T 127 -23.23 54.67 -3.56
CA GLN T 127 -23.53 54.96 -4.96
C GLN T 127 -24.28 56.27 -4.96
N LEU T 128 -23.78 57.24 -5.72
CA LEU T 128 -24.33 58.58 -5.77
C LEU T 128 -24.55 59.02 -7.18
N GLU T 129 -25.67 59.71 -7.41
CA GLU T 129 -25.95 60.28 -8.71
C GLU T 129 -25.24 61.62 -8.89
N LYS T 130 -25.20 62.05 -10.16
CA LYS T 130 -24.67 63.34 -10.55
C LYS T 130 -25.56 64.45 -9.97
N GLY T 131 -24.92 65.55 -9.57
CA GLY T 131 -25.61 66.69 -8.98
C GLY T 131 -26.21 66.47 -7.61
N ASP T 132 -25.75 65.43 -6.90
CA ASP T 132 -26.28 65.16 -5.57
C ASP T 132 -25.57 66.14 -4.64
N ARG T 133 -26.35 66.91 -3.88
CA ARG T 133 -25.82 67.77 -2.82
C ARG T 133 -25.73 66.96 -1.54
N LEU T 134 -24.52 66.80 -1.01
CA LEU T 134 -24.27 66.18 0.30
C LEU T 134 -24.10 67.25 1.36
N SER T 135 -24.14 66.85 2.63
CA SER T 135 -23.92 67.79 3.72
C SER T 135 -23.71 67.08 5.03
N ALA T 136 -22.63 67.47 5.73
CA ALA T 136 -22.37 67.09 7.12
C ALA T 136 -22.91 68.18 8.08
N GLU T 137 -23.61 67.74 9.12
CA GLU T 137 -24.38 68.63 10.00
C GLU T 137 -24.28 68.25 11.44
N ILE T 138 -24.49 69.25 12.31
CA ILE T 138 -24.58 69.04 13.75
C ILE T 138 -25.76 69.83 14.32
N ASN T 139 -26.07 69.59 15.59
CA ASN T 139 -27.16 70.32 16.28
C ASN T 139 -26.69 71.29 17.36
N ARG T 140 -25.51 71.05 17.92
CA ARG T 140 -24.91 71.91 18.94
C ARG T 140 -23.61 72.50 18.39
N PRO T 141 -23.72 73.43 17.42
CA PRO T 141 -22.50 74.07 16.91
C PRO T 141 -21.71 74.83 17.99
N ASP T 142 -22.39 75.30 19.03
CA ASP T 142 -21.71 75.97 20.13
C ASP T 142 -20.80 75.07 20.99
N TYR T 143 -21.07 73.76 21.04
CA TYR T 143 -20.15 72.81 21.70
C TYR T 143 -18.99 72.32 20.81
N LEU T 144 -18.88 72.79 19.56
CA LEU T 144 -17.73 72.47 18.68
C LEU T 144 -16.36 72.83 19.26
N ASP T 145 -15.33 72.29 18.62
CA ASP T 145 -13.95 72.65 18.91
C ASP T 145 -13.16 72.65 17.61
N PHE T 146 -12.61 73.81 17.28
CA PHE T 146 -11.64 73.99 16.19
C PHE T 146 -10.43 74.84 16.67
N ALA T 147 -10.10 74.75 17.96
CA ALA T 147 -9.02 75.54 18.58
C ALA T 147 -7.64 75.22 18.00
N GLU T 148 -7.47 74.01 17.49
CA GLU T 148 -6.41 73.68 16.55
C GLU T 148 -7.09 73.13 15.29
N SER T 149 -6.37 73.17 14.17
CA SER T 149 -6.86 72.69 12.87
C SER T 149 -6.89 71.18 12.84
N GLY T 150 -7.65 70.63 11.89
CA GLY T 150 -7.73 69.18 11.70
C GLY T 150 -8.48 68.45 12.79
N GLN T 151 -9.45 69.14 13.39
CA GLN T 151 -10.38 68.55 14.35
C GLN T 151 -11.73 68.30 13.75
N VAL T 152 -12.13 69.15 12.80
CA VAL T 152 -13.44 69.08 12.19
C VAL T 152 -13.20 69.03 10.69
N TYR T 153 -13.60 67.91 10.06
CA TYR T 153 -13.48 67.74 8.60
C TYR T 153 -14.59 66.91 7.99
N PHE T 154 -14.69 67.02 6.67
CA PHE T 154 -15.73 66.38 5.89
C PHE T 154 -15.19 66.21 4.48
N GLY T 155 -14.90 64.97 4.08
CA GLY T 155 -14.28 64.70 2.77
C GLY T 155 -14.82 63.49 2.03
N ILE T 156 -14.59 63.45 0.71
CA ILE T 156 -14.98 62.31 -0.14
C ILE T 156 -13.93 61.89 -1.18
N ILE T 157 -14.00 60.63 -1.57
CA ILE T 157 -13.12 60.05 -2.59
C ILE T 157 -13.96 59.17 -3.46
N ALA T 158 -13.72 59.18 -4.77
CA ALA T 158 -14.32 58.19 -5.68
C ALA T 158 -13.39 56.98 -5.85
N LEU T 159 -13.80 55.83 -5.29
CA LEU T 159 -13.11 54.55 -5.56
C LEU T 159 -13.55 54.08 -6.95
N SER U 11 84.01 -22.12 38.35
CA SER U 11 85.35 -21.79 38.92
C SER U 11 86.48 -22.53 38.18
N ASP U 12 86.44 -23.86 38.28
CA ASP U 12 87.36 -24.75 37.57
C ASP U 12 86.57 -25.67 36.63
N LYS U 13 85.48 -25.15 36.08
CA LYS U 13 84.60 -25.93 35.22
C LYS U 13 85.24 -26.09 33.84
N PRO U 14 84.99 -27.23 33.16
CA PRO U 14 85.56 -27.44 31.83
C PRO U 14 85.14 -26.36 30.83
N VAL U 15 86.12 -25.68 30.22
CA VAL U 15 85.87 -24.77 29.10
C VAL U 15 86.94 -24.88 28.01
N ALA U 16 86.60 -24.37 26.83
CA ALA U 16 87.46 -24.43 25.65
C ALA U 16 86.94 -23.57 24.50
N HIS U 17 87.87 -23.08 23.69
CA HIS U 17 87.56 -22.29 22.50
C HIS U 17 88.77 -22.41 21.57
N VAL U 18 88.52 -22.80 20.33
CA VAL U 18 89.61 -23.09 19.36
C VAL U 18 89.34 -22.47 18.01
N VAL U 19 90.40 -22.36 17.21
CA VAL U 19 90.39 -21.56 15.98
C VAL U 19 90.90 -22.33 14.75
N ALA U 20 90.33 -21.97 13.60
CA ALA U 20 90.69 -22.57 12.32
C ALA U 20 92.12 -22.22 11.92
N ASN U 21 92.90 -23.22 11.49
CA ASN U 21 94.27 -22.99 11.01
C ASN U 21 94.21 -22.25 9.67
N PRO U 22 94.67 -20.98 9.64
CA PRO U 22 94.51 -20.22 8.39
C PRO U 22 95.30 -20.70 7.19
N GLN U 23 96.33 -21.53 7.42
CA GLN U 23 97.10 -22.12 6.32
C GLN U 23 96.19 -23.08 5.54
N ALA U 24 95.78 -24.17 6.20
CA ALA U 24 94.86 -25.16 5.63
C ALA U 24 95.40 -25.82 4.35
N GLU U 25 94.56 -26.64 3.72
CA GLU U 25 94.82 -27.19 2.39
C GLU U 25 93.50 -27.68 1.79
N GLY U 26 92.49 -26.80 1.82
CA GLY U 26 91.13 -27.20 1.57
C GLY U 26 90.66 -28.10 2.70
N GLN U 27 90.75 -27.60 3.92
CA GLN U 27 90.30 -28.33 5.12
C GLN U 27 90.07 -27.39 6.32
N LEU U 28 89.37 -27.93 7.33
CA LEU U 28 89.04 -27.22 8.57
C LEU U 28 89.85 -27.81 9.73
N GLN U 29 90.54 -26.95 10.48
CA GLN U 29 91.59 -27.40 11.42
C GLN U 29 91.66 -26.58 12.71
N TRP U 30 91.20 -27.18 13.81
CA TRP U 30 91.12 -26.50 15.10
C TRP U 30 92.48 -26.54 15.82
N LEU U 31 92.87 -25.40 16.41
CA LEU U 31 94.11 -25.27 17.19
C LEU U 31 93.83 -24.79 18.62
N LEU U 38 92.42 -22.09 23.08
CA LEU U 38 92.72 -22.50 24.44
C LEU U 38 91.80 -23.62 24.97
N LEU U 39 92.32 -24.33 25.97
CA LEU U 39 91.63 -25.42 26.65
C LEU U 39 91.61 -25.14 28.15
N ALA U 40 90.82 -25.91 28.90
CA ALA U 40 90.83 -25.83 30.36
C ALA U 40 90.20 -27.05 31.01
N ASN U 41 90.83 -27.52 32.08
CA ASN U 41 90.23 -28.51 32.97
C ASN U 41 89.76 -29.77 32.26
N GLY U 42 90.73 -30.59 31.83
CA GLY U 42 90.44 -31.90 31.24
C GLY U 42 90.05 -31.93 29.76
N VAL U 43 89.55 -30.80 29.25
CA VAL U 43 89.09 -30.71 27.87
C VAL U 43 90.30 -30.80 26.95
N GLU U 44 90.52 -31.98 26.39
CA GLU U 44 91.52 -32.18 25.34
C GLU U 44 90.93 -31.88 23.96
N LEU U 45 91.81 -31.80 22.97
CA LEU U 45 91.43 -31.95 21.56
C LEU U 45 91.98 -33.30 21.10
N ARG U 46 91.21 -34.00 20.27
CA ARG U 46 91.56 -35.38 19.87
C ARG U 46 91.03 -35.64 18.46
N ASP U 47 91.96 -35.78 17.50
CA ASP U 47 91.64 -36.06 16.10
C ASP U 47 90.72 -34.99 15.49
N ASN U 48 91.04 -33.73 15.79
CA ASN U 48 90.27 -32.54 15.36
C ASN U 48 88.86 -32.45 15.98
N GLN U 49 88.70 -33.02 17.18
CA GLN U 49 87.42 -33.07 17.89
C GLN U 49 87.61 -32.75 19.37
N LEU U 50 86.62 -32.08 19.96
CA LEU U 50 86.67 -31.73 21.38
C LEU U 50 86.16 -32.89 22.22
N VAL U 51 86.90 -33.21 23.29
CA VAL U 51 86.54 -34.29 24.23
C VAL U 51 86.01 -33.69 25.54
N VAL U 52 84.99 -34.35 26.11
CA VAL U 52 84.33 -33.88 27.33
C VAL U 52 84.92 -34.60 28.55
N PRO U 53 85.54 -33.86 29.49
CA PRO U 53 86.19 -34.51 30.64
C PRO U 53 85.23 -35.01 31.72
N SER U 54 84.17 -34.25 32.01
CA SER U 54 83.16 -34.65 32.99
C SER U 54 81.73 -34.46 32.44
N GLU U 55 80.78 -35.20 32.99
CA GLU U 55 79.37 -35.05 32.60
C GLU U 55 78.77 -33.73 33.08
N GLY U 56 77.61 -33.41 32.51
CA GLY U 56 76.78 -32.28 32.93
C GLY U 56 76.25 -31.50 31.74
N LEU U 57 75.82 -30.27 32.01
CA LEU U 57 75.28 -29.38 30.99
C LEU U 57 76.42 -28.58 30.39
N TYR U 58 76.46 -28.51 29.06
CA TYR U 58 77.46 -27.72 28.33
C TYR U 58 76.75 -26.80 27.36
N LEU U 59 77.41 -25.69 27.05
CA LEU U 59 76.94 -24.73 26.07
C LEU U 59 77.89 -24.87 24.92
N ILE U 60 77.36 -25.31 23.79
CA ILE U 60 78.13 -25.63 22.60
C ILE U 60 77.76 -24.58 21.57
N TYR U 61 78.77 -24.09 20.86
CA TYR U 61 78.57 -23.02 19.90
C TYR U 61 79.73 -22.99 18.93
N SER U 62 79.47 -22.49 17.72
CA SER U 62 80.50 -22.35 16.70
C SER U 62 80.03 -21.41 15.61
N GLN U 63 80.95 -20.63 15.06
CA GLN U 63 80.71 -19.88 13.83
C GLN U 63 81.72 -20.28 12.77
N VAL U 64 81.26 -20.28 11.52
CA VAL U 64 82.11 -20.39 10.34
C VAL U 64 81.67 -19.31 9.36
N LEU U 65 82.60 -18.91 8.51
CA LEU U 65 82.38 -17.77 7.61
C LEU U 65 83.01 -18.06 6.27
N PHE U 66 82.18 -18.09 5.24
CA PHE U 66 82.61 -18.37 3.88
C PHE U 66 82.74 -17.08 3.10
N LYS U 67 83.64 -17.07 2.13
CA LYS U 67 83.71 -16.03 1.12
C LYS U 67 83.76 -16.65 -0.27
N GLY U 68 83.14 -15.97 -1.23
CA GLY U 68 83.26 -16.33 -2.64
C GLY U 68 83.00 -15.12 -3.53
N GLN U 69 84.00 -14.74 -4.33
CA GLN U 69 83.81 -13.71 -5.36
C GLN U 69 83.02 -14.33 -6.51
N GLY U 70 81.75 -13.95 -6.62
CA GLY U 70 80.92 -14.35 -7.75
C GLY U 70 80.46 -15.80 -7.70
N CYS U 71 79.84 -16.23 -8.79
CA CYS U 71 79.04 -17.44 -8.83
C CYS U 71 79.20 -18.26 -10.11
N PRO U 72 79.54 -19.56 -9.98
CA PRO U 72 79.65 -20.43 -11.15
C PRO U 72 78.27 -20.96 -11.57
N SER U 73 78.25 -21.64 -12.73
CA SER U 73 77.01 -22.24 -13.25
C SER U 73 76.42 -23.30 -12.33
N THR U 74 77.29 -24.11 -11.72
CA THR U 74 76.87 -25.15 -10.78
C THR U 74 76.31 -24.50 -9.50
N HIS U 75 75.18 -25.02 -9.03
CA HIS U 75 74.51 -24.47 -7.86
C HIS U 75 75.32 -24.81 -6.61
N VAL U 76 75.76 -23.77 -5.93
CA VAL U 76 76.71 -23.86 -4.82
C VAL U 76 75.95 -23.88 -3.49
N LEU U 77 76.48 -24.63 -2.53
CA LEU U 77 75.73 -24.99 -1.32
C LEU U 77 76.62 -25.10 -0.08
N LEU U 78 76.30 -24.34 0.97
CA LEU U 78 77.16 -24.16 2.15
C LEU U 78 76.51 -24.64 3.44
N THR U 79 77.20 -25.54 4.15
CA THR U 79 76.68 -26.15 5.38
C THR U 79 77.68 -26.06 6.52
N HIS U 80 77.17 -26.32 7.72
CA HIS U 80 77.99 -26.33 8.93
C HIS U 80 77.24 -27.13 9.98
N THR U 81 77.95 -27.99 10.71
CA THR U 81 77.33 -29.05 11.52
C THR U 81 78.16 -29.46 12.72
N ILE U 82 77.65 -29.20 13.92
CA ILE U 82 78.23 -29.73 15.15
C ILE U 82 77.60 -31.11 15.37
N SER U 83 78.42 -32.09 15.74
CA SER U 83 77.98 -33.50 15.83
C SER U 83 78.53 -34.20 17.07
N ARG U 84 77.70 -35.00 17.72
CA ARG U 84 78.05 -35.69 18.96
C ARG U 84 78.28 -37.17 18.68
N ILE U 85 79.49 -37.64 18.98
CA ILE U 85 79.85 -39.06 18.82
C ILE U 85 80.01 -39.62 20.21
N ALA U 86 78.89 -40.03 20.79
CA ALA U 86 78.81 -40.33 22.22
C ALA U 86 79.61 -41.58 22.58
N VAL U 87 79.84 -41.77 23.88
CA VAL U 87 80.42 -43.03 24.39
C VAL U 87 79.38 -44.17 24.30
N SER U 88 78.14 -43.88 24.69
CA SER U 88 77.05 -44.87 24.68
C SER U 88 76.47 -45.16 23.29
N TYR U 89 76.76 -44.32 22.31
CA TYR U 89 76.32 -44.57 20.93
C TYR U 89 77.47 -45.05 20.05
N GLN U 90 78.51 -44.24 19.93
CA GLN U 90 79.56 -44.33 18.89
C GLN U 90 79.13 -43.82 17.51
N THR U 91 77.83 -43.59 17.27
CA THR U 91 77.39 -42.98 16.02
C THR U 91 77.51 -41.47 16.11
N LYS U 92 77.79 -40.87 14.96
CA LYS U 92 77.94 -39.45 14.83
C LYS U 92 76.57 -38.84 14.58
N VAL U 93 75.85 -38.53 15.66
CA VAL U 93 74.55 -37.85 15.55
C VAL U 93 74.83 -36.37 15.28
N ASN U 94 73.92 -35.67 14.60
CA ASN U 94 73.92 -34.19 14.60
C ASN U 94 73.40 -33.65 15.93
N LEU U 95 73.99 -32.54 16.37
CA LEU U 95 73.41 -31.71 17.44
C LEU U 95 72.81 -30.46 16.83
N LEU U 96 73.64 -29.70 16.13
CA LEU U 96 73.24 -28.46 15.51
C LEU U 96 73.70 -28.55 14.07
N SER U 97 72.92 -27.98 13.15
CA SER U 97 73.29 -27.95 11.74
C SER U 97 72.52 -26.87 11.01
N ALA U 98 73.12 -26.31 9.96
CA ALA U 98 72.47 -25.28 9.17
C ALA U 98 73.08 -25.12 7.79
N ILE U 99 72.27 -24.64 6.85
CA ILE U 99 72.63 -24.60 5.43
C ILE U 99 72.33 -23.21 4.87
N LYS U 100 73.08 -22.77 3.87
CA LYS U 100 72.85 -21.48 3.19
C LYS U 100 73.05 -21.58 1.67
N SER U 101 72.31 -20.76 0.91
CA SER U 101 72.42 -20.65 -0.56
C SER U 101 72.90 -19.27 -1.04
N PRO U 102 74.24 -19.06 -1.10
CA PRO U 102 74.72 -17.76 -1.60
C PRO U 102 74.30 -17.51 -3.03
N CYS U 103 74.37 -18.57 -3.84
CA CYS U 103 74.19 -18.48 -5.27
C CYS U 103 72.71 -18.59 -5.61
N GLN U 104 71.96 -17.54 -5.28
CA GLN U 104 70.56 -17.44 -5.67
C GLN U 104 70.39 -17.30 -7.20
N ARG U 105 71.48 -16.91 -7.89
CA ARG U 105 71.54 -16.99 -9.35
C ARG U 105 72.99 -17.04 -9.87
N GLU U 106 73.27 -17.99 -10.78
CA GLU U 106 74.57 -18.05 -11.48
C GLU U 106 74.70 -16.88 -12.48
N THR U 107 75.86 -16.22 -12.48
CA THR U 107 76.01 -14.85 -13.02
C THR U 107 76.12 -14.62 -14.56
N PRO U 108 76.89 -15.44 -15.29
CA PRO U 108 77.18 -15.11 -16.70
C PRO U 108 76.00 -15.31 -17.65
N LYS U 114 81.37 -7.94 -8.34
CA LYS U 114 81.41 -7.68 -6.91
C LYS U 114 81.17 -8.96 -6.09
N PRO U 115 81.79 -9.05 -4.89
CA PRO U 115 81.80 -10.31 -4.14
C PRO U 115 80.49 -10.65 -3.41
N TRP U 116 80.53 -11.75 -2.64
CA TRP U 116 79.52 -12.03 -1.63
C TRP U 116 80.15 -12.66 -0.38
N TYR U 117 79.51 -12.42 0.76
CA TYR U 117 79.94 -12.95 2.07
C TYR U 117 78.71 -13.51 2.78
N GLU U 118 78.80 -14.75 3.26
CA GLU U 118 77.70 -15.42 4.00
C GLU U 118 78.26 -16.17 5.21
N PRO U 119 77.85 -15.77 6.44
CA PRO U 119 78.26 -16.43 7.67
C PRO U 119 77.28 -17.48 8.16
N ILE U 120 77.79 -18.39 8.98
CA ILE U 120 76.96 -19.41 9.61
C ILE U 120 77.42 -19.57 11.06
N TYR U 121 76.49 -19.37 11.98
CA TYR U 121 76.74 -19.55 13.41
C TYR U 121 75.67 -20.48 14.00
N LEU U 122 76.14 -21.37 14.88
CA LEU U 122 75.33 -22.36 15.56
C LEU U 122 75.56 -22.22 17.06
N GLY U 123 74.60 -22.70 17.85
CA GLY U 123 74.77 -22.77 19.29
C GLY U 123 73.56 -23.29 20.03
N GLY U 124 73.81 -23.96 21.16
CA GLY U 124 72.73 -24.41 22.02
C GLY U 124 73.24 -25.03 23.29
N VAL U 125 72.33 -25.32 24.21
CA VAL U 125 72.68 -26.02 25.45
C VAL U 125 72.44 -27.54 25.29
N PHE U 126 73.36 -28.34 25.81
CA PHE U 126 73.36 -29.77 25.59
C PHE U 126 73.96 -30.53 26.76
N GLN U 127 73.15 -31.42 27.34
CA GLN U 127 73.60 -32.36 28.37
C GLN U 127 74.49 -33.40 27.68
N LEU U 128 75.71 -33.56 28.22
CA LEU U 128 76.70 -34.50 27.69
C LEU U 128 77.29 -35.41 28.78
N GLU U 129 77.91 -36.50 28.33
CA GLU U 129 78.57 -37.47 29.20
C GLU U 129 80.10 -37.45 29.02
N LYS U 130 80.81 -37.90 30.05
CA LYS U 130 82.28 -38.00 30.01
C LYS U 130 82.76 -38.81 28.82
N GLY U 131 83.83 -38.35 28.19
CA GLY U 131 84.40 -39.02 27.02
C GLY U 131 83.62 -38.89 25.71
N ASP U 132 82.58 -38.04 25.68
CA ASP U 132 81.85 -37.78 24.43
C ASP U 132 82.68 -36.85 23.56
N ARG U 133 82.82 -37.19 22.27
CA ARG U 133 83.55 -36.36 21.30
C ARG U 133 82.59 -35.46 20.53
N LEU U 134 83.04 -34.24 20.22
CA LEU U 134 82.26 -33.24 19.49
C LEU U 134 83.00 -32.77 18.25
N SER U 135 82.26 -32.58 17.16
CA SER U 135 82.87 -32.33 15.87
C SER U 135 82.10 -31.29 15.04
N ALA U 136 82.68 -30.09 14.98
CA ALA U 136 82.20 -29.03 14.09
C ALA U 136 82.83 -29.24 12.73
N GLU U 137 81.99 -29.37 11.69
CA GLU U 137 82.43 -29.66 10.31
C GLU U 137 81.67 -28.85 9.28
N ILE U 138 82.16 -28.90 8.03
CA ILE U 138 81.52 -28.24 6.89
C ILE U 138 81.71 -29.06 5.62
N ASN U 139 80.82 -28.84 4.66
CA ASN U 139 80.92 -29.49 3.36
C ASN U 139 81.98 -28.90 2.40
N ARG U 140 82.23 -27.59 2.49
CA ARG U 140 83.08 -26.90 1.48
C ARG U 140 84.25 -26.07 2.06
N PRO U 141 85.28 -26.75 2.60
CA PRO U 141 86.54 -26.13 3.02
C PRO U 141 87.15 -25.11 2.06
N ASP U 142 86.99 -25.36 0.76
CA ASP U 142 87.48 -24.43 -0.27
C ASP U 142 86.89 -23.02 -0.17
N TYR U 143 85.63 -22.90 0.27
CA TYR U 143 84.93 -21.60 0.32
C TYR U 143 85.17 -20.78 1.63
N LEU U 144 86.00 -21.29 2.54
CA LEU U 144 86.37 -20.61 3.80
C LEU U 144 86.90 -19.17 3.63
N ASP U 145 87.00 -18.44 4.75
CA ASP U 145 87.40 -17.03 4.75
C ASP U 145 88.28 -16.70 5.97
N PHE U 146 89.57 -17.00 5.86
CA PHE U 146 90.53 -16.75 6.94
C PHE U 146 90.90 -15.29 7.16
N ALA U 147 90.66 -14.43 6.16
CA ALA U 147 91.05 -13.01 6.22
C ALA U 147 90.00 -12.13 6.93
N GLU U 148 89.47 -12.60 8.08
CA GLU U 148 88.57 -11.83 8.95
C GLU U 148 89.07 -11.87 10.42
N SER U 149 90.38 -11.69 10.60
CA SER U 149 91.06 -11.68 11.92
C SER U 149 91.15 -13.02 12.69
N GLY U 150 90.76 -14.13 12.05
CA GLY U 150 90.68 -15.44 12.71
C GLY U 150 89.44 -15.61 13.56
N GLN U 151 88.27 -15.26 13.01
CA GLN U 151 86.96 -15.36 13.69
C GLN U 151 86.11 -16.50 13.10
N VAL U 152 86.73 -17.66 12.95
CA VAL U 152 86.05 -18.91 12.66
C VAL U 152 86.54 -19.83 13.77
N TYR U 153 85.60 -20.29 14.58
CA TYR U 153 85.91 -20.84 15.89
C TYR U 153 84.87 -21.89 16.29
N PHE U 154 85.27 -22.78 17.19
CA PHE U 154 84.42 -23.82 17.76
C PHE U 154 84.75 -23.82 19.25
N GLY U 155 83.72 -23.84 20.10
CA GLY U 155 83.92 -23.69 21.55
C GLY U 155 82.80 -24.23 22.42
N ILE U 156 83.15 -24.64 23.64
CA ILE U 156 82.17 -25.16 24.61
C ILE U 156 82.52 -24.72 26.05
N ILE U 157 81.48 -24.58 26.86
CA ILE U 157 81.58 -24.06 28.24
C ILE U 157 80.72 -24.90 29.18
N ALA U 158 81.33 -25.57 30.16
CA ALA U 158 80.57 -26.32 31.15
C ALA U 158 79.84 -25.35 32.07
N LEU U 159 78.52 -25.48 32.14
CA LEU U 159 77.69 -24.62 32.99
C LEU U 159 77.75 -25.08 34.44
N SER V 11 74.94 -23.66 39.08
CA SER V 11 74.94 -25.14 39.35
C SER V 11 73.58 -25.83 39.11
N ASP V 12 72.48 -25.11 39.29
CA ASP V 12 71.12 -25.69 39.35
C ASP V 12 70.07 -24.85 38.60
N LYS V 13 70.48 -24.21 37.50
CA LYS V 13 69.71 -23.11 36.92
C LYS V 13 68.90 -23.52 35.68
N PRO V 14 67.68 -22.97 35.51
CA PRO V 14 66.76 -23.29 34.41
C PRO V 14 67.35 -23.27 33.00
N VAL V 15 67.16 -24.36 32.25
CA VAL V 15 67.62 -24.44 30.86
C VAL V 15 66.55 -25.07 29.97
N ALA V 16 66.73 -24.89 28.66
CA ALA V 16 65.94 -25.60 27.68
C ALA V 16 66.61 -25.57 26.32
N HIS V 17 66.73 -26.76 25.71
CA HIS V 17 66.94 -26.92 24.27
C HIS V 17 65.81 -27.83 23.74
N VAL V 18 64.95 -27.27 22.90
CA VAL V 18 63.90 -28.03 22.22
C VAL V 18 63.96 -27.85 20.71
N VAL V 19 63.31 -28.78 20.01
CA VAL V 19 63.54 -29.05 18.61
C VAL V 19 62.25 -29.36 17.87
N ALA V 20 62.25 -29.12 16.56
CA ALA V 20 61.09 -29.40 15.73
C ALA V 20 60.77 -30.86 15.80
N ASN V 21 59.48 -31.16 15.88
CA ASN V 21 58.99 -32.52 15.89
C ASN V 21 58.99 -33.06 14.44
N PRO V 22 59.80 -34.10 14.15
CA PRO V 22 59.80 -34.66 12.78
C PRO V 22 58.46 -35.30 12.35
N GLN V 23 57.68 -35.78 13.32
CA GLN V 23 56.36 -36.38 13.07
C GLN V 23 55.22 -35.38 12.74
N ALA V 24 55.47 -34.09 12.90
CA ALA V 24 54.63 -33.04 12.31
C ALA V 24 55.40 -32.52 11.09
N GLU V 25 54.73 -32.10 10.01
CA GLU V 25 55.49 -31.47 8.89
C GLU V 25 54.98 -30.13 8.34
N GLY V 26 53.70 -29.82 8.55
CA GLY V 26 53.18 -28.45 8.32
C GLY V 26 53.03 -27.75 9.66
N GLN V 27 53.96 -28.02 10.56
CA GLN V 27 53.79 -27.73 11.97
C GLN V 27 55.16 -27.59 12.60
N LEU V 28 55.36 -26.46 13.27
CA LEU V 28 56.50 -26.27 14.13
C LEU V 28 56.03 -26.68 15.50
N GLN V 29 56.12 -27.97 15.80
CA GLN V 29 55.80 -28.46 17.13
C GLN V 29 57.11 -28.73 17.88
N TRP V 30 57.29 -28.08 19.02
CA TRP V 30 58.48 -28.31 19.85
C TRP V 30 58.38 -29.63 20.64
N LEU V 31 59.50 -30.33 20.76
CA LEU V 31 59.64 -31.52 21.60
C LEU V 31 60.90 -31.50 22.44
N ASN V 32 60.80 -32.05 23.65
CA ASN V 32 61.92 -32.20 24.58
C ASN V 32 62.35 -33.62 24.84
N ARG V 33 61.43 -34.57 24.70
CA ARG V 33 61.68 -35.96 25.09
C ARG V 33 62.48 -36.67 23.98
N ARG V 34 63.70 -36.19 23.74
CA ARG V 34 64.53 -36.62 22.63
C ARG V 34 65.94 -36.88 23.13
N ALA V 35 66.74 -37.59 22.33
CA ALA V 35 68.19 -37.55 22.48
C ALA V 35 68.63 -36.14 22.06
N ASN V 36 69.38 -35.48 22.95
CA ASN V 36 69.87 -34.11 22.74
C ASN V 36 68.76 -33.04 22.66
N ALA V 37 67.66 -33.28 23.37
CA ALA V 37 66.74 -32.19 23.74
C ALA V 37 66.41 -32.35 25.21
N LEU V 38 66.20 -31.23 25.88
CA LEU V 38 66.11 -31.23 27.34
C LEU V 38 65.29 -30.07 27.89
N LEU V 39 64.77 -30.29 29.11
CA LEU V 39 64.24 -29.25 30.00
C LEU V 39 64.75 -29.58 31.39
N ALA V 40 65.33 -28.60 32.06
CA ALA V 40 65.90 -28.83 33.38
C ALA V 40 65.62 -27.67 34.33
N ASN V 41 65.76 -27.99 35.61
CA ASN V 41 65.58 -27.05 36.70
C ASN V 41 64.39 -26.10 36.53
N GLY V 42 63.26 -26.66 36.08
CA GLY V 42 61.97 -26.00 36.18
C GLY V 42 61.33 -25.52 34.90
N VAL V 43 62.08 -25.50 33.80
CA VAL V 43 61.47 -25.08 32.55
C VAL V 43 60.50 -26.17 32.10
N GLU V 44 59.40 -25.73 31.51
CA GLU V 44 58.41 -26.63 30.95
C GLU V 44 57.99 -26.20 29.57
N LEU V 45 57.46 -27.17 28.85
CA LEU V 45 56.92 -26.96 27.53
C LEU V 45 55.44 -27.23 27.66
N ARG V 46 54.63 -26.25 27.30
CA ARG V 46 53.18 -26.34 27.45
C ARG V 46 52.51 -25.40 26.44
N ASP V 47 51.44 -25.87 25.80
CA ASP V 47 50.79 -25.16 24.70
C ASP V 47 51.80 -24.72 23.61
N ASN V 48 52.87 -25.51 23.45
CA ASN V 48 54.00 -25.22 22.54
C ASN V 48 54.99 -24.10 22.95
N GLN V 49 54.78 -23.50 24.12
CA GLN V 49 55.61 -22.40 24.61
C GLN V 49 56.49 -22.88 25.73
N LEU V 50 57.68 -22.29 25.85
CA LEU V 50 58.51 -22.55 27.02
C LEU V 50 58.01 -21.71 28.22
N VAL V 51 57.97 -22.35 29.39
CA VAL V 51 57.34 -21.78 30.58
C VAL V 51 58.38 -21.61 31.68
N VAL V 52 58.51 -20.36 32.12
CA VAL V 52 59.68 -19.89 32.82
C VAL V 52 59.46 -20.01 34.32
N PRO V 53 60.35 -20.74 35.04
CA PRO V 53 60.10 -21.09 36.45
C PRO V 53 60.24 -19.98 37.47
N SER V 54 60.98 -18.94 37.13
CA SER V 54 61.35 -17.94 38.10
C SER V 54 61.87 -16.74 37.38
N GLU V 55 61.66 -15.57 37.98
CA GLU V 55 62.09 -14.34 37.35
C GLU V 55 63.62 -14.33 37.25
N GLY V 56 64.14 -13.52 36.34
CA GLY V 56 65.59 -13.38 36.14
C GLY V 56 65.97 -13.11 34.69
N LEU V 57 67.30 -13.10 34.45
CA LEU V 57 67.85 -12.90 33.10
C LEU V 57 68.07 -14.22 32.39
N TYR V 58 67.66 -14.29 31.13
CA TYR V 58 67.79 -15.49 30.32
C TYR V 58 68.42 -15.18 28.97
N LEU V 59 69.44 -15.95 28.63
CA LEU V 59 69.89 -16.07 27.24
C LEU V 59 68.76 -16.81 26.55
N ILE V 60 68.33 -16.30 25.41
CA ILE V 60 67.31 -16.95 24.60
C ILE V 60 67.84 -17.08 23.20
N TYR V 61 67.48 -18.17 22.53
CA TYR V 61 67.84 -18.37 21.14
C TYR V 61 66.86 -19.23 20.39
N SER V 62 66.94 -19.13 19.07
CA SER V 62 66.12 -19.96 18.20
C SER V 62 66.76 -20.00 16.84
N GLN V 63 66.77 -21.20 16.25
CA GLN V 63 67.13 -21.36 14.87
C GLN V 63 65.97 -22.01 14.17
N VAL V 64 65.69 -21.56 12.94
CA VAL V 64 64.87 -22.35 12.03
C VAL V 64 65.53 -22.30 10.66
N LEU V 65 65.36 -23.37 9.90
CA LEU V 65 65.92 -23.50 8.57
C LEU V 65 64.78 -23.73 7.58
N PHE V 66 64.68 -22.85 6.58
CA PHE V 66 63.70 -22.97 5.50
C PHE V 66 64.36 -23.44 4.21
N LYS V 67 63.70 -24.33 3.49
CA LYS V 67 64.11 -24.74 2.12
C LYS V 67 62.94 -24.48 1.19
N GLY V 68 63.21 -24.34 -0.11
CA GLY V 68 62.15 -24.30 -1.13
C GLY V 68 62.69 -24.71 -2.49
N GLN V 69 61.98 -25.59 -3.19
CA GLN V 69 62.46 -26.07 -4.49
C GLN V 69 62.15 -25.05 -5.58
N GLY V 70 63.02 -24.05 -5.67
CA GLY V 70 62.92 -23.03 -6.69
C GLY V 70 61.94 -21.94 -6.35
N CYS V 71 61.78 -21.05 -7.32
CA CYS V 71 61.10 -19.78 -7.17
C CYS V 71 59.90 -19.68 -8.12
N PRO V 72 58.70 -20.05 -7.63
CA PRO V 72 57.51 -19.98 -8.48
C PRO V 72 57.05 -18.54 -8.70
N SER V 73 57.06 -17.75 -7.63
CA SER V 73 56.97 -16.30 -7.71
C SER V 73 57.95 -15.70 -6.69
N THR V 74 58.17 -14.38 -6.75
CA THR V 74 59.16 -13.67 -5.89
C THR V 74 58.54 -13.08 -4.60
N HIS V 75 57.28 -13.42 -4.36
CA HIS V 75 56.48 -12.88 -3.26
C HIS V 75 56.80 -13.58 -1.95
N VAL V 76 57.27 -14.83 -2.05
CA VAL V 76 57.66 -15.67 -0.93
C VAL V 76 58.29 -14.85 0.20
N LEU V 77 57.61 -14.82 1.34
CA LEU V 77 57.95 -14.01 2.49
C LEU V 77 58.02 -14.92 3.73
N LEU V 78 59.17 -14.90 4.41
CA LEU V 78 59.44 -15.79 5.55
C LEU V 78 59.68 -14.96 6.81
N THR V 79 59.17 -15.43 7.94
CA THR V 79 59.29 -14.74 9.22
C THR V 79 59.49 -15.71 10.37
N HIS V 80 60.13 -15.22 11.42
CA HIS V 80 60.48 -16.03 12.58
C HIS V 80 60.46 -15.14 13.81
N THR V 81 59.86 -15.62 14.91
CA THR V 81 59.45 -14.73 15.97
C THR V 81 59.50 -15.39 17.33
N ILE V 82 60.30 -14.85 18.24
CA ILE V 82 60.23 -15.17 19.65
C ILE V 82 59.48 -14.04 20.36
N SER V 83 58.40 -14.42 21.05
CA SER V 83 57.54 -13.47 21.75
C SER V 83 57.30 -13.89 23.19
N ARG V 84 56.88 -12.92 24.00
CA ARG V 84 56.68 -13.07 25.44
C ARG V 84 55.23 -12.77 25.83
N ILE V 85 54.61 -13.69 26.58
CA ILE V 85 53.31 -13.42 27.19
C ILE V 85 53.45 -13.65 28.69
N ALA V 86 53.16 -12.58 29.43
CA ALA V 86 53.45 -12.50 30.83
C ALA V 86 52.13 -12.53 31.52
N VAL V 87 52.02 -13.39 32.53
CA VAL V 87 50.77 -13.62 33.24
C VAL V 87 50.04 -12.30 33.46
N SER V 88 50.70 -11.41 34.18
CA SER V 88 50.03 -10.28 34.82
C SER V 88 49.53 -9.26 33.83
N TYR V 89 50.35 -8.90 32.84
CA TYR V 89 49.91 -7.97 31.79
C TYR V 89 49.09 -8.71 30.71
N GLN V 90 49.52 -9.93 30.38
CA GLN V 90 48.76 -10.85 29.52
C GLN V 90 48.74 -10.70 27.99
N THR V 91 49.67 -9.94 27.42
CA THR V 91 49.70 -9.86 25.93
C THR V 91 51.10 -10.11 25.39
N LYS V 92 51.18 -10.09 24.06
CA LYS V 92 52.27 -10.71 23.34
C LYS V 92 53.29 -9.71 22.84
N VAL V 93 54.04 -9.12 23.76
CA VAL V 93 55.22 -8.35 23.41
C VAL V 93 56.20 -9.25 22.67
N ASN V 94 56.52 -8.86 21.44
CA ASN V 94 57.63 -9.43 20.71
C ASN V 94 58.95 -9.07 21.39
N LEU V 95 59.90 -9.97 21.29
CA LEU V 95 61.26 -9.73 21.74
C LEU V 95 62.18 -9.68 20.55
N LEU V 96 62.17 -10.75 19.76
CA LEU V 96 63.04 -10.92 18.59
C LEU V 96 62.20 -11.25 17.36
N SER V 97 62.80 -11.02 16.21
CA SER V 97 62.09 -10.99 14.95
C SER V 97 63.04 -11.02 13.76
N ALA V 98 62.52 -11.39 12.60
CA ALA V 98 63.27 -11.46 11.34
C ALA V 98 62.32 -11.66 10.16
N ILE V 99 62.66 -11.07 9.03
CA ILE V 99 61.83 -11.15 7.83
C ILE V 99 62.75 -11.37 6.63
N LYS V 100 62.60 -12.52 5.97
CA LYS V 100 63.40 -12.83 4.77
C LYS V 100 62.53 -13.02 3.52
N SER V 101 62.93 -12.38 2.44
CA SER V 101 62.39 -12.58 1.11
C SER V 101 63.50 -13.30 0.37
N PRO V 102 63.38 -14.63 0.21
CA PRO V 102 64.54 -15.48 -0.11
C PRO V 102 64.80 -15.63 -1.59
N CYS V 103 63.98 -14.96 -2.40
CA CYS V 103 63.65 -15.45 -3.72
C CYS V 103 63.29 -14.21 -4.54
N GLN V 104 64.33 -13.51 -5.00
CA GLN V 104 64.21 -12.23 -5.69
C GLN V 104 63.74 -12.37 -7.14
N ARG V 105 63.84 -13.56 -7.72
CA ARG V 105 63.32 -13.83 -9.08
C ARG V 105 63.06 -15.33 -9.38
N GLU V 106 62.20 -15.60 -10.37
CA GLU V 106 61.73 -16.96 -10.68
C GLU V 106 62.77 -17.84 -11.37
N THR V 107 63.02 -19.02 -10.80
CA THR V 107 64.20 -19.81 -11.10
C THR V 107 63.90 -20.82 -12.21
N LYS V 114 65.91 -23.74 -9.33
CA LYS V 114 67.06 -24.17 -8.54
C LYS V 114 66.83 -23.93 -7.03
N PRO V 115 67.23 -24.90 -6.16
CA PRO V 115 66.79 -24.94 -4.76
C PRO V 115 67.43 -23.89 -3.86
N TRP V 116 66.61 -23.14 -3.12
CA TRP V 116 67.08 -22.10 -2.18
C TRP V 116 66.91 -22.51 -0.72
N TYR V 117 67.81 -22.01 0.12
CA TYR V 117 67.77 -22.20 1.58
C TYR V 117 67.89 -20.83 2.26
N GLU V 118 67.35 -20.73 3.47
CA GLU V 118 67.47 -19.55 4.33
C GLU V 118 67.30 -20.00 5.79
N PRO V 119 68.41 -20.22 6.51
CA PRO V 119 68.27 -20.41 7.96
C PRO V 119 68.10 -19.03 8.61
N ILE V 120 67.50 -18.97 9.78
CA ILE V 120 67.33 -17.71 10.51
C ILE V 120 67.69 -17.89 11.97
N TYR V 121 68.66 -17.10 12.42
CA TYR V 121 69.09 -17.13 13.82
C TYR V 121 68.69 -15.86 14.59
N LEU V 122 68.01 -16.08 15.71
CA LEU V 122 67.59 -15.03 16.60
C LEU V 122 67.96 -15.43 18.01
N GLY V 123 68.51 -14.50 18.75
CA GLY V 123 68.62 -14.65 20.19
C GLY V 123 68.97 -13.35 20.88
N GLY V 124 68.96 -13.42 22.19
CA GLY V 124 69.41 -12.32 23.03
C GLY V 124 69.37 -12.66 24.49
N VAL V 125 69.50 -11.64 25.33
CA VAL V 125 69.53 -11.85 26.77
C VAL V 125 68.53 -10.87 27.37
N PHE V 126 67.49 -11.41 27.99
CA PHE V 126 66.24 -10.69 28.27
C PHE V 126 65.84 -10.95 29.71
N GLN V 127 65.25 -9.93 30.33
CA GLN V 127 64.68 -10.11 31.64
C GLN V 127 63.30 -10.77 31.54
N LEU V 128 63.06 -11.80 32.35
CA LEU V 128 61.80 -12.51 32.32
C LEU V 128 61.28 -12.80 33.72
N GLU V 129 59.96 -12.74 33.84
CA GLU V 129 59.27 -12.98 35.10
C GLU V 129 58.87 -14.44 35.24
N LYS V 130 58.53 -14.82 36.46
CA LYS V 130 57.96 -16.12 36.72
C LYS V 130 56.73 -16.37 35.82
N GLY V 131 56.65 -17.55 35.24
CA GLY V 131 55.51 -17.96 34.41
C GLY V 131 55.36 -17.35 33.03
N ASP V 132 56.37 -16.64 32.55
CA ASP V 132 56.27 -16.03 31.23
C ASP V 132 56.31 -17.12 30.18
N ARG V 133 55.44 -17.00 29.19
CA ARG V 133 55.33 -17.98 28.13
C ARG V 133 56.05 -17.44 26.89
N LEU V 134 57.12 -18.13 26.50
CA LEU V 134 57.88 -17.81 25.29
C LEU V 134 57.44 -18.62 24.05
N SER V 135 56.99 -17.92 23.02
CA SER V 135 56.54 -18.51 21.74
C SER V 135 57.54 -18.26 20.63
N ALA V 136 58.08 -19.34 20.07
CA ALA V 136 59.01 -19.32 18.93
C ALA V 136 58.25 -19.81 17.71
N GLU V 137 57.81 -18.87 16.87
CA GLU V 137 56.90 -19.16 15.77
C GLU V 137 57.48 -18.83 14.39
N ILE V 138 56.84 -19.38 13.35
CA ILE V 138 57.11 -19.06 11.95
C ILE V 138 55.82 -18.93 11.15
N ASN V 139 55.89 -18.40 9.94
CA ASN V 139 54.68 -18.19 9.15
C ASN V 139 54.53 -19.13 7.96
N ARG V 140 55.61 -19.85 7.58
CA ARG V 140 55.58 -20.85 6.53
C ARG V 140 56.18 -22.17 7.03
N PRO V 141 55.38 -22.98 7.76
CA PRO V 141 55.78 -24.37 8.10
C PRO V 141 55.93 -25.29 6.88
N ASP V 142 55.19 -25.02 5.81
CA ASP V 142 55.33 -25.78 4.55
C ASP V 142 56.69 -25.63 3.86
N TYR V 143 57.50 -24.65 4.29
CA TYR V 143 58.88 -24.49 3.82
C TYR V 143 59.90 -24.87 4.92
N LEU V 144 59.43 -25.41 6.04
CA LEU V 144 60.36 -25.89 7.08
C LEU V 144 61.15 -27.08 6.59
N ASP V 145 62.32 -27.28 7.17
CA ASP V 145 63.17 -28.40 6.78
C ASP V 145 63.35 -29.38 7.93
N PHE V 146 62.81 -30.58 7.75
CA PHE V 146 62.98 -31.69 8.69
C PHE V 146 63.87 -32.80 8.10
N ALA V 147 64.74 -32.43 7.16
CA ALA V 147 65.65 -33.39 6.53
C ALA V 147 66.69 -33.94 7.51
N GLU V 148 67.13 -33.10 8.45
CA GLU V 148 68.24 -33.44 9.35
C GLU V 148 67.95 -32.97 10.77
N SER V 149 68.47 -33.73 11.74
CA SER V 149 68.42 -33.34 13.15
C SER V 149 69.27 -32.07 13.38
N GLY V 150 68.85 -31.26 14.37
CA GLY V 150 69.58 -30.06 14.75
C GLY V 150 69.49 -28.91 13.78
N GLN V 151 68.48 -28.94 12.91
CA GLN V 151 68.23 -27.86 11.96
C GLN V 151 67.35 -26.77 12.55
N VAL V 152 66.36 -27.18 13.34
CA VAL V 152 65.36 -26.29 13.88
C VAL V 152 65.36 -26.45 15.38
N TYR V 153 65.79 -25.41 16.10
CA TYR V 153 65.70 -25.41 17.56
C TYR V 153 65.26 -24.09 18.17
N PHE V 154 64.86 -24.18 19.44
CA PHE V 154 64.44 -23.05 20.26
C PHE V 154 64.87 -23.38 21.68
N GLY V 155 65.51 -22.43 22.37
CA GLY V 155 66.13 -22.71 23.67
C GLY V 155 66.44 -21.50 24.54
N ILE V 156 66.44 -21.72 25.86
CA ILE V 156 66.78 -20.66 26.84
C ILE V 156 67.66 -21.15 27.96
N ILE V 157 68.52 -20.25 28.44
CA ILE V 157 69.44 -20.50 29.56
C ILE V 157 69.34 -19.32 30.53
N ALA V 158 69.16 -19.61 31.81
CA ALA V 158 69.20 -18.59 32.87
C ALA V 158 70.64 -18.28 33.16
N LEU V 159 70.97 -17.01 33.42
CA LEU V 159 72.37 -16.57 33.58
C LEU V 159 72.68 -16.15 35.04
N PRO W 10 94.48 -17.72 20.64
CA PRO W 10 93.86 -16.44 20.98
C PRO W 10 93.40 -15.62 19.76
N SER W 11 93.06 -14.35 19.99
CA SER W 11 92.66 -13.39 18.93
C SER W 11 93.85 -12.51 18.53
N ASP W 12 93.61 -11.48 17.69
CA ASP W 12 94.66 -10.46 17.37
C ASP W 12 94.42 -9.03 17.89
N LYS W 13 93.22 -8.72 18.41
CA LYS W 13 92.98 -7.44 19.11
C LYS W 13 93.36 -7.54 20.58
N PRO W 14 93.57 -6.38 21.24
CA PRO W 14 93.95 -6.46 22.66
C PRO W 14 92.86 -7.08 23.54
N VAL W 15 93.25 -8.01 24.40
CA VAL W 15 92.36 -8.64 25.37
C VAL W 15 93.12 -9.03 26.63
N ALA W 16 92.36 -9.12 27.73
CA ALA W 16 92.88 -9.58 29.00
C ALA W 16 91.76 -9.92 29.97
N HIS W 17 92.02 -10.93 30.81
CA HIS W 17 91.15 -11.29 31.91
C HIS W 17 92.03 -11.79 33.05
N VAL W 18 92.06 -11.02 34.16
CA VAL W 18 92.87 -11.40 35.34
C VAL W 18 92.00 -11.53 36.57
N VAL W 19 92.51 -12.32 37.52
CA VAL W 19 91.77 -12.73 38.71
C VAL W 19 92.59 -12.53 39.97
N ALA W 20 91.89 -12.41 41.10
CA ALA W 20 92.48 -12.15 42.40
C ALA W 20 93.56 -13.16 42.84
N ASN W 21 94.38 -12.76 43.82
CA ASN W 21 95.26 -13.69 44.53
C ASN W 21 94.71 -13.95 45.95
N PRO W 22 94.37 -15.22 46.28
CA PRO W 22 93.99 -15.58 47.67
C PRO W 22 95.18 -15.65 48.63
N GLN W 23 96.37 -15.96 48.11
CA GLN W 23 97.61 -15.89 48.90
C GLN W 23 97.83 -14.47 49.42
N ALA W 24 97.51 -13.47 48.58
CA ALA W 24 97.73 -12.05 48.90
C ALA W 24 96.97 -11.66 50.16
N GLU W 25 97.73 -11.39 51.22
CA GLU W 25 97.19 -11.15 52.55
C GLU W 25 96.97 -9.64 52.69
N GLY W 26 95.71 -9.25 52.88
CA GLY W 26 95.33 -7.85 53.09
C GLY W 26 94.90 -7.03 51.89
N GLN W 27 95.22 -7.47 50.68
CA GLN W 27 94.98 -6.66 49.46
C GLN W 27 94.25 -7.44 48.38
N LEU W 28 93.86 -6.72 47.34
CA LEU W 28 93.25 -7.28 46.13
C LEU W 28 94.30 -7.34 45.01
N GLN W 29 95.13 -8.36 45.10
CA GLN W 29 96.22 -8.56 44.15
C GLN W 29 95.69 -9.27 42.90
N TRP W 30 96.14 -8.80 41.74
CA TRP W 30 95.80 -9.41 40.46
C TRP W 30 96.92 -10.34 40.00
N LEU W 31 96.59 -11.59 39.73
CA LEU W 31 97.56 -12.59 39.28
C LEU W 31 97.67 -12.64 37.75
N ASN W 32 98.90 -12.78 37.26
CA ASN W 32 99.20 -12.61 35.83
C ASN W 32 98.91 -13.83 34.93
N ARG W 33 99.66 -14.92 35.08
CA ARG W 33 99.55 -16.10 34.21
C ARG W 33 99.30 -17.37 35.02
N ARG W 34 98.11 -17.95 34.85
CA ARG W 34 97.74 -19.23 35.47
C ARG W 34 96.99 -20.12 34.45
N ALA W 35 96.40 -21.21 34.92
CA ALA W 35 95.45 -22.01 34.13
C ALA W 35 94.12 -21.26 33.85
N ASN W 36 93.80 -20.25 34.66
CA ASN W 36 92.62 -19.39 34.48
C ASN W 36 92.92 -17.97 33.92
N ALA W 37 94.06 -17.38 34.27
CA ALA W 37 94.38 -15.94 34.04
C ALA W 37 95.20 -15.68 32.76
N LEU W 38 94.80 -14.68 31.97
CA LEU W 38 95.38 -14.44 30.64
C LEU W 38 95.38 -12.98 30.19
N LEU W 39 96.38 -12.66 29.35
CA LEU W 39 96.48 -11.38 28.63
C LEU W 39 96.94 -11.72 27.21
N ALA W 40 96.61 -10.87 26.23
CA ALA W 40 97.11 -11.05 24.85
C ALA W 40 97.10 -9.79 24.01
N ASN W 41 97.95 -9.79 22.97
CA ASN W 41 98.15 -8.65 22.06
C ASN W 41 98.44 -7.32 22.74
N GLY W 42 99.53 -7.35 23.51
CA GLY W 42 100.09 -6.15 24.13
C GLY W 42 99.69 -5.86 25.58
N VAL W 43 98.61 -6.47 26.06
CA VAL W 43 98.09 -6.14 27.38
C VAL W 43 99.01 -6.74 28.44
N GLU W 44 99.47 -5.90 29.35
CA GLU W 44 100.35 -6.29 30.43
C GLU W 44 99.68 -5.96 31.77
N LEU W 45 100.15 -6.60 32.83
CA LEU W 45 99.75 -6.30 34.22
C LEU W 45 100.99 -5.75 34.95
N ARG W 46 100.87 -4.53 35.49
CA ARG W 46 102.02 -3.76 35.97
C ARG W 46 101.62 -2.97 37.20
N ASP W 47 102.23 -3.32 38.35
CA ASP W 47 101.87 -2.72 39.65
C ASP W 47 100.36 -2.83 39.89
N ASN W 48 99.86 -4.05 39.74
CA ASN W 48 98.47 -4.36 39.98
C ASN W 48 97.53 -3.53 39.10
N GLN W 49 97.96 -3.22 37.88
CA GLN W 49 97.14 -2.45 36.93
C GLN W 49 97.32 -2.94 35.49
N LEU W 50 96.24 -2.88 34.71
CA LEU W 50 96.26 -3.30 33.31
C LEU W 50 96.71 -2.16 32.42
N VAL W 51 97.54 -2.49 31.42
CA VAL W 51 98.30 -1.49 30.65
C VAL W 51 97.91 -1.51 29.17
N VAL W 52 97.32 -0.40 28.72
CA VAL W 52 96.75 -0.26 27.38
C VAL W 52 97.81 -0.22 26.27
N PRO W 53 97.91 -1.30 25.45
CA PRO W 53 98.92 -1.28 24.39
C PRO W 53 98.61 -0.38 23.19
N SER W 54 97.32 -0.18 22.88
CA SER W 54 96.91 0.64 21.73
C SER W 54 95.64 1.41 22.01
N GLU W 55 95.40 2.45 21.22
CA GLU W 55 94.18 3.25 21.36
C GLU W 55 92.93 2.54 20.82
N GLY W 56 91.78 3.16 21.10
CA GLY W 56 90.49 2.77 20.56
C GLY W 56 89.49 2.45 21.67
N LEU W 57 88.43 1.75 21.27
CA LEU W 57 87.31 1.41 22.17
C LEU W 57 87.58 0.12 22.93
N TYR W 58 87.11 0.11 24.17
CA TYR W 58 87.34 -1.02 25.08
C TYR W 58 86.12 -1.23 25.94
N LEU W 59 85.83 -2.50 26.18
CA LEU W 59 84.82 -2.89 27.12
C LEU W 59 85.62 -3.21 28.35
N ILE W 60 85.47 -2.37 29.39
CA ILE W 60 86.10 -2.60 30.67
C ILE W 60 85.04 -3.19 31.57
N TYR W 61 85.42 -4.24 32.32
CA TYR W 61 84.51 -4.85 33.29
C TYR W 61 85.25 -5.46 34.51
N SER W 62 84.48 -5.77 35.55
CA SER W 62 85.05 -6.24 36.80
C SER W 62 83.99 -6.87 37.69
N GLN W 63 84.43 -7.68 38.65
CA GLN W 63 83.54 -8.28 39.63
C GLN W 63 84.31 -8.60 40.89
N VAL W 64 83.76 -8.22 42.02
CA VAL W 64 84.33 -8.55 43.30
C VAL W 64 83.22 -9.00 44.20
N LEU W 65 83.54 -9.95 45.06
CA LEU W 65 82.56 -10.66 45.87
C LEU W 65 82.94 -10.54 47.33
N PHE W 66 82.00 -10.08 48.15
CA PHE W 66 82.24 -9.85 49.58
C PHE W 66 81.41 -10.77 50.46
N LYS W 67 81.95 -11.12 51.63
CA LYS W 67 81.23 -11.90 52.63
C LYS W 67 81.58 -11.43 54.04
N GLY W 68 80.58 -11.40 54.92
CA GLY W 68 80.80 -11.18 56.34
C GLY W 68 79.87 -12.00 57.23
N GLN W 69 80.48 -12.88 58.03
CA GLN W 69 79.78 -13.59 59.11
C GLN W 69 79.15 -12.60 60.10
N GLY W 70 77.87 -12.76 60.40
CA GLY W 70 77.16 -11.85 61.29
C GLY W 70 77.09 -10.41 60.77
N CYS W 71 76.82 -9.49 61.70
CA CYS W 71 76.63 -8.08 61.34
C CYS W 71 76.69 -7.16 62.59
N PRO W 72 77.70 -6.25 62.65
CA PRO W 72 77.97 -5.48 63.87
C PRO W 72 77.20 -4.17 64.04
N SER W 73 77.38 -3.54 65.21
CA SER W 73 76.78 -2.24 65.55
C SER W 73 77.38 -1.09 64.73
N THR W 74 78.68 -1.13 64.49
CA THR W 74 79.34 -0.22 63.55
C THR W 74 78.76 -0.41 62.14
N HIS W 75 78.36 0.69 61.50
CA HIS W 75 77.75 0.61 60.19
C HIS W 75 78.83 0.28 59.15
N VAL W 76 78.53 -0.71 58.31
CA VAL W 76 79.49 -1.25 57.35
C VAL W 76 79.25 -0.62 55.97
N LEU W 77 80.34 -0.44 55.22
CA LEU W 77 80.32 0.19 53.90
C LEU W 77 81.24 -0.63 53.00
N LEU W 78 80.70 -1.14 51.88
CA LEU W 78 81.50 -1.85 50.86
C LEU W 78 81.52 -1.05 49.56
N THR W 79 82.69 -0.98 48.90
CA THR W 79 82.83 -0.26 47.63
C THR W 79 83.75 -0.97 46.65
N HIS W 80 83.58 -0.59 45.37
CA HIS W 80 84.36 -1.14 44.28
C HIS W 80 84.44 -0.08 43.19
N THR W 81 85.64 0.10 42.65
CA THR W 81 85.93 1.17 41.68
C THR W 81 86.94 0.70 40.67
N ILE W 82 86.74 1.14 39.42
CA ILE W 82 87.71 0.95 38.36
C ILE W 82 88.16 2.33 37.95
N SER W 83 89.37 2.69 38.34
CA SER W 83 89.94 4.00 38.02
C SER W 83 90.69 3.93 36.70
N ARG W 84 90.88 5.11 36.12
CA ARG W 84 91.69 5.31 34.93
C ARG W 84 92.76 6.35 35.27
N ILE W 85 94.02 6.02 35.01
CA ILE W 85 95.12 6.96 35.11
C ILE W 85 95.65 7.13 33.69
N ALA W 86 95.18 8.18 33.01
CA ALA W 86 95.65 8.49 31.66
C ALA W 86 97.14 8.80 31.65
N VAL W 87 97.73 8.84 30.45
CA VAL W 87 99.14 9.20 30.31
C VAL W 87 99.30 10.72 30.34
N SER W 88 98.60 11.41 29.44
CA SER W 88 98.77 12.87 29.24
C SER W 88 98.50 13.73 30.47
N TYR W 89 97.41 13.39 31.16
CA TYR W 89 96.96 14.09 32.37
C TYR W 89 97.68 13.59 33.63
N GLN W 90 97.86 12.27 33.68
CA GLN W 90 98.50 11.54 34.80
C GLN W 90 97.82 11.70 36.20
N THR W 91 96.49 11.59 36.19
CA THR W 91 95.63 11.70 37.38
C THR W 91 94.74 10.48 37.47
N LYS W 92 94.33 10.13 38.68
CA LYS W 92 93.37 9.05 38.92
C LYS W 92 91.92 9.56 38.83
N VAL W 93 91.20 9.09 37.82
CA VAL W 93 89.78 9.43 37.62
C VAL W 93 88.94 8.15 37.65
N ASN W 94 87.84 8.19 38.40
CA ASN W 94 86.89 7.11 38.40
C ASN W 94 86.20 6.99 37.07
N LEU W 95 86.00 5.75 36.66
CA LEU W 95 85.17 5.40 35.50
C LEU W 95 83.89 4.74 35.97
N LEU W 96 84.05 3.72 36.81
CA LEU W 96 82.96 2.89 37.27
C LEU W 96 83.18 2.69 38.76
N SER W 97 82.13 2.96 39.52
CA SER W 97 82.21 2.79 40.94
C SER W 97 80.84 2.65 41.56
N ALA W 98 80.76 1.77 42.55
CA ALA W 98 79.53 1.50 43.27
C ALA W 98 79.85 1.24 44.72
N ILE W 99 78.80 1.31 45.54
CA ILE W 99 78.89 1.27 47.00
C ILE W 99 77.68 0.52 47.55
N LYS W 100 77.84 -0.21 48.66
CA LYS W 100 76.78 -1.04 49.23
C LYS W 100 76.86 -1.12 50.78
N SER W 101 75.71 -0.97 51.46
CA SER W 101 75.62 -1.15 52.92
C SER W 101 75.07 -2.54 53.27
N PRO W 102 75.96 -3.55 53.44
CA PRO W 102 75.47 -4.91 53.68
C PRO W 102 74.71 -5.08 55.00
N CYS W 103 75.01 -4.22 55.97
CA CYS W 103 74.38 -4.29 57.28
C CYS W 103 73.24 -3.26 57.41
N GLN W 104 72.02 -3.77 57.32
CA GLN W 104 70.84 -2.96 57.62
C GLN W 104 70.84 -2.47 59.07
N ARG W 105 71.20 -3.36 59.99
CA ARG W 105 71.11 -3.10 61.43
C ARG W 105 71.77 -4.26 62.21
N GLU W 106 72.46 -3.93 63.30
CA GLU W 106 73.13 -4.92 64.17
C GLU W 106 72.19 -6.01 64.69
N THR W 107 72.71 -7.24 64.76
CA THR W 107 71.98 -8.38 65.30
C THR W 107 71.95 -8.24 66.82
N PRO W 108 70.75 -8.08 67.41
CA PRO W 108 70.66 -7.52 68.77
C PRO W 108 70.99 -8.51 69.89
N GLU W 109 72.08 -9.27 69.73
CA GLU W 109 72.40 -10.44 70.54
C GLU W 109 71.20 -11.41 70.65
N GLY W 110 70.54 -11.65 69.51
CA GLY W 110 69.32 -12.46 69.46
C GLY W 110 69.52 -13.88 68.97
N ALA W 111 70.55 -14.54 69.51
CA ALA W 111 70.93 -15.92 69.18
C ALA W 111 71.22 -16.18 67.68
N GLU W 112 71.56 -15.13 66.93
CA GLU W 112 71.57 -15.18 65.47
C GLU W 112 72.64 -14.30 64.83
N ALA W 113 73.77 -14.91 64.47
CA ALA W 113 74.83 -14.27 63.69
C ALA W 113 74.68 -14.68 62.23
N LYS W 114 73.94 -13.88 61.46
CA LYS W 114 73.53 -14.22 60.09
C LYS W 114 74.56 -13.79 59.05
N PRO W 115 75.36 -14.74 58.49
CA PRO W 115 76.28 -14.33 57.41
C PRO W 115 75.56 -13.73 56.20
N TRP W 116 76.21 -12.78 55.54
CA TRP W 116 75.67 -12.12 54.35
C TRP W 116 76.67 -12.22 53.19
N TYR W 117 76.16 -12.07 51.98
CA TYR W 117 76.94 -12.12 50.74
C TYR W 117 76.51 -10.94 49.88
N GLU W 118 77.48 -10.16 49.40
CA GLU W 118 77.19 -9.07 48.47
C GLU W 118 78.29 -9.00 47.40
N PRO W 119 77.93 -9.28 46.14
CA PRO W 119 78.87 -9.03 45.06
C PRO W 119 78.79 -7.57 44.64
N ILE W 120 79.82 -7.10 43.97
CA ILE W 120 79.79 -5.84 43.23
C ILE W 120 80.41 -6.12 41.86
N TYR W 121 79.61 -5.88 40.83
CA TYR W 121 79.98 -6.08 39.42
C TYR W 121 80.14 -4.69 38.84
N LEU W 122 80.95 -4.55 37.81
CA LEU W 122 81.09 -3.26 37.12
C LEU W 122 81.44 -3.50 35.67
N GLY W 123 81.06 -2.55 34.83
CA GLY W 123 81.53 -2.54 33.46
C GLY W 123 80.93 -1.44 32.61
N GLY W 124 81.63 -1.13 31.52
CA GLY W 124 81.17 -0.14 30.58
C GLY W 124 82.11 -0.04 29.39
N VAL W 125 81.70 0.80 28.43
CA VAL W 125 82.50 1.07 27.24
C VAL W 125 83.15 2.44 27.35
N PHE W 126 84.37 2.51 26.85
CA PHE W 126 85.28 3.58 27.20
C PHE W 126 86.37 3.75 26.13
N GLN W 127 86.55 4.99 25.65
CA GLN W 127 87.61 5.33 24.68
C GLN W 127 88.92 5.44 25.45
N LEU W 128 89.94 4.68 25.03
CA LEU W 128 91.21 4.58 25.76
C LEU W 128 92.43 4.87 24.89
N GLU W 129 93.55 5.18 25.55
CA GLU W 129 94.78 5.67 24.91
C GLU W 129 95.98 4.79 25.26
N LYS W 130 96.88 4.60 24.30
CA LYS W 130 98.07 3.79 24.51
C LYS W 130 98.84 4.29 25.74
N GLY W 131 99.09 3.36 26.66
CA GLY W 131 99.82 3.63 27.91
C GLY W 131 99.00 3.93 29.16
N ASP W 132 97.68 4.07 29.02
CA ASP W 132 96.79 4.34 30.16
C ASP W 132 96.71 3.11 31.08
N ARG W 133 96.81 3.33 32.38
CA ARG W 133 96.81 2.26 33.36
C ARG W 133 95.44 2.24 34.02
N LEU W 134 94.79 1.08 33.99
CA LEU W 134 93.50 0.90 34.62
C LEU W 134 93.66 0.17 35.93
N SER W 135 92.86 0.58 36.91
CA SER W 135 92.87 -0.04 38.22
C SER W 135 91.48 -0.53 38.47
N ALA W 136 91.38 -1.58 39.28
CA ALA W 136 90.12 -2.10 39.76
C ALA W 136 90.33 -2.41 41.24
N GLU W 137 89.76 -1.57 42.10
CA GLU W 137 90.14 -1.53 43.52
C GLU W 137 88.93 -1.38 44.42
N ILE W 138 89.16 -1.69 45.70
CA ILE W 138 88.11 -1.81 46.71
C ILE W 138 88.59 -1.31 48.06
N ASN W 139 87.65 -1.06 48.96
CA ASN W 139 87.95 -0.52 50.29
C ASN W 139 88.12 -1.52 51.44
N ARG W 140 87.50 -2.71 51.36
CA ARG W 140 87.59 -3.71 52.47
C ARG W 140 88.02 -5.12 52.03
N PRO W 141 89.33 -5.34 51.82
CA PRO W 141 89.81 -6.66 51.36
C PRO W 141 89.66 -7.76 52.40
N ASP W 142 89.55 -7.35 53.67
CA ASP W 142 89.21 -8.27 54.76
C ASP W 142 87.82 -8.90 54.61
N TYR W 143 86.92 -8.22 53.90
CA TYR W 143 85.61 -8.79 53.53
C TYR W 143 85.60 -9.56 52.20
N LEU W 144 86.77 -9.78 51.58
CA LEU W 144 86.81 -10.59 50.36
C LEU W 144 86.51 -12.04 50.61
N ASP W 145 86.07 -12.67 49.52
CA ASP W 145 85.44 -13.99 49.49
C ASP W 145 86.12 -14.81 48.40
N PHE W 146 87.13 -15.58 48.78
CA PHE W 146 87.87 -16.43 47.83
C PHE W 146 87.29 -17.85 47.74
N ALA W 147 86.13 -18.07 48.37
CA ALA W 147 85.52 -19.39 48.50
C ALA W 147 85.41 -20.09 47.15
N GLU W 148 84.82 -19.38 46.18
CA GLU W 148 84.77 -19.85 44.79
C GLU W 148 85.74 -18.99 43.97
N SER W 149 86.70 -19.66 43.33
CA SER W 149 87.68 -18.98 42.47
C SER W 149 87.04 -18.62 41.12
N GLY W 150 87.68 -17.73 40.38
CA GLY W 150 87.13 -17.20 39.12
C GLY W 150 85.97 -16.21 39.25
N GLN W 151 85.36 -16.15 40.43
CA GLN W 151 84.21 -15.31 40.67
C GLN W 151 84.67 -13.85 40.92
N VAL W 152 85.93 -13.68 41.35
CA VAL W 152 86.56 -12.35 41.45
C VAL W 152 87.49 -12.11 40.25
N TYR W 153 87.24 -11.06 39.49
CA TYR W 153 88.00 -10.84 38.26
C TYR W 153 87.91 -9.40 37.76
N PHE W 154 88.83 -9.06 36.86
CA PHE W 154 88.91 -7.76 36.21
C PHE W 154 89.39 -8.01 34.79
N GLY W 155 88.72 -7.37 33.80
CA GLY W 155 88.96 -7.66 32.38
C GLY W 155 88.60 -6.54 31.41
N ILE W 156 89.31 -6.50 30.29
CA ILE W 156 89.03 -5.56 29.22
C ILE W 156 89.11 -6.24 27.88
N ILE W 157 88.28 -5.77 26.94
CA ILE W 157 88.20 -6.31 25.59
C ILE W 157 88.12 -5.13 24.65
N ALA W 158 89.00 -5.12 23.64
CA ALA W 158 89.03 -4.04 22.66
C ALA W 158 88.08 -4.41 21.55
N LEU W 159 87.32 -3.42 21.07
CA LEU W 159 86.17 -3.67 20.22
C LEU W 159 86.51 -3.78 18.72
N SER X 11 85.71 -1.48 11.06
CA SER X 11 84.46 -1.93 11.75
C SER X 11 84.19 -1.05 12.99
N ASP X 12 83.46 0.05 12.77
CA ASP X 12 83.31 1.12 13.78
C ASP X 12 82.22 0.83 14.84
N LYS X 13 81.01 0.48 14.40
CA LYS X 13 79.89 0.00 15.26
C LYS X 13 79.33 1.02 16.27
N PRO X 14 78.03 1.39 16.17
CA PRO X 14 77.45 2.41 17.07
C PRO X 14 77.59 2.09 18.55
N VAL X 15 78.15 3.00 19.33
CA VAL X 15 78.31 2.80 20.78
C VAL X 15 77.99 4.07 21.54
N ALA X 16 77.78 3.92 22.84
CA ALA X 16 77.45 5.05 23.68
C ALA X 16 77.61 4.71 25.15
N HIS X 17 77.97 5.73 25.93
CA HIS X 17 78.18 5.62 27.39
C HIS X 17 78.03 7.00 28.00
N VAL X 18 76.88 7.26 28.61
CA VAL X 18 76.58 8.57 29.14
C VAL X 18 76.36 8.50 30.64
N VAL X 19 76.69 9.60 31.31
CA VAL X 19 76.70 9.68 32.77
C VAL X 19 75.80 10.82 33.26
N ALA X 20 75.43 10.74 34.53
CA ALA X 20 74.48 11.66 35.13
C ALA X 20 75.14 12.98 35.47
N ASN X 21 74.41 14.06 35.23
CA ASN X 21 74.93 15.43 35.37
C ASN X 21 74.94 15.86 36.83
N PRO X 22 76.12 16.00 37.44
CA PRO X 22 76.12 16.34 38.87
C PRO X 22 75.64 17.78 39.19
N GLN X 23 75.95 18.72 38.30
CA GLN X 23 75.41 20.10 38.37
C GLN X 23 73.87 20.14 38.36
N ALA X 24 73.26 19.20 37.63
CA ALA X 24 71.81 19.10 37.54
C ALA X 24 71.28 18.38 38.77
N GLU X 25 71.11 19.12 39.84
CA GLU X 25 70.45 18.59 41.04
C GLU X 25 68.97 18.45 40.75
N GLY X 26 68.34 17.50 41.43
CA GLY X 26 66.89 17.32 41.36
C GLY X 26 66.35 16.49 40.21
N GLN X 27 67.23 15.93 39.37
CA GLN X 27 66.85 14.97 38.32
C GLN X 27 68.07 14.22 37.75
N LEU X 28 67.77 13.19 36.94
CA LEU X 28 68.79 12.40 36.26
C LEU X 28 68.86 12.83 34.81
N GLN X 29 69.71 13.80 34.53
CA GLN X 29 70.02 14.22 33.17
C GLN X 29 71.34 13.58 32.72
N TRP X 30 71.33 12.94 31.56
CA TRP X 30 72.50 12.28 31.00
C TRP X 30 73.33 13.30 30.27
N LEU X 31 74.63 13.04 30.19
CA LEU X 31 75.58 13.85 29.41
C LEU X 31 76.59 12.96 28.69
N ASN X 32 76.97 13.41 27.50
CA ASN X 32 78.07 12.85 26.71
C ASN X 32 79.36 13.72 26.68
N ARG X 33 79.20 15.05 26.74
CA ARG X 33 80.32 15.98 26.60
C ARG X 33 81.06 16.12 27.94
N ARG X 34 81.62 15.00 28.41
CA ARG X 34 82.29 14.92 29.71
C ARG X 34 83.42 13.89 29.65
N ALA X 35 84.25 13.87 30.69
CA ALA X 35 85.40 12.97 30.78
C ALA X 35 84.94 11.51 30.90
N ASN X 36 85.36 10.67 29.94
CA ASN X 36 85.01 9.22 29.90
C ASN X 36 83.52 8.89 29.65
N ALA X 37 82.81 9.84 29.03
CA ALA X 37 81.51 9.58 28.42
C ALA X 37 81.79 9.51 26.93
N LEU X 38 80.85 8.95 26.17
CA LEU X 38 80.93 8.96 24.70
C LEU X 38 79.60 8.74 24.00
N LEU X 39 79.54 9.24 22.77
CA LEU X 39 78.57 8.90 21.72
C LEU X 39 79.42 8.65 20.47
N ALA X 40 79.27 7.49 19.84
CA ALA X 40 80.06 7.19 18.66
C ALA X 40 79.25 6.48 17.57
N ASN X 41 79.68 6.70 16.33
CA ASN X 41 79.18 5.99 15.17
C ASN X 41 77.67 5.97 15.07
N GLY X 42 77.07 7.13 15.29
CA GLY X 42 75.67 7.38 15.00
C GLY X 42 74.79 7.59 16.19
N VAL X 43 75.18 7.02 17.34
CA VAL X 43 74.33 7.11 18.54
C VAL X 43 74.27 8.57 18.99
N GLU X 44 73.08 9.05 19.31
CA GLU X 44 72.80 10.47 19.57
C GLU X 44 72.02 10.62 20.86
N LEU X 45 72.31 11.69 21.61
CA LEU X 45 71.62 11.96 22.88
C LEU X 45 70.71 13.16 22.71
N ARG X 46 69.46 12.87 22.39
CA ARG X 46 68.43 13.87 22.25
C ARG X 46 67.35 13.63 23.30
N ASP X 47 66.67 14.70 23.69
CA ASP X 47 65.74 14.76 24.85
C ASP X 47 65.97 13.69 25.94
N ASN X 48 67.19 13.73 26.48
CA ASN X 48 67.65 12.80 27.54
C ASN X 48 67.48 11.34 27.19
N GLN X 49 67.65 11.03 25.91
CA GLN X 49 67.41 9.69 25.39
C GLN X 49 68.46 9.34 24.34
N LEU X 50 69.10 8.19 24.54
CA LEU X 50 69.98 7.63 23.51
C LEU X 50 69.13 7.23 22.30
N VAL X 51 69.69 7.44 21.10
CA VAL X 51 68.97 7.29 19.85
C VAL X 51 69.78 6.41 18.93
N VAL X 52 69.18 5.29 18.56
CA VAL X 52 69.85 4.23 17.82
C VAL X 52 69.95 4.61 16.36
N PRO X 53 71.15 4.51 15.77
CA PRO X 53 71.29 4.93 14.36
C PRO X 53 70.88 3.88 13.34
N SER X 54 71.08 2.61 13.64
CA SER X 54 70.83 1.54 12.68
C SER X 54 70.26 0.30 13.36
N GLU X 55 69.59 -0.54 12.56
CA GLU X 55 68.94 -1.73 13.11
C GLU X 55 70.00 -2.75 13.54
N GLY X 56 69.86 -3.30 14.74
CA GLY X 56 70.85 -4.26 15.23
C GLY X 56 70.52 -4.88 16.58
N LEU X 57 71.30 -5.90 16.92
CA LEU X 57 71.37 -6.39 18.30
C LEU X 57 72.25 -5.41 19.05
N TYR X 58 71.75 -4.87 20.14
CA TYR X 58 72.56 -3.97 20.97
C TYR X 58 72.71 -4.52 22.38
N LEU X 59 73.93 -4.46 22.90
CA LEU X 59 74.17 -4.60 24.34
C LEU X 59 73.70 -3.30 24.98
N ILE X 60 72.93 -3.39 26.07
CA ILE X 60 72.46 -2.18 26.77
C ILE X 60 72.66 -2.37 28.26
N TYR X 61 73.15 -1.31 28.92
CA TYR X 61 73.39 -1.38 30.35
C TYR X 61 73.17 -0.06 31.02
N SER X 62 73.04 -0.10 32.35
CA SER X 62 72.84 1.11 33.14
C SER X 62 73.10 0.84 34.62
N GLN X 63 73.65 1.83 35.31
CA GLN X 63 73.81 1.79 36.76
C GLN X 63 73.32 3.09 37.36
N VAL X 64 72.64 2.96 38.48
CA VAL X 64 72.32 4.09 39.31
C VAL X 64 72.67 3.68 40.74
N LEU X 65 73.03 4.66 41.54
CA LEU X 65 73.29 4.46 42.95
C LEU X 65 72.42 5.43 43.74
N PHE X 66 71.73 4.88 44.75
CA PHE X 66 70.91 5.65 45.66
C PHE X 66 71.55 5.69 47.04
N LYS X 67 71.33 6.78 47.76
CA LYS X 67 71.89 6.97 49.10
C LYS X 67 70.97 7.84 49.93
N GLY X 68 70.67 7.39 51.14
CA GLY X 68 69.84 8.14 52.09
C GLY X 68 70.43 8.08 53.48
N GLN X 69 70.26 9.17 54.23
CA GLN X 69 70.81 9.28 55.58
C GLN X 69 69.81 8.68 56.56
N GLY X 70 69.83 7.36 56.62
CA GLY X 70 68.90 6.60 57.45
C GLY X 70 67.55 6.49 56.79
N CYS X 71 66.61 5.90 57.53
CA CYS X 71 65.30 5.51 57.01
C CYS X 71 64.18 6.35 57.66
N PRO X 72 63.46 7.17 56.84
CA PRO X 72 62.34 7.96 57.39
C PRO X 72 61.12 7.10 57.70
N SER X 73 60.78 6.22 56.76
CA SER X 73 59.80 5.15 56.93
C SER X 73 60.32 3.87 56.26
N THR X 74 59.56 2.80 56.43
CA THR X 74 59.78 1.54 55.70
C THR X 74 59.39 1.62 54.22
N HIS X 75 58.53 2.57 53.87
CA HIS X 75 57.88 2.61 52.56
C HIS X 75 58.69 3.34 51.48
N VAL X 76 60.01 3.13 51.48
CA VAL X 76 60.89 3.78 50.54
C VAL X 76 61.10 2.83 49.37
N LEU X 77 61.01 3.40 48.16
CA LEU X 77 60.71 2.66 46.95
C LEU X 77 61.53 3.21 45.78
N LEU X 78 62.54 2.46 45.35
CA LEU X 78 63.49 2.94 44.37
C LEU X 78 63.35 2.16 43.07
N THR X 79 63.07 2.86 41.97
CA THR X 79 62.94 2.22 40.66
C THR X 79 64.01 2.73 39.73
N HIS X 80 64.38 1.85 38.80
CA HIS X 80 65.29 2.11 37.69
C HIS X 80 64.71 1.34 36.49
N THR X 81 64.78 1.93 35.29
CA THR X 81 63.91 1.55 34.19
C THR X 81 64.47 1.96 32.83
N ILE X 82 64.99 1.00 32.08
CA ILE X 82 65.36 1.20 30.69
C ILE X 82 64.16 0.80 29.85
N SER X 83 63.75 1.69 28.94
CA SER X 83 62.57 1.51 28.09
C SER X 83 62.91 1.78 26.64
N ARG X 84 61.99 1.41 25.74
CA ARG X 84 62.21 1.51 24.29
C ARG X 84 60.99 2.13 23.59
N ILE X 85 61.25 2.98 22.60
CA ILE X 85 60.22 3.63 21.80
C ILE X 85 60.62 3.59 20.34
N ALA X 86 59.88 2.79 19.57
CA ALA X 86 60.10 2.72 18.14
C ALA X 86 59.43 3.90 17.55
N VAL X 87 59.88 4.24 16.35
CA VAL X 87 59.31 5.35 15.61
C VAL X 87 57.92 4.98 15.16
N SER X 88 57.80 3.85 14.46
CA SER X 88 56.53 3.40 13.87
C SER X 88 55.48 3.16 14.93
N TYR X 89 55.88 2.50 16.01
CA TYR X 89 54.95 2.09 17.06
C TYR X 89 54.48 3.27 17.92
N GLN X 90 55.40 4.15 18.28
CA GLN X 90 55.11 5.32 19.15
C GLN X 90 54.44 4.93 20.46
N THR X 91 54.94 3.87 21.08
CA THR X 91 54.45 3.45 22.40
C THR X 91 55.59 2.81 23.15
N LYS X 92 55.54 3.03 24.46
CA LYS X 92 56.67 2.82 25.35
C LYS X 92 56.65 1.37 25.83
N VAL X 93 57.74 0.65 25.57
CA VAL X 93 57.85 -0.78 25.88
C VAL X 93 59.04 -0.92 26.77
N ASN X 94 58.81 -1.33 28.02
CA ASN X 94 59.93 -1.61 28.92
C ASN X 94 60.77 -2.77 28.40
N LEU X 95 62.04 -2.76 28.78
CA LEU X 95 62.95 -3.85 28.50
C LEU X 95 63.50 -4.41 29.80
N LEU X 96 64.04 -3.54 30.65
CA LEU X 96 64.62 -3.92 31.93
C LEU X 96 64.04 -3.07 33.05
N SER X 97 63.82 -3.72 34.20
CA SER X 97 63.18 -3.10 35.34
C SER X 97 63.76 -3.67 36.60
N ALA X 98 64.08 -2.79 37.56
CA ALA X 98 64.34 -3.22 38.95
C ALA X 98 63.64 -2.33 39.98
N ILE X 99 63.28 -2.92 41.11
CA ILE X 99 62.51 -2.28 42.20
C ILE X 99 63.15 -2.68 43.54
N LYS X 100 63.42 -1.68 44.38
CA LYS X 100 64.18 -1.90 45.62
C LYS X 100 63.56 -1.22 46.83
N SER X 101 63.70 -1.87 47.98
CA SER X 101 63.16 -1.39 49.24
C SER X 101 64.26 -1.46 50.31
N PRO X 102 65.00 -0.34 50.49
CA PRO X 102 66.15 -0.35 51.40
C PRO X 102 65.77 -0.34 52.87
N CYS X 103 64.58 0.16 53.20
CA CYS X 103 64.19 0.34 54.61
C CYS X 103 63.31 -0.78 55.16
N GLN X 104 63.97 -1.83 55.64
CA GLN X 104 63.29 -2.89 56.37
C GLN X 104 62.96 -2.41 57.79
N ARG X 105 63.97 -1.90 58.48
CA ARG X 105 63.85 -1.38 59.85
C ARG X 105 64.09 0.14 59.81
N GLU X 106 63.35 0.91 60.62
CA GLU X 106 63.26 2.38 60.45
C GLU X 106 64.47 3.20 60.94
N THR X 107 65.02 2.88 62.11
CA THR X 107 66.23 3.53 62.73
C THR X 107 66.01 4.52 63.90
N PRO X 108 65.24 5.62 63.69
CA PRO X 108 65.37 6.79 64.59
C PRO X 108 65.11 6.49 66.07
N GLU X 109 65.80 7.25 66.92
CA GLU X 109 65.98 6.96 68.36
C GLU X 109 67.11 5.96 68.65
N GLY X 110 67.78 5.49 67.60
CA GLY X 110 69.14 5.01 67.68
C GLY X 110 70.00 6.11 67.10
N ALA X 111 69.99 7.25 67.80
CA ALA X 111 70.61 8.53 67.41
C ALA X 111 70.93 8.74 65.92
N GLU X 112 72.04 8.16 65.46
CA GLU X 112 72.55 8.41 64.11
C GLU X 112 71.73 7.67 63.08
N ALA X 113 70.87 8.41 62.39
CA ALA X 113 70.19 7.94 61.19
C ALA X 113 71.29 7.51 60.21
N LYS X 114 71.47 6.20 60.10
CA LYS X 114 72.70 5.61 59.56
C LYS X 114 72.61 5.43 58.02
N PRO X 115 73.63 5.92 57.27
CA PRO X 115 73.51 6.05 55.80
C PRO X 115 73.49 4.72 55.06
N TRP X 116 72.44 4.51 54.25
CA TRP X 116 72.30 3.29 53.44
C TRP X 116 72.59 3.56 51.97
N TYR X 117 72.95 2.50 51.24
CA TYR X 117 73.26 2.57 49.81
C TYR X 117 72.55 1.44 49.03
N GLU X 118 72.12 1.75 47.80
CA GLU X 118 71.48 0.77 46.92
C GLU X 118 71.91 0.98 45.46
N PRO X 119 72.94 0.24 45.01
CA PRO X 119 73.29 0.26 43.59
C PRO X 119 72.36 -0.66 42.80
N ILE X 120 72.05 -0.28 41.55
CA ILE X 120 71.08 -0.99 40.70
C ILE X 120 71.60 -1.06 39.25
N TYR X 121 72.01 -2.26 38.81
CA TYR X 121 72.46 -2.45 37.41
C TYR X 121 71.38 -3.20 36.60
N LEU X 122 71.08 -2.64 35.43
CA LEU X 122 70.16 -3.22 34.48
C LEU X 122 70.97 -3.49 33.21
N GLY X 123 70.67 -4.59 32.53
CA GLY X 123 71.39 -4.94 31.31
C GLY X 123 70.91 -6.17 30.55
N GLY X 124 71.11 -6.18 29.22
CA GLY X 124 70.76 -7.31 28.35
C GLY X 124 71.17 -7.09 26.89
N VAL X 125 70.69 -7.92 25.97
CA VAL X 125 70.99 -7.77 24.54
C VAL X 125 69.68 -7.93 23.79
N PHE X 126 69.41 -6.97 22.91
CA PHE X 126 68.07 -6.66 22.45
C PHE X 126 68.11 -6.25 21.00
N GLN X 127 67.15 -6.77 20.23
CA GLN X 127 66.98 -6.37 18.85
C GLN X 127 66.38 -4.97 18.84
N LEU X 128 67.02 -4.04 18.12
CA LEU X 128 66.53 -2.65 18.03
C LEU X 128 66.51 -2.12 16.61
N GLU X 129 65.62 -1.15 16.40
CA GLU X 129 65.33 -0.61 15.10
C GLU X 129 65.98 0.76 14.91
N LYS X 130 66.37 1.05 13.68
CA LYS X 130 66.83 2.36 13.27
C LYS X 130 65.80 3.39 13.74
N GLY X 131 66.25 4.30 14.63
CA GLY X 131 65.44 5.42 15.17
C GLY X 131 64.84 5.24 16.56
N ASP X 132 65.09 4.09 17.20
CA ASP X 132 64.48 3.82 18.50
C ASP X 132 65.04 4.79 19.52
N ARG X 133 64.26 5.04 20.55
CA ARG X 133 64.66 5.91 21.63
C ARG X 133 64.67 5.10 22.90
N LEU X 134 65.85 4.98 23.50
CA LEU X 134 66.02 4.35 24.83
C LEU X 134 65.88 5.38 25.92
N SER X 135 65.77 4.90 27.15
CA SER X 135 65.54 5.80 28.29
C SER X 135 65.78 5.08 29.61
N ALA X 136 66.84 5.49 30.29
CA ALA X 136 67.17 4.98 31.62
C ALA X 136 66.58 5.98 32.57
N GLU X 137 65.75 5.47 33.46
CA GLU X 137 64.91 6.32 34.28
C GLU X 137 64.86 5.83 35.69
N ILE X 138 64.46 6.76 36.58
CA ILE X 138 64.23 6.49 38.00
C ILE X 138 63.01 7.29 38.50
N ASN X 139 62.58 6.99 39.72
CA ASN X 139 61.46 7.69 40.34
C ASN X 139 61.89 8.69 41.39
N ARG X 140 63.04 8.47 42.00
CA ARG X 140 63.55 9.25 43.12
C ARG X 140 64.95 9.80 42.79
N PRO X 141 65.03 10.89 42.01
CA PRO X 141 66.33 11.52 41.76
C PRO X 141 67.01 12.07 43.03
N ASP X 142 66.23 12.76 43.88
CA ASP X 142 66.68 13.14 45.22
C ASP X 142 67.50 12.10 46.05
N TYR X 143 67.30 10.81 45.81
CA TYR X 143 68.12 9.77 46.44
C TYR X 143 69.35 9.33 45.62
N LEU X 144 69.64 9.97 44.47
CA LEU X 144 70.85 9.65 43.68
C LEU X 144 72.14 9.93 44.43
N ASP X 145 73.27 9.53 43.85
CA ASP X 145 74.57 9.90 44.37
C ASP X 145 75.55 10.30 43.27
N PHE X 146 76.17 11.48 43.43
CA PHE X 146 77.32 11.91 42.60
C PHE X 146 78.58 12.18 43.42
N ALA X 147 78.63 11.71 44.66
CA ALA X 147 79.82 11.89 45.53
C ALA X 147 81.16 11.62 44.83
N GLU X 148 81.13 10.80 43.78
CA GLU X 148 82.16 10.78 42.73
C GLU X 148 81.56 10.53 41.35
N SER X 149 82.38 10.79 40.34
CA SER X 149 82.15 10.25 39.00
C SER X 149 82.18 8.72 39.05
N GLY X 150 81.35 8.09 38.23
CA GLY X 150 81.35 6.61 38.03
C GLY X 150 80.18 5.84 38.60
N GLN X 151 79.27 6.55 39.24
CA GLN X 151 78.20 5.95 40.03
C GLN X 151 76.92 5.85 39.28
N VAL X 152 76.75 6.72 38.29
CA VAL X 152 75.51 6.76 37.53
C VAL X 152 75.86 6.85 36.05
N TYR X 153 75.61 5.75 35.32
CA TYR X 153 75.89 5.70 33.89
C TYR X 153 74.85 4.88 33.16
N PHE X 154 74.70 5.16 31.87
CA PHE X 154 73.77 4.43 30.99
C PHE X 154 74.38 4.41 29.61
N GLY X 155 74.57 3.22 29.06
CA GLY X 155 75.24 3.08 27.77
C GLY X 155 74.86 1.84 26.97
N ILE X 156 75.10 1.92 25.66
CA ILE X 156 74.84 0.82 24.73
C ILE X 156 75.99 0.49 23.80
N ILE X 157 75.98 -0.73 23.28
CA ILE X 157 77.01 -1.25 22.38
C ILE X 157 76.36 -2.13 21.32
N ALA X 158 76.54 -1.76 20.06
CA ALA X 158 76.10 -2.60 18.98
C ALA X 158 77.11 -3.72 18.88
N LEU X 159 76.65 -4.96 19.10
CA LEU X 159 77.48 -6.13 18.79
C LEU X 159 77.48 -6.34 17.26
N SER Y 11 40.57 -56.04 27.12
CA SER Y 11 39.31 -56.58 27.72
C SER Y 11 38.08 -56.06 26.94
N ASP Y 12 36.98 -55.73 27.63
CA ASP Y 12 35.85 -55.04 26.98
C ASP Y 12 36.27 -53.63 26.52
N LYS Y 13 36.81 -53.58 25.31
CA LYS Y 13 37.47 -52.37 24.81
C LYS Y 13 36.45 -51.32 24.39
N PRO Y 14 36.84 -50.04 24.38
CA PRO Y 14 35.92 -48.98 23.97
C PRO Y 14 35.38 -49.17 22.55
N VAL Y 15 34.07 -48.98 22.38
CA VAL Y 15 33.37 -49.33 21.14
C VAL Y 15 32.05 -48.55 21.01
N ALA Y 16 31.76 -48.05 19.82
CA ALA Y 16 30.47 -47.38 19.58
C ALA Y 16 30.01 -47.37 18.13
N HIS Y 17 28.69 -47.25 17.96
CA HIS Y 17 28.03 -47.24 16.65
C HIS Y 17 26.65 -46.58 16.80
N VAL Y 18 26.32 -45.66 15.90
CA VAL Y 18 25.02 -44.99 15.92
C VAL Y 18 24.53 -44.66 14.50
N VAL Y 19 23.21 -44.61 14.36
CA VAL Y 19 22.56 -44.29 13.08
C VAL Y 19 21.91 -42.91 13.13
N ALA Y 20 21.74 -42.33 11.95
CA ALA Y 20 21.17 -40.99 11.80
C ALA Y 20 19.69 -40.99 12.17
N ASN Y 21 19.22 -39.83 12.62
CA ASN Y 21 17.84 -39.65 13.06
C ASN Y 21 16.96 -39.28 11.86
N PRO Y 22 16.05 -40.18 11.45
CA PRO Y 22 15.10 -39.81 10.39
C PRO Y 22 14.07 -38.75 10.83
N GLN Y 23 13.80 -38.68 12.14
CA GLN Y 23 12.88 -37.69 12.72
C GLN Y 23 13.41 -36.23 12.65
N ALA Y 24 14.73 -36.07 12.46
CA ALA Y 24 15.40 -34.76 12.51
C ALA Y 24 14.92 -33.74 11.46
N GLU Y 25 15.33 -32.49 11.67
CA GLU Y 25 15.08 -31.39 10.72
C GLU Y 25 16.04 -31.54 9.52
N GLY Y 26 16.20 -30.50 8.71
CA GLY Y 26 17.25 -30.45 7.68
C GLY Y 26 18.65 -30.44 8.26
N GLN Y 27 19.08 -31.62 8.74
CA GLN Y 27 20.33 -31.77 9.51
C GLN Y 27 20.66 -33.25 9.70
N LEU Y 28 21.93 -33.51 10.00
CA LEU Y 28 22.39 -34.85 10.35
C LEU Y 28 22.49 -34.92 11.87
N GLN Y 29 22.05 -36.04 12.44
CA GLN Y 29 22.00 -36.21 13.89
C GLN Y 29 21.91 -37.69 14.28
N TRP Y 30 22.84 -38.15 15.11
CA TRP Y 30 22.92 -39.56 15.50
C TRP Y 30 22.01 -39.83 16.70
N LEU Y 31 21.92 -41.09 17.13
CA LEU Y 31 21.04 -41.48 18.23
C LEU Y 31 21.68 -42.51 19.16
N LEU Y 38 24.45 -48.08 19.82
CA LEU Y 38 25.04 -48.62 21.04
C LEU Y 38 26.38 -47.94 21.39
N LEU Y 39 26.62 -47.85 22.69
CA LEU Y 39 27.87 -47.29 23.24
C LEU Y 39 28.25 -48.22 24.38
N ALA Y 40 29.52 -48.60 24.44
CA ALA Y 40 30.00 -49.47 25.52
C ALA Y 40 31.36 -49.04 26.01
N ASN Y 41 31.65 -49.39 27.26
CA ASN Y 41 32.99 -49.31 27.80
C ASN Y 41 33.58 -47.90 27.70
N GLY Y 42 32.78 -46.93 28.15
CA GLY Y 42 33.23 -45.55 28.29
C GLY Y 42 33.02 -44.64 27.11
N VAL Y 43 32.52 -45.15 25.97
CA VAL Y 43 32.25 -44.28 24.82
C VAL Y 43 30.89 -43.62 25.05
N GLU Y 44 30.75 -42.39 24.59
CA GLU Y 44 29.58 -41.55 24.88
C GLU Y 44 29.27 -40.64 23.70
N LEU Y 45 27.98 -40.46 23.40
CA LEU Y 45 27.54 -39.48 22.40
C LEU Y 45 27.18 -38.22 23.15
N ARG Y 46 27.83 -37.12 22.80
CA ARG Y 46 27.78 -35.85 23.54
C ARG Y 46 27.84 -34.68 22.54
N ASP Y 47 26.85 -33.79 22.61
CA ASP Y 47 26.71 -32.65 21.66
C ASP Y 47 26.74 -33.09 20.18
N ASN Y 48 26.12 -34.25 19.91
CA ASN Y 48 26.18 -34.92 18.58
C ASN Y 48 27.60 -35.42 18.21
N GLN Y 49 28.41 -35.75 19.22
CA GLN Y 49 29.83 -36.13 19.04
C GLN Y 49 30.26 -37.29 19.95
N LEU Y 50 31.00 -38.24 19.39
CA LEU Y 50 31.48 -39.40 20.15
C LEU Y 50 32.70 -38.98 20.95
N VAL Y 51 32.66 -39.21 22.27
CA VAL Y 51 33.78 -38.89 23.15
C VAL Y 51 34.60 -40.12 23.43
N VAL Y 52 35.93 -39.97 23.36
CA VAL Y 52 36.87 -41.05 23.66
C VAL Y 52 37.00 -41.23 25.17
N PRO Y 53 36.99 -42.49 25.66
CA PRO Y 53 37.33 -42.72 27.06
C PRO Y 53 38.86 -42.65 27.28
N SER Y 54 39.61 -43.66 26.85
CA SER Y 54 41.06 -43.72 27.09
C SER Y 54 41.83 -43.62 25.78
N GLU Y 55 43.14 -43.38 25.91
CA GLU Y 55 44.00 -43.28 24.74
C GLU Y 55 44.19 -44.66 24.10
N GLY Y 56 44.42 -44.65 22.80
CA GLY Y 56 44.56 -45.87 22.02
C GLY Y 56 44.33 -45.61 20.56
N LEU Y 57 44.28 -46.70 19.80
CA LEU Y 57 44.22 -46.65 18.34
C LEU Y 57 42.83 -47.11 17.95
N TYR Y 58 42.06 -46.21 17.38
CA TYR Y 58 40.64 -46.44 17.17
C TYR Y 58 40.38 -46.58 15.70
N LEU Y 59 39.77 -47.68 15.33
CA LEU Y 59 39.25 -47.82 13.99
C LEU Y 59 38.01 -46.93 13.91
N ILE Y 60 38.00 -46.01 12.97
CA ILE Y 60 36.93 -45.02 12.84
C ILE Y 60 36.30 -45.13 11.47
N TYR Y 61 34.98 -45.01 11.41
CA TYR Y 61 34.25 -45.08 10.16
C TYR Y 61 32.89 -44.37 10.17
N SER Y 62 32.43 -44.04 8.97
CA SER Y 62 31.04 -43.61 8.75
C SER Y 62 30.52 -44.04 7.38
N GLN Y 63 29.21 -44.01 7.22
CA GLN Y 63 28.59 -43.92 5.91
C GLN Y 63 27.44 -42.92 5.96
N VAL Y 64 27.21 -42.30 4.80
CA VAL Y 64 26.04 -41.46 4.57
C VAL Y 64 25.50 -41.81 3.18
N LEU Y 65 24.22 -41.53 2.96
CA LEU Y 65 23.53 -41.92 1.74
C LEU Y 65 22.69 -40.76 1.25
N PHE Y 66 23.02 -40.25 0.07
CA PHE Y 66 22.32 -39.11 -0.51
C PHE Y 66 21.42 -39.53 -1.67
N LYS Y 67 20.38 -38.75 -1.89
CA LYS Y 67 19.38 -39.05 -2.88
C LYS Y 67 18.69 -37.77 -3.34
N GLY Y 68 18.66 -37.55 -4.65
CA GLY Y 68 18.02 -36.38 -5.24
C GLY Y 68 17.14 -36.75 -6.43
N GLN Y 69 15.96 -36.14 -6.45
CA GLN Y 69 14.96 -36.40 -7.48
C GLN Y 69 15.24 -35.45 -8.64
N GLY Y 70 15.67 -35.99 -9.78
CA GLY Y 70 15.99 -35.20 -10.95
C GLY Y 70 17.26 -34.42 -10.77
N CYS Y 71 17.39 -33.35 -11.56
CA CYS Y 71 18.56 -32.50 -11.55
C CYS Y 71 18.18 -31.04 -11.86
N PRO Y 72 18.48 -30.11 -10.93
CA PRO Y 72 18.21 -28.71 -11.21
C PRO Y 72 19.27 -28.11 -12.14
N SER Y 73 19.05 -26.88 -12.58
CA SER Y 73 20.04 -26.12 -13.35
C SER Y 73 21.31 -25.80 -12.55
N THR Y 74 21.18 -25.70 -11.24
CA THR Y 74 22.30 -25.53 -10.32
C THR Y 74 23.13 -26.81 -10.17
N HIS Y 75 24.45 -26.67 -10.20
CA HIS Y 75 25.38 -27.79 -10.00
C HIS Y 75 25.48 -28.11 -8.51
N VAL Y 76 24.94 -29.26 -8.13
CA VAL Y 76 24.90 -29.70 -6.73
C VAL Y 76 26.24 -30.38 -6.38
N LEU Y 77 26.61 -30.27 -5.10
CA LEU Y 77 27.93 -30.68 -4.61
C LEU Y 77 27.76 -31.17 -3.18
N LEU Y 78 28.23 -32.39 -2.91
CA LEU Y 78 27.91 -33.10 -1.65
C LEU Y 78 29.18 -33.54 -0.98
N THR Y 79 29.26 -33.32 0.33
CA THR Y 79 30.50 -33.43 1.10
C THR Y 79 30.20 -34.08 2.43
N HIS Y 80 31.09 -34.95 2.89
CA HIS Y 80 30.92 -35.62 4.18
C HIS Y 80 32.26 -35.71 4.84
N THR Y 81 32.32 -35.35 6.13
CA THR Y 81 33.57 -35.25 6.86
C THR Y 81 33.51 -35.78 8.28
N ILE Y 82 34.47 -36.64 8.63
CA ILE Y 82 34.76 -36.98 10.04
C ILE Y 82 35.93 -36.10 10.51
N SER Y 83 35.73 -35.50 11.68
CA SER Y 83 36.61 -34.46 12.19
C SER Y 83 36.97 -34.77 13.64
N ARG Y 84 38.27 -34.62 13.99
CA ARG Y 84 38.75 -34.73 15.37
C ARG Y 84 38.80 -33.37 16.00
N ILE Y 85 38.44 -33.32 17.27
CA ILE Y 85 38.71 -32.16 18.12
C ILE Y 85 39.39 -32.73 19.35
N ALA Y 86 40.60 -32.25 19.65
CA ALA Y 86 41.46 -32.91 20.64
C ALA Y 86 41.39 -32.28 22.02
N VAL Y 87 41.86 -33.03 23.01
CA VAL Y 87 42.27 -32.49 24.30
C VAL Y 87 43.71 -32.03 24.16
N SER Y 88 44.51 -32.83 23.45
CA SER Y 88 45.89 -32.49 23.07
C SER Y 88 46.05 -31.12 22.38
N TYR Y 89 44.96 -30.56 21.81
CA TYR Y 89 45.04 -29.37 20.97
C TYR Y 89 43.81 -28.42 21.04
N GLN Y 90 42.61 -28.96 20.85
CA GLN Y 90 41.31 -28.21 20.82
C GLN Y 90 40.89 -27.65 19.44
N THR Y 91 41.73 -27.84 18.40
CA THR Y 91 41.37 -27.43 17.04
C THR Y 91 40.64 -28.57 16.34
N LYS Y 92 39.72 -28.22 15.43
CA LYS Y 92 38.82 -29.15 14.78
C LYS Y 92 39.44 -29.58 13.44
N VAL Y 93 40.31 -30.58 13.50
CA VAL Y 93 41.04 -31.06 12.31
C VAL Y 93 40.14 -32.08 11.62
N ASN Y 94 40.20 -32.17 10.29
CA ASN Y 94 39.58 -33.30 9.55
C ASN Y 94 40.41 -34.56 9.75
N LEU Y 95 39.74 -35.69 9.81
CA LEU Y 95 40.42 -36.98 9.86
C LEU Y 95 40.22 -37.73 8.56
N LEU Y 96 38.97 -37.89 8.16
CA LEU Y 96 38.57 -38.52 6.91
C LEU Y 96 37.54 -37.60 6.25
N SER Y 97 37.68 -37.38 4.94
CA SER Y 97 36.67 -36.58 4.22
C SER Y 97 36.59 -36.85 2.71
N ALA Y 98 35.39 -36.75 2.15
CA ALA Y 98 35.16 -36.96 0.71
C ALA Y 98 34.07 -36.07 0.14
N ILE Y 99 34.15 -35.85 -1.18
CA ILE Y 99 33.29 -34.92 -1.91
C ILE Y 99 32.72 -35.60 -3.18
N LYS Y 100 31.48 -35.25 -3.54
CA LYS Y 100 30.74 -35.91 -4.61
C LYS Y 100 30.03 -34.83 -5.46
N SER Y 101 30.17 -34.92 -6.79
CA SER Y 101 29.40 -34.09 -7.72
C SER Y 101 28.39 -34.98 -8.43
N PRO Y 102 27.15 -35.07 -7.89
CA PRO Y 102 26.15 -35.93 -8.52
C PRO Y 102 25.63 -35.36 -9.83
N CYS Y 103 25.23 -34.09 -9.81
CA CYS Y 103 24.47 -33.50 -10.90
C CYS Y 103 25.43 -32.84 -11.88
N GLN Y 104 25.74 -33.57 -12.96
CA GLN Y 104 26.55 -33.04 -14.07
C GLN Y 104 25.79 -31.98 -14.89
N ARG Y 105 24.51 -32.24 -15.21
CA ARG Y 105 23.69 -31.38 -16.09
C ARG Y 105 22.21 -31.40 -15.65
N GLU Y 106 21.39 -30.55 -16.25
CA GLU Y 106 19.96 -30.39 -15.84
C GLU Y 106 18.94 -31.05 -16.78
N THR Y 107 17.89 -31.62 -16.18
CA THR Y 107 16.99 -32.55 -16.88
C THR Y 107 15.83 -31.94 -17.70
N PRO Y 108 14.96 -31.10 -17.08
CA PRO Y 108 13.62 -30.85 -17.65
C PRO Y 108 13.64 -30.28 -19.07
N GLU Y 109 12.74 -30.80 -19.91
CA GLU Y 109 12.70 -30.47 -21.35
C GLU Y 109 11.40 -30.89 -22.07
N GLY Y 110 10.87 -32.07 -21.74
CA GLY Y 110 9.61 -32.57 -22.31
C GLY Y 110 9.06 -33.76 -21.53
N ALA Y 111 8.64 -33.49 -20.29
CA ALA Y 111 8.14 -34.49 -19.35
C ALA Y 111 9.18 -35.56 -18.99
N GLU Y 112 10.28 -35.12 -18.36
CA GLU Y 112 11.35 -36.03 -17.93
C GLU Y 112 12.22 -35.39 -16.85
N ALA Y 113 12.37 -36.11 -15.73
CA ALA Y 113 13.21 -35.70 -14.60
C ALA Y 113 13.34 -36.85 -13.59
N LYS Y 114 14.47 -37.56 -13.62
CA LYS Y 114 14.60 -38.89 -13.00
C LYS Y 114 15.70 -38.96 -11.92
N PRO Y 115 15.54 -39.86 -10.91
CA PRO Y 115 16.32 -39.79 -9.66
C PRO Y 115 17.81 -40.09 -9.79
N TRP Y 116 18.54 -39.81 -8.72
CA TRP Y 116 19.88 -40.37 -8.51
C TRP Y 116 20.06 -40.73 -7.04
N TYR Y 117 20.95 -41.69 -6.80
CA TYR Y 117 21.25 -42.22 -5.47
C TYR Y 117 22.78 -42.29 -5.33
N GLU Y 118 23.34 -41.59 -4.34
CA GLU Y 118 24.81 -41.56 -4.14
C GLU Y 118 25.25 -41.69 -2.67
N PRO Y 119 26.12 -42.69 -2.34
CA PRO Y 119 26.62 -42.84 -0.98
C PRO Y 119 28.02 -42.24 -0.84
N ILE Y 120 28.45 -42.08 0.41
CA ILE Y 120 29.87 -41.83 0.73
C ILE Y 120 30.21 -42.57 2.00
N TYR Y 121 31.25 -43.39 1.94
CA TYR Y 121 31.76 -44.05 3.13
C TYR Y 121 33.21 -43.62 3.40
N LEU Y 122 33.56 -43.60 4.68
CA LEU Y 122 34.86 -43.08 5.17
C LEU Y 122 35.38 -43.98 6.29
N GLY Y 123 36.66 -44.32 6.26
CA GLY Y 123 37.24 -45.18 7.29
C GLY Y 123 38.76 -45.16 7.39
N GLY Y 124 39.25 -45.02 8.62
CA GLY Y 124 40.67 -45.18 8.90
C GLY Y 124 40.95 -45.60 10.32
N VAL Y 125 42.20 -46.03 10.56
CA VAL Y 125 42.79 -46.18 11.90
C VAL Y 125 43.52 -44.87 12.32
N PHE Y 126 43.48 -44.59 13.62
CA PHE Y 126 43.87 -43.32 14.18
C PHE Y 126 44.20 -43.47 15.66
N GLN Y 127 45.36 -42.97 16.06
CA GLN Y 127 45.68 -42.75 17.48
C GLN Y 127 44.75 -41.63 17.98
N LEU Y 128 44.21 -41.82 19.18
CA LEU Y 128 43.46 -40.77 19.86
C LEU Y 128 43.80 -40.75 21.34
N GLU Y 129 43.80 -39.54 21.90
CA GLU Y 129 44.10 -39.30 23.31
C GLU Y 129 42.82 -39.23 24.12
N LYS Y 130 42.99 -39.35 25.43
CA LYS Y 130 41.86 -39.39 26.34
C LYS Y 130 41.07 -38.10 26.21
N GLY Y 131 39.75 -38.22 26.20
CA GLY Y 131 38.85 -37.08 26.12
C GLY Y 131 38.63 -36.51 24.73
N ASP Y 132 39.28 -37.06 23.71
CA ASP Y 132 39.14 -36.52 22.35
C ASP Y 132 37.73 -36.77 21.82
N ARG Y 133 37.18 -35.76 21.15
CA ARG Y 133 35.81 -35.81 20.64
C ARG Y 133 35.82 -35.88 19.12
N LEU Y 134 34.82 -36.57 18.56
CA LEU Y 134 34.75 -36.87 17.12
C LEU Y 134 33.35 -36.58 16.55
N SER Y 135 33.32 -35.83 15.45
CA SER Y 135 32.06 -35.45 14.77
C SER Y 135 31.97 -36.14 13.42
N ALA Y 136 30.77 -36.10 12.84
CA ALA Y 136 30.53 -36.59 11.48
C ALA Y 136 29.45 -35.72 10.83
N GLU Y 137 29.86 -34.90 9.87
CA GLU Y 137 28.99 -33.86 9.34
C GLU Y 137 28.94 -33.87 7.82
N ILE Y 138 27.83 -33.36 7.30
CA ILE Y 138 27.60 -33.27 5.87
C ILE Y 138 27.00 -31.91 5.54
N ASN Y 139 27.17 -31.49 4.29
CA ASN Y 139 26.70 -30.18 3.85
C ASN Y 139 25.27 -30.13 3.36
N ARG Y 140 24.78 -31.24 2.75
CA ARG Y 140 23.39 -31.29 2.24
C ARG Y 140 22.51 -32.37 2.91
N PRO Y 141 22.08 -32.14 4.17
CA PRO Y 141 21.09 -33.02 4.81
C PRO Y 141 19.73 -33.06 4.10
N ASP Y 142 19.36 -31.95 3.46
CA ASP Y 142 18.20 -31.88 2.56
C ASP Y 142 18.15 -32.94 1.44
N TYR Y 143 19.33 -33.39 1.00
CA TYR Y 143 19.45 -34.49 0.03
C TYR Y 143 19.76 -35.87 0.66
N LEU Y 144 19.44 -36.07 1.94
CA LEU Y 144 19.64 -37.36 2.60
C LEU Y 144 18.66 -38.41 2.10
N ASP Y 145 18.92 -39.65 2.47
CA ASP Y 145 18.10 -40.80 2.11
C ASP Y 145 17.55 -41.42 3.41
N PHE Y 146 16.65 -40.68 4.05
CA PHE Y 146 16.17 -41.01 5.41
C PHE Y 146 15.22 -42.22 5.49
N ALA Y 147 14.25 -42.31 4.57
CA ALA Y 147 13.19 -43.33 4.61
C ALA Y 147 13.65 -44.74 4.20
N GLU Y 148 14.82 -44.84 3.56
CA GLU Y 148 15.40 -46.12 3.12
C GLU Y 148 16.61 -46.51 3.98
N SER Y 149 16.80 -47.82 4.18
CA SER Y 149 18.04 -48.42 4.73
C SER Y 149 18.40 -48.19 6.21
N GLY Y 150 18.50 -46.93 6.62
CA GLY Y 150 19.06 -46.58 7.93
C GLY Y 150 20.57 -46.78 8.00
N GLN Y 151 21.23 -46.92 6.85
CA GLN Y 151 22.68 -47.15 6.74
C GLN Y 151 23.49 -45.86 6.60
N VAL Y 152 22.92 -44.77 7.10
CA VAL Y 152 23.71 -43.60 7.47
C VAL Y 152 24.10 -43.88 8.92
N TYR Y 153 25.40 -44.00 9.17
CA TYR Y 153 25.91 -44.33 10.50
C TYR Y 153 27.25 -43.67 10.83
N PHE Y 154 27.68 -43.88 12.07
CA PHE Y 154 28.95 -43.35 12.58
C PHE Y 154 29.37 -44.20 13.77
N GLY Y 155 30.58 -44.75 13.69
CA GLY Y 155 31.10 -45.59 14.75
C GLY Y 155 32.61 -45.64 14.81
N ILE Y 156 33.10 -46.08 15.96
CA ILE Y 156 34.53 -46.29 16.21
C ILE Y 156 34.76 -47.53 17.04
N ILE Y 157 35.98 -48.06 16.96
CA ILE Y 157 36.33 -49.33 17.61
C ILE Y 157 37.76 -49.24 18.14
N ALA Y 158 37.90 -49.26 19.47
CA ALA Y 158 39.21 -49.29 20.12
C ALA Y 158 39.88 -50.64 19.92
N LEU Y 159 41.05 -50.64 19.31
CA LEU Y 159 41.88 -51.83 19.20
C LEU Y 159 42.62 -52.03 20.53
N SER Z 11 49.38 -58.70 21.66
CA SER Z 11 48.42 -57.79 22.38
C SER Z 11 48.21 -56.42 21.71
N ASP Z 12 49.18 -55.93 20.93
CA ASP Z 12 48.93 -54.86 19.94
C ASP Z 12 49.69 -55.13 18.62
N LYS Z 13 48.99 -54.87 17.52
CA LYS Z 13 49.33 -55.42 16.20
C LYS Z 13 49.72 -54.31 15.21
N PRO Z 14 50.56 -54.63 14.20
CA PRO Z 14 50.95 -53.65 13.18
C PRO Z 14 49.77 -52.89 12.57
N VAL Z 15 49.71 -51.59 12.80
CA VAL Z 15 48.77 -50.71 12.09
C VAL Z 15 49.49 -49.52 11.48
N ALA Z 16 48.86 -48.97 10.44
CA ALA Z 16 49.40 -47.85 9.69
C ALA Z 16 48.28 -47.11 8.98
N HIS Z 17 48.48 -45.80 8.79
CA HIS Z 17 47.57 -44.93 8.05
C HIS Z 17 48.43 -43.80 7.51
N VAL Z 18 48.48 -43.65 6.20
CA VAL Z 18 49.35 -42.68 5.57
C VAL Z 18 48.58 -41.85 4.54
N VAL Z 19 48.94 -40.58 4.43
CA VAL Z 19 48.20 -39.62 3.62
C VAL Z 19 49.13 -38.97 2.61
N ALA Z 20 48.53 -38.37 1.59
CA ALA Z 20 49.28 -37.72 0.53
C ALA Z 20 49.97 -36.48 1.09
N ASN Z 21 51.24 -36.31 0.74
CA ASN Z 21 51.95 -35.08 1.01
C ASN Z 21 51.30 -33.95 0.18
N PRO Z 22 50.89 -32.84 0.83
CA PRO Z 22 50.47 -31.66 0.05
C PRO Z 22 51.63 -30.83 -0.53
N GLN Z 23 52.84 -31.00 0.02
CA GLN Z 23 54.05 -30.35 -0.50
C GLN Z 23 54.42 -30.79 -1.93
N ALA Z 24 54.33 -32.09 -2.23
CA ALA Z 24 54.67 -32.62 -3.57
C ALA Z 24 53.52 -32.40 -4.55
N GLU Z 25 53.71 -31.46 -5.49
CA GLU Z 25 52.60 -30.73 -6.13
C GLU Z 25 51.76 -31.56 -7.09
N GLY Z 26 52.40 -32.16 -8.09
CA GLY Z 26 51.71 -32.99 -9.08
C GLY Z 26 52.01 -34.47 -8.88
N GLN Z 27 51.83 -34.96 -7.66
CA GLN Z 27 52.11 -36.38 -7.35
C GLN Z 27 51.56 -36.90 -6.01
N LEU Z 28 51.30 -38.21 -5.98
CA LEU Z 28 50.88 -38.90 -4.77
C LEU Z 28 52.09 -39.50 -4.06
N GLN Z 29 52.68 -38.71 -3.16
CA GLN Z 29 53.71 -39.18 -2.25
C GLN Z 29 53.04 -39.42 -0.92
N TRP Z 30 53.07 -40.67 -0.45
CA TRP Z 30 52.49 -41.02 0.86
C TRP Z 30 53.36 -40.50 2.00
N LEU Z 31 52.73 -40.14 3.14
CA LEU Z 31 53.42 -39.61 4.32
C LEU Z 31 52.80 -39.98 5.67
N ASN Z 32 53.66 -40.48 6.56
CA ASN Z 32 53.32 -40.78 7.97
C ASN Z 32 53.60 -39.61 8.93
N ARG Z 33 54.51 -38.72 8.55
CA ARG Z 33 55.00 -37.67 9.43
C ARG Z 33 54.15 -36.40 9.34
N ARG Z 34 52.85 -36.54 9.59
CA ARG Z 34 51.92 -35.41 9.71
C ARG Z 34 50.99 -35.71 10.88
N ALA Z 35 50.33 -34.68 11.40
CA ALA Z 35 49.34 -34.89 12.46
C ALA Z 35 48.21 -35.77 11.95
N ASN Z 36 47.79 -36.74 12.78
CA ASN Z 36 46.81 -37.79 12.41
C ASN Z 36 47.26 -38.78 11.33
N ALA Z 37 48.57 -38.99 11.20
CA ALA Z 37 49.12 -40.05 10.34
C ALA Z 37 50.11 -40.86 11.18
N LEU Z 38 50.17 -42.17 10.93
CA LEU Z 38 50.92 -43.06 11.83
C LEU Z 38 51.52 -44.35 11.21
N LEU Z 39 52.53 -44.85 11.91
CA LEU Z 39 53.12 -46.16 11.69
C LEU Z 39 53.40 -46.73 13.08
N ALA Z 40 52.84 -47.90 13.38
CA ALA Z 40 53.05 -48.52 14.67
C ALA Z 40 53.39 -49.99 14.53
N ASN Z 41 54.06 -50.50 15.56
CA ASN Z 41 54.39 -51.92 15.72
C ASN Z 41 55.02 -52.57 14.46
N GLY Z 42 55.93 -51.82 13.83
CA GLY Z 42 56.80 -52.34 12.78
C GLY Z 42 56.39 -52.16 11.34
N VAL Z 43 55.30 -51.43 11.09
CA VAL Z 43 54.96 -51.09 9.72
C VAL Z 43 55.89 -49.94 9.27
N GLU Z 44 56.85 -50.23 8.39
CA GLU Z 44 57.72 -49.21 7.81
C GLU Z 44 57.10 -48.66 6.50
N LEU Z 45 57.39 -47.39 6.20
CA LEU Z 45 57.15 -46.79 4.88
C LEU Z 45 58.51 -46.67 4.20
N ARG Z 46 58.56 -47.12 2.95
CA ARG Z 46 59.82 -47.08 2.21
C ARG Z 46 59.49 -47.13 0.72
N ASP Z 47 60.14 -46.23 -0.02
CA ASP Z 47 59.93 -46.11 -1.45
C ASP Z 47 58.43 -46.01 -1.85
N ASN Z 48 57.68 -45.27 -1.04
CA ASN Z 48 56.27 -44.95 -1.26
C ASN Z 48 55.35 -46.14 -1.09
N GLN Z 49 55.72 -47.01 -0.15
CA GLN Z 49 55.09 -48.32 0.01
C GLN Z 49 55.07 -48.73 1.46
N LEU Z 50 53.93 -49.21 1.95
CA LEU Z 50 53.81 -49.77 3.30
C LEU Z 50 54.46 -51.16 3.35
N VAL Z 51 55.05 -51.51 4.48
CA VAL Z 51 55.97 -52.67 4.57
C VAL Z 51 55.74 -53.51 5.84
N VAL Z 52 55.28 -54.74 5.62
CA VAL Z 52 54.70 -55.59 6.67
C VAL Z 52 55.80 -56.25 7.52
N PRO Z 53 55.74 -56.13 8.87
CA PRO Z 53 56.77 -56.75 9.73
C PRO Z 53 56.66 -58.27 9.94
N SER Z 54 55.47 -58.82 9.67
CA SER Z 54 55.14 -60.19 10.05
C SER Z 54 53.91 -60.67 9.33
N GLU Z 55 53.86 -61.97 9.06
CA GLU Z 55 52.70 -62.61 8.41
C GLU Z 55 51.42 -62.44 9.22
N GLY Z 56 50.29 -62.40 8.51
CA GLY Z 56 49.00 -62.18 9.13
C GLY Z 56 47.91 -61.83 8.14
N LEU Z 57 46.67 -61.90 8.62
CA LEU Z 57 45.56 -61.23 7.96
C LEU Z 57 45.72 -59.76 8.23
N TYR Z 58 45.46 -58.94 7.23
CA TYR Z 58 45.46 -57.50 7.37
C TYR Z 58 44.26 -56.92 6.66
N LEU Z 59 43.52 -56.07 7.38
CA LEU Z 59 42.62 -55.10 6.74
C LEU Z 59 43.53 -54.19 5.93
N ILE Z 60 43.10 -53.81 4.73
CA ILE Z 60 43.80 -52.81 3.91
C ILE Z 60 42.77 -51.91 3.25
N TYR Z 61 42.97 -50.61 3.35
CA TYR Z 61 42.05 -49.65 2.75
C TYR Z 61 42.82 -48.57 2.03
N SER Z 62 42.16 -47.96 1.06
CA SER Z 62 42.66 -46.74 0.45
C SER Z 62 41.53 -45.89 -0.07
N GLN Z 63 41.72 -44.58 0.06
CA GLN Z 63 40.87 -43.57 -0.54
C GLN Z 63 41.76 -42.66 -1.33
N VAL Z 64 41.24 -42.23 -2.48
CA VAL Z 64 41.78 -41.10 -3.21
C VAL Z 64 40.61 -40.32 -3.80
N LEU Z 65 40.85 -39.04 -4.02
CA LEU Z 65 39.86 -38.12 -4.57
C LEU Z 65 40.47 -37.39 -5.75
N PHE Z 66 39.79 -37.44 -6.88
CA PHE Z 66 40.15 -36.67 -8.06
C PHE Z 66 39.16 -35.51 -8.20
N LYS Z 67 39.64 -34.42 -8.79
CA LYS Z 67 38.87 -33.19 -8.94
C LYS Z 67 39.20 -32.68 -10.32
N GLY Z 68 38.23 -32.10 -11.01
CA GLY Z 68 38.47 -31.53 -12.33
C GLY Z 68 37.62 -30.33 -12.68
N GLN Z 69 38.27 -29.28 -13.15
CA GLN Z 69 37.61 -28.06 -13.57
C GLN Z 69 37.23 -28.26 -15.03
N GLY Z 70 36.22 -29.08 -15.27
CA GLY Z 70 35.79 -29.45 -16.63
C GLY Z 70 36.55 -30.62 -17.24
N CYS Z 71 36.15 -30.98 -18.46
CA CYS Z 71 36.64 -32.18 -19.16
C CYS Z 71 37.11 -31.85 -20.57
N PRO Z 72 38.42 -32.02 -20.84
CA PRO Z 72 38.94 -31.68 -22.17
C PRO Z 72 38.38 -32.58 -23.27
N SER Z 73 38.34 -33.89 -23.01
CA SER Z 73 37.59 -34.85 -23.83
C SER Z 73 36.89 -35.87 -22.92
N THR Z 74 36.15 -36.79 -23.55
CA THR Z 74 35.43 -37.85 -22.83
C THR Z 74 36.38 -38.92 -22.28
N HIS Z 75 37.56 -39.03 -22.88
CA HIS Z 75 38.43 -40.19 -22.72
C HIS Z 75 39.39 -40.08 -21.53
N VAL Z 76 38.93 -39.46 -20.46
CA VAL Z 76 39.71 -39.38 -19.24
C VAL Z 76 39.58 -40.73 -18.54
N LEU Z 77 40.69 -41.16 -17.97
CA LEU Z 77 40.86 -42.51 -17.50
C LEU Z 77 41.43 -42.41 -16.10
N LEU Z 78 40.57 -42.46 -15.10
CA LEU Z 78 40.99 -42.37 -13.70
C LEU Z 78 41.09 -43.76 -13.12
N THR Z 79 42.30 -44.16 -12.71
CA THR Z 79 42.53 -45.50 -12.17
C THR Z 79 43.14 -45.38 -10.79
N HIS Z 80 42.78 -46.32 -9.94
CA HIS Z 80 43.33 -46.41 -8.59
C HIS Z 80 43.67 -47.89 -8.41
N THR Z 81 44.62 -48.18 -7.54
CA THR Z 81 45.25 -49.48 -7.48
C THR Z 81 45.85 -49.70 -6.10
N ILE Z 82 45.76 -50.94 -5.60
CA ILE Z 82 46.57 -51.38 -4.46
C ILE Z 82 47.16 -52.73 -4.84
N SER Z 83 48.48 -52.82 -4.78
CA SER Z 83 49.20 -53.98 -5.27
C SER Z 83 50.02 -54.54 -4.14
N ARG Z 84 50.68 -55.66 -4.42
CA ARG Z 84 51.50 -56.33 -3.44
C ARG Z 84 52.73 -56.88 -4.13
N ILE Z 85 53.88 -56.75 -3.46
CA ILE Z 85 55.10 -57.39 -3.90
C ILE Z 85 55.68 -58.10 -2.71
N ALA Z 86 55.62 -59.41 -2.74
CA ALA Z 86 56.17 -60.24 -1.69
C ALA Z 86 57.59 -60.47 -2.06
N VAL Z 87 58.34 -60.91 -1.06
CA VAL Z 87 59.78 -60.92 -1.15
C VAL Z 87 60.19 -62.07 -2.04
N SER Z 88 59.85 -63.29 -1.65
CA SER Z 88 60.24 -64.50 -2.41
C SER Z 88 59.70 -64.50 -3.83
N TYR Z 89 58.43 -64.17 -4.02
CA TYR Z 89 57.81 -64.24 -5.34
C TYR Z 89 58.22 -63.11 -6.28
N GLN Z 90 58.16 -61.86 -5.81
CA GLN Z 90 58.72 -60.66 -6.50
C GLN Z 90 57.87 -59.97 -7.56
N THR Z 91 57.03 -60.67 -8.30
CA THR Z 91 56.26 -60.00 -9.37
C THR Z 91 55.11 -59.26 -8.68
N LYS Z 92 54.51 -58.34 -9.43
CA LYS Z 92 53.52 -57.43 -8.87
C LYS Z 92 52.14 -58.08 -8.94
N VAL Z 93 51.62 -58.49 -7.77
CA VAL Z 93 50.28 -59.04 -7.67
C VAL Z 93 49.29 -57.97 -7.22
N ASN Z 94 48.47 -57.50 -8.16
CA ASN Z 94 47.36 -56.61 -7.80
C ASN Z 94 46.44 -57.25 -6.79
N LEU Z 95 45.96 -56.47 -5.84
CA LEU Z 95 44.87 -56.90 -4.99
C LEU Z 95 43.63 -56.16 -5.43
N LEU Z 96 43.67 -54.83 -5.35
CA LEU Z 96 42.51 -53.99 -5.68
C LEU Z 96 42.77 -53.01 -6.85
N SER Z 97 41.66 -52.59 -7.44
CA SER Z 97 41.65 -51.99 -8.77
C SER Z 97 40.35 -51.23 -9.00
N ALA Z 98 40.45 -50.08 -9.65
CA ALA Z 98 39.28 -49.27 -10.04
C ALA Z 98 39.58 -48.47 -11.30
N ILE Z 99 38.54 -48.18 -12.06
CA ILE Z 99 38.64 -47.49 -13.34
C ILE Z 99 37.37 -46.70 -13.49
N LYS Z 100 37.51 -45.38 -13.59
CA LYS Z 100 36.36 -44.51 -13.73
C LYS Z 100 36.57 -43.60 -14.90
N SER Z 101 35.67 -43.68 -15.88
CA SER Z 101 35.57 -42.71 -16.93
C SER Z 101 34.75 -41.57 -16.33
N PRO Z 102 35.40 -40.44 -15.97
CA PRO Z 102 34.70 -39.41 -15.23
C PRO Z 102 33.81 -38.53 -16.09
N CYS Z 103 33.95 -38.58 -17.42
CA CYS Z 103 33.22 -37.66 -18.29
C CYS Z 103 32.68 -38.35 -19.54
N GLN Z 104 31.35 -38.41 -19.62
CA GLN Z 104 30.64 -39.04 -20.74
C GLN Z 104 30.61 -38.15 -21.96
N ARG Z 105 30.26 -36.87 -21.76
CA ARG Z 105 30.11 -35.88 -22.83
C ARG Z 105 30.84 -34.60 -22.38
N GLU Z 106 31.55 -33.93 -23.30
CA GLU Z 106 32.47 -32.83 -22.95
C GLU Z 106 31.80 -31.62 -22.30
N THR Z 107 32.49 -30.99 -21.35
CA THR Z 107 31.91 -29.91 -20.54
C THR Z 107 31.91 -28.53 -21.27
N PRO Z 108 33.08 -27.90 -21.46
CA PRO Z 108 33.09 -26.46 -21.84
C PRO Z 108 32.61 -26.15 -23.28
N GLU Z 109 31.41 -25.57 -23.39
CA GLU Z 109 30.84 -25.13 -24.67
C GLU Z 109 31.00 -23.62 -24.83
N GLY Z 110 30.55 -22.87 -23.82
CA GLY Z 110 30.70 -21.42 -23.78
C GLY Z 110 31.92 -21.01 -22.96
N ALA Z 111 31.81 -21.17 -21.64
CA ALA Z 111 32.85 -20.78 -20.69
C ALA Z 111 32.58 -21.31 -19.28
N GLU Z 112 33.52 -21.07 -18.36
CA GLU Z 112 33.43 -21.46 -16.94
C GLU Z 112 32.94 -22.90 -16.77
N ALA Z 113 33.81 -23.84 -17.11
CA ALA Z 113 33.48 -25.27 -17.09
C ALA Z 113 33.10 -25.70 -15.68
N LYS Z 114 31.97 -26.41 -15.56
CA LYS Z 114 31.51 -26.90 -14.26
C LYS Z 114 32.45 -27.97 -13.73
N PRO Z 115 32.66 -27.99 -12.40
CA PRO Z 115 33.63 -28.91 -11.84
C PRO Z 115 33.07 -30.32 -11.77
N TRP Z 116 33.93 -31.28 -11.45
CA TRP Z 116 33.48 -32.61 -11.03
C TRP Z 116 34.48 -33.19 -10.04
N TYR Z 117 34.03 -34.20 -9.31
CA TYR Z 117 34.81 -34.83 -8.25
C TYR Z 117 34.57 -36.33 -8.29
N GLU Z 118 35.65 -37.12 -8.20
CA GLU Z 118 35.57 -38.58 -8.24
C GLU Z 118 36.33 -39.17 -7.05
N PRO Z 119 35.63 -39.48 -5.96
CA PRO Z 119 36.24 -40.26 -4.89
C PRO Z 119 36.34 -41.72 -5.29
N ILE Z 120 37.40 -42.37 -4.82
CA ILE Z 120 37.56 -43.81 -5.06
C ILE Z 120 38.04 -44.46 -3.77
N TYR Z 121 37.15 -45.21 -3.14
CA TYR Z 121 37.51 -46.03 -2.01
C TYR Z 121 37.72 -47.45 -2.53
N LEU Z 122 38.80 -48.08 -2.08
CA LEU Z 122 39.05 -49.50 -2.26
C LEU Z 122 39.51 -50.11 -0.94
N GLY Z 123 39.03 -51.32 -0.65
CA GLY Z 123 39.61 -52.10 0.43
C GLY Z 123 39.12 -53.55 0.55
N GLY Z 124 39.67 -54.25 1.54
CA GLY Z 124 39.39 -55.65 1.83
C GLY Z 124 40.40 -56.22 2.82
N VAL Z 125 40.34 -57.54 3.06
CA VAL Z 125 41.24 -58.21 4.01
C VAL Z 125 41.98 -59.33 3.30
N PHE Z 126 43.29 -59.38 3.56
CA PHE Z 126 44.23 -60.17 2.79
C PHE Z 126 45.24 -60.83 3.73
N GLN Z 127 45.60 -62.08 3.42
CA GLN Z 127 46.70 -62.77 4.08
C GLN Z 127 47.94 -62.15 3.46
N LEU Z 128 48.79 -61.59 4.31
CA LEU Z 128 50.04 -61.01 3.88
C LEU Z 128 51.15 -61.76 4.54
N GLU Z 129 52.30 -61.77 3.87
CA GLU Z 129 53.54 -62.30 4.41
C GLU Z 129 54.51 -61.19 4.83
N LYS Z 130 55.48 -61.61 5.64
CA LYS Z 130 56.52 -60.73 6.17
C LYS Z 130 57.28 -60.05 5.02
N GLY Z 131 57.54 -58.76 5.14
CA GLY Z 131 58.25 -58.00 4.10
C GLY Z 131 57.48 -57.74 2.81
N ASP Z 132 56.16 -57.86 2.85
CA ASP Z 132 55.37 -57.53 1.67
C ASP Z 132 55.32 -56.05 1.50
N ARG Z 133 55.57 -55.57 0.30
CA ARG Z 133 55.52 -54.17 0.02
C ARG Z 133 54.20 -53.87 -0.69
N LEU Z 134 53.30 -53.23 0.04
CA LEU Z 134 52.02 -52.80 -0.51
C LEU Z 134 52.13 -51.41 -1.14
N SER Z 135 51.36 -51.19 -2.21
CA SER Z 135 51.50 -49.98 -3.02
C SER Z 135 50.15 -49.52 -3.59
N ALA Z 136 49.59 -48.48 -2.99
CA ALA Z 136 48.42 -47.80 -3.52
C ALA Z 136 48.89 -46.77 -4.55
N GLU Z 137 48.41 -46.91 -5.79
CA GLU Z 137 48.88 -46.11 -6.92
C GLU Z 137 47.75 -45.44 -7.68
N ILE Z 138 48.10 -44.48 -8.53
CA ILE Z 138 47.17 -43.77 -9.39
C ILE Z 138 47.83 -43.42 -10.73
N ASN Z 139 47.01 -43.20 -11.75
CA ASN Z 139 47.51 -42.80 -13.07
C ASN Z 139 47.44 -41.30 -13.38
N ARG Z 140 46.54 -40.57 -12.71
CA ARG Z 140 46.40 -39.11 -12.94
C ARG Z 140 46.67 -38.26 -11.68
N PRO Z 141 47.95 -38.12 -11.28
CA PRO Z 141 48.28 -37.25 -10.14
C PRO Z 141 47.90 -35.78 -10.31
N ASP Z 142 47.95 -35.28 -11.54
CA ASP Z 142 47.48 -33.94 -11.85
C ASP Z 142 46.00 -33.68 -11.48
N TYR Z 143 45.15 -34.69 -11.61
CA TYR Z 143 43.73 -34.57 -11.24
C TYR Z 143 43.46 -34.79 -9.74
N LEU Z 144 44.50 -35.14 -8.96
CA LEU Z 144 44.38 -35.29 -7.48
C LEU Z 144 43.84 -34.06 -6.73
N ASP Z 145 43.52 -34.30 -5.45
CA ASP Z 145 43.00 -33.27 -4.57
C ASP Z 145 43.54 -33.46 -3.13
N PHE Z 146 44.47 -32.61 -2.70
CA PHE Z 146 44.87 -32.53 -1.28
C PHE Z 146 44.83 -31.07 -0.73
N ALA Z 147 43.75 -30.36 -1.09
CA ALA Z 147 43.53 -29.00 -0.61
C ALA Z 147 43.34 -29.03 0.90
N GLU Z 148 42.31 -29.74 1.36
CA GLU Z 148 42.09 -29.97 2.79
C GLU Z 148 42.77 -31.29 3.13
N SER Z 149 42.62 -31.75 4.38
CA SER Z 149 43.26 -33.00 4.85
C SER Z 149 42.27 -34.17 4.95
N GLY Z 150 42.81 -35.39 4.89
CA GLY Z 150 42.02 -36.62 5.00
C GLY Z 150 41.16 -36.97 3.78
N GLN Z 151 41.51 -36.41 2.62
CA GLN Z 151 40.84 -36.74 1.35
C GLN Z 151 41.56 -37.86 0.60
N VAL Z 152 42.83 -38.09 0.97
CA VAL Z 152 43.67 -39.04 0.27
C VAL Z 152 44.49 -39.80 1.30
N TYR Z 153 44.19 -41.09 1.46
CA TYR Z 153 44.83 -41.90 2.49
C TYR Z 153 44.84 -43.41 2.17
N PHE Z 154 45.63 -44.12 2.95
CA PHE Z 154 46.04 -45.47 2.62
C PHE Z 154 46.62 -46.08 3.90
N GLY Z 155 45.91 -47.03 4.49
CA GLY Z 155 46.35 -47.69 5.73
C GLY Z 155 46.05 -49.18 5.82
N ILE Z 156 46.62 -49.83 6.83
CA ILE Z 156 46.48 -51.26 7.08
C ILE Z 156 46.52 -51.63 8.55
N ILE Z 157 45.86 -52.73 8.88
CA ILE Z 157 45.62 -53.12 10.26
C ILE Z 157 45.72 -54.64 10.36
N ALA Z 158 46.68 -55.12 11.14
CA ALA Z 158 46.80 -56.53 11.45
C ALA Z 158 45.66 -56.91 12.38
N LEU Z 159 44.81 -57.84 11.94
CA LEU Z 159 43.64 -58.25 12.72
C LEU Z 159 44.05 -59.30 13.74
N PRO AA 10 18.14 -48.44 16.21
CA PRO AA 10 17.98 -49.80 15.70
C PRO AA 10 18.14 -49.92 14.17
N SER AA 11 17.95 -51.14 13.66
CA SER AA 11 18.08 -51.47 12.22
C SER AA 11 17.12 -52.63 11.88
N ASP AA 12 16.43 -52.57 10.74
CA ASP AA 12 15.20 -53.39 10.54
C ASP AA 12 15.35 -54.92 10.25
N LYS AA 13 16.57 -55.41 10.02
CA LYS AA 13 16.80 -56.85 9.81
C LYS AA 13 17.25 -57.56 11.10
N PRO AA 14 16.91 -58.87 11.24
CA PRO AA 14 17.30 -59.62 12.44
C PRO AA 14 18.82 -59.70 12.66
N VAL AA 15 19.26 -59.48 13.90
CA VAL AA 15 20.66 -59.71 14.29
C VAL AA 15 20.78 -60.03 15.78
N ALA AA 16 21.74 -60.88 16.11
CA ALA AA 16 21.99 -61.24 17.50
C ALA AA 16 23.42 -61.71 17.71
N HIS AA 17 23.94 -61.40 18.89
CA HIS AA 17 25.32 -61.66 19.25
C HIS AA 17 25.29 -61.84 20.76
N VAL AA 18 25.68 -63.02 21.22
CA VAL AA 18 25.62 -63.35 22.63
C VAL AA 18 26.95 -63.92 23.04
N VAL AA 19 27.18 -63.94 24.34
CA VAL AA 19 28.47 -64.28 24.93
C VAL AA 19 28.31 -65.25 26.08
N ALA AA 20 29.39 -65.94 26.40
CA ALA AA 20 29.42 -66.87 27.51
C ALA AA 20 29.21 -66.18 28.86
N ASN AA 21 28.85 -67.00 29.85
CA ASN AA 21 28.72 -66.58 31.22
C ASN AA 21 29.92 -67.13 32.01
N PRO AA 22 30.84 -66.24 32.45
CA PRO AA 22 31.90 -66.65 33.37
C PRO AA 22 31.42 -67.28 34.68
N GLN AA 23 30.23 -66.89 35.12
CA GLN AA 23 29.66 -67.41 36.37
C GLN AA 23 29.13 -68.86 36.28
N ALA AA 24 28.94 -69.38 35.06
CA ALA AA 24 28.33 -70.72 34.86
C ALA AA 24 29.29 -71.88 35.18
N GLU AA 25 28.79 -72.87 35.92
CA GLU AA 25 29.60 -73.97 36.47
C GLU AA 25 29.52 -75.27 35.64
N GLY AA 26 30.58 -75.55 34.88
CA GLY AA 26 30.65 -76.76 34.05
C GLY AA 26 29.68 -76.79 32.89
N GLN AA 27 29.39 -75.63 32.30
CA GLN AA 27 28.42 -75.48 31.21
C GLN AA 27 28.69 -74.22 30.39
N LEU AA 28 28.38 -74.29 29.10
CA LEU AA 28 28.42 -73.08 28.25
C LEU AA 28 27.04 -72.47 28.29
N GLN AA 29 26.98 -71.19 28.64
CA GLN AA 29 25.71 -70.52 28.89
C GLN AA 29 25.69 -69.13 28.26
N TRP AA 30 24.83 -68.95 27.28
CA TRP AA 30 24.76 -67.69 26.53
C TRP AA 30 23.93 -66.65 27.30
N LEU AA 31 24.46 -65.41 27.39
CA LEU AA 31 23.77 -64.29 28.07
C LEU AA 31 23.35 -63.23 27.06
N ASN AA 32 22.33 -62.43 27.43
CA ASN AA 32 21.68 -61.49 26.48
C ASN AA 32 21.77 -59.99 26.82
N ARG AA 33 21.52 -59.61 28.07
CA ARG AA 33 21.54 -58.19 28.46
C ARG AA 33 22.73 -57.87 29.36
N ARG AA 34 23.86 -57.64 28.69
CA ARG AA 34 25.09 -57.15 29.31
C ARG AA 34 25.61 -56.01 28.45
N ALA AA 35 26.78 -55.48 28.80
CA ALA AA 35 27.45 -54.45 27.97
C ALA AA 35 27.84 -54.99 26.59
N ASN AA 36 28.27 -56.25 26.52
CA ASN AA 36 28.77 -56.87 25.29
C ASN AA 36 27.75 -57.76 24.53
N ALA AA 37 26.49 -57.84 24.99
CA ALA AA 37 25.48 -58.80 24.46
C ALA AA 37 24.23 -58.13 23.85
N LEU AA 38 23.65 -58.79 22.84
CA LEU AA 38 22.60 -58.18 21.98
C LEU AA 38 21.68 -59.21 21.25
N LEU AA 39 20.37 -58.95 21.30
CA LEU AA 39 19.34 -59.66 20.49
C LEU AA 39 18.47 -58.59 19.81
N ALA AA 40 18.17 -58.75 18.53
CA ALA AA 40 17.51 -57.66 17.77
C ALA AA 40 16.49 -58.04 16.69
N ASN AA 41 15.36 -57.32 16.71
CA ASN AA 41 14.33 -57.34 15.65
C ASN AA 41 13.56 -58.64 15.44
N GLY AA 42 13.61 -59.55 16.43
CA GLY AA 42 12.97 -60.85 16.33
C GLY AA 42 13.68 -61.98 17.03
N VAL AA 43 15.02 -61.95 17.04
CA VAL AA 43 15.80 -63.08 17.57
C VAL AA 43 15.66 -63.13 19.09
N GLU AA 44 15.51 -64.35 19.62
CA GLU AA 44 15.36 -64.58 21.08
C GLU AA 44 16.30 -65.70 21.54
N LEU AA 45 16.56 -65.73 22.86
CA LEU AA 45 17.44 -66.73 23.48
C LEU AA 45 16.66 -67.69 24.36
N ARG AA 46 16.01 -68.67 23.72
CA ARG AA 46 15.23 -69.69 24.42
C ARG AA 46 16.12 -70.91 24.72
N ASP AA 47 16.04 -71.42 25.95
CA ASP AA 47 16.75 -72.65 26.40
C ASP AA 47 18.18 -72.79 25.85
N ASN AA 48 18.96 -71.74 25.98
CA ASN AA 48 20.36 -71.71 25.51
C ASN AA 48 20.53 -71.73 23.97
N GLN AA 49 19.49 -71.31 23.24
CA GLN AA 49 19.46 -71.36 21.76
C GLN AA 49 18.88 -70.08 21.16
N LEU AA 50 19.43 -69.69 20.01
CA LEU AA 50 18.93 -68.53 19.27
C LEU AA 50 17.72 -68.93 18.43
N VAL AA 51 16.63 -68.15 18.52
CA VAL AA 51 15.38 -68.44 17.82
C VAL AA 51 15.19 -67.54 16.60
N VAL AA 52 15.13 -68.13 15.42
CA VAL AA 52 15.04 -67.41 14.16
C VAL AA 52 13.62 -66.90 13.94
N PRO AA 53 13.44 -65.57 13.78
CA PRO AA 53 12.11 -64.96 13.68
C PRO AA 53 11.53 -64.86 12.26
N SER AA 54 12.33 -65.16 11.24
CA SER AA 54 11.89 -64.97 9.86
C SER AA 54 12.74 -65.80 8.91
N GLU AA 55 12.15 -66.18 7.77
CA GLU AA 55 12.82 -67.00 6.77
C GLU AA 55 13.91 -66.16 6.10
N GLY AA 56 14.94 -66.85 5.60
CA GLY AA 56 15.93 -66.24 4.73
C GLY AA 56 17.34 -66.69 4.99
N LEU AA 57 18.28 -65.85 4.57
CA LEU AA 57 19.72 -66.12 4.65
C LEU AA 57 20.29 -65.52 5.93
N TYR AA 58 21.13 -66.29 6.61
CA TYR AA 58 21.73 -65.87 7.88
C TYR AA 58 23.21 -66.21 7.90
N LEU AA 59 24.02 -65.21 8.22
CA LEU AA 59 25.42 -65.41 8.55
C LEU AA 59 25.45 -65.80 10.01
N ILE AA 60 26.07 -66.93 10.30
CA ILE AA 60 26.05 -67.51 11.64
C ILE AA 60 27.48 -67.77 12.06
N TYR AA 61 27.83 -67.46 13.30
CA TYR AA 61 29.21 -67.60 13.76
C TYR AA 61 29.31 -67.82 15.23
N SER AA 62 30.37 -68.51 15.64
CA SER AA 62 30.69 -68.60 17.05
C SER AA 62 32.14 -68.87 17.29
N GLN AA 63 32.60 -68.34 18.42
CA GLN AA 63 33.97 -68.43 18.84
C GLN AA 63 34.01 -68.76 20.31
N VAL AA 64 35.01 -69.54 20.68
CA VAL AA 64 35.16 -70.04 22.04
C VAL AA 64 36.64 -70.25 22.25
N LEU AA 65 37.08 -69.96 23.47
CA LEU AA 65 38.50 -69.97 23.82
C LEU AA 65 38.72 -71.01 24.90
N PHE AA 66 39.91 -71.60 24.91
CA PHE AA 66 40.28 -72.62 25.90
C PHE AA 66 41.65 -72.32 26.53
N LYS AA 67 41.90 -73.00 27.64
CA LYS AA 67 43.11 -72.83 28.43
C LYS AA 67 43.37 -74.07 29.28
N GLY AA 68 44.62 -74.54 29.30
CA GLY AA 68 45.01 -75.72 30.08
C GLY AA 68 46.43 -75.64 30.63
N GLN AA 69 46.53 -75.67 31.96
CA GLN AA 69 47.81 -75.70 32.66
C GLN AA 69 48.35 -77.13 32.61
N GLY AA 70 49.65 -77.26 32.33
CA GLY AA 70 50.28 -78.57 32.17
C GLY AA 70 49.81 -79.30 30.93
N CYS AA 71 49.96 -80.63 30.93
CA CYS AA 71 49.50 -81.48 29.83
C CYS AA 71 49.39 -82.95 30.32
N PRO AA 72 48.15 -83.48 30.43
CA PRO AA 72 47.91 -84.75 31.16
C PRO AA 72 48.13 -86.05 30.37
N SER AA 73 48.23 -87.16 31.11
CA SER AA 73 48.41 -88.51 30.56
C SER AA 73 47.20 -88.97 29.73
N THR AA 74 45.99 -88.56 30.16
CA THR AA 74 44.78 -88.72 29.36
C THR AA 74 44.86 -87.81 28.12
N HIS AA 75 44.22 -88.25 27.04
CA HIS AA 75 44.37 -87.61 25.73
C HIS AA 75 43.23 -86.62 25.55
N VAL AA 76 43.57 -85.33 25.53
CA VAL AA 76 42.57 -84.26 25.57
C VAL AA 76 42.02 -84.00 24.16
N LEU AA 77 40.73 -83.67 24.09
CA LEU AA 77 39.98 -83.52 22.83
C LEU AA 77 38.95 -82.40 23.02
N LEU AA 78 38.98 -81.38 22.16
CA LEU AA 78 38.12 -80.21 22.32
C LEU AA 78 37.24 -80.01 21.10
N THR AA 79 35.92 -79.94 21.28
CA THR AA 79 34.98 -79.78 20.16
C THR AA 79 34.10 -78.56 20.35
N HIS AA 80 33.79 -77.92 19.23
CA HIS AA 80 32.87 -76.79 19.19
C HIS AA 80 31.93 -77.00 18.03
N THR AA 81 30.62 -76.88 18.29
CA THR AA 81 29.60 -77.27 17.32
C THR AA 81 28.35 -76.40 17.38
N ILE AA 82 28.13 -75.65 16.30
CA ILE AA 82 26.85 -75.01 16.03
C ILE AA 82 25.94 -76.05 15.37
N SER AA 83 24.72 -76.19 15.88
CA SER AA 83 23.71 -77.11 15.33
C SER AA 83 22.37 -76.43 15.13
N ARG AA 84 21.58 -76.99 14.21
CA ARG AA 84 20.25 -76.47 13.85
C ARG AA 84 19.13 -77.42 14.29
N ILE AA 85 18.00 -76.84 14.68
CA ILE AA 85 16.79 -77.60 15.02
C ILE AA 85 15.58 -76.96 14.36
N ALA AA 86 15.23 -77.50 13.19
CA ALA AA 86 14.12 -76.99 12.37
C ALA AA 86 12.78 -77.42 12.95
N VAL AA 87 11.74 -76.63 12.68
CA VAL AA 87 10.38 -76.94 13.16
C VAL AA 87 9.82 -78.14 12.42
N SER AA 88 9.83 -78.06 11.09
CA SER AA 88 9.27 -79.10 10.22
C SER AA 88 10.04 -80.44 10.19
N TYR AA 89 11.30 -80.45 10.64
CA TYR AA 89 12.13 -81.67 10.64
C TYR AA 89 12.26 -82.37 12.02
N GLN AA 90 12.26 -81.60 13.13
CA GLN AA 90 12.32 -82.10 14.54
C GLN AA 90 13.74 -82.53 15.05
N THR AA 91 14.59 -83.09 14.19
CA THR AA 91 15.90 -83.62 14.57
C THR AA 91 16.97 -82.52 14.56
N LYS AA 92 17.98 -82.69 15.42
CA LYS AA 92 19.14 -81.80 15.53
C LYS AA 92 20.27 -82.25 14.59
N VAL AA 93 20.86 -81.30 13.87
CA VAL AA 93 21.92 -81.56 12.88
C VAL AA 93 23.06 -80.54 13.03
N ASN AA 94 24.30 -80.97 12.78
CA ASN AA 94 25.45 -80.03 12.69
C ASN AA 94 25.29 -79.06 11.51
N LEU AA 95 25.71 -77.82 11.71
CA LEU AA 95 25.94 -76.89 10.59
C LEU AA 95 27.43 -76.65 10.43
N LEU AA 96 28.07 -76.29 11.53
CA LEU AA 96 29.50 -75.98 11.57
C LEU AA 96 30.07 -76.74 12.76
N SER AA 97 31.22 -77.37 12.60
CA SER AA 97 31.86 -78.09 13.72
C SER AA 97 33.36 -78.27 13.52
N ALA AA 98 34.08 -78.46 14.62
CA ALA AA 98 35.54 -78.56 14.55
C ALA AA 98 36.09 -79.13 15.84
N ILE AA 99 37.24 -79.80 15.75
CA ILE AA 99 37.87 -80.49 16.88
C ILE AA 99 39.35 -80.12 16.95
N LYS AA 100 39.93 -80.07 18.15
CA LYS AA 100 41.35 -79.76 18.35
C LYS AA 100 42.01 -80.79 19.28
N SER AA 101 43.29 -81.06 19.04
CA SER AA 101 44.10 -81.97 19.86
C SER AA 101 45.17 -81.18 20.60
N PRO AA 102 44.77 -80.43 21.63
CA PRO AA 102 45.68 -79.44 22.23
C PRO AA 102 47.00 -80.07 22.68
N CYS AA 103 46.90 -81.10 23.51
CA CYS AA 103 48.05 -81.78 24.02
C CYS AA 103 48.53 -82.78 22.97
N GLN AA 104 49.85 -82.87 22.83
CA GLN AA 104 50.50 -83.82 21.90
C GLN AA 104 51.35 -84.88 22.65
N ARG AA 105 52.02 -84.46 23.73
CA ARG AA 105 52.73 -85.36 24.64
C ARG AA 105 52.71 -84.77 26.06
N GLU AA 106 52.53 -85.62 27.07
CA GLU AA 106 52.33 -85.16 28.46
C GLU AA 106 53.61 -84.57 29.09
N THR AA 107 53.49 -83.35 29.59
CA THR AA 107 54.65 -82.49 29.92
C THR AA 107 55.24 -82.80 31.29
N LYS AA 114 53.54 -77.16 31.61
CA LYS AA 114 53.47 -75.74 31.25
C LYS AA 114 52.23 -75.45 30.39
N PRO AA 115 51.74 -74.18 30.38
CA PRO AA 115 50.39 -73.88 29.85
C PRO AA 115 50.17 -74.03 28.32
N TRP AA 116 48.91 -74.25 27.92
CA TRP AA 116 48.46 -74.02 26.54
C TRP AA 116 47.15 -73.23 26.52
N TYR AA 117 46.93 -72.52 25.41
CA TYR AA 117 45.70 -71.76 25.14
C TYR AA 117 45.26 -72.18 23.73
N GLU AA 118 43.97 -72.35 23.49
CA GLU AA 118 43.47 -72.72 22.16
C GLU AA 118 42.10 -72.10 21.89
N PRO AA 119 41.91 -71.50 20.70
CA PRO AA 119 40.56 -71.07 20.35
C PRO AA 119 39.90 -72.08 19.41
N ILE AA 120 38.60 -71.89 19.18
CA ILE AA 120 37.90 -72.51 18.06
C ILE AA 120 36.94 -71.48 17.49
N TYR AA 121 37.00 -71.30 16.17
CA TYR AA 121 36.09 -70.42 15.44
C TYR AA 121 35.19 -71.30 14.56
N LEU AA 122 34.03 -70.76 14.18
CA LEU AA 122 33.16 -71.39 13.20
C LEU AA 122 32.25 -70.33 12.60
N GLY AA 123 32.05 -70.39 11.28
CA GLY AA 123 31.05 -69.54 10.65
C GLY AA 123 30.61 -69.95 9.24
N GLY AA 124 29.43 -69.48 8.85
CA GLY AA 124 28.92 -69.70 7.50
C GLY AA 124 27.62 -68.97 7.18
N VAL AA 125 27.26 -68.98 5.88
CA VAL AA 125 25.93 -68.55 5.44
C VAL AA 125 24.99 -69.75 5.36
N PHE AA 126 23.76 -69.55 5.81
CA PHE AA 126 22.75 -70.60 5.82
C PHE AA 126 21.34 -70.06 5.56
N GLN AA 127 20.59 -70.79 4.74
CA GLN AA 127 19.15 -70.60 4.57
C GLN AA 127 18.46 -71.21 5.79
N LEU AA 128 17.59 -70.42 6.44
CA LEU AA 128 16.84 -70.90 7.61
C LEU AA 128 15.39 -70.39 7.57
N GLU AA 129 14.56 -71.02 8.38
CA GLU AA 129 13.12 -70.73 8.44
C GLU AA 129 12.73 -70.19 9.80
N LYS AA 130 11.57 -69.54 9.86
CA LYS AA 130 11.06 -69.05 11.12
C LYS AA 130 10.88 -70.23 12.06
N GLY AA 131 11.22 -70.03 13.33
CA GLY AA 131 11.09 -71.08 14.35
C GLY AA 131 12.25 -72.05 14.45
N ASP AA 132 13.27 -71.88 13.59
CA ASP AA 132 14.49 -72.68 13.70
C ASP AA 132 15.23 -72.26 14.95
N ARG AA 133 15.88 -73.24 15.58
CA ARG AA 133 16.61 -73.02 16.83
C ARG AA 133 18.04 -73.52 16.62
N LEU AA 134 19.00 -72.74 17.14
CA LEU AA 134 20.43 -72.92 16.87
C LEU AA 134 21.22 -73.03 18.16
N SER AA 135 22.11 -74.01 18.22
CA SER AA 135 22.80 -74.36 19.45
C SER AA 135 24.30 -74.34 19.23
N ALA AA 136 24.99 -73.40 19.89
CA ALA AA 136 26.44 -73.43 19.96
C ALA AA 136 26.84 -74.21 21.21
N GLU AA 137 27.57 -75.32 21.01
CA GLU AA 137 27.82 -76.29 22.09
C GLU AA 137 29.22 -76.93 22.01
N ILE AA 138 29.74 -77.32 23.19
CA ILE AA 138 31.10 -77.84 23.34
C ILE AA 138 31.14 -79.02 24.28
N ASN AA 139 32.18 -79.83 24.16
CA ASN AA 139 32.27 -81.07 24.96
C ASN AA 139 32.81 -80.90 26.37
N ARG AA 140 33.74 -79.97 26.56
CA ARG AA 140 34.45 -79.77 27.83
C ARG AA 140 34.35 -78.30 28.29
N PRO AA 141 33.25 -77.93 28.97
CA PRO AA 141 33.12 -76.64 29.65
C PRO AA 141 34.23 -76.34 30.67
N ASP AA 142 34.65 -77.37 31.41
CA ASP AA 142 35.77 -77.27 32.37
C ASP AA 142 37.06 -76.56 31.88
N TYR AA 143 37.41 -76.72 30.60
CA TYR AA 143 38.58 -76.03 30.01
C TYR AA 143 38.28 -74.70 29.33
N LEU AA 144 37.06 -74.16 29.47
CA LEU AA 144 36.79 -72.79 29.00
C LEU AA 144 37.66 -71.74 29.70
N ASP AA 145 37.93 -70.66 28.96
CA ASP AA 145 38.77 -69.54 29.42
C ASP AA 145 37.93 -68.26 29.37
N PHE AA 146 37.68 -67.67 30.54
CA PHE AA 146 36.96 -66.39 30.64
C PHE AA 146 37.87 -65.19 30.93
N ALA AA 147 39.19 -65.40 30.90
CA ALA AA 147 40.15 -64.32 31.20
C ALA AA 147 39.94 -63.15 30.27
N GLU AA 148 39.80 -63.43 28.97
CA GLU AA 148 39.40 -62.41 28.00
C GLU AA 148 37.89 -62.23 28.10
N SER AA 149 37.46 -60.97 28.23
CA SER AA 149 36.03 -60.63 28.32
C SER AA 149 35.53 -60.05 27.00
N GLY AA 150 34.57 -60.73 26.40
CA GLY AA 150 34.10 -60.45 25.03
C GLY AA 150 34.86 -61.25 23.99
N GLN AA 151 35.06 -62.54 24.27
CA GLN AA 151 35.82 -63.45 23.39
C GLN AA 151 35.24 -64.88 23.21
N VAL AA 152 34.24 -65.25 24.02
CA VAL AA 152 33.53 -66.54 23.89
C VAL AA 152 32.09 -66.17 23.54
N TYR AA 153 31.77 -66.23 22.25
CA TYR AA 153 30.52 -65.69 21.75
C TYR AA 153 29.93 -66.49 20.60
N PHE AA 154 28.65 -66.21 20.35
CA PHE AA 154 27.81 -66.92 19.39
C PHE AA 154 26.91 -65.86 18.81
N GLY AA 155 26.90 -65.73 17.48
CA GLY AA 155 26.06 -64.72 16.85
C GLY AA 155 25.55 -65.07 15.47
N ILE AA 156 24.39 -64.52 15.12
CA ILE AA 156 23.86 -64.61 13.78
C ILE AA 156 23.51 -63.24 13.25
N ILE AA 157 23.48 -63.15 11.93
CA ILE AA 157 23.17 -61.91 11.23
C ILE AA 157 22.38 -62.29 9.99
N ALA AA 158 21.14 -61.81 9.89
CA ALA AA 158 20.33 -62.03 8.68
C ALA AA 158 20.89 -61.18 7.54
N LEU AA 159 20.59 -61.57 6.30
CA LEU AA 159 21.05 -60.84 5.10
C LEU AA 159 19.84 -60.46 4.26
N SER BA 11 16.95 -56.75 -3.39
CA SER BA 11 18.42 -57.04 -3.44
C SER BA 11 18.72 -58.38 -2.76
N ASP BA 12 19.12 -59.38 -3.56
CA ASP BA 12 19.39 -60.74 -3.04
C ASP BA 12 20.89 -61.01 -2.79
N LYS BA 13 21.76 -60.56 -3.70
CA LYS BA 13 23.24 -60.65 -3.60
C LYS BA 13 23.84 -62.07 -3.56
N PRO BA 14 24.64 -62.46 -4.58
CA PRO BA 14 25.24 -63.80 -4.68
C PRO BA 14 25.89 -64.34 -3.40
N VAL BA 15 25.52 -65.56 -3.02
CA VAL BA 15 26.12 -66.26 -1.88
C VAL BA 15 26.24 -67.76 -2.17
N ALA BA 16 27.07 -68.45 -1.39
CA ALA BA 16 27.29 -69.88 -1.57
C ALA BA 16 27.91 -70.54 -0.35
N HIS BA 17 27.46 -71.76 -0.04
CA HIS BA 17 28.03 -72.58 1.01
C HIS BA 17 28.06 -74.02 0.51
N VAL BA 18 29.24 -74.61 0.47
CA VAL BA 18 29.42 -75.98 0.03
C VAL BA 18 30.29 -76.77 1.00
N VAL BA 19 30.11 -78.09 0.96
CA VAL BA 19 30.76 -79.01 1.90
C VAL BA 19 31.36 -80.19 1.16
N ALA BA 20 32.17 -80.96 1.85
CA ALA BA 20 32.79 -82.11 1.26
C ALA BA 20 31.77 -83.19 1.18
N ASN BA 21 31.95 -84.05 0.19
CA ASN BA 21 31.09 -85.19 -0.06
C ASN BA 21 31.53 -86.26 0.93
N PRO BA 22 30.63 -86.71 1.82
CA PRO BA 22 31.02 -87.83 2.70
C PRO BA 22 31.34 -89.17 1.97
N GLN BA 23 30.85 -89.36 0.75
CA GLN BA 23 31.00 -90.62 0.02
C GLN BA 23 32.15 -90.70 -0.99
N ALA BA 24 33.01 -89.70 -1.01
CA ALA BA 24 34.18 -89.73 -1.89
C ALA BA 24 35.40 -90.00 -1.03
N GLU BA 25 35.59 -91.26 -0.62
CA GLU BA 25 36.69 -91.60 0.29
C GLU BA 25 38.04 -91.43 -0.42
N GLY BA 26 39.01 -90.86 0.32
CA GLY BA 26 40.30 -90.46 -0.25
C GLY BA 26 40.33 -89.19 -1.09
N GLN BA 27 39.28 -88.36 -1.06
CA GLN BA 27 39.25 -87.11 -1.86
C GLN BA 27 38.22 -86.05 -1.42
N LEU BA 28 38.43 -84.82 -1.91
CA LEU BA 28 37.62 -83.65 -1.52
C LEU BA 28 36.70 -83.18 -2.64
N GLN BA 29 35.42 -83.52 -2.56
CA GLN BA 29 34.43 -83.11 -3.56
C GLN BA 29 33.46 -82.18 -2.90
N TRP BA 30 33.48 -80.91 -3.30
CA TRP BA 30 32.48 -79.97 -2.83
C TRP BA 30 31.09 -80.43 -3.31
N LEU BA 31 30.08 -80.24 -2.47
CA LEU BA 31 28.70 -80.55 -2.81
C LEU BA 31 27.80 -79.40 -2.43
N ASN BA 32 26.94 -78.99 -3.36
CA ASN BA 32 25.88 -78.04 -3.06
C ASN BA 32 24.54 -78.74 -2.79
N ARG BA 33 24.25 -79.82 -3.52
CA ARG BA 33 22.93 -80.47 -3.47
C ARG BA 33 22.79 -81.38 -2.25
N ARG BA 34 22.85 -80.72 -1.08
CA ARG BA 34 22.77 -81.35 0.23
C ARG BA 34 21.92 -80.43 1.09
N ALA BA 35 21.46 -80.96 2.22
CA ALA BA 35 20.80 -80.16 3.24
C ALA BA 35 21.85 -79.27 3.90
N ASN BA 36 21.51 -77.99 4.09
CA ASN BA 36 22.38 -76.96 4.70
C ASN BA 36 23.48 -76.38 3.78
N ALA BA 37 23.86 -77.12 2.74
CA ALA BA 37 24.66 -76.55 1.65
C ALA BA 37 23.73 -75.73 0.78
N LEU BA 38 24.32 -74.76 0.08
CA LEU BA 38 23.54 -73.87 -0.79
C LEU BA 38 24.37 -73.15 -1.87
N LEU BA 39 23.71 -72.94 -3.01
CA LEU BA 39 24.11 -71.99 -4.04
C LEU BA 39 22.91 -71.07 -4.20
N ALA BA 40 23.14 -69.77 -4.11
CA ALA BA 40 22.07 -68.81 -4.33
C ALA BA 40 22.50 -67.82 -5.39
N ASN BA 41 21.51 -67.07 -5.86
CA ASN BA 41 21.69 -65.86 -6.67
C ASN BA 41 22.87 -65.85 -7.66
N GLY BA 42 23.06 -66.97 -8.36
CA GLY BA 42 24.01 -67.05 -9.48
C GLY BA 42 25.38 -67.68 -9.30
N VAL BA 43 25.79 -67.93 -8.06
CA VAL BA 43 27.03 -68.64 -7.81
C VAL BA 43 26.84 -70.11 -8.26
N GLU BA 44 27.64 -70.53 -9.25
CA GLU BA 44 27.58 -71.89 -9.75
C GLU BA 44 28.72 -72.72 -9.22
N LEU BA 45 28.44 -74.00 -8.98
CA LEU BA 45 29.46 -75.01 -8.70
C LEU BA 45 29.64 -75.88 -9.93
N ARG BA 46 30.76 -75.66 -10.62
CA ARG BA 46 31.14 -76.46 -11.79
C ARG BA 46 32.62 -76.81 -11.66
N ASP BA 47 32.98 -77.98 -12.17
CA ASP BA 47 34.34 -78.49 -12.13
C ASP BA 47 35.03 -78.40 -10.76
N ASN BA 48 34.27 -78.59 -9.68
CA ASN BA 48 34.78 -78.57 -8.28
C ASN BA 48 35.18 -77.17 -7.72
N GLN BA 49 34.67 -76.12 -8.37
CA GLN BA 49 35.03 -74.74 -8.07
C GLN BA 49 33.77 -73.92 -8.02
N LEU BA 50 33.67 -73.03 -7.04
CA LEU BA 50 32.62 -72.03 -7.01
C LEU BA 50 32.91 -71.00 -8.08
N VAL BA 51 31.86 -70.56 -8.76
CA VAL BA 51 31.99 -69.71 -9.93
C VAL BA 51 31.18 -68.46 -9.69
N VAL BA 52 31.88 -67.33 -9.68
CA VAL BA 52 31.32 -66.02 -9.36
C VAL BA 52 30.51 -65.55 -10.57
N PRO BA 53 29.30 -64.97 -10.36
CA PRO BA 53 28.46 -64.43 -11.46
C PRO BA 53 28.60 -62.95 -11.78
N SER BA 54 28.77 -62.11 -10.76
CA SER BA 54 28.69 -60.66 -10.91
C SER BA 54 29.91 -60.06 -10.24
N GLU BA 55 30.58 -59.15 -10.93
CA GLU BA 55 31.79 -58.53 -10.39
C GLU BA 55 31.45 -57.77 -9.11
N GLY BA 56 32.36 -57.80 -8.14
CA GLY BA 56 32.11 -57.17 -6.85
C GLY BA 56 33.07 -57.56 -5.75
N LEU BA 57 32.80 -57.05 -4.55
CA LEU BA 57 33.51 -57.44 -3.34
C LEU BA 57 32.84 -58.68 -2.76
N TYR BA 58 33.66 -59.63 -2.32
CA TYR BA 58 33.14 -60.89 -1.77
C TYR BA 58 33.88 -61.33 -0.54
N LEU BA 59 33.13 -61.76 0.46
CA LEU BA 59 33.66 -62.53 1.57
C LEU BA 59 33.96 -63.92 1.01
N ILE BA 60 35.08 -64.51 1.44
CA ILE BA 60 35.44 -65.88 1.10
C ILE BA 60 35.95 -66.56 2.37
N TYR BA 61 35.28 -67.65 2.76
CA TYR BA 61 35.67 -68.46 3.93
C TYR BA 61 35.99 -69.89 3.51
N SER BA 62 36.49 -70.71 4.45
CA SER BA 62 36.84 -72.09 4.18
C SER BA 62 37.43 -72.79 5.41
N GLN BA 63 36.85 -73.92 5.80
CA GLN BA 63 37.40 -74.80 6.85
C GLN BA 63 37.67 -76.19 6.27
N VAL BA 64 38.75 -76.82 6.72
CA VAL BA 64 38.97 -78.26 6.54
C VAL BA 64 39.46 -78.80 7.87
N LEU BA 65 39.15 -80.07 8.14
CA LEU BA 65 39.49 -80.71 9.41
C LEU BA 65 40.20 -82.01 9.14
N PHE BA 66 41.47 -82.07 9.51
CA PHE BA 66 42.28 -83.25 9.30
C PHE BA 66 42.27 -84.07 10.57
N LYS BA 67 42.64 -85.36 10.45
CA LYS BA 67 42.68 -86.28 11.58
C LYS BA 67 43.58 -87.48 11.28
N GLY BA 68 44.57 -87.73 12.14
CA GLY BA 68 45.52 -88.85 11.97
C GLY BA 68 45.45 -89.86 13.10
N GLN BA 69 46.09 -91.00 12.88
CA GLN BA 69 46.08 -92.13 13.81
C GLN BA 69 47.52 -92.50 14.11
N GLY BA 70 48.11 -91.74 15.03
CA GLY BA 70 49.54 -91.80 15.31
C GLY BA 70 50.30 -90.94 14.32
N CYS BA 71 51.63 -90.91 14.48
CA CYS BA 71 52.52 -90.18 13.60
C CYS BA 71 53.58 -91.13 13.04
N PRO BA 72 53.45 -91.51 11.75
CA PRO BA 72 54.45 -92.39 11.18
C PRO BA 72 55.80 -91.70 11.04
N SER BA 73 55.75 -90.39 10.85
CA SER BA 73 56.94 -89.56 10.69
C SER BA 73 56.66 -88.14 11.21
N THR BA 74 57.73 -87.35 11.29
CA THR BA 74 57.63 -85.91 11.56
C THR BA 74 57.31 -85.10 10.29
N HIS BA 75 57.51 -85.75 9.13
CA HIS BA 75 57.42 -85.13 7.81
C HIS BA 75 55.99 -84.82 7.36
N VAL BA 76 55.02 -85.05 8.22
CA VAL BA 76 53.61 -84.96 7.85
C VAL BA 76 53.33 -83.46 7.71
N LEU BA 77 52.74 -83.12 6.57
CA LEU BA 77 52.64 -81.73 6.11
C LEU BA 77 51.24 -81.53 5.49
N LEU BA 78 50.52 -80.54 5.99
CA LEU BA 78 49.11 -80.33 5.71
C LEU BA 78 48.89 -78.95 5.11
N THR BA 79 48.46 -78.89 3.85
CA THR BA 79 48.23 -77.62 3.15
C THR BA 79 46.75 -77.41 2.79
N HIS BA 80 46.31 -76.15 2.88
CA HIS BA 80 44.95 -75.73 2.49
C HIS BA 80 45.11 -74.37 1.81
N THR BA 81 44.26 -74.08 0.82
CA THR BA 81 44.61 -73.20 -0.28
C THR BA 81 43.37 -72.77 -1.00
N ILE BA 82 43.07 -71.48 -1.00
CA ILE BA 82 42.00 -70.98 -1.86
C ILE BA 82 42.66 -70.17 -2.95
N SER BA 83 42.38 -70.53 -4.21
CA SER BA 83 42.99 -69.90 -5.34
C SER BA 83 41.92 -69.37 -6.26
N ARG BA 84 42.34 -68.55 -7.20
CA ARG BA 84 41.43 -67.82 -8.05
C ARG BA 84 41.96 -67.90 -9.46
N ILE BA 85 41.05 -68.14 -10.41
CA ILE BA 85 41.41 -68.25 -11.83
C ILE BA 85 40.46 -67.33 -12.56
N ALA BA 86 41.00 -66.19 -12.96
CA ALA BA 86 40.28 -65.24 -13.77
C ALA BA 86 39.99 -65.88 -15.10
N VAL BA 87 39.02 -65.32 -15.81
CA VAL BA 87 38.78 -65.68 -17.20
C VAL BA 87 39.91 -65.06 -18.02
N SER BA 88 39.96 -63.72 -18.05
CA SER BA 88 40.86 -62.97 -18.97
C SER BA 88 42.33 -63.34 -18.81
N TYR BA 89 42.82 -63.24 -17.58
CA TYR BA 89 44.23 -63.46 -17.27
C TYR BA 89 44.55 -64.96 -17.29
N GLN BA 90 43.68 -65.77 -16.69
CA GLN BA 90 43.72 -67.23 -16.79
C GLN BA 90 44.98 -67.86 -16.18
N THR BA 91 45.42 -67.33 -15.04
CA THR BA 91 46.52 -67.94 -14.27
C THR BA 91 46.07 -68.10 -12.83
N LYS BA 92 46.53 -69.18 -12.19
CA LYS BA 92 46.06 -69.62 -10.86
C LYS BA 92 46.64 -68.76 -9.72
N VAL BA 93 46.00 -67.63 -9.44
CA VAL BA 93 46.50 -66.68 -8.44
C VAL BA 93 46.01 -67.11 -7.08
N ASN BA 94 46.95 -67.45 -6.21
CA ASN BA 94 46.62 -67.79 -4.84
C ASN BA 94 46.18 -66.59 -4.03
N LEU BA 95 45.29 -66.83 -3.08
CA LEU BA 95 44.79 -65.81 -2.19
C LEU BA 95 45.13 -66.19 -0.75
N LEU BA 96 44.59 -67.32 -0.27
CA LEU BA 96 44.82 -67.77 1.09
C LEU BA 96 45.59 -69.08 1.08
N SER BA 97 46.14 -69.44 2.23
CA SER BA 97 47.15 -70.49 2.32
C SER BA 97 47.52 -70.83 3.77
N ALA BA 98 47.88 -72.09 4.01
CA ALA BA 98 48.15 -72.57 5.38
C ALA BA 98 48.96 -73.85 5.34
N ILE BA 99 49.91 -73.99 6.26
CA ILE BA 99 50.87 -75.09 6.25
C ILE BA 99 51.04 -75.55 7.68
N LYS BA 100 50.51 -76.72 7.99
CA LYS BA 100 50.56 -77.28 9.33
C LYS BA 100 51.49 -78.47 9.27
N SER BA 101 52.27 -78.67 10.34
CA SER BA 101 53.11 -79.84 10.53
C SER BA 101 52.68 -80.51 11.83
N PRO BA 102 51.54 -81.22 11.80
CA PRO BA 102 50.90 -81.72 13.03
C PRO BA 102 51.72 -82.70 13.84
N CYS BA 103 52.64 -83.40 13.20
CA CYS BA 103 53.42 -84.44 13.87
C CYS BA 103 54.79 -83.94 14.25
N GLN BA 104 54.92 -83.51 15.52
CA GLN BA 104 56.22 -83.14 16.10
C GLN BA 104 57.01 -84.38 16.50
N ARG BA 105 56.35 -85.33 17.17
CA ARG BA 105 56.94 -86.62 17.63
C ARG BA 105 56.24 -87.84 17.00
N GLU BA 106 56.98 -88.94 16.82
CA GLU BA 106 56.52 -90.11 16.05
C GLU BA 106 55.57 -91.09 16.79
N THR BA 107 56.13 -91.89 17.70
CA THR BA 107 55.37 -92.99 18.33
C THR BA 107 55.92 -93.27 19.73
N GLU BA 112 50.70 -97.72 21.92
CA GLU BA 112 49.57 -96.81 21.83
C GLU BA 112 49.81 -95.76 20.73
N ALA BA 113 49.10 -95.91 19.61
CA ALA BA 113 49.19 -94.96 18.47
C ALA BA 113 48.05 -93.95 18.54
N LYS BA 114 48.30 -92.82 19.19
CA LYS BA 114 47.23 -91.88 19.56
C LYS BA 114 46.67 -91.11 18.38
N PRO BA 115 45.39 -90.70 18.47
CA PRO BA 115 44.82 -89.85 17.42
C PRO BA 115 45.30 -88.40 17.52
N TRP BA 116 45.09 -87.64 16.44
CA TRP BA 116 45.24 -86.18 16.47
C TRP BA 116 44.34 -85.45 15.47
N TYR BA 117 44.17 -84.15 15.69
CA TYR BA 117 43.28 -83.29 14.91
C TYR BA 117 43.96 -81.94 14.60
N GLU BA 118 43.87 -81.49 13.35
CA GLU BA 118 44.28 -80.13 12.96
C GLU BA 118 43.19 -79.51 12.07
N PRO BA 119 42.34 -78.65 12.63
CA PRO BA 119 41.45 -77.88 11.77
C PRO BA 119 42.26 -76.76 11.13
N ILE BA 120 41.85 -76.31 9.95
CA ILE BA 120 42.46 -75.15 9.32
C ILE BA 120 41.38 -74.27 8.71
N TYR BA 121 41.29 -73.03 9.23
CA TYR BA 121 40.33 -72.01 8.79
C TYR BA 121 41.06 -71.01 7.90
N LEU BA 122 40.40 -70.57 6.83
CA LEU BA 122 40.93 -69.54 5.93
C LEU BA 122 39.80 -68.65 5.49
N GLY BA 123 40.10 -67.37 5.28
CA GLY BA 123 39.10 -66.47 4.78
C GLY BA 123 39.58 -65.04 4.67
N GLY BA 124 38.93 -64.30 3.78
CA GLY BA 124 39.18 -62.88 3.62
C GLY BA 124 38.11 -62.17 2.79
N VAL BA 125 38.42 -60.96 2.37
CA VAL BA 125 37.53 -60.15 1.55
C VAL BA 125 38.32 -59.77 0.33
N PHE BA 126 37.75 -60.05 -0.82
CA PHE BA 126 38.46 -59.97 -2.07
C PHE BA 126 37.59 -59.36 -3.13
N GLN BA 127 38.20 -58.55 -3.97
CA GLN BA 127 37.59 -58.08 -5.20
C GLN BA 127 37.57 -59.27 -6.15
N LEU BA 128 36.40 -59.62 -6.69
CA LEU BA 128 36.28 -60.70 -7.67
C LEU BA 128 35.59 -60.19 -8.93
N GLU BA 129 36.13 -60.59 -10.09
CA GLU BA 129 35.54 -60.28 -11.38
C GLU BA 129 34.50 -61.33 -11.79
N LYS BA 130 33.79 -61.01 -12.87
CA LYS BA 130 32.82 -61.91 -13.46
C LYS BA 130 33.53 -63.16 -14.01
N GLY BA 131 32.91 -64.32 -13.86
CA GLY BA 131 33.48 -65.59 -14.29
C GLY BA 131 34.65 -66.17 -13.48
N ASP BA 132 34.99 -65.56 -12.34
CA ASP BA 132 36.16 -66.02 -11.57
C ASP BA 132 35.88 -67.38 -10.95
N ARG BA 133 36.88 -68.24 -10.93
CA ARG BA 133 36.72 -69.60 -10.41
C ARG BA 133 37.58 -69.82 -9.16
N LEU BA 134 36.93 -69.93 -8.00
CA LEU BA 134 37.61 -70.09 -6.72
C LEU BA 134 37.78 -71.57 -6.40
N SER BA 135 38.99 -71.98 -6.03
CA SER BA 135 39.32 -73.39 -5.78
C SER BA 135 40.02 -73.63 -4.42
N ALA BA 136 39.20 -73.98 -3.43
CA ALA BA 136 39.65 -74.53 -2.14
C ALA BA 136 40.24 -75.94 -2.29
N GLU BA 137 41.53 -76.11 -1.99
CA GLU BA 137 42.27 -77.37 -2.20
C GLU BA 137 43.14 -77.77 -1.01
N ILE BA 138 43.31 -79.09 -0.84
CA ILE BA 138 44.19 -79.65 0.18
C ILE BA 138 45.08 -80.75 -0.40
N ASN BA 139 46.25 -80.96 0.19
CA ASN BA 139 47.22 -81.93 -0.33
C ASN BA 139 47.08 -83.37 0.17
N ARG BA 140 46.49 -83.57 1.36
CA ARG BA 140 46.26 -84.93 1.91
C ARG BA 140 44.77 -85.14 2.19
N PRO BA 141 44.00 -85.55 1.16
CA PRO BA 141 42.60 -85.92 1.41
C PRO BA 141 42.48 -87.25 2.18
N ASP BA 142 43.51 -88.08 2.14
CA ASP BA 142 43.61 -89.21 3.07
C ASP BA 142 43.73 -88.86 4.57
N TYR BA 143 43.75 -87.57 4.93
CA TYR BA 143 43.61 -87.15 6.33
C TYR BA 143 42.33 -86.33 6.65
N LEU BA 144 41.47 -86.07 5.65
CA LEU BA 144 40.19 -85.35 5.86
C LEU BA 144 39.29 -86.04 6.86
N ASP BA 145 38.48 -85.26 7.57
CA ASP BA 145 37.47 -85.81 8.46
C ASP BA 145 36.15 -85.11 8.22
N PHE BA 146 35.27 -85.84 7.53
CA PHE BA 146 33.86 -85.48 7.35
C PHE BA 146 32.98 -86.52 8.07
N ALA BA 147 33.61 -87.35 8.92
CA ALA BA 147 32.92 -88.36 9.75
C ALA BA 147 31.58 -87.85 10.25
N GLU BA 148 31.56 -86.68 10.87
CA GLU BA 148 30.32 -85.95 11.14
C GLU BA 148 30.26 -84.77 10.17
N SER BA 149 29.05 -84.34 9.83
CA SER BA 149 28.83 -83.19 8.94
C SER BA 149 29.45 -81.87 9.45
N GLY BA 150 29.68 -80.95 8.52
CA GLY BA 150 30.04 -79.56 8.84
C GLY BA 150 31.42 -79.36 9.44
N GLN BA 151 32.30 -80.33 9.19
CA GLN BA 151 33.70 -80.29 9.60
C GLN BA 151 34.61 -79.82 8.45
N VAL BA 152 34.02 -79.66 7.26
CA VAL BA 152 34.76 -79.39 6.02
C VAL BA 152 33.84 -78.57 5.12
N TYR BA 153 34.11 -77.28 4.99
CA TYR BA 153 33.23 -76.38 4.23
C TYR BA 153 33.95 -75.21 3.57
N PHE BA 154 33.24 -74.54 2.66
CA PHE BA 154 33.85 -73.57 1.76
C PHE BA 154 32.75 -72.77 1.10
N GLY BA 155 32.84 -71.45 1.17
CA GLY BA 155 31.76 -70.60 0.67
C GLY BA 155 32.10 -69.11 0.59
N ILE BA 156 31.19 -68.37 -0.04
CA ILE BA 156 31.37 -66.95 -0.26
C ILE BA 156 30.08 -66.18 -0.06
N ILE BA 157 30.22 -64.90 0.19
CA ILE BA 157 29.09 -63.98 0.19
C ILE BA 157 29.58 -62.75 -0.53
N ALA BA 158 28.71 -62.15 -1.34
CA ALA BA 158 28.96 -60.87 -1.95
C ALA BA 158 28.52 -59.83 -0.95
N LEU BA 159 29.40 -58.87 -0.64
CA LEU BA 159 29.09 -57.83 0.35
C LEU BA 159 28.45 -56.61 -0.32
N SER CA 11 4.78 -13.69 -40.11
CA SER CA 11 4.82 -15.15 -39.76
C SER CA 11 4.90 -15.45 -38.26
N ASP CA 12 5.40 -14.49 -37.47
CA ASP CA 12 5.41 -14.58 -36.01
C ASP CA 12 5.58 -13.19 -35.43
N LYS CA 13 4.46 -12.49 -35.31
CA LYS CA 13 4.46 -11.09 -34.91
C LYS CA 13 4.80 -10.95 -33.42
N PRO CA 14 5.47 -9.83 -33.04
CA PRO CA 14 5.78 -9.57 -31.63
C PRO CA 14 4.59 -9.75 -30.68
N VAL CA 15 4.81 -10.43 -29.56
CA VAL CA 15 3.78 -10.77 -28.57
C VAL CA 15 4.37 -10.92 -27.17
N ALA CA 16 3.58 -10.55 -26.16
CA ALA CA 16 3.99 -10.67 -24.75
C ALA CA 16 2.79 -10.56 -23.81
N HIS CA 17 2.82 -11.35 -22.73
CA HIS CA 17 1.75 -11.38 -21.71
C HIS CA 17 2.43 -11.69 -20.38
N VAL CA 18 2.26 -10.81 -19.39
CA VAL CA 18 2.88 -10.98 -18.06
C VAL CA 18 1.84 -10.87 -16.94
N VAL CA 19 2.15 -11.51 -15.81
CA VAL CA 19 1.28 -11.55 -14.62
C VAL CA 19 2.05 -11.15 -13.37
N ALA CA 20 1.32 -10.64 -12.38
CA ALA CA 20 1.92 -10.07 -11.17
C ALA CA 20 2.60 -11.14 -10.33
N ASN CA 21 3.60 -10.72 -9.54
CA ASN CA 21 4.26 -11.59 -8.58
C ASN CA 21 3.47 -11.58 -7.26
N PRO CA 22 2.87 -12.74 -6.88
CA PRO CA 22 2.14 -12.80 -5.61
C PRO CA 22 2.99 -12.82 -4.32
N GLN CA 23 4.32 -12.78 -4.42
CA GLN CA 23 5.15 -12.41 -3.26
C GLN CA 23 4.84 -10.97 -2.91
N ALA CA 24 5.12 -10.08 -3.86
CA ALA CA 24 4.97 -8.63 -3.70
C ALA CA 24 5.80 -8.12 -2.51
N GLU CA 25 5.71 -6.82 -2.28
CA GLU CA 25 6.23 -6.16 -1.08
C GLU CA 25 5.36 -4.92 -0.82
N GLY CA 26 4.06 -5.07 -1.07
CA GLY CA 26 3.19 -3.93 -1.31
C GLY CA 26 3.60 -3.27 -2.61
N GLN CA 27 3.65 -4.07 -3.69
CA GLN CA 27 4.06 -3.57 -5.01
C GLN CA 27 3.52 -4.43 -6.17
N LEU CA 28 3.55 -3.84 -7.35
CA LEU CA 28 3.04 -4.43 -8.58
C LEU CA 28 4.21 -4.78 -9.49
N GLN CA 29 4.78 -5.97 -9.26
CA GLN CA 29 5.93 -6.48 -10.00
C GLN CA 29 5.49 -7.55 -10.98
N TRP CA 30 5.88 -7.40 -12.25
CA TRP CA 30 5.56 -8.36 -13.31
C TRP CA 30 6.62 -9.46 -13.43
N LEU CA 31 6.25 -10.56 -14.09
CA LEU CA 31 7.09 -11.76 -14.19
C LEU CA 31 7.57 -12.02 -15.62
N LEU CA 38 4.69 -15.00 -20.49
CA LEU CA 38 5.74 -15.25 -21.49
C LEU CA 38 6.00 -14.04 -22.41
N LEU CA 39 7.15 -14.07 -23.07
CA LEU CA 39 7.56 -13.10 -24.10
C LEU CA 39 7.98 -13.89 -25.34
N ALA CA 40 7.99 -13.23 -26.49
CA ALA CA 40 8.41 -13.86 -27.74
C ALA CA 40 8.54 -12.84 -28.87
N ASN CA 41 9.28 -13.23 -29.91
CA ASN CA 41 9.46 -12.42 -31.12
C ASN CA 41 10.02 -11.00 -30.86
N GLY CA 42 10.89 -10.88 -29.85
CA GLY CA 42 11.66 -9.67 -29.59
C GLY CA 42 11.18 -8.66 -28.56
N VAL CA 43 10.16 -9.00 -27.77
CA VAL CA 43 9.78 -8.19 -26.60
C VAL CA 43 10.56 -8.69 -25.39
N GLU CA 44 10.99 -7.76 -24.54
CA GLU CA 44 11.80 -8.08 -23.36
C GLU CA 44 11.29 -7.30 -22.13
N LEU CA 45 11.59 -7.82 -20.94
CA LEU CA 45 11.15 -7.24 -19.66
C LEU CA 45 12.34 -6.68 -18.87
N ARG CA 46 12.34 -5.36 -18.69
CA ARG CA 46 13.50 -4.64 -18.16
C ARG CA 46 12.98 -3.38 -17.50
N ASP CA 47 13.32 -3.22 -16.21
CA ASP CA 47 12.73 -2.20 -15.33
C ASP CA 47 11.19 -2.33 -15.27
N ASN CA 48 10.70 -3.57 -15.17
CA ASN CA 48 9.28 -3.87 -14.96
C ASN CA 48 8.36 -3.41 -16.12
N GLN CA 49 8.93 -3.18 -17.30
CA GLN CA 49 8.24 -2.54 -18.43
C GLN CA 49 8.44 -3.36 -19.70
N LEU CA 50 7.50 -3.22 -20.64
CA LEU CA 50 7.54 -3.97 -21.90
C LEU CA 50 8.23 -3.14 -22.99
N VAL CA 51 9.32 -3.68 -23.56
CA VAL CA 51 10.13 -3.00 -24.57
C VAL CA 51 9.78 -3.52 -25.97
N VAL CA 52 9.68 -2.60 -26.94
CA VAL CA 52 9.15 -2.91 -28.27
C VAL CA 52 10.25 -3.36 -29.28
N PRO CA 53 10.10 -4.55 -29.92
CA PRO CA 53 11.08 -4.99 -30.94
C PRO CA 53 11.11 -4.18 -32.21
N SER CA 54 9.94 -3.93 -32.79
CA SER CA 54 9.86 -3.12 -34.03
C SER CA 54 8.62 -2.23 -34.03
N GLU CA 55 8.68 -1.16 -34.82
CA GLU CA 55 7.58 -0.21 -35.00
C GLU CA 55 6.35 -0.86 -35.64
N GLY CA 56 5.18 -0.26 -35.37
CA GLY CA 56 3.91 -0.70 -35.96
C GLY CA 56 2.69 -0.53 -35.07
N LEU CA 57 1.60 -1.19 -35.45
CA LEU CA 57 0.36 -1.19 -34.66
C LEU CA 57 0.49 -2.20 -33.53
N TYR CA 58 0.18 -1.77 -32.32
CA TYR CA 58 0.23 -2.65 -31.16
C TYR CA 58 -1.05 -2.55 -30.38
N LEU CA 59 -1.78 -3.67 -30.34
CA LEU CA 59 -2.85 -3.83 -29.38
C LEU CA 59 -2.21 -4.07 -28.02
N ILE CA 60 -2.74 -3.39 -27.01
CA ILE CA 60 -2.20 -3.39 -25.66
C ILE CA 60 -3.35 -3.56 -24.71
N TYR CA 61 -3.11 -4.18 -23.56
CA TYR CA 61 -4.14 -4.30 -22.53
C TYR CA 61 -3.55 -4.65 -21.17
N SER CA 62 -4.38 -4.48 -20.15
CA SER CA 62 -4.02 -4.83 -18.79
C SER CA 62 -5.25 -5.07 -17.92
N GLN CA 63 -5.06 -5.73 -16.78
CA GLN CA 63 -6.12 -5.94 -15.78
C GLN CA 63 -5.51 -6.13 -14.39
N VAL CA 64 -6.19 -5.57 -13.38
CA VAL CA 64 -5.77 -5.66 -11.98
C VAL CA 64 -7.01 -5.80 -11.12
N LEU CA 65 -6.94 -6.69 -10.12
CA LEU CA 65 -8.02 -6.91 -9.19
C LEU CA 65 -7.64 -6.28 -7.85
N PHE CA 66 -8.63 -5.72 -7.17
CA PHE CA 66 -8.45 -5.18 -5.83
C PHE CA 66 -9.42 -5.81 -4.83
N LYS CA 67 -9.05 -5.76 -3.56
CA LYS CA 67 -9.87 -6.28 -2.47
C LYS CA 67 -9.57 -5.52 -1.17
N GLY CA 68 -10.61 -4.97 -0.55
CA GLY CA 68 -10.50 -4.38 0.76
C GLY CA 68 -11.31 -5.15 1.77
N GLN CA 69 -10.67 -5.60 2.84
CA GLN CA 69 -11.38 -6.11 4.01
C GLN CA 69 -11.93 -4.88 4.69
N GLY CA 70 -13.24 -4.83 4.89
CA GLY CA 70 -13.88 -3.68 5.51
C GLY CA 70 -13.84 -2.40 4.67
N CYS CA 71 -14.19 -1.28 5.30
CA CYS CA 71 -14.28 0.01 4.63
C CYS CA 71 -13.99 1.16 5.62
N PRO CA 72 -12.88 1.91 5.42
CA PRO CA 72 -12.48 2.91 6.41
C PRO CA 72 -13.29 4.20 6.31
N SER CA 73 -12.92 5.20 7.11
CA SER CA 73 -13.53 6.54 7.09
C SER CA 73 -12.93 7.44 6.01
N THR CA 74 -11.60 7.40 5.85
CA THR CA 74 -10.91 8.16 4.80
C THR CA 74 -11.15 7.58 3.41
N HIS CA 75 -11.03 8.43 2.40
CA HIS CA 75 -11.52 8.17 1.05
C HIS CA 75 -10.55 7.30 0.25
N VAL CA 76 -10.95 6.07 -0.02
CA VAL CA 76 -10.14 5.15 -0.84
C VAL CA 76 -10.45 5.36 -2.33
N LEU CA 77 -9.37 5.45 -3.10
CA LEU CA 77 -9.38 5.93 -4.48
C LEU CA 77 -8.41 5.00 -5.21
N LEU CA 78 -8.89 4.25 -6.19
CA LEU CA 78 -8.09 3.22 -6.83
C LEU CA 78 -7.85 3.55 -8.31
N THR CA 79 -6.57 3.59 -8.71
CA THR CA 79 -6.18 3.89 -10.09
C THR CA 79 -5.31 2.79 -10.66
N HIS CA 80 -5.31 2.75 -11.99
CA HIS CA 80 -4.48 1.83 -12.75
C HIS CA 80 -4.22 2.43 -14.13
N THR CA 81 -2.97 2.31 -14.59
CA THR CA 81 -2.51 3.11 -15.73
C THR CA 81 -1.48 2.38 -16.59
N ILE CA 82 -1.73 2.33 -17.90
CA ILE CA 82 -0.73 1.92 -18.88
C ILE CA 82 -0.14 3.17 -19.51
N SER CA 83 1.16 3.36 -19.31
CA SER CA 83 1.88 4.55 -19.77
C SER CA 83 2.90 4.16 -20.85
N ARG CA 84 3.25 5.13 -21.70
CA ARG CA 84 4.22 4.96 -22.79
C ARG CA 84 5.38 5.92 -22.64
N ILE CA 85 6.58 5.35 -22.55
CA ILE CA 85 7.80 6.13 -22.44
C ILE CA 85 8.44 6.12 -23.82
N ALA CA 86 8.38 7.27 -24.47
CA ALA CA 86 8.91 7.44 -25.81
C ALA CA 86 10.43 7.30 -25.81
N VAL CA 87 10.99 6.88 -26.94
CA VAL CA 87 12.45 6.73 -27.07
C VAL CA 87 13.13 8.10 -27.12
N SER CA 88 12.54 9.02 -27.87
CA SER CA 88 13.09 10.37 -28.00
C SER CA 88 12.72 11.23 -26.80
N TYR CA 89 11.42 11.32 -26.55
CA TYR CA 89 10.88 12.20 -25.50
C TYR CA 89 11.16 11.68 -24.09
N GLN CA 90 11.22 10.35 -23.92
CA GLN CA 90 11.65 9.71 -22.65
C GLN CA 90 10.73 9.91 -21.45
N THR CA 91 9.61 10.61 -21.63
CA THR CA 91 8.72 10.96 -20.55
C THR CA 91 7.47 10.08 -20.69
N LYS CA 92 6.94 9.74 -19.52
CA LYS CA 92 5.75 8.90 -19.40
C LYS CA 92 4.54 9.65 -19.97
N VAL CA 93 3.78 8.97 -20.83
CA VAL CA 93 2.57 9.54 -21.43
C VAL CA 93 1.46 8.49 -21.27
N ASN CA 94 0.31 8.89 -20.73
CA ASN CA 94 -0.81 7.97 -20.50
C ASN CA 94 -1.43 7.51 -21.79
N LEU CA 95 -1.31 6.21 -22.06
CA LEU CA 95 -2.04 5.60 -23.14
C LEU CA 95 -3.45 5.27 -22.68
N LEU CA 96 -3.51 4.64 -21.52
CA LEU CA 96 -4.73 4.03 -21.03
C LEU CA 96 -4.72 4.19 -19.53
N SER CA 97 -5.78 4.75 -18.98
CA SER CA 97 -5.94 4.76 -17.53
C SER CA 97 -7.36 4.93 -17.04
N ALA CA 98 -7.56 4.46 -15.80
CA ALA CA 98 -8.86 4.49 -15.12
C ALA CA 98 -8.75 4.57 -13.58
N ILE CA 99 -9.76 5.24 -13.00
CA ILE CA 99 -9.85 5.59 -11.57
C ILE CA 99 -11.19 5.07 -11.08
N LYS CA 100 -11.27 4.62 -9.82
CA LYS CA 100 -12.49 3.99 -9.27
C LYS CA 100 -12.56 4.16 -7.75
N SER CA 101 -13.76 4.48 -7.25
CA SER CA 101 -13.95 4.86 -5.85
C SER CA 101 -14.93 3.94 -5.12
N PRO CA 102 -14.44 2.83 -4.53
CA PRO CA 102 -15.34 1.82 -3.94
C PRO CA 102 -16.04 2.26 -2.66
N CYS CA 103 -15.27 2.78 -1.71
CA CYS CA 103 -15.78 3.09 -0.38
C CYS CA 103 -16.46 4.48 -0.39
N GLN CA 104 -17.75 4.48 -0.72
CA GLN CA 104 -18.59 5.70 -0.70
C GLN CA 104 -18.78 6.33 0.70
N ARG CA 105 -18.75 5.50 1.75
CA ARG CA 105 -18.96 5.94 3.14
C ARG CA 105 -18.39 4.94 4.18
N GLU CA 106 -18.26 5.40 5.43
CA GLU CA 106 -17.83 4.55 6.56
C GLU CA 106 -18.92 3.54 6.99
N THR CA 107 -18.49 2.51 7.74
CA THR CA 107 -19.38 1.44 8.22
C THR CA 107 -20.01 1.70 9.61
N PRO CA 108 -19.22 1.66 10.71
CA PRO CA 108 -19.82 1.60 12.06
C PRO CA 108 -20.40 2.93 12.56
N LYS CA 114 -17.69 -4.84 6.12
CA LYS CA 114 -17.83 -5.86 5.08
C LYS CA 114 -16.75 -5.77 4.00
N PRO CA 115 -16.28 -6.92 3.47
CA PRO CA 115 -15.28 -6.91 2.41
C PRO CA 115 -15.87 -6.61 1.03
N TRP CA 116 -15.05 -6.05 0.16
CA TRP CA 116 -15.49 -5.63 -1.17
C TRP CA 116 -14.40 -5.92 -2.20
N TYR CA 117 -14.81 -5.94 -3.47
CA TYR CA 117 -14.00 -6.41 -4.59
C TYR CA 117 -14.20 -5.49 -5.80
N GLU CA 118 -13.11 -4.94 -6.34
CA GLU CA 118 -13.17 -4.13 -7.57
C GLU CA 118 -12.03 -4.44 -8.57
N PRO CA 119 -12.37 -4.72 -9.86
CA PRO CA 119 -11.36 -4.88 -10.89
C PRO CA 119 -11.24 -3.61 -11.72
N ILE CA 120 -10.08 -3.46 -12.37
CA ILE CA 120 -9.88 -2.41 -13.36
C ILE CA 120 -9.11 -3.05 -14.52
N TYR CA 121 -9.63 -2.89 -15.73
CA TYR CA 121 -8.96 -3.35 -16.94
C TYR CA 121 -9.05 -2.34 -18.06
N LEU CA 122 -8.02 -2.38 -18.90
CA LEU CA 122 -7.79 -1.42 -19.94
C LEU CA 122 -7.35 -2.18 -21.20
N GLY CA 123 -7.54 -1.55 -22.34
CA GLY CA 123 -7.04 -2.08 -23.61
C GLY CA 123 -7.22 -1.11 -24.75
N GLY CA 124 -6.30 -1.18 -25.72
CA GLY CA 124 -6.38 -0.33 -26.89
C GLY CA 124 -5.45 -0.78 -27.99
N VAL CA 125 -5.50 -0.04 -29.09
CA VAL CA 125 -4.55 -0.18 -30.20
C VAL CA 125 -3.80 1.13 -30.31
N PHE CA 126 -2.49 1.04 -30.58
CA PHE CA 126 -1.61 2.19 -30.50
C PHE CA 126 -0.50 2.17 -31.52
N GLN CA 127 -0.20 3.36 -32.04
CA GLN CA 127 0.98 3.57 -32.87
C GLN CA 127 2.19 3.69 -31.93
N LEU CA 128 3.08 2.72 -32.07
CA LEU CA 128 4.31 2.67 -31.30
C LEU CA 128 5.51 2.68 -32.25
N GLU CA 129 6.65 3.05 -31.68
CA GLU CA 129 7.93 3.08 -32.36
C GLU CA 129 8.88 2.08 -31.72
N LYS CA 130 9.86 1.64 -32.51
CA LYS CA 130 10.88 0.69 -32.08
C LYS CA 130 11.71 1.22 -30.89
N GLY CA 131 11.69 0.49 -29.78
CA GLY CA 131 12.38 0.90 -28.55
C GLY CA 131 11.52 1.48 -27.42
N ASP CA 132 10.24 1.75 -27.69
CA ASP CA 132 9.30 2.25 -26.66
C ASP CA 132 9.20 1.29 -25.48
N ARG CA 133 9.01 1.86 -24.28
CA ARG CA 133 8.70 1.09 -23.08
C ARG CA 133 7.27 1.38 -22.65
N LEU CA 134 6.61 0.36 -22.10
CA LEU CA 134 5.24 0.48 -21.57
C LEU CA 134 5.15 -0.04 -20.15
N SER CA 135 4.29 0.60 -19.36
CA SER CA 135 4.28 0.40 -17.91
C SER CA 135 2.86 0.30 -17.37
N ALA CA 136 2.56 -0.81 -16.70
CA ALA CA 136 1.26 -1.01 -16.06
C ALA CA 136 1.46 -0.77 -14.56
N GLU CA 137 0.78 0.25 -14.04
CA GLU CA 137 0.99 0.72 -12.67
C GLU CA 137 -0.30 1.11 -11.98
N ILE CA 138 -0.28 1.04 -10.65
CA ILE CA 138 -1.42 1.36 -9.82
C ILE CA 138 -0.97 2.22 -8.65
N ASN CA 139 -1.87 3.08 -8.17
CA ASN CA 139 -1.58 3.88 -6.99
C ASN CA 139 -1.49 3.06 -5.68
N ARG CA 140 -2.28 1.99 -5.57
CA ARG CA 140 -2.38 1.21 -4.31
C ARG CA 140 -2.09 -0.31 -4.45
N PRO CA 141 -0.80 -0.69 -4.54
CA PRO CA 141 -0.42 -2.12 -4.45
C PRO CA 141 -0.68 -2.78 -3.10
N ASP CA 142 -0.88 -1.97 -2.07
CA ASP CA 142 -1.35 -2.46 -0.75
C ASP CA 142 -2.82 -2.92 -0.71
N TYR CA 143 -3.54 -2.89 -1.85
CA TYR CA 143 -4.93 -3.37 -1.94
C TYR CA 143 -5.14 -4.56 -2.91
N LEU CA 144 -4.07 -5.08 -3.53
CA LEU CA 144 -4.18 -6.13 -4.56
C LEU CA 144 -4.72 -7.46 -4.05
N ASP CA 145 -5.31 -8.24 -4.96
CA ASP CA 145 -5.77 -9.60 -4.66
C ASP CA 145 -5.19 -10.58 -5.68
N PHE CA 146 -4.14 -11.29 -5.26
CA PHE CA 146 -3.52 -12.33 -6.09
C PHE CA 146 -4.22 -13.69 -5.98
N ALA CA 147 -5.12 -13.85 -5.00
CA ALA CA 147 -5.74 -15.14 -4.69
C ALA CA 147 -6.61 -15.72 -5.81
N GLU CA 148 -7.28 -14.85 -6.57
CA GLU CA 148 -8.21 -15.28 -7.63
C GLU CA 148 -7.47 -15.62 -8.94
N SER CA 149 -6.91 -16.83 -8.99
CA SER CA 149 -6.37 -17.47 -10.22
C SER CA 149 -5.10 -16.88 -10.86
N GLY CA 150 -4.55 -15.80 -10.30
CA GLY CA 150 -3.53 -15.01 -10.99
C GLY CA 150 -4.10 -14.37 -12.25
N GLN CA 151 -5.21 -13.64 -12.07
CA GLN CA 151 -5.82 -12.84 -13.14
C GLN CA 151 -5.55 -11.36 -12.94
N VAL CA 152 -4.28 -11.05 -12.69
CA VAL CA 152 -3.74 -9.70 -12.71
C VAL CA 152 -2.69 -9.74 -13.82
N TYR CA 153 -2.86 -8.96 -14.88
CA TYR CA 153 -2.02 -9.14 -16.07
C TYR CA 153 -1.87 -7.91 -16.97
N PHE CA 154 -0.89 -8.00 -17.86
CA PHE CA 154 -0.47 -6.89 -18.73
C PHE CA 154 0.22 -7.51 -19.93
N GLY CA 155 -0.37 -7.36 -21.12
CA GLY CA 155 0.21 -7.91 -22.33
C GLY CA 155 0.00 -7.02 -23.52
N ILE CA 156 0.80 -7.26 -24.57
CA ILE CA 156 0.66 -6.60 -25.87
C ILE CA 156 0.75 -7.58 -27.03
N ILE CA 157 0.17 -7.19 -28.17
CA ILE CA 157 0.19 -8.00 -29.39
C ILE CA 157 0.47 -7.09 -30.57
N ALA CA 158 1.43 -7.49 -31.41
CA ALA CA 158 1.78 -6.75 -32.60
C ALA CA 158 0.76 -7.03 -33.68
N LEU CA 159 0.38 -5.98 -34.40
CA LEU CA 159 -0.37 -6.09 -35.63
C LEU CA 159 0.52 -5.56 -36.74
N SER DA 11 -1.45 -8.03 -42.92
CA SER DA 11 -0.53 -7.03 -42.30
C SER DA 11 -1.09 -5.60 -42.13
N ASP DA 12 -2.13 -5.25 -42.89
CA ASP DA 12 -2.61 -3.87 -43.02
C ASP DA 12 -4.15 -3.81 -42.89
N LYS DA 13 -4.67 -4.43 -41.84
CA LYS DA 13 -6.12 -4.51 -41.64
C LYS DA 13 -6.67 -3.21 -41.02
N PRO DA 14 -7.93 -2.82 -41.35
CA PRO DA 14 -8.54 -1.61 -40.79
C PRO DA 14 -8.48 -1.54 -39.26
N VAL DA 15 -8.09 -0.37 -38.74
CA VAL DA 15 -8.03 -0.09 -37.28
C VAL DA 15 -8.14 1.39 -36.98
N ALA DA 16 -8.62 1.68 -35.76
CA ALA DA 16 -8.64 3.04 -35.22
C ALA DA 16 -8.77 3.09 -33.69
N HIS DA 17 -8.30 4.21 -33.13
CA HIS DA 17 -8.40 4.51 -31.70
C HIS DA 17 -8.61 6.01 -31.62
N VAL DA 18 -9.72 6.45 -31.01
CA VAL DA 18 -10.00 7.89 -30.86
C VAL DA 18 -10.36 8.24 -29.41
N VAL DA 19 -10.00 9.46 -29.01
CA VAL DA 19 -10.06 9.92 -27.61
C VAL DA 19 -10.84 11.21 -27.50
N ALA DA 20 -11.31 11.50 -26.30
CA ALA DA 20 -12.17 12.66 -26.04
C ALA DA 20 -11.37 13.95 -26.11
N ASN DA 21 -11.98 14.96 -26.72
CA ASN DA 21 -11.39 16.30 -26.79
C ASN DA 21 -11.49 16.99 -25.42
N PRO DA 22 -10.35 17.24 -24.73
CA PRO DA 22 -10.45 17.95 -23.44
C PRO DA 22 -10.79 19.46 -23.53
N GLN DA 23 -10.80 20.03 -24.74
CA GLN DA 23 -11.15 21.46 -24.95
C GLN DA 23 -12.63 21.69 -25.39
N ALA DA 24 -13.52 20.72 -25.17
CA ALA DA 24 -14.93 20.82 -25.59
C ALA DA 24 -15.80 20.26 -24.47
N GLU DA 25 -16.44 21.16 -23.73
CA GLU DA 25 -16.90 20.84 -22.38
C GLU DA 25 -18.28 20.17 -22.31
N GLY DA 26 -19.29 20.74 -22.97
CA GLY DA 26 -20.65 20.19 -22.96
C GLY DA 26 -20.92 19.14 -24.02
N GLN DA 27 -19.95 18.25 -24.23
CA GLN DA 27 -19.94 17.34 -25.37
C GLN DA 27 -18.77 16.33 -25.30
N LEU DA 28 -19.08 15.08 -25.62
CA LEU DA 28 -18.06 14.05 -25.86
C LEU DA 28 -17.76 14.11 -27.35
N GLN DA 29 -16.61 14.66 -27.70
CA GLN DA 29 -16.20 14.82 -29.09
C GLN DA 29 -14.92 14.05 -29.24
N TRP DA 30 -14.96 13.01 -30.06
CA TRP DA 30 -13.79 12.16 -30.28
C TRP DA 30 -12.81 12.90 -31.17
N LEU DA 31 -11.55 12.45 -31.14
CA LEU DA 31 -10.45 13.02 -31.95
C LEU DA 31 -9.47 11.95 -32.40
N ASN DA 32 -8.99 12.08 -33.64
CA ASN DA 32 -7.81 11.34 -34.10
C ASN DA 32 -6.57 12.21 -34.25
N ARG DA 33 -6.73 13.52 -34.41
CA ARG DA 33 -5.57 14.45 -34.44
C ARG DA 33 -4.89 14.62 -33.05
N ARG DA 34 -4.32 13.54 -32.51
CA ARG DA 34 -3.61 13.52 -31.23
C ARG DA 34 -2.57 12.41 -31.20
N ALA DA 35 -1.53 12.61 -30.40
CA ALA DA 35 -0.55 11.57 -30.08
C ALA DA 35 -1.28 10.38 -29.46
N ASN DA 36 -0.89 9.18 -29.86
CA ASN DA 36 -1.53 7.93 -29.41
C ASN DA 36 -3.04 7.93 -29.67
N ALA DA 37 -3.38 8.38 -30.87
CA ALA DA 37 -4.72 8.29 -31.44
C ALA DA 37 -4.55 8.14 -32.95
N LEU DA 38 -5.32 7.23 -33.55
CA LEU DA 38 -5.08 6.81 -34.94
C LEU DA 38 -6.34 6.38 -35.69
N LEU DA 39 -6.28 6.53 -37.01
CA LEU DA 39 -7.24 6.00 -37.96
C LEU DA 39 -6.43 5.42 -39.08
N ALA DA 40 -6.26 4.10 -39.11
CA ALA DA 40 -5.53 3.47 -40.21
C ALA DA 40 -6.46 2.76 -41.19
N ASN DA 41 -5.91 2.49 -42.37
CA ASN DA 41 -6.47 1.58 -43.35
C ASN DA 41 -7.97 1.79 -43.53
N GLY DA 42 -8.32 2.96 -44.04
CA GLY DA 42 -9.68 3.26 -44.47
C GLY DA 42 -10.70 3.66 -43.43
N VAL DA 43 -10.41 3.41 -42.15
CA VAL DA 43 -11.35 3.80 -41.10
C VAL DA 43 -11.30 5.32 -41.04
N GLU DA 44 -12.47 5.95 -40.89
CA GLU DA 44 -12.59 7.42 -40.93
C GLU DA 44 -13.45 7.93 -39.78
N LEU DA 45 -13.05 9.06 -39.19
CA LEU DA 45 -13.88 9.76 -38.21
C LEU DA 45 -14.63 10.81 -39.00
N ARG DA 46 -15.95 10.85 -38.86
CA ARG DA 46 -16.79 11.80 -39.59
C ARG DA 46 -18.12 11.96 -38.85
N ASP DA 47 -18.59 13.20 -38.75
CA ASP DA 47 -19.69 13.60 -37.84
C ASP DA 47 -19.64 12.87 -36.48
N ASN DA 48 -18.44 12.67 -35.94
CA ASN DA 48 -18.21 12.05 -34.62
C ASN DA 48 -18.53 10.56 -34.54
N GLN DA 49 -18.53 9.92 -35.71
CA GLN DA 49 -18.83 8.49 -35.84
C GLN DA 49 -17.67 7.86 -36.61
N LEU DA 50 -17.13 6.76 -36.11
CA LEU DA 50 -16.12 5.99 -36.87
C LEU DA 50 -16.79 5.26 -38.04
N VAL DA 51 -16.24 5.41 -39.24
CA VAL DA 51 -16.86 4.98 -40.49
C VAL DA 51 -16.09 3.78 -41.06
N VAL DA 52 -16.78 2.64 -41.07
CA VAL DA 52 -16.20 1.37 -41.50
C VAL DA 52 -15.99 1.38 -43.01
N PRO DA 53 -14.77 1.06 -43.49
CA PRO DA 53 -14.51 1.05 -44.93
C PRO DA 53 -14.92 -0.24 -45.67
N SER DA 54 -15.06 -1.35 -44.94
CA SER DA 54 -15.30 -2.66 -45.56
C SER DA 54 -16.04 -3.64 -44.66
N GLU DA 55 -16.70 -4.62 -45.26
CA GLU DA 55 -17.45 -5.60 -44.49
C GLU DA 55 -16.50 -6.56 -43.77
N GLY DA 56 -16.80 -6.90 -42.52
CA GLY DA 56 -16.07 -7.97 -41.82
C GLY DA 56 -16.35 -8.04 -40.34
N LEU DA 57 -15.58 -8.87 -39.65
CA LEU DA 57 -15.59 -8.87 -38.18
C LEU DA 57 -14.67 -7.77 -37.69
N TYR DA 58 -15.18 -6.98 -36.74
CA TYR DA 58 -14.43 -5.94 -36.06
C TYR DA 58 -14.62 -6.08 -34.57
N LEU DA 59 -13.51 -6.04 -33.82
CA LEU DA 59 -13.54 -5.83 -32.37
C LEU DA 59 -13.84 -4.35 -32.16
N ILE DA 60 -14.83 -4.06 -31.33
CA ILE DA 60 -15.23 -2.70 -31.02
C ILE DA 60 -15.12 -2.53 -29.51
N TYR DA 61 -14.39 -1.50 -29.06
CA TYR DA 61 -14.23 -1.23 -27.62
C TYR DA 61 -14.40 0.25 -27.30
N SER DA 62 -14.68 0.56 -26.04
CA SER DA 62 -14.88 1.95 -25.60
C SER DA 62 -14.87 2.06 -24.09
N GLN DA 63 -13.98 2.90 -23.53
CA GLN DA 63 -13.99 3.26 -22.10
C GLN DA 63 -14.46 4.69 -21.94
N VAL DA 64 -15.33 4.94 -20.96
CA VAL DA 64 -15.60 6.32 -20.49
C VAL DA 64 -15.56 6.35 -18.98
N LEU DA 65 -15.05 7.44 -18.41
CA LEU DA 65 -14.86 7.57 -16.97
C LEU DA 65 -15.63 8.77 -16.48
N PHE DA 66 -16.40 8.58 -15.42
CA PHE DA 66 -17.25 9.63 -14.89
C PHE DA 66 -16.76 10.01 -13.51
N LYS DA 67 -16.80 11.30 -13.18
CA LYS DA 67 -16.45 11.79 -11.84
C LYS DA 67 -17.47 12.83 -11.42
N GLY DA 68 -17.87 12.82 -10.16
CA GLY DA 68 -18.80 13.82 -9.63
C GLY DA 68 -18.37 14.39 -8.28
N GLN DA 69 -18.52 15.71 -8.12
CA GLN DA 69 -18.21 16.40 -6.87
C GLN DA 69 -19.42 16.21 -5.95
N GLY DA 70 -19.60 14.99 -5.45
CA GLY DA 70 -20.71 14.67 -4.55
C GLY DA 70 -21.96 14.11 -5.19
N CYS DA 71 -22.96 13.88 -4.33
CA CYS DA 71 -24.21 13.21 -4.67
C CYS DA 71 -25.40 14.12 -4.35
N PRO DA 72 -25.84 14.93 -5.33
CA PRO DA 72 -26.93 15.90 -5.08
C PRO DA 72 -28.33 15.26 -4.96
N SER DA 73 -28.59 14.22 -5.75
CA SER DA 73 -29.79 13.37 -5.60
C SER DA 73 -29.39 11.90 -5.81
N THR DA 74 -30.27 10.98 -5.40
CA THR DA 74 -30.06 9.54 -5.65
C THR DA 74 -30.39 9.11 -7.09
N HIS DA 75 -31.10 9.98 -7.81
CA HIS DA 75 -31.61 9.69 -9.16
C HIS DA 75 -30.62 10.03 -10.28
N VAL DA 76 -29.35 10.18 -9.95
CA VAL DA 76 -28.32 10.45 -10.94
C VAL DA 76 -28.17 9.17 -11.76
N LEU DA 77 -28.15 9.33 -13.08
CA LEU DA 77 -28.25 8.22 -14.02
C LEU DA 77 -27.19 8.40 -15.10
N LEU DA 78 -26.42 7.36 -15.33
CA LEU DA 78 -25.30 7.39 -16.27
C LEU DA 78 -25.42 6.34 -17.35
N THR DA 79 -25.33 6.76 -18.61
CA THR DA 79 -25.39 5.88 -19.75
C THR DA 79 -24.13 5.99 -20.62
N HIS DA 80 -23.89 4.93 -21.37
CA HIS DA 80 -22.82 4.84 -22.36
C HIS DA 80 -23.25 3.75 -23.30
N THR DA 81 -23.05 3.96 -24.61
CA THR DA 81 -23.85 3.28 -25.62
C THR DA 81 -23.25 3.38 -27.03
N ILE DA 82 -22.55 2.32 -27.45
CA ILE DA 82 -22.09 2.16 -28.82
C ILE DA 82 -23.29 1.62 -29.62
N SER DA 83 -23.34 2.00 -30.89
CA SER DA 83 -24.55 1.84 -31.73
C SER DA 83 -24.21 2.01 -33.21
N ARG DA 84 -24.78 1.13 -34.02
CA ARG DA 84 -24.42 0.96 -35.44
C ARG DA 84 -25.47 1.59 -36.35
N ILE DA 85 -25.01 2.24 -37.43
CA ILE DA 85 -25.90 2.72 -38.49
C ILE DA 85 -25.38 2.20 -39.84
N ALA DA 86 -26.01 1.15 -40.32
CA ALA DA 86 -25.73 0.62 -41.63
C ALA DA 86 -26.31 1.54 -42.66
N VAL DA 87 -25.82 1.38 -43.88
CA VAL DA 87 -26.21 2.24 -44.97
C VAL DA 87 -27.62 1.85 -45.38
N SER DA 88 -27.82 0.58 -45.74
CA SER DA 88 -29.11 0.11 -46.29
C SER DA 88 -30.29 0.36 -45.38
N TYR DA 89 -30.18 -0.02 -44.11
CA TYR DA 89 -31.30 0.11 -43.16
C TYR DA 89 -31.47 1.54 -42.63
N GLN DA 90 -30.36 2.23 -42.39
CA GLN DA 90 -30.38 3.65 -42.01
C GLN DA 90 -31.14 3.94 -40.70
N THR DA 91 -30.94 3.11 -39.68
CA THR DA 91 -31.40 3.45 -38.34
C THR DA 91 -30.45 2.92 -37.29
N LYS DA 92 -30.55 3.54 -36.12
CA LYS DA 92 -29.59 3.44 -35.06
C LYS DA 92 -29.79 2.13 -34.29
N VAL DA 93 -29.14 1.07 -34.77
CA VAL DA 93 -29.18 -0.26 -34.17
C VAL DA 93 -28.14 -0.30 -33.06
N ASN DA 94 -28.59 -0.45 -31.80
CA ASN DA 94 -27.70 -0.45 -30.64
C ASN DA 94 -26.95 -1.78 -30.46
N LEU DA 95 -25.65 -1.71 -30.27
CA LEU DA 95 -24.85 -2.91 -30.08
C LEU DA 95 -24.44 -3.15 -28.62
N LEU DA 96 -23.94 -2.14 -27.93
CA LEU DA 96 -23.48 -2.32 -26.53
C LEU DA 96 -23.97 -1.18 -25.64
N SER DA 97 -24.25 -1.54 -24.40
CA SER DA 97 -25.11 -0.76 -23.54
C SER DA 97 -24.78 -0.99 -22.08
N ALA DA 98 -24.53 0.09 -21.35
CA ALA DA 98 -24.31 0.03 -19.88
C ALA DA 98 -25.01 1.20 -19.19
N ILE DA 99 -25.62 0.93 -18.04
CA ILE DA 99 -26.29 1.94 -17.20
C ILE DA 99 -25.84 1.84 -15.74
N LYS DA 100 -25.37 2.96 -15.19
CA LYS DA 100 -24.93 3.05 -13.79
C LYS DA 100 -25.70 4.15 -13.07
N SER DA 101 -26.05 3.87 -11.82
CA SER DA 101 -26.58 4.87 -10.90
C SER DA 101 -25.56 4.95 -9.77
N PRO DA 102 -24.71 5.99 -9.79
CA PRO DA 102 -23.44 5.95 -9.12
C PRO DA 102 -23.50 6.49 -7.70
N CYS DA 103 -24.69 6.54 -7.12
CA CYS DA 103 -25.03 7.61 -6.21
C CYS DA 103 -26.24 7.22 -5.37
N GLN DA 104 -26.04 6.21 -4.52
CA GLN DA 104 -27.12 5.59 -3.75
C GLN DA 104 -27.59 6.44 -2.57
N ARG DA 105 -26.65 7.02 -1.84
CA ARG DA 105 -26.94 7.80 -0.62
C ARG DA 105 -26.52 9.25 -0.86
N GLU DA 106 -27.34 10.19 -0.42
CA GLU DA 106 -26.98 11.63 -0.44
C GLU DA 106 -25.91 11.91 0.62
N THR DA 107 -24.67 12.17 0.19
CA THR DA 107 -23.61 12.62 1.11
C THR DA 107 -23.92 14.00 1.75
N PRO DA 108 -24.38 14.99 0.95
CA PRO DA 108 -24.56 16.32 1.54
C PRO DA 108 -25.81 16.43 2.42
N GLU DA 109 -26.05 17.66 2.91
CA GLU DA 109 -27.11 18.04 3.85
C GLU DA 109 -26.52 19.20 4.63
N GLY DA 110 -25.40 18.91 5.29
CA GLY DA 110 -24.57 19.90 5.93
C GLY DA 110 -23.19 19.76 5.33
N ALA DA 111 -23.10 20.09 4.04
CA ALA DA 111 -21.83 20.21 3.32
C ALA DA 111 -21.05 18.89 3.15
N GLU DA 112 -19.88 18.97 2.53
CA GLU DA 112 -18.95 17.85 2.41
C GLU DA 112 -19.15 16.79 1.31
N ALA DA 113 -19.22 17.24 0.07
CA ALA DA 113 -19.27 16.30 -1.04
C ALA DA 113 -18.02 15.43 -1.03
N LYS DA 114 -18.23 14.12 -1.15
CA LYS DA 114 -17.16 13.19 -1.52
C LYS DA 114 -17.18 13.02 -3.04
N PRO DA 115 -16.00 13.11 -3.70
CA PRO DA 115 -15.98 12.82 -5.12
C PRO DA 115 -16.17 11.32 -5.42
N TRP DA 116 -16.94 10.99 -6.45
CA TRP DA 116 -17.13 9.59 -6.89
C TRP DA 116 -16.60 9.41 -8.30
N TYR DA 117 -16.23 8.16 -8.60
CA TYR DA 117 -15.72 7.78 -9.91
C TYR DA 117 -16.51 6.57 -10.43
N GLU DA 118 -16.76 6.55 -11.74
CA GLU DA 118 -17.42 5.43 -12.41
C GLU DA 118 -16.88 5.23 -13.83
N PRO DA 119 -15.88 4.34 -14.00
CA PRO DA 119 -15.50 3.91 -15.35
C PRO DA 119 -16.55 2.99 -15.87
N ILE DA 120 -16.90 3.15 -17.14
CA ILE DA 120 -17.75 2.21 -17.88
C ILE DA 120 -16.96 1.68 -19.09
N TYR DA 121 -16.69 0.37 -19.13
CA TYR DA 121 -16.05 -0.28 -20.29
C TYR DA 121 -17.05 -1.15 -21.09
N LEU DA 122 -17.14 -0.93 -22.40
CA LEU DA 122 -18.01 -1.69 -23.30
C LEU DA 122 -17.17 -2.27 -24.43
N GLY DA 123 -17.49 -3.48 -24.87
CA GLY DA 123 -16.92 -3.99 -26.09
C GLY DA 123 -17.39 -5.37 -26.49
N GLY DA 124 -17.10 -5.71 -27.75
CA GLY DA 124 -17.32 -7.05 -28.26
C GLY DA 124 -16.74 -7.25 -29.65
N VAL DA 125 -17.34 -8.15 -30.44
CA VAL DA 125 -16.92 -8.43 -31.82
C VAL DA 125 -18.14 -8.74 -32.68
N PHE DA 126 -18.26 -8.00 -33.78
CA PHE DA 126 -19.53 -7.77 -34.45
C PHE DA 126 -19.36 -7.71 -35.94
N GLN DA 127 -20.20 -8.44 -36.67
CA GLN DA 127 -20.22 -8.36 -38.13
C GLN DA 127 -20.61 -6.94 -38.53
N LEU DA 128 -19.74 -6.28 -39.29
CA LEU DA 128 -19.98 -4.92 -39.79
C LEU DA 128 -20.02 -4.92 -41.29
N GLU DA 129 -20.79 -4.01 -41.87
CA GLU DA 129 -20.81 -3.78 -43.31
C GLU DA 129 -20.00 -2.56 -43.69
N LYS DA 130 -19.70 -2.47 -44.99
CA LYS DA 130 -19.09 -1.29 -45.57
C LYS DA 130 -20.02 -0.11 -45.43
N GLY DA 131 -19.47 1.01 -45.00
CA GLY DA 131 -20.23 2.24 -44.78
C GLY DA 131 -20.91 2.38 -43.43
N ASP DA 132 -20.78 1.38 -42.56
CA ASP DA 132 -21.50 1.41 -41.29
C ASP DA 132 -20.88 2.47 -40.38
N ARG DA 133 -21.68 3.44 -39.98
CA ARG DA 133 -21.27 4.43 -39.02
C ARG DA 133 -21.45 3.89 -37.61
N LEU DA 134 -20.32 3.69 -36.91
CA LEU DA 134 -20.29 3.37 -35.49
C LEU DA 134 -20.24 4.65 -34.67
N SER DA 135 -20.94 4.67 -33.54
CA SER DA 135 -20.95 5.83 -32.67
C SER DA 135 -21.05 5.48 -31.19
N ALA DA 136 -20.10 5.96 -30.37
CA ALA DA 136 -20.08 5.79 -28.90
C ALA DA 136 -20.59 7.06 -28.25
N GLU DA 137 -21.61 6.93 -27.40
CA GLU DA 137 -22.29 8.09 -26.83
C GLU DA 137 -22.44 8.00 -25.31
N ILE DA 138 -22.70 9.16 -24.69
CA ILE DA 138 -23.07 9.26 -23.27
C ILE DA 138 -24.20 10.27 -23.10
N ASN DA 139 -24.80 10.32 -21.91
CA ASN DA 139 -25.91 11.26 -21.62
C ASN DA 139 -25.54 12.46 -20.75
N ARG DA 140 -24.55 12.28 -19.86
CA ARG DA 140 -24.01 13.36 -19.03
C ARG DA 140 -22.56 13.63 -19.42
N PRO DA 141 -22.36 14.46 -20.46
CA PRO DA 141 -21.04 15.00 -20.76
C PRO DA 141 -20.48 15.79 -19.58
N ASP DA 142 -21.36 16.48 -18.87
CA ASP DA 142 -20.99 17.25 -17.70
C ASP DA 142 -20.59 16.47 -16.42
N TYR DA 143 -20.40 15.15 -16.47
CA TYR DA 143 -19.72 14.39 -15.38
C TYR DA 143 -18.50 13.63 -15.95
N LEU DA 144 -18.11 13.93 -17.19
CA LEU DA 144 -16.95 13.27 -17.82
C LEU DA 144 -15.63 13.75 -17.21
N ASP DA 145 -14.64 12.88 -17.23
CA ASP DA 145 -13.33 13.14 -16.66
C ASP DA 145 -12.30 13.03 -17.77
N PHE DA 146 -12.04 14.16 -18.43
CA PHE DA 146 -10.92 14.31 -19.37
C PHE DA 146 -9.62 14.40 -18.59
N ALA DA 147 -9.62 15.30 -17.58
CA ALA DA 147 -8.43 15.67 -16.80
C ALA DA 147 -7.11 15.15 -17.41
N GLU DA 148 -6.58 14.01 -16.94
CA GLU DA 148 -5.37 13.42 -17.50
C GLU DA 148 -5.78 12.50 -18.66
N SER DA 149 -4.97 12.48 -19.73
CA SER DA 149 -5.26 11.66 -20.92
C SER DA 149 -5.32 10.18 -20.56
N GLY DA 150 -5.95 9.41 -21.45
CA GLY DA 150 -6.10 7.95 -21.32
C GLY DA 150 -7.40 7.45 -20.69
N GLN DA 151 -8.27 8.36 -20.27
CA GLN DA 151 -9.46 8.02 -19.48
C GLN DA 151 -10.69 7.69 -20.33
N VAL DA 152 -10.79 8.36 -21.49
CA VAL DA 152 -11.94 8.26 -22.38
C VAL DA 152 -11.49 7.88 -23.79
N TYR DA 153 -11.72 6.63 -24.19
CA TYR DA 153 -11.38 6.20 -25.57
C TYR DA 153 -12.50 5.42 -26.27
N PHE DA 154 -12.30 5.19 -27.56
CA PHE DA 154 -13.24 4.46 -28.40
C PHE DA 154 -12.49 4.01 -29.63
N GLY DA 155 -12.33 2.71 -29.82
CA GLY DA 155 -11.59 2.16 -30.97
C GLY DA 155 -12.20 0.91 -31.57
N ILE DA 156 -11.72 0.55 -32.77
CA ILE DA 156 -12.14 -0.67 -33.50
C ILE DA 156 -10.98 -1.39 -34.17
N ILE DA 157 -11.13 -2.68 -34.41
CA ILE DA 157 -10.06 -3.49 -35.04
C ILE DA 157 -10.69 -4.60 -35.87
N ALA DA 158 -10.18 -4.80 -37.10
CA ALA DA 158 -10.72 -5.81 -38.01
C ALA DA 158 -9.99 -7.14 -37.87
N LEU DA 159 -10.60 -8.10 -37.19
CA LEU DA 159 -10.01 -9.45 -37.11
C LEU DA 159 -10.05 -10.16 -38.46
N PRO EA 10 3.16 -19.27 -16.59
CA PRO EA 10 2.34 -20.25 -15.89
C PRO EA 10 0.86 -19.85 -15.72
N SER EA 11 0.00 -20.83 -15.43
CA SER EA 11 -1.44 -20.61 -15.21
C SER EA 11 -2.09 -21.80 -14.48
N ASP EA 12 -3.30 -21.62 -13.95
CA ASP EA 12 -4.02 -22.68 -13.21
C ASP EA 12 -5.10 -23.42 -14.01
N LYS EA 13 -5.64 -22.77 -15.05
CA LYS EA 13 -6.57 -23.41 -15.99
C LYS EA 13 -5.79 -24.20 -17.05
N PRO EA 14 -6.09 -25.51 -17.21
CA PRO EA 14 -5.45 -26.31 -18.27
C PRO EA 14 -5.62 -25.76 -19.69
N VAL EA 15 -4.50 -25.58 -20.40
CA VAL EA 15 -4.48 -24.90 -21.71
C VAL EA 15 -3.47 -25.52 -22.68
N ALA EA 16 -3.70 -25.30 -23.97
CA ALA EA 16 -2.84 -25.85 -25.02
C ALA EA 16 -3.03 -25.14 -26.37
N HIS EA 17 -2.00 -25.21 -27.20
CA HIS EA 17 -1.98 -24.54 -28.50
C HIS EA 17 -0.77 -25.01 -29.32
N VAL EA 18 -0.99 -25.94 -30.25
CA VAL EA 18 0.09 -26.56 -31.05
C VAL EA 18 0.02 -26.17 -32.52
N VAL EA 19 1.12 -26.39 -33.25
CA VAL EA 19 1.21 -26.05 -34.68
C VAL EA 19 1.81 -27.17 -35.52
N ALA EA 20 1.38 -27.23 -36.78
CA ALA EA 20 1.85 -28.22 -37.73
C ALA EA 20 3.31 -28.01 -38.10
N ASN EA 21 3.98 -29.12 -38.43
CA ASN EA 21 5.40 -29.11 -38.76
C ASN EA 21 5.59 -28.97 -40.26
N PRO EA 22 6.42 -27.98 -40.69
CA PRO EA 22 6.88 -27.94 -42.09
C PRO EA 22 7.79 -29.11 -42.50
N GLN EA 23 8.61 -29.61 -41.57
CA GLN EA 23 9.53 -30.73 -41.84
C GLN EA 23 8.83 -32.08 -42.11
N ALA EA 24 7.59 -32.23 -41.63
CA ALA EA 24 6.82 -33.47 -41.83
C ALA EA 24 6.24 -33.53 -43.26
N GLU EA 25 6.84 -34.37 -44.11
CA GLU EA 25 6.49 -34.48 -45.53
C GLU EA 25 5.30 -35.40 -45.75
N GLY EA 26 4.19 -34.84 -46.25
CA GLY EA 26 2.97 -35.59 -46.55
C GLY EA 26 2.23 -36.07 -45.32
N GLN EA 27 2.15 -35.23 -44.29
CA GLN EA 27 1.50 -35.58 -43.02
C GLN EA 27 1.22 -34.34 -42.14
N LEU EA 28 0.03 -34.31 -41.54
CA LEU EA 28 -0.30 -33.29 -40.54
C LEU EA 28 0.28 -33.71 -39.20
N GLN EA 29 1.43 -33.12 -38.85
CA GLN EA 29 2.08 -33.39 -37.57
C GLN EA 29 2.22 -32.13 -36.73
N TRP EA 30 1.57 -32.12 -35.57
CA TRP EA 30 1.64 -31.01 -34.61
C TRP EA 30 2.97 -31.08 -33.87
N LEU EA 31 3.54 -29.91 -33.54
CA LEU EA 31 4.75 -29.84 -32.70
C LEU EA 31 4.52 -28.88 -31.54
N ASN EA 32 5.22 -29.13 -30.43
CA ASN EA 32 4.90 -28.52 -29.12
C ASN EA 32 5.99 -27.61 -28.49
N ARG EA 33 7.24 -28.06 -28.48
CA ARG EA 33 8.35 -27.27 -27.90
C ARG EA 33 8.96 -26.38 -28.99
N ARG EA 34 8.18 -25.37 -29.38
CA ARG EA 34 8.56 -24.40 -30.40
C ARG EA 34 8.13 -23.00 -29.98
N ALA EA 35 8.51 -21.99 -30.76
CA ALA EA 35 8.16 -20.59 -30.48
C ALA EA 35 6.66 -20.35 -30.59
N ASN EA 36 6.09 -20.75 -31.72
CA ASN EA 36 4.65 -20.63 -31.97
C ASN EA 36 3.80 -21.59 -31.11
N ALA EA 37 4.40 -22.71 -30.67
CA ALA EA 37 3.68 -23.79 -29.96
C ALA EA 37 3.81 -23.73 -28.43
N LEU EA 38 2.83 -24.33 -27.74
CA LEU EA 38 2.68 -24.20 -26.29
C LEU EA 38 1.76 -25.25 -25.67
N LEU EA 39 2.23 -25.86 -24.59
CA LEU EA 39 1.43 -26.73 -23.72
C LEU EA 39 1.64 -26.30 -22.26
N ALA EA 40 0.62 -26.50 -21.42
CA ALA EA 40 0.73 -26.17 -19.98
C ALA EA 40 -0.32 -26.89 -19.13
N ASN EA 41 0.00 -27.03 -17.85
CA ASN EA 41 -0.82 -27.75 -16.87
C ASN EA 41 -1.11 -29.21 -17.27
N GLY EA 42 -0.06 -29.94 -17.61
CA GLY EA 42 -0.15 -31.38 -17.90
C GLY EA 42 -0.97 -31.78 -19.11
N VAL EA 43 -1.08 -30.87 -20.09
CA VAL EA 43 -1.78 -31.13 -21.34
C VAL EA 43 -0.76 -31.64 -22.35
N GLU EA 44 -0.63 -32.97 -22.46
CA GLU EA 44 0.47 -33.63 -23.20
C GLU EA 44 0.14 -33.84 -24.67
N LEU EA 45 1.08 -33.47 -25.57
CA LEU EA 45 0.98 -33.86 -26.98
C LEU EA 45 1.55 -35.27 -27.11
N ARG EA 46 0.75 -36.24 -26.66
CA ARG EA 46 1.20 -37.62 -26.51
C ARG EA 46 0.87 -38.37 -27.80
N ASP EA 47 1.89 -38.53 -28.66
CA ASP EA 47 1.81 -39.25 -29.94
C ASP EA 47 0.95 -38.49 -30.97
N ASN EA 48 1.16 -37.17 -31.05
CA ASN EA 48 0.36 -36.27 -31.91
C ASN EA 48 -1.12 -36.11 -31.46
N GLN EA 49 -1.39 -36.34 -30.17
CA GLN EA 49 -2.75 -36.23 -29.60
C GLN EA 49 -2.70 -35.46 -28.29
N LEU EA 50 -3.65 -34.55 -28.07
CA LEU EA 50 -3.72 -33.83 -26.78
C LEU EA 50 -4.41 -34.69 -25.70
N VAL EA 51 -3.79 -34.77 -24.52
CA VAL EA 51 -4.28 -35.56 -23.38
C VAL EA 51 -4.90 -34.62 -22.34
N VAL EA 52 -6.10 -34.93 -21.87
CA VAL EA 52 -6.79 -34.14 -20.85
C VAL EA 52 -6.23 -34.47 -19.46
N PRO EA 53 -5.71 -33.46 -18.72
CA PRO EA 53 -5.22 -33.69 -17.35
C PRO EA 53 -6.29 -33.67 -16.24
N SER EA 54 -7.46 -33.08 -16.51
CA SER EA 54 -8.56 -33.08 -15.52
C SER EA 54 -9.90 -32.79 -16.18
N GLU EA 55 -10.96 -33.39 -15.62
CA GLU EA 55 -12.30 -33.31 -16.20
C GLU EA 55 -12.92 -31.93 -16.06
N GLY EA 56 -13.72 -31.54 -17.05
CA GLY EA 56 -14.41 -30.25 -17.06
C GLY EA 56 -14.78 -29.76 -18.44
N LEU EA 57 -15.19 -28.49 -18.51
CA LEU EA 57 -15.53 -27.84 -19.76
C LEU EA 57 -14.25 -27.44 -20.48
N TYR EA 58 -14.28 -27.52 -21.80
CA TYR EA 58 -13.13 -27.20 -22.65
C TYR EA 58 -13.58 -26.55 -23.95
N LEU EA 59 -13.16 -25.31 -24.15
CA LEU EA 59 -13.29 -24.64 -25.43
C LEU EA 59 -12.20 -25.26 -26.30
N ILE EA 60 -12.61 -25.88 -27.39
CA ILE EA 60 -11.69 -26.50 -28.34
C ILE EA 60 -11.75 -25.69 -29.63
N TYR EA 61 -10.64 -25.65 -30.35
CA TYR EA 61 -10.56 -24.92 -31.61
C TYR EA 61 -9.40 -25.41 -32.46
N SER EA 62 -9.52 -25.18 -33.77
CA SER EA 62 -8.45 -25.50 -34.72
C SER EA 62 -8.65 -24.74 -36.02
N GLN EA 63 -7.54 -24.48 -36.70
CA GLN EA 63 -7.54 -23.89 -38.03
C GLN EA 63 -6.50 -24.59 -38.86
N VAL EA 64 -6.88 -24.91 -40.09
CA VAL EA 64 -5.99 -25.55 -41.05
C VAL EA 64 -6.20 -24.89 -42.41
N LEU EA 65 -5.14 -24.88 -43.23
CA LEU EA 65 -5.15 -24.25 -44.54
C LEU EA 65 -4.67 -25.24 -45.61
N PHE EA 66 -5.39 -25.29 -46.73
CA PHE EA 66 -4.94 -25.99 -47.93
C PHE EA 66 -4.72 -24.97 -49.05
N LYS EA 67 -3.93 -25.34 -50.06
CA LYS EA 67 -3.69 -24.51 -51.24
C LYS EA 67 -3.32 -25.35 -52.47
N GLY EA 68 -3.75 -24.91 -53.65
CA GLY EA 68 -3.46 -25.61 -54.93
C GLY EA 68 -3.44 -24.71 -56.15
N GLN EA 69 -2.80 -25.19 -57.22
CA GLN EA 69 -2.62 -24.44 -58.47
C GLN EA 69 -3.69 -24.77 -59.51
N GLY EA 70 -4.05 -23.77 -60.32
CA GLY EA 70 -5.02 -23.90 -61.42
C GLY EA 70 -6.23 -24.71 -61.03
N CYS EA 71 -6.40 -25.87 -61.67
CA CYS EA 71 -7.39 -26.88 -61.25
C CYS EA 71 -7.24 -28.20 -62.01
N PRO EA 72 -6.94 -29.30 -61.31
CA PRO EA 72 -6.82 -30.59 -62.00
C PRO EA 72 -8.19 -31.18 -62.36
N SER EA 73 -8.24 -31.94 -63.44
CA SER EA 73 -9.51 -32.53 -63.94
C SER EA 73 -10.02 -33.66 -63.04
N THR EA 74 -9.09 -34.36 -62.40
CA THR EA 74 -9.41 -35.12 -61.20
C THR EA 74 -9.87 -34.14 -60.11
N HIS EA 75 -11.17 -34.16 -59.81
CA HIS EA 75 -11.80 -33.11 -59.01
C HIS EA 75 -11.55 -33.33 -57.51
N VAL EA 76 -11.01 -32.30 -56.86
CA VAL EA 76 -10.31 -32.41 -55.57
C VAL EA 76 -11.23 -32.14 -54.36
N LEU EA 77 -10.90 -32.77 -53.22
CA LEU EA 77 -11.72 -32.74 -52.00
C LEU EA 77 -10.88 -32.45 -50.74
N LEU EA 78 -11.40 -31.58 -49.87
CA LEU EA 78 -10.74 -31.22 -48.61
C LEU EA 78 -11.64 -31.53 -47.43
N THR EA 79 -11.04 -32.03 -46.35
CA THR EA 79 -11.72 -32.20 -45.06
C THR EA 79 -10.81 -31.85 -43.90
N HIS EA 80 -11.43 -31.69 -42.73
CA HIS EA 80 -10.71 -31.46 -41.50
C HIS EA 80 -11.58 -31.77 -40.31
N THR EA 81 -11.10 -32.66 -39.46
CA THR EA 81 -11.89 -33.27 -38.41
C THR EA 81 -11.16 -33.19 -37.08
N ILE EA 82 -11.90 -32.94 -36.00
CA ILE EA 82 -11.41 -33.09 -34.63
C ILE EA 82 -12.29 -34.16 -33.99
N SER EA 83 -11.65 -35.12 -33.32
CA SER EA 83 -12.33 -36.29 -32.78
C SER EA 83 -11.94 -36.53 -31.35
N ARG EA 84 -12.79 -37.28 -30.64
CA ARG EA 84 -12.60 -37.60 -29.23
C ARG EA 84 -12.59 -39.11 -29.04
N ILE EA 85 -11.56 -39.59 -28.35
CA ILE EA 85 -11.42 -40.99 -27.97
C ILE EA 85 -11.26 -41.02 -26.46
N ALA EA 86 -12.33 -41.37 -25.75
CA ALA EA 86 -12.26 -41.59 -24.30
C ALA EA 86 -11.32 -42.74 -23.98
N VAL EA 87 -10.92 -42.86 -22.72
CA VAL EA 87 -10.16 -44.03 -22.27
C VAL EA 87 -11.11 -45.23 -22.10
N SER EA 88 -12.38 -44.95 -21.82
CA SER EA 88 -13.38 -45.99 -21.53
C SER EA 88 -13.89 -46.75 -22.77
N TYR EA 89 -14.68 -46.09 -23.62
CA TYR EA 89 -15.31 -46.72 -24.78
C TYR EA 89 -14.29 -46.93 -25.91
N GLN EA 90 -13.49 -45.88 -26.17
CA GLN EA 90 -12.29 -45.95 -27.06
C GLN EA 90 -12.54 -45.80 -28.58
N THR EA 91 -13.80 -45.72 -29.00
CA THR EA 91 -14.14 -45.44 -30.40
C THR EA 91 -13.98 -43.94 -30.63
N LYS EA 92 -13.39 -43.60 -31.77
CA LYS EA 92 -13.11 -42.21 -32.13
C LYS EA 92 -14.38 -41.55 -32.68
N VAL EA 93 -15.10 -40.85 -31.80
CA VAL EA 93 -16.31 -40.09 -32.16
C VAL EA 93 -15.92 -38.70 -32.68
N ASN EA 94 -16.65 -38.22 -33.69
CA ASN EA 94 -16.44 -36.87 -34.23
C ASN EA 94 -16.99 -35.78 -33.33
N LEU EA 95 -16.14 -34.79 -33.02
CA LEU EA 95 -16.55 -33.61 -32.27
C LEU EA 95 -16.94 -32.49 -33.24
N LEU EA 96 -16.01 -32.15 -34.12
CA LEU EA 96 -16.21 -31.07 -35.09
C LEU EA 96 -15.55 -31.48 -36.38
N SER EA 97 -16.30 -31.44 -37.49
CA SER EA 97 -15.73 -31.71 -38.81
C SER EA 97 -16.29 -30.79 -39.87
N ALA EA 98 -15.60 -30.72 -41.01
CA ALA EA 98 -15.88 -29.70 -42.02
C ALA EA 98 -15.22 -30.04 -43.34
N ILE EA 99 -15.98 -29.84 -44.42
CA ILE EA 99 -15.63 -30.31 -45.77
C ILE EA 99 -15.71 -29.14 -46.75
N LYS EA 100 -14.87 -29.14 -47.77
CA LYS EA 100 -14.79 -28.04 -48.74
C LYS EA 100 -14.65 -28.61 -50.17
N SER EA 101 -15.05 -27.84 -51.18
CA SER EA 101 -14.97 -28.22 -52.60
C SER EA 101 -14.24 -27.16 -53.46
N PRO EA 102 -12.91 -26.99 -53.25
CA PRO EA 102 -12.17 -25.87 -53.88
C PRO EA 102 -12.19 -25.87 -55.40
N CYS EA 103 -11.90 -27.03 -56.01
CA CYS EA 103 -11.79 -27.11 -57.44
C CYS EA 103 -13.17 -27.29 -58.05
N GLN EA 104 -13.87 -26.16 -58.22
CA GLN EA 104 -15.19 -26.14 -58.85
C GLN EA 104 -15.12 -26.55 -60.32
N ARG EA 105 -14.03 -26.22 -61.01
CA ARG EA 105 -13.88 -26.48 -62.44
C ARG EA 105 -12.44 -26.47 -62.94
N GLU EA 106 -12.14 -27.35 -63.89
CA GLU EA 106 -10.84 -27.45 -64.55
C GLU EA 106 -10.88 -26.83 -65.95
N THR EA 107 -9.78 -26.18 -66.37
CA THR EA 107 -9.65 -25.66 -67.74
C THR EA 107 -8.18 -25.68 -68.18
N PRO EA 115 -4.77 -20.45 -59.49
CA PRO EA 115 -4.45 -20.69 -58.08
C PRO EA 115 -5.71 -20.83 -57.22
N TRP EA 116 -5.53 -21.34 -56.00
CA TRP EA 116 -6.56 -21.23 -54.94
C TRP EA 116 -6.02 -21.50 -53.52
N TYR EA 117 -6.34 -20.63 -52.56
CA TYR EA 117 -6.18 -20.91 -51.12
C TYR EA 117 -7.56 -21.19 -50.56
N GLU EA 118 -7.68 -22.18 -49.67
CA GLU EA 118 -8.94 -22.42 -48.94
C GLU EA 118 -8.66 -22.93 -47.51
N PRO EA 119 -9.11 -22.17 -46.48
CA PRO EA 119 -8.86 -22.52 -45.07
C PRO EA 119 -10.07 -23.14 -44.39
N ILE EA 120 -9.87 -23.69 -43.19
CA ILE EA 120 -10.96 -24.27 -42.38
C ILE EA 120 -10.84 -23.85 -40.90
N TYR EA 121 -11.69 -22.92 -40.47
CA TYR EA 121 -12.02 -22.70 -39.04
C TYR EA 121 -12.60 -23.99 -38.43
N LEU EA 122 -12.48 -24.14 -37.11
CA LEU EA 122 -13.17 -25.17 -36.35
C LEU EA 122 -13.09 -24.86 -34.85
N GLY EA 123 -14.21 -24.99 -34.14
CA GLY EA 123 -14.17 -24.84 -32.69
C GLY EA 123 -15.51 -24.80 -31.99
N GLY EA 124 -15.54 -25.36 -30.78
CA GLY EA 124 -16.74 -25.36 -29.92
C GLY EA 124 -16.43 -25.91 -28.53
N VAL EA 125 -17.29 -25.61 -27.56
CA VAL EA 125 -17.08 -26.00 -26.17
C VAL EA 125 -17.67 -27.39 -25.88
N PHE EA 126 -16.99 -28.14 -25.00
CA PHE EA 126 -17.34 -29.53 -24.69
C PHE EA 126 -16.90 -29.93 -23.28
N GLN EA 127 -17.71 -30.77 -22.64
CA GLN EA 127 -17.37 -31.42 -21.36
C GLN EA 127 -16.51 -32.66 -21.65
N LEU EA 128 -15.24 -32.60 -21.25
CA LEU EA 128 -14.32 -33.72 -21.40
C LEU EA 128 -14.04 -34.39 -20.07
N GLU EA 129 -13.38 -35.56 -20.14
CA GLU EA 129 -12.93 -36.30 -18.96
C GLU EA 129 -11.43 -36.57 -19.04
N LYS EA 130 -10.84 -36.98 -17.92
CA LYS EA 130 -9.38 -37.18 -17.83
C LYS EA 130 -8.90 -38.29 -18.76
N GLY EA 131 -7.78 -38.05 -19.44
CA GLY EA 131 -7.18 -39.02 -20.36
C GLY EA 131 -7.83 -39.15 -21.73
N ASP EA 132 -8.80 -38.28 -22.04
CA ASP EA 132 -9.46 -38.31 -23.34
C ASP EA 132 -8.53 -37.68 -24.37
N ARG EA 133 -8.36 -38.37 -25.50
CA ARG EA 133 -7.35 -38.01 -26.49
C ARG EA 133 -8.00 -37.37 -27.72
N LEU EA 134 -7.61 -36.12 -27.98
CA LEU EA 134 -8.25 -35.30 -29.01
C LEU EA 134 -7.40 -35.20 -30.27
N SER EA 135 -7.79 -35.93 -31.31
CA SER EA 135 -7.10 -35.85 -32.59
C SER EA 135 -7.56 -34.62 -33.34
N ALA EA 136 -6.77 -34.25 -34.34
CA ALA EA 136 -7.12 -33.18 -35.26
C ALA EA 136 -6.45 -33.52 -36.59
N GLU EA 137 -7.23 -34.12 -37.48
CA GLU EA 137 -6.70 -34.74 -38.70
C GLU EA 137 -7.25 -34.10 -39.96
N ILE EA 138 -6.64 -34.47 -41.09
CA ILE EA 138 -7.12 -34.10 -42.43
C ILE EA 138 -6.88 -35.23 -43.43
N ASN EA 139 -7.65 -35.18 -44.51
CA ASN EA 139 -7.58 -36.18 -45.59
C ASN EA 139 -6.41 -35.97 -46.57
N ARG EA 140 -6.09 -34.70 -46.87
CA ARG EA 140 -5.05 -34.37 -47.87
C ARG EA 140 -3.86 -33.57 -47.29
N PRO EA 141 -2.99 -34.23 -46.49
CA PRO EA 141 -1.73 -33.63 -46.04
C PRO EA 141 -0.94 -32.94 -47.14
N ASP EA 142 -0.79 -33.57 -48.29
CA ASP EA 142 -0.08 -32.97 -49.42
C ASP EA 142 -0.58 -31.56 -49.80
N TYR EA 143 -1.90 -31.37 -49.84
CA TYR EA 143 -2.50 -30.07 -50.17
C TYR EA 143 -2.33 -28.96 -49.11
N LEU EA 144 -1.85 -29.32 -47.91
CA LEU EA 144 -1.57 -28.35 -46.83
C LEU EA 144 -0.72 -27.14 -47.20
N ASP EA 145 -0.79 -26.14 -46.34
CA ASP EA 145 0.02 -24.93 -46.43
C ASP EA 145 0.83 -24.77 -45.15
N PHE EA 146 2.14 -24.61 -45.29
CA PHE EA 146 3.02 -24.23 -44.18
C PHE EA 146 3.56 -22.80 -44.31
N ALA EA 147 3.34 -22.15 -45.46
CA ALA EA 147 4.11 -20.98 -45.93
C ALA EA 147 4.28 -19.85 -44.91
N GLU EA 148 3.17 -19.22 -44.51
CA GLU EA 148 3.20 -18.26 -43.40
C GLU EA 148 2.90 -19.09 -42.14
N SER EA 149 3.85 -19.09 -41.19
CA SER EA 149 3.79 -20.00 -40.03
C SER EA 149 2.74 -19.56 -38.99
N GLY EA 150 2.22 -20.53 -38.25
CA GLY EA 150 1.20 -20.29 -37.21
C GLY EA 150 -0.27 -20.32 -37.65
N GLN EA 151 -0.54 -20.56 -38.94
CA GLN EA 151 -1.92 -20.60 -39.48
C GLN EA 151 -2.61 -21.96 -39.20
N VAL EA 152 -1.84 -23.03 -39.32
CA VAL EA 152 -2.34 -24.41 -39.13
C VAL EA 152 -2.14 -24.81 -37.66
N TYR EA 153 -3.16 -24.62 -36.84
CA TYR EA 153 -3.03 -24.87 -35.40
C TYR EA 153 -4.19 -25.65 -34.82
N PHE EA 154 -3.98 -26.08 -33.57
CA PHE EA 154 -4.96 -26.84 -32.82
C PHE EA 154 -4.67 -26.61 -31.33
N GLY EA 155 -5.72 -26.40 -30.54
CA GLY EA 155 -5.54 -26.09 -29.11
C GLY EA 155 -6.82 -26.19 -28.30
N ILE EA 156 -6.66 -26.17 -26.98
CA ILE EA 156 -7.77 -26.22 -26.03
C ILE EA 156 -7.55 -25.33 -24.80
N ILE EA 157 -8.65 -24.91 -24.15
CA ILE EA 157 -8.61 -24.03 -22.96
C ILE EA 157 -9.64 -24.46 -21.91
N ALA EA 158 -9.17 -24.71 -20.69
CA ALA EA 158 -10.06 -25.12 -19.60
C ALA EA 158 -10.84 -23.93 -19.11
N LEU EA 159 -12.16 -24.05 -19.15
CA LEU EA 159 -13.04 -22.99 -18.63
C LEU EA 159 -13.10 -23.06 -17.11
N SER FA 11 -18.15 -18.02 -11.46
CA SER FA 11 -17.43 -19.34 -11.50
C SER FA 11 -18.02 -20.30 -12.52
N ASP FA 12 -19.34 -20.47 -12.49
CA ASP FA 12 -20.03 -21.53 -13.26
C ASP FA 12 -20.13 -21.25 -14.77
N LYS FA 13 -20.53 -20.03 -15.13
CA LYS FA 13 -20.68 -19.56 -16.52
C LYS FA 13 -21.71 -20.32 -17.37
N PRO FA 14 -22.88 -19.70 -17.66
CA PRO FA 14 -23.81 -20.26 -18.65
C PRO FA 14 -23.12 -20.60 -19.97
N VAL FA 15 -23.12 -21.88 -20.34
CA VAL FA 15 -22.67 -22.28 -21.69
C VAL FA 15 -23.61 -23.33 -22.27
N ALA FA 16 -23.70 -23.36 -23.61
CA ALA FA 16 -24.46 -24.38 -24.34
C ALA FA 16 -23.77 -24.75 -25.65
N HIS FA 17 -24.04 -25.98 -26.11
CA HIS FA 17 -23.56 -26.49 -27.40
C HIS FA 17 -24.56 -27.50 -27.90
N VAL FA 18 -25.34 -27.11 -28.92
CA VAL FA 18 -26.35 -27.97 -29.52
C VAL FA 18 -26.04 -28.24 -30.99
N VAL FA 19 -26.59 -29.35 -31.47
CA VAL FA 19 -26.28 -29.93 -32.79
C VAL FA 19 -27.58 -30.31 -33.50
N ALA FA 20 -27.51 -30.41 -34.82
CA ALA FA 20 -28.66 -30.81 -35.65
C ALA FA 20 -29.09 -32.23 -35.39
N ASN FA 21 -30.40 -32.44 -35.31
CA ASN FA 21 -30.98 -33.77 -35.20
C ASN FA 21 -30.89 -34.45 -36.57
N PRO FA 22 -30.15 -35.56 -36.68
CA PRO FA 22 -30.13 -36.27 -37.97
C PRO FA 22 -31.43 -37.01 -38.31
N GLN FA 23 -32.22 -37.40 -37.30
CA GLN FA 23 -33.55 -37.97 -37.55
C GLN FA 23 -34.52 -36.97 -38.18
N ALA FA 24 -34.26 -35.68 -38.01
CA ALA FA 24 -35.03 -34.63 -38.65
C ALA FA 24 -34.71 -34.48 -40.14
N GLU FA 25 -35.26 -35.38 -40.96
CA GLU FA 25 -35.24 -35.17 -42.42
C GLU FA 25 -36.25 -34.06 -42.72
N GLY FA 26 -35.76 -32.95 -43.29
CA GLY FA 26 -36.60 -31.83 -43.73
C GLY FA 26 -36.36 -30.50 -43.06
N GLN FA 27 -35.78 -30.50 -41.86
CA GLN FA 27 -35.58 -29.27 -41.10
C GLN FA 27 -34.44 -29.34 -40.07
N LEU FA 28 -34.12 -28.18 -39.50
CA LEU FA 28 -33.00 -28.02 -38.57
C LEU FA 28 -33.53 -27.94 -37.13
N GLN FA 29 -33.56 -29.10 -36.47
CA GLN FA 29 -33.98 -29.21 -35.07
C GLN FA 29 -32.74 -29.44 -34.19
N TRP FA 30 -32.44 -28.50 -33.29
CA TRP FA 30 -31.26 -28.60 -32.43
C TRP FA 30 -31.49 -29.59 -31.30
N LEU FA 31 -30.44 -30.32 -30.91
CA LEU FA 31 -30.50 -31.36 -29.87
C LEU FA 31 -29.43 -31.13 -28.84
N ASN FA 32 -29.79 -31.29 -27.57
CA ASN FA 32 -28.83 -31.20 -26.46
C ASN FA 32 -28.54 -32.51 -25.73
N ARG FA 33 -29.45 -33.48 -25.86
CA ARG FA 33 -29.32 -34.76 -25.19
C ARG FA 33 -28.67 -35.71 -26.19
N ARG FA 34 -27.41 -35.45 -26.49
CA ARG FA 34 -26.63 -36.30 -27.38
C ARG FA 34 -25.22 -36.48 -26.87
N ALA FA 35 -24.57 -37.53 -27.37
CA ALA FA 35 -23.15 -37.76 -27.14
C ALA FA 35 -22.41 -36.49 -27.54
N ASN FA 36 -21.96 -35.73 -26.54
CA ASN FA 36 -21.17 -34.46 -26.67
C ASN FA 36 -21.93 -33.11 -26.62
N ALA FA 37 -23.23 -33.11 -26.93
CA ALA FA 37 -24.07 -31.91 -26.81
C ALA FA 37 -24.41 -31.62 -25.35
N LEU FA 38 -24.54 -30.33 -25.01
CA LEU FA 38 -24.71 -29.92 -23.60
C LEU FA 38 -25.40 -28.57 -23.38
N LEU FA 39 -26.08 -28.49 -22.23
CA LEU FA 39 -26.77 -27.28 -21.76
C LEU FA 39 -26.38 -27.05 -20.32
N ALA FA 40 -25.40 -26.19 -20.12
CA ALA FA 40 -24.78 -26.02 -18.81
C ALA FA 40 -25.28 -24.75 -18.15
N ASN FA 41 -25.40 -24.80 -16.82
CA ASN FA 41 -25.50 -23.61 -16.00
C ASN FA 41 -26.59 -22.61 -16.44
N GLY FA 42 -27.75 -23.15 -16.81
CA GLY FA 42 -28.95 -22.35 -17.01
C GLY FA 42 -29.37 -22.09 -18.44
N VAL FA 43 -28.49 -22.34 -19.41
CA VAL FA 43 -28.90 -22.20 -20.81
C VAL FA 43 -29.87 -23.33 -21.13
N GLU FA 44 -31.01 -22.95 -21.70
CA GLU FA 44 -32.07 -23.90 -22.04
C GLU FA 44 -32.30 -23.92 -23.54
N LEU FA 45 -32.74 -25.07 -24.04
CA LEU FA 45 -33.16 -25.26 -25.42
C LEU FA 45 -34.68 -25.32 -25.38
N ARG FA 46 -35.34 -24.46 -26.14
CA ARG FA 46 -36.79 -24.43 -26.19
C ARG FA 46 -37.24 -23.72 -27.49
N ASP FA 47 -38.29 -24.23 -28.12
CA ASP FA 47 -38.73 -23.74 -29.42
C ASP FA 47 -37.58 -23.66 -30.44
N ASN FA 48 -36.65 -24.61 -30.38
CA ASN FA 48 -35.46 -24.62 -31.25
C ASN FA 48 -34.56 -23.38 -31.10
N GLN FA 49 -34.45 -22.88 -29.86
CA GLN FA 49 -33.72 -21.64 -29.54
C GLN FA 49 -33.02 -21.75 -28.17
N LEU FA 50 -31.79 -21.21 -28.07
CA LEU FA 50 -31.06 -21.21 -26.79
C LEU FA 50 -31.51 -20.02 -25.99
N VAL FA 51 -31.73 -20.23 -24.68
CA VAL FA 51 -32.30 -19.19 -23.81
C VAL FA 51 -31.28 -18.75 -22.79
N VAL FA 52 -31.11 -17.44 -22.70
CA VAL FA 52 -30.06 -16.85 -21.90
C VAL FA 52 -30.57 -16.72 -20.46
N PRO FA 53 -29.92 -17.40 -19.49
CA PRO FA 53 -30.40 -17.46 -18.10
C PRO FA 53 -30.22 -16.18 -17.28
N SER FA 54 -29.11 -15.48 -17.53
CA SER FA 54 -28.66 -14.33 -16.74
C SER FA 54 -27.91 -13.40 -17.67
N GLU FA 55 -28.17 -12.10 -17.56
CA GLU FA 55 -27.63 -11.10 -18.51
C GLU FA 55 -26.11 -11.01 -18.43
N GLY FA 56 -25.45 -10.71 -19.55
CA GLY FA 56 -23.99 -10.74 -19.64
C GLY FA 56 -23.43 -10.78 -21.04
N LEU FA 57 -22.09 -10.76 -21.14
CA LEU FA 57 -21.35 -10.79 -22.41
C LEU FA 57 -21.09 -12.26 -22.82
N TYR FA 58 -21.39 -12.58 -24.07
CA TYR FA 58 -21.42 -13.96 -24.55
C TYR FA 58 -20.72 -14.14 -25.91
N LEU FA 59 -19.85 -15.14 -25.98
CA LEU FA 59 -19.33 -15.66 -27.24
C LEU FA 59 -20.48 -16.47 -27.83
N ILE FA 60 -20.75 -16.22 -29.11
CA ILE FA 60 -21.70 -16.97 -29.91
C ILE FA 60 -20.94 -17.50 -31.11
N TYR FA 61 -21.13 -18.79 -31.42
CA TYR FA 61 -20.51 -19.42 -32.58
C TYR FA 61 -21.46 -20.43 -33.19
N SER FA 62 -21.36 -20.64 -34.50
CA SER FA 62 -22.18 -21.63 -35.19
C SER FA 62 -21.62 -22.06 -36.58
N GLN FA 63 -21.86 -23.33 -36.93
CA GLN FA 63 -21.41 -23.92 -38.21
C GLN FA 63 -22.55 -24.66 -38.91
N VAL FA 64 -22.67 -24.47 -40.24
CA VAL FA 64 -23.53 -25.31 -41.07
C VAL FA 64 -22.77 -25.73 -42.31
N LEU FA 65 -23.08 -26.93 -42.81
CA LEU FA 65 -22.39 -27.52 -43.95
C LEU FA 65 -23.43 -28.00 -44.95
N PHE FA 66 -23.28 -27.58 -46.21
CA PHE FA 66 -24.26 -27.91 -47.24
C PHE FA 66 -23.74 -28.99 -48.19
N LYS FA 67 -24.65 -29.56 -48.98
CA LYS FA 67 -24.30 -30.62 -49.94
C LYS FA 67 -25.40 -30.79 -50.97
N GLY FA 68 -25.04 -30.61 -52.24
CA GLY FA 68 -25.95 -30.87 -53.36
C GLY FA 68 -25.30 -31.71 -54.43
N GLN FA 69 -26.13 -32.23 -55.33
CA GLN FA 69 -25.71 -33.17 -56.39
C GLN FA 69 -25.47 -32.43 -57.71
N GLY FA 70 -24.47 -31.55 -57.70
CA GLY FA 70 -24.21 -30.68 -58.84
C GLY FA 70 -25.18 -29.51 -58.81
N CYS FA 71 -25.43 -28.92 -59.97
CA CYS FA 71 -26.04 -27.60 -60.05
C CYS FA 71 -27.16 -27.48 -61.10
N PRO FA 72 -28.44 -27.48 -60.67
CA PRO FA 72 -29.52 -27.30 -61.65
C PRO FA 72 -29.55 -25.87 -62.19
N SER FA 73 -29.36 -24.88 -61.32
CA SER FA 73 -29.28 -23.48 -61.71
C SER FA 73 -28.09 -22.82 -61.05
N THR FA 74 -27.69 -21.68 -61.61
CA THR FA 74 -26.65 -20.84 -61.02
C THR FA 74 -27.16 -20.03 -59.82
N HIS FA 75 -28.48 -19.97 -59.64
CA HIS FA 75 -29.13 -19.02 -58.75
C HIS FA 75 -29.35 -19.54 -57.33
N VAL FA 76 -28.92 -20.76 -57.04
CA VAL FA 76 -29.10 -21.39 -55.71
C VAL FA 76 -28.39 -20.53 -54.68
N LEU FA 77 -29.05 -20.32 -53.54
CA LEU FA 77 -28.65 -19.29 -52.57
C LEU FA 77 -28.74 -19.77 -51.10
N LEU FA 78 -27.58 -19.90 -50.48
CA LEU FA 78 -27.46 -20.43 -49.11
C LEU FA 78 -27.35 -19.28 -48.09
N THR FA 79 -28.18 -19.31 -47.05
CA THR FA 79 -28.10 -18.36 -45.94
C THR FA 79 -27.99 -19.11 -44.63
N HIS FA 80 -27.10 -18.64 -43.78
CA HIS FA 80 -27.04 -19.03 -42.37
C HIS FA 80 -27.11 -17.74 -41.56
N THR FA 81 -27.84 -17.79 -40.46
CA THR FA 81 -28.14 -16.61 -39.70
C THR FA 81 -28.25 -16.94 -38.23
N ILE FA 82 -27.81 -16.00 -37.39
CA ILE FA 82 -28.06 -16.03 -35.95
C ILE FA 82 -28.77 -14.74 -35.59
N SER FA 83 -29.86 -14.88 -34.82
CA SER FA 83 -30.83 -13.80 -34.59
C SER FA 83 -31.27 -13.81 -33.12
N ARG FA 84 -31.42 -12.60 -32.56
CA ARG FA 84 -31.70 -12.41 -31.15
C ARG FA 84 -33.07 -11.78 -30.96
N ILE FA 85 -33.88 -12.36 -30.07
CA ILE FA 85 -35.20 -11.82 -29.76
C ILE FA 85 -35.24 -11.45 -28.28
N ALA FA 86 -35.19 -10.14 -28.03
CA ALA FA 86 -35.22 -9.61 -26.69
C ALA FA 86 -36.62 -9.78 -26.14
N VAL FA 87 -36.70 -10.15 -24.86
CA VAL FA 87 -37.99 -10.22 -24.17
C VAL FA 87 -38.72 -8.92 -24.38
N SER FA 88 -38.07 -7.81 -23.99
CA SER FA 88 -38.75 -6.53 -23.81
C SER FA 88 -39.15 -5.86 -25.12
N TYR FA 89 -38.25 -5.85 -26.10
CA TYR FA 89 -38.53 -5.20 -27.39
C TYR FA 89 -39.40 -6.10 -28.31
N GLN FA 90 -39.11 -7.41 -28.32
CA GLN FA 90 -39.91 -8.43 -29.05
C GLN FA 90 -39.88 -8.30 -30.59
N THR FA 91 -38.75 -7.87 -31.17
CA THR FA 91 -38.55 -7.98 -32.62
C THR FA 91 -37.23 -8.67 -32.88
N LYS FA 92 -37.18 -9.43 -33.99
CA LYS FA 92 -36.05 -10.28 -34.33
C LYS FA 92 -34.88 -9.40 -34.74
N VAL FA 93 -33.72 -9.62 -34.15
CA VAL FA 93 -32.58 -8.73 -34.36
C VAL FA 93 -31.38 -9.53 -34.78
N ASN FA 94 -31.14 -9.58 -36.10
CA ASN FA 94 -29.94 -10.21 -36.63
C ASN FA 94 -28.70 -9.77 -35.86
N LEU FA 95 -27.88 -10.72 -35.50
CA LEU FA 95 -26.52 -10.46 -35.11
C LEU FA 95 -25.65 -10.83 -36.32
N LEU FA 96 -25.49 -12.12 -36.59
CA LEU FA 96 -24.54 -12.61 -37.61
C LEU FA 96 -25.30 -13.10 -38.85
N SER FA 97 -24.59 -13.15 -39.98
CA SER FA 97 -25.22 -13.38 -41.29
C SER FA 97 -24.22 -13.81 -42.38
N ALA FA 98 -24.74 -14.55 -43.38
CA ALA FA 98 -23.92 -15.17 -44.44
C ALA FA 98 -24.73 -15.53 -45.71
N ILE FA 99 -24.32 -14.99 -46.86
CA ILE FA 99 -24.95 -15.27 -48.15
C ILE FA 99 -23.95 -15.99 -49.08
N LYS FA 100 -24.21 -17.26 -49.37
CA LYS FA 100 -23.35 -18.05 -50.28
C LYS FA 100 -24.11 -18.45 -51.55
N SER FA 101 -23.45 -18.31 -52.72
CA SER FA 101 -23.97 -18.82 -53.99
C SER FA 101 -22.98 -19.86 -54.56
N PRO FA 102 -23.16 -21.15 -54.19
CA PRO FA 102 -22.21 -22.21 -54.57
C PRO FA 102 -22.11 -22.47 -56.07
N CYS FA 103 -23.24 -22.54 -56.75
CA CYS FA 103 -23.28 -22.90 -58.16
C CYS FA 103 -23.09 -21.68 -59.03
N GLN FA 104 -21.86 -21.46 -59.47
CA GLN FA 104 -21.59 -20.43 -60.49
C GLN FA 104 -21.92 -20.95 -61.88
N ARG FA 105 -21.69 -22.25 -62.11
CA ARG FA 105 -22.06 -22.93 -63.37
C ARG FA 105 -23.02 -24.10 -63.11
N GLU FA 106 -23.57 -24.68 -64.19
CA GLU FA 106 -24.69 -25.64 -64.10
C GLU FA 106 -24.29 -27.11 -64.33
N THR FA 107 -23.75 -27.41 -65.52
CA THR FA 107 -23.32 -28.77 -65.98
C THR FA 107 -24.35 -29.48 -66.90
N PRO FA 108 -23.89 -30.42 -67.76
CA PRO FA 108 -24.79 -31.29 -68.54
C PRO FA 108 -25.11 -32.61 -67.82
N ALA FA 113 -23.38 -34.86 -63.45
CA ALA FA 113 -23.26 -33.96 -62.30
C ALA FA 113 -22.35 -34.55 -61.21
N LYS FA 114 -21.74 -33.66 -60.42
CA LYS FA 114 -20.77 -34.02 -59.38
C LYS FA 114 -20.95 -33.15 -58.12
N PRO FA 115 -20.73 -33.74 -56.93
CA PRO FA 115 -21.18 -33.09 -55.70
C PRO FA 115 -20.39 -31.84 -55.29
N TRP FA 116 -20.87 -31.09 -54.28
CA TRP FA 116 -20.23 -29.85 -53.78
C TRP FA 116 -20.50 -29.58 -52.30
N TYR FA 117 -19.67 -28.71 -51.71
CA TYR FA 117 -19.75 -28.33 -50.30
C TYR FA 117 -19.58 -26.82 -50.07
N GLU FA 118 -20.36 -26.29 -49.12
CA GLU FA 118 -20.19 -24.93 -48.61
C GLU FA 118 -20.37 -24.99 -47.11
N PRO FA 119 -19.26 -24.95 -46.34
CA PRO FA 119 -19.32 -24.74 -44.91
C PRO FA 119 -19.34 -23.23 -44.57
N ILE FA 120 -20.35 -22.82 -43.78
CA ILE FA 120 -20.53 -21.42 -43.42
C ILE FA 120 -20.32 -21.23 -41.92
N TYR FA 121 -19.30 -20.44 -41.55
CA TYR FA 121 -18.98 -20.15 -40.15
C TYR FA 121 -19.55 -18.79 -39.80
N LEU FA 122 -20.28 -18.73 -38.69
CA LEU FA 122 -20.70 -17.46 -38.09
C LEU FA 122 -20.18 -17.43 -36.67
N GLY FA 123 -19.77 -16.24 -36.20
CA GLY FA 123 -19.40 -16.09 -34.79
C GLY FA 123 -19.02 -14.70 -34.35
N GLY FA 124 -19.26 -14.41 -33.06
CA GLY FA 124 -18.84 -13.14 -32.45
C GLY FA 124 -18.95 -13.11 -30.93
N VAL FA 125 -18.94 -11.90 -30.35
CA VAL FA 125 -19.05 -11.74 -28.89
C VAL FA 125 -19.98 -10.55 -28.59
N PHE FA 126 -21.12 -10.86 -27.96
CA PHE FA 126 -22.30 -10.01 -27.95
C PHE FA 126 -22.87 -9.91 -26.55
N GLN FA 127 -23.39 -8.73 -26.23
CA GLN FA 127 -24.04 -8.45 -24.95
C GLN FA 127 -25.48 -8.93 -25.04
N LEU FA 128 -25.85 -9.87 -24.17
CA LEU FA 128 -27.22 -10.39 -24.10
C LEU FA 128 -27.91 -9.99 -22.80
N GLU FA 129 -29.20 -9.69 -22.88
CA GLU FA 129 -30.02 -9.49 -21.67
C GLU FA 129 -30.65 -10.85 -21.31
N LYS FA 130 -31.35 -10.89 -20.18
CA LYS FA 130 -31.90 -12.15 -19.65
C LYS FA 130 -33.12 -12.65 -20.46
N GLY FA 131 -33.24 -13.97 -20.55
CA GLY FA 131 -34.32 -14.60 -21.35
C GLY FA 131 -34.34 -14.25 -22.84
N ASP FA 132 -33.20 -13.82 -23.37
CA ASP FA 132 -33.08 -13.55 -24.78
C ASP FA 132 -33.04 -14.91 -25.48
N ARG FA 133 -33.65 -14.95 -26.65
CA ARG FA 133 -33.79 -16.19 -27.39
C ARG FA 133 -32.95 -16.08 -28.65
N LEU FA 134 -31.93 -16.94 -28.75
CA LEU FA 134 -31.04 -17.00 -29.92
C LEU FA 134 -31.46 -18.15 -30.85
N SER FA 135 -31.32 -17.92 -32.15
CA SER FA 135 -31.88 -18.81 -33.16
C SER FA 135 -30.94 -18.91 -34.35
N ALA FA 136 -30.17 -19.99 -34.42
CA ALA FA 136 -29.35 -20.30 -35.58
C ALA FA 136 -30.24 -20.96 -36.63
N GLU FA 137 -30.34 -20.31 -37.79
CA GLU FA 137 -31.35 -20.63 -38.81
C GLU FA 137 -30.72 -20.65 -40.20
N ILE FA 138 -31.14 -21.61 -41.04
CA ILE FA 138 -30.76 -21.64 -42.47
C ILE FA 138 -32.02 -21.67 -43.31
N ASN FA 139 -31.86 -21.40 -44.61
CA ASN FA 139 -32.99 -21.22 -45.53
C ASN FA 139 -33.27 -22.37 -46.49
N ARG FA 140 -32.30 -23.27 -46.67
CA ARG FA 140 -32.42 -24.44 -47.54
C ARG FA 140 -31.94 -25.68 -46.77
N PRO FA 141 -32.80 -26.22 -45.88
CA PRO FA 141 -32.46 -27.46 -45.16
C PRO FA 141 -32.37 -28.71 -46.05
N ASP FA 142 -33.10 -28.70 -47.16
CA ASP FA 142 -32.94 -29.69 -48.21
C ASP FA 142 -31.48 -29.96 -48.63
N TYR FA 143 -30.63 -28.93 -48.60
CA TYR FA 143 -29.20 -29.06 -48.94
C TYR FA 143 -28.25 -29.27 -47.74
N LEU FA 144 -28.77 -29.56 -46.54
CA LEU FA 144 -27.91 -29.76 -45.32
C LEU FA 144 -27.03 -31.01 -45.35
N ASP FA 145 -26.27 -31.24 -44.27
CA ASP FA 145 -25.53 -32.49 -44.05
C ASP FA 145 -25.47 -32.92 -42.56
N PHE FA 146 -26.32 -33.89 -42.20
CA PHE FA 146 -26.35 -34.51 -40.86
C PHE FA 146 -25.61 -35.86 -40.82
N ALA FA 147 -25.11 -36.35 -41.96
CA ALA FA 147 -24.51 -37.69 -42.07
C ALA FA 147 -23.48 -38.00 -40.98
N GLU FA 148 -22.35 -37.29 -40.99
CA GLU FA 148 -21.36 -37.38 -39.92
C GLU FA 148 -21.80 -36.57 -38.70
N SER FA 149 -21.15 -36.82 -37.56
CA SER FA 149 -21.37 -36.02 -36.35
C SER FA 149 -20.63 -34.70 -36.48
N GLY FA 150 -21.11 -33.70 -35.73
CA GLY FA 150 -20.41 -32.40 -35.57
C GLY FA 150 -20.13 -31.62 -36.84
N GLN FA 151 -21.05 -31.72 -37.79
CA GLN FA 151 -20.99 -30.97 -39.05
C GLN FA 151 -21.82 -29.73 -38.92
N VAL FA 152 -22.92 -29.83 -38.17
CA VAL FA 152 -23.79 -28.69 -37.88
C VAL FA 152 -23.81 -28.51 -36.36
N TYR FA 153 -23.52 -27.31 -35.88
CA TYR FA 153 -23.60 -27.00 -34.44
C TYR FA 153 -23.79 -25.52 -34.17
N PHE FA 154 -24.24 -25.25 -32.95
CA PHE FA 154 -24.63 -23.92 -32.53
C PHE FA 154 -24.47 -23.83 -31.03
N GLY FA 155 -23.58 -22.96 -30.55
CA GLY FA 155 -23.31 -22.82 -29.12
C GLY FA 155 -22.99 -21.40 -28.67
N ILE FA 156 -23.05 -21.21 -27.35
CA ILE FA 156 -22.71 -19.94 -26.71
C ILE FA 156 -21.95 -20.18 -25.43
N ILE FA 157 -21.25 -19.16 -24.97
CA ILE FA 157 -20.48 -19.22 -23.72
C ILE FA 157 -20.59 -17.89 -22.96
N ALA FA 158 -20.93 -17.95 -21.69
CA ALA FA 158 -20.90 -16.78 -20.82
C ALA FA 158 -19.44 -16.41 -20.60
N LEU FA 159 -19.02 -15.31 -21.24
CA LEU FA 159 -17.67 -14.77 -21.06
C LEU FA 159 -17.64 -13.83 -19.85
N SER GA 11 50.24 3.70 -19.31
CA SER GA 11 50.40 5.13 -18.91
C SER GA 11 49.03 5.83 -18.77
N ASP GA 12 48.44 6.25 -19.88
CA ASP GA 12 47.07 6.81 -19.89
C ASP GA 12 46.07 5.64 -19.82
N LYS GA 13 45.13 5.72 -18.87
CA LYS GA 13 44.33 4.56 -18.46
C LYS GA 13 42.81 4.78 -18.52
N PRO GA 14 42.01 3.71 -18.83
CA PRO GA 14 40.53 3.77 -18.86
C PRO GA 14 39.85 4.24 -17.57
N VAL GA 15 38.80 5.06 -17.68
CA VAL GA 15 37.93 5.47 -16.54
C VAL GA 15 36.45 5.73 -16.92
N ALA GA 16 35.61 5.75 -15.88
CA ALA GA 16 34.20 6.10 -16.01
C ALA GA 16 33.57 6.49 -14.66
N HIS GA 17 32.53 7.32 -14.73
CA HIS GA 17 31.74 7.70 -13.55
C HIS GA 17 30.45 8.33 -14.06
N VAL GA 18 29.33 7.63 -13.85
CA VAL GA 18 28.04 8.01 -14.42
C VAL GA 18 27.00 8.23 -13.33
N VAL GA 19 25.98 9.02 -13.68
CA VAL GA 19 24.96 9.45 -12.72
C VAL GA 19 23.58 9.07 -13.20
N ALA GA 20 22.71 8.74 -12.25
CA ALA GA 20 21.34 8.33 -12.54
C ALA GA 20 20.55 9.48 -13.16
N ASN GA 21 19.60 9.17 -14.03
CA ASN GA 21 18.76 10.18 -14.66
C ASN GA 21 17.64 10.62 -13.68
N PRO GA 22 17.75 11.87 -13.14
CA PRO GA 22 16.80 12.30 -12.11
C PRO GA 22 15.40 12.59 -12.64
N GLN GA 23 15.29 12.91 -13.93
CA GLN GA 23 14.02 12.88 -14.63
C GLN GA 23 13.55 11.40 -14.65
N ALA GA 24 13.73 10.70 -15.78
CA ALA GA 24 13.37 9.27 -15.90
C ALA GA 24 11.93 8.95 -15.45
N GLU GA 25 11.63 7.67 -15.30
CA GLU GA 25 10.58 7.21 -14.41
C GLU GA 25 10.72 5.70 -14.18
N GLY GA 26 10.73 5.28 -12.92
CA GLY GA 26 10.83 3.87 -12.53
C GLY GA 26 12.02 3.10 -13.09
N GLN GA 27 13.14 3.79 -13.29
CA GLN GA 27 14.36 3.19 -13.83
C GLN GA 27 15.64 3.87 -13.29
N LEU GA 28 16.74 3.12 -13.33
CA LEU GA 28 18.07 3.62 -12.99
C LEU GA 28 18.85 3.81 -14.29
N GLN GA 29 18.59 4.93 -14.95
CA GLN GA 29 19.18 5.23 -16.25
C GLN GA 29 20.45 6.04 -16.06
N TRP GA 30 21.58 5.45 -16.42
CA TRP GA 30 22.88 6.08 -16.22
C TRP GA 30 23.13 7.16 -17.27
N LEU GA 31 23.87 8.20 -16.86
CA LEU GA 31 24.27 9.33 -17.71
C LEU GA 31 25.78 9.48 -17.68
N LEU GA 38 31.79 11.31 -16.65
CA LEU GA 38 32.71 11.26 -17.80
C LEU GA 38 33.20 9.84 -18.12
N LEU GA 39 33.76 9.66 -19.31
CA LEU GA 39 34.08 8.34 -19.89
C LEU GA 39 35.36 8.39 -20.75
N ALA GA 40 36.53 8.21 -20.12
CA ALA GA 40 37.82 8.35 -20.82
C ALA GA 40 38.48 7.03 -21.20
N ASN GA 41 39.34 7.08 -22.22
CA ASN GA 41 40.21 5.97 -22.64
C ASN GA 41 39.55 4.58 -22.84
N GLY GA 42 38.44 4.56 -23.57
CA GLY GA 42 37.84 3.30 -24.08
C GLY GA 42 36.58 2.75 -23.43
N VAL GA 43 36.18 3.28 -22.26
CA VAL GA 43 34.96 2.82 -21.59
C VAL GA 43 33.74 3.47 -22.22
N GLU GA 44 32.75 2.65 -22.58
CA GLU GA 44 31.49 3.11 -23.20
C GLU GA 44 30.31 2.83 -22.29
N LEU GA 45 29.30 3.69 -22.38
CA LEU GA 45 27.99 3.44 -21.78
C LEU GA 45 27.11 2.90 -22.90
N ARG GA 46 26.65 1.65 -22.76
CA ARG GA 46 26.03 0.88 -23.87
C ARG GA 46 24.92 -0.04 -23.30
N ASP GA 47 23.66 0.28 -23.62
CA ASP GA 47 22.48 -0.37 -23.01
C ASP GA 47 22.58 -0.39 -21.48
N ASN GA 48 22.74 0.80 -20.92
CA ASN GA 48 22.78 1.01 -19.47
C ASN GA 48 23.89 0.21 -18.74
N GLN GA 49 24.96 -0.12 -19.47
CA GLN GA 49 26.09 -0.89 -18.96
C GLN GA 49 27.41 -0.25 -19.38
N LEU GA 50 28.47 -0.59 -18.66
CA LEU GA 50 29.80 -0.07 -18.94
C LEU GA 50 30.69 -1.18 -19.53
N VAL GA 51 31.39 -0.85 -20.62
CA VAL GA 51 32.18 -1.83 -21.36
C VAL GA 51 33.65 -1.67 -21.02
N VAL GA 52 34.32 -2.79 -20.79
CA VAL GA 52 35.74 -2.81 -20.46
C VAL GA 52 36.51 -2.84 -21.78
N PRO GA 53 37.39 -1.84 -22.02
CA PRO GA 53 38.21 -1.79 -23.25
C PRO GA 53 39.47 -2.69 -23.26
N SER GA 54 39.88 -3.22 -22.10
CA SER GA 54 41.06 -4.11 -22.05
C SER GA 54 41.13 -4.95 -20.77
N GLU GA 55 41.82 -6.08 -20.87
CA GLU GA 55 42.09 -6.92 -19.70
C GLU GA 55 42.89 -6.12 -18.66
N GLY GA 56 42.44 -6.20 -17.42
CA GLY GA 56 43.23 -5.74 -16.28
C GLY GA 56 42.45 -5.60 -15.00
N LEU GA 57 43.10 -4.98 -14.02
CA LEU GA 57 42.50 -4.70 -12.72
C LEU GA 57 41.72 -3.41 -12.84
N TYR GA 58 40.49 -3.42 -12.32
CA TYR GA 58 39.65 -2.24 -12.32
C TYR GA 58 39.01 -2.14 -10.96
N LEU GA 59 39.11 -0.96 -10.36
CA LEU GA 59 38.39 -0.65 -9.14
C LEU GA 59 36.99 -0.28 -9.59
N ILE GA 60 35.99 -0.88 -8.95
CA ILE GA 60 34.58 -0.73 -9.33
C ILE GA 60 33.82 -0.27 -8.09
N TYR GA 61 32.82 0.58 -8.29
CA TYR GA 61 32.06 1.13 -7.16
C TYR GA 61 30.74 1.73 -7.58
N SER GA 62 29.83 1.85 -6.62
CA SER GA 62 28.54 2.44 -6.85
C SER GA 62 27.84 2.84 -5.56
N GLN GA 63 26.96 3.82 -5.68
CA GLN GA 63 26.15 4.30 -4.56
C GLN GA 63 24.75 4.67 -5.06
N VAL GA 64 23.78 4.36 -4.21
CA VAL GA 64 22.40 4.80 -4.37
C VAL GA 64 21.89 5.27 -3.01
N LEU GA 65 21.00 6.25 -3.03
CA LEU GA 65 20.34 6.73 -1.83
C LEU GA 65 18.86 6.47 -1.95
N PHE GA 66 18.27 5.90 -0.90
CA PHE GA 66 16.83 5.66 -0.82
C PHE GA 66 16.15 6.64 0.12
N LYS GA 67 14.84 6.75 -0.06
CA LYS GA 67 13.97 7.47 0.86
C LYS GA 67 12.53 7.00 0.71
N GLY GA 68 11.86 6.78 1.84
CA GLY GA 68 10.43 6.49 1.87
C GLY GA 68 9.70 7.38 2.84
N GLN GA 69 8.84 8.26 2.31
CA GLN GA 69 7.85 9.00 3.12
C GLN GA 69 6.97 7.98 3.83
N GLY GA 70 6.89 8.08 5.15
CA GLY GA 70 6.14 7.09 5.95
C GLY GA 70 6.82 5.74 5.96
N CYS GA 71 6.05 4.69 6.27
CA CYS GA 71 6.55 3.32 6.25
C CYS GA 71 5.37 2.32 6.16
N PRO GA 72 5.28 1.54 5.06
CA PRO GA 72 4.09 0.72 4.82
C PRO GA 72 4.01 -0.53 5.69
N SER GA 73 2.80 -1.09 5.81
CA SER GA 73 2.54 -2.25 6.67
C SER GA 73 3.16 -3.57 6.19
N THR GA 74 3.54 -3.66 4.92
CA THR GA 74 4.40 -4.76 4.42
C THR GA 74 5.87 -4.40 4.65
N HIS GA 75 6.70 -5.44 4.82
CA HIS GA 75 8.12 -5.26 5.07
C HIS GA 75 8.84 -4.79 3.81
N VAL GA 76 9.40 -3.58 3.88
CA VAL GA 76 10.12 -2.96 2.76
C VAL GA 76 11.52 -3.58 2.73
N LEU GA 77 12.09 -3.67 1.53
CA LEU GA 77 13.27 -4.48 1.27
C LEU GA 77 14.02 -3.92 0.06
N LEU GA 78 15.24 -3.41 0.29
CA LEU GA 78 16.06 -2.74 -0.72
C LEU GA 78 17.33 -3.53 -1.03
N THR GA 79 17.66 -3.70 -2.32
CA THR GA 79 18.86 -4.41 -2.76
C THR GA 79 19.51 -3.62 -3.89
N HIS GA 80 20.82 -3.40 -3.76
CA HIS GA 80 21.62 -2.78 -4.80
C HIS GA 80 22.71 -3.77 -5.19
N THR GA 81 22.95 -3.87 -6.49
CA THR GA 81 23.83 -4.92 -7.03
C THR GA 81 24.62 -4.47 -8.24
N ILE GA 82 25.92 -4.72 -8.20
CA ILE GA 82 26.76 -4.67 -9.37
C ILE GA 82 26.96 -6.12 -9.82
N SER GA 83 26.66 -6.38 -11.09
CA SER GA 83 26.85 -7.69 -11.73
C SER GA 83 27.79 -7.59 -12.92
N ARG GA 84 28.16 -8.72 -13.51
CA ARG GA 84 29.12 -8.79 -14.65
C ARG GA 84 28.73 -9.83 -15.72
N ILE GA 85 28.94 -9.45 -16.98
CA ILE GA 85 28.64 -10.28 -18.14
C ILE GA 85 29.89 -10.40 -19.00
N ALA GA 86 30.72 -11.41 -18.72
CA ALA GA 86 31.96 -11.63 -19.49
C ALA GA 86 31.65 -12.04 -20.94
N VAL GA 87 32.67 -11.96 -21.79
CA VAL GA 87 32.54 -12.29 -23.23
C VAL GA 87 32.67 -13.81 -23.47
N SER GA 88 33.39 -14.47 -22.57
CA SER GA 88 33.47 -15.93 -22.51
C SER GA 88 32.08 -16.58 -22.46
N TYR GA 89 31.23 -16.09 -21.55
CA TYR GA 89 29.98 -16.77 -21.14
C TYR GA 89 28.68 -16.11 -21.62
N GLN GA 90 28.56 -14.79 -21.47
CA GLN GA 90 27.31 -13.98 -21.71
C GLN GA 90 26.21 -14.07 -20.62
N THR GA 91 26.49 -14.74 -19.50
CA THR GA 91 25.58 -14.75 -18.35
C THR GA 91 25.95 -13.59 -17.44
N LYS GA 92 25.23 -13.46 -16.32
CA LYS GA 92 25.28 -12.25 -15.48
C LYS GA 92 25.60 -12.56 -14.01
N VAL GA 93 26.89 -12.65 -13.68
CA VAL GA 93 27.34 -13.08 -12.36
C VAL GA 93 27.34 -11.88 -11.39
N ASN GA 94 26.94 -12.12 -10.14
CA ASN GA 94 27.02 -11.11 -9.06
C ASN GA 94 28.46 -10.78 -8.68
N LEU GA 95 28.79 -9.49 -8.67
CA LEU GA 95 30.08 -9.01 -8.19
C LEU GA 95 29.98 -8.40 -6.79
N LEU GA 96 29.02 -7.49 -6.64
CA LEU GA 96 28.81 -6.78 -5.39
C LEU GA 96 27.33 -6.66 -5.18
N SER GA 97 26.89 -6.82 -3.94
CA SER GA 97 25.47 -6.82 -3.64
C SER GA 97 25.18 -6.64 -2.15
N ALA GA 98 24.23 -5.75 -1.84
CA ALA GA 98 23.85 -5.44 -0.46
C ALA GA 98 22.35 -5.23 -0.31
N ILE GA 99 21.84 -5.57 0.88
CA ILE GA 99 20.40 -5.61 1.21
C ILE GA 99 20.17 -4.86 2.54
N LYS GA 100 19.00 -4.23 2.68
CA LYS GA 100 18.70 -3.32 3.80
C LYS GA 100 17.21 -3.34 4.17
N SER GA 101 16.89 -3.14 5.46
CA SER GA 101 15.52 -3.25 5.99
C SER GA 101 15.07 -1.96 6.70
N PRO GA 102 14.83 -0.88 5.94
CA PRO GA 102 14.50 0.43 6.55
C PRO GA 102 13.27 0.39 7.41
N CYS GA 103 12.26 -0.34 6.94
CA CYS GA 103 11.01 -0.51 7.66
C CYS GA 103 11.16 -1.73 8.57
N GLN GA 104 11.78 -1.50 9.73
CA GLN GA 104 11.92 -2.53 10.77
C GLN GA 104 10.57 -2.96 11.40
N ARG GA 105 9.59 -2.04 11.39
CA ARG GA 105 8.21 -2.33 11.80
C ARG GA 105 7.28 -1.28 11.16
N GLU GA 106 6.01 -1.20 11.59
CA GLU GA 106 4.98 -0.41 10.88
C GLU GA 106 4.32 0.70 11.72
N THR GA 107 4.41 1.93 11.23
CA THR GA 107 3.78 3.10 11.87
C THR GA 107 2.29 3.13 11.56
N LYS GA 114 6.10 9.14 8.70
CA LYS GA 114 7.23 10.00 9.02
C LYS GA 114 8.49 9.43 8.34
N PRO GA 115 9.20 10.26 7.53
CA PRO GA 115 10.13 9.74 6.52
C PRO GA 115 11.41 9.09 7.05
N TRP GA 116 11.98 8.19 6.24
CA TRP GA 116 13.27 7.55 6.50
C TRP GA 116 14.16 7.64 5.24
N TYR GA 117 15.47 7.54 5.45
CA TYR GA 117 16.49 7.60 4.38
C TYR GA 117 17.50 6.48 4.60
N GLU GA 118 17.95 5.84 3.51
CA GLU GA 118 18.99 4.81 3.62
C GLU GA 118 19.94 4.83 2.44
N PRO GA 119 21.26 5.01 2.70
CA PRO GA 119 22.25 4.80 1.65
C PRO GA 119 22.53 3.31 1.45
N ILE GA 120 22.90 2.94 0.25
CA ILE GA 120 23.59 1.68 0.04
C ILE GA 120 24.65 1.96 -1.01
N TYR GA 121 25.84 1.44 -0.75
CA TYR GA 121 26.98 1.69 -1.62
C TYR GA 121 27.92 0.50 -1.59
N LEU GA 122 28.51 0.19 -2.73
CA LEU GA 122 29.35 -0.99 -2.91
C LEU GA 122 30.65 -0.62 -3.58
N GLY GA 123 31.67 -1.46 -3.42
CA GLY GA 123 32.95 -1.26 -4.11
C GLY GA 123 33.99 -2.37 -3.94
N GLY GA 124 34.87 -2.51 -4.94
CA GLY GA 124 35.93 -3.53 -4.91
C GLY GA 124 36.82 -3.61 -6.15
N VAL GA 125 37.95 -4.30 -5.99
CA VAL GA 125 38.88 -4.57 -7.10
C VAL GA 125 38.52 -5.86 -7.81
N PHE GA 126 38.66 -5.87 -9.13
CA PHE GA 126 38.24 -6.99 -9.96
C PHE GA 126 39.01 -7.01 -11.27
N GLN GA 127 39.61 -8.16 -11.59
CA GLN GA 127 40.24 -8.38 -12.89
C GLN GA 127 39.11 -8.46 -13.91
N LEU GA 128 39.29 -7.82 -15.07
CA LEU GA 128 38.23 -7.76 -16.08
C LEU GA 128 38.81 -7.78 -17.49
N GLU GA 129 38.25 -8.68 -18.33
CA GLU GA 129 38.73 -8.93 -19.70
C GLU GA 129 38.12 -7.93 -20.68
N LYS GA 130 38.61 -7.93 -21.92
CA LYS GA 130 38.14 -6.99 -22.93
C LYS GA 130 36.70 -7.31 -23.32
N GLY GA 131 35.88 -6.26 -23.44
CA GLY GA 131 34.46 -6.39 -23.78
C GLY GA 131 33.54 -6.85 -22.65
N ASP GA 132 34.01 -6.82 -21.41
CA ASP GA 132 33.17 -7.21 -20.26
C ASP GA 132 32.17 -6.12 -19.92
N ARG GA 133 30.93 -6.53 -19.66
CA ARG GA 133 29.79 -5.63 -19.54
C ARG GA 133 29.29 -5.62 -18.11
N LEU GA 134 29.59 -4.53 -17.40
CA LEU GA 134 29.17 -4.33 -16.02
C LEU GA 134 27.84 -3.58 -15.93
N SER GA 135 27.07 -3.89 -14.89
CA SER GA 135 25.72 -3.41 -14.72
C SER GA 135 25.47 -3.17 -13.25
N ALA GA 136 25.03 -1.96 -12.91
CA ALA GA 136 24.58 -1.64 -11.56
C ALA GA 136 23.07 -1.52 -11.59
N GLU GA 137 22.40 -2.08 -10.58
CA GLU GA 137 20.94 -2.19 -10.56
C GLU GA 137 20.38 -2.34 -9.15
N ILE GA 138 19.08 -2.04 -9.01
CA ILE GA 138 18.36 -2.14 -7.75
C ILE GA 138 16.97 -2.70 -7.91
N ASN GA 139 16.42 -3.22 -6.81
CA ASN GA 139 15.08 -3.79 -6.83
C ASN GA 139 13.92 -2.79 -6.69
N ARG GA 140 14.12 -1.66 -5.99
CA ARG GA 140 13.04 -0.65 -5.82
C ARG GA 140 13.41 0.77 -6.30
N PRO GA 141 13.39 0.99 -7.64
CA PRO GA 141 13.41 2.34 -8.22
C PRO GA 141 12.33 3.27 -7.67
N ASP GA 142 11.17 2.70 -7.32
CA ASP GA 142 10.09 3.43 -6.63
C ASP GA 142 10.52 4.18 -5.35
N TYR GA 143 11.53 3.67 -4.63
CA TYR GA 143 11.99 4.26 -3.36
C TYR GA 143 13.27 5.13 -3.45
N LEU GA 144 13.69 5.52 -4.66
CA LEU GA 144 14.93 6.32 -4.82
C LEU GA 144 14.80 7.76 -4.33
N ASP GA 145 15.95 8.38 -4.04
CA ASP GA 145 16.03 9.78 -3.62
C ASP GA 145 16.99 10.54 -4.55
N PHE GA 146 16.42 11.16 -5.58
CA PHE GA 146 17.17 11.96 -6.55
C PHE GA 146 17.72 13.27 -5.97
N ALA GA 147 16.92 13.91 -5.10
CA ALA GA 147 17.11 15.32 -4.73
C ALA GA 147 18.42 15.69 -4.03
N GLU GA 148 19.07 14.72 -3.38
CA GLU GA 148 20.22 15.01 -2.50
C GLU GA 148 21.52 15.17 -3.32
N SER GA 149 21.73 16.39 -3.83
CA SER GA 149 22.93 16.80 -4.61
C SER GA 149 23.17 16.11 -5.98
N GLY GA 150 22.40 15.06 -6.29
CA GLY GA 150 22.77 14.13 -7.36
C GLY GA 150 24.03 13.37 -7.01
N GLN GA 151 24.02 12.68 -5.86
CA GLN GA 151 25.10 11.77 -5.45
C GLN GA 151 24.58 10.32 -5.50
N VAL GA 152 24.19 9.93 -6.71
CA VAL GA 152 23.78 8.56 -7.04
C VAL GA 152 24.56 8.19 -8.29
N TYR GA 153 25.32 7.10 -8.23
CA TYR GA 153 26.39 6.89 -9.21
C TYR GA 153 27.00 5.49 -9.18
N PHE GA 154 27.84 5.25 -10.19
CA PHE GA 154 28.34 3.94 -10.52
C PHE GA 154 29.54 4.21 -11.39
N GLY GA 155 30.72 3.78 -10.97
CA GLY GA 155 31.94 4.09 -11.69
C GLY GA 155 32.96 2.98 -11.63
N ILE GA 156 33.89 3.01 -12.59
CA ILE GA 156 35.08 2.15 -12.55
C ILE GA 156 36.37 2.93 -12.83
N ILE GA 157 37.49 2.35 -12.43
CA ILE GA 157 38.81 2.97 -12.58
C ILE GA 157 39.83 1.86 -12.86
N ALA GA 158 40.49 1.94 -14.01
CA ALA GA 158 41.52 0.98 -14.38
C ALA GA 158 42.74 1.22 -13.55
N LEU GA 159 43.34 0.14 -13.04
CA LEU GA 159 44.62 0.21 -12.33
C LEU GA 159 45.77 -0.03 -13.31
N SER HA 11 51.37 -0.11 -11.91
CA SER HA 11 51.05 -1.16 -12.94
C SER HA 11 51.00 -2.61 -12.41
N ASP HA 12 51.78 -2.89 -11.36
CA ASP HA 12 51.77 -4.20 -10.69
C ASP HA 12 51.74 -3.96 -9.16
N LYS HA 13 50.68 -3.27 -8.73
CA LYS HA 13 50.51 -2.90 -7.34
C LYS HA 13 49.88 -4.08 -6.57
N PRO HA 14 50.41 -4.42 -5.38
CA PRO HA 14 49.77 -5.40 -4.49
C PRO HA 14 48.29 -5.13 -4.35
N VAL HA 15 47.48 -6.13 -4.68
CA VAL HA 15 46.02 -6.02 -4.56
C VAL HA 15 45.39 -7.38 -4.35
N ALA HA 16 44.20 -7.36 -3.77
CA ALA HA 16 43.48 -8.55 -3.37
C ALA HA 16 42.01 -8.24 -3.16
N HIS HA 17 41.17 -9.20 -3.52
CA HIS HA 17 39.74 -9.20 -3.19
C HIS HA 17 39.47 -10.61 -2.73
N VAL HA 18 38.75 -10.78 -1.64
CA VAL HA 18 38.34 -12.11 -1.19
C VAL HA 18 36.92 -12.07 -0.64
N VAL HA 19 36.25 -13.22 -0.68
CA VAL HA 19 34.84 -13.33 -0.29
C VAL HA 19 34.60 -14.57 0.56
N ALA HA 20 33.50 -14.52 1.32
CA ALA HA 20 33.12 -15.61 2.22
C ALA HA 20 32.88 -16.87 1.45
N ASN HA 21 33.52 -17.93 1.90
CA ASN HA 21 33.30 -19.27 1.38
C ASN HA 21 31.91 -19.70 1.83
N PRO HA 22 30.96 -19.86 0.89
CA PRO HA 22 29.60 -20.22 1.31
C PRO HA 22 29.46 -21.67 1.83
N GLN HA 23 30.41 -22.53 1.48
CA GLN HA 23 30.45 -23.92 1.94
C GLN HA 23 30.54 -24.03 3.48
N ALA HA 24 31.37 -23.18 4.09
CA ALA HA 24 31.56 -23.17 5.54
C ALA HA 24 30.45 -22.35 6.21
N GLU HA 25 29.57 -23.03 6.95
CA GLU HA 25 28.27 -22.46 7.35
C GLU HA 25 28.30 -21.58 8.61
N GLY HA 26 28.75 -22.14 9.73
CA GLY HA 26 28.74 -21.43 11.02
C GLY HA 26 30.02 -20.64 11.26
N GLN HA 27 30.52 -20.01 10.21
CA GLN HA 27 31.89 -19.47 10.22
C GLN HA 27 32.19 -18.65 8.98
N LEU HA 28 33.09 -17.66 9.15
CA LEU HA 28 33.55 -16.81 8.06
C LEU HA 28 34.93 -17.29 7.60
N GLN HA 29 35.05 -17.50 6.30
CA GLN HA 29 36.28 -17.98 5.70
C GLN HA 29 36.47 -17.35 4.32
N TRP HA 30 37.60 -16.65 4.13
CA TRP HA 30 37.84 -15.90 2.90
C TRP HA 30 38.47 -16.83 1.87
N LEU HA 31 38.29 -16.49 0.59
CA LEU HA 31 38.73 -17.31 -0.56
C LEU HA 31 39.09 -16.46 -1.80
N ASN HA 32 40.10 -16.92 -2.55
CA ASN HA 32 40.49 -16.35 -3.86
C ASN HA 32 40.28 -17.27 -5.08
N ARG HA 33 40.28 -18.59 -4.89
CA ARG HA 33 39.94 -19.55 -5.96
C ARG HA 33 38.46 -19.45 -6.34
N ARG HA 34 38.11 -18.30 -6.90
CA ARG HA 34 36.75 -17.96 -7.23
C ARG HA 34 36.80 -17.01 -8.43
N ALA HA 35 35.86 -17.16 -9.34
CA ALA HA 35 35.63 -16.16 -10.38
C ALA HA 35 35.29 -14.84 -9.67
N ASN HA 36 35.96 -13.77 -10.07
CA ASN HA 36 35.85 -12.46 -9.42
C ASN HA 36 36.37 -12.46 -7.98
N ALA HA 37 37.40 -13.26 -7.74
CA ALA HA 37 38.20 -13.14 -6.52
C ALA HA 37 39.66 -13.41 -6.88
N LEU HA 38 40.55 -12.65 -6.23
CA LEU HA 38 41.94 -12.55 -6.66
C LEU HA 38 42.93 -12.18 -5.56
N LEU HA 39 44.20 -12.38 -5.91
CA LEU HA 39 45.34 -12.12 -5.06
C LEU HA 39 46.53 -11.88 -5.98
N ALA HA 40 46.75 -10.62 -6.32
CA ALA HA 40 47.78 -10.26 -7.29
C ALA HA 40 48.98 -9.63 -6.61
N ASN HA 41 50.08 -9.56 -7.36
CA ASN HA 41 51.24 -8.75 -7.00
C ASN HA 41 51.71 -8.86 -5.54
N GLY HA 42 51.74 -10.09 -5.04
CA GLY HA 42 52.34 -10.40 -3.75
C GLY HA 42 51.41 -10.56 -2.57
N VAL HA 43 50.15 -10.16 -2.70
CA VAL HA 43 49.21 -10.28 -1.59
C VAL HA 43 48.84 -11.75 -1.46
N GLU HA 44 49.02 -12.32 -0.26
CA GLU HA 44 48.70 -13.74 -0.02
C GLU HA 44 47.64 -13.88 1.04
N LEU HA 45 46.75 -14.86 0.89
CA LEU HA 45 45.80 -15.21 1.92
C LEU HA 45 46.38 -16.40 2.67
N ARG HA 46 46.56 -16.22 3.97
CA ARG HA 46 47.05 -17.27 4.85
C ARG HA 46 46.36 -17.15 6.23
N ASP HA 47 46.16 -18.29 6.90
CA ASP HA 47 45.35 -18.36 8.13
C ASP HA 47 44.21 -17.33 8.23
N ASN HA 48 43.32 -17.31 7.24
CA ASN HA 48 42.13 -16.43 7.22
C ASN HA 48 42.48 -14.94 7.27
N GLN HA 49 43.68 -14.59 6.77
CA GLN HA 49 44.22 -13.23 6.83
C GLN HA 49 44.99 -12.87 5.57
N LEU HA 50 44.92 -11.60 5.18
CA LEU HA 50 45.70 -11.07 4.04
C LEU HA 50 47.09 -10.63 4.48
N VAL HA 51 48.09 -10.89 3.65
CA VAL HA 51 49.51 -10.84 4.02
C VAL HA 51 50.21 -9.86 3.10
N VAL HA 52 50.55 -8.68 3.63
CA VAL HA 52 51.06 -7.58 2.80
C VAL HA 52 52.46 -7.90 2.25
N PRO HA 53 52.63 -7.87 0.91
CA PRO HA 53 53.95 -8.20 0.35
C PRO HA 53 55.03 -7.17 0.63
N SER HA 54 54.65 -5.91 0.76
CA SER HA 54 55.62 -4.82 0.82
C SER HA 54 55.01 -3.56 1.41
N GLU HA 55 55.84 -2.73 2.01
CA GLU HA 55 55.34 -1.56 2.74
C GLU HA 55 54.75 -0.56 1.76
N GLY HA 56 53.83 0.26 2.28
CA GLY HA 56 53.09 1.22 1.46
C GLY HA 56 51.78 1.69 2.07
N LEU HA 57 51.18 2.67 1.41
CA LEU HA 57 49.85 3.12 1.77
C LEU HA 57 48.90 2.10 1.15
N TYR HA 58 47.83 1.73 1.85
CA TYR HA 58 46.85 0.78 1.33
C TYR HA 58 45.43 1.22 1.61
N LEU HA 59 44.59 1.12 0.58
CA LEU HA 59 43.13 1.21 0.75
C LEU HA 59 42.66 -0.15 1.23
N ILE HA 60 41.88 -0.17 2.29
CA ILE HA 60 41.31 -1.39 2.83
C ILE HA 60 39.82 -1.18 2.85
N TYR HA 61 39.08 -2.22 2.49
CA TYR HA 61 37.62 -2.20 2.51
C TYR HA 61 37.06 -3.55 2.93
N SER HA 62 35.87 -3.55 3.49
CA SER HA 62 35.18 -4.79 3.82
C SER HA 62 33.68 -4.57 3.94
N GLN HA 63 32.91 -5.42 3.25
CA GLN HA 63 31.47 -5.52 3.47
C GLN HA 63 31.18 -6.83 4.16
N VAL HA 64 30.21 -6.80 5.05
CA VAL HA 64 29.58 -8.02 5.52
C VAL HA 64 28.08 -7.77 5.49
N LEU HA 65 27.32 -8.87 5.57
CA LEU HA 65 25.89 -8.79 5.59
C LEU HA 65 25.36 -9.84 6.52
N PHE HA 66 24.69 -9.38 7.59
CA PHE HA 66 23.98 -10.26 8.50
C PHE HA 66 22.51 -10.18 8.18
N LYS HA 67 21.78 -11.20 8.62
CA LYS HA 67 20.36 -11.33 8.36
C LYS HA 67 19.78 -12.33 9.33
N GLY HA 68 18.70 -11.93 10.00
CA GLY HA 68 18.03 -12.78 10.97
C GLY HA 68 16.55 -12.81 10.70
N GLN HA 69 15.90 -13.89 11.15
CA GLN HA 69 14.49 -14.15 10.91
C GLN HA 69 13.69 -13.69 12.12
N GLY HA 70 13.53 -12.38 12.26
CA GLY HA 70 12.83 -11.80 13.41
C GLY HA 70 13.78 -11.70 14.57
N CYS HA 71 13.26 -11.35 15.75
CA CYS HA 71 14.12 -11.05 16.89
C CYS HA 71 13.62 -11.60 18.21
N PRO HA 72 14.40 -12.51 18.84
CA PRO HA 72 14.00 -13.06 20.14
C PRO HA 72 14.28 -12.13 21.32
N SER HA 73 15.13 -11.10 21.12
CA SER HA 73 15.56 -10.21 22.19
C SER HA 73 16.21 -8.94 21.64
N THR HA 74 16.17 -7.87 22.44
CA THR HA 74 16.81 -6.60 22.08
C THR HA 74 18.35 -6.66 22.17
N HIS HA 75 18.87 -7.54 23.04
CA HIS HA 75 20.31 -7.67 23.27
C HIS HA 75 21.18 -8.24 22.18
N VAL HA 76 20.60 -8.64 21.05
CA VAL HA 76 21.38 -9.16 19.94
C VAL HA 76 22.31 -8.03 19.53
N LEU HA 77 23.58 -8.40 19.34
CA LEU HA 77 24.67 -7.46 19.16
C LEU HA 77 25.53 -7.90 17.99
N LEU HA 78 25.66 -7.03 16.99
CA LEU HA 78 26.47 -7.30 15.80
C LEU HA 78 27.75 -6.43 15.79
N THR HA 79 28.88 -7.04 15.43
CA THR HA 79 30.17 -6.34 15.32
C THR HA 79 30.99 -6.84 14.13
N HIS HA 80 31.83 -5.94 13.63
CA HIS HA 80 32.64 -6.23 12.44
C HIS HA 80 33.90 -5.37 12.49
N THR HA 81 35.01 -6.00 12.10
CA THR HA 81 36.34 -5.58 12.51
C THR HA 81 37.38 -5.73 11.41
N ILE HA 82 38.36 -4.83 11.37
CA ILE HA 82 39.61 -5.04 10.61
C ILE HA 82 40.80 -4.61 11.46
N SER HA 83 41.77 -5.53 11.62
CA SER HA 83 42.88 -5.39 12.59
C SER HA 83 44.25 -5.75 11.99
N ARG HA 84 45.20 -4.82 12.06
CA ARG HA 84 46.57 -5.03 11.53
C ARG HA 84 47.35 -5.79 12.59
N ILE HA 85 48.28 -6.65 12.16
CA ILE HA 85 49.14 -7.44 13.06
C ILE HA 85 50.58 -7.47 12.55
N ALA HA 86 51.36 -6.47 12.94
CA ALA HA 86 52.72 -6.28 12.43
C ALA HA 86 53.62 -7.39 12.88
N VAL HA 87 54.70 -7.61 12.13
CA VAL HA 87 55.63 -8.65 12.51
C VAL HA 87 56.40 -8.17 13.76
N SER HA 88 57.09 -7.02 13.64
CA SER HA 88 57.90 -6.46 14.75
C SER HA 88 57.07 -6.40 16.03
N TYR HA 89 55.94 -5.70 15.92
CA TYR HA 89 55.06 -5.42 17.04
C TYR HA 89 54.36 -6.67 17.64
N GLN HA 90 53.79 -7.52 16.79
CA GLN HA 90 53.10 -8.79 17.23
C GLN HA 90 51.97 -8.61 18.26
N THR HA 91 51.30 -7.46 18.29
CA THR HA 91 50.09 -7.33 19.12
C THR HA 91 49.04 -6.69 18.25
N LYS HA 92 47.79 -7.04 18.56
CA LYS HA 92 46.68 -6.71 17.68
C LYS HA 92 46.35 -5.22 17.76
N VAL HA 93 46.05 -4.65 16.61
CA VAL HA 93 45.84 -3.23 16.46
C VAL HA 93 44.63 -3.15 15.59
N ASN HA 94 43.54 -2.69 16.16
CA ASN HA 94 42.35 -2.43 15.39
C ASN HA 94 42.63 -1.26 14.46
N LEU HA 95 42.12 -1.36 13.25
CA LEU HA 95 42.09 -0.25 12.30
C LEU HA 95 40.66 0.27 12.19
N LEU HA 96 39.70 -0.62 11.96
CA LEU HA 96 38.30 -0.21 11.78
C LEU HA 96 37.29 -1.07 12.59
N SER HA 97 36.18 -0.43 12.93
CA SER HA 97 35.21 -0.96 13.90
C SER HA 97 33.79 -0.49 13.63
N ALA HA 98 32.84 -1.32 14.05
CA ALA HA 98 31.42 -1.06 13.84
C ALA HA 98 30.60 -2.01 14.72
N ILE HA 99 29.66 -1.44 15.47
CA ILE HA 99 28.79 -2.17 16.37
C ILE HA 99 27.36 -1.72 16.08
N LYS HA 100 26.50 -2.69 15.77
CA LYS HA 100 25.10 -2.41 15.51
C LYS HA 100 24.22 -3.28 16.40
N SER HA 101 23.20 -2.66 17.00
CA SER HA 101 22.18 -3.35 17.76
C SER HA 101 20.96 -3.35 16.86
N PRO HA 102 20.74 -4.46 16.13
CA PRO HA 102 19.70 -4.50 15.09
C PRO HA 102 18.27 -4.69 15.60
N CYS HA 103 18.07 -4.85 16.90
CA CYS HA 103 16.74 -4.94 17.48
C CYS HA 103 16.57 -4.07 18.72
N GLN HA 104 15.63 -3.14 18.60
CA GLN HA 104 15.15 -2.34 19.72
C GLN HA 104 13.86 -2.92 20.29
N ARG HA 105 13.32 -3.98 19.67
CA ARG HA 105 12.15 -4.70 20.20
C ARG HA 105 12.05 -6.13 19.62
N GLU HA 106 11.42 -7.04 20.37
CA GLU HA 106 11.24 -8.44 19.93
C GLU HA 106 10.07 -8.61 18.94
N THR HA 107 10.01 -9.78 18.32
CA THR HA 107 8.96 -10.12 17.34
C THR HA 107 7.65 -10.69 17.92
N PRO HA 108 7.71 -11.81 18.67
CA PRO HA 108 6.48 -12.58 18.92
C PRO HA 108 5.54 -11.92 19.92
N ALA HA 113 7.78 -14.37 12.92
CA ALA HA 113 9.14 -13.86 13.14
C ALA HA 113 9.74 -13.31 11.83
N LYS HA 114 9.47 -12.03 11.59
CA LYS HA 114 9.73 -11.36 10.28
C LYS HA 114 11.13 -10.72 10.21
N PRO HA 115 11.76 -10.76 9.01
CA PRO HA 115 13.21 -10.62 8.90
C PRO HA 115 13.77 -9.21 9.14
N TRP HA 116 15.10 -9.14 9.18
CA TRP HA 116 15.84 -7.88 9.13
C TRP HA 116 17.19 -8.07 8.45
N TYR HA 117 17.82 -6.95 8.10
CA TYR HA 117 19.10 -6.93 7.42
C TYR HA 117 20.02 -5.84 7.95
N GLU HA 118 21.26 -6.23 8.27
CA GLU HA 118 22.35 -5.28 8.57
C GLU HA 118 23.59 -5.56 7.72
N PRO HA 119 23.78 -4.81 6.60
CA PRO HA 119 25.09 -4.76 5.96
C PRO HA 119 26.03 -3.86 6.76
N ILE HA 120 27.29 -4.22 6.89
CA ILE HA 120 28.26 -3.35 7.56
C ILE HA 120 29.43 -3.13 6.62
N TYR HA 121 29.47 -1.93 6.04
CA TYR HA 121 30.57 -1.53 5.20
C TYR HA 121 31.64 -0.86 6.06
N LEU HA 122 32.88 -1.34 5.93
CA LEU HA 122 34.06 -0.68 6.50
C LEU HA 122 35.06 -0.31 5.41
N GLY HA 123 35.94 0.63 5.74
CA GLY HA 123 37.10 0.92 4.93
C GLY HA 123 37.83 2.20 5.31
N GLY HA 124 39.07 2.31 4.83
CA GLY HA 124 39.86 3.55 4.99
C GLY HA 124 41.15 3.42 4.20
N VAL HA 125 42.16 4.21 4.55
CA VAL HA 125 43.44 4.18 3.81
C VAL HA 125 44.57 4.34 4.83
N PHE HA 126 45.57 3.47 4.72
CA PHE HA 126 46.37 3.02 5.87
C PHE HA 126 47.81 2.67 5.50
N GLN HA 127 48.74 3.18 6.31
CA GLN HA 127 50.15 2.84 6.19
C GLN HA 127 50.32 1.42 6.75
N LEU HA 128 50.88 0.51 5.94
CA LEU HA 128 51.25 -0.83 6.41
C LEU HA 128 52.70 -1.15 6.09
N GLU HA 129 53.36 -1.90 6.98
CA GLU HA 129 54.68 -2.49 6.70
C GLU HA 129 54.58 -3.89 6.03
N LYS HA 130 55.72 -4.32 5.48
CA LYS HA 130 55.90 -5.65 4.90
C LYS HA 130 55.52 -6.72 5.90
N GLY HA 131 54.79 -7.73 5.45
CA GLY HA 131 54.36 -8.86 6.32
C GLY HA 131 53.17 -8.58 7.24
N ASP HA 132 52.58 -7.39 7.10
CA ASP HA 132 51.49 -7.01 7.99
C ASP HA 132 50.31 -7.93 7.71
N ARG HA 133 49.88 -8.69 8.70
CA ARG HA 133 48.71 -9.59 8.53
C ARG HA 133 47.42 -8.87 8.93
N LEU HA 134 46.51 -8.72 7.98
CA LEU HA 134 45.21 -8.07 8.21
C LEU HA 134 44.10 -9.12 8.33
N SER HA 135 43.22 -8.94 9.31
CA SER HA 135 42.12 -9.89 9.55
C SER HA 135 40.80 -9.13 9.54
N ALA HA 136 39.84 -9.61 8.75
CA ALA HA 136 38.46 -9.12 8.80
C ALA HA 136 37.69 -10.14 9.61
N GLU HA 137 36.85 -9.65 10.53
CA GLU HA 137 36.26 -10.49 11.54
C GLU HA 137 34.89 -9.98 11.94
N ILE HA 138 34.09 -10.93 12.44
CA ILE HA 138 32.76 -10.68 12.99
C ILE HA 138 32.58 -11.50 14.25
N ASN HA 139 31.54 -11.19 15.01
CA ASN HA 139 31.19 -11.93 16.23
C ASN HA 139 30.21 -13.04 15.97
N ARG HA 140 29.19 -12.75 15.16
CA ARG HA 140 28.07 -13.65 14.89
C ARG HA 140 28.15 -14.24 13.49
N PRO HA 141 28.91 -15.34 13.33
CA PRO HA 141 28.96 -15.95 12.00
C PRO HA 141 27.62 -16.63 11.62
N ASP HA 142 26.91 -17.23 12.57
CA ASP HA 142 25.55 -17.75 12.34
C ASP HA 142 24.57 -16.76 11.68
N TYR HA 143 24.69 -15.47 11.95
CA TYR HA 143 23.84 -14.44 11.33
C TYR HA 143 24.31 -13.90 9.93
N LEU HA 144 25.42 -14.41 9.40
CA LEU HA 144 25.92 -14.10 8.02
C LEU HA 144 24.95 -14.36 6.88
N ASP HA 145 25.35 -13.91 5.69
CA ASP HA 145 24.57 -14.10 4.46
C ASP HA 145 25.41 -14.29 3.18
N PHE HA 146 25.16 -15.37 2.47
CA PHE HA 146 25.61 -15.54 1.09
C PHE HA 146 24.57 -16.37 0.28
N ALA HA 147 23.32 -15.92 0.36
CA ALA HA 147 22.24 -16.47 -0.45
C ALA HA 147 22.64 -16.31 -1.91
N GLU HA 148 22.91 -15.07 -2.30
CA GLU HA 148 23.60 -14.78 -3.55
C GLU HA 148 25.01 -14.35 -3.14
N SER HA 149 25.85 -14.15 -4.14
CA SER HA 149 27.24 -13.77 -3.95
C SER HA 149 27.42 -12.27 -4.10
N GLY HA 150 28.61 -11.80 -3.71
CA GLY HA 150 28.96 -10.38 -3.67
C GLY HA 150 28.45 -9.66 -2.44
N GLN HA 151 28.23 -10.42 -1.37
CA GLN HA 151 27.55 -9.92 -0.16
C GLN HA 151 28.46 -9.79 1.05
N VAL HA 152 29.49 -10.63 1.09
CA VAL HA 152 30.46 -10.64 2.15
C VAL HA 152 31.79 -10.61 1.43
N TYR HA 153 32.52 -9.51 1.58
CA TYR HA 153 33.80 -9.32 0.90
C TYR HA 153 34.76 -8.42 1.68
N PHE HA 154 36.02 -8.56 1.33
CA PHE HA 154 37.12 -7.95 2.05
C PHE HA 154 38.28 -7.97 1.09
N GLY HA 155 38.95 -6.82 0.95
CA GLY HA 155 40.04 -6.68 0.00
C GLY HA 155 40.84 -5.41 0.18
N ILE HA 156 41.99 -5.35 -0.49
CA ILE HA 156 42.94 -4.24 -0.35
C ILE HA 156 43.58 -3.81 -1.65
N ILE HA 157 44.12 -2.60 -1.65
CA ILE HA 157 44.81 -2.02 -2.80
C ILE HA 157 46.00 -1.16 -2.33
N ALA HA 158 47.18 -1.37 -2.91
CA ALA HA 158 48.31 -0.44 -2.75
C ALA HA 158 48.06 0.75 -3.66
N LEU HA 159 48.25 1.98 -3.15
CA LEU HA 159 47.92 3.23 -3.89
C LEU HA 159 49.17 4.07 -4.21
N PRO IA 10 24.27 16.35 -12.48
CA PRO IA 10 25.49 16.71 -11.79
C PRO IA 10 25.28 17.45 -10.46
N SER IA 11 26.39 17.85 -9.84
CA SER IA 11 26.42 18.55 -8.54
C SER IA 11 26.22 20.06 -8.69
N ASP IA 12 25.83 20.71 -7.59
CA ASP IA 12 25.82 22.19 -7.49
C ASP IA 12 27.13 22.74 -6.91
N LYS IA 13 27.97 21.86 -6.36
CA LYS IA 13 29.18 22.24 -5.62
C LYS IA 13 30.34 22.55 -6.58
N PRO IA 14 30.99 23.74 -6.43
CA PRO IA 14 32.17 24.14 -7.24
C PRO IA 14 33.38 23.17 -7.23
N VAL IA 15 33.95 22.91 -8.42
CA VAL IA 15 35.04 21.92 -8.63
C VAL IA 15 35.91 22.24 -9.87
N ALA IA 16 37.14 21.67 -9.91
CA ALA IA 16 38.10 21.90 -11.01
C ALA IA 16 39.38 21.03 -10.92
N HIS IA 17 39.85 20.52 -12.07
CA HIS IA 17 41.07 19.67 -12.17
C HIS IA 17 41.72 19.89 -13.55
N VAL IA 18 42.96 20.40 -13.57
CA VAL IA 18 43.67 20.77 -14.82
C VAL IA 18 44.97 19.99 -15.01
N VAL IA 19 45.45 19.94 -16.25
CA VAL IA 19 46.63 19.15 -16.61
C VAL IA 19 47.63 19.99 -17.40
N ALA IA 20 48.91 19.70 -17.20
CA ALA IA 20 49.98 20.39 -17.92
C ALA IA 20 50.01 19.97 -19.39
N ASN IA 21 50.65 20.80 -20.20
CA ASN IA 21 50.66 20.66 -21.65
C ASN IA 21 51.92 19.96 -22.14
N PRO IA 22 51.79 18.76 -22.74
CA PRO IA 22 52.93 18.21 -23.50
C PRO IA 22 53.49 19.16 -24.59
N GLN IA 23 52.63 19.97 -25.20
CA GLN IA 23 53.03 20.92 -26.26
C GLN IA 23 53.86 22.12 -25.77
N ALA IA 24 53.54 22.63 -24.58
CA ALA IA 24 54.06 23.93 -24.10
C ALA IA 24 55.58 23.91 -23.86
N GLU IA 25 56.25 24.98 -24.30
CA GLU IA 25 57.71 25.03 -24.38
C GLU IA 25 58.35 25.90 -23.29
N GLY IA 26 58.47 25.31 -22.10
CA GLY IA 26 59.23 25.87 -20.98
C GLY IA 26 58.44 26.70 -19.97
N GLN IA 27 57.19 26.32 -19.72
CA GLN IA 27 56.36 27.00 -18.71
C GLN IA 27 55.19 26.12 -18.27
N LEU IA 28 54.86 26.21 -16.97
CA LEU IA 28 53.79 25.42 -16.36
C LEU IA 28 52.43 25.98 -16.76
N GLN IA 29 51.96 25.52 -17.92
CA GLN IA 29 50.74 26.01 -18.56
C GLN IA 29 49.62 24.99 -18.40
N TRP IA 30 48.54 25.39 -17.72
CA TRP IA 30 47.44 24.49 -17.38
C TRP IA 30 46.43 24.37 -18.53
N LEU IA 31 45.71 23.24 -18.54
CA LEU IA 31 44.74 22.90 -19.60
C LEU IA 31 43.49 22.28 -18.97
N ASN IA 32 42.31 22.64 -19.50
CA ASN IA 32 41.03 22.26 -18.90
C ASN IA 32 40.09 21.42 -19.78
N ARG IA 33 40.00 21.72 -21.09
CA ARG IA 33 39.17 20.95 -22.03
C ARG IA 33 40.01 19.97 -22.84
N ARG IA 34 40.39 18.87 -22.17
CA ARG IA 34 41.07 17.72 -22.79
C ARG IA 34 40.55 16.42 -22.14
N ALA IA 35 41.02 15.27 -22.63
CA ALA IA 35 40.60 13.94 -22.14
C ALA IA 35 40.87 13.68 -20.65
N ASN IA 36 41.92 14.30 -20.11
CA ASN IA 36 42.26 14.18 -18.69
C ASN IA 36 41.42 15.06 -17.76
N ALA IA 37 41.14 16.31 -18.19
CA ALA IA 37 40.62 17.38 -17.32
C ALA IA 37 39.17 17.80 -17.61
N LEU IA 38 38.57 18.54 -16.67
CA LEU IA 38 37.19 19.10 -16.81
C LEU IA 38 36.89 20.14 -15.70
N LEU IA 39 35.81 20.92 -15.88
CA LEU IA 39 35.33 21.91 -14.87
C LEU IA 39 33.80 21.85 -14.66
N ALA IA 40 33.31 22.42 -13.54
CA ALA IA 40 31.85 22.49 -13.26
C ALA IA 40 31.43 23.55 -12.24
N ASN IA 41 30.20 24.06 -12.39
CA ASN IA 41 29.56 25.00 -11.46
C ASN IA 41 30.25 26.35 -11.30
N GLY IA 42 30.45 27.04 -12.42
CA GLY IA 42 30.91 28.43 -12.42
C GLY IA 42 32.38 28.74 -12.14
N VAL IA 43 33.20 27.72 -11.89
CA VAL IA 43 34.64 27.91 -11.65
C VAL IA 43 35.34 28.05 -12.99
N GLU IA 44 36.03 29.18 -13.18
CA GLU IA 44 36.69 29.49 -14.45
C GLU IA 44 38.21 29.52 -14.28
N LEU IA 45 38.91 29.12 -15.34
CA LEU IA 45 40.36 29.34 -15.47
C LEU IA 45 40.58 30.58 -16.35
N ARG IA 46 41.45 31.47 -15.89
CA ARG IA 46 41.85 32.66 -16.65
C ARG IA 46 43.17 33.18 -16.08
N ASP IA 47 44.13 33.46 -16.98
CA ASP IA 47 45.50 33.86 -16.60
C ASP IA 47 46.18 32.80 -15.71
N ASN IA 48 45.98 31.53 -16.06
CA ASN IA 48 46.62 30.38 -15.39
C ASN IA 48 46.25 30.21 -13.90
N GLN IA 49 45.10 30.77 -13.48
CA GLN IA 49 44.69 30.85 -12.06
C GLN IA 49 43.21 30.48 -11.90
N LEU IA 50 42.85 29.90 -10.76
CA LEU IA 50 41.48 29.41 -10.51
C LEU IA 50 40.63 30.34 -9.63
N VAL IA 51 39.38 30.56 -10.05
CA VAL IA 51 38.47 31.52 -9.41
C VAL IA 51 37.37 30.84 -8.59
N VAL IA 52 37.02 31.48 -7.47
CA VAL IA 52 35.98 31.02 -6.56
C VAL IA 52 34.66 31.72 -6.94
N PRO IA 53 33.65 30.98 -7.44
CA PRO IA 53 32.34 31.57 -7.79
C PRO IA 53 31.38 31.76 -6.61
N SER IA 54 31.59 31.03 -5.51
CA SER IA 54 30.86 31.25 -4.27
C SER IA 54 31.78 30.89 -3.10
N GLU IA 55 31.72 31.65 -2.00
CA GLU IA 55 32.64 31.44 -0.87
C GLU IA 55 32.31 30.20 -0.07
N GLY IA 56 33.34 29.64 0.57
CA GLY IA 56 33.18 28.50 1.46
C GLY IA 56 34.48 27.79 1.74
N LEU IA 57 34.36 26.52 2.14
CA LEU IA 57 35.52 25.65 2.38
C LEU IA 57 35.86 24.89 1.12
N TYR IA 58 37.13 24.98 0.72
CA TYR IA 58 37.60 24.38 -0.50
C TYR IA 58 38.81 23.55 -0.17
N LEU IA 59 38.84 22.35 -0.74
CA LEU IA 59 39.95 21.44 -0.67
C LEU IA 59 40.85 21.86 -1.82
N ILE IA 60 42.16 21.89 -1.60
CA ILE IA 60 43.11 22.34 -2.63
C ILE IA 60 44.21 21.29 -2.74
N TYR IA 61 44.71 21.04 -3.95
CA TYR IA 61 45.80 20.07 -4.15
C TYR IA 61 46.50 20.27 -5.50
N SER IA 62 47.69 19.68 -5.62
CA SER IA 62 48.42 19.71 -6.89
C SER IA 62 49.54 18.67 -6.93
N GLN IA 63 50.20 18.57 -8.09
CA GLN IA 63 51.31 17.64 -8.27
C GLN IA 63 52.16 18.00 -9.48
N VAL IA 64 53.47 17.88 -9.32
CA VAL IA 64 54.46 18.12 -10.40
C VAL IA 64 55.56 17.04 -10.37
N LEU IA 65 55.91 16.53 -11.55
CA LEU IA 65 56.89 15.45 -11.69
C LEU IA 65 58.12 15.98 -12.42
N PHE IA 66 59.21 16.16 -11.67
CA PHE IA 66 60.49 16.58 -12.23
C PHE IA 66 61.34 15.37 -12.58
N LYS IA 67 62.16 15.53 -13.62
CA LYS IA 67 62.97 14.45 -14.17
C LYS IA 67 64.20 15.03 -14.85
N GLY IA 68 65.36 14.40 -14.59
CA GLY IA 68 66.64 14.83 -15.17
C GLY IA 68 67.65 13.70 -15.30
N GLN IA 69 68.62 13.91 -16.19
CA GLN IA 69 69.64 12.90 -16.52
C GLN IA 69 70.97 13.27 -15.86
N GLY IA 70 71.75 12.26 -15.48
CA GLY IA 70 72.98 12.45 -14.70
C GLY IA 70 72.74 13.31 -13.46
N CYS IA 71 73.72 14.15 -13.12
CA CYS IA 71 73.50 15.28 -12.21
C CYS IA 71 74.64 16.30 -12.35
N PRO IA 72 74.31 17.58 -12.61
CA PRO IA 72 75.37 18.58 -12.86
C PRO IA 72 76.13 18.99 -11.59
N SER IA 73 77.18 19.78 -11.78
CA SER IA 73 77.96 20.34 -10.66
C SER IA 73 77.16 21.36 -9.85
N THR IA 74 76.32 22.14 -10.54
CA THR IA 74 75.44 23.12 -9.89
C THR IA 74 74.42 22.48 -8.93
N HIS IA 75 74.24 23.11 -7.77
CA HIS IA 75 73.18 22.71 -6.83
C HIS IA 75 71.82 22.89 -7.50
N VAL IA 76 71.14 21.77 -7.72
CA VAL IA 76 69.80 21.78 -8.28
C VAL IA 76 68.83 21.91 -7.11
N LEU IA 77 67.75 22.65 -7.32
CA LEU IA 77 66.92 23.19 -6.24
C LEU IA 77 65.50 23.41 -6.79
N LEU IA 78 64.54 22.58 -6.40
CA LEU IA 78 63.18 22.53 -7.00
C LEU IA 78 62.11 23.06 -6.04
N THR IA 79 61.16 23.84 -6.54
CA THR IA 79 60.08 24.41 -5.73
C THR IA 79 58.73 24.28 -6.43
N HIS IA 80 57.69 24.24 -5.62
CA HIS IA 80 56.31 24.12 -6.09
C HIS IA 80 55.42 24.84 -5.09
N THR IA 81 54.64 25.80 -5.58
CA THR IA 81 53.85 26.66 -4.71
C THR IA 81 52.43 26.82 -5.24
N ILE IA 82 51.47 26.85 -4.32
CA ILE IA 82 50.10 27.23 -4.61
C ILE IA 82 49.84 28.47 -3.76
N SER IA 83 49.44 29.56 -4.40
CA SER IA 83 49.25 30.85 -3.74
C SER IA 83 47.81 31.32 -3.83
N ARG IA 84 47.46 32.24 -2.92
CA ARG IA 84 46.15 32.87 -2.89
C ARG IA 84 46.30 34.34 -3.23
N ILE IA 85 45.44 34.82 -4.12
CA ILE IA 85 45.42 36.21 -4.52
C ILE IA 85 44.01 36.71 -4.22
N ALA IA 86 43.83 37.23 -3.01
CA ALA IA 86 42.51 37.65 -2.55
C ALA IA 86 42.00 38.89 -3.28
N VAL IA 87 40.70 39.12 -3.19
CA VAL IA 87 40.06 40.29 -3.84
C VAL IA 87 40.37 41.58 -3.06
N SER IA 88 40.27 41.50 -1.73
CA SER IA 88 40.55 42.61 -0.82
C SER IA 88 42.05 42.85 -0.64
N TYR IA 89 42.80 41.78 -0.41
CA TYR IA 89 44.24 41.85 -0.11
C TYR IA 89 45.05 42.16 -1.36
N GLN IA 90 44.82 41.37 -2.42
CA GLN IA 90 45.42 41.57 -3.77
C GLN IA 90 46.87 41.06 -3.95
N THR IA 91 47.61 40.88 -2.85
CA THR IA 91 48.97 40.37 -2.91
C THR IA 91 48.93 38.84 -2.96
N LYS IA 92 49.98 38.25 -3.54
CA LYS IA 92 50.08 36.81 -3.69
C LYS IA 92 50.63 36.20 -2.40
N VAL IA 93 49.82 35.39 -1.74
CA VAL IA 93 50.11 34.84 -0.40
C VAL IA 93 50.20 33.31 -0.47
N ASN IA 94 51.31 32.74 0.03
CA ASN IA 94 51.56 31.30 -0.07
C ASN IA 94 50.67 30.43 0.81
N LEU IA 95 49.85 29.59 0.17
CA LEU IA 95 48.98 28.65 0.89
C LEU IA 95 49.70 27.35 1.17
N LEU IA 96 50.25 26.77 0.11
CA LEU IA 96 50.99 25.52 0.20
C LEU IA 96 52.28 25.70 -0.58
N SER IA 97 53.38 25.18 -0.06
CA SER IA 97 54.65 25.22 -0.79
C SER IA 97 55.64 24.20 -0.27
N ALA IA 98 56.51 23.71 -1.15
CA ALA IA 98 57.49 22.69 -0.79
C ALA IA 98 58.68 22.67 -1.75
N ILE IA 99 59.84 22.33 -1.21
CA ILE IA 99 61.11 22.47 -1.89
C ILE IA 99 61.79 21.12 -1.85
N LYS IA 100 62.47 20.74 -2.94
CA LYS IA 100 63.22 19.48 -3.00
C LYS IA 100 64.55 19.66 -3.72
N SER IA 101 65.55 18.90 -3.30
CA SER IA 101 66.91 18.94 -3.83
C SER IA 101 67.28 17.53 -4.32
N PRO IA 102 67.32 17.32 -5.64
CA PRO IA 102 67.69 16.00 -6.15
C PRO IA 102 69.20 15.74 -6.12
N CYS IA 103 69.98 16.80 -6.34
CA CYS IA 103 71.39 16.69 -6.65
C CYS IA 103 72.24 16.77 -5.37
N GLN IA 104 72.27 15.64 -4.67
CA GLN IA 104 73.13 15.44 -3.50
C GLN IA 104 74.63 15.47 -3.85
N ARG IA 105 75.00 14.97 -5.04
CA ARG IA 105 76.39 14.95 -5.52
C ARG IA 105 76.49 14.94 -7.06
N GLU IA 106 77.56 15.53 -7.60
CA GLU IA 106 77.80 15.62 -9.05
C GLU IA 106 78.31 14.29 -9.65
N THR IA 107 78.46 14.24 -10.98
CA THR IA 107 78.88 13.01 -11.70
C THR IA 107 80.36 12.95 -12.18
N PRO IA 108 80.73 13.67 -13.27
CA PRO IA 108 81.92 13.38 -14.13
C PRO IA 108 83.13 12.64 -13.49
N GLU IA 109 83.40 11.41 -13.98
CA GLU IA 109 84.54 10.60 -13.50
C GLU IA 109 85.01 9.54 -14.53
N GLY IA 110 84.13 8.60 -14.89
CA GLY IA 110 84.46 7.53 -15.86
C GLY IA 110 83.27 6.81 -16.48
N ALA IA 111 82.25 7.58 -16.85
CA ALA IA 111 81.00 7.12 -17.53
C ALA IA 111 79.87 6.59 -16.60
N GLU IA 112 79.00 7.51 -16.16
CA GLU IA 112 77.80 7.16 -15.36
C GLU IA 112 76.78 8.33 -15.30
N ALA IA 113 76.13 8.60 -16.44
CA ALA IA 113 75.22 9.75 -16.58
C ALA IA 113 73.74 9.35 -16.40
N LYS IA 114 73.45 8.71 -15.27
CA LYS IA 114 72.17 8.03 -15.04
C LYS IA 114 71.08 8.95 -14.47
N PRO IA 115 69.79 8.64 -14.72
CA PRO IA 115 68.72 9.62 -14.47
C PRO IA 115 68.29 9.77 -13.02
N TRP IA 116 67.26 10.60 -12.81
CA TRP IA 116 66.51 10.63 -11.55
C TRP IA 116 65.07 11.11 -11.77
N TYR IA 117 64.22 10.80 -10.79
CA TYR IA 117 62.83 11.21 -10.77
C TYR IA 117 62.52 11.64 -9.35
N GLU IA 118 61.96 12.85 -9.19
CA GLU IA 118 61.58 13.37 -7.88
C GLU IA 118 60.23 14.10 -8.02
N PRO IA 119 59.15 13.51 -7.48
CA PRO IA 119 57.83 14.11 -7.54
C PRO IA 119 57.52 15.00 -6.35
N ILE IA 120 56.62 15.97 -6.54
CA ILE IA 120 56.24 16.95 -5.52
C ILE IA 120 54.73 17.18 -5.54
N TYR IA 121 54.09 16.97 -4.38
CA TYR IA 121 52.65 16.98 -4.22
C TYR IA 121 52.31 18.09 -3.24
N LEU IA 122 51.10 18.63 -3.32
CA LEU IA 122 50.61 19.61 -2.34
C LEU IA 122 49.13 19.36 -2.07
N GLY IA 123 48.64 19.90 -0.95
CA GLY IA 123 47.20 20.00 -0.72
C GLY IA 123 46.75 20.16 0.71
N GLY IA 124 45.52 20.67 0.87
CA GLY IA 124 44.91 20.89 2.20
C GLY IA 124 43.73 21.84 2.11
N VAL IA 125 42.87 21.82 3.12
CA VAL IA 125 41.64 22.64 3.08
C VAL IA 125 41.89 24.10 3.46
N PHE IA 126 41.14 25.01 2.83
CA PHE IA 126 41.19 26.46 3.15
C PHE IA 126 39.84 27.15 3.01
N GLN IA 127 39.62 28.16 3.86
CA GLN IA 127 38.48 29.06 3.72
C GLN IA 127 38.79 30.00 2.57
N LEU IA 128 37.84 30.17 1.64
CA LEU IA 128 38.04 31.01 0.46
C LEU IA 128 36.82 31.85 0.15
N GLU IA 129 37.08 33.08 -0.29
CA GLU IA 129 36.03 34.05 -0.64
C GLU IA 129 35.81 34.13 -2.14
N LYS IA 130 34.64 34.67 -2.48
CA LYS IA 130 34.20 34.78 -3.87
C LYS IA 130 35.13 35.72 -4.62
N GLY IA 131 35.71 35.20 -5.70
CA GLY IA 131 36.64 35.95 -6.52
C GLY IA 131 38.13 35.73 -6.23
N ASP IA 132 38.45 34.99 -5.17
CA ASP IA 132 39.87 34.72 -4.85
C ASP IA 132 40.49 33.86 -5.93
N ARG IA 133 41.71 34.21 -6.32
CA ARG IA 133 42.37 33.60 -7.48
C ARG IA 133 43.56 32.80 -6.99
N LEU IA 134 43.65 31.55 -7.46
CA LEU IA 134 44.63 30.58 -6.98
C LEU IA 134 45.61 30.16 -8.06
N SER IA 135 46.83 30.68 -7.95
CA SER IA 135 47.92 30.31 -8.84
C SER IA 135 48.59 29.03 -8.36
N ALA IA 136 49.18 28.31 -9.30
CA ALA IA 136 50.14 27.25 -9.02
C ALA IA 136 51.34 27.52 -9.88
N GLU IA 137 52.53 27.37 -9.30
CA GLU IA 137 53.77 27.73 -9.97
C GLU IA 137 54.89 26.76 -9.63
N ILE IA 138 55.95 26.85 -10.42
CA ILE IA 138 57.21 26.17 -10.15
C ILE IA 138 58.39 27.12 -10.44
N ASN IA 139 59.60 26.63 -10.19
CA ASN IA 139 60.83 27.37 -10.52
C ASN IA 139 61.54 26.88 -11.80
N ARG IA 140 61.58 25.57 -12.03
CA ARG IA 140 62.27 25.01 -13.20
C ARG IA 140 61.32 24.19 -14.10
N PRO IA 141 60.62 24.87 -15.05
CA PRO IA 141 59.79 24.18 -16.06
C PRO IA 141 60.55 23.17 -16.93
N ASP IA 142 61.76 23.52 -17.33
CA ASP IA 142 62.68 22.62 -18.05
C ASP IA 142 62.79 21.19 -17.48
N TYR IA 143 62.79 21.05 -16.16
CA TYR IA 143 62.95 19.74 -15.49
C TYR IA 143 61.66 18.88 -15.42
N LEU IA 144 60.52 19.42 -15.87
CA LEU IA 144 59.25 18.66 -15.94
C LEU IA 144 59.33 17.37 -16.75
N ASP IA 145 58.41 16.45 -16.45
CA ASP IA 145 58.28 15.15 -17.13
C ASP IA 145 56.85 14.99 -17.62
N PHE IA 146 56.70 14.47 -18.84
CA PHE IA 146 55.39 14.16 -19.41
C PHE IA 146 55.40 12.71 -19.90
N ALA IA 147 55.93 11.83 -19.05
CA ALA IA 147 56.02 10.39 -19.35
C ALA IA 147 54.61 9.84 -19.49
N GLU IA 148 53.78 10.14 -18.50
CA GLU IA 148 52.34 9.99 -18.60
C GLU IA 148 51.76 11.39 -18.77
N SER IA 149 50.91 11.56 -19.79
CA SER IA 149 50.06 12.75 -19.89
C SER IA 149 48.90 12.56 -18.91
N GLY IA 150 48.85 13.43 -17.89
CA GLY IA 150 47.89 13.33 -16.78
C GLY IA 150 48.52 13.37 -15.39
N GLN IA 151 49.80 13.01 -15.29
CA GLN IA 151 50.50 12.88 -14.00
C GLN IA 151 50.81 14.24 -13.34
N VAL IA 152 50.83 15.31 -14.13
CA VAL IA 152 51.11 16.67 -13.65
C VAL IA 152 49.82 17.49 -13.62
N TYR IA 153 49.30 17.77 -12.44
CA TYR IA 153 47.96 18.36 -12.31
C TYR IA 153 47.79 19.28 -11.11
N PHE IA 154 46.67 20.00 -11.13
CA PHE IA 154 46.35 21.07 -10.17
C PHE IA 154 44.82 21.12 -10.07
N GLY IA 155 44.28 21.32 -8.87
CA GLY IA 155 42.81 21.32 -8.72
C GLY IA 155 42.27 21.57 -7.31
N ILE IA 156 40.98 21.92 -7.24
CA ILE IA 156 40.26 22.13 -5.97
C ILE IA 156 38.86 21.48 -5.94
N ILE IA 157 38.34 21.24 -4.74
CA ILE IA 157 36.99 20.68 -4.52
C ILE IA 157 36.29 21.40 -3.36
N ALA IA 158 35.15 22.03 -3.62
CA ALA IA 158 34.35 22.67 -2.57
C ALA IA 158 33.62 21.61 -1.75
N LEU IA 159 33.54 21.84 -0.44
CA LEU IA 159 33.05 20.85 0.51
C LEU IA 159 31.56 21.02 0.81
N SER JA 11 24.53 20.74 5.82
CA SER JA 11 25.69 20.02 6.43
C SER JA 11 26.93 20.94 6.54
N ASP JA 12 27.92 20.53 7.32
CA ASP JA 12 29.18 21.28 7.45
C ASP JA 12 30.43 20.42 7.75
N LYS JA 13 30.33 19.49 8.72
CA LYS JA 13 31.33 18.41 8.95
C LYS JA 13 32.73 18.88 9.41
N PRO JA 14 33.17 18.49 10.63
CA PRO JA 14 34.45 18.88 11.25
C PRO JA 14 35.67 18.95 10.33
N VAL JA 15 36.37 20.09 10.36
CA VAL JA 15 37.58 20.29 9.55
C VAL JA 15 38.55 21.24 10.23
N ALA JA 16 39.83 21.02 9.94
CA ALA JA 16 40.89 21.90 10.44
C ALA JA 16 42.11 21.85 9.55
N HIS JA 17 42.82 22.98 9.50
CA HIS JA 17 44.10 23.13 8.82
C HIS JA 17 44.94 24.12 9.63
N VAL JA 18 46.09 23.67 10.13
CA VAL JA 18 46.98 24.48 10.97
C VAL JA 18 48.45 24.36 10.57
N VAL JA 19 49.24 25.31 11.06
CA VAL JA 19 50.58 25.59 10.54
C VAL JA 19 51.56 25.86 11.66
N ALA JA 20 52.85 25.69 11.35
CA ALA JA 20 53.93 25.98 12.31
C ALA JA 20 54.03 27.46 12.65
N ASN JA 21 54.59 27.75 13.82
CA ASN JA 21 54.86 29.12 14.25
C ASN JA 21 56.32 29.47 13.97
N PRO JA 22 56.57 30.50 13.12
CA PRO JA 22 57.93 31.02 12.95
C PRO JA 22 58.58 31.55 14.24
N GLN JA 23 57.79 32.13 15.15
CA GLN JA 23 58.32 32.80 16.35
C GLN JA 23 59.02 31.82 17.29
N ALA JA 24 58.34 30.74 17.65
CA ALA JA 24 58.89 29.74 18.56
C ALA JA 24 59.82 28.82 17.79
N GLU JA 25 61.04 29.30 17.56
CA GLU JA 25 62.03 28.57 16.77
C GLU JA 25 62.62 27.41 17.57
N GLY JA 26 63.09 26.39 16.85
CA GLY JA 26 63.54 25.15 17.47
C GLY JA 26 62.41 24.40 18.15
N GLN JA 27 61.19 24.54 17.61
CA GLN JA 27 60.05 23.72 18.01
C GLN JA 27 58.90 23.83 16.99
N LEU JA 28 58.03 22.83 17.00
CA LEU JA 28 56.88 22.77 16.10
C LEU JA 28 55.59 23.11 16.85
N GLN JA 29 55.31 24.39 17.03
CA GLN JA 29 54.05 24.82 17.64
C GLN JA 29 53.05 25.03 16.52
N TRP JA 30 51.99 24.23 16.52
CA TRP JA 30 50.92 24.38 15.53
C TRP JA 30 50.12 25.61 15.88
N LEU JA 31 49.71 26.36 14.86
CA LEU JA 31 48.93 27.59 15.00
C LEU JA 31 47.75 27.67 14.05
N ASN JA 32 46.62 28.14 14.59
CA ASN JA 32 45.41 28.38 13.80
C ASN JA 32 45.00 29.85 13.69
N ARG JA 33 45.46 30.71 14.61
CA ARG JA 33 45.03 32.12 14.64
C ARG JA 33 45.86 32.90 13.61
N ARG JA 34 45.64 32.57 12.34
CA ARG JA 34 46.52 32.98 11.25
C ARG JA 34 45.75 33.11 9.95
N ALA JA 35 46.28 33.90 9.03
CA ALA JA 35 45.72 34.00 7.68
C ALA JA 35 45.95 32.67 6.97
N ASN JA 36 44.88 32.13 6.37
CA ASN JA 36 44.90 30.81 5.71
C ASN JA 36 45.21 29.66 6.67
N ALA JA 37 44.43 29.62 7.76
CA ALA JA 37 44.45 28.52 8.75
C ALA JA 37 43.19 28.61 9.59
N LEU JA 38 42.58 27.45 9.88
CA LEU JA 38 41.22 27.42 10.46
C LEU JA 38 40.94 26.26 11.39
N LEU JA 39 39.92 26.47 12.23
CA LEU JA 39 39.38 25.47 13.14
C LEU JA 39 37.87 25.67 13.16
N ALA JA 40 37.16 24.92 12.32
CA ALA JA 40 35.72 25.06 12.18
C ALA JA 40 35.02 23.81 12.63
N ASN JA 41 33.72 23.96 12.89
CA ASN JA 41 32.83 22.85 13.21
C ASN JA 41 33.39 21.90 14.27
N GLY JA 42 33.63 22.44 15.45
CA GLY JA 42 34.02 21.64 16.60
C GLY JA 42 35.46 21.16 16.73
N VAL JA 43 36.28 21.33 15.69
CA VAL JA 43 37.67 20.84 15.77
C VAL JA 43 38.41 21.88 16.62
N GLU JA 44 38.87 21.46 17.79
CA GLU JA 44 39.60 22.36 18.67
C GLU JA 44 41.07 22.04 18.58
N LEU JA 45 41.90 23.04 18.83
CA LEU JA 45 43.34 22.87 19.02
C LEU JA 45 43.67 23.11 20.48
N ARG JA 46 44.38 22.17 21.08
CA ARG JA 46 44.72 22.23 22.52
C ARG JA 46 45.89 21.27 22.78
N ASP JA 47 46.62 21.52 23.87
CA ASP JA 47 47.87 20.82 24.17
C ASP JA 47 48.71 20.53 22.91
N ASN JA 48 48.73 21.45 21.95
CA ASN JA 48 49.43 21.26 20.66
C ASN JA 48 48.88 20.06 19.85
N GLN JA 49 47.58 19.82 19.96
CA GLN JA 49 46.94 18.64 19.38
C GLN JA 49 45.54 18.97 18.94
N LEU JA 50 45.09 18.28 17.89
CA LEU JA 50 43.78 18.51 17.30
C LEU JA 50 42.79 17.59 17.93
N VAL JA 51 41.65 18.15 18.34
CA VAL JA 51 40.63 17.43 19.09
C VAL JA 51 39.46 17.13 18.17
N VAL JA 52 39.08 15.85 18.06
CA VAL JA 52 37.90 15.46 17.27
C VAL JA 52 36.60 15.73 18.05
N PRO JA 53 35.63 16.43 17.43
CA PRO JA 53 34.37 16.70 18.12
C PRO JA 53 33.38 15.52 18.14
N SER JA 54 33.23 14.82 17.01
CA SER JA 54 32.23 13.78 16.84
C SER JA 54 32.87 12.64 16.08
N GLU JA 55 32.49 11.41 16.41
CA GLU JA 55 33.15 10.22 15.86
C GLU JA 55 32.82 10.04 14.38
N GLY JA 56 33.72 9.40 13.63
CA GLY JA 56 33.49 9.06 12.23
C GLY JA 56 34.76 8.94 11.41
N LEU JA 57 34.60 8.86 10.09
CA LEU JA 57 35.76 8.81 9.18
C LEU JA 57 36.33 10.19 8.96
N TYR JA 58 37.65 10.23 8.84
CA TYR JA 58 38.39 11.46 8.67
C TYR JA 58 39.58 11.28 7.76
N LEU JA 59 39.83 12.27 6.92
CA LEU JA 59 41.10 12.44 6.23
C LEU JA 59 42.07 13.08 7.21
N ILE JA 60 43.35 12.68 7.14
CA ILE JA 60 44.42 13.23 7.97
C ILE JA 60 45.68 13.46 7.12
N TYR JA 61 46.09 14.71 6.97
CA TYR JA 61 47.28 15.07 6.16
C TYR JA 61 48.24 15.99 6.92
N SER JA 62 49.51 15.95 6.52
CA SER JA 62 50.55 16.74 7.14
C SER JA 62 51.81 16.79 6.31
N GLN JA 63 52.38 17.98 6.19
CA GLN JA 63 53.67 18.18 5.52
C GLN JA 63 54.60 18.81 6.51
N VAL JA 64 55.87 18.42 6.45
CA VAL JA 64 56.95 19.17 7.10
C VAL JA 64 58.10 19.23 6.13
N LEU JA 65 58.87 20.31 6.21
CA LEU JA 65 59.99 20.56 5.32
C LEU JA 65 61.22 20.80 6.16
N PHE JA 66 62.13 19.83 6.17
CA PHE JA 66 63.40 20.02 6.86
C PHE JA 66 64.36 20.65 5.87
N LYS JA 67 65.38 21.31 6.39
CA LYS JA 67 66.38 22.03 5.58
C LYS JA 67 67.69 22.05 6.34
N GLY JA 68 68.79 21.63 5.70
CA GLY JA 68 70.11 21.60 6.34
C GLY JA 68 71.24 22.11 5.46
N GLN JA 69 72.07 22.99 6.01
CA GLN JA 69 73.24 23.56 5.31
C GLN JA 69 74.43 22.61 5.45
N GLY JA 70 74.42 21.55 4.62
CA GLY JA 70 75.51 20.54 4.61
C GLY JA 70 75.26 19.43 5.62
N CYS JA 71 76.14 18.43 5.58
CA CYS JA 71 75.92 17.14 6.27
C CYS JA 71 77.02 16.82 7.29
N PRO JA 72 76.79 17.09 8.60
CA PRO JA 72 77.79 16.78 9.65
C PRO JA 72 78.27 15.32 9.71
N SER JA 73 77.34 14.39 9.59
CA SER JA 73 77.67 12.97 9.41
C SER JA 73 76.55 12.31 8.64
N THR JA 74 76.79 11.06 8.23
CA THR JA 74 75.78 10.26 7.55
C THR JA 74 74.60 9.85 8.44
N HIS JA 75 74.80 9.88 9.76
CA HIS JA 75 73.83 9.34 10.71
C HIS JA 75 72.62 10.26 10.98
N VAL JA 76 72.56 11.43 10.34
CA VAL JA 76 71.42 12.33 10.53
C VAL JA 76 70.14 11.61 10.11
N LEU JA 77 69.07 11.88 10.85
CA LEU JA 77 67.87 11.06 10.82
C LEU JA 77 66.65 11.94 11.13
N LEU JA 78 65.72 11.98 10.18
CA LEU JA 78 64.51 12.79 10.31
C LEU JA 78 63.33 11.88 10.56
N THR JA 79 62.47 12.27 11.51
CA THR JA 79 61.22 11.54 11.76
C THR JA 79 60.04 12.50 11.77
N HIS JA 80 58.95 12.04 11.18
CA HIS JA 80 57.67 12.75 11.20
C HIS JA 80 56.60 11.70 11.49
N THR JA 81 55.54 12.12 12.18
CA THR JA 81 54.64 11.20 12.84
C THR JA 81 53.30 11.84 13.14
N ILE JA 82 52.23 11.12 12.82
CA ILE JA 82 50.90 11.43 13.29
C ILE JA 82 50.46 10.26 14.13
N SER JA 83 49.97 10.59 15.33
CA SER JA 83 49.47 9.61 16.27
C SER JA 83 48.09 10.05 16.74
N ARG JA 84 47.39 9.12 17.37
CA ARG JA 84 46.04 9.36 17.86
C ARG JA 84 46.02 8.82 19.27
N ILE JA 85 45.49 9.62 20.20
CA ILE JA 85 45.32 9.19 21.57
C ILE JA 85 43.83 9.26 21.89
N ALA JA 86 43.30 8.11 22.32
CA ALA JA 86 41.88 7.92 22.45
C ALA JA 86 41.52 8.13 23.88
N VAL JA 87 40.33 8.68 24.10
CA VAL JA 87 39.91 9.04 25.45
C VAL JA 87 39.87 7.81 26.34
N SER JA 88 39.26 6.73 25.84
CA SER JA 88 39.08 5.50 26.63
C SER JA 88 40.36 4.66 26.70
N TYR JA 89 41.08 4.50 25.60
CA TYR JA 89 42.24 3.61 25.56
C TYR JA 89 43.48 4.25 26.18
N GLN JA 90 43.80 5.45 25.70
CA GLN JA 90 44.83 6.35 26.30
C GLN JA 90 46.27 6.11 25.88
N THR JA 91 46.68 4.87 25.57
CA THR JA 91 48.04 4.69 25.05
C THR JA 91 48.12 5.31 23.66
N LYS JA 92 49.30 5.81 23.33
CA LYS JA 92 49.55 6.47 22.04
C LYS JA 92 49.61 5.44 20.90
N VAL JA 93 48.72 5.58 19.93
CA VAL JA 93 48.73 4.71 18.74
C VAL JA 93 49.27 5.51 17.57
N ASN JA 94 50.36 5.03 16.97
CA ASN JA 94 50.77 5.58 15.70
C ASN JA 94 49.82 5.18 14.58
N LEU JA 95 49.58 6.12 13.68
CA LEU JA 95 48.81 5.91 12.47
C LEU JA 95 49.72 6.07 11.27
N LEU JA 96 50.44 7.19 11.22
CA LEU JA 96 51.35 7.51 10.13
C LEU JA 96 52.75 7.85 10.65
N SER JA 97 53.74 7.50 9.85
CA SER JA 97 55.11 7.41 10.32
C SER JA 97 56.06 7.45 9.14
N ALA JA 98 57.12 8.26 9.26
CA ALA JA 98 58.15 8.40 8.21
C ALA JA 98 59.55 8.64 8.78
N ILE JA 99 60.54 8.03 8.14
CA ILE JA 99 61.93 8.13 8.56
C ILE JA 99 62.82 8.38 7.35
N LYS JA 100 63.60 9.44 7.43
CA LYS JA 100 64.40 9.93 6.31
C LYS JA 100 65.85 10.19 6.79
N SER JA 101 66.83 9.68 6.03
CA SER JA 101 68.27 9.83 6.34
C SER JA 101 68.95 10.55 5.18
N PRO JA 102 69.08 11.90 5.28
CA PRO JA 102 69.45 12.72 4.12
C PRO JA 102 70.94 12.79 3.83
N CYS JA 103 71.78 12.23 4.68
CA CYS JA 103 73.21 12.27 4.43
C CYS JA 103 73.75 10.85 4.21
N GLN JA 104 74.00 10.53 2.94
CA GLN JA 104 74.88 9.43 2.54
C GLN JA 104 76.35 9.90 2.43
N ARG JA 105 76.58 11.23 2.32
CA ARG JA 105 77.93 11.82 2.38
C ARG JA 105 77.92 13.34 2.67
N GLU JA 106 79.12 13.89 2.89
CA GLU JA 106 79.30 15.32 3.19
C GLU JA 106 79.27 16.20 1.94
N LYS JA 114 76.32 23.67 1.54
CA LYS JA 114 75.69 22.67 0.68
C LYS JA 114 74.27 22.34 1.18
N PRO JA 115 73.27 23.19 0.84
CA PRO JA 115 71.95 23.02 1.44
C PRO JA 115 71.19 21.83 0.87
N TRP JA 116 70.56 21.05 1.75
CA TRP JA 116 69.62 19.98 1.34
C TRP JA 116 68.23 20.22 1.96
N TYR JA 117 67.20 19.73 1.27
CA TYR JA 117 65.81 19.82 1.75
C TYR JA 117 65.21 18.42 1.82
N GLU JA 118 64.34 18.21 2.81
CA GLU JA 118 63.49 17.00 2.89
C GLU JA 118 62.06 17.40 3.28
N PRO JA 119 61.12 17.38 2.32
CA PRO JA 119 59.70 17.44 2.67
C PRO JA 119 59.21 16.03 3.03
N ILE JA 120 58.23 15.96 3.93
CA ILE JA 120 57.61 14.69 4.28
C ILE JA 120 56.12 14.94 4.38
N TYR JA 121 55.35 14.11 3.68
CA TYR JA 121 53.89 14.22 3.66
C TYR JA 121 53.35 12.91 4.20
N LEU JA 122 52.58 13.01 5.27
CA LEU JA 122 51.86 11.90 5.79
C LEU JA 122 50.41 12.13 5.40
N GLY JA 123 49.73 11.03 5.12
CA GLY JA 123 48.38 11.08 4.60
C GLY JA 123 47.69 9.76 4.77
N GLY JA 124 46.45 9.79 5.26
CA GLY JA 124 45.57 8.64 5.24
C GLY JA 124 44.14 9.03 5.60
N VAL JA 125 43.26 8.03 5.67
CA VAL JA 125 41.84 8.26 5.97
C VAL JA 125 41.43 7.20 6.99
N PHE JA 126 40.94 7.67 8.14
CA PHE JA 126 41.00 6.93 9.40
C PHE JA 126 39.73 7.09 10.21
N GLN JA 127 39.30 6.00 10.85
CA GLN JA 127 38.16 6.05 11.76
C GLN JA 127 38.63 6.65 13.07
N LEU JA 128 37.82 7.58 13.60
CA LEU JA 128 38.14 8.28 14.85
C LEU JA 128 36.93 8.35 15.77
N GLU JA 129 37.20 8.23 17.07
CA GLU JA 129 36.19 8.36 18.11
C GLU JA 129 36.16 9.80 18.59
N LYS JA 130 35.13 10.11 19.36
CA LYS JA 130 34.94 11.43 19.95
C LYS JA 130 36.12 11.79 20.88
N GLY JA 131 36.54 13.05 20.79
CA GLY JA 131 37.61 13.59 21.65
C GLY JA 131 38.98 12.97 21.46
N ASP JA 132 39.24 12.38 20.31
CA ASP JA 132 40.56 11.84 20.06
C ASP JA 132 41.50 13.01 19.82
N ARG JA 133 42.69 12.91 20.40
CA ARG JA 133 43.73 13.93 20.26
C ARG JA 133 44.78 13.48 19.22
N LEU JA 134 44.92 14.24 18.15
CA LEU JA 134 45.88 13.92 17.08
C LEU JA 134 47.11 14.83 17.14
N SER JA 135 48.24 14.33 16.65
CA SER JA 135 49.53 14.91 16.96
C SER JA 135 50.55 14.73 15.84
N ALA JA 136 50.79 15.80 15.10
CA ALA JA 136 51.86 15.85 14.12
C ALA JA 136 53.14 16.22 14.85
N GLU JA 137 54.11 15.33 14.75
CA GLU JA 137 55.32 15.45 15.52
C GLU JA 137 56.52 15.24 14.66
N ILE JA 138 57.65 15.74 15.14
CA ILE JA 138 58.95 15.55 14.53
C ILE JA 138 60.00 15.44 15.63
N ASN JA 139 61.19 14.97 15.27
CA ASN JA 139 62.27 14.81 16.24
C ASN JA 139 63.32 15.91 16.21
N ARG JA 140 63.56 16.47 15.02
CA ARG JA 140 64.56 17.50 14.80
C ARG JA 140 63.93 18.85 14.42
N PRO JA 141 63.32 19.55 15.40
CA PRO JA 141 62.76 20.88 15.07
C PRO JA 141 63.84 21.88 14.63
N ASP JA 142 65.01 21.81 15.24
CA ASP JA 142 66.17 22.58 14.78
C ASP JA 142 66.48 22.53 13.28
N TYR JA 143 65.98 21.53 12.54
CA TYR JA 143 66.08 21.47 11.07
C TYR JA 143 64.81 21.88 10.31
N LEU JA 144 63.74 22.28 11.00
CA LEU JA 144 62.53 22.78 10.33
C LEU JA 144 62.77 23.92 9.36
N ASP JA 145 61.92 24.03 8.33
CA ASP JA 145 61.89 25.23 7.49
C ASP JA 145 60.55 25.99 7.61
N PHE JA 146 60.55 27.03 8.44
CA PHE JA 146 59.45 28.00 8.49
C PHE JA 146 59.52 29.03 7.38
N ALA JA 147 60.75 29.48 7.04
CA ALA JA 147 61.02 30.64 6.16
C ALA JA 147 59.84 31.28 5.39
N GLU JA 148 59.14 30.45 4.62
CA GLU JA 148 57.94 30.85 3.84
C GLU JA 148 56.70 30.15 4.39
N SER JA 149 55.54 30.83 4.31
CA SER JA 149 54.26 30.22 4.63
C SER JA 149 53.96 29.00 3.76
N GLY JA 150 53.05 28.16 4.23
CA GLY JA 150 52.63 26.97 3.51
C GLY JA 150 53.63 25.82 3.43
N GLN JA 151 54.76 25.96 4.11
CA GLN JA 151 55.84 24.96 4.05
C GLN JA 151 55.67 23.82 5.07
N VAL JA 152 54.87 24.05 6.10
CA VAL JA 152 54.74 23.13 7.24
C VAL JA 152 53.30 23.17 7.75
N TYR JA 153 52.60 22.06 7.65
CA TYR JA 153 51.18 22.05 7.99
C TYR JA 153 50.64 20.68 8.34
N PHE JA 154 49.49 20.69 8.99
CA PHE JA 154 48.86 19.51 9.58
C PHE JA 154 47.39 19.83 9.69
N GLY JA 155 46.56 19.05 9.01
CA GLY JA 155 45.11 19.26 9.03
C GLY JA 155 44.32 18.00 8.76
N ILE JA 156 43.03 18.06 9.07
CA ILE JA 156 42.11 16.94 8.87
C ILE JA 156 40.85 17.38 8.16
N ILE JA 157 40.10 16.40 7.70
CA ILE JA 157 38.79 16.61 7.11
C ILE JA 157 37.90 15.46 7.51
N ALA JA 158 36.69 15.78 7.96
CA ALA JA 158 35.66 14.77 8.17
C ALA JA 158 35.04 14.47 6.82
N LEU JA 159 35.13 13.21 6.38
CA LEU JA 159 34.45 12.79 5.15
C LEU JA 159 32.98 12.54 5.46
N SER KA 11 -20.43 -43.66 12.35
CA SER KA 11 -20.32 -42.19 12.58
C SER KA 11 -21.69 -41.49 12.44
N ASP KA 12 -22.25 -41.51 11.23
CA ASP KA 12 -23.53 -40.84 10.93
C ASP KA 12 -24.69 -41.76 11.32
N LYS KA 13 -24.99 -41.76 12.62
CA LYS KA 13 -25.85 -42.78 13.22
C LYS KA 13 -27.33 -42.39 13.20
N PRO KA 14 -28.23 -43.37 13.09
CA PRO KA 14 -29.68 -43.09 13.10
C PRO KA 14 -30.16 -42.22 14.26
N VAL KA 15 -30.95 -41.19 13.96
CA VAL KA 15 -31.65 -40.39 14.96
C VAL KA 15 -33.05 -40.05 14.48
N ALA KA 16 -33.90 -39.65 15.43
CA ALA KA 16 -35.24 -39.17 15.12
C ALA KA 16 -35.91 -38.51 16.33
N HIS KA 17 -36.60 -37.41 16.08
CA HIS KA 17 -37.41 -36.73 17.10
C HIS KA 17 -38.58 -36.07 16.37
N VAL KA 18 -39.78 -36.26 16.91
CA VAL KA 18 -41.01 -35.82 16.25
C VAL KA 18 -41.94 -35.25 17.28
N VAL KA 19 -42.91 -34.47 16.80
CA VAL KA 19 -43.90 -33.83 17.66
C VAL KA 19 -45.31 -34.15 17.22
N ALA KA 20 -46.26 -33.85 18.10
CA ALA KA 20 -47.68 -34.04 17.84
C ALA KA 20 -48.21 -33.15 16.70
N ASN KA 21 -49.49 -33.27 16.41
CA ASN KA 21 -50.18 -32.49 15.40
C ASN KA 21 -51.32 -31.69 16.04
N PRO KA 22 -51.27 -30.35 15.96
CA PRO KA 22 -52.41 -29.52 16.38
C PRO KA 22 -53.73 -29.83 15.65
N GLN KA 23 -53.67 -29.91 14.32
CA GLN KA 23 -54.84 -30.22 13.46
C GLN KA 23 -55.48 -31.58 13.73
N ALA KA 24 -54.69 -32.56 14.17
CA ALA KA 24 -55.15 -33.95 14.25
C ALA KA 24 -56.24 -34.11 15.32
N GLU KA 25 -57.48 -34.19 14.85
CA GLU KA 25 -58.64 -34.26 15.73
C GLU KA 25 -58.76 -35.71 16.24
N GLY KA 26 -58.75 -35.88 17.56
CA GLY KA 26 -58.94 -37.17 18.21
C GLY KA 26 -57.74 -38.09 18.42
N GLN KA 27 -56.56 -37.71 17.94
CA GLN KA 27 -55.38 -38.62 17.97
C GLN KA 27 -54.04 -37.97 18.33
N LEU KA 28 -53.15 -38.79 18.86
CA LEU KA 28 -51.74 -38.46 19.01
C LEU KA 28 -51.07 -38.87 17.72
N GLN KA 29 -50.67 -37.88 16.93
CA GLN KA 29 -50.12 -38.12 15.61
C GLN KA 29 -48.79 -37.43 15.40
N TRP KA 30 -47.81 -38.23 15.04
CA TRP KA 30 -46.47 -37.76 14.83
C TRP KA 30 -46.35 -37.19 13.41
N LEU KA 31 -45.48 -36.20 13.25
CA LEU KA 31 -45.28 -35.50 11.97
C LEU KA 31 -43.85 -35.69 11.46
N LEU KA 38 -38.17 -34.29 12.57
CA LEU KA 38 -36.83 -34.36 11.99
C LEU KA 38 -36.20 -35.75 12.15
N LEU KA 39 -35.60 -36.24 11.06
CA LEU KA 39 -35.15 -37.62 10.93
C LEU KA 39 -33.80 -37.65 10.24
N ALA KA 40 -32.98 -38.66 10.55
CA ALA KA 40 -31.73 -38.84 9.81
C ALA KA 40 -31.18 -40.27 9.81
N ASN KA 41 -30.40 -40.54 8.77
CA ASN KA 41 -29.69 -41.82 8.57
C ASN KA 41 -30.60 -43.04 8.46
N GLY KA 42 -31.79 -42.81 7.92
CA GLY KA 42 -32.75 -43.85 7.59
C GLY KA 42 -33.91 -44.11 8.55
N VAL KA 43 -34.11 -43.25 9.54
CA VAL KA 43 -35.29 -43.40 10.39
C VAL KA 43 -36.48 -42.84 9.61
N GLU KA 44 -37.60 -43.55 9.69
CA GLU KA 44 -38.81 -43.20 8.94
C GLU KA 44 -40.03 -43.19 9.85
N LEU KA 45 -41.08 -42.51 9.39
CA LEU KA 45 -42.36 -42.50 10.07
C LEU KA 45 -43.41 -43.09 9.13
N ARG KA 46 -43.52 -44.42 9.18
CA ARG KA 46 -44.47 -45.19 8.39
C ARG KA 46 -45.60 -45.69 9.31
N ASP KA 47 -46.84 -45.49 8.89
CA ASP KA 47 -48.03 -45.83 9.70
C ASP KA 47 -47.94 -45.22 11.12
N ASN KA 48 -47.54 -43.95 11.18
CA ASN KA 48 -47.42 -43.21 12.45
C ASN KA 48 -46.44 -43.83 13.47
N GLN KA 49 -45.48 -44.61 12.97
CA GLN KA 49 -44.56 -45.38 13.81
C GLN KA 49 -43.13 -45.17 13.34
N LEU KA 50 -42.19 -45.09 14.29
CA LEU KA 50 -40.78 -44.91 13.95
C LEU KA 50 -40.21 -46.23 13.48
N VAL KA 51 -39.61 -46.25 12.30
CA VAL KA 51 -39.07 -47.46 11.67
C VAL KA 51 -37.55 -47.43 11.74
N VAL KA 52 -36.94 -48.57 12.13
CA VAL KA 52 -35.51 -48.64 12.46
C VAL KA 52 -34.63 -48.95 11.22
N PRO KA 53 -33.68 -48.05 10.86
CA PRO KA 53 -32.79 -48.29 9.70
C PRO KA 53 -31.66 -49.29 9.85
N SER KA 54 -31.26 -49.63 11.07
CA SER KA 54 -30.17 -50.59 11.27
C SER KA 54 -30.19 -51.18 12.68
N GLU KA 55 -29.45 -52.27 12.86
CA GLU KA 55 -29.40 -52.94 14.16
C GLU KA 55 -28.67 -52.11 15.22
N GLY KA 56 -28.75 -52.58 16.46
CA GLY KA 56 -27.96 -52.05 17.56
C GLY KA 56 -28.78 -51.56 18.74
N LEU KA 57 -28.16 -50.69 19.53
CA LEU KA 57 -28.71 -50.21 20.79
C LEU KA 57 -29.21 -48.78 20.59
N TYR KA 58 -30.48 -48.56 20.94
CA TYR KA 58 -31.14 -47.28 20.77
C TYR KA 58 -31.68 -46.80 22.11
N LEU KA 59 -31.47 -45.53 22.38
CA LEU KA 59 -32.06 -44.87 23.52
C LEU KA 59 -33.39 -44.32 23.03
N ILE KA 60 -34.47 -44.74 23.66
CA ILE KA 60 -35.84 -44.38 23.26
C ILE KA 60 -36.44 -43.50 24.35
N TYR KA 61 -37.21 -42.49 23.95
CA TYR KA 61 -37.87 -41.60 24.93
C TYR KA 61 -39.11 -40.92 24.34
N SER KA 62 -39.93 -40.34 25.22
CA SER KA 62 -41.14 -39.62 24.82
C SER KA 62 -41.80 -38.89 25.96
N GLN KA 63 -42.38 -37.73 25.68
CA GLN KA 63 -43.23 -37.00 26.65
C GLN KA 63 -44.58 -36.67 26.05
N VAL KA 64 -45.63 -36.93 26.82
CA VAL KA 64 -46.97 -36.50 26.46
C VAL KA 64 -47.47 -35.71 27.63
N LEU KA 65 -48.40 -34.80 27.36
CA LEU KA 65 -48.81 -33.78 28.30
C LEU KA 65 -50.31 -33.56 28.21
N PHE KA 66 -50.99 -33.76 29.35
CA PHE KA 66 -52.43 -33.66 29.43
C PHE KA 66 -52.89 -32.47 30.27
N LYS KA 67 -54.04 -31.92 29.90
CA LYS KA 67 -54.76 -30.94 30.71
C LYS KA 67 -56.26 -31.22 30.69
N GLY KA 68 -56.88 -31.06 31.86
CA GLY KA 68 -58.35 -31.10 31.99
C GLY KA 68 -58.86 -29.98 32.89
N GLN KA 69 -59.83 -29.22 32.37
CA GLN KA 69 -60.47 -28.13 33.10
C GLN KA 69 -61.50 -28.71 34.05
N GLY KA 70 -61.31 -28.48 35.34
CA GLY KA 70 -62.20 -29.03 36.36
C GLY KA 70 -62.08 -30.54 36.42
N CYS KA 71 -63.21 -31.19 36.70
CA CYS KA 71 -63.25 -32.63 36.98
C CYS KA 71 -64.66 -33.26 36.85
N PRO KA 72 -64.73 -34.58 36.56
CA PRO KA 72 -66.00 -35.30 36.47
C PRO KA 72 -66.25 -36.17 37.70
N SER KA 73 -67.35 -36.94 37.68
CA SER KA 73 -67.72 -37.88 38.75
C SER KA 73 -67.02 -39.23 38.61
N THR KA 74 -67.03 -39.79 37.39
CA THR KA 74 -66.39 -41.08 37.11
C THR KA 74 -64.87 -40.97 37.17
N HIS KA 75 -64.22 -42.04 37.64
CA HIS KA 75 -62.78 -42.03 37.91
C HIS KA 75 -62.00 -42.03 36.60
N VAL KA 76 -61.21 -40.97 36.41
CA VAL KA 76 -60.46 -40.72 35.17
C VAL KA 76 -59.03 -41.25 35.29
N LEU KA 77 -58.52 -41.73 34.17
CA LEU KA 77 -57.36 -42.62 34.12
C LEU KA 77 -56.57 -42.26 32.86
N LEU KA 78 -55.28 -41.93 33.02
CA LEU KA 78 -54.40 -41.61 31.85
C LEU KA 78 -53.32 -42.67 31.70
N THR KA 79 -52.94 -42.99 30.46
CA THR KA 79 -51.84 -43.93 30.17
C THR KA 79 -51.00 -43.40 29.01
N HIS KA 80 -49.71 -43.76 29.01
CA HIS KA 80 -48.81 -43.49 27.89
C HIS KA 80 -47.83 -44.63 27.78
N THR KA 81 -47.54 -45.02 26.54
CA THR KA 81 -46.89 -46.28 26.25
C THR KA 81 -46.08 -46.21 24.95
N ILE KA 82 -44.88 -46.77 24.98
CA ILE KA 82 -44.05 -46.96 23.78
C ILE KA 82 -43.96 -48.46 23.56
N SER KA 83 -44.37 -48.88 22.36
CA SER KA 83 -44.37 -50.29 21.98
C SER KA 83 -43.28 -50.56 20.95
N ARG KA 84 -42.99 -51.86 20.79
CA ARG KA 84 -42.15 -52.38 19.72
C ARG KA 84 -42.97 -53.42 18.96
N ILE KA 85 -43.09 -53.23 17.65
CA ILE KA 85 -43.66 -54.26 16.77
C ILE KA 85 -42.47 -54.81 15.99
N ALA KA 86 -41.89 -55.90 16.51
CA ALA KA 86 -40.72 -56.54 15.90
C ALA KA 86 -41.04 -57.12 14.54
N VAL KA 87 -40.02 -57.28 13.70
CA VAL KA 87 -40.19 -57.90 12.39
C VAL KA 87 -40.43 -59.42 12.55
N SER KA 88 -39.64 -60.06 13.38
CA SER KA 88 -39.73 -61.49 13.62
C SER KA 88 -41.02 -61.92 14.32
N TYR KA 89 -41.46 -61.13 15.31
CA TYR KA 89 -42.66 -61.46 16.09
C TYR KA 89 -43.94 -60.83 15.56
N GLN KA 90 -43.88 -59.53 15.28
CA GLN KA 90 -45.04 -58.74 14.77
C GLN KA 90 -46.20 -58.51 15.76
N THR KA 91 -46.23 -59.22 16.89
CA THR KA 91 -47.20 -58.92 17.96
C THR KA 91 -46.68 -57.69 18.68
N LYS KA 92 -47.62 -56.83 19.08
CA LYS KA 92 -47.31 -55.53 19.67
C LYS KA 92 -46.83 -55.71 21.11
N VAL KA 93 -45.66 -55.14 21.44
CA VAL KA 93 -45.00 -55.39 22.73
C VAL KA 93 -44.63 -54.09 23.41
N ASN KA 94 -45.09 -53.90 24.65
CA ASN KA 94 -44.73 -52.74 25.46
C ASN KA 94 -43.24 -52.69 25.73
N LEU KA 95 -42.68 -51.48 25.60
CA LEU KA 95 -41.33 -51.21 26.04
C LEU KA 95 -41.35 -50.44 27.35
N LEU KA 96 -42.07 -49.33 27.33
CA LEU KA 96 -42.15 -48.38 28.43
C LEU KA 96 -43.60 -47.98 28.56
N SER KA 97 -44.12 -48.03 29.77
CA SER KA 97 -45.51 -47.69 29.97
C SER KA 97 -45.67 -47.06 31.35
N ALA KA 98 -46.60 -46.11 31.45
CA ALA KA 98 -46.90 -45.46 32.73
C ALA KA 98 -48.34 -44.98 32.73
N ILE KA 99 -48.95 -44.95 33.92
CA ILE KA 99 -50.38 -44.61 34.12
C ILE KA 99 -50.51 -43.56 35.22
N LYS KA 100 -51.42 -42.58 35.06
CA LYS KA 100 -51.59 -41.48 36.04
C LYS KA 100 -53.07 -41.17 36.33
N SER KA 101 -53.40 -40.96 37.61
CA SER KA 101 -54.77 -40.72 38.09
C SER KA 101 -54.91 -39.26 38.56
N PRO KA 102 -55.17 -38.32 37.62
CA PRO KA 102 -55.19 -36.91 38.01
C PRO KA 102 -56.18 -36.59 39.13
N CYS KA 103 -57.44 -36.92 38.87
CA CYS KA 103 -58.57 -36.38 39.58
C CYS KA 103 -59.11 -37.42 40.57
N GLN KA 104 -58.29 -37.74 41.57
CA GLN KA 104 -58.68 -38.72 42.59
C GLN KA 104 -59.92 -38.31 43.41
N ARG KA 105 -60.09 -37.01 43.63
CA ARG KA 105 -61.26 -36.42 44.29
C ARG KA 105 -62.11 -35.73 43.22
N GLU KA 106 -63.44 -35.87 43.33
CA GLU KA 106 -64.36 -35.37 42.28
C GLU KA 106 -65.11 -34.11 42.75
N THR KA 107 -65.56 -33.30 41.78
CA THR KA 107 -66.09 -31.96 42.05
C THR KA 107 -67.58 -31.77 41.66
N PRO KA 108 -68.52 -32.13 42.57
CA PRO KA 108 -69.92 -31.67 42.45
C PRO KA 108 -70.07 -30.28 43.08
N GLU KA 109 -69.83 -30.19 44.39
CA GLU KA 109 -69.62 -28.91 45.11
C GLU KA 109 -70.80 -27.92 45.04
N GLY KA 110 -70.96 -27.29 43.88
CA GLY KA 110 -71.82 -26.12 43.70
C GLY KA 110 -71.03 -25.07 42.94
N ALA KA 111 -70.73 -25.37 41.67
CA ALA KA 111 -69.89 -24.56 40.78
C ALA KA 111 -68.47 -24.33 41.35
N GLU KA 112 -67.59 -25.29 41.10
CA GLU KA 112 -66.21 -25.23 41.61
C GLU KA 112 -65.27 -26.18 40.85
N ALA KA 113 -64.58 -25.63 39.85
CA ALA KA 113 -63.61 -26.37 39.02
C ALA KA 113 -62.29 -25.63 39.01
N LYS KA 114 -61.19 -26.38 38.90
CA LYS KA 114 -59.87 -25.80 38.64
C LYS KA 114 -59.11 -26.75 37.73
N PRO KA 115 -58.49 -26.20 36.65
CA PRO KA 115 -57.80 -27.10 35.75
C PRO KA 115 -56.64 -27.84 36.40
N TRP KA 116 -56.41 -29.06 35.94
CA TRP KA 116 -55.23 -29.86 36.34
C TRP KA 116 -54.37 -30.07 35.09
N TYR KA 117 -53.06 -30.18 35.30
CA TYR KA 117 -52.10 -30.44 34.24
C TYR KA 117 -51.32 -31.63 34.73
N GLU KA 118 -51.12 -32.61 33.86
CA GLU KA 118 -50.39 -33.82 34.23
C GLU KA 118 -49.60 -34.32 33.03
N PRO KA 119 -48.27 -34.46 33.18
CA PRO KA 119 -47.43 -35.02 32.13
C PRO KA 119 -47.13 -36.49 32.39
N ILE KA 120 -46.69 -37.18 31.34
CA ILE KA 120 -46.18 -38.53 31.47
C ILE KA 120 -45.02 -38.63 30.53
N TYR KA 121 -43.91 -39.11 31.06
CA TYR KA 121 -42.67 -39.21 30.32
C TYR KA 121 -42.05 -40.58 30.53
N LEU KA 122 -41.35 -41.05 29.50
CA LEU KA 122 -40.79 -42.40 29.46
C LEU KA 122 -39.47 -42.34 28.72
N GLY KA 123 -38.58 -43.26 29.07
CA GLY KA 123 -37.34 -43.40 28.33
C GLY KA 123 -36.53 -44.59 28.78
N GLY KA 124 -35.75 -45.13 27.86
CA GLY KA 124 -34.99 -46.33 28.13
C GLY KA 124 -34.04 -46.71 27.03
N VAL KA 125 -33.23 -47.71 27.32
CA VAL KA 125 -32.28 -48.26 26.36
C VAL KA 125 -32.71 -49.68 26.04
N PHE KA 126 -32.48 -50.06 24.78
CA PHE KA 126 -33.11 -51.21 24.19
C PHE KA 126 -32.36 -51.61 22.96
N GLN KA 127 -31.92 -52.88 22.87
CA GLN KA 127 -31.38 -53.41 21.61
C GLN KA 127 -32.54 -53.52 20.61
N LEU KA 128 -32.30 -53.11 19.37
CA LEU KA 128 -33.36 -53.08 18.35
C LEU KA 128 -32.83 -53.45 16.97
N GLU KA 129 -33.65 -54.17 16.20
CA GLU KA 129 -33.24 -54.72 14.91
C GLU KA 129 -33.79 -53.95 13.72
N LYS KA 130 -33.05 -54.02 12.61
CA LYS KA 130 -33.40 -53.31 11.39
C LYS KA 130 -34.79 -53.74 10.95
N GLY KA 131 -35.68 -52.76 10.79
CA GLY KA 131 -37.08 -53.01 10.45
C GLY KA 131 -38.10 -52.92 11.58
N ASP KA 132 -37.65 -52.97 12.84
CA ASP KA 132 -38.58 -52.86 13.97
C ASP KA 132 -39.32 -51.53 13.94
N ARG KA 133 -40.63 -51.59 14.14
CA ARG KA 133 -41.47 -50.41 14.14
C ARG KA 133 -41.81 -50.04 15.57
N LEU KA 134 -41.77 -48.75 15.88
CA LEU KA 134 -42.07 -48.25 17.23
C LEU KA 134 -43.26 -47.32 17.24
N SER KA 135 -44.31 -47.75 17.93
CA SER KA 135 -45.48 -46.94 18.16
C SER KA 135 -45.23 -46.24 19.47
N ALA KA 136 -45.77 -45.03 19.60
CA ALA KA 136 -45.72 -44.28 20.86
C ALA KA 136 -47.11 -43.73 21.06
N GLU KA 137 -47.78 -44.21 22.11
CA GLU KA 137 -49.25 -44.15 22.16
C GLU KA 137 -49.79 -43.89 23.52
N ILE KA 138 -50.96 -43.25 23.55
CA ILE KA 138 -51.67 -42.90 24.77
C ILE KA 138 -53.05 -43.50 24.67
N ASN KA 139 -53.86 -43.32 25.71
CA ASN KA 139 -55.27 -43.75 25.69
C ASN KA 139 -56.30 -42.63 25.55
N ARG KA 140 -56.06 -41.44 26.11
CA ARG KA 140 -57.06 -40.34 26.10
C ARG KA 140 -56.60 -39.06 25.40
N PRO KA 141 -56.64 -39.03 24.04
CA PRO KA 141 -56.25 -37.82 23.31
C PRO KA 141 -57.13 -36.60 23.58
N ASP KA 142 -58.36 -36.80 24.02
CA ASP KA 142 -59.26 -35.70 24.40
C ASP KA 142 -58.80 -34.87 25.62
N TYR KA 143 -57.74 -35.30 26.32
CA TYR KA 143 -57.10 -34.51 27.36
C TYR KA 143 -55.74 -33.92 27.00
N LEU KA 144 -55.26 -34.12 25.77
CA LEU KA 144 -53.95 -33.55 25.37
C LEU KA 144 -53.93 -32.03 25.49
N ASP KA 145 -52.71 -31.51 25.67
CA ASP KA 145 -52.47 -30.09 25.93
C ASP KA 145 -51.30 -29.63 25.06
N PHE KA 146 -51.57 -29.38 23.78
CA PHE KA 146 -50.52 -28.98 22.79
C PHE KA 146 -50.31 -27.47 22.60
N ALA KA 147 -51.03 -26.66 23.40
CA ALA KA 147 -50.72 -25.24 23.58
C ALA KA 147 -49.42 -25.03 24.36
N GLU KA 148 -49.00 -26.05 25.12
CA GLU KA 148 -47.70 -26.05 25.82
C GLU KA 148 -46.54 -26.11 24.81
N SER KA 149 -46.21 -24.95 24.23
CA SER KA 149 -45.08 -24.74 23.28
C SER KA 149 -44.82 -25.81 22.18
N GLY KA 150 -45.78 -26.70 21.94
CA GLY KA 150 -45.56 -27.91 21.15
C GLY KA 150 -44.52 -28.83 21.77
N GLN KA 151 -44.63 -29.07 23.08
CA GLN KA 151 -43.66 -29.89 23.85
C GLN KA 151 -44.23 -31.28 24.21
N VAL KA 152 -44.75 -31.96 23.18
CA VAL KA 152 -45.21 -33.35 23.26
C VAL KA 152 -44.58 -34.12 22.10
N TYR KA 153 -43.70 -35.07 22.41
CA TYR KA 153 -42.72 -35.57 21.45
C TYR KA 153 -42.33 -37.01 21.69
N PHE KA 154 -41.78 -37.61 20.64
CA PHE KA 154 -41.32 -38.99 20.62
C PHE KA 154 -40.00 -38.96 19.86
N GLY KA 155 -39.03 -39.74 20.33
CA GLY KA 155 -37.72 -39.79 19.67
C GLY KA 155 -36.82 -40.92 20.12
N ILE KA 156 -35.88 -41.27 19.24
CA ILE KA 156 -34.91 -42.34 19.50
C ILE KA 156 -33.51 -41.96 19.04
N ILE KA 157 -32.50 -42.57 19.64
CA ILE KA 157 -31.09 -42.29 19.31
C ILE KA 157 -30.26 -43.58 19.32
N ALA KA 158 -29.49 -43.81 18.26
CA ALA KA 158 -28.61 -44.98 18.17
C ALA KA 158 -27.31 -44.76 18.95
N LEU KA 159 -26.75 -45.84 19.49
CA LEU KA 159 -25.53 -45.82 20.32
C LEU KA 159 -24.44 -46.68 19.68
N SER LA 11 -17.47 -45.71 21.65
CA SER LA 11 -17.12 -46.92 20.84
C SER LA 11 -18.05 -48.10 21.17
N ASP LA 12 -17.96 -48.60 22.40
CA ASP LA 12 -18.88 -49.65 22.90
C ASP LA 12 -18.83 -49.74 24.43
N LYS LA 13 -19.64 -48.89 25.08
CA LYS LA 13 -19.54 -48.59 26.51
C LYS LA 13 -20.67 -49.25 27.31
N PRO LA 14 -20.43 -49.55 28.61
CA PRO LA 14 -21.40 -50.19 29.50
C PRO LA 14 -22.83 -49.64 29.42
N VAL LA 15 -23.80 -50.55 29.43
CA VAL LA 15 -25.22 -50.20 29.37
C VAL LA 15 -26.06 -51.27 30.04
N ALA LA 16 -27.19 -50.86 30.61
CA ALA LA 16 -28.09 -51.82 31.24
C ALA LA 16 -29.51 -51.29 31.33
N HIS LA 17 -30.46 -52.24 31.30
CA HIS LA 17 -31.88 -51.97 31.47
C HIS LA 17 -32.51 -53.24 32.01
N VAL LA 18 -32.90 -53.22 33.27
CA VAL LA 18 -33.51 -54.39 33.90
C VAL LA 18 -34.90 -54.02 34.34
N VAL LA 19 -35.77 -55.03 34.35
CA VAL LA 19 -37.20 -54.83 34.60
C VAL LA 19 -37.61 -55.76 35.73
N ALA LA 20 -38.58 -55.31 36.52
CA ALA LA 20 -39.04 -56.08 37.67
C ALA LA 20 -39.61 -57.41 37.25
N ASN LA 21 -39.37 -58.41 38.09
CA ASN LA 21 -39.89 -59.76 37.90
C ASN LA 21 -41.37 -59.81 38.27
N PRO LA 22 -42.25 -60.26 37.35
CA PRO LA 22 -43.66 -60.46 37.75
C PRO LA 22 -43.99 -61.75 38.53
N GLN LA 23 -43.07 -62.73 38.54
CA GLN LA 23 -43.28 -63.97 39.32
C GLN LA 23 -43.21 -63.72 40.82
N ALA LA 24 -42.20 -62.95 41.23
CA ALA LA 24 -42.01 -62.62 42.63
C ALA LA 24 -43.11 -61.65 43.07
N GLU LA 25 -44.11 -62.19 43.77
CA GLU LA 25 -45.40 -61.52 44.00
C GLU LA 25 -45.34 -60.25 44.84
N GLY LA 26 -44.77 -60.37 46.05
CA GLY LA 26 -44.71 -59.25 47.01
C GLY LA 26 -43.33 -58.66 47.17
N GLN LA 27 -42.63 -58.45 46.05
CA GLN LA 27 -41.27 -57.89 46.07
C GLN LA 27 -40.79 -57.34 44.73
N LEU LA 28 -39.74 -56.51 44.80
CA LEU LA 28 -39.08 -55.93 43.62
C LEU LA 28 -37.77 -56.65 43.36
N GLN LA 29 -37.81 -57.60 42.43
CA GLN LA 29 -36.62 -58.30 41.97
C GLN LA 29 -36.38 -57.92 40.51
N TRP LA 30 -35.18 -57.41 40.24
CA TRP LA 30 -34.78 -57.04 38.88
C TRP LA 30 -34.38 -58.29 38.10
N LEU LA 31 -34.60 -58.23 36.79
CA LEU LA 31 -34.23 -59.30 35.85
C LEU LA 31 -33.69 -58.69 34.56
N ASN LA 32 -32.65 -59.33 34.01
CA ASN LA 32 -32.16 -59.03 32.64
C ASN LA 32 -32.58 -60.10 31.62
N ARG LA 33 -32.89 -61.30 32.10
CA ARG LA 33 -33.26 -62.40 31.20
C ARG LA 33 -34.72 -62.26 30.74
N ARG LA 34 -34.97 -61.18 30.00
CA ARG LA 34 -36.25 -60.87 29.40
C ARG LA 34 -35.95 -60.13 28.12
N ALA LA 35 -36.70 -60.44 27.05
CA ALA LA 35 -36.56 -59.74 25.77
C ALA LA 35 -36.87 -58.23 25.94
N ASN LA 36 -35.98 -57.39 25.41
CA ASN LA 36 -35.91 -55.92 25.64
C ASN LA 36 -35.17 -55.46 26.92
N ALA LA 37 -35.05 -56.36 27.91
CA ALA LA 37 -34.15 -56.15 29.04
C ALA LA 37 -32.77 -56.64 28.67
N LEU LA 38 -31.73 -56.02 29.25
CA LEU LA 38 -30.34 -56.36 28.89
C LEU LA 38 -29.22 -55.91 29.85
N LEU LA 39 -28.07 -56.55 29.67
CA LEU LA 39 -26.80 -56.15 30.26
C LEU LA 39 -25.74 -56.33 29.18
N ALA LA 40 -24.94 -55.29 28.94
CA ALA LA 40 -23.94 -55.33 27.88
C ALA LA 40 -22.69 -54.52 28.23
N ASN LA 41 -21.55 -55.00 27.71
CA ASN LA 41 -20.24 -54.44 28.02
C ASN LA 41 -19.98 -54.43 29.53
N GLY LA 42 -20.08 -55.62 30.15
CA GLY LA 42 -19.59 -55.84 31.50
C GLY LA 42 -20.43 -55.47 32.73
N VAL LA 43 -21.65 -54.97 32.54
CA VAL LA 43 -22.51 -54.61 33.69
C VAL LA 43 -23.15 -55.87 34.32
N GLU LA 44 -22.60 -56.32 35.44
CA GLU LA 44 -23.17 -57.47 36.15
C GLU LA 44 -24.42 -57.03 36.91
N LEU LA 45 -25.40 -57.93 36.99
CA LEU LA 45 -26.51 -57.81 37.94
C LEU LA 45 -26.21 -58.81 39.00
N ARG LA 46 -26.05 -58.34 40.24
CA ARG LA 46 -25.69 -59.21 41.34
C ARG LA 46 -26.33 -58.70 42.63
N ASP LA 47 -26.77 -59.64 43.47
CA ASP LA 47 -27.53 -59.36 44.69
C ASP LA 47 -28.60 -58.24 44.49
N ASN LA 48 -29.31 -58.29 43.37
CA ASN LA 48 -30.31 -57.27 42.95
C ASN LA 48 -29.75 -55.85 42.71
N GLN LA 49 -28.49 -55.77 42.33
CA GLN LA 49 -27.79 -54.51 42.15
C GLN LA 49 -27.05 -54.55 40.83
N LEU LA 50 -27.06 -53.43 40.10
CA LEU LA 50 -26.21 -53.29 38.92
C LEU LA 50 -24.79 -52.90 39.32
N VAL LA 51 -23.82 -53.55 38.71
CA VAL LA 51 -22.43 -53.49 39.14
C VAL LA 51 -21.65 -52.88 38.00
N VAL LA 52 -21.00 -51.75 38.30
CA VAL LA 52 -20.27 -50.99 37.30
C VAL LA 52 -18.90 -51.62 37.04
N PRO LA 53 -18.51 -51.79 35.76
CA PRO LA 53 -17.20 -52.34 35.42
C PRO LA 53 -16.10 -51.31 35.20
N SER LA 54 -16.47 -50.08 34.82
CA SER LA 54 -15.50 -49.05 34.44
C SER LA 54 -15.80 -47.72 35.10
N GLU LA 55 -14.73 -47.02 35.47
CA GLU LA 55 -14.83 -45.72 36.13
C GLU LA 55 -15.15 -44.61 35.11
N GLY LA 56 -16.41 -44.19 35.07
CA GLY LA 56 -16.88 -43.20 34.10
C GLY LA 56 -18.09 -42.41 34.56
N LEU LA 57 -18.60 -41.54 33.67
CA LEU LA 57 -19.90 -40.90 33.86
C LEU LA 57 -20.95 -41.84 33.30
N TYR LA 58 -22.13 -41.79 33.91
CA TYR LA 58 -23.21 -42.67 33.55
C TYR LA 58 -24.54 -41.96 33.62
N LEU LA 59 -25.44 -42.25 32.68
CA LEU LA 59 -26.86 -41.93 32.78
C LEU LA 59 -27.44 -42.96 33.73
N ILE LA 60 -28.36 -42.55 34.60
CA ILE LA 60 -29.08 -43.47 35.46
C ILE LA 60 -30.55 -43.14 35.39
N TYR LA 61 -31.38 -44.18 35.43
CA TYR LA 61 -32.82 -43.99 35.46
C TYR LA 61 -33.52 -45.20 36.04
N SER LA 62 -34.66 -44.93 36.66
CA SER LA 62 -35.59 -45.96 37.09
C SER LA 62 -37.00 -45.39 37.13
N GLN LA 63 -37.96 -46.18 36.67
CA GLN LA 63 -39.37 -45.89 36.83
C GLN LA 63 -39.95 -46.96 37.71
N VAL LA 64 -40.84 -46.57 38.61
CA VAL LA 64 -41.73 -47.53 39.27
C VAL LA 64 -43.13 -47.00 39.24
N LEU LA 65 -44.06 -47.94 39.39
CA LEU LA 65 -45.47 -47.66 39.26
C LEU LA 65 -46.18 -48.37 40.40
N PHE LA 66 -46.84 -47.58 41.25
CA PHE LA 66 -47.62 -48.12 42.35
C PHE LA 66 -49.09 -48.05 41.99
N LYS LA 67 -49.86 -49.02 42.45
CA LYS LA 67 -51.28 -49.10 42.22
C LYS LA 67 -51.92 -49.51 43.53
N GLY LA 68 -52.97 -48.80 43.94
CA GLY LA 68 -53.77 -49.21 45.07
C GLY LA 68 -55.24 -49.21 44.74
N GLN LA 69 -55.95 -50.13 45.38
CA GLN LA 69 -57.39 -50.19 45.33
C GLN LA 69 -57.88 -49.47 46.57
N GLY LA 70 -58.68 -48.42 46.36
CA GLY LA 70 -59.25 -47.65 47.48
C GLY LA 70 -58.22 -46.97 48.34
N CYS LA 71 -58.65 -46.58 49.55
CA CYS LA 71 -57.72 -46.03 50.54
C CYS LA 71 -58.13 -46.27 52.00
N PRO LA 72 -57.32 -47.06 52.75
CA PRO LA 72 -57.63 -47.33 54.16
C PRO LA 72 -57.34 -46.17 55.09
N SER LA 73 -56.36 -45.34 54.73
CA SER LA 73 -55.94 -44.22 55.56
C SER LA 73 -55.27 -43.11 54.72
N THR LA 74 -55.17 -41.92 55.34
CA THR LA 74 -54.46 -40.79 54.73
C THR LA 74 -52.93 -40.92 54.82
N HIS LA 75 -52.44 -41.96 55.49
CA HIS LA 75 -51.05 -42.04 55.92
C HIS LA 75 -50.19 -42.92 55.03
N VAL LA 76 -50.59 -43.08 53.77
CA VAL LA 76 -49.95 -44.03 52.87
C VAL LA 76 -48.74 -43.38 52.25
N LEU LA 77 -47.62 -44.09 52.30
CA LEU LA 77 -46.32 -43.52 52.07
C LEU LA 77 -45.61 -44.33 51.00
N LEU LA 78 -45.25 -43.69 49.90
CA LEU LA 78 -44.60 -44.39 48.80
C LEU LA 78 -43.27 -43.73 48.50
N THR LA 79 -42.19 -44.53 48.48
CA THR LA 79 -40.85 -44.01 48.37
C THR LA 79 -40.08 -44.80 47.35
N HIS LA 80 -39.18 -44.12 46.62
CA HIS LA 80 -38.36 -44.73 45.57
C HIS LA 80 -36.98 -44.05 45.51
N THR LA 81 -35.95 -44.88 45.35
CA THR LA 81 -34.59 -44.56 45.71
C THR LA 81 -33.58 -45.32 44.85
N ILE LA 82 -32.56 -44.60 44.39
CA ILE LA 82 -31.42 -45.16 43.65
C ILE LA 82 -30.16 -44.79 44.41
N SER LA 83 -29.58 -45.75 45.13
CA SER LA 83 -28.38 -45.51 45.94
C SER LA 83 -27.15 -46.13 45.31
N ARG LA 84 -25.98 -45.79 45.86
CA ARG LA 84 -24.69 -46.15 45.30
C ARG LA 84 -23.75 -46.62 46.41
N ILE LA 85 -22.98 -47.68 46.15
CA ILE LA 85 -22.01 -48.21 47.13
C ILE LA 85 -20.64 -48.44 46.49
N ALA LA 86 -19.73 -47.51 46.74
CA ALA LA 86 -18.34 -47.64 46.36
C ALA LA 86 -17.67 -48.68 47.21
N VAL LA 87 -16.65 -49.29 46.66
CA VAL LA 87 -15.92 -50.34 47.35
C VAL LA 87 -15.04 -49.67 48.40
N SER LA 88 -14.45 -48.54 48.04
CA SER LA 88 -13.60 -47.74 48.94
C SER LA 88 -14.35 -47.29 50.20
N TYR LA 89 -15.48 -46.63 50.00
CA TYR LA 89 -16.25 -45.99 51.08
C TYR LA 89 -17.12 -46.96 51.88
N GLN LA 90 -17.82 -47.84 51.17
CA GLN LA 90 -18.65 -48.91 51.76
C GLN LA 90 -19.81 -48.42 52.63
N THR LA 91 -20.47 -47.35 52.21
CA THR LA 91 -21.78 -47.00 52.77
C THR LA 91 -22.67 -46.45 51.68
N LYS LA 92 -23.96 -46.52 51.97
CA LYS LA 92 -24.98 -46.26 50.99
C LYS LA 92 -25.14 -44.75 50.87
N VAL LA 93 -24.63 -44.18 49.79
CA VAL LA 93 -24.87 -42.77 49.49
C VAL LA 93 -26.04 -42.75 48.55
N ASN LA 94 -27.06 -41.96 48.88
CA ASN LA 94 -28.19 -41.76 47.99
C ASN LA 94 -27.78 -41.02 46.72
N LEU LA 95 -28.61 -41.07 45.68
CA LEU LA 95 -28.47 -40.23 44.49
C LEU LA 95 -29.80 -39.56 44.14
N LEU LA 96 -30.84 -40.36 43.97
CA LEU LA 96 -32.17 -39.85 43.69
C LEU LA 96 -33.15 -40.36 44.74
N SER LA 97 -34.16 -39.55 44.99
CA SER LA 97 -35.15 -39.78 46.02
C SER LA 97 -36.48 -39.21 45.57
N ALA LA 98 -37.56 -39.92 45.89
CA ALA LA 98 -38.92 -39.40 45.74
C ALA LA 98 -39.84 -39.99 46.81
N ILE LA 99 -40.83 -39.20 47.19
CA ILE LA 99 -41.80 -39.58 48.20
C ILE LA 99 -43.13 -38.97 47.80
N LYS LA 100 -44.14 -39.82 47.62
CA LYS LA 100 -45.49 -39.35 47.27
C LYS LA 100 -46.51 -39.96 48.23
N SER LA 101 -47.41 -39.10 48.71
CA SER LA 101 -48.52 -39.51 49.57
C SER LA 101 -49.75 -39.56 48.69
N PRO LA 102 -50.11 -40.75 48.20
CA PRO LA 102 -51.04 -40.86 47.09
C PRO LA 102 -52.50 -40.66 47.46
N CYS LA 103 -52.81 -40.30 48.71
CA CYS LA 103 -54.20 -40.28 49.16
C CYS LA 103 -54.49 -39.21 50.23
N GLN LA 104 -55.04 -38.08 49.78
CA GLN LA 104 -55.23 -36.90 50.64
C GLN LA 104 -56.39 -37.03 51.62
N ARG LA 105 -57.43 -37.75 51.22
CA ARG LA 105 -58.41 -38.28 52.17
C ARG LA 105 -58.76 -39.70 51.74
N GLU LA 106 -59.33 -40.49 52.66
CA GLU LA 106 -59.58 -41.92 52.41
C GLU LA 106 -61.00 -42.14 51.86
N THR LA 107 -61.20 -43.30 51.21
CA THR LA 107 -62.43 -43.61 50.49
C THR LA 107 -63.59 -43.89 51.46
N PRO LA 108 -64.72 -43.16 51.32
CA PRO LA 108 -65.84 -43.39 52.23
C PRO LA 108 -66.62 -44.66 51.89
N ALA LA 111 -68.66 -46.29 50.27
CA ALA LA 111 -69.03 -45.52 49.08
C ALA LA 111 -67.93 -45.56 48.02
N GLU LA 112 -67.91 -46.65 47.26
CA GLU LA 112 -67.03 -46.87 46.08
C GLU LA 112 -65.52 -46.63 46.30
N ALA LA 113 -64.80 -47.68 46.67
CA ALA LA 113 -63.34 -47.63 46.85
C ALA LA 113 -62.62 -47.75 45.50
N LYS LA 114 -62.61 -46.64 44.75
CA LYS LA 114 -61.98 -46.56 43.42
C LYS LA 114 -60.46 -46.65 43.53
N PRO LA 115 -59.77 -47.03 42.43
CA PRO LA 115 -58.32 -47.20 42.53
C PRO LA 115 -57.53 -45.88 42.34
N TRP LA 116 -56.23 -45.96 42.58
CA TRP LA 116 -55.30 -44.88 42.30
C TRP LA 116 -53.98 -45.45 41.79
N TYR LA 117 -53.27 -44.65 41.00
CA TYR LA 117 -51.94 -44.98 40.48
C TYR LA 117 -50.96 -43.84 40.80
N GLU LA 118 -49.72 -44.20 41.13
CA GLU LA 118 -48.63 -43.22 41.26
C GLU LA 118 -47.36 -43.74 40.58
N PRO LA 119 -47.09 -43.26 39.35
CA PRO LA 119 -45.78 -43.48 38.77
C PRO LA 119 -44.77 -42.53 39.43
N ILE LA 120 -43.56 -43.03 39.65
CA ILE LA 120 -42.47 -42.21 40.13
C ILE LA 120 -41.30 -42.46 39.20
N TYR LA 121 -40.83 -41.40 38.58
CA TYR LA 121 -39.65 -41.45 37.75
C TYR LA 121 -38.45 -40.75 38.41
N LEU LA 122 -37.32 -41.44 38.39
CA LEU LA 122 -36.07 -40.96 38.94
C LEU LA 122 -35.04 -41.04 37.85
N GLY LA 123 -34.20 -40.02 37.74
CA GLY LA 123 -33.04 -40.14 36.88
C GLY LA 123 -32.11 -38.94 36.90
N GLY LA 124 -30.84 -39.21 36.59
CA GLY LA 124 -29.84 -38.16 36.39
C GLY LA 124 -28.56 -38.72 35.80
N VAL LA 125 -27.43 -38.01 36.02
CA VAL LA 125 -26.11 -38.43 35.50
C VAL LA 125 -24.97 -38.09 36.46
N PHE LA 126 -24.14 -39.11 36.72
CA PHE LA 126 -23.38 -39.26 37.95
C PHE LA 126 -22.00 -39.87 37.72
N GLN LA 127 -20.99 -39.30 38.37
CA GLN LA 127 -19.62 -39.82 38.33
C GLN LA 127 -19.57 -41.10 39.16
N LEU LA 128 -19.16 -42.20 38.53
CA LEU LA 128 -19.10 -43.50 39.18
C LEU LA 128 -17.75 -44.15 39.01
N GLU LA 129 -17.24 -44.73 40.09
CA GLU LA 129 -15.98 -45.47 40.05
C GLU LA 129 -16.28 -46.95 39.79
N LYS LA 130 -15.23 -47.68 39.43
CA LYS LA 130 -15.30 -49.12 39.14
C LYS LA 130 -15.82 -49.89 40.35
N GLY LA 131 -16.56 -50.95 40.10
CA GLY LA 131 -17.08 -51.79 41.18
C GLY LA 131 -18.24 -51.24 41.99
N ASP LA 132 -18.74 -50.06 41.65
CA ASP LA 132 -19.83 -49.45 42.41
C ASP LA 132 -21.10 -50.27 42.17
N ARG LA 133 -21.81 -50.61 43.24
CA ARG LA 133 -23.06 -51.39 43.15
C ARG LA 133 -24.26 -50.44 43.23
N LEU LA 134 -25.08 -50.44 42.20
CA LEU LA 134 -26.26 -49.59 42.12
C LEU LA 134 -27.52 -50.33 42.52
N SER LA 135 -27.94 -50.10 43.75
CA SER LA 135 -29.23 -50.55 44.24
C SER LA 135 -30.29 -49.56 43.79
N ALA LA 136 -31.49 -50.07 43.52
CA ALA LA 136 -32.67 -49.25 43.25
C ALA LA 136 -33.84 -49.94 43.93
N GLU LA 137 -34.52 -49.22 44.83
CA GLU LA 137 -35.41 -49.84 45.79
C GLU LA 137 -36.67 -49.04 45.99
N ILE LA 138 -37.70 -49.73 46.52
CA ILE LA 138 -38.95 -49.11 46.96
C ILE LA 138 -39.25 -49.54 48.38
N ASN LA 139 -40.22 -48.90 49.03
CA ASN LA 139 -40.62 -49.26 50.39
C ASN LA 139 -41.87 -50.11 50.48
N ARG LA 140 -42.68 -50.12 49.43
CA ARG LA 140 -43.94 -50.87 49.41
C ARG LA 140 -44.03 -51.76 48.17
N PRO LA 141 -43.45 -52.96 48.22
CA PRO LA 141 -43.53 -53.83 47.04
C PRO LA 141 -44.93 -54.35 46.77
N ASP LA 142 -45.71 -54.60 47.84
CA ASP LA 142 -47.13 -54.93 47.71
C ASP LA 142 -48.00 -53.96 46.88
N TYR LA 143 -47.67 -52.67 46.86
CA TYR LA 143 -48.38 -51.67 46.04
C TYR LA 143 -47.91 -51.60 44.58
N LEU LA 144 -46.78 -52.23 44.25
CA LEU LA 144 -46.30 -52.30 42.84
C LEU LA 144 -47.33 -52.85 41.85
N ASP LA 145 -47.13 -52.52 40.57
CA ASP LA 145 -47.92 -53.09 39.47
C ASP LA 145 -47.01 -53.74 38.43
N PHE LA 146 -47.23 -55.05 38.18
CA PHE LA 146 -46.61 -55.78 37.07
C PHE LA 146 -47.59 -56.16 35.96
N ALA LA 147 -48.87 -55.85 36.14
CA ALA LA 147 -49.94 -56.27 35.20
C ALA LA 147 -49.48 -56.29 33.75
N GLU LA 148 -48.82 -55.22 33.35
CA GLU LA 148 -48.28 -55.08 32.01
C GLU LA 148 -46.78 -54.79 32.05
N SER LA 149 -46.05 -55.32 31.06
CA SER LA 149 -44.62 -55.05 30.88
C SER LA 149 -44.33 -53.58 30.57
N GLY LA 150 -43.13 -53.15 30.95
CA GLY LA 150 -42.64 -51.78 30.70
C GLY LA 150 -42.88 -50.78 31.84
N GLN LA 151 -43.63 -51.19 32.85
CA GLN LA 151 -44.02 -50.29 33.93
C GLN LA 151 -42.88 -49.98 34.90
N VAL LA 152 -41.96 -50.92 35.08
CA VAL LA 152 -41.00 -50.89 36.17
C VAL LA 152 -39.62 -51.25 35.66
N TYR LA 153 -38.83 -50.22 35.36
CA TYR LA 153 -37.47 -50.46 34.90
C TYR LA 153 -36.45 -49.75 35.76
N PHE LA 154 -35.21 -50.15 35.55
CA PHE LA 154 -34.06 -49.57 36.21
C PHE LA 154 -32.91 -49.85 35.28
N GLY LA 155 -32.13 -48.82 34.99
CA GLY LA 155 -31.18 -48.91 33.89
C GLY LA 155 -30.24 -47.74 33.81
N ILE LA 156 -29.08 -48.02 33.23
CA ILE LA 156 -27.98 -47.07 33.12
C ILE LA 156 -27.32 -47.11 31.77
N ILE LA 157 -26.60 -46.03 31.45
CA ILE LA 157 -25.90 -45.87 30.17
C ILE LA 157 -24.57 -45.19 30.43
N ALA LA 158 -23.48 -45.75 29.91
CA ALA LA 158 -22.16 -45.12 30.03
C ALA LA 158 -21.97 -44.14 28.88
N LEU LA 159 -21.54 -42.92 29.18
CA LEU LA 159 -21.34 -41.86 28.16
C LEU LA 159 -19.86 -41.57 27.86
N PRO MA 10 -40.21 -29.35 14.83
CA PRO MA 10 -39.67 -28.24 15.60
C PRO MA 10 -40.64 -27.66 16.66
N SER MA 11 -40.20 -26.60 17.35
CA SER MA 11 -40.95 -25.90 18.42
C SER MA 11 -40.95 -24.36 18.23
N ASP MA 12 -41.48 -23.61 19.20
CA ASP MA 12 -41.48 -22.12 19.15
C ASP MA 12 -40.16 -21.47 19.60
N LYS MA 13 -39.28 -22.26 20.22
CA LYS MA 13 -38.08 -21.73 20.89
C LYS MA 13 -36.86 -21.77 19.95
N PRO MA 14 -36.08 -20.66 19.87
CA PRO MA 14 -34.85 -20.61 19.02
C PRO MA 14 -33.76 -21.62 19.39
N VAL MA 15 -33.14 -22.25 18.38
CA VAL MA 15 -32.02 -23.22 18.55
C VAL MA 15 -31.11 -23.33 17.31
N ALA MA 16 -29.93 -23.95 17.50
CA ALA MA 16 -29.00 -24.29 16.39
C ALA MA 16 -27.87 -25.25 16.81
N HIS MA 17 -27.39 -26.02 15.84
CA HIS MA 17 -26.30 -26.99 16.03
C HIS MA 17 -25.67 -27.27 14.67
N VAL MA 18 -24.38 -26.94 14.53
CA VAL MA 18 -23.67 -27.00 13.23
C VAL MA 18 -22.41 -27.87 13.31
N VAL MA 19 -22.15 -28.63 12.24
CA VAL MA 19 -20.93 -29.41 12.11
C VAL MA 19 -19.96 -28.70 11.20
N ALA MA 20 -18.68 -29.04 11.37
CA ALA MA 20 -17.61 -28.41 10.60
C ALA MA 20 -17.53 -28.99 9.19
N ASN MA 21 -16.62 -28.43 8.40
CA ASN MA 21 -16.38 -28.86 7.03
C ASN MA 21 -15.03 -29.61 6.93
N PRO MA 22 -15.06 -30.95 6.70
CA PRO MA 22 -13.88 -31.72 6.29
C PRO MA 22 -13.16 -31.19 5.05
N GLN MA 23 -13.91 -30.62 4.11
CA GLN MA 23 -13.33 -30.04 2.89
C GLN MA 23 -12.61 -28.70 3.16
N ALA MA 24 -12.99 -28.00 4.22
CA ALA MA 24 -12.38 -26.72 4.56
C ALA MA 24 -10.99 -26.97 5.11
N GLU MA 25 -10.01 -26.95 4.20
CA GLU MA 25 -8.62 -27.23 4.54
C GLU MA 25 -8.03 -26.04 5.32
N GLY MA 26 -7.73 -26.27 6.59
CA GLY MA 26 -7.05 -25.29 7.43
C GLY MA 26 -7.92 -24.12 7.87
N GLN MA 27 -9.15 -24.42 8.27
CA GLN MA 27 -10.05 -23.43 8.90
C GLN MA 27 -11.27 -24.12 9.51
N LEU MA 28 -11.72 -23.59 10.64
CA LEU MA 28 -12.92 -24.09 11.32
C LEU MA 28 -14.17 -23.49 10.66
N GLN MA 29 -14.72 -24.24 9.70
CA GLN MA 29 -15.88 -23.78 8.90
C GLN MA 29 -17.14 -24.61 9.15
N TRP MA 30 -18.15 -23.96 9.72
CA TRP MA 30 -19.41 -24.62 10.08
C TRP MA 30 -20.33 -24.77 8.87
N LEU MA 31 -21.19 -25.79 8.90
CA LEU MA 31 -22.13 -26.09 7.81
C LEU MA 31 -23.54 -26.29 8.37
N ASN MA 32 -24.54 -25.68 7.71
CA ASN MA 32 -25.86 -25.45 8.33
C ASN MA 32 -27.01 -26.42 8.00
N ARG MA 33 -27.35 -26.60 6.72
CA ARG MA 33 -28.46 -27.49 6.34
C ARG MA 33 -27.95 -28.65 5.48
N ARG MA 34 -27.25 -29.54 6.16
CA ARG MA 34 -26.80 -30.82 5.62
C ARG MA 34 -27.79 -31.89 6.06
N ALA MA 35 -27.36 -33.15 6.03
CA ALA MA 35 -27.94 -34.18 6.88
C ALA MA 35 -27.45 -34.01 8.34
N ASN MA 36 -26.21 -33.55 8.52
CA ASN MA 36 -25.56 -33.44 9.85
C ASN MA 36 -25.81 -32.16 10.68
N ALA MA 37 -26.72 -31.28 10.25
CA ALA MA 37 -26.96 -30.00 10.96
C ALA MA 37 -28.34 -29.37 10.67
N LEU MA 38 -28.76 -28.47 11.57
CA LEU MA 38 -30.07 -27.78 11.47
C LEU MA 38 -30.10 -26.43 12.22
N LEU MA 39 -30.83 -25.48 11.65
CA LEU MA 39 -31.14 -24.18 12.28
C LEU MA 39 -32.66 -24.07 12.47
N ALA MA 40 -33.11 -23.31 13.47
CA ALA MA 40 -34.56 -23.16 13.73
C ALA MA 40 -34.97 -21.98 14.64
N ASN MA 41 -36.09 -21.34 14.28
CA ASN MA 41 -36.74 -20.24 15.03
C ASN MA 41 -35.86 -19.00 15.23
N GLY MA 42 -35.49 -18.37 14.10
CA GLY MA 42 -34.79 -17.07 14.09
C GLY MA 42 -33.29 -17.08 13.85
N VAL MA 43 -32.64 -18.22 14.06
CA VAL MA 43 -31.17 -18.31 14.02
C VAL MA 43 -30.63 -18.29 12.58
N GLU MA 44 -29.45 -17.71 12.41
CA GLU MA 44 -28.72 -17.70 11.14
C GLU MA 44 -27.23 -18.01 11.35
N LEU MA 45 -26.60 -18.58 10.32
CA LEU MA 45 -25.15 -18.79 10.27
C LEU MA 45 -24.55 -17.73 9.35
N ARG MA 46 -23.95 -16.69 9.96
CA ARG MA 46 -23.52 -15.47 9.27
C ARG MA 46 -22.03 -15.17 9.54
N ASP MA 47 -21.21 -15.34 8.49
CA ASP MA 47 -19.75 -15.15 8.57
C ASP MA 47 -19.10 -16.11 9.57
N ASN MA 48 -19.46 -17.39 9.46
CA ASN MA 48 -18.98 -18.46 10.37
C ASN MA 48 -19.35 -18.22 11.84
N GLN MA 49 -20.42 -17.46 12.06
CA GLN MA 49 -20.79 -16.93 13.38
C GLN MA 49 -22.32 -16.93 13.56
N LEU MA 50 -22.81 -17.69 14.53
CA LEU MA 50 -24.25 -17.76 14.82
C LEU MA 50 -24.79 -16.46 15.41
N VAL MA 51 -26.10 -16.26 15.27
CA VAL MA 51 -26.76 -14.98 15.55
C VAL MA 51 -27.96 -15.16 16.50
N VAL MA 52 -28.18 -14.17 17.36
CA VAL MA 52 -29.27 -14.21 18.35
C VAL MA 52 -30.47 -13.37 17.88
N PRO MA 53 -31.62 -14.02 17.56
CA PRO MA 53 -32.77 -13.26 17.08
C PRO MA 53 -33.59 -12.52 18.15
N SER MA 54 -33.38 -12.81 19.44
CA SER MA 54 -34.14 -12.15 20.53
C SER MA 54 -33.46 -12.25 21.90
N GLU MA 55 -33.94 -11.45 22.85
CA GLU MA 55 -33.39 -11.45 24.22
C GLU MA 55 -33.73 -12.73 25.00
N GLY MA 56 -33.04 -12.90 26.13
CA GLY MA 56 -33.29 -14.01 27.05
C GLY MA 56 -32.03 -14.78 27.40
N LEU MA 57 -32.22 -15.98 27.93
CA LEU MA 57 -31.13 -16.84 28.41
C LEU MA 57 -30.81 -17.91 27.38
N TYR MA 58 -29.51 -18.16 27.16
CA TYR MA 58 -29.05 -19.00 26.04
C TYR MA 58 -27.94 -19.99 26.46
N LEU MA 59 -28.22 -21.28 26.33
CA LEU MA 59 -27.26 -22.35 26.67
C LEU MA 59 -26.38 -22.65 25.46
N ILE MA 60 -25.14 -22.18 25.53
CA ILE MA 60 -24.15 -22.31 24.46
C ILE MA 60 -23.28 -23.53 24.74
N TYR MA 61 -22.73 -24.13 23.70
CA TYR MA 61 -21.72 -25.20 23.86
C TYR MA 61 -20.98 -25.44 22.56
N SER MA 62 -19.85 -26.14 22.65
CA SER MA 62 -19.01 -26.40 21.49
C SER MA 62 -18.01 -27.50 21.76
N GLN MA 63 -17.61 -28.20 20.70
CA GLN MA 63 -16.62 -29.26 20.82
C GLN MA 63 -15.76 -29.31 19.58
N VAL MA 64 -14.49 -29.66 19.78
CA VAL MA 64 -13.56 -29.97 18.68
C VAL MA 64 -12.77 -31.23 19.06
N LEU MA 65 -11.89 -31.69 18.17
CA LEU MA 65 -11.11 -32.90 18.38
C LEU MA 65 -9.76 -32.79 17.68
N PHE MA 66 -8.70 -32.49 18.44
CA PHE MA 66 -7.35 -32.37 17.88
C PHE MA 66 -6.62 -33.71 17.87
N LYS MA 67 -5.68 -33.84 16.94
CA LYS MA 67 -5.05 -35.12 16.63
C LYS MA 67 -3.63 -34.89 16.09
N GLY MA 68 -2.65 -35.60 16.65
CA GLY MA 68 -1.25 -35.48 16.22
C GLY MA 68 -0.40 -36.72 16.41
N GLN MA 69 0.25 -37.16 15.32
CA GLN MA 69 1.20 -38.28 15.33
C GLN MA 69 2.49 -37.89 16.02
N GLY MA 70 3.01 -38.78 16.86
CA GLY MA 70 4.22 -38.55 17.64
C GLY MA 70 4.19 -37.19 18.32
N CYS MA 71 5.21 -36.38 18.07
CA CYS MA 71 5.27 -34.99 18.54
C CYS MA 71 6.46 -34.22 17.94
N PRO MA 72 6.27 -32.91 17.63
CA PRO MA 72 7.35 -32.12 17.02
C PRO MA 72 8.43 -31.64 18.01
N SER MA 73 9.54 -31.13 17.47
CA SER MA 73 10.66 -30.57 18.25
C SER MA 73 10.26 -29.34 19.08
N THR MA 74 9.48 -28.45 18.46
CA THR MA 74 8.81 -27.35 19.16
C THR MA 74 7.58 -27.85 19.94
N HIS MA 75 7.12 -27.02 20.89
CA HIS MA 75 5.97 -27.36 21.73
C HIS MA 75 4.64 -27.21 20.96
N VAL MA 76 3.62 -27.97 21.38
CA VAL MA 76 2.29 -27.94 20.78
C VAL MA 76 1.31 -27.16 21.67
N LEU MA 77 0.49 -26.31 21.05
CA LEU MA 77 -0.39 -25.36 21.75
C LEU MA 77 -1.77 -25.30 21.07
N LEU MA 78 -2.84 -25.60 21.83
CA LEU MA 78 -4.22 -25.70 21.29
C LEU MA 78 -5.23 -24.85 22.10
N THR MA 79 -6.07 -24.07 21.41
CA THR MA 79 -6.98 -23.09 22.05
C THR MA 79 -8.34 -22.98 21.35
N HIS MA 80 -9.30 -23.77 21.83
CA HIS MA 80 -10.72 -23.62 21.45
C HIS MA 80 -11.22 -22.36 22.16
N THR MA 81 -12.08 -21.59 21.50
CA THR MA 81 -12.61 -20.34 22.07
C THR MA 81 -13.93 -19.95 21.42
N ILE MA 82 -14.92 -19.64 22.25
CA ILE MA 82 -16.15 -18.95 21.84
C ILE MA 82 -16.00 -17.48 22.25
N SER MA 83 -16.67 -16.59 21.52
CA SER MA 83 -16.70 -15.18 21.85
C SER MA 83 -18.02 -14.51 21.45
N ARG MA 84 -18.26 -13.33 22.01
CA ARG MA 84 -19.47 -12.55 21.81
C ARG MA 84 -19.17 -11.12 21.35
N ILE MA 85 -19.73 -10.76 20.18
CA ILE MA 85 -19.74 -9.37 19.72
C ILE MA 85 -21.17 -8.88 19.91
N ALA MA 86 -21.35 -7.87 20.76
CA ALA MA 86 -22.65 -7.21 20.89
C ALA MA 86 -22.93 -6.37 19.65
N VAL MA 87 -24.20 -6.05 19.39
CA VAL MA 87 -24.57 -5.14 18.30
C VAL MA 87 -24.23 -3.70 18.71
N SER MA 88 -24.66 -3.36 19.94
CA SER MA 88 -24.39 -2.07 20.56
C SER MA 88 -22.89 -1.70 20.59
N TYR MA 89 -22.06 -2.68 20.93
CA TYR MA 89 -20.63 -2.46 21.19
C TYR MA 89 -19.72 -2.71 19.96
N GLN MA 90 -20.02 -3.77 19.20
CA GLN MA 90 -19.25 -4.18 17.99
C GLN MA 90 -17.88 -4.87 18.26
N THR MA 91 -17.43 -4.88 19.52
CA THR MA 91 -16.12 -5.42 19.89
C THR MA 91 -16.25 -6.83 20.46
N LYS MA 92 -15.23 -7.65 20.20
CA LYS MA 92 -15.24 -9.07 20.49
C LYS MA 92 -14.92 -9.37 21.97
N VAL MA 93 -15.96 -9.73 22.72
CA VAL MA 93 -15.89 -10.05 24.15
C VAL MA 93 -15.71 -11.57 24.30
N ASN MA 94 -14.84 -11.99 25.21
CA ASN MA 94 -14.54 -13.42 25.42
C ASN MA 94 -15.56 -14.11 26.35
N LEU MA 95 -16.15 -15.21 25.89
CA LEU MA 95 -17.20 -15.94 26.65
C LEU MA 95 -16.68 -17.20 27.33
N LEU MA 96 -16.08 -18.08 26.55
CA LEU MA 96 -15.62 -19.38 27.01
C LEU MA 96 -14.31 -19.70 26.31
N SER MA 97 -13.34 -20.27 27.02
CA SER MA 97 -12.04 -20.60 26.41
C SER MA 97 -11.29 -21.68 27.19
N ALA MA 98 -10.45 -22.43 26.47
CA ALA MA 98 -9.74 -23.58 27.04
C ALA MA 98 -8.48 -23.92 26.25
N ILE MA 99 -7.33 -23.67 26.87
CA ILE MA 99 -6.02 -23.92 26.28
C ILE MA 99 -5.57 -25.32 26.70
N LYS MA 100 -4.90 -26.02 25.79
CA LYS MA 100 -4.44 -27.40 26.03
C LYS MA 100 -3.07 -27.67 25.37
N SER MA 101 -2.20 -28.38 26.09
CA SER MA 101 -0.87 -28.74 25.62
C SER MA 101 -0.79 -30.27 25.48
N PRO MA 102 -1.07 -30.81 24.29
CA PRO MA 102 -1.16 -32.26 24.14
C PRO MA 102 0.16 -32.96 24.41
N CYS MA 103 1.25 -32.31 24.01
CA CYS MA 103 2.57 -32.86 24.15
C CYS MA 103 3.12 -32.51 25.51
N GLN MA 104 3.61 -33.54 26.22
CA GLN MA 104 4.44 -33.36 27.41
C GLN MA 104 5.93 -33.32 27.04
N ARG MA 105 6.31 -34.10 26.02
CA ARG MA 105 7.72 -34.39 25.72
C ARG MA 105 7.90 -34.79 24.24
N GLU MA 106 8.92 -34.21 23.59
CA GLU MA 106 9.21 -34.47 22.17
C GLU MA 106 9.88 -35.84 21.94
N THR MA 107 9.68 -36.41 20.75
CA THR MA 107 9.95 -37.84 20.48
C THR MA 107 11.05 -38.10 19.42
N PRO MA 108 12.33 -38.16 19.86
CA PRO MA 108 13.42 -38.76 19.09
C PRO MA 108 13.85 -40.12 19.65
N GLU MA 109 14.00 -41.11 18.77
CA GLU MA 109 14.38 -42.48 19.17
C GLU MA 109 15.86 -42.57 19.56
N ALA MA 113 7.31 -42.28 17.96
CA ALA MA 113 6.26 -41.41 17.45
C ALA MA 113 4.97 -42.20 17.25
N LYS MA 114 4.11 -42.18 18.26
CA LYS MA 114 2.78 -42.82 18.17
C LYS MA 114 1.68 -41.79 18.51
N PRO MA 115 0.50 -41.96 17.87
CA PRO MA 115 -0.43 -40.83 17.74
C PRO MA 115 -1.26 -40.55 18.98
N TRP MA 116 -1.16 -39.32 19.48
CA TRP MA 116 -2.08 -38.81 20.51
C TRP MA 116 -3.34 -38.22 19.85
N TYR MA 117 -4.41 -38.11 20.66
CA TYR MA 117 -5.64 -37.39 20.29
C TYR MA 117 -6.04 -36.54 21.50
N GLU MA 118 -6.47 -35.31 21.28
CA GLU MA 118 -6.92 -34.43 22.38
C GLU MA 118 -8.13 -33.58 21.98
N PRO MA 119 -9.27 -33.74 22.69
CA PRO MA 119 -10.47 -32.95 22.41
C PRO MA 119 -10.72 -31.85 23.43
N ILE MA 120 -11.37 -30.77 22.99
CA ILE MA 120 -11.70 -29.64 23.87
C ILE MA 120 -13.18 -29.33 23.78
N TYR MA 121 -13.78 -29.11 24.95
CA TYR MA 121 -15.22 -28.96 25.13
C TYR MA 121 -15.48 -27.60 25.72
N LEU MA 122 -16.71 -27.12 25.54
CA LEU MA 122 -17.11 -25.78 26.01
C LEU MA 122 -18.60 -25.72 26.24
N GLY MA 123 -19.00 -24.84 27.15
CA GLY MA 123 -20.39 -24.42 27.23
C GLY MA 123 -20.84 -23.90 28.58
N GLY MA 124 -21.97 -23.22 28.53
CA GLY MA 124 -22.62 -22.65 29.69
C GLY MA 124 -23.82 -21.84 29.26
N VAL MA 125 -24.54 -21.32 30.25
CA VAL MA 125 -25.69 -20.44 30.02
C VAL MA 125 -25.21 -18.98 30.00
N PHE MA 126 -25.85 -18.14 29.18
CA PHE MA 126 -25.52 -16.70 29.10
C PHE MA 126 -26.74 -15.84 28.78
N GLN MA 127 -26.74 -14.61 29.28
CA GLN MA 127 -27.78 -13.63 28.95
C GLN MA 127 -27.34 -12.88 27.71
N LEU MA 128 -28.20 -12.86 26.70
CA LEU MA 128 -27.92 -12.26 25.39
C LEU MA 128 -29.13 -11.48 24.84
N GLU MA 129 -28.84 -10.54 23.94
CA GLU MA 129 -29.84 -9.61 23.37
C GLU MA 129 -29.96 -9.79 21.85
N LYS MA 130 -30.91 -9.09 21.23
CA LYS MA 130 -31.18 -9.24 19.79
C LYS MA 130 -30.01 -8.78 18.92
N GLY MA 131 -29.37 -9.76 18.28
CA GLY MA 131 -28.39 -9.53 17.20
C GLY MA 131 -26.93 -9.86 17.49
N ASP MA 132 -26.63 -10.45 18.64
CA ASP MA 132 -25.24 -10.63 19.08
C ASP MA 132 -24.60 -11.81 18.33
N ARG MA 133 -23.38 -11.61 17.83
CA ARG MA 133 -22.69 -12.63 17.01
C ARG MA 133 -21.84 -13.55 17.87
N LEU MA 134 -21.98 -14.85 17.65
CA LEU MA 134 -21.32 -15.89 18.44
C LEU MA 134 -20.33 -16.67 17.59
N SER MA 135 -19.06 -16.65 17.98
CA SER MA 135 -17.96 -17.11 17.14
C SER MA 135 -17.12 -18.19 17.81
N ALA MA 136 -17.45 -19.46 17.53
CA ALA MA 136 -16.64 -20.60 17.97
C ALA MA 136 -15.42 -20.71 17.06
N GLU MA 137 -14.23 -20.71 17.67
CA GLU MA 137 -12.97 -20.50 16.93
C GLU MA 137 -11.78 -21.22 17.55
N ILE MA 138 -10.70 -21.28 16.77
CA ILE MA 138 -9.47 -22.00 17.14
C ILE MA 138 -8.23 -21.32 16.58
N ASN MA 139 -7.09 -21.70 17.17
CA ASN MA 139 -5.76 -21.24 16.72
C ASN MA 139 -5.15 -22.14 15.65
N ARG MA 140 -5.37 -23.45 15.77
CA ARG MA 140 -4.70 -24.44 14.93
C ARG MA 140 -5.72 -25.31 14.18
N PRO MA 141 -6.35 -24.75 13.13
CA PRO MA 141 -7.16 -25.56 12.22
C PRO MA 141 -6.46 -26.83 11.75
N ASP MA 142 -5.22 -26.69 11.28
CA ASP MA 142 -4.39 -27.82 10.81
C ASP MA 142 -4.47 -29.14 11.60
N TYR MA 143 -4.52 -29.07 12.94
CA TYR MA 143 -4.50 -30.28 13.80
C TYR MA 143 -5.86 -30.98 14.04
N LEU MA 144 -6.93 -30.48 13.41
CA LEU MA 144 -8.28 -31.06 13.52
C LEU MA 144 -8.38 -32.53 13.07
N ASP MA 145 -9.53 -33.15 13.36
CA ASP MA 145 -9.79 -34.57 13.06
C ASP MA 145 -11.26 -34.83 12.69
N PHE MA 146 -11.51 -35.02 11.40
CA PHE MA 146 -12.85 -35.34 10.88
C PHE MA 146 -13.12 -36.85 10.79
N ALA MA 147 -12.20 -37.67 11.31
CA ALA MA 147 -12.30 -39.15 11.22
C ALA MA 147 -13.59 -39.66 11.83
N GLU MA 148 -13.88 -39.20 13.05
CA GLU MA 148 -15.22 -39.24 13.60
C GLU MA 148 -15.91 -37.96 13.12
N SER MA 149 -16.58 -38.07 11.97
CA SER MA 149 -17.24 -36.92 11.34
C SER MA 149 -18.51 -36.59 12.13
N GLY MA 150 -18.66 -35.31 12.48
CA GLY MA 150 -19.70 -34.87 13.41
C GLY MA 150 -19.25 -34.66 14.85
N GLN MA 151 -18.01 -35.02 15.17
CA GLN MA 151 -17.44 -34.71 16.51
C GLN MA 151 -17.06 -33.23 16.65
N VAL MA 152 -16.91 -32.54 15.52
CA VAL MA 152 -16.62 -31.11 15.50
C VAL MA 152 -17.93 -30.36 15.36
N TYR MA 153 -18.31 -29.60 16.38
CA TYR MA 153 -19.58 -28.89 16.37
C TYR MA 153 -19.67 -27.79 17.40
N PHE MA 154 -20.72 -26.97 17.25
CA PHE MA 154 -20.93 -25.78 18.06
C PHE MA 154 -22.42 -25.43 17.98
N GLY MA 155 -23.03 -25.15 19.13
CA GLY MA 155 -24.49 -24.94 19.18
C GLY MA 155 -24.98 -24.19 20.41
N ILE MA 156 -26.22 -23.70 20.32
CA ILE MA 156 -26.85 -22.91 21.38
C ILE MA 156 -28.35 -23.22 21.52
N ILE MA 157 -28.91 -22.96 22.70
CA ILE MA 157 -30.34 -23.15 22.96
C ILE MA 157 -30.91 -22.00 23.77
N ALA MA 158 -31.93 -21.33 23.22
CA ALA MA 158 -32.67 -20.29 23.94
C ALA MA 158 -33.61 -20.97 24.92
N LEU MA 159 -33.40 -20.73 26.21
CA LEU MA 159 -34.20 -21.38 27.25
C LEU MA 159 -35.59 -20.75 27.33
N SER NA 11 -42.15 -19.47 32.14
CA SER NA 11 -41.26 -20.26 33.03
C SER NA 11 -39.84 -19.71 32.97
N ASP NA 12 -39.38 -19.11 34.07
CA ASP NA 12 -38.07 -18.43 34.12
C ASP NA 12 -36.97 -19.35 34.67
N LYS NA 13 -37.24 -20.06 35.76
CA LYS NA 13 -36.40 -21.16 36.30
C LYS NA 13 -34.97 -20.79 36.77
N PRO NA 14 -34.60 -21.19 38.01
CA PRO NA 14 -33.25 -20.95 38.55
C PRO NA 14 -32.09 -21.34 37.64
N VAL NA 15 -31.21 -20.38 37.39
CA VAL NA 15 -30.00 -20.60 36.59
C VAL NA 15 -28.85 -19.75 37.14
N ALA NA 16 -27.63 -20.21 36.92
CA ALA NA 16 -26.44 -19.51 37.43
C ALA NA 16 -25.18 -19.74 36.60
N HIS NA 17 -24.26 -18.80 36.75
CA HIS NA 17 -22.97 -18.79 36.05
C HIS NA 17 -22.05 -17.74 36.68
N VAL NA 18 -20.94 -18.20 37.26
CA VAL NA 18 -19.97 -17.32 37.92
C VAL NA 18 -18.52 -17.74 37.66
N VAL NA 19 -17.63 -16.78 37.85
CA VAL NA 19 -16.26 -16.81 37.32
C VAL NA 19 -15.24 -16.27 38.32
N ALA NA 20 -13.97 -16.64 38.10
CA ALA NA 20 -12.90 -16.33 39.05
C ALA NA 20 -12.61 -14.82 39.11
N ASN NA 21 -11.90 -14.39 40.14
CA ASN NA 21 -11.55 -12.98 40.32
C ASN NA 21 -10.08 -12.70 39.98
N PRO NA 22 -9.81 -11.92 38.92
CA PRO NA 22 -8.44 -11.49 38.67
C PRO NA 22 -7.85 -10.61 39.78
N GLN NA 23 -8.71 -9.79 40.42
CA GLN NA 23 -8.28 -8.86 41.48
C GLN NA 23 -7.94 -9.54 42.81
N ALA NA 24 -8.34 -10.80 42.99
CA ALA NA 24 -7.98 -11.60 44.18
C ALA NA 24 -7.08 -12.76 43.76
N GLU NA 25 -5.77 -12.57 43.88
CA GLU NA 25 -4.80 -13.62 43.57
C GLU NA 25 -4.53 -14.51 44.77
N GLY NA 26 -3.95 -15.69 44.49
CA GLY NA 26 -3.71 -16.74 45.48
C GLY NA 26 -4.91 -17.61 45.84
N GLN NA 27 -6.02 -17.45 45.12
CA GLN NA 27 -7.28 -18.06 45.51
C GLN NA 27 -8.35 -18.04 44.41
N LEU NA 28 -9.25 -19.00 44.49
CA LEU NA 28 -10.42 -19.06 43.63
C LEU NA 28 -11.57 -18.42 44.38
N GLN NA 29 -11.94 -17.21 43.98
CA GLN NA 29 -13.17 -16.55 44.45
C GLN NA 29 -14.08 -16.35 43.26
N TRP NA 30 -15.35 -16.67 43.42
CA TRP NA 30 -16.34 -16.50 42.37
C TRP NA 30 -16.88 -15.07 42.39
N LEU NA 31 -17.18 -14.54 41.21
CA LEU NA 31 -17.86 -13.25 41.06
C LEU NA 31 -19.04 -13.39 40.11
N ASN NA 32 -20.13 -12.72 40.44
CA ASN NA 32 -21.25 -12.49 39.51
C ASN NA 32 -21.33 -11.05 39.00
N ARG NA 33 -20.73 -10.10 39.75
CA ARG NA 33 -20.71 -8.67 39.36
C ARG NA 33 -19.69 -8.46 38.23
N ARG NA 34 -20.04 -8.99 37.07
CA ARG NA 34 -19.11 -9.25 35.98
C ARG NA 34 -19.82 -9.24 34.64
N ALA NA 35 -19.07 -8.95 33.58
CA ALA NA 35 -19.58 -9.02 32.21
C ALA NA 35 -19.79 -10.48 31.79
N ASN NA 36 -21.04 -10.83 31.49
CA ASN NA 36 -21.47 -12.20 31.11
C ASN NA 36 -21.47 -13.26 32.25
N ALA NA 37 -21.65 -12.80 33.49
CA ALA NA 37 -21.79 -13.67 34.66
C ALA NA 37 -23.06 -13.28 35.40
N LEU NA 38 -23.90 -14.27 35.72
CA LEU NA 38 -25.30 -14.01 36.10
C LEU NA 38 -25.81 -14.89 37.23
N LEU NA 39 -26.98 -14.52 37.74
CA LEU NA 39 -27.67 -15.21 38.84
C LEU NA 39 -29.18 -14.90 38.80
N ALA NA 40 -29.94 -15.69 38.06
CA ALA NA 40 -31.38 -15.40 37.87
C ALA NA 40 -32.27 -16.31 38.70
N ASN NA 41 -33.42 -15.77 39.09
CA ASN NA 41 -34.52 -16.53 39.70
C ASN NA 41 -34.17 -17.23 41.02
N GLY NA 42 -33.29 -16.60 41.81
CA GLY NA 42 -33.07 -16.98 43.22
C GLY NA 42 -31.76 -17.63 43.63
N VAL NA 43 -30.86 -17.86 42.67
CA VAL NA 43 -29.58 -18.49 43.00
C VAL NA 43 -28.67 -17.40 43.58
N GLU NA 44 -28.14 -17.64 44.79
CA GLU NA 44 -27.35 -16.63 45.52
C GLU NA 44 -25.91 -17.10 45.70
N LEU NA 45 -24.95 -16.23 45.37
CA LEU NA 45 -23.55 -16.51 45.67
C LEU NA 45 -23.24 -15.97 47.05
N ARG NA 46 -23.05 -16.90 48.00
CA ARG NA 46 -22.76 -16.58 49.39
C ARG NA 46 -21.60 -17.47 49.83
N ASP NA 47 -20.81 -17.00 50.81
CA ASP NA 47 -19.49 -17.56 51.16
C ASP NA 47 -18.82 -18.42 50.07
N ASN NA 48 -18.71 -17.86 48.87
CA ASN NA 48 -18.08 -18.51 47.72
C ASN NA 48 -18.77 -19.82 47.23
N GLN NA 49 -20.09 -19.90 47.46
CA GLN NA 49 -20.92 -21.09 47.18
C GLN NA 49 -22.23 -20.70 46.52
N LEU NA 50 -22.67 -21.47 45.53
CA LEU NA 50 -24.00 -21.27 44.92
C LEU NA 50 -25.09 -21.86 45.81
N VAL NA 51 -26.24 -21.20 45.81
CA VAL NA 51 -27.30 -21.45 46.79
C VAL NA 51 -28.66 -21.68 46.12
N VAL NA 52 -29.18 -22.88 46.29
CA VAL NA 52 -30.31 -23.41 45.52
C VAL NA 52 -31.64 -22.97 46.13
N PRO NA 53 -32.45 -22.18 45.40
CA PRO NA 53 -33.69 -21.63 45.96
C PRO NA 53 -34.85 -22.61 46.05
N SER NA 54 -34.82 -23.71 45.28
CA SER NA 54 -35.94 -24.65 45.22
C SER NA 54 -35.48 -26.10 45.01
N GLU NA 55 -36.19 -27.02 45.66
CA GLU NA 55 -36.00 -28.46 45.41
C GLU NA 55 -36.20 -28.73 43.92
N GLY NA 56 -35.30 -29.50 43.34
CA GLY NA 56 -35.39 -29.85 41.93
C GLY NA 56 -34.14 -30.45 41.32
N LEU NA 57 -34.29 -30.83 40.05
CA LEU NA 57 -33.23 -31.43 39.23
C LEU NA 57 -32.41 -30.31 38.58
N TYR NA 58 -31.12 -30.24 38.93
CA TYR NA 58 -30.24 -29.22 38.42
C TYR NA 58 -29.08 -29.85 37.69
N LEU NA 59 -28.75 -29.28 36.53
CA LEU NA 59 -27.48 -29.56 35.87
C LEU NA 59 -26.43 -28.76 36.59
N ILE NA 60 -25.28 -29.36 36.84
CA ILE NA 60 -24.12 -28.68 37.40
C ILE NA 60 -22.97 -28.80 36.42
N TYR NA 61 -22.31 -27.68 36.13
CA TYR NA 61 -21.11 -27.69 35.28
C TYR NA 61 -20.03 -26.83 35.90
N SER NA 62 -18.78 -27.18 35.59
CA SER NA 62 -17.64 -26.41 36.07
C SER NA 62 -16.41 -26.67 35.23
N GLN NA 63 -15.67 -25.60 34.98
CA GLN NA 63 -14.35 -25.67 34.34
C GLN NA 63 -13.32 -24.94 35.19
N VAL NA 64 -12.13 -25.52 35.26
CA VAL NA 64 -10.92 -24.81 35.70
C VAL NA 64 -9.80 -25.12 34.72
N LEU NA 65 -8.83 -24.20 34.69
CA LEU NA 65 -7.71 -24.24 33.77
C LEU NA 65 -6.42 -24.06 34.56
N PHE NA 66 -5.50 -25.02 34.48
CA PHE NA 66 -4.23 -24.95 35.19
C PHE NA 66 -3.08 -24.71 34.23
N LYS NA 67 -2.08 -23.96 34.69
CA LYS NA 67 -0.94 -23.55 33.86
C LYS NA 67 0.34 -23.59 34.69
N GLY NA 68 1.28 -24.46 34.30
CA GLY NA 68 2.61 -24.50 34.90
C GLY NA 68 3.63 -23.85 33.99
N GLN NA 69 4.82 -23.60 34.56
CA GLN NA 69 5.96 -23.09 33.81
C GLN NA 69 7.10 -24.08 33.99
N GLY NA 70 7.03 -25.18 33.25
CA GLY NA 70 7.92 -26.30 33.43
C GLY NA 70 7.47 -27.12 34.63
N CYS NA 71 8.28 -28.11 34.96
CA CYS NA 71 7.99 -29.04 36.03
C CYS NA 71 9.09 -29.00 37.09
N PRO NA 72 8.74 -28.70 38.35
CA PRO NA 72 9.73 -28.85 39.40
C PRO NA 72 10.00 -30.33 39.74
N SER NA 73 8.95 -31.14 39.82
CA SER NA 73 9.07 -32.57 40.13
C SER NA 73 7.90 -33.42 39.58
N THR NA 74 8.10 -34.73 39.65
CA THR NA 74 7.14 -35.72 39.10
C THR NA 74 5.88 -35.90 39.96
N HIS NA 75 5.84 -35.25 41.12
CA HIS NA 75 4.87 -35.55 42.17
C HIS NA 75 3.72 -34.51 42.28
N VAL NA 76 3.53 -33.69 41.24
CA VAL NA 76 2.53 -32.60 41.26
C VAL NA 76 1.12 -33.18 41.14
N LEU NA 77 0.18 -32.53 41.82
CA LEU NA 77 -1.18 -33.05 41.95
C LEU NA 77 -2.21 -31.93 41.83
N LEU NA 78 -3.18 -32.11 40.95
CA LEU NA 78 -4.24 -31.15 40.72
C LEU NA 78 -5.58 -31.83 40.92
N THR NA 79 -6.48 -31.16 41.63
CA THR NA 79 -7.81 -31.68 41.87
C THR NA 79 -8.87 -30.62 41.73
N HIS NA 80 -10.05 -31.04 41.30
CA HIS NA 80 -11.21 -30.18 41.13
C HIS NA 80 -12.38 -30.98 41.67
N THR NA 81 -13.28 -30.31 42.37
CA THR NA 81 -14.28 -30.99 43.16
C THR NA 81 -15.50 -30.12 43.38
N ILE NA 82 -16.66 -30.65 43.01
CA ILE NA 82 -17.94 -30.01 43.27
C ILE NA 82 -18.64 -30.80 44.37
N SER NA 83 -18.71 -30.18 45.55
CA SER NA 83 -19.35 -30.76 46.72
C SER NA 83 -20.66 -30.05 46.97
N ARG NA 84 -21.56 -30.77 47.64
CA ARG NA 84 -22.89 -30.30 47.96
C ARG NA 84 -23.08 -30.44 49.46
N ILE NA 85 -23.67 -29.41 50.06
CA ILE NA 85 -23.90 -29.39 51.50
C ILE NA 85 -25.38 -29.12 51.70
N ALA NA 86 -26.08 -30.17 52.11
CA ALA NA 86 -27.48 -30.10 52.46
C ALA NA 86 -27.57 -29.33 53.75
N VAL NA 87 -28.66 -28.57 53.89
CA VAL NA 87 -28.96 -27.88 55.14
C VAL NA 87 -29.09 -28.95 56.23
N SER NA 88 -30.04 -29.87 56.03
CA SER NA 88 -30.46 -30.80 57.07
C SER NA 88 -29.35 -31.72 57.55
N TYR NA 89 -28.64 -32.33 56.60
CA TYR NA 89 -27.58 -33.26 56.94
C TYR NA 89 -26.31 -32.53 57.42
N GLN NA 90 -25.96 -31.42 56.79
CA GLN NA 90 -24.81 -30.58 57.18
C GLN NA 90 -23.44 -31.29 57.10
N THR NA 91 -23.29 -32.23 56.16
CA THR NA 91 -21.98 -32.78 55.84
C THR NA 91 -21.78 -32.68 54.34
N LYS NA 92 -20.52 -32.61 53.94
CA LYS NA 92 -20.12 -32.32 52.58
C LYS NA 92 -20.18 -33.56 51.66
N VAL NA 93 -21.26 -33.69 50.91
CA VAL NA 93 -21.46 -34.81 49.98
C VAL NA 93 -20.76 -34.42 48.68
N ASN NA 94 -19.70 -35.15 48.32
CA ASN NA 94 -19.01 -34.90 47.05
C ASN NA 94 -19.81 -35.46 45.90
N LEU NA 95 -19.89 -34.72 44.80
CA LEU NA 95 -20.63 -35.14 43.63
C LEU NA 95 -19.67 -35.50 42.49
N LEU NA 96 -18.85 -34.54 42.09
CA LEU NA 96 -17.90 -34.68 40.97
C LEU NA 96 -16.49 -34.46 41.48
N SER NA 97 -15.53 -35.01 40.75
CA SER NA 97 -14.16 -35.08 41.24
C SER NA 97 -13.19 -35.28 40.10
N ALA NA 98 -11.94 -34.92 40.34
CA ALA NA 98 -10.87 -35.04 39.34
C ALA NA 98 -9.49 -35.03 39.98
N ILE NA 99 -8.58 -35.83 39.43
CA ILE NA 99 -7.22 -35.99 39.96
C ILE NA 99 -6.23 -36.11 38.79
N LYS NA 100 -5.72 -34.97 38.31
CA LYS NA 100 -4.75 -34.94 37.22
C LYS NA 100 -3.32 -34.88 37.80
N SER NA 101 -2.41 -35.69 37.24
CA SER NA 101 -0.98 -35.67 37.56
C SER NA 101 -0.25 -35.15 36.32
N PRO NA 102 -0.13 -33.82 36.19
CA PRO NA 102 0.31 -33.22 34.92
C PRO NA 102 1.79 -33.47 34.57
N CYS NA 103 2.69 -33.33 35.54
CA CYS NA 103 4.11 -33.57 35.32
C CYS NA 103 4.44 -35.05 35.53
N GLN NA 104 4.92 -35.71 34.48
CA GLN NA 104 5.29 -37.13 34.52
C GLN NA 104 6.76 -37.32 34.84
N ARG NA 105 7.62 -36.60 34.11
CA ARG NA 105 9.08 -36.61 34.34
C ARG NA 105 9.55 -35.19 34.72
N GLU NA 106 10.74 -35.09 35.30
CA GLU NA 106 11.15 -33.90 36.06
C GLU NA 106 11.37 -32.60 35.28
N THR NA 107 12.11 -32.67 34.17
CA THR NA 107 12.69 -31.50 33.44
C THR NA 107 14.09 -31.22 34.01
N PRO NA 108 15.12 -31.14 33.14
CA PRO NA 108 16.47 -30.80 33.59
C PRO NA 108 16.63 -29.28 33.86
N GLU NA 109 17.88 -28.82 34.00
CA GLU NA 109 18.17 -27.38 34.19
C GLU NA 109 18.51 -26.78 32.84
N GLY NA 110 18.07 -25.55 32.63
CA GLY NA 110 18.16 -24.88 31.32
C GLY NA 110 17.23 -25.45 30.26
N ALA NA 111 16.04 -25.92 30.69
CA ALA NA 111 14.98 -26.43 29.80
C ALA NA 111 15.43 -27.61 28.92
N LYS NA 114 7.91 -25.21 27.14
CA LYS NA 114 8.32 -25.06 28.53
C LYS NA 114 7.12 -25.12 29.50
N PRO NA 115 6.09 -24.25 29.31
CA PRO NA 115 4.87 -24.37 30.14
C PRO NA 115 4.01 -25.59 29.80
N TRP NA 116 3.15 -25.99 30.73
CA TRP NA 116 2.13 -27.03 30.48
C TRP NA 116 0.74 -26.55 30.87
N TYR NA 117 -0.26 -27.18 30.25
CA TYR NA 117 -1.67 -26.85 30.43
C TYR NA 117 -2.44 -28.16 30.52
N GLU NA 118 -3.10 -28.41 31.65
CA GLU NA 118 -3.95 -29.59 31.85
C GLU NA 118 -5.29 -29.15 32.45
N PRO NA 119 -6.22 -28.65 31.61
CA PRO NA 119 -7.52 -28.19 32.11
C PRO NA 119 -8.42 -29.35 32.52
N ILE NA 120 -9.46 -29.03 33.30
CA ILE NA 120 -10.39 -30.02 33.85
C ILE NA 120 -11.81 -29.47 33.76
N TYR NA 121 -12.73 -30.30 33.27
CA TYR NA 121 -14.15 -29.98 33.21
C TYR NA 121 -14.88 -31.05 33.98
N LEU NA 122 -15.84 -30.64 34.82
CA LEU NA 122 -16.71 -31.54 35.57
C LEU NA 122 -18.16 -31.20 35.30
N GLY NA 123 -19.03 -32.20 35.36
CA GLY NA 123 -20.44 -31.96 35.12
C GLY NA 123 -21.32 -33.18 35.25
N GLY NA 124 -22.58 -32.92 35.61
CA GLY NA 124 -23.64 -33.94 35.76
C GLY NA 124 -24.98 -33.28 36.04
N VAL NA 125 -26.03 -34.08 36.28
CA VAL NA 125 -27.35 -33.54 36.66
C VAL NA 125 -27.86 -34.23 37.91
N PHE NA 126 -28.31 -33.44 38.89
CA PHE NA 126 -28.45 -33.91 40.29
C PHE NA 126 -29.75 -33.43 40.90
N GLN NA 127 -30.40 -34.36 41.63
CA GLN NA 127 -31.48 -34.03 42.56
C GLN NA 127 -30.87 -33.11 43.58
N LEU NA 128 -31.49 -31.95 43.81
CA LEU NA 128 -31.08 -31.06 44.90
C LEU NA 128 -32.29 -30.59 45.68
N GLU NA 129 -32.04 -30.30 46.96
CA GLU NA 129 -33.02 -29.72 47.87
C GLU NA 129 -32.79 -28.22 47.91
N LYS NA 130 -33.71 -27.55 48.57
CA LYS NA 130 -33.64 -26.13 48.82
C LYS NA 130 -32.51 -25.82 49.79
N GLY NA 131 -31.93 -24.64 49.63
CA GLY NA 131 -30.80 -24.18 50.43
C GLY NA 131 -29.55 -25.04 50.40
N ASP NA 132 -29.37 -25.84 49.36
CA ASP NA 132 -28.17 -26.66 49.28
C ASP NA 132 -27.05 -25.74 48.84
N ARG NA 133 -25.85 -25.97 49.38
CA ARG NA 133 -24.70 -25.11 49.11
C ARG NA 133 -23.67 -25.85 48.29
N LEU NA 134 -23.51 -25.42 47.04
CA LEU NA 134 -22.53 -26.01 46.13
C LEU NA 134 -21.21 -25.25 46.13
N SER NA 135 -20.11 -26.00 46.04
CA SER NA 135 -18.79 -25.42 46.13
C SER NA 135 -17.85 -26.17 45.20
N ALA NA 136 -17.73 -25.62 44.00
CA ALA NA 136 -16.60 -25.91 43.12
C ALA NA 136 -15.31 -25.42 43.79
N GLU NA 137 -14.31 -26.31 43.84
CA GLU NA 137 -13.18 -26.20 44.74
C GLU NA 137 -11.95 -26.80 44.09
N ILE NA 138 -10.79 -26.27 44.44
CA ILE NA 138 -9.51 -26.66 43.85
C ILE NA 138 -8.43 -26.72 44.92
N ASN NA 139 -7.39 -27.51 44.69
CA ASN NA 139 -6.34 -27.67 45.70
C ASN NA 139 -5.19 -26.67 45.57
N ARG NA 140 -4.82 -26.36 44.32
CA ARG NA 140 -3.72 -25.44 44.00
C ARG NA 140 -4.22 -24.14 43.32
N PRO NA 141 -4.62 -23.13 44.11
CA PRO NA 141 -4.84 -21.82 43.49
C PRO NA 141 -3.55 -21.11 42.96
N ASP NA 142 -2.37 -21.61 43.33
CA ASP NA 142 -1.09 -21.10 42.77
C ASP NA 142 -0.93 -21.42 41.27
N TYR NA 143 -1.30 -22.63 40.85
CA TYR NA 143 -1.17 -23.06 39.45
C TYR NA 143 -2.36 -22.64 38.53
N LEU NA 144 -3.30 -21.83 39.03
CA LEU NA 144 -4.49 -21.33 38.27
C LEU NA 144 -4.17 -20.49 37.01
N ASP NA 145 -5.23 -20.05 36.32
CA ASP NA 145 -5.12 -19.14 35.17
C ASP NA 145 -6.25 -18.09 35.11
N PHE NA 146 -5.92 -16.85 35.45
CA PHE NA 146 -6.80 -15.68 35.19
C PHE NA 146 -6.68 -15.25 33.73
N ALA NA 147 -5.46 -14.84 33.31
CA ALA NA 147 -5.17 -14.23 32.01
C ALA NA 147 -6.34 -13.53 31.28
N GLU NA 148 -7.24 -14.36 30.73
CA GLU NA 148 -8.32 -13.92 29.83
C GLU NA 148 -9.69 -14.35 30.37
N SER NA 149 -10.74 -13.60 30.01
CA SER NA 149 -12.10 -13.85 30.50
C SER NA 149 -12.69 -15.17 29.97
N GLY NA 150 -13.45 -15.86 30.81
CA GLY NA 150 -14.15 -17.10 30.44
C GLY NA 150 -13.31 -18.36 30.39
N GLN NA 151 -12.18 -18.36 31.09
CA GLN NA 151 -11.30 -19.53 31.18
C GLN NA 151 -11.61 -20.41 32.39
N VAL NA 152 -12.30 -19.85 33.38
CA VAL NA 152 -12.62 -20.56 34.61
C VAL NA 152 -14.02 -20.16 35.06
N TYR NA 153 -14.96 -21.11 35.02
CA TYR NA 153 -16.35 -20.85 35.35
C TYR NA 153 -17.05 -22.02 36.07
N PHE NA 154 -18.23 -21.72 36.61
CA PHE NA 154 -19.02 -22.65 37.41
C PHE NA 154 -20.45 -22.15 37.40
N GLY NA 155 -21.39 -23.04 37.08
CA GLY NA 155 -22.79 -22.66 37.01
C GLY NA 155 -23.74 -23.83 37.10
N ILE NA 156 -25.02 -23.51 37.32
CA ILE NA 156 -26.07 -24.51 37.42
C ILE NA 156 -27.34 -24.07 36.70
N ILE NA 157 -28.17 -25.04 36.32
CA ILE NA 157 -29.42 -24.81 35.58
C ILE NA 157 -30.53 -25.73 36.08
N ALA NA 158 -31.60 -25.13 36.59
CA ALA NA 158 -32.77 -25.86 37.02
C ALA NA 158 -33.52 -26.27 35.78
N LEU NA 159 -33.43 -27.56 35.45
CA LEU NA 159 -34.29 -28.15 34.45
C LEU NA 159 -35.63 -28.49 35.10
N SER OA 11 18.90 -55.67 51.93
CA SER OA 11 20.14 -56.30 51.37
C SER OA 11 21.36 -55.92 52.22
N ASP OA 12 21.71 -54.62 52.22
CA ASP OA 12 22.78 -54.07 53.06
C ASP OA 12 22.35 -52.75 53.72
N LYS OA 13 21.11 -52.70 54.21
CA LYS OA 13 20.53 -51.50 54.81
C LYS OA 13 20.90 -51.43 56.31
N PRO OA 14 21.36 -50.26 56.79
CA PRO OA 14 21.70 -50.05 58.21
C PRO OA 14 20.57 -50.29 59.22
N VAL OA 15 20.84 -51.13 60.23
CA VAL OA 15 19.85 -51.54 61.26
C VAL OA 15 20.50 -51.77 62.64
N ALA OA 16 19.76 -51.46 63.71
CA ALA OA 16 20.26 -51.61 65.09
C ALA OA 16 19.16 -51.62 66.17
N HIS OA 17 19.25 -52.60 67.07
CA HIS OA 17 18.35 -52.70 68.23
C HIS OA 17 19.13 -53.11 69.48
N VAL OA 18 19.04 -52.27 70.51
CA VAL OA 18 19.77 -52.43 71.79
C VAL OA 18 18.84 -52.29 72.99
N VAL OA 19 19.33 -52.73 74.15
CA VAL OA 19 18.58 -52.65 75.40
C VAL OA 19 19.47 -52.20 76.55
N ALA OA 20 18.85 -51.80 77.66
CA ALA OA 20 19.56 -51.31 78.85
C ALA OA 20 20.13 -52.46 79.68
N ASN OA 21 21.21 -52.15 80.40
CA ASN OA 21 21.95 -53.14 81.20
C ASN OA 21 21.20 -53.44 82.51
N PRO OA 22 20.95 -54.74 82.81
CA PRO OA 22 20.39 -55.12 84.13
C PRO OA 22 21.29 -54.85 85.37
N GLN OA 23 22.61 -54.76 85.19
CA GLN OA 23 23.51 -54.25 86.26
C GLN OA 23 23.22 -52.77 86.51
N ALA OA 24 23.07 -52.02 85.41
CA ALA OA 24 22.57 -50.64 85.41
C ALA OA 24 23.49 -49.63 86.08
N GLU OA 25 23.49 -49.61 87.41
CA GLU OA 25 23.96 -48.47 88.23
C GLU OA 25 22.92 -47.33 88.09
N GLY OA 26 23.35 -46.06 88.16
CA GLY OA 26 22.49 -44.89 87.93
C GLY OA 26 22.86 -44.18 86.64
N GLN OA 27 22.44 -44.78 85.53
CA GLN OA 27 22.84 -44.32 84.19
C GLN OA 27 21.91 -44.95 83.13
N LEU OA 28 22.29 -44.86 81.85
CA LEU OA 28 21.56 -45.51 80.77
C LEU OA 28 22.53 -46.10 79.74
N GLN OA 29 23.12 -47.25 80.08
CA GLN OA 29 24.08 -47.94 79.19
C GLN OA 29 23.38 -48.92 78.25
N TRP OA 30 23.39 -48.58 76.96
CA TRP OA 30 23.00 -49.48 75.89
C TRP OA 30 24.19 -50.39 75.59
N LEU OA 31 23.97 -51.71 75.57
CA LEU OA 31 25.07 -52.69 75.43
C LEU OA 31 25.60 -52.74 73.99
N LEU OA 38 21.56 -56.14 68.63
CA LEU OA 38 22.37 -56.54 67.48
C LEU OA 38 22.69 -55.38 66.54
N LEU OA 39 23.82 -55.50 65.83
CA LEU OA 39 24.25 -54.55 64.80
C LEU OA 39 24.48 -55.25 63.46
N ALA OA 40 24.34 -54.49 62.38
CA ALA OA 40 24.65 -54.96 61.04
C ALA OA 40 24.70 -53.82 60.02
N ASN OA 41 25.37 -54.06 58.90
CA ASN OA 41 25.42 -53.16 57.74
C ASN OA 41 25.99 -51.75 58.02
N GLY OA 42 27.10 -51.71 58.77
CA GLY OA 42 27.89 -50.48 58.95
C GLY OA 42 27.75 -49.72 60.27
N VAL OA 43 26.62 -49.89 60.95
CA VAL OA 43 26.33 -49.14 62.18
C VAL OA 43 27.23 -49.64 63.30
N GLU OA 44 27.61 -48.72 64.20
CA GLU OA 44 28.41 -49.06 65.37
C GLU OA 44 27.96 -48.34 66.64
N LEU OA 45 28.21 -49.00 67.78
CA LEU OA 45 28.01 -48.44 69.13
C LEU OA 45 29.33 -47.77 69.58
N ARG OA 46 29.32 -46.43 69.64
CA ARG OA 46 30.53 -45.65 69.92
C ARG OA 46 30.25 -44.58 70.98
N ASP OA 47 30.64 -44.90 72.22
CA ASP OA 47 30.33 -44.09 73.42
C ASP OA 47 28.82 -44.09 73.65
N ASN OA 48 28.28 -45.30 73.79
CA ASN OA 48 26.86 -45.51 74.06
C ASN OA 48 25.90 -44.90 73.02
N GLN OA 49 26.46 -44.41 71.90
CA GLN OA 49 25.71 -43.72 70.86
C GLN OA 49 25.67 -44.64 69.64
N LEU OA 50 24.99 -44.20 68.59
CA LEU OA 50 24.90 -44.95 67.35
C LEU OA 50 25.45 -44.07 66.24
N VAL OA 51 26.35 -44.63 65.42
CA VAL OA 51 26.94 -43.90 64.30
C VAL OA 51 26.30 -44.36 62.98
N VAL OA 52 25.78 -43.40 62.23
CA VAL OA 52 25.17 -43.61 60.93
C VAL OA 52 26.27 -43.83 59.88
N PRO OA 53 26.29 -45.01 59.22
CA PRO OA 53 27.33 -45.33 58.23
C PRO OA 53 27.07 -44.85 56.80
N SER OA 54 25.87 -44.34 56.51
CA SER OA 54 25.59 -43.78 55.18
C SER OA 54 24.47 -42.75 55.17
N GLU OA 55 24.61 -41.79 54.25
CA GLU OA 55 23.59 -40.77 53.99
C GLU OA 55 22.28 -41.36 53.47
N GLY OA 56 21.17 -40.74 53.85
CA GLY OA 56 19.85 -41.16 53.41
C GLY OA 56 18.77 -40.93 54.45
N LEU OA 57 17.75 -41.78 54.39
CA LEU OA 57 16.55 -41.65 55.21
C LEU OA 57 16.47 -42.80 56.20
N TYR OA 58 16.20 -42.47 57.46
CA TYR OA 58 16.26 -43.41 58.56
C TYR OA 58 15.01 -43.27 59.43
N LEU OA 59 14.59 -44.39 60.00
CA LEU OA 59 13.61 -44.42 61.07
C LEU OA 59 14.35 -44.46 62.40
N ILE OA 60 13.82 -43.75 63.39
CA ILE OA 60 14.40 -43.66 64.72
C ILE OA 60 13.31 -43.86 65.74
N TYR OA 61 13.54 -44.75 66.71
CA TYR OA 61 12.56 -45.02 67.77
C TYR OA 61 13.21 -45.41 69.08
N SER OA 62 12.50 -45.16 70.18
CA SER OA 62 13.05 -45.38 71.52
C SER OA 62 12.00 -45.33 72.64
N GLN OA 63 11.95 -46.39 73.46
CA GLN OA 63 11.06 -46.44 74.64
C GLN OA 63 11.83 -46.68 75.92
N VAL OA 64 11.46 -45.92 76.95
CA VAL OA 64 11.93 -46.12 78.33
C VAL OA 64 10.73 -46.45 79.23
N LEU OA 65 11.01 -47.06 80.39
CA LEU OA 65 9.97 -47.42 81.37
C LEU OA 65 10.41 -47.08 82.79
N PHE OA 66 9.50 -46.48 83.56
CA PHE OA 66 9.75 -46.09 84.96
C PHE OA 66 8.87 -46.81 85.96
N LYS OA 67 9.28 -46.69 87.22
CA LYS OA 67 8.47 -47.09 88.37
C LYS OA 67 8.93 -46.28 89.58
N GLY OA 68 7.96 -45.83 90.38
CA GLY OA 68 8.23 -45.08 91.61
C GLY OA 68 7.31 -45.54 92.73
N GLN OA 69 7.88 -46.19 93.73
CA GLN OA 69 7.11 -46.66 94.91
C GLN OA 69 6.51 -45.48 95.67
N GLY OA 70 5.27 -45.66 96.11
CA GLY OA 70 4.49 -44.60 96.74
C GLY OA 70 4.40 -43.36 95.86
N CYS OA 71 4.44 -42.20 96.50
CA CYS OA 71 4.63 -40.94 95.80
C CYS OA 71 5.14 -39.91 96.82
N PRO OA 72 6.42 -39.49 96.70
CA PRO OA 72 6.96 -38.50 97.64
C PRO OA 72 6.44 -37.09 97.36
N SER OA 73 6.50 -36.22 98.36
CA SER OA 73 5.88 -34.88 98.30
C SER OA 73 6.57 -33.87 97.37
N THR OA 74 7.86 -34.08 97.06
CA THR OA 74 8.58 -33.23 96.09
C THR OA 74 8.12 -33.56 94.66
N HIS OA 75 7.84 -32.52 93.88
CA HIS OA 75 7.23 -32.70 92.56
C HIS OA 75 8.21 -33.32 91.55
N VAL OA 76 7.80 -34.46 90.98
CA VAL OA 76 8.66 -35.28 90.11
C VAL OA 76 8.31 -35.06 88.63
N LEU OA 77 9.33 -34.73 87.84
CA LEU OA 77 9.26 -34.73 86.38
C LEU OA 77 10.06 -35.93 85.90
N LEU OA 78 9.72 -36.40 84.70
CA LEU OA 78 10.47 -37.46 84.00
C LEU OA 78 10.63 -37.03 82.56
N THR OA 79 11.81 -37.23 81.99
CA THR OA 79 12.04 -36.88 80.59
C THR OA 79 12.76 -37.99 79.87
N HIS OA 80 12.66 -37.91 78.54
CA HIS OA 80 13.31 -38.82 77.61
C HIS OA 80 13.44 -38.11 76.26
N THR OA 81 14.59 -38.25 75.60
CA THR OA 81 14.89 -37.49 74.39
C THR OA 81 15.91 -38.18 73.50
N ILE OA 82 15.73 -38.01 72.19
CA ILE OA 82 16.68 -38.46 71.18
C ILE OA 82 17.26 -37.19 70.55
N SER OA 83 18.58 -37.03 70.65
CA SER OA 83 19.28 -35.88 70.05
C SER OA 83 20.12 -36.32 68.87
N ARG OA 84 20.57 -35.35 68.07
CA ARG OA 84 21.46 -35.59 66.93
C ARG OA 84 22.66 -34.66 67.02
N ILE OA 85 23.82 -35.24 67.33
CA ILE OA 85 25.08 -34.52 67.30
C ILE OA 85 25.53 -34.56 65.84
N ALA OA 86 24.96 -33.66 65.04
CA ALA OA 86 25.18 -33.65 63.60
C ALA OA 86 26.62 -33.31 63.27
N VAL OA 87 27.26 -34.12 62.44
CA VAL OA 87 28.61 -33.83 61.94
C VAL OA 87 28.56 -32.73 60.84
N SER OA 88 27.37 -32.45 60.31
CA SER OA 88 27.09 -31.21 59.55
C SER OA 88 27.56 -29.96 60.30
N TYR OA 89 27.16 -29.86 61.57
CA TYR OA 89 27.26 -28.62 62.38
C TYR OA 89 28.03 -28.73 63.72
N GLN OA 90 28.09 -29.93 64.29
CA GLN OA 90 28.81 -30.28 65.56
C GLN OA 90 28.07 -30.05 66.89
N THR OA 91 26.91 -29.37 66.86
CA THR OA 91 26.09 -29.18 68.04
C THR OA 91 25.12 -30.35 68.20
N LYS OA 92 24.60 -30.47 69.42
CA LYS OA 92 23.68 -31.54 69.78
C LYS OA 92 22.26 -30.96 69.83
N VAL OA 93 21.42 -31.35 68.87
CA VAL OA 93 20.06 -30.80 68.71
C VAL OA 93 19.05 -31.89 69.05
N ASN OA 94 17.88 -31.46 69.52
CA ASN OA 94 16.73 -32.35 69.74
C ASN OA 94 16.19 -32.85 68.42
N LEU OA 95 15.77 -34.12 68.40
CA LEU OA 95 14.93 -34.68 67.35
C LEU OA 95 13.54 -35.05 67.88
N LEU OA 96 13.53 -35.80 68.98
CA LEU OA 96 12.32 -36.43 69.54
C LEU OA 96 12.43 -36.31 71.05
N SER OA 97 11.38 -35.84 71.72
CA SER OA 97 11.48 -35.42 73.12
C SER OA 97 10.13 -35.37 73.84
N ALA OA 98 10.00 -36.10 74.95
CA ALA OA 98 8.72 -36.19 75.72
C ALA OA 98 8.91 -36.19 77.26
N ILE OA 99 7.96 -35.54 77.95
CA ILE OA 99 8.05 -35.23 79.38
C ILE OA 99 6.76 -35.64 80.13
N LYS OA 100 6.89 -36.06 81.39
CA LYS OA 100 5.78 -36.58 82.22
C LYS OA 100 5.62 -35.87 83.60
N SER OA 101 4.55 -36.25 84.33
CA SER OA 101 4.29 -35.80 85.72
C SER OA 101 3.58 -36.89 86.56
N PRO OA 102 4.28 -38.00 86.87
CA PRO OA 102 3.66 -39.12 87.58
C PRO OA 102 3.08 -38.75 88.93
N CYS OA 103 3.82 -37.93 89.67
CA CYS OA 103 3.42 -37.50 91.00
C CYS OA 103 2.68 -36.16 90.89
N GLN OA 104 1.44 -36.27 90.46
CA GLN OA 104 0.44 -35.20 90.62
C GLN OA 104 0.15 -34.89 92.09
N ARG OA 105 0.22 -35.92 92.95
CA ARG OA 105 -0.17 -35.83 94.38
C ARG OA 105 0.48 -36.95 95.23
N GLU OA 106 0.64 -36.68 96.53
CA GLU OA 106 1.22 -37.65 97.49
C GLU OA 106 0.28 -38.83 97.78
N THR OA 107 0.85 -39.94 98.22
CA THR OA 107 0.10 -41.17 98.53
C THR OA 107 -0.31 -41.39 100.01
N PRO OA 108 0.64 -41.39 100.98
CA PRO OA 108 0.23 -41.69 102.36
C PRO OA 108 -0.48 -40.51 103.02
N ALA OA 113 1.25 -45.66 100.65
CA ALA OA 113 2.21 -45.58 99.56
C ALA OA 113 1.86 -46.62 98.47
N LYS OA 114 1.35 -46.12 97.35
CA LYS OA 114 0.95 -46.93 96.18
C LYS OA 114 1.98 -46.82 95.05
N PRO OA 115 2.57 -47.95 94.61
CA PRO OA 115 3.55 -47.88 93.51
C PRO OA 115 2.88 -47.65 92.17
N TRP OA 116 3.56 -46.94 91.28
CA TRP OA 116 3.08 -46.66 89.91
C TRP OA 116 4.15 -47.03 88.89
N TYR OA 117 3.76 -47.10 87.62
CA TYR OA 117 4.68 -47.31 86.49
C TYR OA 117 4.33 -46.30 85.40
N GLU OA 118 5.33 -45.83 84.66
CA GLU OA 118 5.10 -44.88 83.57
C GLU OA 118 6.11 -45.12 82.44
N PRO OA 119 5.63 -45.27 81.17
CA PRO OA 119 6.52 -45.36 80.02
C PRO OA 119 6.51 -44.12 79.11
N ILE OA 120 7.63 -43.87 78.43
CA ILE OA 120 7.74 -42.84 77.39
C ILE OA 120 8.29 -43.46 76.10
N TYR OA 121 7.40 -43.77 75.17
CA TYR OA 121 7.80 -44.21 73.84
C TYR OA 121 7.95 -42.99 72.92
N LEU OA 122 9.01 -43.01 72.11
CA LEU OA 122 9.32 -41.98 71.11
C LEU OA 122 9.66 -42.65 69.78
N GLY OA 123 9.43 -41.92 68.68
CA GLY OA 123 9.99 -42.28 67.40
C GLY OA 123 9.54 -41.46 66.21
N GLY OA 124 10.29 -41.59 65.11
CA GLY OA 124 9.98 -40.91 63.85
C GLY OA 124 11.04 -41.12 62.79
N VAL OA 125 10.75 -40.62 61.59
CA VAL OA 125 11.65 -40.70 60.45
C VAL OA 125 12.42 -39.38 60.26
N PHE OA 126 13.68 -39.48 59.82
CA PHE OA 126 14.56 -38.31 59.62
C PHE OA 126 15.60 -38.48 58.50
N GLN OA 127 16.05 -37.33 57.98
CA GLN OA 127 17.11 -37.26 56.96
C GLN OA 127 18.45 -37.18 57.70
N LEU OA 128 19.34 -38.16 57.46
CA LEU OA 128 20.64 -38.25 58.15
C LEU OA 128 21.82 -38.41 57.19
N GLU OA 129 22.98 -37.85 57.59
CA GLU OA 129 24.25 -37.96 56.85
C GLU OA 129 25.16 -39.02 57.50
N LYS OA 130 26.17 -39.49 56.77
CA LYS OA 130 27.14 -40.47 57.33
C LYS OA 130 27.94 -39.83 58.46
N GLY OA 131 28.24 -40.63 59.47
CA GLY OA 131 28.99 -40.19 60.64
C GLY OA 131 28.19 -39.46 61.72
N ASP OA 132 26.91 -39.19 61.48
CA ASP OA 132 26.07 -38.49 62.46
C ASP OA 132 25.78 -39.40 63.65
N ARG OA 133 25.78 -38.82 64.85
CA ARG OA 133 25.74 -39.56 66.11
C ARG OA 133 24.48 -39.24 66.93
N LEU OA 134 23.64 -40.26 67.11
CA LEU OA 134 22.32 -40.14 67.73
C LEU OA 134 22.28 -40.73 69.13
N SER OA 135 22.07 -39.87 70.12
CA SER OA 135 21.91 -40.30 71.50
C SER OA 135 20.43 -40.44 71.83
N ALA OA 136 20.14 -41.20 72.88
CA ALA OA 136 18.80 -41.32 73.43
C ALA OA 136 18.95 -41.25 74.95
N GLU OA 137 18.45 -40.17 75.53
CA GLU OA 137 18.73 -39.83 76.92
C GLU OA 137 17.45 -39.59 77.72
N ILE OA 138 17.63 -39.51 79.04
CA ILE OA 138 16.53 -39.38 80.02
C ILE OA 138 16.87 -38.21 80.96
N ASN OA 139 16.36 -38.25 82.19
CA ASN OA 139 16.91 -37.43 83.30
C ASN OA 139 17.02 -38.11 84.69
N ARG OA 140 16.13 -39.06 85.03
CA ARG OA 140 16.14 -39.72 86.35
C ARG OA 140 16.46 -41.23 86.25
N PRO OA 141 17.76 -41.59 86.10
CA PRO OA 141 18.20 -42.99 86.08
C PRO OA 141 17.72 -43.87 87.25
N ASP OA 142 17.63 -43.26 88.44
CA ASP OA 142 17.17 -43.96 89.65
C ASP OA 142 15.78 -44.63 89.57
N TYR OA 143 14.89 -44.10 88.74
CA TYR OA 143 13.48 -44.57 88.66
C TYR OA 143 13.16 -45.69 87.64
N LEU OA 144 14.16 -46.35 87.07
CA LEU OA 144 13.93 -47.40 86.07
C LEU OA 144 13.38 -48.71 86.63
N ASP OA 145 12.83 -49.52 85.73
CA ASP OA 145 12.05 -50.70 86.07
C ASP OA 145 12.28 -51.79 85.01
N PHE OA 146 13.49 -52.35 85.02
CA PHE OA 146 13.96 -53.23 83.93
C PHE OA 146 13.32 -54.64 83.83
N ALA OA 147 12.75 -55.14 84.93
CA ALA OA 147 12.25 -56.53 85.00
C ALA OA 147 10.95 -56.82 84.20
N GLU OA 148 10.20 -55.78 83.82
CA GLU OA 148 8.95 -55.96 83.04
C GLU OA 148 9.23 -56.46 81.62
N SER OA 149 9.46 -57.78 81.51
CA SER OA 149 9.83 -58.46 80.24
C SER OA 149 11.12 -57.95 79.54
N GLY OA 150 11.87 -57.05 80.19
CA GLY OA 150 12.96 -56.34 79.52
C GLY OA 150 12.54 -55.68 78.22
N GLN OA 151 11.56 -54.77 78.31
CA GLN OA 151 11.06 -54.02 77.15
C GLN OA 151 11.36 -52.53 77.33
N VAL OA 152 12.66 -52.22 77.38
CA VAL OA 152 13.21 -50.88 77.24
C VAL OA 152 14.32 -51.01 76.21
N TYR OA 153 14.42 -50.03 75.29
CA TYR OA 153 15.24 -50.18 74.08
C TYR OA 153 15.38 -48.90 73.25
N PHE OA 154 16.49 -48.82 72.50
CA PHE OA 154 16.77 -47.75 71.52
C PHE OA 154 17.00 -48.45 70.19
N GLY OA 155 16.45 -47.92 69.11
CA GLY OA 155 16.69 -48.49 67.79
C GLY OA 155 16.54 -47.54 66.61
N ILE OA 156 17.17 -47.92 65.49
CA ILE OA 156 17.02 -47.24 64.20
C ILE OA 156 16.94 -48.24 63.05
N ILE OA 157 16.38 -47.79 61.93
CA ILE OA 157 16.31 -48.59 60.70
C ILE OA 157 16.44 -47.66 59.49
N ALA OA 158 17.35 -47.99 58.58
CA ALA OA 158 17.47 -47.29 57.29
C ALA OA 158 16.44 -47.85 56.28
N LEU OA 159 15.95 -46.99 55.39
CA LEU OA 159 14.82 -47.26 54.51
C LEU OA 159 15.21 -47.49 53.04
N SER PA 11 15.09 -46.66 49.44
CA SER PA 11 15.61 -45.26 49.59
C SER PA 11 14.59 -44.18 49.23
N ASP PA 12 13.76 -44.45 48.21
CA ASP PA 12 12.80 -43.47 47.65
C ASP PA 12 11.32 -43.84 47.93
N LYS PA 13 11.02 -44.12 49.20
CA LYS PA 13 9.65 -44.36 49.64
C LYS PA 13 8.98 -43.04 50.06
N PRO PA 14 7.70 -42.80 49.68
CA PRO PA 14 6.97 -41.61 50.16
C PRO PA 14 7.00 -41.53 51.68
N VAL PA 15 7.72 -40.55 52.19
CA VAL PA 15 7.85 -40.34 53.64
C VAL PA 15 7.78 -38.85 53.95
N ALA PA 16 7.70 -38.54 55.25
CA ALA PA 16 7.69 -37.16 55.76
C ALA PA 16 7.82 -37.08 57.29
N HIS PA 17 8.32 -35.94 57.78
CA HIS PA 17 8.33 -35.63 59.21
C HIS PA 17 8.23 -34.13 59.38
N VAL PA 18 7.11 -33.66 59.92
CA VAL PA 18 6.94 -32.24 60.21
C VAL PA 18 6.80 -31.98 61.70
N VAL PA 19 7.10 -30.76 62.09
CA VAL PA 19 7.19 -30.35 63.49
C VAL PA 19 6.30 -29.14 63.67
N ALA PA 20 5.98 -28.83 64.93
CA ALA PA 20 5.19 -27.64 65.25
C ALA PA 20 6.03 -26.40 65.09
N ASN PA 21 5.34 -25.27 64.92
CA ASN PA 21 6.00 -23.98 64.71
C ASN PA 21 6.19 -23.24 66.04
N PRO PA 22 7.42 -23.24 66.60
CA PRO PA 22 7.59 -22.65 67.94
C PRO PA 22 7.30 -21.14 67.99
N GLN PA 23 7.52 -20.46 66.86
CA GLN PA 23 7.23 -19.04 66.72
C GLN PA 23 5.72 -18.73 66.88
N ALA PA 24 4.87 -19.57 66.28
CA ALA PA 24 3.42 -19.36 66.30
C ALA PA 24 2.88 -19.67 67.70
N GLU PA 25 2.17 -18.71 68.28
CA GLU PA 25 1.66 -18.79 69.66
C GLU PA 25 0.20 -19.25 69.75
N GLY PA 26 -0.67 -18.62 68.96
CA GLY PA 26 -2.11 -18.94 69.01
C GLY PA 26 -2.57 -20.29 68.47
N GLN PA 27 -1.67 -21.09 67.87
CA GLN PA 27 -2.10 -22.26 67.10
C GLN PA 27 -1.03 -23.34 66.90
N LEU PA 28 -1.51 -24.52 66.48
CA LEU PA 28 -0.67 -25.61 65.96
C LEU PA 28 -0.47 -25.37 64.47
N GLN PA 29 0.79 -25.31 64.04
CA GLN PA 29 1.14 -25.02 62.65
C GLN PA 29 2.34 -25.90 62.28
N TRP PA 30 2.05 -26.92 61.48
CA TRP PA 30 3.03 -27.95 61.11
C TRP PA 30 4.01 -27.39 60.10
N LEU PA 31 5.27 -27.81 60.23
CA LEU PA 31 6.34 -27.27 59.39
C LEU PA 31 7.32 -28.30 58.85
N ASN PA 32 7.45 -28.24 57.54
CA ASN PA 32 8.52 -28.92 56.82
C ASN PA 32 9.86 -28.20 56.92
N ARG PA 33 9.88 -26.89 56.66
CA ARG PA 33 11.12 -26.17 56.34
C ARG PA 33 12.04 -25.90 57.55
N ARG PA 34 12.60 -26.98 58.08
CA ARG PA 34 13.38 -26.97 59.33
C ARG PA 34 14.47 -28.02 59.28
N ALA PA 35 15.48 -27.83 60.13
CA ALA PA 35 16.51 -28.84 60.37
C ALA PA 35 15.88 -30.03 61.10
N ASN PA 36 16.10 -31.23 60.58
CA ASN PA 36 15.44 -32.48 61.02
C ASN PA 36 13.92 -32.49 60.83
N ALA PA 37 13.49 -32.00 59.66
CA ALA PA 37 12.10 -32.09 59.22
C ALA PA 37 12.13 -32.28 57.71
N LEU PA 38 11.15 -33.03 57.18
CA LEU PA 38 11.17 -33.38 55.75
C LEU PA 38 9.84 -33.75 55.07
N LEU PA 39 9.85 -33.51 53.76
CA LEU PA 39 8.78 -33.84 52.85
C LEU PA 39 9.48 -34.53 51.69
N ALA PA 40 9.56 -35.86 51.77
CA ALA PA 40 10.25 -36.66 50.76
C ALA PA 40 9.28 -37.42 49.83
N ASN PA 41 9.79 -37.71 48.64
CA ASN PA 41 9.22 -38.68 47.70
C ASN PA 41 7.76 -38.44 47.30
N GLY PA 42 7.33 -37.18 47.36
CA GLY PA 42 6.01 -36.77 46.92
C GLY PA 42 5.07 -36.28 48.01
N VAL PA 43 5.45 -36.41 49.27
CA VAL PA 43 4.55 -36.00 50.35
C VAL PA 43 4.63 -34.47 50.47
N GLU PA 44 3.57 -33.79 50.05
CA GLU PA 44 3.49 -32.32 50.14
C GLU PA 44 2.80 -31.93 51.44
N LEU PA 45 3.02 -30.67 51.83
CA LEU PA 45 2.33 -30.02 52.94
C LEU PA 45 1.59 -28.81 52.38
N ARG PA 46 0.27 -28.78 52.58
CA ARG PA 46 -0.59 -27.71 52.03
C ARG PA 46 -1.83 -27.53 52.90
N ASP PA 47 -2.27 -26.28 53.05
CA ASP PA 47 -3.31 -25.91 54.02
C ASP PA 47 -3.18 -26.65 55.36
N ASN PA 48 -1.94 -26.74 55.88
CA ASN PA 48 -1.65 -27.33 57.20
C ASN PA 48 -1.85 -28.86 57.26
N GLN PA 49 -1.79 -29.52 56.11
CA GLN PA 49 -2.14 -30.92 55.98
C GLN PA 49 -1.09 -31.61 55.14
N LEU PA 50 -0.73 -32.84 55.53
CA LEU PA 50 0.09 -33.67 54.67
C LEU PA 50 -0.75 -34.15 53.50
N VAL PA 51 -0.11 -34.34 52.34
CA VAL PA 51 -0.81 -34.64 51.09
C VAL PA 51 -0.17 -35.88 50.42
N VAL PA 52 -0.95 -36.94 50.30
CA VAL PA 52 -0.45 -38.27 49.93
C VAL PA 52 -0.28 -38.42 48.40
N PRO PA 53 0.93 -38.79 47.92
CA PRO PA 53 1.18 -38.79 46.47
C PRO PA 53 0.65 -40.01 45.70
N SER PA 54 0.21 -41.05 46.42
CA SER PA 54 -0.09 -42.33 45.80
C SER PA 54 -0.90 -43.27 46.71
N GLU PA 55 -1.41 -44.37 46.13
CA GLU PA 55 -1.95 -45.46 46.93
C GLU PA 55 -0.82 -46.13 47.72
N GLY PA 56 -1.12 -46.58 48.93
CA GLY PA 56 -0.19 -47.43 49.69
C GLY PA 56 -0.62 -47.61 51.13
N LEU PA 57 -0.08 -48.64 51.78
CA LEU PA 57 -0.01 -48.63 53.24
C LEU PA 57 1.00 -47.56 53.66
N TYR PA 58 0.57 -46.66 54.53
CA TYR PA 58 1.44 -45.67 55.15
C TYR PA 58 1.34 -45.83 56.66
N LEU PA 59 2.46 -46.09 57.32
CA LEU PA 59 2.52 -45.95 58.79
C LEU PA 59 2.44 -44.47 59.13
N ILE PA 60 1.70 -44.15 60.19
CA ILE PA 60 1.43 -42.78 60.60
C ILE PA 60 1.76 -42.69 62.08
N TYR PA 61 2.33 -41.57 62.49
CA TYR PA 61 2.67 -41.33 63.88
C TYR PA 61 2.42 -39.87 64.22
N SER PA 62 2.16 -39.60 65.49
CA SER PA 62 1.99 -38.24 65.96
C SER PA 62 2.30 -38.13 67.45
N GLN PA 63 2.95 -37.03 67.81
CA GLN PA 63 3.19 -36.65 69.20
C GLN PA 63 2.82 -35.19 69.37
N VAL PA 64 2.07 -34.90 70.43
CA VAL PA 64 1.86 -33.54 70.92
C VAL PA 64 2.00 -33.58 72.43
N LEU PA 65 2.40 -32.44 73.00
CA LEU PA 65 2.70 -32.36 74.42
C LEU PA 65 2.10 -31.11 75.04
N PHE PA 66 1.24 -31.31 76.03
CA PHE PA 66 0.58 -30.23 76.75
C PHE PA 66 1.26 -30.02 78.11
N LYS PA 67 1.48 -28.76 78.47
CA LYS PA 67 1.87 -28.37 79.84
C LYS PA 67 0.83 -27.41 80.40
N GLY PA 68 0.63 -27.46 81.71
CA GLY PA 68 -0.16 -26.46 82.41
C GLY PA 68 0.41 -26.15 83.78
N GLN PA 69 0.51 -24.86 84.09
CA GLN PA 69 0.78 -24.41 85.44
C GLN PA 69 -0.49 -24.68 86.23
N GLY PA 70 -0.35 -25.46 87.29
CA GLY PA 70 -1.44 -25.77 88.21
C GLY PA 70 -2.71 -26.27 87.55
N CYS PA 71 -3.85 -25.95 88.15
CA CYS PA 71 -5.12 -26.30 87.57
C CYS PA 71 -6.27 -25.43 88.06
N PRO PA 72 -7.00 -24.78 87.12
CA PRO PA 72 -8.08 -23.88 87.53
C PRO PA 72 -9.36 -24.61 87.95
N SER PA 73 -9.52 -25.82 87.46
CA SER PA 73 -10.70 -26.65 87.71
C SER PA 73 -10.34 -28.08 87.35
N THR PA 74 -11.12 -29.05 87.82
CA THR PA 74 -10.96 -30.44 87.33
C THR PA 74 -11.29 -30.55 85.82
N HIS PA 75 -12.12 -29.64 85.31
CA HIS PA 75 -12.75 -29.71 83.98
C HIS PA 75 -11.82 -29.38 82.80
N VAL PA 76 -10.61 -29.90 82.83
CA VAL PA 76 -9.62 -29.66 81.77
C VAL PA 76 -9.72 -30.80 80.76
N LEU PA 77 -9.80 -30.42 79.48
CA LEU PA 77 -10.04 -31.36 78.39
C LEU PA 77 -9.00 -31.20 77.27
N LEU PA 78 -8.10 -32.19 77.14
CA LEU PA 78 -7.08 -32.19 76.08
C LEU PA 78 -7.42 -33.26 75.05
N THR PA 79 -7.44 -32.87 73.77
CA THR PA 79 -7.75 -33.80 72.66
C THR PA 79 -6.74 -33.66 71.52
N HIS PA 80 -6.48 -34.78 70.86
CA HIS PA 80 -5.55 -34.87 69.74
C HIS PA 80 -6.09 -35.90 68.73
N THR PA 81 -6.04 -35.54 67.45
CA THR PA 81 -6.97 -36.02 66.46
C THR PA 81 -6.30 -36.11 65.09
N ILE PA 82 -5.89 -37.31 64.70
CA ILE PA 82 -5.33 -37.55 63.35
C ILE PA 82 -6.53 -37.93 62.45
N SER PA 83 -6.78 -37.13 61.41
CA SER PA 83 -7.95 -37.28 60.53
C SER PA 83 -7.58 -37.19 59.05
N ARG PA 84 -8.45 -37.73 58.21
CA ARG PA 84 -8.16 -37.93 56.77
C ARG PA 84 -9.37 -37.61 55.88
N ILE PA 85 -9.10 -36.94 54.74
CA ILE PA 85 -10.11 -36.49 53.77
C ILE PA 85 -9.66 -36.88 52.36
N ALA PA 86 -10.30 -37.91 51.81
CA ALA PA 86 -10.00 -38.36 50.45
C ALA PA 86 -10.64 -37.43 49.46
N VAL PA 87 -10.17 -37.52 48.22
CA VAL PA 87 -10.52 -36.55 47.20
C VAL PA 87 -11.94 -36.80 46.72
N SER PA 88 -12.27 -38.08 46.52
CA SER PA 88 -13.61 -38.49 46.08
C SER PA 88 -14.67 -38.28 47.14
N TYR PA 89 -14.34 -38.59 48.40
CA TYR PA 89 -15.33 -38.63 49.47
C TYR PA 89 -15.66 -37.26 50.07
N GLN PA 90 -14.63 -36.49 50.39
CA GLN PA 90 -14.77 -35.11 50.90
C GLN PA 90 -15.65 -34.97 52.14
N THR PA 91 -15.53 -35.90 53.08
CA THR PA 91 -15.95 -35.64 54.46
C THR PA 91 -14.80 -36.08 55.35
N LYS PA 92 -14.83 -35.65 56.60
CA LYS PA 92 -13.67 -35.77 57.49
C LYS PA 92 -13.66 -37.09 58.27
N VAL PA 93 -12.89 -38.06 57.80
CA VAL PA 93 -12.87 -39.39 58.40
C VAL PA 93 -11.75 -39.48 59.43
N ASN PA 94 -12.12 -39.69 60.68
CA ASN PA 94 -11.14 -39.87 61.75
C ASN PA 94 -10.47 -41.21 61.66
N LEU PA 95 -9.22 -41.28 62.13
CA LEU PA 95 -8.43 -42.51 62.15
C LEU PA 95 -7.91 -42.82 63.54
N LEU PA 96 -7.26 -41.83 64.15
CA LEU PA 96 -6.71 -41.96 65.51
C LEU PA 96 -7.19 -40.80 66.39
N SER PA 97 -7.24 -41.08 67.69
CA SER PA 97 -7.99 -40.29 68.65
C SER PA 97 -7.42 -40.49 70.07
N ALA PA 98 -7.35 -39.41 70.85
CA ALA PA 98 -7.04 -39.51 72.30
C ALA PA 98 -7.60 -38.32 73.12
N ILE PA 99 -7.99 -38.61 74.36
CA ILE PA 99 -8.63 -37.64 75.25
C ILE PA 99 -8.10 -37.92 76.65
N LYS PA 100 -7.51 -36.91 77.27
CA LYS PA 100 -6.99 -37.04 78.64
C LYS PA 100 -7.52 -35.91 79.51
N SER PA 101 -7.98 -36.29 80.70
CA SER PA 101 -8.36 -35.37 81.74
C SER PA 101 -7.18 -35.33 82.75
N PRO PA 102 -6.32 -34.29 82.66
CA PRO PA 102 -5.12 -34.26 83.51
C PRO PA 102 -5.36 -33.85 84.98
N CYS PA 103 -6.53 -33.25 85.27
CA CYS PA 103 -6.80 -32.72 86.61
C CYS PA 103 -8.00 -33.37 87.31
N GLN PA 104 -7.71 -34.43 88.05
CA GLN PA 104 -8.70 -35.08 88.90
C GLN PA 104 -9.05 -34.16 90.07
N ARG PA 105 -8.05 -33.44 90.56
CA ARG PA 105 -8.24 -32.33 91.52
C ARG PA 105 -7.36 -31.13 91.16
N GLU PA 106 -7.76 -29.94 91.63
CA GLU PA 106 -7.03 -28.67 91.40
C GLU PA 106 -6.39 -28.16 92.70
N THR PA 107 -5.53 -27.15 92.59
CA THR PA 107 -4.80 -26.58 93.72
C THR PA 107 -4.96 -25.04 93.81
N PRO PA 108 -6.19 -24.56 94.12
CA PRO PA 108 -6.47 -23.12 94.21
C PRO PA 108 -6.24 -22.51 95.62
N GLU PA 109 -6.67 -21.26 95.80
CA GLU PA 109 -6.45 -20.44 97.02
C GLU PA 109 -4.95 -20.26 97.30
N GLY PA 110 -4.35 -21.14 98.09
CA GLY PA 110 -2.90 -21.18 98.26
C GLY PA 110 -2.36 -22.21 97.27
N ALA PA 111 -1.43 -23.04 97.76
CA ALA PA 111 -0.95 -24.25 97.06
C ALA PA 111 0.00 -23.99 95.88
N GLU PA 112 1.19 -24.59 95.97
CA GLU PA 112 2.14 -24.70 94.85
C GLU PA 112 1.38 -25.22 93.62
N ALA PA 113 0.98 -24.29 92.74
CA ALA PA 113 0.22 -24.63 91.52
C ALA PA 113 1.13 -25.40 90.57
N LYS PA 114 0.99 -26.72 90.60
CA LYS PA 114 2.01 -27.63 90.11
C LYS PA 114 2.01 -27.70 88.58
N PRO PA 115 3.21 -27.72 87.95
CA PRO PA 115 3.28 -27.90 86.50
C PRO PA 115 2.98 -29.34 86.13
N TRP PA 116 2.03 -29.59 85.23
CA TRP PA 116 1.70 -30.99 84.80
C TRP PA 116 1.98 -31.20 83.30
N TYR PA 117 2.23 -32.44 82.96
CA TYR PA 117 2.59 -32.82 81.61
C TYR PA 117 1.76 -34.03 81.16
N GLU PA 118 1.15 -33.90 79.97
CA GLU PA 118 0.51 -35.00 79.27
C GLU PA 118 1.05 -35.07 77.84
N PRO PA 119 2.02 -35.98 77.58
CA PRO PA 119 2.35 -36.36 76.20
C PRO PA 119 1.32 -37.38 75.69
N ILE PA 120 1.04 -37.35 74.39
CA ILE PA 120 0.03 -38.19 73.75
C ILE PA 120 0.58 -38.74 72.43
N TYR PA 121 0.86 -40.04 72.40
CA TYR PA 121 1.37 -40.69 71.19
C TYR PA 121 0.26 -41.43 70.44
N LEU PA 122 -0.10 -40.92 69.27
CA LEU PA 122 -1.05 -41.58 68.35
C LEU PA 122 -0.32 -42.21 67.17
N GLY PA 123 -0.72 -43.43 66.81
CA GLY PA 123 -0.15 -44.06 65.61
C GLY PA 123 -0.81 -45.34 65.12
N GLY PA 124 -0.62 -45.60 63.82
CA GLY PA 124 -1.03 -46.85 63.20
C GLY PA 124 -0.51 -46.98 61.77
N VAL PA 125 -1.13 -47.85 60.97
CA VAL PA 125 -0.71 -48.09 59.58
C VAL PA 125 -1.95 -48.40 58.72
N PHE PA 126 -2.16 -47.57 57.71
CA PHE PA 126 -3.48 -47.36 57.11
C PHE PA 126 -3.41 -47.32 55.58
N GLN PA 127 -4.41 -47.92 54.93
CA GLN PA 127 -4.59 -47.77 53.49
C GLN PA 127 -4.98 -46.32 53.20
N LEU PA 128 -4.24 -45.69 52.29
CA LEU PA 128 -4.51 -44.31 51.87
C LEU PA 128 -4.42 -44.28 50.38
N GLU PA 129 -5.37 -43.62 49.74
CA GLU PA 129 -5.29 -43.40 48.31
C GLU PA 129 -4.57 -42.11 48.00
N LYS PA 130 -4.26 -41.95 46.72
CA LYS PA 130 -3.71 -40.73 46.19
C LYS PA 130 -4.59 -39.56 46.61
N GLY PA 131 -3.94 -38.48 47.05
CA GLY PA 131 -4.59 -37.19 47.31
C GLY PA 131 -5.29 -37.04 48.65
N ASP PA 132 -5.19 -38.04 49.51
CA ASP PA 132 -5.84 -37.95 50.80
C ASP PA 132 -5.09 -36.87 51.58
N ARG PA 133 -5.83 -35.93 52.17
CA ARG PA 133 -5.27 -34.83 52.98
C ARG PA 133 -5.35 -35.16 54.48
N LEU PA 134 -4.22 -35.53 55.10
CA LEU PA 134 -4.19 -35.89 56.53
C LEU PA 134 -4.00 -34.66 57.45
N SER PA 135 -4.52 -34.76 58.67
CA SER PA 135 -4.47 -33.67 59.63
C SER PA 135 -4.33 -34.17 61.07
N ALA PA 136 -3.19 -33.87 61.70
CA ALA PA 136 -3.03 -33.91 63.16
C ALA PA 136 -3.58 -32.60 63.72
N GLU PA 137 -4.29 -32.68 64.84
CA GLU PA 137 -5.09 -31.58 65.35
C GLU PA 137 -5.26 -31.61 66.86
N ILE PA 138 -5.42 -30.43 67.46
CA ILE PA 138 -5.74 -30.33 68.89
C ILE PA 138 -6.80 -29.28 69.13
N ASN PA 139 -7.40 -29.35 70.32
CA ASN PA 139 -8.42 -28.38 70.77
C ASN PA 139 -7.83 -27.25 71.61
N ARG PA 140 -6.81 -27.56 72.43
CA ARG PA 140 -6.13 -26.57 73.29
C ARG PA 140 -4.70 -26.27 72.84
N PRO PA 141 -4.54 -25.41 71.82
CA PRO PA 141 -3.21 -24.94 71.46
C PRO PA 141 -2.47 -24.34 72.65
N ASP PA 142 -3.08 -23.35 73.31
CA ASP PA 142 -2.49 -22.62 74.43
C ASP PA 142 -1.87 -23.46 75.58
N TYR PA 143 -2.36 -24.67 75.81
CA TYR PA 143 -1.73 -25.59 76.77
C TYR PA 143 -0.60 -26.46 76.14
N LEU PA 144 -0.13 -26.15 74.91
CA LEU PA 144 0.98 -26.88 74.23
C LEU PA 144 2.35 -26.71 74.89
N ASP PA 145 3.36 -27.36 74.32
CA ASP PA 145 4.75 -27.11 74.68
C ASP PA 145 5.69 -27.03 73.47
N PHE PA 146 6.30 -25.85 73.27
CA PHE PA 146 7.42 -25.66 72.33
C PHE PA 146 8.79 -25.52 73.04
N ALA PA 147 8.80 -25.40 74.37
CA ALA PA 147 10.02 -25.18 75.16
C ALA PA 147 11.30 -25.70 74.53
N GLU PA 148 11.31 -27.01 74.25
CA GLU PA 148 12.38 -27.67 73.52
C GLU PA 148 11.80 -28.27 72.25
N SER PA 149 12.66 -28.48 71.25
CA SER PA 149 12.24 -29.05 69.99
C SER PA 149 12.10 -30.56 70.13
N GLY PA 150 11.44 -31.18 69.15
CA GLY PA 150 11.11 -32.60 69.20
C GLY PA 150 10.00 -33.01 70.15
N GLN PA 151 9.32 -32.02 70.75
CA GLN PA 151 8.21 -32.27 71.66
C GLN PA 151 6.93 -32.56 70.88
N VAL PA 152 6.83 -31.98 69.68
CA VAL PA 152 5.68 -32.12 68.83
C VAL PA 152 6.16 -32.53 67.45
N TYR PA 153 5.52 -33.57 66.90
CA TYR PA 153 5.77 -34.02 65.54
C TYR PA 153 4.60 -34.82 65.00
N PHE PA 154 4.60 -34.98 63.68
CA PHE PA 154 3.51 -35.64 62.96
C PHE PA 154 4.02 -36.02 61.58
N GLY PA 155 3.94 -37.31 61.24
CA GLY PA 155 4.48 -37.80 59.98
C GLY PA 155 3.83 -39.06 59.46
N ILE PA 156 4.31 -39.51 58.30
CA ILE PA 156 3.88 -40.75 57.68
C ILE PA 156 5.07 -41.49 57.07
N ILE PA 157 4.89 -42.79 56.86
CA ILE PA 157 5.92 -43.61 56.21
C ILE PA 157 5.21 -44.60 55.32
N ALA PA 158 5.50 -44.57 54.02
CA ALA PA 158 4.98 -45.58 53.09
C ALA PA 158 5.72 -46.92 53.29
N LEU PA 159 4.98 -48.02 53.48
CA LEU PA 159 5.57 -49.37 53.65
C LEU PA 159 5.23 -50.24 52.45
N PRO QA 10 18.67 -60.85 75.08
CA PRO QA 10 17.82 -62.02 75.26
C PRO QA 10 16.41 -61.67 75.74
N SER QA 11 15.49 -61.54 74.78
CA SER QA 11 14.06 -61.31 75.04
C SER QA 11 13.47 -62.54 75.71
N ASP QA 12 12.70 -62.35 76.79
CA ASP QA 12 12.06 -63.47 77.50
C ASP QA 12 11.00 -64.23 76.67
N LYS QA 13 10.43 -63.58 75.65
CA LYS QA 13 9.51 -64.25 74.70
C LYS QA 13 10.33 -64.91 73.58
N PRO QA 14 10.05 -66.20 73.28
CA PRO QA 14 10.68 -66.88 72.13
C PRO QA 14 10.45 -66.16 70.80
N VAL QA 15 11.47 -66.11 69.94
CA VAL QA 15 11.34 -65.54 68.59
C VAL QA 15 12.10 -66.37 67.55
N ALA QA 16 11.93 -65.98 66.29
CA ALA QA 16 12.81 -66.39 65.21
C ALA QA 16 12.61 -65.46 64.02
N HIS QA 17 13.61 -65.40 63.15
CA HIS QA 17 13.54 -64.62 61.90
C HIS QA 17 14.60 -65.15 60.93
N VAL QA 18 14.37 -66.38 60.46
CA VAL QA 18 15.31 -67.06 59.53
C VAL QA 18 15.24 -66.47 58.12
N VAL QA 19 16.22 -66.81 57.28
CA VAL QA 19 16.23 -66.45 55.85
C VAL QA 19 16.82 -67.58 54.98
N ALA QA 20 16.47 -67.56 53.70
CA ALA QA 20 16.85 -68.62 52.76
C ALA QA 20 18.34 -68.62 52.45
N ASN QA 21 18.84 -69.75 51.97
CA ASN QA 21 20.24 -69.90 51.55
C ASN QA 21 20.33 -69.76 50.03
N PRO QA 22 21.12 -68.78 49.53
CA PRO QA 22 21.49 -68.78 48.11
C PRO QA 22 22.46 -69.91 47.73
N GLN QA 23 23.22 -70.43 48.70
CA GLN QA 23 24.11 -71.58 48.48
C GLN QA 23 23.36 -72.90 48.30
N ALA QA 24 22.11 -72.97 48.79
CA ALA QA 24 21.25 -74.14 48.58
C ALA QA 24 20.56 -74.06 47.21
N GLU QA 25 21.13 -74.74 46.22
CA GLU QA 25 20.56 -74.79 44.86
C GLU QA 25 19.21 -75.51 44.86
N GLY QA 26 18.24 -74.93 44.16
CA GLY QA 26 16.95 -75.57 43.85
C GLY QA 26 16.20 -76.15 45.04
N GLN QA 27 16.22 -75.44 46.15
CA GLN QA 27 15.41 -75.80 47.32
C GLN QA 27 15.17 -74.57 48.18
N LEU QA 28 14.40 -74.75 49.26
CA LEU QA 28 14.15 -73.71 50.24
C LEU QA 28 14.82 -74.10 51.56
N GLN QA 29 16.12 -73.81 51.65
CA GLN QA 29 16.90 -74.05 52.86
C GLN QA 29 17.01 -72.75 53.67
N TRP QA 30 16.43 -72.74 54.88
CA TRP QA 30 16.47 -71.58 55.77
C TRP QA 30 17.75 -71.58 56.61
N LEU QA 31 18.58 -70.54 56.48
CA LEU QA 31 19.75 -70.34 57.34
C LEU QA 31 19.41 -69.54 58.59
N ASN QA 32 20.24 -69.66 59.62
CA ASN QA 32 19.93 -69.17 60.98
C ASN QA 32 21.01 -68.38 61.74
N ARG QA 33 22.29 -68.73 61.62
CA ARG QA 33 23.37 -68.01 62.33
C ARG QA 33 24.29 -67.16 61.41
N ARG QA 34 23.67 -66.54 60.40
CA ARG QA 34 24.34 -65.52 59.57
C ARG QA 34 24.35 -64.18 60.31
N ALA QA 35 24.76 -63.11 59.61
CA ALA QA 35 24.40 -61.75 59.99
C ALA QA 35 22.89 -61.48 59.76
N ASN QA 36 22.29 -62.17 58.77
CA ASN QA 36 20.87 -62.02 58.38
C ASN QA 36 19.82 -62.96 59.04
N ALA QA 37 20.10 -63.51 60.23
CA ALA QA 37 19.12 -64.39 60.90
C ALA QA 37 19.32 -64.53 62.42
N LEU QA 38 18.28 -65.03 63.11
CA LEU QA 38 18.33 -65.19 64.58
C LEU QA 38 17.31 -66.19 65.15
N LEU QA 39 17.63 -66.72 66.33
CA LEU QA 39 16.75 -67.57 67.15
C LEU QA 39 16.82 -67.07 68.59
N ALA QA 40 15.89 -67.53 69.44
CA ALA QA 40 15.92 -67.18 70.87
C ALA QA 40 15.06 -68.08 71.76
N ASN QA 41 15.58 -68.34 72.97
CA ASN QA 41 14.82 -68.96 74.06
C ASN QA 41 14.23 -70.32 73.69
N GLY QA 42 15.10 -71.19 73.18
CA GLY QA 42 14.74 -72.57 72.83
C GLY QA 42 14.17 -72.82 71.44
N VAL QA 43 13.95 -71.78 70.65
CA VAL QA 43 13.45 -71.95 69.28
C VAL QA 43 14.61 -72.47 68.44
N GLU QA 44 14.68 -73.80 68.30
CA GLU QA 44 15.72 -74.46 67.52
C GLU QA 44 15.37 -74.57 66.03
N LEU QA 45 16.40 -74.82 65.22
CA LEU QA 45 16.26 -75.17 63.80
C LEU QA 45 16.74 -76.61 63.59
N ARG QA 46 15.80 -77.51 63.29
CA ARG QA 46 16.10 -78.93 63.16
C ARG QA 46 15.17 -79.56 62.10
N ASP QA 47 15.80 -80.24 61.13
CA ASP QA 47 15.15 -80.76 59.90
C ASP QA 47 14.72 -79.63 58.92
N ASN QA 48 15.50 -78.54 58.87
CA ASN QA 48 15.16 -77.32 58.10
C ASN QA 48 13.83 -76.66 58.57
N GLN QA 49 13.44 -76.93 59.81
CA GLN QA 49 12.10 -76.63 60.34
C GLN QA 49 12.19 -76.12 61.78
N LEU QA 50 11.40 -75.10 62.12
CA LEU QA 50 11.42 -74.50 63.48
C LEU QA 50 10.93 -75.45 64.57
N VAL QA 51 11.16 -75.07 65.82
CA VAL QA 51 10.78 -75.87 66.99
C VAL QA 51 10.18 -74.91 68.03
N VAL QA 52 9.06 -75.32 68.65
CA VAL QA 52 8.39 -74.50 69.66
C VAL QA 52 8.90 -74.85 71.06
N PRO QA 53 9.46 -73.86 71.80
CA PRO QA 53 10.03 -74.11 73.13
C PRO QA 53 9.01 -74.34 74.28
N SER QA 54 7.92 -73.58 74.28
CA SER QA 54 6.81 -73.82 75.23
C SER QA 54 5.46 -73.54 74.60
N GLU QA 55 4.41 -74.10 75.20
CA GLU QA 55 3.03 -73.90 74.72
C GLU QA 55 2.60 -72.44 74.88
N GLY QA 56 2.04 -71.87 73.82
CA GLY QA 56 1.66 -70.45 73.85
C GLY QA 56 1.13 -69.90 72.54
N LEU QA 57 0.91 -68.59 72.52
CA LEU QA 57 0.35 -67.87 71.36
C LEU QA 57 1.48 -67.35 70.49
N TYR QA 58 1.67 -67.97 69.33
CA TYR QA 58 2.76 -67.63 68.44
C TYR QA 58 2.26 -66.94 67.19
N LEU QA 59 2.77 -65.74 66.98
CA LEU QA 59 2.49 -64.99 65.78
C LEU QA 59 3.46 -65.52 64.75
N ILE QA 60 2.92 -66.27 63.80
CA ILE QA 60 3.71 -66.91 62.75
C ILE QA 60 3.62 -66.05 61.50
N TYR QA 61 4.69 -66.06 60.70
CA TYR QA 61 4.67 -65.39 59.40
C TYR QA 61 5.78 -65.92 58.51
N SER QA 62 5.72 -65.53 57.24
CA SER QA 62 6.74 -65.88 56.24
C SER QA 62 6.53 -65.08 54.95
N GLN QA 63 7.60 -64.95 54.18
CA GLN QA 63 7.54 -64.37 52.84
C GLN QA 63 8.45 -65.14 51.90
N VAL QA 64 8.01 -65.20 50.63
CA VAL QA 64 8.81 -65.72 49.53
C VAL QA 64 8.63 -64.78 48.34
N LEU QA 65 9.64 -64.74 47.46
CA LEU QA 65 9.55 -64.02 46.20
C LEU QA 65 9.96 -64.94 45.07
N PHE QA 66 9.21 -64.85 43.98
CA PHE QA 66 9.49 -65.59 42.76
C PHE QA 66 9.68 -64.59 41.62
N LYS QA 67 10.55 -64.97 40.68
CA LYS QA 67 10.80 -64.24 39.45
C LYS QA 67 10.78 -65.24 38.28
N GLY QA 68 10.55 -64.73 37.07
CA GLY QA 68 10.63 -65.55 35.85
C GLY QA 68 10.98 -64.72 34.63
N GLN QA 69 11.77 -65.31 33.72
CA GLN QA 69 12.12 -64.69 32.44
C GLN QA 69 11.06 -65.08 31.44
N GLY QA 70 10.46 -64.09 30.78
CA GLY QA 70 9.30 -64.30 29.93
C GLY QA 70 8.24 -65.14 30.63
N CYS QA 71 7.62 -66.07 29.92
CA CYS QA 71 6.73 -67.05 30.53
C CYS QA 71 6.57 -68.25 29.59
N PRO QA 72 6.70 -69.49 30.11
CA PRO QA 72 6.79 -70.63 29.20
C PRO QA 72 5.47 -71.04 28.55
N SER QA 73 5.56 -71.91 27.56
CA SER QA 73 4.38 -72.47 26.88
C SER QA 73 3.59 -73.31 27.85
N THR QA 74 4.32 -74.10 28.63
CA THR QA 74 3.80 -74.64 29.89
C THR QA 74 3.52 -73.51 30.89
N HIS QA 75 2.34 -73.56 31.52
CA HIS QA 75 1.87 -72.51 32.45
C HIS QA 75 2.14 -72.89 33.90
N VAL QA 76 2.21 -71.89 34.76
CA VAL QA 76 2.92 -71.98 36.06
C VAL QA 76 1.99 -71.95 37.28
N LEU QA 77 2.40 -72.67 38.33
CA LEU QA 77 1.62 -72.82 39.57
C LEU QA 77 2.57 -72.73 40.79
N LEU QA 78 2.47 -71.64 41.54
CA LEU QA 78 3.41 -71.30 42.63
C LEU QA 78 2.71 -71.24 43.97
N THR QA 79 3.18 -72.04 44.94
CA THR QA 79 2.54 -72.16 46.26
C THR QA 79 3.52 -71.78 47.34
N HIS QA 80 2.96 -71.59 48.53
CA HIS QA 80 3.72 -71.36 49.72
C HIS QA 80 2.86 -71.82 50.88
N THR QA 81 3.47 -72.53 51.83
CA THR QA 81 2.71 -73.21 52.86
C THR QA 81 3.48 -73.35 54.15
N ILE QA 82 2.98 -72.70 55.19
CA ILE QA 82 3.44 -72.94 56.55
C ILE QA 82 2.53 -74.02 57.13
N SER QA 83 3.14 -75.03 57.74
CA SER QA 83 2.43 -76.17 58.33
C SER QA 83 2.80 -76.37 59.79
N ARG QA 84 1.92 -77.06 60.52
CA ARG QA 84 2.14 -77.45 61.90
C ARG QA 84 2.15 -78.97 62.05
N ILE QA 85 3.09 -79.46 62.86
CA ILE QA 85 3.26 -80.88 63.15
C ILE QA 85 3.47 -81.04 64.67
N ALA QA 86 2.51 -81.69 65.35
CA ALA QA 86 2.58 -81.93 66.79
C ALA QA 86 3.38 -83.19 67.12
N VAL QA 87 3.87 -83.27 68.36
CA VAL QA 87 4.71 -84.39 68.80
C VAL QA 87 3.90 -85.69 68.86
N SER QA 88 2.65 -85.61 69.30
CA SER QA 88 1.74 -86.76 69.39
C SER QA 88 0.96 -87.05 68.10
N TYR QA 89 0.54 -86.00 67.39
CA TYR QA 89 -0.27 -86.14 66.19
C TYR QA 89 0.54 -86.71 65.02
N GLN QA 90 1.71 -86.09 64.75
CA GLN QA 90 2.71 -86.59 63.76
C GLN QA 90 2.40 -86.28 62.29
N THR QA 91 1.14 -86.39 61.89
CA THR QA 91 0.73 -86.04 60.52
C THR QA 91 0.79 -84.52 60.34
N LYS QA 92 1.14 -84.12 59.13
CA LYS QA 92 1.40 -82.73 58.77
C LYS QA 92 0.10 -81.96 58.50
N VAL QA 93 -0.25 -81.04 59.41
CA VAL QA 93 -1.43 -80.17 59.28
C VAL QA 93 -1.04 -78.80 58.71
N ASN QA 94 -1.94 -78.20 57.93
CA ASN QA 94 -1.72 -76.89 57.28
C ASN QA 94 -2.37 -75.74 58.04
N LEU QA 95 -1.54 -74.77 58.41
CA LEU QA 95 -1.99 -73.57 59.10
C LEU QA 95 -2.32 -72.48 58.10
N LEU QA 96 -1.34 -72.14 57.27
CA LEU QA 96 -1.38 -70.95 56.42
C LEU QA 96 -0.91 -71.33 55.03
N SER QA 97 -1.62 -70.84 54.01
CA SER QA 97 -1.43 -71.33 52.65
C SER QA 97 -1.99 -70.40 51.58
N ALA QA 98 -1.25 -70.29 50.48
CA ALA QA 98 -1.69 -69.56 49.30
C ALA QA 98 -1.02 -70.07 48.02
N ILE QA 99 -1.68 -69.84 46.88
CA ILE QA 99 -1.19 -70.24 45.54
C ILE QA 99 -1.32 -69.06 44.56
N LYS QA 100 -0.45 -68.99 43.54
CA LYS QA 100 -0.40 -67.87 42.59
C LYS QA 100 -0.11 -68.29 41.13
N SER QA 101 -0.82 -67.65 40.18
CA SER QA 101 -0.66 -67.88 38.73
C SER QA 101 -0.08 -66.66 38.01
N PRO QA 102 1.24 -66.65 37.76
CA PRO QA 102 1.82 -65.50 37.03
C PRO QA 102 1.50 -65.48 35.53
N CYS QA 103 1.46 -66.65 34.90
CA CYS QA 103 1.29 -66.77 33.46
C CYS QA 103 -0.18 -66.61 33.08
N GLN QA 104 -0.44 -66.17 31.84
CA GLN QA 104 -1.78 -66.24 31.20
C GLN QA 104 -1.73 -66.81 29.75
N ARG QA 105 -0.73 -66.40 28.98
CA ARG QA 105 -0.37 -67.00 27.68
C ARG QA 105 1.08 -67.50 27.80
N GLU QA 106 1.79 -67.74 26.70
CA GLU QA 106 3.26 -67.94 26.76
C GLU QA 106 3.97 -66.58 26.61
N THR QA 107 4.18 -66.12 25.38
CA THR QA 107 4.87 -64.84 25.09
C THR QA 107 4.76 -64.45 23.60
N PRO QA 108 5.41 -65.20 22.68
CA PRO QA 108 5.37 -64.80 21.27
C PRO QA 108 4.06 -65.17 20.56
N PRO QA 115 9.57 -60.74 31.23
CA PRO QA 115 9.85 -61.08 32.62
C PRO QA 115 8.78 -60.60 33.59
N TRP QA 116 8.87 -61.04 34.85
CA TRP QA 116 7.88 -60.69 35.89
C TRP QA 116 8.36 -61.06 37.27
N TYR QA 117 7.70 -60.50 38.27
CA TYR QA 117 8.00 -60.74 39.69
C TYR QA 117 6.70 -60.87 40.47
N GLU QA 118 6.56 -61.92 41.27
CA GLU QA 118 5.42 -62.08 42.19
C GLU QA 118 5.87 -62.72 43.52
N PRO QA 119 5.35 -62.22 44.67
CA PRO QA 119 5.59 -62.84 45.98
C PRO QA 119 4.39 -63.60 46.55
N ILE QA 120 4.61 -64.19 47.72
CA ILE QA 120 3.53 -64.70 48.57
C ILE QA 120 3.88 -64.37 50.02
N TYR QA 121 3.00 -63.59 50.65
CA TYR QA 121 3.08 -63.25 52.06
C TYR QA 121 2.30 -64.30 52.85
N LEU QA 122 2.67 -64.50 54.11
CA LEU QA 122 1.88 -65.35 55.01
C LEU QA 122 2.06 -64.86 56.44
N GLY QA 123 1.01 -65.04 57.24
CA GLY QA 123 1.11 -64.89 58.68
C GLY QA 123 -0.21 -64.91 59.43
N GLY QA 124 -0.20 -65.60 60.56
CA GLY QA 124 -1.36 -65.67 61.46
C GLY QA 124 -0.87 -65.86 62.88
N VAL QA 125 -1.81 -66.03 63.81
CA VAL QA 125 -1.48 -66.27 65.21
C VAL QA 125 -2.19 -67.54 65.68
N PHE QA 126 -1.44 -68.44 66.31
CA PHE QA 126 -1.93 -69.78 66.62
C PHE QA 126 -1.39 -70.29 67.94
N GLN QA 127 -2.28 -70.91 68.72
CA GLN QA 127 -1.89 -71.64 69.92
C GLN QA 127 -1.11 -72.91 69.53
N LEU QA 128 0.14 -73.00 69.99
CA LEU QA 128 1.01 -74.16 69.75
C LEU QA 128 1.37 -74.81 71.07
N GLU QA 129 2.01 -75.96 70.99
CA GLU QA 129 2.49 -76.71 72.17
C GLU QA 129 4.00 -76.95 72.04
N LYS QA 130 4.65 -77.36 73.12
CA LYS QA 130 6.10 -77.61 73.12
C LYS QA 130 6.44 -78.80 72.23
N GLY QA 131 7.59 -78.74 71.58
CA GLY QA 131 8.04 -79.78 70.64
C GLY QA 131 7.38 -79.79 69.27
N ASP QA 132 6.49 -78.82 69.01
CA ASP QA 132 5.82 -78.71 67.70
C ASP QA 132 6.75 -78.05 66.71
N ARG QA 133 6.63 -78.48 65.45
CA ARG QA 133 7.55 -78.05 64.40
C ARG QA 133 6.81 -77.35 63.26
N LEU QA 134 7.23 -76.14 62.96
CA LEU QA 134 6.64 -75.34 61.91
C LEU QA 134 7.48 -75.50 60.66
N SER QA 135 6.84 -75.36 59.50
CA SER QA 135 7.45 -75.76 58.23
C SER QA 135 6.98 -74.92 57.04
N ALA QA 136 7.76 -73.90 56.70
CA ALA QA 136 7.46 -73.00 55.58
C ALA QA 136 8.05 -73.56 54.28
N GLU QA 137 7.18 -74.08 53.41
CA GLU QA 137 7.61 -74.74 52.16
C GLU QA 137 7.10 -74.02 50.91
N ILE QA 138 7.70 -74.37 49.77
CA ILE QA 138 7.19 -74.00 48.45
C ILE QA 138 7.34 -75.16 47.48
N ASN QA 139 6.63 -75.07 46.37
CA ASN QA 139 6.66 -76.09 45.33
C ASN QA 139 7.77 -75.87 44.30
N ARG QA 140 8.01 -74.62 43.89
CA ARG QA 140 8.96 -74.29 42.81
C ARG QA 140 10.22 -73.55 43.25
N PRO QA 141 11.17 -74.24 43.94
CA PRO QA 141 12.49 -73.66 44.20
C PRO QA 141 13.32 -73.28 42.97
N ASP QA 142 13.07 -73.93 41.84
CA ASP QA 142 13.67 -73.54 40.55
C ASP QA 142 13.29 -72.11 40.11
N TYR QA 143 12.09 -71.67 40.48
CA TYR QA 143 11.59 -70.33 40.16
C TYR QA 143 11.84 -69.27 41.27
N LEU QA 144 12.53 -69.64 42.35
CA LEU QA 144 12.84 -68.69 43.45
C LEU QA 144 13.71 -67.53 42.98
N ASP QA 145 13.57 -66.40 43.67
CA ASP QA 145 14.43 -65.24 43.44
C ASP QA 145 15.40 -65.10 44.62
N PHE QA 146 16.63 -65.56 44.43
CA PHE QA 146 17.70 -65.45 45.45
C PHE QA 146 18.42 -64.09 45.48
N ALA QA 147 18.01 -63.14 44.62
CA ALA QA 147 18.47 -61.74 44.71
C ALA QA 147 17.91 -61.04 45.95
N GLU QA 148 18.24 -59.76 46.12
CA GLU QA 148 17.86 -58.95 47.31
C GLU QA 148 18.56 -59.45 48.58
N SER QA 149 18.14 -60.62 49.08
CA SER QA 149 18.71 -61.27 50.28
C SER QA 149 18.22 -60.60 51.57
N GLY QA 150 17.35 -61.30 52.31
CA GLY QA 150 16.71 -60.77 53.52
C GLY QA 150 15.19 -60.72 53.46
N GLN QA 151 14.65 -60.53 52.26
CA GLN QA 151 13.20 -60.42 52.02
C GLN QA 151 12.49 -61.78 51.85
N VAL QA 152 13.25 -62.89 51.81
CA VAL QA 152 12.68 -64.25 51.87
C VAL QA 152 12.95 -64.80 53.27
N TYR QA 153 11.89 -64.99 54.06
CA TYR QA 153 12.03 -65.33 55.50
C TYR QA 153 10.91 -66.19 56.06
N PHE QA 154 11.12 -66.68 57.27
CA PHE QA 154 10.17 -67.52 57.98
C PHE QA 154 10.34 -67.34 59.50
N GLY QA 155 10.10 -66.12 59.96
CA GLY QA 155 10.19 -65.79 61.38
C GLY QA 155 8.91 -66.07 62.14
N ILE QA 156 9.04 -66.34 63.43
CA ILE QA 156 7.90 -66.43 64.36
C ILE QA 156 8.17 -65.62 65.61
N ILE QA 157 7.11 -65.34 66.35
CA ILE QA 157 7.20 -64.53 67.56
C ILE QA 157 6.23 -65.04 68.62
N ALA QA 158 6.73 -65.38 69.79
CA ALA QA 158 5.87 -65.72 70.93
C ALA QA 158 5.22 -64.44 71.46
N LEU QA 159 3.93 -64.52 71.79
CA LEU QA 159 3.18 -63.39 72.32
C LEU QA 159 2.85 -63.63 73.77
N SER RA 11 -0.70 -60.51 81.57
CA SER RA 11 -0.61 -60.26 80.09
C SER RA 11 -1.46 -61.27 79.30
N ASP RA 12 -2.66 -60.85 78.91
CA ASP RA 12 -3.61 -61.71 78.17
C ASP RA 12 -3.66 -61.37 76.67
N LYS RA 13 -3.89 -60.08 76.36
CA LYS RA 13 -4.03 -59.54 74.99
C LYS RA 13 -5.14 -60.19 74.16
N PRO RA 14 -6.27 -59.48 73.95
CA PRO RA 14 -7.34 -59.97 73.05
C PRO RA 14 -6.89 -60.25 71.61
N VAL RA 15 -7.05 -61.52 71.20
CA VAL RA 15 -6.69 -61.97 69.85
C VAL RA 15 -7.72 -62.96 69.28
N ALA RA 16 -7.72 -63.07 67.94
CA ALA RA 16 -8.58 -64.00 67.21
C ALA RA 16 -7.96 -64.45 65.87
N HIS RA 17 -8.32 -65.68 65.45
CA HIS RA 17 -7.94 -66.23 64.13
C HIS RA 17 -9.00 -67.20 63.60
N VAL RA 18 -9.90 -66.67 62.76
CA VAL RA 18 -10.99 -67.42 62.19
C VAL RA 18 -10.78 -67.77 60.71
N VAL RA 19 -11.40 -68.88 60.30
CA VAL RA 19 -11.21 -69.46 58.97
C VAL RA 19 -12.56 -69.74 58.33
N ALA RA 20 -12.57 -69.81 57.00
CA ALA RA 20 -13.78 -70.06 56.24
C ALA RA 20 -14.31 -71.44 56.55
N ASN RA 21 -15.64 -71.59 56.50
CA ASN RA 21 -16.28 -72.89 56.73
C ASN RA 21 -16.17 -73.74 55.47
N PRO RA 22 -15.53 -74.93 55.56
CA PRO RA 22 -15.61 -75.82 54.41
C PRO RA 22 -17.06 -76.28 54.11
N GLN RA 23 -17.87 -76.50 55.16
CA GLN RA 23 -19.24 -77.00 54.96
C GLN RA 23 -20.24 -75.96 54.43
N ALA RA 24 -19.85 -74.69 54.42
CA ALA RA 24 -20.62 -73.65 53.72
C ALA RA 24 -20.25 -73.70 52.26
N GLU RA 25 -21.17 -73.26 51.40
CA GLU RA 25 -20.92 -73.11 49.96
C GLU RA 25 -21.60 -71.85 49.45
N GLY RA 26 -20.91 -71.10 48.58
CA GLY RA 26 -21.45 -69.84 48.05
C GLY RA 26 -21.63 -68.73 49.08
N GLN RA 27 -20.82 -68.80 50.15
CA GLN RA 27 -20.66 -67.70 51.10
C GLN RA 27 -19.52 -67.98 52.10
N LEU RA 28 -19.10 -66.91 52.77
CA LEU RA 28 -17.92 -66.94 53.62
C LEU RA 28 -18.30 -66.94 55.09
N GLN RA 29 -18.64 -68.12 55.63
CA GLN RA 29 -18.91 -68.21 57.06
C GLN RA 29 -17.61 -68.46 57.83
N TRP RA 30 -17.16 -67.46 58.59
CA TRP RA 30 -15.98 -67.59 59.45
C TRP RA 30 -16.29 -68.50 60.63
N LEU RA 31 -15.23 -69.15 61.15
CA LEU RA 31 -15.34 -70.16 62.21
C LEU RA 31 -14.16 -70.16 63.17
N ASN RA 32 -14.44 -70.34 64.46
CA ASN RA 32 -13.40 -70.61 65.48
C ASN RA 32 -13.36 -72.07 65.96
N ARG RA 33 -14.39 -72.86 65.64
CA ARG RA 33 -14.56 -74.21 66.24
C ARG RA 33 -13.78 -75.28 65.48
N ARG RA 34 -12.51 -74.97 65.20
CA ARG RA 34 -11.62 -75.82 64.41
C ARG RA 34 -10.33 -76.00 65.19
N ALA RA 35 -9.67 -77.13 64.96
CA ALA RA 35 -8.24 -77.20 65.19
C ALA RA 35 -7.61 -76.09 64.35
N ASN RA 36 -6.64 -75.40 64.95
CA ASN RA 36 -5.93 -74.27 64.32
C ASN RA 36 -6.80 -73.02 64.06
N ALA RA 37 -7.86 -72.87 64.84
CA ALA RA 37 -8.70 -71.67 64.84
C ALA RA 37 -9.09 -71.33 66.27
N LEU RA 38 -9.02 -70.04 66.62
CA LEU RA 38 -9.20 -69.59 68.00
C LEU RA 38 -9.84 -68.20 68.17
N LEU RA 39 -10.65 -68.09 69.23
CA LEU RA 39 -11.05 -66.83 69.84
C LEU RA 39 -10.44 -66.82 71.24
N ALA RA 40 -9.92 -65.67 71.66
CA ALA RA 40 -9.25 -65.58 72.97
C ALA RA 40 -9.51 -64.26 73.68
N ASN RA 41 -9.53 -64.33 75.01
CA ASN RA 41 -9.40 -63.16 75.86
C ASN RA 41 -10.39 -62.03 75.56
N GLY RA 42 -11.66 -62.37 75.31
CA GLY RA 42 -12.69 -61.34 75.03
C GLY RA 42 -13.41 -61.40 73.70
N VAL RA 43 -12.67 -61.76 72.66
CA VAL RA 43 -13.18 -61.63 71.31
C VAL RA 43 -14.23 -62.71 71.09
N GLU RA 44 -15.42 -62.28 70.69
CA GLU RA 44 -16.53 -63.16 70.33
C GLU RA 44 -16.70 -63.11 68.83
N LEU RA 45 -17.26 -64.18 68.27
CA LEU RA 45 -17.73 -64.23 66.89
C LEU RA 45 -19.25 -64.26 66.94
N ARG RA 46 -19.88 -63.36 66.19
CA ARG RA 46 -21.34 -63.20 66.23
C ARG RA 46 -21.77 -62.48 64.96
N ASP RA 47 -22.93 -62.87 64.45
CA ASP RA 47 -23.41 -62.47 63.11
C ASP RA 47 -22.28 -62.37 62.09
N ASN RA 48 -21.38 -63.36 62.14
CA ASN RA 48 -20.21 -63.50 61.26
C ASN RA 48 -19.17 -62.38 61.32
N GLN RA 49 -19.07 -61.76 62.50
CA GLN RA 49 -18.18 -60.62 62.72
C GLN RA 49 -17.45 -60.79 64.06
N LEU RA 50 -16.27 -60.19 64.16
CA LEU RA 50 -15.47 -60.28 65.39
C LEU RA 50 -15.83 -59.14 66.31
N VAL RA 51 -16.41 -59.48 67.46
CA VAL RA 51 -16.73 -58.49 68.48
C VAL RA 51 -15.48 -58.16 69.30
N VAL RA 52 -15.07 -56.89 69.25
CA VAL RA 52 -13.93 -56.36 70.03
C VAL RA 52 -14.37 -56.18 71.49
N PRO RA 53 -13.57 -56.70 72.45
CA PRO RA 53 -14.00 -56.70 73.86
C PRO RA 53 -13.69 -55.45 74.66
N SER RA 54 -12.64 -54.74 74.27
CA SER RA 54 -12.17 -53.59 75.01
C SER RA 54 -11.50 -52.65 74.02
N GLU RA 55 -11.37 -51.39 74.41
CA GLU RA 55 -10.75 -50.41 73.51
C GLU RA 55 -9.25 -50.72 73.41
N GLY RA 56 -8.62 -50.32 72.31
CA GLY RA 56 -7.18 -50.48 72.14
C GLY RA 56 -6.74 -50.52 70.69
N LEU RA 57 -5.44 -50.35 70.48
CA LEU RA 57 -4.83 -50.61 69.18
C LEU RA 57 -4.83 -52.10 68.87
N TYR RA 58 -5.32 -52.43 67.68
CA TYR RA 58 -5.37 -53.80 67.21
C TYR RA 58 -4.66 -53.91 65.86
N LEU RA 59 -3.87 -54.98 65.71
CA LEU RA 59 -3.37 -55.46 64.44
C LEU RA 59 -4.48 -56.26 63.79
N ILE RA 60 -4.85 -55.95 62.55
CA ILE RA 60 -5.84 -56.72 61.80
C ILE RA 60 -5.22 -57.34 60.54
N TYR RA 61 -5.69 -58.54 60.18
CA TYR RA 61 -5.25 -59.22 58.96
C TYR RA 61 -6.28 -60.21 58.43
N SER RA 62 -6.29 -60.34 57.10
CA SER RA 62 -7.21 -61.22 56.44
C SER RA 62 -6.65 -61.61 55.09
N GLN RA 63 -6.77 -62.90 54.77
CA GLN RA 63 -6.45 -63.44 53.44
C GLN RA 63 -7.69 -64.16 52.91
N VAL RA 64 -7.94 -63.96 51.61
CA VAL RA 64 -8.92 -64.76 50.86
C VAL RA 64 -8.26 -65.22 49.56
N LEU RA 65 -8.42 -66.50 49.25
CA LEU RA 65 -7.88 -67.07 48.04
C LEU RA 65 -9.04 -67.36 47.10
N PHE RA 66 -9.13 -66.58 46.02
CA PHE RA 66 -10.05 -66.86 44.95
C PHE RA 66 -9.41 -67.87 44.01
N LYS RA 67 -10.22 -68.49 43.17
CA LYS RA 67 -9.71 -69.39 42.12
C LYS RA 67 -10.71 -69.41 40.98
N GLY RA 68 -10.24 -69.60 39.75
CA GLY RA 68 -11.12 -69.83 38.61
C GLY RA 68 -10.54 -70.75 37.55
N GLN RA 69 -11.44 -71.24 36.70
CA GLN RA 69 -11.13 -72.13 35.60
C GLN RA 69 -11.49 -71.42 34.32
N GLY RA 70 -10.53 -70.68 33.78
CA GLY RA 70 -10.71 -69.92 32.56
C GLY RA 70 -11.41 -68.61 32.80
N CYS RA 71 -11.60 -67.87 31.72
CA CYS RA 71 -12.19 -66.53 31.77
C CYS RA 71 -13.47 -66.45 30.95
N PRO RA 72 -14.64 -66.53 31.62
CA PRO RA 72 -15.93 -66.21 30.99
C PRO RA 72 -15.96 -64.85 30.28
N SER RA 73 -15.32 -63.87 30.91
CA SER RA 73 -15.28 -62.50 30.40
C SER RA 73 -14.13 -61.72 31.05
N THR RA 74 -13.81 -60.58 30.46
CA THR RA 74 -12.83 -59.63 31.02
C THR RA 74 -13.38 -58.81 32.21
N HIS RA 75 -14.70 -58.85 32.39
CA HIS RA 75 -15.40 -58.07 33.41
C HIS RA 75 -15.68 -58.85 34.69
N VAL RA 76 -14.82 -59.80 35.02
CA VAL RA 76 -14.87 -60.49 36.30
C VAL RA 76 -14.15 -59.54 37.22
N LEU RA 77 -14.52 -59.56 38.50
CA LEU RA 77 -14.09 -58.51 39.42
C LEU RA 77 -14.16 -58.99 40.88
N LEU RA 78 -13.00 -59.16 41.49
CA LEU RA 78 -12.88 -59.74 42.84
C LEU RA 78 -12.57 -58.65 43.91
N THR RA 79 -13.51 -58.39 44.83
CA THR RA 79 -13.32 -57.38 45.89
C THR RA 79 -13.18 -58.03 47.26
N HIS RA 80 -12.29 -57.46 48.08
CA HIS RA 80 -12.12 -57.85 49.48
C HIS RA 80 -12.14 -56.60 50.36
N THR RA 81 -12.79 -56.69 51.51
CA THR RA 81 -13.10 -55.51 52.31
C THR RA 81 -13.26 -55.81 53.79
N ILE RA 82 -12.38 -55.21 54.60
CA ILE RA 82 -12.52 -55.22 56.06
C ILE RA 82 -13.14 -53.90 56.53
N SER RA 83 -14.21 -54.01 57.32
CA SER RA 83 -15.01 -52.86 57.77
C SER RA 83 -15.26 -52.89 59.26
N ARG RA 84 -15.47 -51.70 59.84
CA ARG RA 84 -15.73 -51.51 61.26
C ARG RA 84 -17.09 -50.84 61.48
N ILE RA 85 -17.87 -51.38 62.43
CA ILE RA 85 -19.14 -50.79 62.81
C ILE RA 85 -19.14 -50.52 64.32
N ALA RA 86 -18.99 -49.25 64.66
CA ALA RA 86 -18.96 -48.83 66.04
C ALA RA 86 -20.38 -48.85 66.57
N VAL RA 87 -20.51 -49.30 67.82
CA VAL RA 87 -21.76 -49.24 68.55
C VAL RA 87 -22.31 -47.82 68.46
N SER RA 88 -21.56 -46.87 69.02
CA SER RA 88 -22.06 -45.49 69.20
C SER RA 88 -22.44 -44.84 67.90
N TYR RA 89 -21.55 -44.93 66.92
CA TYR RA 89 -21.71 -44.23 65.65
C TYR RA 89 -22.65 -44.96 64.67
N GLN RA 90 -22.45 -46.27 64.54
CA GLN RA 90 -23.33 -47.20 63.77
C GLN RA 90 -23.03 -47.36 62.28
N THR RA 91 -22.52 -46.32 61.61
CA THR RA 91 -22.32 -46.46 60.17
C THR RA 91 -21.09 -47.32 59.87
N LYS RA 92 -21.16 -48.04 58.76
CA LYS RA 92 -20.11 -48.95 58.31
C LYS RA 92 -18.93 -48.12 57.82
N VAL RA 93 -17.74 -48.36 58.38
CA VAL RA 93 -16.56 -47.58 58.02
C VAL RA 93 -15.54 -48.52 57.41
N ASN RA 94 -15.19 -48.31 56.13
CA ASN RA 94 -14.19 -49.15 55.48
C ASN RA 94 -12.82 -48.84 56.01
N LEU RA 95 -12.08 -49.87 56.38
CA LEU RA 95 -10.69 -49.72 56.81
C LEU RA 95 -9.82 -50.13 55.65
N LEU RA 96 -10.01 -51.35 55.17
CA LEU RA 96 -9.14 -51.93 54.16
C LEU RA 96 -9.95 -52.42 52.97
N SER RA 97 -9.33 -52.28 51.80
CA SER RA 97 -10.00 -52.46 50.52
C SER RA 97 -9.06 -53.06 49.48
N ALA RA 98 -9.64 -53.76 48.51
CA ALA RA 98 -8.91 -54.36 47.38
C ALA RA 98 -9.87 -54.72 46.26
N ILE RA 99 -9.56 -54.29 45.04
CA ILE RA 99 -10.32 -54.60 43.84
C ILE RA 99 -9.36 -55.30 42.90
N LYS RA 100 -9.73 -56.49 42.45
CA LYS RA 100 -8.92 -57.25 41.49
C LYS RA 100 -9.74 -57.48 40.20
N SER RA 101 -9.04 -57.56 39.07
CA SER RA 101 -9.63 -57.91 37.79
C SER RA 101 -8.87 -59.11 37.24
N PRO RA 102 -9.35 -60.34 37.53
CA PRO RA 102 -8.56 -61.53 37.25
C PRO RA 102 -8.45 -61.89 35.77
N CYS RA 103 -9.36 -61.37 34.93
CA CYS RA 103 -9.41 -61.73 33.53
C CYS RA 103 -9.18 -60.48 32.67
N GLN RA 104 -7.96 -60.39 32.15
CA GLN RA 104 -7.56 -59.34 31.20
C GLN RA 104 -7.95 -59.74 29.77
N ARG RA 105 -7.88 -61.04 29.48
CA ARG RA 105 -8.24 -61.62 28.16
C ARG RA 105 -8.98 -62.96 28.37
N GLU RA 106 -9.98 -63.24 27.54
CA GLU RA 106 -10.74 -64.51 27.61
C GLU RA 106 -9.96 -65.68 27.02
N THR RA 107 -10.51 -66.89 27.19
CA THR RA 107 -10.09 -68.10 26.47
C THR RA 107 -11.29 -68.53 25.60
N PRO RA 108 -11.50 -67.87 24.44
CA PRO RA 108 -12.81 -67.98 23.79
C PRO RA 108 -13.09 -69.27 22.99
N GLU RA 109 -12.42 -69.46 21.85
CA GLU RA 109 -12.80 -70.52 20.88
C GLU RA 109 -12.55 -71.94 21.40
N GLY RA 110 -13.50 -72.47 22.18
CA GLY RA 110 -13.30 -73.69 22.96
C GLY RA 110 -12.19 -73.47 23.97
N ALA RA 111 -10.96 -73.83 23.57
CA ALA RA 111 -9.71 -73.55 24.32
C ALA RA 111 -9.56 -74.34 25.64
N GLU RA 112 -8.43 -75.03 25.80
CA GLU RA 112 -8.09 -75.73 27.06
C GLU RA 112 -7.89 -74.68 28.16
N ALA RA 113 -9.01 -74.32 28.80
CA ALA RA 113 -9.06 -73.23 29.76
C ALA RA 113 -8.11 -73.48 30.94
N LYS RA 114 -6.91 -72.91 30.83
CA LYS RA 114 -5.95 -72.86 31.96
C LYS RA 114 -6.55 -72.02 33.13
N PRO RA 115 -6.39 -72.47 34.39
CA PRO RA 115 -6.97 -71.77 35.56
C PRO RA 115 -6.32 -70.42 35.95
N TRP RA 116 -6.87 -69.82 37.02
CA TRP RA 116 -6.32 -68.61 37.64
C TRP RA 116 -6.58 -68.54 39.15
N TYR RA 117 -5.74 -67.77 39.85
CA TYR RA 117 -5.90 -67.45 41.28
C TYR RA 117 -5.58 -65.98 41.55
N GLU RA 118 -6.37 -65.37 42.44
CA GLU RA 118 -6.00 -64.11 43.09
C GLU RA 118 -6.14 -64.30 44.60
N PRO RA 119 -4.99 -64.60 45.28
CA PRO RA 119 -4.89 -64.35 46.72
C PRO RA 119 -4.91 -62.86 46.95
N ILE RA 120 -5.67 -62.40 47.96
CA ILE RA 120 -5.70 -60.99 48.35
C ILE RA 120 -5.47 -60.91 49.85
N TYR RA 121 -4.48 -60.08 50.22
CA TYR RA 121 -4.11 -59.81 51.61
C TYR RA 121 -4.41 -58.37 52.01
N LEU RA 122 -5.25 -58.22 53.04
CA LEU RA 122 -5.48 -56.94 53.68
C LEU RA 122 -4.89 -56.96 55.09
N GLY RA 123 -4.63 -55.77 55.65
CA GLY RA 123 -4.21 -55.66 57.04
C GLY RA 123 -3.54 -54.35 57.40
N GLY RA 124 -3.68 -53.96 58.66
CA GLY RA 124 -3.03 -52.76 59.22
C GLY RA 124 -3.01 -52.77 60.73
N VAL RA 125 -2.97 -51.59 61.33
CA VAL RA 125 -3.10 -51.45 62.79
C VAL RA 125 -3.98 -50.24 63.11
N PHE RA 126 -5.00 -50.47 63.93
CA PHE RA 126 -6.20 -49.64 63.96
C PHE RA 126 -6.74 -49.37 65.36
N GLN RA 127 -7.20 -48.15 65.56
CA GLN RA 127 -7.79 -47.68 66.81
C GLN RA 127 -9.22 -48.15 66.89
N LEU RA 128 -9.45 -49.22 67.65
CA LEU RA 128 -10.79 -49.78 67.82
C LEU RA 128 -11.31 -49.51 69.21
N GLU RA 129 -12.61 -49.27 69.31
CA GLU RA 129 -13.29 -49.22 70.60
C GLU RA 129 -13.86 -50.60 70.97
N LYS RA 130 -14.29 -50.70 72.22
CA LYS RA 130 -15.09 -51.81 72.76
C LYS RA 130 -16.44 -51.91 72.02
N GLY RA 131 -16.81 -53.12 71.59
CA GLY RA 131 -18.09 -53.38 70.93
C GLY RA 131 -18.14 -53.16 69.41
N ASP RA 132 -17.01 -52.72 68.85
CA ASP RA 132 -16.95 -52.52 67.41
C ASP RA 132 -16.96 -53.92 66.82
N ARG RA 133 -17.55 -54.04 65.63
CA ARG RA 133 -17.71 -55.34 64.97
C ARG RA 133 -16.99 -55.30 63.63
N LEU RA 134 -16.19 -56.33 63.35
CA LEU RA 134 -15.34 -56.37 62.15
C LEU RA 134 -15.82 -57.43 61.14
N SER RA 135 -15.54 -57.17 59.86
CA SER RA 135 -16.28 -57.82 58.79
C SER RA 135 -15.48 -57.91 57.49
N ALA RA 136 -14.67 -58.97 57.38
CA ALA RA 136 -14.01 -59.33 56.13
C ALA RA 136 -15.07 -59.85 55.20
N GLU RA 137 -15.06 -59.38 53.95
CA GLU RA 137 -16.20 -59.50 53.07
C GLU RA 137 -15.79 -59.54 51.61
N ILE RA 138 -16.52 -60.32 50.81
CA ILE RA 138 -16.18 -60.56 49.40
C ILE RA 138 -17.41 -60.44 48.53
N ASN RA 139 -17.20 -60.14 47.25
CA ASN RA 139 -18.32 -59.92 46.32
C ASN RA 139 -18.70 -61.16 45.52
N ARG RA 140 -17.72 -62.02 45.27
CA ARG RA 140 -17.89 -63.28 44.56
C ARG RA 140 -17.46 -64.46 45.44
N PRO RA 141 -18.34 -64.94 46.34
CA PRO RA 141 -18.09 -66.19 47.08
C PRO RA 141 -18.07 -67.47 46.21
N ASP RA 142 -18.78 -67.45 45.08
CA ASP RA 142 -18.64 -68.49 44.06
C ASP RA 142 -17.19 -68.75 43.60
N TYR RA 143 -16.34 -67.73 43.62
CA TYR RA 143 -14.93 -67.89 43.23
C TYR RA 143 -14.00 -68.08 44.42
N LEU RA 144 -14.54 -68.27 45.62
CA LEU RA 144 -13.70 -68.59 46.79
C LEU RA 144 -13.06 -69.95 46.69
N ASP RA 145 -11.94 -70.11 47.39
CA ASP RA 145 -11.31 -71.41 47.55
C ASP RA 145 -11.00 -71.72 49.02
N PHE RA 146 -11.97 -72.34 49.68
CA PHE RA 146 -11.81 -73.00 51.00
C PHE RA 146 -11.32 -74.45 50.91
N ALA RA 147 -11.23 -75.01 49.69
CA ALA RA 147 -11.01 -76.47 49.47
C ALA RA 147 -9.97 -77.10 50.38
N GLU RA 148 -8.86 -76.38 50.62
CA GLU RA 148 -7.80 -76.82 51.55
C GLU RA 148 -7.64 -75.86 52.72
N SER RA 149 -7.04 -76.35 53.81
CA SER RA 149 -7.00 -75.64 55.08
C SER RA 149 -6.04 -74.43 55.12
N GLY RA 150 -6.44 -73.39 55.85
CA GLY RA 150 -5.64 -72.17 55.98
C GLY RA 150 -5.38 -71.41 54.70
N GLN RA 151 -6.37 -71.32 53.85
CA GLN RA 151 -6.31 -70.51 52.62
C GLN RA 151 -7.12 -69.25 52.72
N VAL RA 152 -8.05 -69.22 53.67
CA VAL RA 152 -9.00 -68.12 53.78
C VAL RA 152 -9.19 -67.83 55.26
N TYR RA 153 -8.46 -66.84 55.77
CA TYR RA 153 -8.46 -66.56 57.21
C TYR RA 153 -8.60 -65.08 57.49
N PHE RA 154 -8.96 -64.78 58.74
CA PHE RA 154 -9.24 -63.42 59.20
C PHE RA 154 -8.94 -63.43 60.67
N GLY RA 155 -8.16 -62.44 61.13
CA GLY RA 155 -7.78 -62.36 62.53
C GLY RA 155 -7.34 -60.99 63.00
N ILE RA 156 -7.28 -60.84 64.31
CA ILE RA 156 -6.77 -59.60 64.95
C ILE RA 156 -5.93 -59.92 66.18
N ILE RA 157 -5.11 -58.96 66.57
CA ILE RA 157 -4.20 -59.08 67.70
C ILE RA 157 -4.09 -57.70 68.36
N ALA RA 158 -4.33 -57.64 69.67
CA ALA RA 158 -4.18 -56.41 70.43
C ALA RA 158 -2.69 -56.05 70.56
N LEU RA 159 -2.36 -54.77 70.33
CA LEU RA 159 -0.97 -54.28 70.27
C LEU RA 159 -0.66 -53.20 71.33
N SER SA 11 -44.70 64.81 -41.63
CA SER SA 11 -44.74 66.30 -41.71
C SER SA 11 -46.14 66.89 -41.46
N ASP SA 12 -47.16 66.28 -42.09
CA ASP SA 12 -48.57 66.69 -41.91
C ASP SA 12 -49.46 65.46 -41.65
N LYS SA 13 -49.66 65.16 -40.37
CA LYS SA 13 -50.34 63.94 -39.93
C LYS SA 13 -51.86 64.09 -39.99
N PRO SA 14 -52.59 62.97 -40.16
CA PRO SA 14 -54.05 63.01 -40.02
C PRO SA 14 -54.52 63.52 -38.65
N VAL SA 15 -55.36 64.54 -38.64
CA VAL SA 15 -56.05 64.98 -37.41
C VAL SA 15 -57.50 65.30 -37.70
N ALA SA 16 -58.30 65.36 -36.64
CA ALA SA 16 -59.67 65.81 -36.75
C ALA SA 16 -60.31 66.13 -35.41
N HIS SA 17 -61.18 67.14 -35.43
CA HIS SA 17 -61.98 67.52 -34.28
C HIS SA 17 -63.30 68.09 -34.78
N VAL SA 18 -64.39 67.61 -34.21
CA VAL SA 18 -65.73 68.01 -34.61
C VAL SA 18 -66.61 68.23 -33.39
N VAL SA 19 -67.62 69.08 -33.55
CA VAL SA 19 -68.56 69.42 -32.48
C VAL SA 19 -69.99 69.13 -32.94
N ALA SA 20 -70.81 68.74 -31.97
CA ALA SA 20 -72.16 68.23 -32.26
C ALA SA 20 -73.10 69.35 -32.68
N ASN SA 21 -74.03 69.02 -33.58
CA ASN SA 21 -75.01 69.99 -34.06
C ASN SA 21 -76.00 70.34 -32.95
N PRO SA 22 -76.13 71.65 -32.59
CA PRO SA 22 -77.09 72.03 -31.55
C PRO SA 22 -78.55 71.88 -31.97
N GLN SA 23 -78.88 72.34 -33.19
CA GLN SA 23 -80.26 72.39 -33.68
C GLN SA 23 -80.89 71.00 -33.82
N ALA SA 24 -80.07 70.01 -34.14
CA ALA SA 24 -80.49 68.60 -34.25
C ALA SA 24 -81.17 68.12 -32.96
N GLU SA 25 -82.42 67.67 -33.09
CA GLU SA 25 -83.18 67.10 -31.96
C GLU SA 25 -82.71 65.63 -31.73
N GLY SA 26 -83.56 64.75 -31.19
CA GLY SA 26 -83.11 63.45 -30.64
C GLY SA 26 -82.18 62.59 -31.49
N GLN SA 27 -80.89 62.98 -31.48
CA GLN SA 27 -79.80 62.30 -32.21
C GLN SA 27 -78.48 63.07 -32.04
N LEU SA 28 -77.36 62.35 -32.03
CA LEU SA 28 -76.01 62.95 -31.97
C LEU SA 28 -75.44 63.09 -33.39
N GLN SA 29 -75.16 64.32 -33.83
CA GLN SA 29 -74.64 64.58 -35.17
C GLN SA 29 -73.51 65.61 -35.17
N TRP SA 30 -72.40 65.27 -35.84
CA TRP SA 30 -71.19 66.11 -35.88
C TRP SA 30 -71.16 67.00 -37.14
N LEU SA 31 -70.14 67.86 -37.25
CA LEU SA 31 -70.02 68.83 -38.36
C LEU SA 31 -68.61 69.00 -38.89
N LEU SA 38 -63.02 70.64 -37.72
CA LEU SA 38 -61.95 70.65 -38.72
C LEU SA 38 -61.35 69.26 -38.99
N LEU SA 39 -60.90 69.06 -40.23
CA LEU SA 39 -60.38 67.77 -40.74
C LEU SA 39 -59.13 68.03 -41.60
N ALA SA 40 -58.17 67.11 -41.60
CA ALA SA 40 -56.93 67.29 -42.38
C ALA SA 40 -56.15 66.01 -42.69
N ASN SA 41 -55.53 65.99 -43.89
CA ASN SA 41 -54.58 64.94 -44.33
C ASN SA 41 -55.16 63.54 -44.51
N GLY SA 42 -56.37 63.47 -45.04
CA GLY SA 42 -57.05 62.20 -45.31
C GLY SA 42 -58.01 61.73 -44.23
N VAL SA 43 -58.66 62.65 -43.53
CA VAL SA 43 -59.74 62.31 -42.58
C VAL SA 43 -61.03 62.98 -43.02
N GLU SA 44 -62.14 62.24 -42.95
CA GLU SA 44 -63.45 62.73 -43.37
C GLU SA 44 -64.55 62.26 -42.44
N LEU SA 45 -65.72 62.87 -42.58
CA LEU SA 45 -66.88 62.65 -41.71
C LEU SA 45 -68.05 62.04 -42.49
N ARG SA 46 -68.01 60.71 -42.65
CA ARG SA 46 -68.99 59.94 -43.45
C ARG SA 46 -69.92 59.14 -42.55
N ASP SA 47 -71.24 59.35 -42.72
CA ASP SA 47 -72.26 58.71 -41.86
C ASP SA 47 -72.02 58.98 -40.37
N ASN SA 48 -71.59 60.21 -40.07
CA ASN SA 48 -71.28 60.65 -38.71
C ASN SA 48 -70.11 59.88 -38.06
N GLN SA 49 -69.14 59.46 -38.87
CA GLN SA 49 -68.00 58.67 -38.41
C GLN SA 49 -66.70 59.13 -39.06
N LEU SA 50 -65.64 59.18 -38.26
CA LEU SA 50 -64.30 59.55 -38.75
C LEU SA 50 -63.66 58.37 -39.47
N VAL SA 51 -62.83 58.67 -40.48
CA VAL SA 51 -62.22 57.66 -41.34
C VAL SA 51 -60.70 57.83 -41.45
N VAL SA 52 -59.98 56.72 -41.37
CA VAL SA 52 -58.53 56.68 -41.20
C VAL SA 52 -57.81 56.47 -42.54
N PRO SA 53 -56.89 57.39 -42.93
CA PRO SA 53 -56.20 57.29 -44.24
C PRO SA 53 -55.05 56.28 -44.37
N SER SA 54 -54.60 55.68 -43.27
CA SER SA 54 -53.42 54.80 -43.31
C SER SA 54 -53.27 53.97 -42.03
N GLU SA 55 -52.21 53.16 -41.94
CA GLU SA 55 -51.83 52.54 -40.67
C GLU SA 55 -51.14 53.55 -39.75
N GLY SA 56 -50.90 53.12 -38.50
CA GLY SA 56 -50.23 53.91 -37.48
C GLY SA 56 -51.08 54.10 -36.24
N LEU SA 57 -50.56 54.86 -35.29
CA LEU SA 57 -51.20 55.02 -33.99
C LEU SA 57 -51.95 56.34 -33.92
N TYR SA 58 -53.13 56.29 -33.32
CA TYR SA 58 -54.02 57.44 -33.25
C TYR SA 58 -54.54 57.60 -31.84
N LEU SA 59 -54.34 58.79 -31.30
CA LEU SA 59 -54.96 59.19 -30.05
C LEU SA 59 -56.39 59.60 -30.36
N ILE SA 60 -57.32 58.81 -29.86
CA ILE SA 60 -58.75 59.02 -30.07
C ILE SA 60 -59.32 59.61 -28.78
N TYR SA 61 -60.33 60.46 -28.90
CA TYR SA 61 -61.01 61.02 -27.72
C TYR SA 61 -62.36 61.66 -28.02
N SER SA 62 -63.11 61.93 -26.95
CA SER SA 62 -64.43 62.56 -27.05
C SER SA 62 -64.91 63.15 -25.74
N GLN SA 63 -65.94 63.99 -25.84
CA GLN SA 63 -66.70 64.45 -24.69
C GLN SA 63 -68.13 64.77 -25.08
N VAL SA 64 -69.04 64.46 -24.17
CA VAL SA 64 -70.46 64.72 -24.34
C VAL SA 64 -70.95 65.27 -23.01
N LEU SA 65 -72.04 66.02 -23.03
CA LEU SA 65 -72.48 66.78 -21.87
C LEU SA 65 -73.98 66.73 -21.69
N PHE SA 66 -74.40 65.99 -20.67
CA PHE SA 66 -75.81 65.84 -20.32
C PHE SA 66 -76.24 66.85 -19.25
N LYS SA 67 -77.50 67.27 -19.34
CA LYS SA 67 -78.16 68.08 -18.30
C LYS SA 67 -79.56 67.54 -18.09
N GLY SA 68 -80.05 67.62 -16.86
CA GLY SA 68 -81.45 67.27 -16.55
C GLY SA 68 -82.07 68.04 -15.39
N GLN SA 69 -83.39 67.85 -15.26
CA GLN SA 69 -84.21 68.48 -14.22
C GLN SA 69 -84.82 67.41 -13.34
N GLY SA 70 -84.72 67.59 -12.03
CA GLY SA 70 -85.34 66.70 -11.05
C GLY SA 70 -84.90 65.26 -11.18
N CYS SA 71 -85.88 64.35 -11.12
CA CYS SA 71 -85.61 62.91 -11.22
C CYS SA 71 -86.90 62.11 -11.51
N PRO SA 72 -86.90 61.27 -12.56
CA PRO SA 72 -88.07 60.45 -12.89
C PRO SA 72 -88.09 59.13 -12.11
N SER SA 73 -89.25 58.49 -12.09
CA SER SA 73 -89.46 57.24 -11.35
C SER SA 73 -88.68 56.05 -11.95
N THR SA 74 -88.62 55.98 -13.28
CA THR SA 74 -87.77 54.99 -13.96
C THR SA 74 -86.31 55.37 -13.80
N HIS SA 75 -85.45 54.36 -13.65
CA HIS SA 75 -84.03 54.57 -13.32
C HIS SA 75 -83.30 55.18 -14.50
N VAL SA 76 -82.74 56.37 -14.28
CA VAL SA 76 -82.02 57.11 -15.34
C VAL SA 76 -80.66 56.44 -15.55
N LEU SA 77 -80.23 56.42 -16.80
CA LEU SA 77 -79.08 55.63 -17.24
C LEU SA 77 -78.50 56.29 -18.50
N LEU SA 78 -77.24 56.69 -18.45
CA LEU SA 78 -76.62 57.44 -19.56
C LEU SA 78 -75.31 56.81 -19.99
N THR SA 79 -75.09 56.72 -21.29
CA THR SA 79 -73.89 56.07 -21.85
C THR SA 79 -73.28 56.87 -23.00
N HIS SA 80 -72.08 56.46 -23.38
CA HIS SA 80 -71.34 57.09 -24.48
C HIS SA 80 -70.25 56.13 -24.93
N THR SA 81 -70.01 56.04 -26.23
CA THR SA 81 -69.07 55.06 -26.76
C THR SA 81 -68.39 55.49 -28.06
N ILE SA 82 -67.06 55.42 -28.06
CA ILE SA 82 -66.26 55.43 -29.29
C ILE SA 82 -66.05 53.98 -29.67
N SER SA 83 -66.47 53.63 -30.90
CA SER SA 83 -66.45 52.25 -31.40
C SER SA 83 -65.70 52.19 -32.72
N ARG SA 84 -65.09 51.03 -33.00
CA ARG SA 84 -64.31 50.81 -34.21
C ARG SA 84 -65.03 49.85 -35.19
N ILE SA 85 -65.21 50.29 -36.43
CA ILE SA 85 -65.79 49.48 -37.51
C ILE SA 85 -64.77 49.42 -38.66
N ALA SA 86 -63.90 48.43 -38.60
CA ALA SA 86 -62.78 48.32 -39.54
C ALA SA 86 -63.24 47.86 -40.93
N VAL SA 87 -62.39 48.05 -41.92
CA VAL SA 87 -62.49 47.31 -43.20
C VAL SA 87 -61.85 45.94 -43.01
N SER SA 88 -60.97 45.84 -42.01
CA SER SA 88 -60.47 44.57 -41.47
C SER SA 88 -61.55 43.51 -41.17
N TYR SA 89 -62.70 43.95 -40.64
CA TYR SA 89 -63.81 43.03 -40.23
C TYR SA 89 -65.28 43.49 -40.49
N GLN SA 90 -65.53 44.78 -40.74
CA GLN SA 90 -66.89 45.36 -40.80
C GLN SA 90 -67.76 45.18 -39.53
N THR SA 91 -67.11 44.84 -38.41
CA THR SA 91 -67.78 44.49 -37.15
C THR SA 91 -67.52 45.59 -36.11
N LYS SA 92 -68.49 45.83 -35.23
CA LYS SA 92 -68.49 47.01 -34.35
C LYS SA 92 -68.02 46.72 -32.90
N VAL SA 93 -66.72 46.88 -32.66
CA VAL SA 93 -66.11 46.66 -31.34
C VAL SA 93 -66.07 47.99 -30.58
N ASN SA 94 -66.25 47.92 -29.25
CA ASN SA 94 -66.05 49.09 -28.37
C ASN SA 94 -64.58 49.35 -28.09
N LEU SA 95 -64.13 50.55 -28.40
CA LEU SA 95 -62.81 51.04 -28.02
C LEU SA 95 -62.83 51.65 -26.62
N LEU SA 96 -63.83 52.50 -26.40
CA LEU SA 96 -63.95 53.32 -25.19
C LEU SA 96 -65.43 53.39 -24.87
N SER SA 97 -65.77 53.24 -23.59
CA SER SA 97 -67.17 53.25 -23.17
C SER SA 97 -67.32 53.65 -21.70
N ALA SA 98 -68.43 54.32 -21.39
CA ALA SA 98 -68.65 54.92 -20.07
C ALA SA 98 -70.14 55.02 -19.75
N ILE SA 99 -70.50 54.76 -18.48
CA ILE SA 99 -71.88 54.82 -17.99
C ILE SA 99 -71.94 55.56 -16.66
N LYS SA 100 -72.98 56.38 -16.46
CA LYS SA 100 -73.15 57.19 -15.25
C LYS SA 100 -74.64 57.21 -14.84
N SER SA 101 -74.92 57.02 -13.54
CA SER SA 101 -76.30 57.01 -13.02
C SER SA 101 -76.52 58.20 -12.10
N PRO SA 102 -77.06 59.31 -12.65
CA PRO SA 102 -77.26 60.52 -11.83
C PRO SA 102 -78.40 60.38 -10.83
N CYS SA 103 -79.50 59.78 -11.28
CA CYS SA 103 -80.66 59.60 -10.44
C CYS SA 103 -80.45 58.40 -9.52
N GLN SA 104 -79.63 58.59 -8.49
CA GLN SA 104 -79.40 57.57 -7.47
C GLN SA 104 -80.62 57.41 -6.56
N ARG SA 105 -81.41 58.49 -6.44
CA ARG SA 105 -82.72 58.47 -5.78
C ARG SA 105 -83.66 59.43 -6.52
N GLU SA 106 -84.97 59.15 -6.45
CA GLU SA 106 -85.97 59.96 -7.17
C GLU SA 106 -86.45 61.17 -6.34
N THR SA 107 -86.94 62.21 -7.01
CA THR SA 107 -87.32 63.50 -6.38
C THR SA 107 -88.76 63.51 -5.80
N PRO SA 108 -89.00 64.17 -4.63
CA PRO SA 108 -90.34 64.15 -4.02
C PRO SA 108 -91.36 65.17 -4.57
N GLU SA 109 -91.30 66.44 -4.17
CA GLU SA 109 -92.37 67.41 -4.46
C GLU SA 109 -92.00 68.89 -4.25
N GLY SA 110 -92.96 69.77 -4.55
CA GLY SA 110 -92.87 71.22 -4.32
C GLY SA 110 -92.71 72.08 -5.57
N ALA SA 111 -92.83 71.47 -6.75
CA ALA SA 111 -92.42 72.07 -8.04
C ALA SA 111 -90.91 72.34 -8.08
N GLU SA 112 -90.14 71.49 -7.38
CA GLU SA 112 -88.73 71.72 -7.10
C GLU SA 112 -87.88 70.61 -7.74
N ALA SA 113 -87.97 70.51 -9.05
CA ALA SA 113 -87.12 69.62 -9.83
C ALA SA 113 -85.72 70.23 -9.93
N LYS SA 114 -84.93 70.05 -8.86
CA LYS SA 114 -83.61 70.66 -8.75
C LYS SA 114 -82.67 70.09 -9.80
N PRO SA 115 -82.02 70.96 -10.61
CA PRO SA 115 -81.30 70.52 -11.80
C PRO SA 115 -80.00 69.78 -11.51
N TRP SA 116 -79.38 69.26 -12.58
CA TRP SA 116 -78.07 68.62 -12.48
C TRP SA 116 -77.33 68.64 -13.82
N TYR SA 117 -76.01 68.44 -13.75
CA TYR SA 117 -75.10 68.50 -14.91
C TYR SA 117 -74.01 67.45 -14.73
N GLU SA 118 -73.84 66.54 -15.69
CA GLU SA 118 -72.89 65.42 -15.58
C GLU SA 118 -72.20 65.15 -16.94
N PRO SA 119 -70.90 65.50 -17.06
CA PRO SA 119 -70.21 65.27 -18.33
C PRO SA 119 -69.74 63.82 -18.48
N ILE SA 120 -69.56 63.37 -19.72
CA ILE SA 120 -68.83 62.11 -20.01
C ILE SA 120 -67.80 62.40 -21.08
N TYR SA 121 -66.60 61.85 -20.88
CA TYR SA 121 -65.48 62.08 -21.79
C TYR SA 121 -64.54 60.88 -21.81
N LEU SA 122 -64.12 60.51 -23.02
CA LEU SA 122 -63.34 59.30 -23.26
C LEU SA 122 -62.09 59.66 -24.02
N GLY SA 123 -61.07 58.82 -23.87
CA GLY SA 123 -59.86 58.94 -24.67
C GLY SA 123 -58.88 57.80 -24.52
N GLY SA 124 -58.08 57.59 -25.55
CA GLY SA 124 -57.03 56.59 -25.52
C GLY SA 124 -56.31 56.44 -26.83
N VAL SA 125 -55.09 55.92 -26.76
CA VAL SA 125 -54.28 55.67 -27.94
C VAL SA 125 -54.65 54.31 -28.50
N PHE SA 126 -54.67 54.23 -29.83
CA PHE SA 126 -55.13 53.06 -30.56
C PHE SA 126 -54.40 52.90 -31.88
N GLN SA 127 -53.98 51.66 -32.15
CA GLN SA 127 -53.44 51.28 -33.46
C GLN SA 127 -54.64 51.10 -34.39
N LEU SA 128 -54.58 51.69 -35.58
CA LEU SA 128 -55.72 51.75 -36.52
C LEU SA 128 -55.30 51.58 -37.96
N GLU SA 129 -55.97 50.66 -38.67
CA GLU SA 129 -55.65 50.37 -40.07
C GLU SA 129 -56.33 51.32 -41.03
N LYS SA 130 -55.80 51.33 -42.26
CA LYS SA 130 -56.36 52.11 -43.36
C LYS SA 130 -57.82 51.70 -43.64
N GLY SA 131 -58.73 52.67 -43.56
CA GLY SA 131 -60.17 52.44 -43.81
C GLY SA 131 -61.09 52.33 -42.60
N ASP SA 132 -60.52 52.27 -41.40
CA ASP SA 132 -61.33 52.12 -40.18
C ASP SA 132 -62.30 53.27 -39.99
N ARG SA 133 -63.54 52.95 -39.61
CA ARG SA 133 -64.56 53.97 -39.36
C ARG SA 133 -64.84 54.06 -37.85
N LEU SA 134 -64.44 55.17 -37.25
CA LEU SA 134 -64.62 55.42 -35.82
C LEU SA 134 -65.95 56.12 -35.59
N SER SA 135 -66.80 55.51 -34.79
CA SER SA 135 -68.09 56.07 -34.43
C SER SA 135 -67.94 56.68 -33.06
N ALA SA 136 -68.82 57.63 -32.78
CA ALA SA 136 -68.94 58.21 -31.43
C ALA SA 136 -70.43 58.37 -31.19
N GLU SA 137 -70.95 57.64 -30.22
CA GLU SA 137 -72.40 57.64 -29.95
C GLU SA 137 -72.69 57.61 -28.47
N ILE SA 138 -73.94 57.94 -28.17
CA ILE SA 138 -74.55 57.85 -26.85
C ILE SA 138 -75.85 57.07 -26.98
N ASN SA 139 -76.49 56.79 -25.84
CA ASN SA 139 -77.83 56.18 -25.80
C ASN SA 139 -78.97 57.19 -25.64
N ARG SA 140 -78.76 58.28 -24.91
CA ARG SA 140 -79.82 59.26 -24.63
C ARG SA 140 -79.58 60.67 -25.18
N PRO SA 141 -79.66 60.86 -26.52
CA PRO SA 141 -79.69 62.21 -27.09
C PRO SA 141 -80.78 63.14 -26.56
N ASP SA 142 -81.89 62.59 -26.06
CA ASP SA 142 -82.96 63.39 -25.44
C ASP SA 142 -82.58 64.13 -24.14
N TYR SA 143 -81.46 63.74 -23.52
CA TYR SA 143 -80.92 64.40 -22.30
C TYR SA 143 -79.67 65.30 -22.51
N LEU SA 144 -79.16 65.40 -23.74
CA LEU SA 144 -77.98 66.26 -24.05
C LEU SA 144 -78.18 67.73 -23.69
N ASP SA 145 -77.08 68.47 -23.57
CA ASP SA 145 -77.11 69.91 -23.29
C ASP SA 145 -76.22 70.71 -24.25
N PHE SA 146 -76.81 71.07 -25.40
CA PHE SA 146 -76.10 71.79 -26.46
C PHE SA 146 -75.79 73.27 -26.13
N ALA SA 147 -76.46 73.85 -25.13
CA ALA SA 147 -76.22 75.23 -24.69
C ALA SA 147 -75.10 75.33 -23.64
N GLU SA 148 -73.95 74.69 -23.93
CA GLU SA 148 -72.78 74.67 -23.06
C GLU SA 148 -71.49 74.78 -23.91
N SER SA 149 -71.25 75.98 -24.43
CA SER SA 149 -70.00 76.34 -25.14
C SER SA 149 -69.63 75.48 -26.38
N GLY SA 150 -70.56 74.66 -26.87
CA GLY SA 150 -70.24 73.66 -27.90
C GLY SA 150 -69.08 72.73 -27.57
N GLN SA 151 -68.92 72.40 -26.29
CA GLN SA 151 -67.82 71.53 -25.82
C GLN SA 151 -68.27 70.07 -25.65
N VAL SA 152 -69.27 69.67 -26.45
CA VAL SA 152 -69.47 68.28 -26.83
C VAL SA 152 -68.64 68.06 -28.10
N TYR SA 153 -67.72 67.10 -28.06
CA TYR SA 153 -66.80 66.86 -29.19
C TYR SA 153 -66.32 65.41 -29.31
N PHE SA 154 -65.80 65.10 -30.49
CA PHE SA 154 -65.21 63.81 -30.85
C PHE SA 154 -64.01 64.15 -31.72
N GLY SA 155 -62.84 63.60 -31.41
CA GLY SA 155 -61.63 63.91 -32.20
C GLY SA 155 -60.58 62.81 -32.22
N ILE SA 156 -59.70 62.87 -33.22
CA ILE SA 156 -58.51 61.99 -33.28
C ILE SA 156 -57.27 62.73 -33.78
N ILE SA 157 -56.10 62.23 -33.36
CA ILE SA 157 -54.80 62.78 -33.75
C ILE SA 157 -53.85 61.63 -34.03
N ALA SA 158 -53.20 61.67 -35.20
CA ALA SA 158 -52.31 60.59 -35.64
C ALA SA 158 -50.89 60.77 -35.14
N LEU SA 159 -50.22 59.64 -34.94
CA LEU SA 159 -48.84 59.56 -34.49
C LEU SA 159 -48.06 58.61 -35.41
N SER TA 11 -42.61 59.38 -35.10
CA SER TA 11 -43.20 58.20 -35.83
C SER TA 11 -43.36 56.96 -34.92
N ASP TA 12 -42.31 56.66 -34.15
CA ASP TA 12 -42.31 55.52 -33.20
C ASP TA 12 -41.75 55.94 -31.82
N LYS TA 13 -42.67 56.27 -30.91
CA LYS TA 13 -42.34 56.72 -29.56
C LYS TA 13 -43.24 55.96 -28.55
N PRO TA 14 -42.64 55.34 -27.51
CA PRO TA 14 -43.40 54.46 -26.61
C PRO TA 14 -44.81 54.92 -26.25
N VAL TA 15 -45.79 54.09 -26.62
CA VAL TA 15 -47.15 54.20 -26.09
C VAL TA 15 -47.65 52.84 -25.63
N ALA TA 16 -48.78 52.86 -24.93
CA ALA TA 16 -49.42 51.66 -24.43
C ALA TA 16 -50.86 51.97 -24.00
N HIS TA 17 -51.76 51.04 -24.28
CA HIS TA 17 -53.17 51.12 -23.88
C HIS TA 17 -53.60 49.70 -23.52
N VAL TA 18 -53.85 49.45 -22.24
CA VAL TA 18 -54.25 48.13 -21.76
C VAL TA 18 -55.57 48.22 -21.02
N VAL TA 19 -56.32 47.13 -21.03
CA VAL TA 19 -57.67 47.08 -20.46
C VAL TA 19 -57.75 45.98 -19.41
N ALA TA 20 -58.77 46.08 -18.55
CA ALA TA 20 -59.03 45.06 -17.52
C ALA TA 20 -59.28 43.68 -18.08
N ASN TA 21 -58.97 42.67 -17.28
CA ASN TA 21 -59.27 41.30 -17.65
C ASN TA 21 -60.70 40.96 -17.20
N PRO TA 22 -61.61 40.63 -18.14
CA PRO TA 22 -62.99 40.29 -17.76
C PRO TA 22 -63.17 38.89 -17.14
N GLN TA 23 -62.15 38.04 -17.25
CA GLN TA 23 -62.14 36.76 -16.57
C GLN TA 23 -61.86 36.98 -15.08
N ALA TA 24 -60.77 37.69 -14.77
CA ALA TA 24 -60.32 37.89 -13.38
C ALA TA 24 -61.30 38.80 -12.60
N GLU TA 25 -62.20 38.18 -11.83
CA GLU TA 25 -63.31 38.87 -11.17
C GLU TA 25 -62.89 39.74 -9.97
N GLY TA 26 -62.12 39.14 -9.06
CA GLY TA 26 -61.72 39.81 -7.80
C GLY TA 26 -60.34 40.43 -7.83
N GLN TA 27 -60.01 41.09 -8.95
CA GLN TA 27 -58.72 41.75 -9.14
C GLN TA 27 -58.75 42.56 -10.45
N LEU TA 28 -58.17 43.75 -10.41
CA LEU TA 28 -58.04 44.59 -11.59
C LEU TA 28 -56.75 44.21 -12.29
N GLN TA 29 -56.83 43.19 -13.14
CA GLN TA 29 -55.67 42.68 -13.85
C GLN TA 29 -55.67 43.23 -15.27
N TRP TA 30 -54.52 43.75 -15.71
CA TRP TA 30 -54.40 44.43 -17.00
C TRP TA 30 -53.92 43.47 -18.07
N LEU TA 31 -54.47 43.60 -19.27
CA LEU TA 31 -54.04 42.82 -20.42
C LEU TA 31 -53.76 43.71 -21.62
N ASN TA 32 -52.76 43.29 -22.39
CA ASN TA 32 -52.37 43.93 -23.66
C ASN TA 32 -52.78 43.17 -24.92
N ARG TA 33 -52.93 41.85 -24.85
CA ARG TA 33 -53.17 41.00 -26.02
C ARG TA 33 -54.67 40.86 -26.31
N ARG TA 34 -55.27 41.94 -26.78
CA ARG TA 34 -56.73 42.01 -26.97
C ARG TA 34 -57.08 42.89 -28.16
N ALA TA 35 -58.35 42.85 -28.55
CA ALA TA 35 -58.91 43.79 -29.51
C ALA TA 35 -58.63 45.23 -29.08
N ASN TA 36 -57.73 45.90 -29.81
CA ASN TA 36 -57.38 47.30 -29.58
C ASN TA 36 -56.71 47.60 -28.25
N ALA TA 37 -56.00 46.62 -27.72
CA ALA TA 37 -55.06 46.83 -26.64
C ALA TA 37 -53.68 46.68 -27.27
N LEU TA 38 -52.72 47.49 -26.78
CA LEU TA 38 -51.39 47.57 -27.39
C LEU TA 38 -50.25 47.85 -26.41
N LEU TA 39 -49.03 47.67 -26.93
CA LEU TA 39 -47.76 47.95 -26.26
C LEU TA 39 -46.74 48.15 -27.37
N ALA TA 40 -46.40 49.40 -27.66
CA ALA TA 40 -45.50 49.71 -28.77
C ALA TA 40 -44.23 50.38 -28.27
N ASN TA 41 -43.16 50.15 -29.03
CA ASN TA 41 -41.87 50.85 -28.89
C ASN TA 41 -41.26 50.82 -27.48
N GLY TA 42 -41.29 49.63 -26.89
CA GLY TA 42 -40.60 49.35 -25.65
C GLY TA 42 -41.39 49.30 -24.36
N VAL TA 43 -42.58 49.90 -24.33
CA VAL TA 43 -43.38 49.87 -23.12
C VAL TA 43 -43.72 48.40 -22.87
N GLU TA 44 -43.25 47.86 -21.76
CA GLU TA 44 -43.59 46.50 -21.36
C GLU TA 44 -44.69 46.53 -20.30
N LEU TA 45 -45.53 45.50 -20.31
CA LEU TA 45 -46.44 45.25 -19.21
C LEU TA 45 -45.83 44.13 -18.39
N ARG TA 46 -45.50 44.42 -17.14
CA ARG TA 46 -44.93 43.44 -16.23
C ARG TA 46 -45.47 43.68 -14.82
N ASP TA 47 -45.59 42.60 -14.03
CA ASP TA 47 -46.20 42.61 -12.70
C ASP TA 47 -47.43 43.56 -12.55
N ASN TA 48 -48.31 43.53 -13.55
CA ASN TA 48 -49.52 44.38 -13.61
C ASN TA 48 -49.21 45.90 -13.71
N GLN TA 49 -48.05 46.21 -14.27
CA GLN TA 49 -47.52 47.58 -14.32
C GLN TA 49 -46.90 47.85 -15.66
N LEU TA 50 -47.14 49.05 -16.19
CA LEU TA 50 -46.43 49.50 -17.37
C LEU TA 50 -45.00 49.83 -16.95
N VAL TA 51 -44.07 49.76 -17.91
CA VAL TA 51 -42.64 49.81 -17.64
C VAL TA 51 -41.94 50.66 -18.71
N VAL TA 52 -41.61 51.90 -18.32
CA VAL TA 52 -41.04 52.91 -19.24
C VAL TA 52 -39.61 52.53 -19.70
N PRO TA 53 -39.35 52.52 -21.02
CA PRO TA 53 -38.02 52.11 -21.50
C PRO TA 53 -37.00 53.24 -21.71
N SER TA 54 -37.45 54.50 -21.69
CA SER TA 54 -36.60 55.64 -21.99
C SER TA 54 -37.13 56.91 -21.32
N GLU TA 55 -36.24 57.80 -20.91
CA GLU TA 55 -36.61 58.96 -20.06
C GLU TA 55 -37.25 60.10 -20.88
N GLY TA 56 -38.44 60.55 -20.45
CA GLY TA 56 -39.20 61.57 -21.20
C GLY TA 56 -40.48 62.05 -20.54
N LEU TA 57 -41.16 63.00 -21.18
CA LEU TA 57 -42.49 63.46 -20.74
C LEU TA 57 -43.52 62.49 -21.30
N TYR TA 58 -44.40 61.99 -20.42
CA TYR TA 58 -45.45 61.07 -20.80
C TYR TA 58 -46.81 61.58 -20.31
N LEU TA 59 -47.80 61.49 -21.20
CA LEU TA 59 -49.21 61.62 -20.86
C LEU TA 59 -49.62 60.26 -20.33
N ILE TA 60 -50.26 60.25 -19.17
CA ILE TA 60 -50.79 59.02 -18.55
C ILE TA 60 -52.27 59.20 -18.39
N TYR TA 61 -53.04 58.16 -18.67
CA TYR TA 61 -54.46 58.19 -18.43
C TYR TA 61 -54.97 56.88 -17.91
N SER TA 62 -56.16 56.93 -17.33
CA SER TA 62 -56.91 55.74 -17.02
C SER TA 62 -58.38 56.02 -16.89
N GLN TA 63 -59.15 54.95 -17.05
CA GLN TA 63 -60.56 54.95 -16.75
C GLN TA 63 -60.84 53.63 -16.04
N VAL TA 64 -61.67 53.70 -15.01
CA VAL TA 64 -62.33 52.52 -14.44
C VAL TA 64 -63.79 52.88 -14.18
N LEU TA 65 -64.67 51.91 -14.43
CA LEU TA 65 -66.10 52.04 -14.21
C LEU TA 65 -66.50 51.16 -13.05
N PHE TA 66 -67.29 51.71 -12.13
CA PHE TA 66 -67.79 50.98 -10.97
C PHE TA 66 -69.31 50.83 -11.04
N LYS TA 67 -69.81 49.73 -10.47
CA LYS TA 67 -71.25 49.49 -10.40
C LYS TA 67 -71.60 48.54 -9.27
N GLY TA 68 -72.68 48.87 -8.55
CA GLY TA 68 -73.28 47.99 -7.55
C GLY TA 68 -74.79 47.88 -7.75
N GLN TA 69 -75.34 46.74 -7.36
CA GLN TA 69 -76.79 46.54 -7.34
C GLN TA 69 -77.28 47.02 -5.99
N GLY TA 70 -78.13 48.06 -6.00
CA GLY TA 70 -78.67 48.62 -4.76
C GLY TA 70 -77.61 49.37 -3.98
N CYS TA 71 -77.81 49.45 -2.67
CA CYS TA 71 -76.93 50.24 -1.81
C CYS TA 71 -77.06 49.77 -0.34
N PRO TA 72 -76.12 48.91 0.10
CA PRO TA 72 -76.27 48.20 1.39
C PRO TA 72 -76.05 49.07 2.63
N SER TA 73 -75.15 50.05 2.50
CA SER TA 73 -74.68 50.86 3.59
C SER TA 73 -74.18 52.17 2.99
N THR TA 74 -74.21 53.25 3.78
CA THR TA 74 -73.64 54.52 3.34
C THR TA 74 -72.12 54.55 3.36
N HIS TA 75 -71.49 53.48 3.88
CA HIS TA 75 -70.04 53.40 4.05
C HIS TA 75 -69.28 52.95 2.80
N VAL TA 76 -69.93 52.90 1.62
CA VAL TA 76 -69.23 52.41 0.42
C VAL TA 76 -68.15 53.42 0.04
N LEU TA 77 -66.93 52.90 -0.05
CA LEU TA 77 -65.74 53.67 -0.32
C LEU TA 77 -65.13 53.15 -1.63
N LEU TA 78 -64.98 54.03 -2.61
CA LEU TA 78 -64.36 53.68 -3.91
C LEU TA 78 -63.13 54.55 -4.13
N THR TA 79 -62.03 53.92 -4.60
CA THR TA 79 -60.73 54.60 -4.78
C THR TA 79 -60.07 54.18 -6.07
N HIS TA 80 -59.41 55.12 -6.74
CA HIS TA 80 -58.64 54.81 -7.95
C HIS TA 80 -57.40 55.67 -8.00
N THR TA 81 -56.28 55.01 -8.26
CA THR TA 81 -54.95 55.54 -7.97
C THR TA 81 -53.99 55.11 -9.07
N ILE TA 82 -53.14 56.03 -9.52
CA ILE TA 82 -51.98 55.69 -10.36
C ILE TA 82 -50.68 56.19 -9.73
N SER TA 83 -49.68 55.33 -9.71
CA SER TA 83 -48.50 55.50 -8.87
C SER TA 83 -47.24 55.13 -9.62
N ARG TA 84 -46.14 55.83 -9.30
CA ARG TA 84 -44.84 55.68 -9.97
C ARG TA 84 -43.91 54.96 -9.03
N ILE TA 85 -42.99 54.17 -9.59
CA ILE TA 85 -41.97 53.48 -8.78
C ILE TA 85 -40.61 53.48 -9.50
N ALA TA 86 -39.76 54.42 -9.11
CA ALA TA 86 -38.45 54.58 -9.71
C ALA TA 86 -37.55 53.42 -9.29
N VAL TA 87 -36.54 53.17 -10.11
CA VAL TA 87 -35.58 52.10 -9.85
C VAL TA 87 -34.59 52.55 -8.77
N SER TA 88 -34.05 53.77 -8.90
CA SER TA 88 -33.09 54.34 -7.92
C SER TA 88 -33.75 54.68 -6.60
N TYR TA 89 -34.81 55.49 -6.67
CA TYR TA 89 -35.44 56.05 -5.47
C TYR TA 89 -36.27 55.01 -4.68
N GLN TA 90 -36.98 54.14 -5.42
CA GLN TA 90 -37.59 52.89 -4.89
C GLN TA 90 -38.94 52.99 -4.20
N THR TA 91 -39.16 54.02 -3.39
CA THR TA 91 -40.43 54.12 -2.67
C THR TA 91 -41.54 54.51 -3.67
N LYS TA 92 -42.75 54.05 -3.37
CA LYS TA 92 -43.93 54.34 -4.16
C LYS TA 92 -44.24 55.84 -4.05
N VAL TA 93 -44.74 56.41 -5.15
CA VAL TA 93 -45.05 57.84 -5.22
C VAL TA 93 -46.36 57.95 -5.98
N ASN TA 94 -47.42 58.36 -5.29
CA ASN TA 94 -48.68 58.62 -5.98
C ASN TA 94 -48.51 59.78 -6.93
N LEU TA 95 -49.28 59.75 -8.00
CA LEU TA 95 -49.37 60.86 -8.93
C LEU TA 95 -50.81 61.33 -8.97
N LEU TA 96 -51.73 60.42 -9.29
CA LEU TA 96 -53.13 60.75 -9.39
C LEU TA 96 -53.99 59.92 -8.46
N SER TA 97 -55.12 60.52 -8.09
CA SER TA 97 -56.01 59.99 -7.08
C SER TA 97 -57.46 60.44 -7.31
N ALA TA 98 -58.40 59.60 -6.89
CA ALA TA 98 -59.79 60.01 -6.66
C ALA TA 98 -60.49 59.05 -5.71
N ILE TA 99 -61.45 59.57 -4.95
CA ILE TA 99 -62.15 58.83 -3.90
C ILE TA 99 -63.62 59.21 -3.98
N LYS TA 100 -64.50 58.22 -4.15
CA LYS TA 100 -65.92 58.50 -4.31
C LYS TA 100 -66.75 57.66 -3.35
N SER TA 101 -67.85 58.29 -2.92
CA SER TA 101 -68.76 57.75 -1.92
C SER TA 101 -70.15 57.68 -2.58
N PRO TA 102 -70.40 56.63 -3.38
CA PRO TA 102 -71.59 56.56 -4.25
C PRO TA 102 -72.92 56.49 -3.50
N CYS TA 103 -72.85 56.04 -2.26
CA CYS TA 103 -73.98 55.52 -1.54
C CYS TA 103 -74.33 56.48 -0.38
N GLN TA 104 -75.08 57.54 -0.69
CA GLN TA 104 -75.52 58.54 0.30
C GLN TA 104 -76.63 58.05 1.23
N ARG TA 105 -77.56 57.24 0.69
CA ARG TA 105 -78.63 56.60 1.48
C ARG TA 105 -78.69 55.09 1.20
N GLU TA 106 -79.24 54.33 2.15
CA GLU TA 106 -79.43 52.88 1.99
C GLU TA 106 -80.72 52.57 1.25
N THR TA 107 -80.84 51.32 0.81
CA THR TA 107 -81.90 50.89 -0.11
C THR TA 107 -83.18 50.25 0.52
N PRO TA 108 -83.05 49.09 1.21
CA PRO TA 108 -84.27 48.36 1.60
C PRO TA 108 -85.00 48.98 2.77
N ALA TA 113 -83.86 46.18 -6.26
CA ALA TA 113 -82.46 46.56 -6.05
C ALA TA 113 -81.94 47.31 -7.26
N LYS TA 114 -82.02 48.64 -7.21
CA LYS TA 114 -81.68 49.49 -8.36
C LYS TA 114 -80.19 49.82 -8.37
N PRO TA 115 -79.52 49.68 -9.52
CA PRO TA 115 -78.06 49.87 -9.56
C PRO TA 115 -77.58 51.31 -9.39
N TRP TA 116 -76.26 51.48 -9.35
CA TRP TA 116 -75.63 52.80 -9.49
C TRP TA 116 -74.33 52.68 -10.28
N TYR TA 117 -73.80 53.82 -10.72
CA TYR TA 117 -72.62 53.84 -11.57
C TYR TA 117 -71.71 55.04 -11.23
N GLU TA 118 -70.43 54.76 -11.04
CA GLU TA 118 -69.41 55.79 -10.80
C GLU TA 118 -68.21 55.49 -11.70
N PRO TA 119 -68.14 56.12 -12.88
CA PRO TA 119 -66.87 56.12 -13.61
C PRO TA 119 -65.87 57.04 -12.92
N ILE TA 120 -64.60 56.70 -13.03
CA ILE TA 120 -63.52 57.56 -12.53
C ILE TA 120 -62.47 57.67 -13.65
N TYR TA 121 -62.29 58.90 -14.14
CA TYR TA 121 -61.25 59.20 -15.12
C TYR TA 121 -60.09 59.89 -14.41
N LEU TA 122 -58.87 59.53 -14.84
CA LEU TA 122 -57.65 60.12 -14.29
C LEU TA 122 -56.65 60.33 -15.41
N GLY TA 123 -55.88 61.41 -15.31
CA GLY TA 123 -54.70 61.59 -16.14
C GLY TA 123 -54.03 62.94 -16.00
N GLY TA 124 -52.87 63.06 -16.67
CA GLY TA 124 -52.04 64.27 -16.71
C GLY TA 124 -50.74 63.96 -17.44
N VAL TA 125 -49.78 64.86 -17.41
CA VAL TA 125 -48.50 64.66 -18.14
C VAL TA 125 -47.35 64.82 -17.17
N PHE TA 126 -46.38 63.91 -17.27
CA PHE TA 126 -45.47 63.59 -16.19
C PHE TA 126 -44.05 63.22 -16.63
N GLN TA 127 -43.06 63.84 -16.02
CA GLN TA 127 -41.67 63.49 -16.28
C GLN TA 127 -41.38 62.11 -15.70
N LEU TA 128 -40.92 61.19 -16.54
CA LEU TA 128 -40.57 59.84 -16.09
C LEU TA 128 -39.14 59.50 -16.51
N GLU TA 129 -38.39 58.90 -15.59
CA GLU TA 129 -37.04 58.42 -15.85
C GLU TA 129 -37.09 57.03 -16.46
N LYS TA 130 -35.93 56.52 -16.87
CA LYS TA 130 -35.85 55.17 -17.39
C LYS TA 130 -36.10 54.20 -16.27
N GLY TA 131 -37.05 53.28 -16.50
CA GLY TA 131 -37.30 52.14 -15.61
C GLY TA 131 -38.56 52.23 -14.78
N ASP TA 132 -39.22 53.39 -14.80
CA ASP TA 132 -40.34 53.64 -13.88
C ASP TA 132 -41.46 52.65 -14.19
N ARG TA 133 -42.12 52.20 -13.12
CA ARG TA 133 -43.20 51.24 -13.22
C ARG TA 133 -44.49 51.91 -12.73
N LEU TA 134 -45.57 51.74 -13.50
CA LEU TA 134 -46.82 52.48 -13.30
C LEU TA 134 -48.00 51.56 -12.99
N SER TA 135 -48.61 51.78 -11.83
CA SER TA 135 -49.65 50.90 -11.30
C SER TA 135 -50.96 51.66 -11.04
N ALA TA 136 -51.86 51.61 -12.02
CA ALA TA 136 -53.25 52.02 -11.85
C ALA TA 136 -53.99 50.92 -11.06
N GLU TA 137 -54.63 51.34 -9.97
CA GLU TA 137 -55.16 50.40 -8.97
C GLU TA 137 -56.51 50.83 -8.48
N ILE TA 138 -57.22 49.91 -7.82
CA ILE TA 138 -58.44 50.21 -7.08
C ILE TA 138 -58.62 49.33 -5.83
N ASN TA 139 -59.56 49.72 -4.99
CA ASN TA 139 -59.85 49.05 -3.71
C ASN TA 139 -60.94 47.98 -3.76
N ARG TA 140 -61.96 48.22 -4.58
CA ARG TA 140 -63.09 47.31 -4.76
C ARG TA 140 -63.06 46.67 -6.15
N PRO TA 141 -62.28 45.58 -6.32
CA PRO TA 141 -62.43 44.81 -7.57
C PRO TA 141 -63.86 44.29 -7.75
N ASP TA 142 -64.44 43.76 -6.68
CA ASP TA 142 -65.85 43.35 -6.63
C ASP TA 142 -66.85 44.39 -7.15
N TYR TA 143 -66.55 45.69 -7.09
CA TYR TA 143 -67.41 46.71 -7.71
C TYR TA 143 -67.01 47.14 -9.14
N LEU TA 144 -66.10 46.40 -9.78
CA LEU TA 144 -65.74 46.70 -11.17
C LEU TA 144 -66.84 46.38 -12.17
N ASP TA 145 -66.69 46.96 -13.36
CA ASP TA 145 -67.55 46.67 -14.50
C ASP TA 145 -66.69 46.35 -15.75
N PHE TA 146 -66.52 45.07 -16.03
CA PHE TA 146 -65.89 44.63 -17.27
C PHE TA 146 -66.94 44.41 -18.36
N ALA TA 147 -68.20 44.22 -17.96
CA ALA TA 147 -69.29 43.67 -18.82
C ALA TA 147 -69.10 43.89 -20.32
N GLU TA 148 -69.08 45.16 -20.72
CA GLU TA 148 -68.76 45.60 -22.09
C GLU TA 148 -67.27 46.00 -22.17
N SER TA 149 -66.63 45.69 -23.29
CA SER TA 149 -65.22 46.03 -23.47
C SER TA 149 -64.94 47.53 -23.52
N GLY TA 150 -63.78 47.92 -22.99
CA GLY TA 150 -63.31 49.32 -23.01
C GLY TA 150 -63.95 50.25 -22.01
N GLN TA 151 -64.38 49.70 -20.88
CA GLN TA 151 -64.84 50.47 -19.72
C GLN TA 151 -63.71 50.71 -18.72
N VAL TA 152 -62.83 49.73 -18.60
CA VAL TA 152 -61.68 49.81 -17.74
C VAL TA 152 -60.41 49.73 -18.60
N TYR TA 153 -59.69 50.85 -18.67
CA TYR TA 153 -58.42 50.90 -19.37
C TYR TA 153 -57.41 51.80 -18.69
N PHE TA 154 -56.18 51.67 -19.14
CA PHE TA 154 -55.04 52.34 -18.56
C PHE TA 154 -53.98 52.46 -19.63
N GLY TA 155 -53.59 53.69 -19.97
CA GLY TA 155 -52.60 53.91 -21.01
C GLY TA 155 -51.68 55.10 -20.82
N ILE TA 156 -50.53 55.05 -21.50
CA ILE TA 156 -49.52 56.10 -21.49
C ILE TA 156 -49.03 56.38 -22.89
N ILE TA 157 -48.54 57.60 -23.12
CA ILE TA 157 -48.13 58.06 -24.47
C ILE TA 157 -46.98 59.08 -24.37
N ALA TA 158 -45.83 58.79 -24.99
CA ALA TA 158 -44.66 59.67 -24.91
C ALA TA 158 -44.75 60.83 -25.89
N LEU TA 159 -44.56 62.06 -25.40
CA LEU TA 159 -44.70 63.29 -26.22
C LEU TA 159 -43.34 63.89 -26.64
N PRO UA 10 -65.80 74.41 -34.92
CA PRO UA 10 -65.51 75.73 -34.35
C PRO UA 10 -65.60 75.80 -32.81
N SER UA 11 -65.36 76.99 -32.27
CA SER UA 11 -65.38 77.25 -30.81
C SER UA 11 -65.40 78.78 -30.58
N ASP UA 12 -66.43 79.30 -29.89
CA ASP UA 12 -66.67 80.77 -29.81
C ASP UA 12 -65.84 81.56 -28.75
N LYS UA 13 -64.55 81.24 -28.67
CA LYS UA 13 -63.62 81.87 -27.74
C LYS UA 13 -62.37 82.19 -28.57
N PRO UA 14 -62.07 83.49 -28.80
CA PRO UA 14 -61.00 83.95 -29.74
C PRO UA 14 -59.71 83.11 -29.74
N VAL UA 15 -59.56 82.27 -30.78
CA VAL UA 15 -58.42 81.35 -30.92
C VAL UA 15 -57.79 81.41 -32.31
N ALA UA 16 -56.54 80.94 -32.40
CA ALA UA 16 -55.73 81.03 -33.63
C ALA UA 16 -54.47 80.16 -33.59
N HIS UA 17 -53.92 79.86 -34.78
CA HIS UA 17 -52.76 78.96 -34.94
C HIS UA 17 -52.16 79.07 -36.38
N VAL UA 18 -50.90 79.53 -36.49
CA VAL UA 18 -50.23 79.75 -37.82
C VAL UA 18 -48.88 79.04 -37.97
N VAL UA 19 -48.39 78.94 -39.22
CA VAL UA 19 -47.13 78.23 -39.56
C VAL UA 19 -46.23 79.01 -40.54
N ALA UA 20 -44.93 78.72 -40.47
CA ALA UA 20 -43.92 79.44 -41.27
C ALA UA 20 -43.96 79.05 -42.75
N ASN UA 21 -43.37 79.90 -43.58
CA ASN UA 21 -43.43 79.76 -45.05
C ASN UA 21 -42.19 79.06 -45.65
N PRO UA 22 -42.35 77.81 -46.14
CA PRO UA 22 -41.18 77.14 -46.76
C PRO UA 22 -40.73 77.76 -48.08
N GLN UA 23 -41.69 78.24 -48.89
CA GLN UA 23 -41.42 78.95 -50.16
C GLN UA 23 -40.29 79.99 -50.05
N ALA UA 24 -40.34 80.78 -48.98
CA ALA UA 24 -39.40 81.88 -48.77
C ALA UA 24 -38.01 81.40 -48.33
N GLU UA 25 -36.97 82.00 -48.90
CA GLU UA 25 -35.57 81.69 -48.60
C GLU UA 25 -34.89 82.81 -47.82
N GLY UA 26 -35.11 82.81 -46.49
CA GLY UA 26 -34.44 83.71 -45.55
C GLY UA 26 -35.33 84.71 -44.83
N GLN UA 27 -36.39 84.22 -44.18
CA GLN UA 27 -37.35 85.07 -43.46
C GLN UA 27 -38.35 84.22 -42.64
N LEU UA 28 -39.13 84.89 -41.80
CA LEU UA 28 -40.16 84.26 -40.97
C LEU UA 28 -41.53 84.90 -41.23
N GLN UA 29 -42.31 84.28 -42.11
CA GLN UA 29 -43.65 84.76 -42.50
C GLN UA 29 -44.74 83.74 -42.14
N TRP UA 30 -45.82 84.24 -41.53
CA TRP UA 30 -46.99 83.41 -41.20
C TRP UA 30 -48.02 83.47 -42.33
N LEU UA 31 -48.65 82.33 -42.62
CA LEU UA 31 -49.72 82.23 -43.62
C LEU UA 31 -51.02 81.81 -42.91
N ASN UA 32 -52.11 82.54 -43.17
CA ASN UA 32 -53.32 82.50 -42.32
C ASN UA 32 -54.49 81.59 -42.77
N ARG UA 33 -54.70 81.43 -44.07
CA ARG UA 33 -55.78 80.59 -44.60
C ARG UA 33 -55.26 79.50 -45.54
N ARG UA 34 -54.84 78.38 -44.94
CA ARG UA 34 -54.40 77.18 -45.65
C ARG UA 34 -54.98 75.95 -44.96
N ALA UA 35 -54.58 74.76 -45.41
CA ALA UA 35 -54.94 73.50 -44.74
C ALA UA 35 -54.33 73.42 -43.33
N ASN UA 36 -53.04 73.74 -43.23
CA ASN UA 36 -52.32 73.75 -41.94
C ASN UA 36 -52.71 74.89 -40.98
N ALA UA 37 -53.19 76.02 -41.51
CA ALA UA 37 -53.41 77.26 -40.73
C ALA UA 37 -54.90 77.63 -40.53
N LEU UA 38 -55.18 78.36 -39.43
CA LEU UA 38 -56.55 78.81 -39.09
C LEU UA 38 -56.61 80.06 -38.20
N LEU UA 39 -57.82 80.62 -38.07
CA LEU UA 39 -58.13 81.75 -37.18
C LEU UA 39 -59.55 81.59 -36.65
N ALA UA 40 -59.90 82.31 -35.59
CA ALA UA 40 -61.27 82.26 -35.05
C ALA UA 40 -61.69 83.47 -34.21
N ASN UA 41 -62.92 83.92 -34.45
CA ASN UA 41 -63.64 84.87 -33.59
C ASN UA 41 -62.89 86.17 -33.30
N GLY UA 42 -62.86 87.03 -34.32
CA GLY UA 42 -62.21 88.33 -34.22
C GLY UA 42 -60.70 88.34 -34.41
N VAL UA 43 -60.05 87.19 -34.27
CA VAL UA 43 -58.59 87.13 -34.29
C VAL UA 43 -58.09 87.20 -35.73
N GLU UA 44 -57.57 88.38 -36.11
CA GLU UA 44 -57.02 88.64 -37.45
C GLU UA 44 -55.52 88.33 -37.51
N LEU UA 45 -54.96 88.49 -38.71
CA LEU UA 45 -53.53 88.70 -38.90
C LEU UA 45 -53.37 90.08 -39.55
N ARG UA 46 -52.41 90.85 -39.04
CA ARG UA 46 -52.24 92.24 -39.43
C ARG UA 46 -50.76 92.64 -39.31
N ASP UA 47 -50.10 92.78 -40.47
CA ASP UA 47 -48.65 93.09 -40.57
C ASP UA 47 -47.73 91.96 -40.07
N ASN UA 48 -48.13 90.72 -40.32
CA ASN UA 48 -47.46 89.50 -39.79
C ASN UA 48 -47.56 89.40 -38.25
N GLN UA 49 -48.68 89.91 -37.70
CA GLN UA 49 -48.90 90.04 -36.25
C GLN UA 49 -50.38 89.82 -35.91
N LEU UA 50 -50.65 89.02 -34.87
CA LEU UA 50 -52.03 88.71 -34.48
C LEU UA 50 -52.67 89.86 -33.70
N VAL UA 51 -53.97 90.00 -33.87
CA VAL UA 51 -54.75 91.14 -33.35
C VAL UA 51 -55.73 90.63 -32.31
N VAL UA 52 -55.64 91.14 -31.09
CA VAL UA 52 -56.56 90.76 -30.01
C VAL UA 52 -57.91 91.46 -30.22
N PRO UA 53 -59.01 90.69 -30.39
CA PRO UA 53 -60.33 91.29 -30.60
C PRO UA 53 -61.07 91.71 -29.33
N SER UA 54 -60.75 91.11 -28.18
CA SER UA 54 -61.45 91.38 -26.92
C SER UA 54 -60.55 91.23 -25.69
N GLU UA 55 -60.92 91.92 -24.62
CA GLU UA 55 -60.14 91.91 -23.38
C GLU UA 55 -60.35 90.61 -22.58
N GLY UA 56 -59.27 90.10 -21.99
CA GLY UA 56 -59.33 88.89 -21.14
C GLY UA 56 -58.02 88.15 -21.00
N LEU UA 57 -58.11 86.90 -20.53
CA LEU UA 57 -56.93 86.03 -20.31
C LEU UA 57 -56.65 85.15 -21.52
N TYR UA 58 -55.37 85.07 -21.89
CA TYR UA 58 -54.93 84.35 -23.10
C TYR UA 58 -53.66 83.55 -22.85
N LEU UA 59 -53.73 82.24 -23.08
CA LEU UA 59 -52.53 81.42 -23.19
C LEU UA 59 -51.88 81.76 -24.53
N ILE UA 60 -50.56 81.86 -24.53
CA ILE UA 60 -49.78 82.24 -25.71
C ILE UA 60 -48.64 81.22 -25.85
N TYR UA 61 -48.20 80.92 -27.08
CA TYR UA 61 -47.12 79.94 -27.29
C TYR UA 61 -46.45 80.04 -28.66
N SER UA 62 -45.32 79.34 -28.81
CA SER UA 62 -44.56 79.33 -30.07
C SER UA 62 -43.58 78.16 -30.17
N GLN UA 63 -43.01 78.00 -31.37
CA GLN UA 63 -41.88 77.09 -31.60
C GLN UA 63 -41.12 77.44 -32.88
N VAL UA 64 -39.81 77.19 -32.86
CA VAL UA 64 -38.94 77.29 -34.02
C VAL UA 64 -37.90 76.16 -33.98
N LEU UA 65 -37.50 75.68 -35.16
CA LEU UA 65 -36.51 74.63 -35.30
C LEU UA 65 -35.38 75.13 -36.19
N PHE UA 66 -34.19 75.29 -35.61
CA PHE UA 66 -33.00 75.70 -36.34
C PHE UA 66 -32.15 74.49 -36.72
N LYS UA 67 -31.53 74.57 -37.87
CA LYS UA 67 -30.66 73.50 -38.38
C LYS UA 67 -29.45 74.11 -39.05
N GLY UA 68 -28.32 73.43 -38.92
CA GLY UA 68 -27.10 73.78 -39.64
C GLY UA 68 -26.23 72.55 -39.83
N GLN UA 69 -25.30 72.67 -40.78
CA GLN UA 69 -24.40 71.59 -41.14
C GLN UA 69 -23.00 71.88 -40.60
N GLY UA 70 -22.22 70.82 -40.36
CA GLY UA 70 -20.90 70.92 -39.72
C GLY UA 70 -20.88 71.86 -38.51
N CYS UA 71 -19.93 72.79 -38.53
CA CYS UA 71 -19.87 73.88 -37.54
C CYS UA 71 -18.97 75.02 -38.04
N PRO UA 72 -19.44 76.29 -37.95
CA PRO UA 72 -18.62 77.43 -38.36
C PRO UA 72 -17.58 77.90 -37.33
N SER UA 73 -16.56 78.62 -37.81
CA SER UA 73 -15.56 79.27 -36.96
C SER UA 73 -16.16 80.45 -36.21
N THR UA 74 -16.85 81.31 -36.96
CA THR UA 74 -17.66 82.38 -36.39
C THR UA 74 -18.80 81.79 -35.54
N HIS UA 75 -18.98 82.33 -34.32
CA HIS UA 75 -19.91 81.73 -33.34
C HIS UA 75 -21.36 82.17 -33.52
N VAL UA 76 -22.26 81.18 -33.46
CA VAL UA 76 -23.68 81.35 -33.80
C VAL UA 76 -24.49 81.67 -32.54
N LEU UA 77 -25.50 82.53 -32.68
CA LEU UA 77 -26.27 83.06 -31.54
C LEU UA 77 -27.77 83.23 -31.90
N LEU UA 78 -28.53 82.16 -31.74
CA LEU UA 78 -29.94 82.12 -32.16
C LEU UA 78 -30.81 82.74 -31.07
N THR UA 79 -31.75 83.61 -31.45
CA THR UA 79 -32.73 84.16 -30.49
C THR UA 79 -34.16 83.96 -30.99
N HIS UA 80 -35.10 84.12 -30.06
CA HIS UA 80 -36.52 83.97 -30.36
C HIS UA 80 -37.35 84.61 -29.26
N THR UA 81 -38.25 85.50 -29.65
CA THR UA 81 -38.95 86.42 -28.75
C THR UA 81 -40.41 86.52 -29.12
N ILE UA 82 -41.24 86.95 -28.17
CA ILE UA 82 -42.65 87.31 -28.43
C ILE UA 82 -42.85 88.73 -27.88
N SER UA 83 -43.65 89.55 -28.59
CA SER UA 83 -43.72 91.00 -28.33
C SER UA 83 -45.14 91.64 -28.36
N ARG UA 84 -45.66 91.99 -27.18
CA ARG UA 84 -46.98 92.63 -27.03
C ARG UA 84 -46.85 94.15 -27.19
N ILE UA 85 -47.68 94.70 -28.08
CA ILE UA 85 -47.73 96.13 -28.34
C ILE UA 85 -49.16 96.61 -28.00
N ALA UA 86 -49.28 97.31 -26.88
CA ALA UA 86 -50.58 97.80 -26.38
C ALA UA 86 -51.08 98.96 -27.23
N VAL UA 87 -52.35 99.30 -27.05
CA VAL UA 87 -53.06 100.26 -27.90
C VAL UA 87 -52.88 101.70 -27.42
N SER UA 88 -53.18 101.95 -26.15
CA SER UA 88 -52.99 103.28 -25.54
C SER UA 88 -51.53 103.64 -25.34
N TYR UA 89 -50.75 102.66 -24.84
CA TYR UA 89 -49.33 102.87 -24.55
C TYR UA 89 -48.51 103.01 -25.83
N GLN UA 90 -48.76 102.12 -26.81
CA GLN UA 90 -48.14 102.12 -28.15
C GLN UA 90 -46.75 101.45 -28.24
N THR UA 91 -46.01 101.39 -27.14
CA THR UA 91 -44.63 100.87 -27.15
C THR UA 91 -44.65 99.33 -27.08
N LYS UA 92 -43.62 98.74 -27.68
CA LYS UA 92 -43.40 97.29 -27.73
C LYS UA 92 -42.63 96.82 -26.50
N VAL UA 93 -42.95 95.63 -26.00
CA VAL UA 93 -42.29 95.00 -24.84
C VAL UA 93 -42.05 93.51 -25.11
N ASN UA 94 -41.02 92.93 -24.49
CA ASN UA 94 -40.79 91.47 -24.54
C ASN UA 94 -41.80 90.72 -23.65
N LEU UA 95 -42.25 89.54 -24.11
CA LEU UA 95 -43.19 88.69 -23.36
C LEU UA 95 -42.57 87.34 -22.97
N LEU UA 96 -42.18 86.58 -23.98
CA LEU UA 96 -41.52 85.30 -23.81
C LEU UA 96 -40.34 85.36 -24.77
N SER UA 97 -39.14 85.06 -24.28
CA SER UA 97 -37.93 85.22 -25.09
C SER UA 97 -36.81 84.29 -24.65
N ALA UA 98 -36.00 83.84 -25.61
CA ALA UA 98 -34.97 82.82 -25.36
C ALA UA 98 -33.79 82.86 -26.34
N ILE UA 99 -32.64 82.41 -25.86
CA ILE UA 99 -31.35 82.45 -26.58
C ILE UA 99 -30.74 81.03 -26.62
N LYS UA 100 -30.06 80.70 -27.72
CA LYS UA 100 -29.42 79.39 -27.91
C LYS UA 100 -27.97 79.53 -28.44
N SER UA 101 -27.10 78.57 -28.10
CA SER UA 101 -25.67 78.60 -28.45
C SER UA 101 -25.20 77.28 -29.12
N PRO UA 102 -25.70 77.00 -30.34
CA PRO UA 102 -25.67 75.63 -30.91
C PRO UA 102 -24.30 74.98 -31.00
N CYS UA 103 -23.29 75.75 -31.38
CA CYS UA 103 -21.93 75.23 -31.56
C CYS UA 103 -20.97 75.91 -30.58
N GLN UA 104 -20.07 75.12 -30.01
CA GLN UA 104 -18.97 75.65 -29.17
C GLN UA 104 -17.58 75.60 -29.85
N ARG UA 105 -17.46 74.81 -30.92
CA ARG UA 105 -16.16 74.40 -31.45
C ARG UA 105 -16.32 73.74 -32.84
N GLU UA 106 -15.48 74.15 -33.80
CA GLU UA 106 -15.55 73.60 -35.19
C GLU UA 106 -14.37 72.66 -35.52
N THR UA 107 -14.49 71.97 -36.66
CA THR UA 107 -13.52 70.94 -37.08
C THR UA 107 -12.92 71.22 -38.49
N PRO UA 108 -11.94 72.14 -38.59
CA PRO UA 108 -11.30 72.46 -39.87
C PRO UA 108 -10.25 71.43 -40.26
N PRO UA 115 -22.93 68.12 -38.59
CA PRO UA 115 -24.23 68.80 -38.64
C PRO UA 115 -24.92 68.90 -37.28
N TRP UA 116 -25.99 69.70 -37.22
CA TRP UA 116 -26.75 69.90 -35.96
C TRP UA 116 -28.20 70.32 -36.17
N TYR UA 117 -28.99 70.12 -35.10
CA TYR UA 117 -30.40 70.54 -35.02
C TYR UA 117 -30.65 70.99 -33.57
N GLU UA 118 -31.13 72.24 -33.38
CA GLU UA 118 -31.45 72.78 -32.05
C GLU UA 118 -32.77 73.57 -32.07
N PRO UA 119 -33.82 73.07 -31.37
CA PRO UA 119 -35.12 73.75 -31.33
C PRO UA 119 -35.21 74.79 -30.21
N ILE UA 120 -36.28 75.59 -30.23
CA ILE UA 120 -36.61 76.57 -29.17
C ILE UA 120 -38.12 76.67 -28.99
N TYR UA 121 -38.56 76.73 -27.72
CA TYR UA 121 -39.97 76.79 -27.32
C TYR UA 121 -40.25 78.10 -26.59
N LEU UA 122 -41.53 78.47 -26.50
CA LEU UA 122 -41.99 79.59 -25.69
C LEU UA 122 -43.47 79.39 -25.35
N GLY UA 123 -43.92 79.93 -24.22
CA GLY UA 123 -45.35 79.97 -23.92
C GLY UA 123 -45.73 80.31 -22.49
N GLY UA 124 -46.75 81.14 -22.34
CA GLY UA 124 -47.28 81.53 -21.03
C GLY UA 124 -48.70 82.06 -21.12
N VAL UA 125 -49.31 82.38 -19.97
CA VAL UA 125 -50.66 82.95 -19.93
C VAL UA 125 -50.61 84.41 -19.46
N PHE UA 126 -51.32 85.27 -20.19
CA PHE UA 126 -51.21 86.73 -20.08
C PHE UA 126 -52.56 87.40 -20.19
N GLN UA 127 -52.73 88.50 -19.45
CA GLN UA 127 -53.89 89.36 -19.59
C GLN UA 127 -53.66 90.30 -20.75
N LEU UA 128 -54.65 90.40 -21.64
CA LEU UA 128 -54.59 91.26 -22.84
C LEU UA 128 -55.93 91.99 -23.00
N GLU UA 129 -55.83 93.29 -23.31
CA GLU UA 129 -57.01 94.14 -23.56
C GLU UA 129 -57.38 94.09 -25.04
N LYS UA 130 -58.51 94.72 -25.38
CA LYS UA 130 -58.98 94.77 -26.75
C LYS UA 130 -58.00 95.58 -27.61
N GLY UA 131 -57.72 95.05 -28.80
CA GLY UA 131 -56.85 95.70 -29.78
C GLY UA 131 -55.37 95.46 -29.61
N ASP UA 132 -54.98 94.69 -28.58
CA ASP UA 132 -53.56 94.38 -28.36
C ASP UA 132 -53.01 93.56 -29.51
N ARG UA 133 -51.72 93.73 -29.78
CA ARG UA 133 -51.06 93.05 -30.88
C ARG UA 133 -49.83 92.33 -30.40
N LEU UA 134 -49.78 91.03 -30.68
CA LEU UA 134 -48.64 90.17 -30.41
C LEU UA 134 -47.93 89.82 -31.70
N SER UA 135 -46.70 89.35 -31.57
CA SER UA 135 -45.86 89.03 -32.73
C SER UA 135 -44.62 88.27 -32.28
N ALA UA 136 -44.23 87.24 -33.05
CA ALA UA 136 -43.13 86.34 -32.72
C ALA UA 136 -41.87 86.64 -33.55
N GLU UA 137 -40.91 87.31 -32.91
CA GLU UA 137 -39.68 87.76 -33.59
C GLU UA 137 -38.51 86.81 -33.37
N ILE UA 138 -37.60 86.79 -34.33
CA ILE UA 138 -36.32 86.09 -34.23
C ILE UA 138 -35.21 87.08 -34.59
N ASN UA 139 -33.99 86.57 -34.76
CA ASN UA 139 -32.89 87.34 -35.35
C ASN UA 139 -32.12 86.67 -36.49
N ARG UA 140 -32.25 85.35 -36.67
CA ARG UA 140 -31.53 84.62 -37.74
C ARG UA 140 -32.47 83.69 -38.54
N PRO UA 141 -33.33 84.27 -39.41
CA PRO UA 141 -34.23 83.46 -40.27
C PRO UA 141 -33.51 82.54 -41.27
N ASP UA 142 -32.31 82.94 -41.70
CA ASP UA 142 -31.44 82.10 -42.53
C ASP UA 142 -31.13 80.70 -41.98
N TYR UA 143 -31.05 80.57 -40.65
CA TYR UA 143 -30.75 79.28 -40.00
C TYR UA 143 -31.98 78.42 -39.62
N LEU UA 144 -33.17 78.83 -40.06
CA LEU UA 144 -34.39 78.02 -39.86
C LEU UA 144 -34.35 76.71 -40.64
N ASP UA 145 -35.29 75.82 -40.30
CA ASP UA 145 -35.37 74.50 -40.90
C ASP UA 145 -36.76 74.27 -41.49
N PHE UA 146 -36.84 74.35 -42.81
CA PHE UA 146 -37.95 73.80 -43.57
C PHE UA 146 -37.57 72.38 -43.99
N ALA UA 147 -37.35 71.55 -42.97
CA ALA UA 147 -37.26 70.11 -43.10
C ALA UA 147 -38.19 69.62 -41.99
N GLU UA 148 -39.24 68.91 -42.39
CA GLU UA 148 -40.47 68.73 -41.59
C GLU UA 148 -41.15 70.10 -41.35
N SER UA 149 -42.09 70.45 -42.24
CA SER UA 149 -42.87 71.69 -42.15
C SER UA 149 -44.09 71.51 -41.27
N GLY UA 150 -44.51 72.60 -40.64
CA GLY UA 150 -45.48 72.57 -39.54
C GLY UA 150 -44.86 72.37 -38.16
N GLN UA 151 -43.52 72.29 -38.11
CA GLN UA 151 -42.78 72.25 -36.84
C GLN UA 151 -42.49 73.67 -36.33
N VAL UA 152 -42.36 74.63 -37.25
CA VAL UA 152 -42.32 76.05 -36.91
C VAL UA 152 -43.76 76.56 -36.84
N TYR UA 153 -44.12 77.16 -35.70
CA TYR UA 153 -45.49 77.68 -35.50
C TYR UA 153 -45.57 78.67 -34.32
N PHE UA 154 -46.73 79.32 -34.21
CA PHE UA 154 -47.01 80.30 -33.14
C PHE UA 154 -48.51 80.52 -33.07
N GLY UA 155 -49.09 80.51 -31.87
CA GLY UA 155 -50.54 80.71 -31.72
C GLY UA 155 -50.99 81.03 -30.31
N ILE UA 156 -52.20 81.58 -30.19
CA ILE UA 156 -52.78 81.93 -28.88
C ILE UA 156 -54.15 81.28 -28.66
N ILE UA 157 -54.45 81.02 -27.38
CA ILE UA 157 -55.71 80.42 -26.94
C ILE UA 157 -56.29 81.23 -25.77
N ALA UA 158 -57.54 81.67 -25.93
CA ALA UA 158 -58.23 82.43 -24.90
C ALA UA 158 -58.64 81.55 -23.73
N LEU UA 159 -58.86 82.20 -22.59
CA LEU UA 159 -59.52 81.59 -21.44
C LEU UA 159 -60.52 82.61 -20.91
N SER VA 11 -67.50 80.43 -14.41
CA SER VA 11 -66.15 79.80 -14.61
C SER VA 11 -65.08 80.89 -14.83
N ASP VA 12 -64.07 80.91 -13.97
CA ASP VA 12 -62.90 81.83 -14.11
C ASP VA 12 -61.55 81.14 -13.85
N LYS VA 13 -61.47 80.26 -12.85
CA LYS VA 13 -60.40 79.26 -12.68
C LYS VA 13 -59.01 79.80 -12.30
N PRO VA 14 -58.46 79.37 -11.13
CA PRO VA 14 -57.11 79.71 -10.67
C PRO VA 14 -56.00 79.66 -11.73
N VAL VA 15 -55.35 80.81 -11.95
CA VAL VA 15 -54.21 80.93 -12.87
C VAL VA 15 -53.18 81.95 -12.34
N ALA VA 16 -51.94 81.80 -12.77
CA ALA VA 16 -50.86 82.69 -12.36
C ALA VA 16 -49.66 82.61 -13.29
N HIS VA 17 -48.85 83.65 -13.24
CA HIS VA 17 -47.65 83.76 -14.07
C HIS VA 17 -46.75 84.82 -13.46
N VAL VA 18 -45.56 84.42 -13.01
CA VAL VA 18 -44.64 85.30 -12.29
C VAL VA 18 -43.20 85.14 -12.78
N VAL VA 19 -42.46 86.24 -12.71
CA VAL VA 19 -41.16 86.40 -13.39
C VAL VA 19 -40.04 86.85 -12.46
N ALA VA 20 -38.82 86.53 -12.87
CA ALA VA 20 -37.62 86.80 -12.07
C ALA VA 20 -37.42 88.29 -11.86
N ASN VA 21 -36.98 88.65 -10.66
CA ASN VA 21 -36.69 90.03 -10.31
C ASN VA 21 -35.33 90.42 -10.90
N PRO VA 22 -35.28 91.52 -11.70
CA PRO VA 22 -33.98 92.06 -12.09
C PRO VA 22 -33.19 92.66 -10.92
N GLN VA 23 -33.90 93.30 -9.99
CA GLN VA 23 -33.28 93.94 -8.82
C GLN VA 23 -32.80 92.92 -7.78
N ALA VA 24 -33.22 91.66 -7.89
CA ALA VA 24 -32.73 90.61 -7.03
C ALA VA 24 -31.29 90.26 -7.41
N GLU VA 25 -30.38 91.04 -6.85
CA GLU VA 25 -28.92 90.83 -6.97
C GLU VA 25 -28.49 89.37 -6.85
N GLY VA 26 -28.21 88.76 -8.00
CA GLY VA 26 -27.71 87.38 -8.08
C GLY VA 26 -28.57 86.30 -7.43
N GLN VA 27 -29.90 86.48 -7.42
CA GLN VA 27 -30.82 85.49 -6.84
C GLN VA 27 -32.17 85.42 -7.57
N LEU VA 28 -32.89 84.34 -7.32
CA LEU VA 28 -34.18 84.08 -7.95
C LEU VA 28 -35.34 84.49 -7.03
N GLN VA 29 -36.01 85.57 -7.40
CA GLN VA 29 -37.16 86.07 -6.69
C GLN VA 29 -38.28 86.30 -7.71
N TRP VA 30 -39.40 85.59 -7.53
CA TRP VA 30 -40.51 85.67 -8.49
C TRP VA 30 -41.36 86.90 -8.16
N LEU VA 31 -41.72 87.67 -9.19
CA LEU VA 31 -42.49 88.93 -9.05
C LEU VA 31 -43.80 88.92 -9.82
N ASN VA 32 -44.90 89.24 -9.13
CA ASN VA 32 -46.21 89.44 -9.76
C ASN VA 32 -46.64 90.91 -9.96
N ARG VA 33 -46.16 91.82 -9.10
CA ARG VA 33 -46.58 93.24 -9.15
C ARG VA 33 -45.88 93.90 -10.34
N ARG VA 34 -46.38 93.57 -11.52
CA ARG VA 34 -45.76 93.95 -12.79
C ARG VA 34 -46.85 94.04 -13.85
N ALA VA 35 -46.48 94.58 -15.01
CA ALA VA 35 -47.25 94.41 -16.24
C ALA VA 35 -46.84 93.06 -16.85
N ASN VA 36 -47.80 92.37 -17.47
CA ASN VA 36 -47.61 91.02 -18.04
C ASN VA 36 -47.14 89.98 -17.01
N ALA VA 37 -47.88 89.93 -15.88
CA ALA VA 37 -47.62 89.01 -14.74
C ALA VA 37 -48.70 89.25 -13.67
N LEU VA 38 -49.22 88.17 -13.10
CA LEU VA 38 -50.49 88.25 -12.34
C LEU VA 38 -50.73 87.08 -11.37
N LEU VA 39 -51.76 87.24 -10.54
CA LEU VA 39 -52.14 86.27 -9.51
C LEU VA 39 -53.67 86.19 -9.42
N ALA VA 40 -54.29 85.75 -10.52
CA ALA VA 40 -55.74 85.76 -10.65
C ALA VA 40 -56.41 84.61 -9.92
N ASN VA 41 -57.67 84.82 -9.55
CA ASN VA 41 -58.56 83.78 -9.03
C ASN VA 41 -57.96 82.94 -7.90
N GLY VA 42 -57.25 83.60 -6.98
CA GLY VA 42 -56.80 82.98 -5.72
C GLY VA 42 -55.43 82.32 -5.66
N VAL VA 43 -54.72 82.27 -6.78
CA VAL VA 43 -53.33 81.80 -6.75
C VAL VA 43 -52.52 82.94 -6.13
N GLU VA 44 -51.71 82.63 -5.12
CA GLU VA 44 -51.03 83.65 -4.31
C GLU VA 44 -49.53 83.45 -4.25
N LEU VA 45 -48.78 84.56 -4.26
CA LEU VA 45 -47.33 84.52 -4.14
C LEU VA 45 -47.00 84.73 -2.67
N ARG VA 46 -46.34 83.74 -2.09
CA ARG VA 46 -45.97 83.78 -0.69
C ARG VA 46 -44.69 82.98 -0.49
N ASP VA 47 -43.75 83.56 0.27
CA ASP VA 47 -42.41 83.02 0.50
C ASP VA 47 -41.74 82.43 -0.75
N ASN VA 48 -41.80 83.17 -1.86
CA ASN VA 48 -41.19 82.79 -3.14
C ASN VA 48 -41.82 81.53 -3.79
N GLN VA 49 -43.11 81.28 -3.51
CA GLN VA 49 -43.80 80.04 -3.91
C GLN VA 49 -45.27 80.26 -4.27
N LEU VA 50 -45.74 79.61 -5.34
CA LEU VA 50 -47.15 79.73 -5.79
C LEU VA 50 -48.06 78.90 -4.86
N VAL VA 51 -49.15 79.52 -4.42
CA VAL VA 51 -50.05 78.98 -3.39
C VAL VA 51 -51.41 78.69 -4.01
N VAL VA 52 -51.71 77.40 -4.15
CA VAL VA 52 -52.91 76.90 -4.81
C VAL VA 52 -54.12 77.20 -3.94
N PRO VA 53 -55.18 77.81 -4.49
CA PRO VA 53 -56.39 78.08 -3.69
C PRO VA 53 -57.28 76.87 -3.47
N SER VA 54 -57.41 76.01 -4.47
CA SER VA 54 -58.40 74.94 -4.47
C SER VA 54 -57.94 73.84 -5.41
N GLU VA 55 -58.10 72.59 -4.99
CA GLU VA 55 -57.57 71.47 -5.76
C GLU VA 55 -58.12 71.41 -7.20
N GLY VA 56 -57.49 70.56 -8.01
CA GLY VA 56 -57.85 70.38 -9.41
C GLY VA 56 -56.66 69.87 -10.20
N LEU VA 57 -56.82 69.78 -11.51
CA LEU VA 57 -55.71 69.48 -12.42
C LEU VA 57 -55.14 70.81 -12.87
N TYR VA 58 -53.81 70.85 -12.99
CA TYR VA 58 -53.11 72.12 -13.07
C TYR VA 58 -51.95 72.05 -14.04
N LEU VA 59 -52.04 72.80 -15.14
CA LEU VA 59 -50.89 72.97 -16.02
C LEU VA 59 -49.84 73.76 -15.24
N ILE VA 60 -48.65 73.16 -15.13
CA ILE VA 60 -47.49 73.83 -14.55
C ILE VA 60 -46.45 73.94 -15.65
N TYR VA 61 -45.71 75.03 -15.62
CA TYR VA 61 -44.63 75.25 -16.56
C TYR VA 61 -43.67 76.28 -16.02
N SER VA 62 -42.44 76.23 -16.54
CA SER VA 62 -41.41 77.18 -16.17
C SER VA 62 -40.33 77.22 -17.24
N GLN VA 63 -39.73 78.40 -17.41
CA GLN VA 63 -38.56 78.61 -18.26
C GLN VA 63 -37.47 79.27 -17.44
N VAL VA 64 -36.22 78.94 -17.74
CA VAL VA 64 -35.07 79.73 -17.27
C VAL VA 64 -34.04 79.92 -18.37
N LEU VA 65 -33.15 80.89 -18.18
CA LEU VA 65 -32.05 81.16 -19.11
C LEU VA 65 -30.76 81.47 -18.39
N PHE VA 66 -29.82 80.55 -18.43
CA PHE VA 66 -28.48 80.78 -17.91
C PHE VA 66 -27.61 81.43 -18.98
N LYS VA 67 -26.64 82.25 -18.57
CA LYS VA 67 -25.65 82.87 -19.47
C LYS VA 67 -24.29 82.88 -18.78
N GLY VA 68 -23.29 82.22 -19.36
CA GLY VA 68 -21.94 82.21 -18.79
C GLY VA 68 -20.87 82.67 -19.76
N GLN VA 69 -20.00 83.55 -19.30
CA GLN VA 69 -18.85 84.00 -20.07
C GLN VA 69 -17.74 82.94 -19.94
N GLY VA 70 -17.59 82.11 -20.95
CA GLY VA 70 -16.48 81.16 -21.02
C GLY VA 70 -16.72 79.92 -20.19
N CYS VA 71 -15.95 78.88 -20.48
CA CYS VA 71 -16.01 77.60 -19.75
C CYS VA 71 -14.79 77.46 -18.83
N PRO VA 72 -14.94 77.84 -17.53
CA PRO VA 72 -13.81 77.72 -16.61
C PRO VA 72 -13.36 76.27 -16.38
N SER VA 73 -14.32 75.37 -16.19
CA SER VA 73 -14.07 73.92 -16.12
C SER VA 73 -15.10 73.14 -16.94
N THR VA 74 -14.77 71.88 -17.23
CA THR VA 74 -15.70 70.98 -17.92
C THR VA 74 -16.82 70.49 -16.99
N HIS VA 75 -16.65 70.70 -15.68
CA HIS VA 75 -17.53 70.14 -14.66
C HIS VA 75 -18.74 71.02 -14.31
N VAL VA 76 -18.97 72.08 -15.08
CA VAL VA 76 -20.02 73.04 -14.77
C VAL VA 76 -21.36 72.32 -14.90
N LEU VA 77 -22.29 72.67 -13.99
CA LEU VA 77 -23.53 71.90 -13.79
C LEU VA 77 -24.74 72.82 -13.56
N LEU VA 78 -25.82 72.61 -14.33
CA LEU VA 78 -27.02 73.45 -14.26
C LEU VA 78 -28.28 72.64 -13.99
N THR VA 79 -28.98 72.99 -12.91
CA THR VA 79 -30.15 72.24 -12.43
C THR VA 79 -31.33 73.19 -12.26
N HIS VA 80 -32.47 72.85 -12.86
CA HIS VA 80 -33.73 73.57 -12.66
C HIS VA 80 -34.81 72.56 -12.35
N THR VA 81 -35.67 72.93 -11.41
CA THR VA 81 -36.44 71.97 -10.64
C THR VA 81 -37.74 72.59 -10.17
N ILE VA 82 -38.85 71.89 -10.37
CA ILE VA 82 -40.12 72.29 -9.76
C ILE VA 82 -40.55 71.25 -8.73
N SER VA 83 -41.09 71.73 -7.63
CA SER VA 83 -41.35 70.90 -6.44
C SER VA 83 -42.63 71.37 -5.74
N ARG VA 84 -43.36 70.41 -5.19
CA ARG VA 84 -44.63 70.67 -4.51
C ARG VA 84 -44.45 70.24 -3.06
N ILE VA 85 -45.08 70.98 -2.16
CA ILE VA 85 -45.15 70.62 -0.75
C ILE VA 85 -46.62 70.68 -0.39
N ALA VA 86 -47.14 69.57 0.14
CA ALA VA 86 -48.54 69.50 0.49
C ALA VA 86 -48.68 70.04 1.87
N VAL VA 87 -49.92 70.36 2.25
CA VAL VA 87 -50.21 70.70 3.62
C VAL VA 87 -50.12 69.44 4.47
N SER VA 88 -51.02 68.49 4.20
CA SER VA 88 -51.16 67.28 5.03
C SER VA 88 -49.89 66.45 5.06
N TYR VA 89 -49.33 66.17 3.88
CA TYR VA 89 -48.13 65.35 3.74
C TYR VA 89 -46.87 66.11 4.19
N GLN VA 90 -46.69 67.32 3.67
CA GLN VA 90 -45.64 68.25 4.13
C GLN VA 90 -44.23 67.68 3.92
N THR VA 91 -43.92 67.39 2.66
CA THR VA 91 -42.57 67.01 2.25
C THR VA 91 -42.42 67.40 0.80
N LYS VA 92 -41.19 67.73 0.45
CA LYS VA 92 -40.85 68.25 -0.86
C LYS VA 92 -40.89 67.11 -1.86
N VAL VA 93 -41.76 67.26 -2.87
CA VAL VA 93 -42.00 66.25 -3.89
C VAL VA 93 -41.59 66.88 -5.21
N ASN VA 94 -40.49 66.40 -5.79
CA ASN VA 94 -40.04 66.92 -7.09
C ASN VA 94 -40.98 66.45 -8.19
N LEU VA 95 -41.54 67.39 -8.94
CA LEU VA 95 -42.37 67.08 -10.09
C LEU VA 95 -41.45 67.03 -11.27
N LEU VA 96 -40.91 68.18 -11.65
CA LEU VA 96 -40.10 68.30 -12.86
C LEU VA 96 -38.68 68.63 -12.46
N SER VA 97 -37.75 68.30 -13.36
CA SER VA 97 -36.36 68.24 -12.97
C SER VA 97 -35.49 68.05 -14.18
N ALA VA 98 -34.48 68.90 -14.36
CA ALA VA 98 -33.57 68.81 -15.50
C ALA VA 98 -32.14 69.19 -15.09
N ILE VA 99 -31.19 68.36 -15.48
CA ILE VA 99 -29.77 68.59 -15.24
C ILE VA 99 -29.14 68.83 -16.59
N LYS VA 100 -28.24 69.81 -16.67
CA LYS VA 100 -27.55 70.13 -17.93
C LYS VA 100 -26.04 70.30 -17.66
N SER VA 101 -25.23 70.06 -18.70
CA SER VA 101 -23.76 70.15 -18.60
C SER VA 101 -23.18 70.98 -19.75
N PRO VA 102 -23.16 72.32 -19.60
CA PRO VA 102 -22.92 73.21 -20.73
C PRO VA 102 -21.45 73.38 -21.17
N CYS VA 103 -20.50 72.70 -20.54
CA CYS VA 103 -19.10 72.82 -20.91
C CYS VA 103 -18.46 71.46 -21.06
N GLN VA 104 -18.36 70.97 -22.30
CA GLN VA 104 -17.65 69.72 -22.57
C GLN VA 104 -16.14 69.92 -22.54
N ARG VA 105 -15.66 71.06 -23.06
CA ARG VA 105 -14.24 71.44 -22.98
C ARG VA 105 -14.10 72.89 -22.49
N GLU VA 106 -12.92 73.20 -21.96
CA GLU VA 106 -12.68 74.48 -21.28
C GLU VA 106 -12.46 75.62 -22.29
N THR VA 107 -12.29 76.84 -21.78
CA THR VA 107 -11.90 78.01 -22.57
C THR VA 107 -10.37 78.21 -22.46
N PRO VA 108 -9.59 77.73 -23.48
CA PRO VA 108 -8.15 77.98 -23.48
C PRO VA 108 -7.79 79.39 -23.96
N ALA VA 113 -12.79 84.66 -22.18
CA ALA VA 113 -14.15 84.26 -21.84
C ALA VA 113 -15.08 84.38 -23.07
N LYS VA 114 -15.44 83.23 -23.63
CA LYS VA 114 -16.35 83.13 -24.79
C LYS VA 114 -17.77 82.81 -24.33
N PRO VA 115 -18.77 83.67 -24.64
CA PRO VA 115 -20.10 83.51 -24.02
C PRO VA 115 -20.88 82.26 -24.45
N TRP VA 116 -21.54 81.62 -23.49
CA TRP VA 116 -22.49 80.52 -23.76
C TRP VA 116 -23.82 80.80 -23.04
N TYR VA 117 -24.90 80.29 -23.62
CA TYR VA 117 -26.27 80.48 -23.12
C TYR VA 117 -27.00 79.14 -23.19
N GLU VA 118 -27.48 78.64 -22.05
CA GLU VA 118 -28.27 77.40 -21.97
C GLU VA 118 -29.61 77.65 -21.24
N PRO VA 119 -30.76 77.51 -21.96
CA PRO VA 119 -32.09 77.61 -21.36
C PRO VA 119 -32.73 76.26 -21.07
N ILE VA 120 -33.58 76.21 -20.06
CA ILE VA 120 -34.22 74.97 -19.61
C ILE VA 120 -35.70 75.26 -19.34
N TYR VA 121 -36.55 74.41 -19.91
CA TYR VA 121 -38.00 74.54 -19.77
C TYR VA 121 -38.52 73.28 -19.12
N LEU VA 122 -39.37 73.46 -18.12
CA LEU VA 122 -40.07 72.36 -17.47
C LEU VA 122 -41.55 72.59 -17.63
N GLY VA 123 -42.29 71.50 -17.74
CA GLY VA 123 -43.74 71.57 -17.90
C GLY VA 123 -44.43 70.23 -17.74
N GLY VA 124 -45.68 70.30 -17.28
CA GLY VA 124 -46.55 69.15 -17.11
C GLY VA 124 -47.90 69.57 -16.54
N VAL VA 125 -48.80 68.60 -16.37
CA VAL VA 125 -50.12 68.87 -15.78
C VAL VA 125 -50.31 67.81 -14.70
N PHE VA 126 -50.56 68.30 -13.48
CA PHE VA 126 -50.54 67.48 -12.27
C PHE VA 126 -51.78 67.71 -11.45
N GLN VA 127 -52.17 66.70 -10.66
CA GLN VA 127 -53.24 66.83 -9.67
C GLN VA 127 -52.63 67.40 -8.39
N LEU VA 128 -53.03 68.62 -8.04
CA LEU VA 128 -52.55 69.32 -6.84
C LEU VA 128 -53.69 69.54 -5.86
N GLU VA 129 -53.39 69.35 -4.59
CA GLU VA 129 -54.37 69.55 -3.54
C GLU VA 129 -54.48 71.04 -3.25
N LYS VA 130 -55.53 71.38 -2.52
CA LYS VA 130 -55.75 72.72 -2.03
C LYS VA 130 -54.62 73.08 -1.07
N GLY VA 131 -54.13 74.30 -1.17
CA GLY VA 131 -53.09 74.79 -0.28
C GLY VA 131 -51.70 74.25 -0.51
N ASP VA 132 -51.45 73.61 -1.66
CA ASP VA 132 -50.11 73.14 -1.97
C ASP VA 132 -49.20 74.33 -2.30
N ARG VA 133 -47.89 74.11 -2.16
CA ARG VA 133 -46.89 75.16 -2.37
C ARG VA 133 -45.88 74.74 -3.42
N LEU VA 134 -45.84 75.50 -4.51
CA LEU VA 134 -45.06 75.15 -5.69
C LEU VA 134 -43.87 76.08 -5.81
N SER VA 135 -42.69 75.48 -6.01
CA SER VA 135 -41.44 76.20 -6.05
C SER VA 135 -40.74 75.87 -7.34
N ALA VA 136 -40.17 76.89 -7.99
CA ALA VA 136 -39.32 76.72 -9.15
C ALA VA 136 -37.95 77.20 -8.72
N GLU VA 137 -36.98 76.29 -8.73
CA GLU VA 137 -35.68 76.53 -8.12
C GLU VA 137 -34.55 76.22 -9.05
N ILE VA 138 -33.39 76.78 -8.70
CA ILE VA 138 -32.14 76.61 -9.43
C ILE VA 138 -30.96 76.60 -8.46
N ASN VA 139 -29.84 76.10 -8.95
CA ASN VA 139 -28.63 75.93 -8.14
C ASN VA 139 -27.65 77.09 -8.23
N ARG VA 140 -27.47 77.63 -9.44
CA ARG VA 140 -26.51 78.69 -9.73
C ARG VA 140 -27.20 79.98 -10.19
N PRO VA 141 -27.72 80.80 -9.26
CA PRO VA 141 -28.38 82.04 -9.70
C PRO VA 141 -27.40 83.15 -10.13
N ASP VA 142 -26.10 82.96 -9.89
CA ASP VA 142 -25.05 83.83 -10.43
C ASP VA 142 -24.87 83.70 -11.94
N TYR VA 143 -25.34 82.60 -12.55
CA TYR VA 143 -25.31 82.39 -14.01
C TYR VA 143 -26.64 82.74 -14.75
N LEU VA 144 -27.69 83.15 -14.03
CA LEU VA 144 -28.98 83.62 -14.63
C LEU VA 144 -28.87 84.75 -15.67
N ASP VA 145 -29.96 84.98 -16.41
CA ASP VA 145 -30.06 86.06 -17.39
C ASP VA 145 -31.28 86.97 -17.19
N PHE VA 146 -31.06 88.29 -17.24
CA PHE VA 146 -32.13 89.29 -17.22
C PHE VA 146 -31.93 90.38 -18.28
N ALA VA 147 -31.16 90.08 -19.34
CA ALA VA 147 -30.75 91.07 -20.36
C ALA VA 147 -31.91 91.93 -20.90
N GLU VA 148 -33.06 91.29 -21.08
CA GLU VA 148 -34.34 91.95 -21.34
C GLU VA 148 -35.39 91.19 -20.52
N SER VA 149 -36.64 91.64 -20.59
CA SER VA 149 -37.76 90.98 -19.88
C SER VA 149 -38.22 89.69 -20.57
N GLY VA 150 -38.96 88.89 -19.82
CA GLY VA 150 -39.56 87.64 -20.34
C GLY VA 150 -38.58 86.52 -20.62
N GLN VA 151 -37.41 86.57 -19.99
CA GLN VA 151 -36.37 85.54 -20.14
C GLN VA 151 -36.50 84.43 -19.10
N VAL VA 152 -37.15 84.73 -17.98
CA VAL VA 152 -37.34 83.77 -16.89
C VAL VA 152 -38.77 83.90 -16.38
N TYR VA 153 -39.46 82.77 -16.24
CA TYR VA 153 -40.87 82.76 -15.82
C TYR VA 153 -41.37 81.44 -15.24
N PHE VA 154 -42.53 81.49 -14.60
CA PHE VA 154 -43.06 80.38 -13.84
C PHE VA 154 -44.54 80.63 -13.56
N GLY VA 155 -45.41 79.92 -14.28
CA GLY VA 155 -46.85 80.11 -14.15
C GLY VA 155 -47.59 78.79 -13.98
N ILE VA 156 -48.84 78.89 -13.55
CA ILE VA 156 -49.77 77.77 -13.53
C ILE VA 156 -51.16 78.14 -14.01
N ILE VA 157 -51.89 77.13 -14.47
CA ILE VA 157 -53.27 77.27 -14.94
C ILE VA 157 -54.09 76.13 -14.41
N ALA VA 158 -55.25 76.42 -13.85
CA ALA VA 158 -56.23 75.37 -13.57
C ALA VA 158 -56.88 75.01 -14.90
N LEU VA 159 -56.82 73.73 -15.27
CA LEU VA 159 -57.61 73.20 -16.42
C LEU VA 159 -59.06 72.96 -15.98
#